data_3W9I
#
_entry.id   3W9I
#
_cell.length_a   124.815
_cell.length_b   133.981
_cell.length_c   150.467
_cell.angle_alpha   87.14
_cell.angle_beta   69.49
_cell.angle_gamma   88.54
#
_symmetry.space_group_name_H-M   'P 1'
#
loop_
_entity.id
_entity.type
_entity.pdbx_description
1 polymer 'Multidrug resistance protein MexB'
2 non-polymer DODECYL-BETA-D-MALTOSIDE
3 water water
#
_entity_poly.entity_id   1
_entity_poly.type   'polypeptide(L)'
_entity_poly.pdbx_seq_one_letter_code
;MSKFFIDRPIFAWVIALVIMLAGGLSILSLPVNQYPAIAPPAIAVQVSYPGASAETVQDTVVQVIEQQMNGIDNLRYISS
ESNSDGSMTITVTFEQGTDPDIAQVQVQNKLQLATPLLPQEVQRQGIRVTKAVKNFLMVVGVVSTDGSMTKEDLSNYIVS
NIQDPLSRTKGVGDFQVFGSQYSMRIWLDPAKLNSYQLTPGDVSSAIQAQNVQISSGQLGGLPAVKGQQLNATIIGKTRL
QTAEQFENILLKVNPDGSQVRLKDVADVGLGGQDYSINAQFNGSPASGIAIKLATGANALDTAKAIRQTIANLEPFMPQG
MKVVYPYDTTPVVSASIHEVVKTLGEAILLVFLVMYLFLQNFRATLIPTIAVPVVLLGTFGVLAAFGFSINTLTMFGMVL
AIGLLVDDAIVVVENVERVMAEEGLSPREAARKSMGQIQGALVGIAMVLSAVFLPMAFFGGSTGVIYRQFSITIVSAMAL
SVIVALILTPALCATMLKPIEKGDHGEHKGGFFGWFNRMFLSTTHGYERGVASILKHRAPYLLIYVVIVAGMIWMFTRIP
TAFLPDEDQGVLFAQVQTPPGSSAERTQVVVDSMREYLLEKESSSVSSVFTVTGFNFAGRGQSSGMAFIMLKPWEERPGG
ENSVFELAKRAQMHFFSFKDAMVFAFAPPSVLELGNATGFDLFLQDQAGVGHEVLLQARNKFLMLAAQNPALQRVRPNGM
SDEPQYKLEIDDEKASALGVSLADINSTVSIAWGSSYVNDFIDRGRVKRVYLQGRPDARMNPDDLSKWYVRNDKGEMVPF
NAFATGKWEYGSPKLERYNGVPAMEILGEPAPGLSSGDAMAAVEEIVKQLPKGVGYSWTGLSYEERLSGSQAPALYALSL
LVVFLCLAALYESWSIPFSVMLVVPLGVIGALLATSMRGLSNDVFFQVGLLTTIGLSAKNAILIVEFAKELHEQGKGIVE
AAIEACRMRLRPIVMTSLAFILGVVPLAISTGAGSGSQHAIGTGVIGGMVTATVLAIFWVPLFYVAVSTLFKDEASKQQA
SVEKGQ
;
_entity_poly.pdbx_strand_id   A,B,C,D,E,F
#
loop_
_chem_comp.id
_chem_comp.type
_chem_comp.name
_chem_comp.formula
LMT D-saccharide DODECYL-BETA-D-MALTOSIDE 'C24 H46 O11'
#
# COMPACT_ATOMS: atom_id res chain seq x y z
N MET A 1 -63.47 -32.66 37.50
CA MET A 1 -62.02 -32.83 37.91
C MET A 1 -61.75 -32.19 39.27
N SER A 2 -62.07 -30.90 39.38
CA SER A 2 -61.89 -30.17 40.61
C SER A 2 -62.76 -30.70 41.72
N LYS A 3 -64.07 -30.81 41.47
CA LYS A 3 -64.99 -31.42 42.45
C LYS A 3 -64.48 -32.79 42.84
N PHE A 4 -63.92 -33.45 41.84
CA PHE A 4 -63.33 -34.76 42.06
C PHE A 4 -62.27 -34.69 43.19
N PHE A 5 -61.10 -34.12 42.91
CA PHE A 5 -59.98 -34.16 43.89
C PHE A 5 -60.32 -33.55 45.25
N ILE A 6 -61.26 -32.59 45.28
CA ILE A 6 -61.70 -32.04 46.57
C ILE A 6 -62.10 -33.15 47.53
N ASP A 7 -62.74 -34.20 47.04
CA ASP A 7 -63.10 -35.33 47.89
C ASP A 7 -61.94 -36.25 47.95
N ARG A 8 -61.06 -36.13 46.96
CA ARG A 8 -59.86 -36.96 46.92
C ARG A 8 -58.58 -36.13 47.08
N PRO A 9 -58.37 -35.63 48.30
CA PRO A 9 -57.23 -34.78 48.63
C PRO A 9 -55.88 -35.53 48.63
N ILE A 10 -55.88 -36.80 48.94
CA ILE A 10 -54.67 -37.55 48.79
C ILE A 10 -54.42 -38.01 47.37
N PHE A 11 -55.47 -38.05 46.53
CA PHE A 11 -55.23 -38.25 45.09
C PHE A 11 -54.48 -37.03 44.54
N ALA A 12 -55.01 -35.89 44.92
CA ALA A 12 -54.53 -34.64 44.45
C ALA A 12 -53.05 -34.40 44.84
N TRP A 13 -52.65 -34.83 46.05
CA TRP A 13 -51.27 -34.66 46.51
C TRP A 13 -50.41 -35.56 45.66
N VAL A 14 -50.81 -36.83 45.58
CA VAL A 14 -50.09 -37.82 44.80
C VAL A 14 -49.78 -37.28 43.40
N ILE A 15 -50.79 -36.76 42.68
CA ILE A 15 -50.52 -36.26 41.31
C ILE A 15 -49.40 -35.24 41.38
N ALA A 16 -49.51 -34.33 42.34
CA ALA A 16 -48.48 -33.35 42.62
C ALA A 16 -47.15 -34.02 42.94
N LEU A 17 -47.15 -34.86 43.97
CA LEU A 17 -45.93 -35.52 44.40
C LEU A 17 -45.21 -36.10 43.21
N VAL A 18 -45.96 -36.79 42.36
CA VAL A 18 -45.41 -37.40 41.15
C VAL A 18 -44.82 -36.36 40.18
N ILE A 19 -45.41 -35.17 40.17
CA ILE A 19 -44.93 -34.12 39.30
C ILE A 19 -43.61 -33.63 39.88
N MET A 20 -43.61 -33.28 41.16
CA MET A 20 -42.37 -32.88 41.86
C MET A 20 -41.29 -33.96 41.75
N LEU A 21 -41.67 -35.20 41.94
CA LEU A 21 -40.73 -36.27 41.62
C LEU A 21 -40.09 -36.04 40.25
N ALA A 22 -40.92 -36.04 39.18
CA ALA A 22 -40.46 -35.76 37.80
C ALA A 22 -39.50 -34.57 37.72
N GLY A 23 -39.90 -33.47 38.32
CA GLY A 23 -39.03 -32.31 38.32
C GLY A 23 -37.70 -32.64 38.98
N GLY A 24 -37.75 -33.23 40.17
CA GLY A 24 -36.55 -33.50 40.93
C GLY A 24 -35.56 -34.33 40.11
N LEU A 25 -36.06 -35.44 39.57
CA LEU A 25 -35.24 -36.29 38.70
C LEU A 25 -34.74 -35.55 37.46
N SER A 26 -35.22 -34.34 37.23
CA SER A 26 -34.84 -33.59 36.05
C SER A 26 -33.69 -32.64 36.39
N ILE A 27 -33.86 -31.89 37.48
CA ILE A 27 -32.77 -31.07 38.01
C ILE A 27 -31.49 -31.91 38.28
N LEU A 28 -31.65 -33.15 38.73
CA LEU A 28 -30.49 -33.97 39.08
C LEU A 28 -29.75 -34.47 37.84
N SER A 29 -30.36 -34.32 36.68
CA SER A 29 -29.79 -34.95 35.50
C SER A 29 -29.80 -34.09 34.23
N LEU A 30 -30.54 -33.00 34.21
CA LEU A 30 -30.56 -32.14 33.05
C LEU A 30 -29.20 -31.50 32.84
N PRO A 31 -28.91 -31.02 31.62
CA PRO A 31 -27.68 -30.24 31.44
C PRO A 31 -27.84 -28.87 32.05
N VAL A 32 -26.75 -28.31 32.54
CA VAL A 32 -26.76 -26.93 33.02
C VAL A 32 -25.70 -26.12 32.27
N ASN A 33 -26.02 -24.88 31.96
CA ASN A 33 -25.08 -24.04 31.23
C ASN A 33 -25.58 -22.62 31.22
N GLN A 34 -24.81 -21.75 30.59
CA GLN A 34 -25.11 -20.32 30.61
C GLN A 34 -26.23 -20.01 29.62
N TYR A 35 -26.05 -20.45 28.38
CA TYR A 35 -27.01 -20.20 27.32
C TYR A 35 -27.15 -21.47 26.51
N PRO A 36 -28.28 -21.64 25.81
CA PRO A 36 -28.25 -22.79 24.95
C PRO A 36 -27.21 -22.55 23.87
N ALA A 37 -26.60 -23.63 23.38
CA ALA A 37 -25.64 -23.57 22.31
C ALA A 37 -26.23 -22.84 21.11
N ILE A 38 -25.45 -21.93 20.54
CA ILE A 38 -25.91 -21.14 19.40
C ILE A 38 -24.82 -20.98 18.35
N ALA A 39 -23.58 -21.22 18.75
CA ALA A 39 -22.46 -21.06 17.86
C ALA A 39 -22.48 -22.23 16.92
N PRO A 40 -22.14 -22.01 15.64
CA PRO A 40 -22.21 -23.08 14.64
C PRO A 40 -21.05 -24.04 14.81
N PRO A 41 -21.20 -25.30 14.35
CA PRO A 41 -20.11 -26.26 14.55
C PRO A 41 -18.99 -26.03 13.54
N ALA A 42 -17.77 -26.43 13.87
CA ALA A 42 -16.62 -26.20 12.99
C ALA A 42 -15.55 -27.25 13.20
N ILE A 43 -14.93 -27.65 12.10
CA ILE A 43 -13.85 -28.60 12.12
C ILE A 43 -12.50 -27.96 11.83
N ALA A 44 -11.51 -28.24 12.66
CA ALA A 44 -10.16 -27.71 12.48
C ALA A 44 -9.21 -28.80 12.14
N VAL A 45 -8.40 -28.56 11.12
CA VAL A 45 -7.33 -29.44 10.69
C VAL A 45 -5.97 -28.79 11.03
N GLN A 46 -5.10 -29.50 11.74
CA GLN A 46 -3.83 -28.92 12.15
C GLN A 46 -2.60 -29.77 11.91
N VAL A 47 -1.49 -29.08 11.65
CA VAL A 47 -0.22 -29.77 11.42
C VAL A 47 0.98 -28.86 11.48
N SER A 48 2.16 -29.43 11.30
CA SER A 48 3.38 -28.66 11.37
C SER A 48 4.40 -29.21 10.45
N TYR A 49 5.14 -28.29 9.84
CA TYR A 49 6.21 -28.58 8.88
C TYR A 49 7.45 -27.92 9.47
N PRO A 50 8.13 -28.62 10.39
CA PRO A 50 9.28 -28.06 11.11
C PRO A 50 10.28 -27.35 10.16
N GLY A 51 10.57 -26.10 10.45
CA GLY A 51 11.49 -25.30 9.64
C GLY A 51 10.93 -24.63 8.39
N ALA A 52 9.63 -24.33 8.37
CA ALA A 52 9.04 -23.79 7.14
C ALA A 52 8.42 -22.44 7.31
N SER A 53 8.42 -21.68 6.22
CA SER A 53 7.87 -20.33 6.23
C SER A 53 6.39 -20.42 5.91
N ALA A 54 5.65 -19.47 6.45
CA ALA A 54 4.24 -19.34 6.14
C ALA A 54 3.95 -19.69 4.71
N GLU A 55 4.81 -19.22 3.80
CA GLU A 55 4.63 -19.41 2.38
C GLU A 55 4.82 -20.86 2.02
N THR A 56 5.76 -21.52 2.71
CA THR A 56 6.02 -22.91 2.42
C THR A 56 4.84 -23.78 2.89
N VAL A 57 4.27 -23.45 4.05
CA VAL A 57 3.18 -24.23 4.57
C VAL A 57 1.88 -23.93 3.83
N GLN A 58 1.79 -22.73 3.27
CA GLN A 58 0.59 -22.33 2.57
C GLN A 58 0.49 -22.94 1.18
N ASP A 59 1.61 -23.12 0.50
CA ASP A 59 1.60 -23.60 -0.89
C ASP A 59 1.95 -25.08 -1.03
N THR A 60 2.47 -25.67 0.05
CA THR A 60 2.85 -27.07 -0.01
C THR A 60 1.80 -27.93 0.69
N VAL A 61 1.09 -27.32 1.62
CA VAL A 61 0.16 -28.04 2.48
C VAL A 61 -1.21 -27.35 2.54
N VAL A 62 -1.26 -26.12 3.11
CA VAL A 62 -2.52 -25.36 3.25
C VAL A 62 -3.34 -25.14 1.97
N GLN A 63 -2.73 -25.27 0.78
CA GLN A 63 -3.45 -24.99 -0.47
C GLN A 63 -3.79 -26.26 -1.17
N VAL A 64 -2.94 -27.28 -0.98
CA VAL A 64 -3.28 -28.64 -1.50
C VAL A 64 -4.50 -29.28 -0.80
N ILE A 65 -4.86 -28.77 0.38
CA ILE A 65 -5.97 -29.28 1.15
C ILE A 65 -7.23 -28.52 0.74
N GLU A 66 -7.19 -27.20 0.93
CA GLU A 66 -8.29 -26.26 0.60
C GLU A 66 -8.98 -26.59 -0.74
N GLN A 67 -8.20 -26.98 -1.73
CA GLN A 67 -8.72 -27.29 -3.03
C GLN A 67 -9.58 -28.56 -3.10
N GLN A 68 -9.50 -29.38 -2.05
CA GLN A 68 -10.30 -30.61 -1.96
C GLN A 68 -11.50 -30.38 -1.05
N MET A 69 -11.40 -29.36 -0.21
CA MET A 69 -12.49 -29.01 0.67
C MET A 69 -13.71 -28.56 -0.13
N ASN A 70 -14.32 -29.54 -0.78
CA ASN A 70 -15.59 -29.32 -1.43
C ASN A 70 -16.33 -30.64 -1.54
N GLY A 71 -17.64 -30.57 -1.74
CA GLY A 71 -18.47 -31.77 -1.80
C GLY A 71 -18.64 -32.26 -0.37
N ILE A 72 -18.81 -31.29 0.53
CA ILE A 72 -18.99 -31.48 1.95
C ILE A 72 -20.32 -30.80 2.23
N ASP A 73 -21.23 -31.46 2.94
CA ASP A 73 -22.53 -30.87 3.19
C ASP A 73 -22.51 -29.69 4.20
N ASN A 74 -23.49 -28.84 4.09
CA ASN A 74 -23.69 -27.76 4.97
C ASN A 74 -22.47 -27.02 5.28
N LEU A 75 -21.53 -26.99 4.33
CA LEU A 75 -20.29 -26.22 4.50
C LEU A 75 -20.59 -24.75 4.36
N ARG A 76 -20.54 -23.99 5.46
CA ARG A 76 -20.83 -22.56 5.46
C ARG A 76 -19.61 -21.81 4.92
N TYR A 77 -18.53 -21.83 5.69
CA TYR A 77 -17.32 -21.18 5.24
C TYR A 77 -16.03 -21.81 5.74
N ILE A 78 -14.98 -21.64 4.96
CA ILE A 78 -13.66 -22.21 5.24
C ILE A 78 -12.65 -21.09 5.38
N SER A 79 -11.73 -21.27 6.31
CA SER A 79 -10.64 -20.33 6.49
C SER A 79 -9.34 -21.07 6.80
N SER A 80 -8.26 -20.31 6.98
CA SER A 80 -6.95 -20.89 7.30
C SER A 80 -5.87 -19.88 7.72
N GLU A 81 -4.79 -20.44 8.27
CA GLU A 81 -3.64 -19.64 8.71
C GLU A 81 -2.38 -20.44 8.48
N SER A 82 -1.32 -19.72 8.17
CA SER A 82 -0.01 -20.32 7.91
C SER A 82 0.94 -19.44 8.69
N ASN A 83 1.96 -20.03 9.32
CA ASN A 83 2.83 -19.27 10.22
C ASN A 83 4.31 -19.58 10.14
N SER A 84 5.09 -18.68 10.74
CA SER A 84 6.55 -18.78 10.79
C SER A 84 7.00 -20.04 11.54
N ASP A 85 6.34 -20.30 12.70
CA ASP A 85 6.64 -21.51 13.46
C ASP A 85 6.36 -22.76 12.66
N GLY A 86 5.70 -22.60 11.52
CA GLY A 86 5.47 -23.71 10.59
C GLY A 86 4.08 -24.33 10.71
N SER A 87 3.34 -23.93 11.74
CA SER A 87 2.00 -24.45 11.94
C SER A 87 1.05 -23.85 10.97
N MET A 88 -0.13 -24.45 10.93
CA MET A 88 -1.23 -24.02 10.09
C MET A 88 -2.52 -24.62 10.62
N THR A 89 -3.62 -23.99 10.27
CA THR A 89 -4.92 -24.52 10.58
C THR A 89 -5.96 -24.06 9.60
N ILE A 90 -6.69 -25.04 9.07
CA ILE A 90 -7.89 -24.82 8.28
C ILE A 90 -9.12 -24.95 9.19
N THR A 91 -9.98 -23.95 9.24
CA THR A 91 -11.23 -24.05 10.00
C THR A 91 -12.44 -24.08 9.07
N VAL A 92 -13.00 -25.27 8.87
CA VAL A 92 -14.25 -25.44 8.10
C VAL A 92 -15.49 -25.27 8.97
N THR A 93 -15.99 -24.03 9.13
CA THR A 93 -17.22 -23.77 9.90
C THR A 93 -18.54 -24.17 9.18
N PHE A 94 -19.44 -24.88 9.89
CA PHE A 94 -20.68 -25.37 9.25
C PHE A 94 -21.93 -24.66 9.65
N GLU A 95 -22.99 -24.89 8.89
CA GLU A 95 -24.34 -24.35 9.26
C GLU A 95 -24.83 -24.93 10.58
N GLN A 96 -25.52 -24.10 11.33
CA GLN A 96 -26.31 -24.55 12.49
C GLN A 96 -27.06 -25.82 12.11
N GLY A 97 -27.04 -26.79 13.04
CA GLY A 97 -27.74 -28.05 12.85
C GLY A 97 -26.97 -29.20 12.23
N THR A 98 -25.72 -28.97 11.81
CA THR A 98 -24.95 -30.08 11.25
C THR A 98 -24.61 -31.03 12.36
N ASP A 99 -24.64 -32.31 12.06
CA ASP A 99 -24.16 -33.32 12.98
C ASP A 99 -22.63 -33.24 12.92
N PRO A 100 -22.00 -32.81 14.03
CA PRO A 100 -20.55 -32.69 14.14
C PRO A 100 -19.76 -33.92 13.72
N ASP A 101 -20.31 -35.13 13.85
CA ASP A 101 -19.59 -36.33 13.45
C ASP A 101 -19.57 -36.49 11.94
N ILE A 102 -20.65 -36.05 11.30
CA ILE A 102 -20.76 -36.15 9.85
C ILE A 102 -19.81 -35.11 9.24
N ALA A 103 -19.77 -33.93 9.82
CA ALA A 103 -18.87 -32.93 9.35
C ALA A 103 -17.47 -33.54 9.27
N GLN A 104 -16.95 -33.90 10.44
CA GLN A 104 -15.60 -34.42 10.59
C GLN A 104 -15.33 -35.50 9.62
N VAL A 105 -16.29 -36.38 9.44
CA VAL A 105 -16.10 -37.46 8.47
C VAL A 105 -15.99 -36.92 7.04
N GLN A 106 -16.61 -35.78 6.76
CA GLN A 106 -16.65 -35.27 5.41
C GLN A 106 -15.35 -34.53 5.10
N VAL A 107 -14.95 -33.66 6.00
CA VAL A 107 -13.64 -33.05 5.89
C VAL A 107 -12.60 -34.12 5.66
N GLN A 108 -12.44 -35.00 6.63
CA GLN A 108 -11.36 -35.98 6.55
C GLN A 108 -11.50 -36.78 5.29
N ASN A 109 -12.74 -37.01 4.87
CA ASN A 109 -12.97 -37.77 3.63
C ASN A 109 -12.30 -37.08 2.42
N LYS A 110 -12.26 -35.76 2.46
CA LYS A 110 -11.64 -34.97 1.46
C LYS A 110 -10.17 -34.79 1.78
N LEU A 111 -9.88 -34.59 3.08
CA LEU A 111 -8.52 -34.38 3.55
C LEU A 111 -7.57 -35.49 3.14
N GLN A 112 -8.07 -36.72 3.13
CA GLN A 112 -7.24 -37.83 2.73
C GLN A 112 -7.15 -37.98 1.23
N LEU A 113 -7.57 -36.96 0.50
CA LEU A 113 -7.33 -36.94 -0.95
C LEU A 113 -6.12 -36.05 -1.26
N ALA A 114 -5.94 -35.03 -0.42
CA ALA A 114 -4.75 -34.20 -0.44
C ALA A 114 -3.53 -34.91 0.14
N THR A 115 -3.72 -35.42 1.35
CA THR A 115 -2.66 -36.01 2.17
C THR A 115 -1.47 -36.57 1.39
N PRO A 116 -1.73 -37.49 0.45
CA PRO A 116 -0.64 -38.07 -0.31
C PRO A 116 0.18 -37.04 -1.12
N LEU A 117 -0.45 -35.97 -1.61
CA LEU A 117 0.26 -34.93 -2.37
C LEU A 117 1.05 -34.07 -1.43
N LEU A 118 0.92 -34.31 -0.14
CA LEU A 118 1.62 -33.49 0.87
C LEU A 118 3.06 -33.97 1.00
N PRO A 119 3.97 -33.07 1.33
CA PRO A 119 5.35 -33.54 1.55
C PRO A 119 5.49 -34.48 2.77
N GLN A 120 6.27 -35.54 2.58
CA GLN A 120 6.51 -36.55 3.62
C GLN A 120 6.77 -35.95 5.00
N GLU A 121 7.70 -35.02 5.11
CA GLU A 121 8.02 -34.46 6.43
C GLU A 121 6.79 -33.92 7.14
N VAL A 122 5.72 -33.69 6.39
CA VAL A 122 4.48 -33.17 6.98
C VAL A 122 3.49 -34.27 7.34
N GLN A 123 3.47 -35.32 6.52
CA GLN A 123 2.57 -36.42 6.75
C GLN A 123 3.05 -37.08 8.04
N ARG A 124 4.36 -37.29 8.07
CA ARG A 124 5.08 -37.92 9.17
C ARG A 124 4.86 -37.23 10.50
N GLN A 125 4.61 -35.93 10.43
CA GLN A 125 4.39 -35.10 11.62
C GLN A 125 3.02 -35.30 12.29
N GLY A 126 2.17 -36.12 11.65
CA GLY A 126 0.82 -36.41 12.19
C GLY A 126 -0.20 -35.30 12.12
N ILE A 127 -1.20 -35.43 11.27
CA ILE A 127 -2.22 -34.37 11.12
C ILE A 127 -3.38 -34.57 12.13
N ARG A 128 -3.85 -33.50 12.75
CA ARG A 128 -5.02 -33.53 13.60
C ARG A 128 -6.33 -32.88 13.07
N VAL A 129 -7.35 -33.71 12.84
CA VAL A 129 -8.73 -33.25 12.64
C VAL A 129 -9.55 -33.30 13.93
N THR A 130 -10.07 -32.14 14.36
CA THR A 130 -10.91 -32.00 15.51
C THR A 130 -12.29 -31.29 15.33
N LYS A 131 -13.24 -31.68 16.19
CA LYS A 131 -14.62 -31.16 16.18
C LYS A 131 -14.89 -30.54 17.54
N ALA A 132 -14.39 -29.34 17.75
CA ALA A 132 -14.44 -28.74 19.04
C ALA A 132 -14.78 -27.30 18.83
N VAL A 133 -14.99 -26.62 19.95
CA VAL A 133 -15.41 -25.25 19.99
C VAL A 133 -14.22 -24.28 19.80
N LYS A 134 -14.51 -22.99 19.67
CA LYS A 134 -13.49 -21.98 19.44
C LYS A 134 -12.74 -21.54 20.71
N ASN A 135 -13.47 -21.38 21.81
CA ASN A 135 -12.91 -20.93 23.10
C ASN A 135 -12.15 -22.02 23.78
N PHE A 136 -11.21 -21.69 24.66
CA PHE A 136 -10.55 -22.72 25.44
C PHE A 136 -11.51 -22.97 26.54
N LEU A 137 -11.68 -24.18 27.01
CA LEU A 137 -12.64 -24.33 28.12
C LEU A 137 -11.89 -23.89 29.29
N MET A 138 -10.66 -24.36 29.37
CA MET A 138 -9.76 -24.05 30.44
C MET A 138 -8.32 -24.43 30.07
N VAL A 139 -7.42 -24.32 31.03
CA VAL A 139 -6.12 -24.91 30.89
C VAL A 139 -5.68 -25.43 32.27
N VAL A 140 -5.05 -26.59 32.28
CA VAL A 140 -4.47 -27.15 33.48
C VAL A 140 -2.96 -27.02 33.40
N GLY A 141 -2.40 -26.25 34.29
CA GLY A 141 -0.96 -26.08 34.33
C GLY A 141 -0.27 -26.96 35.36
N VAL A 142 1.05 -26.91 35.34
CA VAL A 142 1.85 -27.65 36.30
C VAL A 142 3.05 -26.79 36.68
N VAL A 143 3.35 -26.71 37.97
CA VAL A 143 4.48 -25.90 38.43
C VAL A 143 5.31 -26.63 39.47
N SER A 144 6.60 -26.27 39.55
CA SER A 144 7.56 -26.92 40.45
C SER A 144 7.38 -26.47 41.89
N THR A 145 7.46 -27.41 42.80
CA THR A 145 7.28 -27.09 44.21
C THR A 145 8.63 -26.66 44.79
N ASP A 146 9.56 -27.62 44.84
CA ASP A 146 10.89 -27.35 45.31
C ASP A 146 11.66 -26.62 44.22
N GLY A 147 10.94 -25.92 43.35
CA GLY A 147 11.54 -25.20 42.22
C GLY A 147 12.65 -25.96 41.51
N SER A 148 12.55 -27.28 41.46
CA SER A 148 13.60 -28.11 40.88
C SER A 148 13.43 -28.44 39.39
N MET A 149 12.24 -28.18 38.84
CA MET A 149 11.95 -28.56 37.45
C MET A 149 11.80 -27.36 36.51
N THR A 150 12.54 -27.40 35.40
CA THR A 150 12.47 -26.35 34.38
C THR A 150 11.12 -26.29 33.64
N LYS A 151 10.93 -25.27 32.80
CA LYS A 151 9.73 -25.13 31.97
C LYS A 151 9.55 -26.39 31.19
N GLU A 152 10.69 -26.90 30.73
CA GLU A 152 10.74 -28.05 29.87
C GLU A 152 10.45 -29.33 30.61
N ASP A 153 10.74 -29.38 31.91
CA ASP A 153 10.53 -30.63 32.67
C ASP A 153 9.05 -30.85 32.96
N LEU A 154 8.37 -29.75 33.26
CA LEU A 154 6.94 -29.76 33.41
C LEU A 154 6.22 -30.14 32.09
N SER A 155 6.80 -29.76 30.96
CA SER A 155 6.16 -30.05 29.69
C SER A 155 6.28 -31.51 29.33
N ASN A 156 7.47 -32.08 29.53
CA ASN A 156 7.62 -33.51 29.28
C ASN A 156 6.70 -34.29 30.22
N TYR A 157 6.38 -33.71 31.38
CA TYR A 157 5.49 -34.38 32.28
C TYR A 157 4.08 -34.48 31.69
N ILE A 158 3.50 -33.32 31.39
CA ILE A 158 2.14 -33.20 30.84
C ILE A 158 1.91 -34.12 29.62
N VAL A 159 2.65 -33.89 28.55
CA VAL A 159 2.47 -34.60 27.28
C VAL A 159 2.75 -36.10 27.47
N SER A 160 3.64 -36.41 28.40
CA SER A 160 4.09 -37.78 28.61
C SER A 160 3.17 -38.57 29.56
N ASN A 161 2.40 -37.91 30.41
CA ASN A 161 1.58 -38.71 31.31
C ASN A 161 0.12 -38.31 31.37
N ILE A 162 -0.14 -37.00 31.42
CA ILE A 162 -1.49 -36.41 31.44
C ILE A 162 -2.20 -36.19 30.07
N GLN A 163 -1.56 -35.49 29.14
CA GLN A 163 -2.13 -35.16 27.85
C GLN A 163 -3.02 -36.27 27.21
N ASP A 164 -2.46 -37.42 26.82
CA ASP A 164 -3.32 -38.47 26.33
C ASP A 164 -4.56 -38.61 27.24
N PRO A 165 -4.36 -39.00 28.51
CA PRO A 165 -5.56 -39.23 29.28
C PRO A 165 -6.66 -38.14 29.09
N LEU A 166 -6.28 -36.87 29.16
CA LEU A 166 -7.23 -35.79 28.88
C LEU A 166 -7.72 -35.87 27.42
N SER A 167 -6.80 -36.15 26.50
CA SER A 167 -7.17 -36.50 25.12
C SER A 167 -8.39 -37.36 25.01
N ARG A 168 -8.62 -38.20 26.02
CA ARG A 168 -9.72 -39.12 25.99
C ARG A 168 -10.74 -38.96 27.11
N THR A 169 -10.70 -37.84 27.78
CA THR A 169 -11.64 -37.59 28.82
C THR A 169 -12.92 -37.08 28.20
N LYS A 170 -13.94 -37.93 28.21
CA LYS A 170 -15.26 -37.66 27.66
C LYS A 170 -15.40 -36.20 27.52
N GLY A 171 -15.56 -35.74 26.26
CA GLY A 171 -15.84 -34.33 26.03
C GLY A 171 -14.70 -33.41 25.64
N VAL A 172 -13.45 -33.85 25.51
CA VAL A 172 -12.42 -32.84 25.25
C VAL A 172 -12.32 -32.82 23.78
N GLY A 173 -12.53 -31.67 23.17
CA GLY A 173 -12.69 -31.61 21.73
C GLY A 173 -11.32 -31.65 21.10
N ASP A 174 -10.46 -30.85 21.70
CA ASP A 174 -9.17 -30.71 21.18
C ASP A 174 -8.37 -30.02 22.27
N PHE A 175 -7.04 -30.09 22.19
CA PHE A 175 -6.16 -29.49 23.23
C PHE A 175 -4.91 -28.85 22.62
N GLN A 176 -4.27 -28.02 23.42
CA GLN A 176 -2.99 -27.36 23.06
C GLN A 176 -2.03 -27.31 24.27
N VAL A 177 -0.87 -27.93 24.11
CA VAL A 177 0.10 -27.93 25.18
C VAL A 177 1.12 -26.83 24.95
N PHE A 178 1.09 -25.82 25.84
CA PHE A 178 1.97 -24.67 25.79
C PHE A 178 3.41 -25.03 26.23
N GLY A 179 4.07 -25.80 25.38
CA GLY A 179 5.29 -26.45 25.78
C GLY A 179 5.44 -27.64 24.84
N SER A 180 6.30 -28.58 25.21
CA SER A 180 6.48 -29.77 24.39
C SER A 180 6.93 -30.95 25.24
N GLN A 181 7.00 -32.13 24.62
CA GLN A 181 7.59 -33.29 25.26
C GLN A 181 9.07 -33.36 24.92
N TYR A 182 9.83 -34.14 25.68
CA TYR A 182 11.23 -34.28 25.37
C TYR A 182 11.43 -34.68 23.93
N SER A 183 12.70 -34.64 23.53
CA SER A 183 13.13 -35.04 22.24
C SER A 183 14.61 -35.27 22.35
N MET A 184 15.10 -36.31 21.69
CA MET A 184 16.54 -36.52 21.60
C MET A 184 17.12 -35.55 20.54
N ARG A 185 17.43 -34.33 20.98
CA ARG A 185 18.00 -33.31 20.12
C ARG A 185 19.51 -33.50 19.83
N ILE A 186 19.87 -33.48 18.56
CA ILE A 186 21.26 -33.54 18.16
C ILE A 186 21.74 -32.26 17.49
N TRP A 187 22.39 -31.39 18.26
CA TRP A 187 22.91 -30.10 17.77
C TRP A 187 24.21 -30.21 16.92
N LEU A 188 24.04 -30.07 15.61
CA LEU A 188 25.14 -30.19 14.66
C LEU A 188 26.08 -28.99 14.67
N ASP A 189 27.39 -29.27 14.72
CA ASP A 189 28.44 -28.24 14.73
C ASP A 189 29.16 -28.22 13.38
N PRO A 190 28.99 -27.15 12.57
CA PRO A 190 29.55 -27.11 11.22
C PRO A 190 31.08 -27.07 11.21
N ALA A 191 31.69 -26.61 12.30
CA ALA A 191 33.16 -26.68 12.39
C ALA A 191 33.65 -28.13 12.55
N LYS A 192 33.21 -28.83 13.59
CA LYS A 192 33.67 -30.22 13.79
C LYS A 192 33.27 -31.00 12.56
N LEU A 193 32.13 -30.62 12.01
CA LEU A 193 31.59 -31.30 10.85
C LEU A 193 32.55 -31.13 9.65
N ASN A 194 33.05 -29.91 9.42
CA ASN A 194 34.08 -29.67 8.39
C ASN A 194 35.33 -30.48 8.64
N SER A 195 35.81 -30.48 9.89
CA SER A 195 37.00 -31.27 10.30
C SER A 195 37.11 -32.67 9.69
N TYR A 196 36.01 -33.44 9.63
CA TYR A 196 36.07 -34.83 9.11
C TYR A 196 35.40 -34.99 7.75
N GLN A 197 35.06 -33.88 7.10
CA GLN A 197 34.42 -33.90 5.76
C GLN A 197 33.07 -34.61 5.79
N LEU A 198 32.26 -34.29 6.79
CA LEU A 198 30.95 -34.90 6.97
C LEU A 198 29.84 -33.90 6.71
N THR A 199 28.62 -34.39 6.55
CA THR A 199 27.47 -33.52 6.33
C THR A 199 26.28 -33.92 7.17
N PRO A 200 25.34 -32.98 7.37
CA PRO A 200 24.13 -33.36 8.11
C PRO A 200 23.48 -34.61 7.52
N GLY A 201 23.36 -34.68 6.19
CA GLY A 201 22.77 -35.84 5.55
C GLY A 201 23.57 -37.10 5.80
N ASP A 202 24.76 -36.95 6.37
CA ASP A 202 25.57 -38.10 6.78
C ASP A 202 25.11 -38.55 8.15
N VAL A 203 24.87 -37.59 9.04
CA VAL A 203 24.43 -37.85 10.39
C VAL A 203 22.94 -38.13 10.46
N SER A 204 22.16 -37.53 9.57
CA SER A 204 20.75 -37.90 9.49
C SER A 204 20.68 -39.35 9.04
N SER A 205 21.64 -39.75 8.22
CA SER A 205 21.65 -41.13 7.72
C SER A 205 22.13 -42.19 8.72
N ALA A 206 23.11 -41.87 9.55
CA ALA A 206 23.66 -42.86 10.49
C ALA A 206 22.59 -43.16 11.53
N ILE A 207 21.91 -42.09 11.93
CA ILE A 207 20.80 -42.17 12.87
C ILE A 207 19.66 -43.05 12.38
N GLN A 208 19.56 -43.26 11.08
CA GLN A 208 18.49 -44.04 10.48
C GLN A 208 18.94 -45.46 10.24
N ALA A 209 20.22 -45.69 10.36
CA ALA A 209 20.73 -47.04 10.17
C ALA A 209 21.12 -47.67 11.49
N GLN A 210 21.34 -46.84 12.52
CA GLN A 210 21.86 -47.26 13.79
C GLN A 210 20.86 -47.14 14.93
N ASN A 211 19.91 -46.21 14.82
CA ASN A 211 18.82 -46.10 15.83
C ASN A 211 17.50 -46.64 15.29
N VAL A 212 17.46 -47.92 14.96
CA VAL A 212 16.31 -48.53 14.35
C VAL A 212 15.68 -49.59 15.26
N GLN A 213 14.59 -50.21 14.82
CA GLN A 213 13.85 -51.19 15.63
C GLN A 213 13.36 -52.32 14.70
N ILE A 214 14.32 -53.02 14.13
CA ILE A 214 14.07 -54.00 13.07
C ILE A 214 13.29 -55.27 13.47
N SER A 215 12.53 -55.80 12.52
CA SER A 215 11.90 -57.09 12.66
C SER A 215 12.98 -58.10 12.34
N SER A 216 13.21 -59.05 13.25
CA SER A 216 14.33 -60.00 13.12
C SER A 216 13.90 -61.47 13.09
N GLY A 217 12.61 -61.73 13.27
CA GLY A 217 12.11 -63.10 13.24
C GLY A 217 12.52 -63.85 14.50
N GLN A 218 12.77 -65.14 14.34
CA GLN A 218 13.06 -66.01 15.46
C GLN A 218 13.59 -67.39 15.04
N LEU A 219 14.20 -68.05 16.02
CA LEU A 219 14.71 -69.42 15.87
C LEU A 219 13.61 -70.40 15.44
N GLY A 220 12.64 -70.65 16.31
CA GLY A 220 11.61 -71.64 15.97
C GLY A 220 10.78 -71.26 14.74
N GLY A 221 11.24 -70.23 14.03
CA GLY A 221 10.48 -69.59 12.96
C GLY A 221 9.57 -70.51 12.19
N LEU A 222 8.37 -70.03 11.88
CA LEU A 222 7.45 -70.77 11.01
C LEU A 222 7.46 -70.24 9.56
N PRO A 223 7.34 -71.14 8.58
CA PRO A 223 7.23 -72.57 8.78
C PRO A 223 8.58 -73.16 9.12
N ALA A 224 8.56 -74.19 9.97
CA ALA A 224 9.77 -74.80 10.48
C ALA A 224 9.97 -76.19 9.86
N VAL A 225 11.17 -76.76 10.03
CA VAL A 225 11.44 -78.14 9.59
C VAL A 225 10.89 -79.17 10.58
N LYS A 226 10.54 -80.33 10.06
CA LYS A 226 9.97 -81.37 10.89
C LYS A 226 10.98 -81.82 11.94
N GLY A 227 10.62 -81.67 13.21
CA GLY A 227 11.49 -82.07 14.31
C GLY A 227 11.76 -80.95 15.27
N GLN A 228 11.75 -79.72 14.77
CA GLN A 228 12.09 -78.54 15.55
C GLN A 228 11.42 -78.45 16.92
N GLN A 229 12.24 -78.30 17.96
CA GLN A 229 11.80 -78.33 19.35
C GLN A 229 11.88 -76.97 20.02
N LEU A 230 12.95 -76.24 19.76
CA LEU A 230 13.20 -74.91 20.33
C LEU A 230 12.55 -73.79 19.50
N ASN A 231 12.09 -72.75 20.20
CA ASN A 231 11.53 -71.57 19.58
C ASN A 231 11.67 -70.39 20.52
N ALA A 232 12.32 -69.33 20.05
CA ALA A 232 12.45 -68.11 20.83
C ALA A 232 12.52 -66.89 19.93
N THR A 233 12.16 -65.75 20.47
CA THR A 233 12.24 -64.49 19.74
C THR A 233 13.70 -64.06 19.61
N ILE A 234 14.05 -63.54 18.44
CA ILE A 234 15.34 -62.94 18.18
C ILE A 234 15.20 -61.45 18.21
N ILE A 235 15.75 -60.79 19.24
CA ILE A 235 15.74 -59.34 19.28
C ILE A 235 17.02 -58.75 18.72
N GLY A 236 16.94 -58.27 17.48
CA GLY A 236 18.08 -57.66 16.81
C GLY A 236 18.21 -56.23 17.26
N LYS A 237 18.47 -55.33 16.32
CA LYS A 237 18.63 -53.91 16.66
C LYS A 237 17.40 -53.33 17.39
N THR A 238 17.66 -52.42 18.31
CA THR A 238 16.64 -51.83 19.16
C THR A 238 16.86 -50.32 19.08
N ARG A 239 15.91 -49.53 19.59
CA ARG A 239 16.06 -48.09 19.58
C ARG A 239 16.85 -47.62 20.76
N LEU A 240 17.60 -46.55 20.55
CA LEU A 240 18.39 -45.98 21.61
C LEU A 240 17.43 -45.25 22.50
N GLN A 241 17.93 -44.79 23.64
CA GLN A 241 17.13 -44.06 24.60
C GLN A 241 17.92 -42.97 25.24
N THR A 242 19.23 -43.14 25.31
CA THR A 242 20.06 -42.22 26.12
C THR A 242 20.98 -41.45 25.21
N ALA A 243 21.24 -40.20 25.57
CA ALA A 243 22.17 -39.38 24.82
C ALA A 243 23.44 -40.19 24.53
N GLU A 244 23.99 -40.77 25.59
CA GLU A 244 25.17 -41.64 25.48
C GLU A 244 25.11 -42.63 24.32
N GLN A 245 23.99 -43.32 24.14
CA GLN A 245 23.90 -44.28 23.03
C GLN A 245 23.92 -43.58 21.67
N PHE A 246 23.45 -42.33 21.63
CA PHE A 246 23.44 -41.58 20.38
C PHE A 246 24.81 -40.96 20.17
N GLU A 247 25.40 -40.49 21.26
CA GLU A 247 26.73 -39.90 21.24
C GLU A 247 27.71 -40.82 20.58
N ASN A 248 27.59 -42.08 20.94
CA ASN A 248 28.46 -43.13 20.46
C ASN A 248 28.10 -43.68 19.07
N ILE A 249 27.33 -42.95 18.29
CA ILE A 249 26.94 -43.44 16.95
C ILE A 249 28.11 -43.33 15.95
N LEU A 250 28.35 -44.42 15.24
CA LEU A 250 29.45 -44.51 14.33
C LEU A 250 29.24 -43.83 12.96
N LEU A 251 29.99 -42.75 12.75
CA LEU A 251 29.92 -41.96 11.52
C LEU A 251 31.01 -42.34 10.49
N LYS A 252 32.22 -42.58 10.98
CA LYS A 252 33.36 -42.81 10.09
C LYS A 252 34.54 -43.40 10.85
N VAL A 253 35.47 -43.96 10.08
CA VAL A 253 36.70 -44.51 10.63
C VAL A 253 37.89 -43.85 9.97
N ASN A 254 38.58 -42.99 10.71
CA ASN A 254 39.78 -42.33 10.19
C ASN A 254 40.59 -43.34 9.40
N PRO A 255 40.93 -43.02 8.13
CA PRO A 255 41.73 -43.95 7.33
C PRO A 255 43.00 -44.39 8.04
N ASP A 256 43.25 -43.81 9.22
CA ASP A 256 44.42 -44.10 10.03
C ASP A 256 44.02 -44.63 11.41
N GLY A 257 43.27 -45.72 11.44
CA GLY A 257 42.79 -46.28 12.70
C GLY A 257 41.76 -45.38 13.38
N SER A 258 41.15 -45.89 14.44
CA SER A 258 40.13 -45.14 15.18
C SER A 258 38.91 -44.78 14.31
N GLN A 259 37.90 -44.24 14.96
CA GLN A 259 36.65 -43.91 14.27
C GLN A 259 36.07 -42.60 14.82
N VAL A 260 35.22 -41.96 14.02
CA VAL A 260 34.58 -40.69 14.42
C VAL A 260 33.17 -40.96 14.90
N ARG A 261 32.81 -40.34 16.02
CA ARG A 261 31.52 -40.61 16.65
C ARG A 261 30.62 -39.37 16.56
N LEU A 262 29.33 -39.59 16.79
CA LEU A 262 28.36 -38.51 16.77
C LEU A 262 28.76 -37.46 17.78
N LYS A 263 29.23 -37.89 18.94
CA LYS A 263 29.63 -36.93 19.99
C LYS A 263 30.84 -36.10 19.55
N ASP A 264 31.50 -36.50 18.48
CA ASP A 264 32.63 -35.73 17.94
C ASP A 264 32.17 -34.58 17.06
N VAL A 265 31.07 -34.79 16.33
CA VAL A 265 30.54 -33.76 15.44
C VAL A 265 29.40 -32.92 16.02
N ALA A 266 28.74 -33.40 17.08
CA ALA A 266 27.64 -32.63 17.64
C ALA A 266 27.38 -32.89 19.12
N ASP A 267 26.61 -32.00 19.73
CA ASP A 267 26.16 -32.20 21.09
C ASP A 267 24.79 -32.88 21.09
N VAL A 268 24.57 -33.69 22.11
CA VAL A 268 23.38 -34.51 22.19
C VAL A 268 22.66 -34.28 23.52
N GLY A 269 21.37 -34.57 23.56
CA GLY A 269 20.65 -34.50 24.82
C GLY A 269 19.17 -34.32 24.66
N LEU A 270 18.45 -34.51 25.75
CA LEU A 270 17.01 -34.32 25.75
C LEU A 270 16.68 -32.84 25.79
N GLY A 271 15.97 -32.38 24.76
CA GLY A 271 15.45 -31.03 24.74
C GLY A 271 14.02 -31.07 24.26
N GLY A 272 13.38 -29.91 24.32
CA GLY A 272 12.04 -29.75 23.80
C GLY A 272 11.87 -30.30 22.40
N GLN A 273 10.65 -30.71 22.06
CA GLN A 273 10.35 -31.15 20.71
C GLN A 273 10.08 -29.93 19.84
N ASP A 274 9.88 -28.80 20.51
CA ASP A 274 9.57 -27.55 19.87
C ASP A 274 9.82 -26.49 20.92
N TYR A 275 10.48 -25.40 20.54
CA TYR A 275 10.83 -24.34 21.48
C TYR A 275 9.97 -23.11 21.33
N SER A 276 9.11 -23.10 20.30
CA SER A 276 8.29 -21.92 19.97
C SER A 276 7.52 -21.44 21.18
N ILE A 277 6.65 -22.29 21.71
CA ILE A 277 5.75 -21.92 22.79
C ILE A 277 6.39 -22.30 24.11
N ASN A 278 6.11 -21.49 25.14
CA ASN A 278 6.63 -21.67 26.48
C ASN A 278 5.80 -20.76 27.39
N ALA A 279 5.79 -21.01 28.69
CA ALA A 279 4.94 -20.21 29.59
C ALA A 279 5.40 -20.26 31.04
N GLN A 280 4.78 -19.40 31.85
CA GLN A 280 5.08 -19.29 33.26
C GLN A 280 3.81 -18.90 34.04
N PHE A 281 3.80 -19.20 35.33
CA PHE A 281 2.61 -18.99 36.15
C PHE A 281 2.91 -18.12 37.35
N ASN A 282 2.49 -16.87 37.26
CA ASN A 282 2.70 -15.85 38.29
C ASN A 282 4.13 -15.28 38.26
N GLY A 283 5.07 -16.02 37.69
CA GLY A 283 6.43 -15.56 37.57
C GLY A 283 7.42 -16.70 37.60
N SER A 284 6.89 -17.92 37.61
CA SER A 284 7.71 -19.10 37.75
C SER A 284 7.55 -19.95 36.51
N PRO A 285 8.64 -20.64 36.11
CA PRO A 285 8.55 -21.45 34.90
C PRO A 285 7.47 -22.49 35.06
N ALA A 286 6.62 -22.63 34.04
CA ALA A 286 5.48 -23.55 34.11
C ALA A 286 5.19 -24.22 32.79
N SER A 287 4.08 -24.96 32.78
CA SER A 287 3.48 -25.47 31.56
C SER A 287 1.97 -25.63 31.69
N GLY A 288 1.37 -26.37 30.76
CA GLY A 288 -0.08 -26.51 30.73
C GLY A 288 -0.63 -26.96 29.38
N ILE A 289 -1.72 -27.72 29.42
CA ILE A 289 -2.53 -28.06 28.22
C ILE A 289 -3.76 -27.20 28.27
N ALA A 290 -4.07 -26.57 27.14
CA ALA A 290 -5.36 -25.91 26.99
C ALA A 290 -6.31 -26.95 26.43
N ILE A 291 -7.52 -26.99 27.00
CA ILE A 291 -8.60 -27.92 26.55
C ILE A 291 -9.63 -27.10 25.77
N LYS A 292 -9.94 -27.48 24.54
CA LYS A 292 -11.15 -26.85 23.92
C LYS A 292 -12.33 -27.78 24.11
N LEU A 293 -13.49 -27.28 24.49
CA LEU A 293 -14.69 -28.16 24.54
C LEU A 293 -15.05 -28.70 23.17
N ALA A 294 -15.47 -29.96 23.16
CA ALA A 294 -16.01 -30.65 21.99
C ALA A 294 -17.45 -30.15 21.68
N THR A 295 -17.74 -29.85 20.42
CA THR A 295 -19.04 -29.25 20.05
C THR A 295 -20.15 -30.11 20.62
N GLY A 296 -21.14 -29.55 21.28
CA GLY A 296 -22.22 -30.36 21.86
C GLY A 296 -22.01 -30.84 23.29
N ALA A 297 -20.76 -30.98 23.69
CA ALA A 297 -20.44 -31.45 25.02
C ALA A 297 -20.78 -30.37 26.04
N ASN A 298 -20.84 -30.72 27.32
CA ASN A 298 -21.30 -29.80 28.39
C ASN A 298 -20.13 -29.34 29.23
N ALA A 299 -19.93 -28.03 29.31
CA ALA A 299 -18.73 -27.46 29.95
C ALA A 299 -18.56 -27.84 31.44
N LEU A 300 -19.65 -28.01 32.17
CA LEU A 300 -19.55 -28.42 33.57
C LEU A 300 -19.20 -29.89 33.70
N ASP A 301 -19.74 -30.68 32.81
CA ASP A 301 -19.46 -32.11 32.81
C ASP A 301 -18.03 -32.31 32.44
N THR A 302 -17.62 -31.73 31.32
CA THR A 302 -16.28 -31.99 30.80
C THR A 302 -15.23 -31.43 31.75
N ALA A 303 -15.56 -30.37 32.46
CA ALA A 303 -14.65 -29.83 33.49
C ALA A 303 -14.54 -30.74 34.70
N LYS A 304 -15.66 -31.25 35.18
CA LYS A 304 -15.65 -32.22 36.29
C LYS A 304 -14.98 -33.49 35.83
N ALA A 305 -15.17 -33.86 34.57
CA ALA A 305 -14.47 -35.02 34.05
C ALA A 305 -12.95 -34.81 34.10
N ILE A 306 -12.49 -33.57 33.96
CA ILE A 306 -11.07 -33.33 33.86
C ILE A 306 -10.42 -33.35 35.23
N ARG A 307 -11.08 -32.70 36.19
CA ARG A 307 -10.63 -32.64 37.57
C ARG A 307 -10.45 -34.09 38.02
N GLN A 308 -11.15 -34.98 37.33
CA GLN A 308 -11.22 -36.38 37.74
C GLN A 308 -10.15 -37.19 37.07
N THR A 309 -9.82 -36.88 35.82
CA THR A 309 -8.75 -37.60 35.11
C THR A 309 -7.41 -37.25 35.76
N ILE A 310 -7.22 -35.98 36.13
CA ILE A 310 -5.97 -35.52 36.76
C ILE A 310 -5.83 -36.04 38.19
N ALA A 311 -6.92 -36.02 38.94
CA ALA A 311 -6.92 -36.51 40.31
C ALA A 311 -6.64 -38.01 40.33
N ASN A 312 -6.91 -38.68 39.22
CA ASN A 312 -6.56 -40.09 39.10
C ASN A 312 -5.13 -40.21 38.59
N LEU A 313 -4.42 -39.08 38.60
CA LEU A 313 -3.04 -39.06 38.11
C LEU A 313 -2.07 -38.40 39.12
N GLU A 314 -2.58 -37.52 39.98
CA GLU A 314 -1.75 -36.84 40.96
C GLU A 314 -0.91 -37.82 41.77
N PRO A 315 -1.53 -38.88 42.30
CA PRO A 315 -0.72 -39.79 43.09
C PRO A 315 0.59 -40.26 42.42
N PHE A 316 0.68 -40.25 41.09
CA PHE A 316 1.89 -40.73 40.41
C PHE A 316 2.78 -39.58 39.94
N MET A 317 2.38 -38.37 40.32
CA MET A 317 3.10 -37.19 39.94
C MET A 317 4.39 -37.10 40.75
N PRO A 318 5.45 -36.46 40.17
CA PRO A 318 6.70 -36.34 40.90
C PRO A 318 6.52 -35.53 42.18
N GLN A 319 7.63 -35.13 42.79
CA GLN A 319 7.60 -34.52 44.13
C GLN A 319 7.42 -33.00 44.07
N GLY A 320 8.40 -32.30 43.51
CA GLY A 320 8.30 -30.85 43.40
C GLY A 320 7.36 -30.50 42.27
N MET A 321 6.07 -30.80 42.44
CA MET A 321 5.10 -30.61 41.36
C MET A 321 3.65 -30.59 41.83
N LYS A 322 2.94 -29.50 41.55
CA LYS A 322 1.53 -29.41 41.88
C LYS A 322 0.74 -29.00 40.65
N VAL A 323 -0.47 -29.54 40.53
CA VAL A 323 -1.32 -29.24 39.39
C VAL A 323 -2.10 -28.00 39.72
N VAL A 324 -2.13 -27.04 38.81
CA VAL A 324 -2.90 -25.82 39.04
C VAL A 324 -3.83 -25.47 37.84
N TYR A 325 -4.74 -24.53 38.08
CA TYR A 325 -5.73 -24.13 37.09
C TYR A 325 -5.66 -22.64 36.78
N PRO A 326 -4.73 -22.23 35.89
CA PRO A 326 -4.63 -20.85 35.44
C PRO A 326 -5.99 -20.38 34.94
N TYR A 327 -6.17 -20.26 33.64
CA TYR A 327 -7.47 -19.88 33.10
C TYR A 327 -8.47 -20.96 33.42
N ASP A 328 -9.76 -20.67 33.31
CA ASP A 328 -10.81 -21.65 33.63
C ASP A 328 -12.17 -21.01 33.47
N THR A 329 -13.00 -21.47 32.54
CA THR A 329 -14.31 -20.81 32.34
C THR A 329 -15.53 -21.32 33.18
N THR A 330 -15.46 -22.52 33.74
CA THR A 330 -16.64 -23.08 34.39
C THR A 330 -17.18 -22.24 35.56
N PRO A 331 -16.31 -21.81 36.50
CA PRO A 331 -16.74 -21.09 37.70
C PRO A 331 -17.80 -20.00 37.53
N VAL A 332 -17.71 -19.19 36.48
CA VAL A 332 -18.76 -18.19 36.21
C VAL A 332 -20.10 -18.91 36.13
N VAL A 333 -20.11 -19.99 35.37
CA VAL A 333 -21.32 -20.76 35.11
C VAL A 333 -21.94 -21.23 36.42
N SER A 334 -21.17 -21.95 37.24
CA SER A 334 -21.64 -22.37 38.57
C SER A 334 -22.15 -21.19 39.35
N ALA A 335 -21.39 -20.10 39.30
CA ALA A 335 -21.76 -18.90 40.01
C ALA A 335 -23.04 -18.33 39.43
N SER A 336 -23.18 -18.41 38.11
CA SER A 336 -24.34 -17.83 37.43
C SER A 336 -25.64 -18.44 37.96
N ILE A 337 -25.85 -19.72 37.69
CA ILE A 337 -27.11 -20.33 38.12
C ILE A 337 -27.19 -20.38 39.64
N HIS A 338 -26.08 -20.70 40.30
CA HIS A 338 -26.13 -20.75 41.75
C HIS A 338 -26.62 -19.41 42.26
N GLU A 339 -26.29 -18.33 41.56
CA GLU A 339 -26.70 -17.01 41.99
C GLU A 339 -28.15 -16.70 41.67
N VAL A 340 -28.71 -17.40 40.68
CA VAL A 340 -30.13 -17.24 40.34
C VAL A 340 -30.96 -18.13 41.24
N VAL A 341 -30.46 -19.33 41.50
CA VAL A 341 -31.10 -20.20 42.47
C VAL A 341 -31.27 -19.37 43.73
N LYS A 342 -30.25 -18.57 44.00
CA LYS A 342 -30.24 -17.72 45.18
C LYS A 342 -31.39 -16.75 45.12
N THR A 343 -31.63 -16.19 43.95
CA THR A 343 -32.67 -15.18 43.80
C THR A 343 -34.05 -15.85 43.75
N LEU A 344 -34.09 -17.08 43.25
CA LEU A 344 -35.31 -17.87 43.17
C LEU A 344 -35.93 -17.94 44.54
N GLY A 345 -35.11 -18.26 45.54
CA GLY A 345 -35.57 -18.44 46.91
C GLY A 345 -36.00 -17.14 47.55
N GLU A 346 -35.27 -16.08 47.28
CA GLU A 346 -35.59 -14.77 47.83
C GLU A 346 -36.99 -14.38 47.37
N ALA A 347 -37.23 -14.49 46.06
CA ALA A 347 -38.53 -14.16 45.47
C ALA A 347 -39.67 -15.04 46.00
N ILE A 348 -39.51 -16.36 45.97
CA ILE A 348 -40.56 -17.23 46.48
C ILE A 348 -40.84 -16.91 47.93
N LEU A 349 -39.88 -16.29 48.60
CA LEU A 349 -40.08 -15.86 49.97
C LEU A 349 -40.73 -14.47 49.95
N LEU A 350 -40.36 -13.67 48.96
CA LEU A 350 -40.89 -12.33 48.80
C LEU A 350 -42.38 -12.32 48.52
N VAL A 351 -42.83 -13.18 47.62
CA VAL A 351 -44.25 -13.30 47.30
C VAL A 351 -45.05 -13.91 48.44
N PHE A 352 -44.43 -14.81 49.22
CA PHE A 352 -45.09 -15.35 50.38
C PHE A 352 -45.43 -14.27 51.40
N LEU A 353 -44.82 -13.08 51.29
CA LEU A 353 -45.11 -11.97 52.23
C LEU A 353 -46.19 -11.05 51.70
N VAL A 354 -46.01 -10.54 50.47
CA VAL A 354 -47.04 -9.71 49.87
C VAL A 354 -48.39 -10.37 50.12
N MET A 355 -48.50 -11.63 49.75
CA MET A 355 -49.73 -12.37 49.94
C MET A 355 -50.15 -12.31 51.39
N TYR A 356 -49.21 -12.61 52.29
CA TYR A 356 -49.50 -12.53 53.71
C TYR A 356 -50.01 -11.16 54.06
N LEU A 357 -49.40 -10.14 53.48
CA LEU A 357 -49.77 -8.75 53.71
C LEU A 357 -51.25 -8.50 53.44
N PHE A 358 -51.78 -9.17 52.42
CA PHE A 358 -53.18 -8.99 52.02
C PHE A 358 -54.13 -10.07 52.56
N LEU A 359 -53.79 -11.34 52.39
CA LEU A 359 -54.67 -12.38 52.92
C LEU A 359 -54.71 -12.30 54.44
N GLN A 360 -53.58 -11.95 55.03
CA GLN A 360 -53.48 -11.83 56.47
C GLN A 360 -53.82 -13.15 57.13
N ASN A 361 -53.68 -14.23 56.38
CA ASN A 361 -53.95 -15.56 56.91
C ASN A 361 -52.80 -16.51 56.58
N PHE A 362 -52.42 -17.34 57.55
CA PHE A 362 -51.29 -18.25 57.38
C PHE A 362 -51.61 -19.35 56.35
N ARG A 363 -52.75 -20.01 56.58
CA ARG A 363 -53.21 -21.11 55.76
C ARG A 363 -53.70 -20.65 54.42
N ALA A 364 -54.21 -19.44 54.36
CA ALA A 364 -54.62 -18.87 53.08
C ALA A 364 -53.39 -18.64 52.20
N THR A 365 -52.32 -18.11 52.81
CA THR A 365 -51.10 -17.81 52.10
C THR A 365 -50.30 -19.04 51.86
N LEU A 366 -50.27 -19.93 52.84
CA LEU A 366 -49.52 -21.16 52.68
C LEU A 366 -49.97 -21.89 51.41
N ILE A 367 -51.29 -21.88 51.15
CA ILE A 367 -51.88 -22.53 49.96
C ILE A 367 -51.26 -22.16 48.60
N PRO A 368 -51.41 -20.91 48.15
CA PRO A 368 -50.78 -20.63 46.85
C PRO A 368 -49.27 -20.88 46.88
N THR A 369 -48.61 -20.56 48.00
CA THR A 369 -47.17 -20.82 48.13
C THR A 369 -46.78 -22.22 47.65
N ILE A 370 -47.57 -23.22 48.03
CA ILE A 370 -47.32 -24.61 47.70
C ILE A 370 -47.38 -24.83 46.20
N ALA A 371 -48.08 -23.94 45.51
CA ALA A 371 -48.20 -24.08 44.06
C ALA A 371 -46.82 -23.93 43.48
N VAL A 372 -46.09 -22.92 43.95
CA VAL A 372 -44.74 -22.65 43.47
C VAL A 372 -43.89 -23.90 43.23
N PRO A 373 -43.64 -24.70 44.27
CA PRO A 373 -42.81 -25.86 43.98
C PRO A 373 -43.36 -26.89 42.95
N VAL A 374 -44.67 -27.09 42.92
CA VAL A 374 -45.28 -28.08 42.03
C VAL A 374 -45.16 -27.61 40.57
N VAL A 375 -45.55 -26.36 40.31
CA VAL A 375 -45.42 -25.83 38.96
C VAL A 375 -43.95 -25.83 38.53
N LEU A 376 -43.15 -25.03 39.21
CA LEU A 376 -41.71 -24.92 38.89
C LEU A 376 -41.07 -26.26 38.65
N LEU A 377 -41.17 -27.15 39.62
CA LEU A 377 -40.59 -28.46 39.50
C LEU A 377 -41.15 -29.21 38.28
N GLY A 378 -42.46 -29.02 38.03
CA GLY A 378 -43.11 -29.69 36.91
C GLY A 378 -42.57 -29.14 35.61
N THR A 379 -42.44 -27.82 35.55
CA THR A 379 -41.82 -27.12 34.44
C THR A 379 -40.44 -27.68 34.14
N PHE A 380 -39.65 -28.02 35.17
CA PHE A 380 -38.31 -28.61 34.99
C PHE A 380 -38.46 -29.91 34.24
N GLY A 381 -39.53 -30.64 34.55
CA GLY A 381 -39.78 -31.92 33.89
C GLY A 381 -40.13 -31.74 32.43
N VAL A 382 -40.93 -30.72 32.08
CA VAL A 382 -41.28 -30.52 30.67
C VAL A 382 -40.04 -30.14 29.87
N LEU A 383 -39.21 -29.27 30.45
CA LEU A 383 -37.91 -28.90 29.84
C LEU A 383 -37.12 -30.13 29.45
N ALA A 384 -36.95 -31.03 30.39
CA ALA A 384 -36.26 -32.28 30.11
C ALA A 384 -36.93 -33.02 28.98
N ALA A 385 -38.25 -33.11 29.03
CA ALA A 385 -39.03 -33.82 28.03
C ALA A 385 -38.64 -33.35 26.65
N PHE A 386 -38.74 -32.05 26.42
CA PHE A 386 -38.45 -31.47 25.13
C PHE A 386 -36.97 -31.28 24.86
N GLY A 387 -36.12 -31.51 25.86
CA GLY A 387 -34.68 -31.55 25.64
C GLY A 387 -34.02 -30.20 25.82
N PHE A 388 -34.63 -29.33 26.62
CA PHE A 388 -34.03 -28.05 26.97
C PHE A 388 -33.00 -28.28 28.06
N SER A 389 -32.50 -27.21 28.67
CA SER A 389 -31.47 -27.32 29.69
C SER A 389 -31.61 -26.21 30.68
N ILE A 390 -31.09 -26.44 31.90
CA ILE A 390 -31.13 -25.42 32.95
C ILE A 390 -30.11 -24.35 32.56
N ASN A 391 -30.60 -23.15 32.27
CA ASN A 391 -29.77 -22.06 31.82
C ASN A 391 -30.29 -20.68 32.21
N THR A 392 -29.60 -19.66 31.75
CA THR A 392 -29.96 -18.32 32.16
C THR A 392 -31.42 -18.12 31.78
N LEU A 393 -31.80 -18.51 30.55
CA LEU A 393 -33.15 -18.23 30.05
C LEU A 393 -34.22 -19.00 30.80
N THR A 394 -34.10 -20.32 30.79
CA THR A 394 -35.06 -21.17 31.44
C THR A 394 -35.13 -20.92 32.93
N MET A 395 -34.03 -20.52 33.56
CA MET A 395 -34.11 -20.17 34.98
C MET A 395 -34.75 -18.79 35.22
N PHE A 396 -34.70 -17.91 34.23
CA PHE A 396 -35.36 -16.59 34.39
C PHE A 396 -36.87 -16.77 34.37
N GLY A 397 -37.38 -17.42 33.33
CA GLY A 397 -38.78 -17.80 33.29
C GLY A 397 -39.28 -18.34 34.61
N MET A 398 -38.59 -19.34 35.15
CA MET A 398 -38.98 -19.98 36.44
C MET A 398 -39.23 -18.93 37.51
N VAL A 399 -38.32 -17.97 37.59
CA VAL A 399 -38.35 -16.89 38.59
C VAL A 399 -39.54 -15.94 38.39
N LEU A 400 -39.78 -15.54 37.12
CA LEU A 400 -40.91 -14.67 36.78
C LEU A 400 -42.24 -15.44 36.87
N ALA A 401 -42.17 -16.76 36.97
CA ALA A 401 -43.36 -17.56 37.06
C ALA A 401 -43.86 -17.53 38.48
N ILE A 402 -42.95 -17.30 39.42
CA ILE A 402 -43.32 -17.29 40.82
C ILE A 402 -44.35 -16.19 41.04
N GLY A 403 -44.32 -15.17 40.18
CA GLY A 403 -45.30 -14.09 40.28
C GLY A 403 -46.51 -14.35 39.41
N LEU A 404 -46.34 -15.28 38.47
CA LEU A 404 -47.42 -15.64 37.54
C LEU A 404 -48.11 -16.96 37.82
N LEU A 405 -47.66 -17.71 38.83
CA LEU A 405 -48.21 -19.02 39.12
C LEU A 405 -49.21 -18.92 40.26
N VAL A 406 -48.95 -18.00 41.19
CA VAL A 406 -49.72 -17.81 42.41
C VAL A 406 -51.07 -17.09 42.26
N ASP A 407 -51.28 -16.36 41.16
CA ASP A 407 -52.55 -15.72 40.87
C ASP A 407 -53.73 -16.70 40.86
N ASP A 408 -53.58 -17.77 40.05
CA ASP A 408 -54.64 -18.77 39.84
C ASP A 408 -54.99 -19.60 41.09
N ALA A 409 -54.17 -19.49 42.14
CA ALA A 409 -54.45 -20.14 43.41
C ALA A 409 -55.00 -19.11 44.38
N ILE A 410 -54.73 -17.86 44.09
CA ILE A 410 -55.25 -16.76 44.88
C ILE A 410 -56.72 -16.48 44.49
N VAL A 411 -57.08 -16.68 43.22
CA VAL A 411 -58.45 -16.46 42.78
C VAL A 411 -59.36 -17.49 43.43
N VAL A 412 -58.87 -18.72 43.46
CA VAL A 412 -59.57 -19.83 44.06
C VAL A 412 -59.66 -19.60 45.56
N VAL A 413 -58.51 -19.43 46.21
CA VAL A 413 -58.46 -19.31 47.67
C VAL A 413 -59.40 -18.20 48.09
N GLU A 414 -59.50 -17.14 47.29
CA GLU A 414 -60.33 -15.98 47.65
C GLU A 414 -61.81 -16.26 47.40
N ASN A 415 -62.09 -17.10 46.40
CA ASN A 415 -63.45 -17.47 46.06
C ASN A 415 -64.03 -18.40 47.09
N VAL A 416 -63.18 -19.24 47.69
CA VAL A 416 -63.63 -20.15 48.74
C VAL A 416 -64.03 -19.38 49.99
N GLU A 417 -63.31 -18.31 50.29
CA GLU A 417 -63.60 -17.52 51.46
C GLU A 417 -64.83 -16.68 51.24
N ARG A 418 -65.05 -16.26 50.00
CA ARG A 418 -66.18 -15.40 49.68
C ARG A 418 -67.48 -16.16 49.86
N VAL A 419 -67.58 -17.28 49.16
CA VAL A 419 -68.76 -18.12 49.22
C VAL A 419 -68.87 -18.68 50.64
N MET A 420 -67.81 -18.53 51.42
CA MET A 420 -67.74 -19.08 52.77
C MET A 420 -68.14 -18.09 53.85
N ALA A 421 -67.97 -16.80 53.56
CA ALA A 421 -68.31 -15.76 54.51
C ALA A 421 -69.67 -15.20 54.19
N GLU A 422 -70.06 -15.33 52.92
CA GLU A 422 -71.38 -14.92 52.44
C GLU A 422 -72.46 -16.00 52.66
N GLU A 423 -72.07 -17.22 53.06
CA GLU A 423 -73.05 -18.27 53.37
C GLU A 423 -72.74 -19.17 54.56
N GLY A 424 -71.67 -18.91 55.27
CA GLY A 424 -71.36 -19.75 56.42
C GLY A 424 -71.12 -21.17 56.03
N LEU A 425 -70.88 -21.38 54.75
CA LEU A 425 -70.62 -22.71 54.26
C LEU A 425 -69.27 -23.16 54.79
N SER A 426 -69.00 -24.46 54.67
CA SER A 426 -67.78 -25.06 55.15
C SER A 426 -66.73 -24.92 54.06
N PRO A 427 -65.44 -24.97 54.43
CA PRO A 427 -64.42 -24.75 53.39
C PRO A 427 -64.54 -25.75 52.23
N ARG A 428 -65.04 -26.95 52.50
CA ARG A 428 -65.16 -27.97 51.47
C ARG A 428 -66.32 -27.68 50.49
N GLU A 429 -67.44 -27.21 51.00
CA GLU A 429 -68.58 -26.93 50.12
C GLU A 429 -68.39 -25.61 49.40
N ALA A 430 -67.79 -24.65 50.10
CA ALA A 430 -67.35 -23.41 49.49
C ALA A 430 -66.41 -23.72 48.32
N ALA A 431 -65.54 -24.70 48.54
CA ALA A 431 -64.63 -25.16 47.52
C ALA A 431 -65.40 -25.72 46.32
N ARG A 432 -66.39 -26.56 46.62
CA ARG A 432 -67.19 -27.20 45.57
C ARG A 432 -68.04 -26.16 44.83
N LYS A 433 -68.76 -25.37 45.61
CA LYS A 433 -69.59 -24.32 45.05
C LYS A 433 -68.80 -23.25 44.29
N SER A 434 -67.55 -23.03 44.68
CA SER A 434 -66.73 -21.98 44.06
C SER A 434 -66.09 -22.45 42.76
N MET A 435 -65.52 -23.66 42.79
CA MET A 435 -64.89 -24.15 41.59
C MET A 435 -65.88 -24.26 40.44
N GLY A 436 -67.17 -24.46 40.78
CA GLY A 436 -68.22 -24.51 39.76
C GLY A 436 -68.19 -23.22 38.97
N GLN A 437 -68.00 -22.13 39.68
CA GLN A 437 -67.75 -20.85 39.06
C GLN A 437 -66.23 -20.83 38.86
N ILE A 438 -65.71 -19.92 38.05
CA ILE A 438 -64.24 -19.71 37.93
C ILE A 438 -63.47 -20.77 37.14
N GLN A 439 -63.77 -22.03 37.39
CA GLN A 439 -63.12 -23.11 36.66
C GLN A 439 -62.91 -22.70 35.20
N GLY A 440 -63.91 -22.04 34.63
CA GLY A 440 -63.86 -21.63 33.25
C GLY A 440 -63.04 -20.39 33.05
N ALA A 441 -63.27 -19.36 33.86
CA ALA A 441 -62.49 -18.15 33.77
C ALA A 441 -60.99 -18.48 33.79
N LEU A 442 -60.54 -19.13 34.87
CA LEU A 442 -59.14 -19.56 35.00
C LEU A 442 -58.62 -20.07 33.65
N VAL A 443 -59.14 -21.21 33.22
CA VAL A 443 -58.67 -21.86 32.00
C VAL A 443 -58.82 -20.95 30.78
N GLY A 444 -59.68 -19.94 30.85
CA GLY A 444 -59.87 -19.03 29.74
C GLY A 444 -58.71 -18.05 29.67
N ILE A 445 -58.57 -17.26 30.73
CA ILE A 445 -57.46 -16.33 30.88
C ILE A 445 -56.13 -17.03 30.68
N ALA A 446 -56.06 -18.27 31.17
CA ALA A 446 -54.84 -19.06 31.07
C ALA A 446 -54.38 -19.10 29.64
N MET A 447 -55.34 -19.23 28.73
CA MET A 447 -55.06 -19.30 27.30
C MET A 447 -54.66 -17.94 26.77
N VAL A 448 -55.38 -16.92 27.20
CA VAL A 448 -55.12 -15.54 26.79
C VAL A 448 -53.71 -15.15 27.21
N LEU A 449 -53.45 -15.24 28.51
CA LEU A 449 -52.17 -14.86 29.09
C LEU A 449 -51.05 -15.56 28.36
N SER A 450 -51.20 -16.88 28.24
CA SER A 450 -50.21 -17.67 27.57
C SER A 450 -50.07 -17.26 26.12
N ALA A 451 -51.19 -17.04 25.44
CA ALA A 451 -51.19 -16.67 24.01
C ALA A 451 -50.15 -15.60 23.62
N VAL A 452 -49.63 -14.88 24.62
CA VAL A 452 -48.62 -13.84 24.42
C VAL A 452 -47.19 -14.36 24.25
N PHE A 453 -46.93 -15.57 24.77
CA PHE A 453 -45.61 -16.19 24.74
C PHE A 453 -45.45 -17.22 23.61
N LEU A 454 -46.55 -17.62 22.98
CA LEU A 454 -46.47 -18.73 22.05
C LEU A 454 -45.86 -18.34 20.72
N PRO A 455 -46.14 -17.14 20.20
CA PRO A 455 -45.47 -16.80 18.95
C PRO A 455 -43.98 -16.59 19.16
N MET A 456 -43.62 -16.29 20.41
CA MET A 456 -42.24 -16.12 20.83
C MET A 456 -41.40 -17.39 20.74
N ALA A 457 -42.03 -18.51 20.39
CA ALA A 457 -41.32 -19.81 20.26
C ALA A 457 -41.24 -20.28 18.83
N PHE A 458 -41.57 -19.43 17.87
CA PHE A 458 -41.53 -19.86 16.47
C PHE A 458 -40.53 -19.08 15.63
N PHE A 459 -39.72 -18.24 16.27
CA PHE A 459 -38.75 -17.44 15.54
C PHE A 459 -37.43 -18.17 15.40
N GLY A 460 -36.76 -17.96 14.27
CA GLY A 460 -35.53 -18.67 13.93
C GLY A 460 -34.27 -17.95 14.35
N GLY A 461 -33.13 -18.57 14.12
CA GLY A 461 -31.85 -17.98 14.47
C GLY A 461 -31.51 -18.13 15.94
N SER A 462 -30.31 -17.71 16.30
CA SER A 462 -29.87 -17.78 17.67
C SER A 462 -30.81 -17.00 18.60
N THR A 463 -31.69 -16.18 18.03
CA THR A 463 -32.63 -15.38 18.81
C THR A 463 -33.88 -16.18 19.18
N GLY A 464 -34.35 -16.97 18.24
CA GLY A 464 -35.49 -17.84 18.48
C GLY A 464 -35.14 -18.86 19.53
N VAL A 465 -33.94 -19.40 19.44
CA VAL A 465 -33.45 -20.36 20.41
C VAL A 465 -33.53 -19.76 21.80
N ILE A 466 -32.99 -18.56 21.91
CA ILE A 466 -33.03 -17.79 23.13
C ILE A 466 -34.46 -17.50 23.54
N TYR A 467 -35.33 -17.24 22.56
CA TYR A 467 -36.73 -16.92 22.81
C TYR A 467 -37.50 -18.16 23.30
N ARG A 468 -37.32 -19.26 22.58
CA ARG A 468 -38.03 -20.50 22.88
C ARG A 468 -37.81 -20.93 24.32
N GLN A 469 -36.57 -21.25 24.65
CA GLN A 469 -36.18 -21.60 26.01
C GLN A 469 -37.07 -20.83 26.95
N PHE A 470 -37.18 -19.53 26.73
CA PHE A 470 -38.04 -18.73 27.59
C PHE A 470 -39.51 -19.12 27.38
N SER A 471 -39.99 -18.88 26.16
CA SER A 471 -41.38 -19.12 25.77
C SER A 471 -41.98 -20.42 26.37
N ILE A 472 -41.37 -21.57 26.11
CA ILE A 472 -41.96 -22.79 26.61
C ILE A 472 -41.88 -22.92 28.14
N THR A 473 -40.87 -22.32 28.76
CA THR A 473 -40.79 -22.43 30.19
C THR A 473 -41.99 -21.78 30.79
N ILE A 474 -42.24 -20.56 30.34
CA ILE A 474 -43.37 -19.75 30.86
C ILE A 474 -44.76 -20.30 30.50
N VAL A 475 -44.95 -20.86 29.28
CA VAL A 475 -46.32 -21.34 28.96
C VAL A 475 -46.57 -22.65 29.66
N SER A 476 -45.49 -23.38 29.93
CA SER A 476 -45.55 -24.61 30.69
C SER A 476 -45.85 -24.25 32.14
N ALA A 477 -45.23 -23.19 32.62
CA ALA A 477 -45.46 -22.76 33.98
C ALA A 477 -46.93 -22.41 34.16
N MET A 478 -47.46 -21.65 33.20
CA MET A 478 -48.85 -21.19 33.22
C MET A 478 -49.87 -22.33 33.13
N ALA A 479 -49.59 -23.30 32.27
CA ALA A 479 -50.51 -24.41 32.10
C ALA A 479 -50.54 -25.24 33.38
N LEU A 480 -49.39 -25.75 33.80
CA LEU A 480 -49.28 -26.51 35.06
C LEU A 480 -49.92 -25.75 36.21
N SER A 481 -49.66 -24.47 36.28
CA SER A 481 -50.30 -23.64 37.24
C SER A 481 -51.82 -23.79 37.15
N VAL A 482 -52.35 -23.78 35.92
CA VAL A 482 -53.79 -23.88 35.73
C VAL A 482 -54.29 -25.19 36.32
N ILE A 483 -53.64 -26.28 35.94
CA ILE A 483 -54.04 -27.61 36.42
C ILE A 483 -53.80 -27.74 37.93
N VAL A 484 -52.80 -27.04 38.42
CA VAL A 484 -52.48 -27.14 39.82
C VAL A 484 -53.61 -26.48 40.62
N ALA A 485 -54.14 -25.37 40.11
CA ALA A 485 -55.22 -24.64 40.80
C ALA A 485 -56.55 -25.36 40.68
N LEU A 486 -56.64 -26.29 39.73
CA LEU A 486 -57.83 -27.06 39.48
C LEU A 486 -57.82 -28.38 40.23
N ILE A 487 -56.63 -28.93 40.45
CA ILE A 487 -56.46 -30.17 41.24
C ILE A 487 -56.11 -29.99 42.71
N LEU A 488 -54.92 -29.46 43.01
CA LEU A 488 -54.37 -29.40 44.39
C LEU A 488 -55.06 -28.32 45.18
N THR A 489 -55.07 -27.11 44.64
CA THR A 489 -55.53 -25.98 45.41
C THR A 489 -56.87 -26.25 46.13
N PRO A 490 -58.02 -26.35 45.40
CA PRO A 490 -59.33 -26.53 46.08
C PRO A 490 -59.33 -27.64 47.13
N ALA A 491 -58.64 -28.73 46.87
CA ALA A 491 -58.48 -29.75 47.88
C ALA A 491 -57.83 -29.12 49.10
N LEU A 492 -56.68 -28.46 48.90
CA LEU A 492 -56.00 -27.82 50.02
C LEU A 492 -56.96 -26.91 50.81
N CYS A 493 -57.76 -26.13 50.10
CA CYS A 493 -58.77 -25.30 50.76
C CYS A 493 -59.83 -26.14 51.52
N ALA A 494 -60.25 -27.25 50.92
CA ALA A 494 -61.17 -28.13 51.61
C ALA A 494 -60.59 -28.57 52.97
N THR A 495 -59.27 -28.71 53.04
CA THR A 495 -58.65 -29.27 54.23
C THR A 495 -57.86 -28.32 55.11
N MET A 496 -57.48 -27.15 54.62
CA MET A 496 -56.69 -26.23 55.43
C MET A 496 -57.41 -24.95 55.91
N LEU A 497 -58.26 -24.39 55.06
CA LEU A 497 -59.08 -23.27 55.46
C LEU A 497 -60.01 -23.66 56.61
N LYS A 498 -60.19 -22.73 57.56
CA LYS A 498 -61.10 -22.92 58.69
C LYS A 498 -62.25 -21.89 58.80
N PRO A 499 -62.03 -20.63 58.35
CA PRO A 499 -63.05 -19.60 58.56
C PRO A 499 -64.35 -19.92 57.81
N PHE A 512 -50.80 -2.23 61.78
CA PHE A 512 -50.73 -3.67 61.54
C PHE A 512 -51.88 -4.10 60.63
N PHE A 513 -52.35 -5.33 60.81
CA PHE A 513 -53.45 -5.85 60.01
C PHE A 513 -54.72 -5.01 60.18
N GLY A 514 -54.88 -4.41 61.35
CA GLY A 514 -56.00 -3.50 61.58
C GLY A 514 -55.85 -2.23 60.74
N TRP A 515 -54.74 -1.54 60.94
CA TRP A 515 -54.47 -0.27 60.27
C TRP A 515 -54.64 -0.38 58.76
N PHE A 516 -53.87 -1.30 58.18
CA PHE A 516 -53.81 -1.53 56.74
C PHE A 516 -55.21 -1.60 56.13
N ASN A 517 -56.05 -2.49 56.65
CA ASN A 517 -57.39 -2.67 56.11
C ASN A 517 -58.11 -1.33 55.93
N ARG A 518 -58.15 -0.55 57.00
CA ARG A 518 -58.74 0.78 56.96
C ARG A 518 -57.93 1.62 55.98
N MET A 519 -56.61 1.64 56.22
CA MET A 519 -55.68 2.39 55.41
C MET A 519 -55.89 2.11 53.91
N PHE A 520 -56.04 0.84 53.57
CA PHE A 520 -56.29 0.45 52.19
C PHE A 520 -57.71 0.86 51.79
N LEU A 521 -58.69 0.41 52.57
CA LEU A 521 -60.09 0.76 52.33
C LEU A 521 -60.22 2.23 51.98
N SER A 522 -59.60 3.06 52.81
CA SER A 522 -59.56 4.49 52.56
C SER A 522 -58.94 4.78 51.19
N THR A 523 -57.75 4.25 50.95
CA THR A 523 -57.07 4.45 49.69
C THR A 523 -58.00 4.07 48.56
N THR A 524 -58.82 3.05 48.82
CA THR A 524 -59.75 2.54 47.83
C THR A 524 -60.78 3.59 47.42
N HIS A 525 -61.40 4.18 48.43
CA HIS A 525 -62.40 5.21 48.18
C HIS A 525 -61.75 6.32 47.36
N GLY A 526 -60.52 6.65 47.74
CA GLY A 526 -59.75 7.64 47.01
C GLY A 526 -59.64 7.27 45.54
N TYR A 527 -59.17 6.06 45.31
CA TYR A 527 -59.05 5.54 43.95
C TYR A 527 -60.41 5.58 43.27
N GLU A 528 -61.40 5.00 43.94
CA GLU A 528 -62.75 4.94 43.40
C GLU A 528 -63.22 6.32 42.94
N ARG A 529 -63.07 7.31 43.82
CA ARG A 529 -63.42 8.70 43.49
C ARG A 529 -62.61 9.20 42.30
N GLY A 530 -61.28 9.14 42.41
CA GLY A 530 -60.41 9.55 41.33
C GLY A 530 -60.86 8.93 40.02
N VAL A 531 -61.02 7.62 40.01
CA VAL A 531 -61.47 6.90 38.83
C VAL A 531 -62.73 7.53 38.28
N ALA A 532 -63.72 7.70 39.14
CA ALA A 532 -64.99 8.31 38.76
C ALA A 532 -64.78 9.59 37.97
N SER A 533 -63.99 10.49 38.53
CA SER A 533 -63.67 11.76 37.89
C SER A 533 -63.12 11.59 36.48
N ILE A 534 -62.23 10.62 36.32
CA ILE A 534 -61.65 10.34 35.00
C ILE A 534 -62.77 10.10 34.00
N LEU A 535 -63.88 9.55 34.49
CA LEU A 535 -65.05 9.26 33.65
C LEU A 535 -65.87 10.51 33.41
N LYS A 536 -65.83 11.43 34.37
CA LYS A 536 -66.59 12.67 34.32
C LYS A 536 -66.02 13.64 33.30
N HIS A 537 -64.73 13.93 33.40
CA HIS A 537 -64.06 14.84 32.46
C HIS A 537 -63.64 14.05 31.25
N ARG A 538 -62.91 12.96 31.46
CA ARG A 538 -62.63 11.98 30.41
C ARG A 538 -61.77 12.54 29.27
N ALA A 539 -62.36 13.36 28.42
CA ALA A 539 -61.68 13.93 27.24
C ALA A 539 -60.22 14.32 27.48
N PRO A 540 -59.92 15.05 28.56
CA PRO A 540 -58.53 15.40 28.86
C PRO A 540 -57.59 14.19 28.99
N TYR A 541 -58.11 13.11 29.57
CA TYR A 541 -57.32 11.91 29.84
C TYR A 541 -57.08 11.06 28.58
N LEU A 542 -58.06 11.01 27.68
CA LEU A 542 -57.92 10.22 26.45
C LEU A 542 -56.72 10.67 25.64
N LEU A 543 -56.32 11.93 25.82
CA LEU A 543 -55.18 12.50 25.10
C LEU A 543 -53.91 12.40 25.92
N ILE A 544 -54.01 12.62 27.23
CA ILE A 544 -52.86 12.44 28.14
C ILE A 544 -52.28 11.06 27.91
N TYR A 545 -53.13 10.16 27.43
CA TYR A 545 -52.74 8.80 27.10
C TYR A 545 -51.92 8.81 25.80
N VAL A 546 -52.43 9.52 24.80
CA VAL A 546 -51.76 9.62 23.49
C VAL A 546 -50.34 10.13 23.66
N VAL A 547 -50.15 11.07 24.58
CA VAL A 547 -48.84 11.61 24.86
C VAL A 547 -47.95 10.48 25.32
N ILE A 548 -48.53 9.53 26.04
CA ILE A 548 -47.78 8.40 26.50
C ILE A 548 -47.39 7.52 25.32
N VAL A 549 -48.34 7.28 24.42
CA VAL A 549 -48.04 6.52 23.21
C VAL A 549 -46.98 7.29 22.44
N ALA A 550 -46.95 8.59 22.66
CA ALA A 550 -45.96 9.47 22.05
C ALA A 550 -44.64 9.35 22.80
N GLY A 551 -44.70 9.46 24.13
CA GLY A 551 -43.51 9.35 24.97
C GLY A 551 -42.85 7.98 24.87
N MET A 552 -43.66 6.97 24.56
CA MET A 552 -43.17 5.61 24.42
C MET A 552 -42.49 5.40 23.06
N ILE A 553 -43.17 5.77 21.98
CA ILE A 553 -42.61 5.66 20.62
C ILE A 553 -41.26 6.36 20.53
N TRP A 554 -41.02 7.27 21.47
CA TRP A 554 -39.80 8.06 21.48
C TRP A 554 -38.71 7.30 22.21
N MET A 555 -38.97 6.92 23.45
CA MET A 555 -38.00 6.17 24.26
C MET A 555 -37.37 5.02 23.48
N PHE A 556 -38.03 4.56 22.42
CA PHE A 556 -37.52 3.46 21.60
C PHE A 556 -36.31 3.89 20.77
N THR A 557 -36.19 5.21 20.56
CA THR A 557 -35.06 5.78 19.82
C THR A 557 -33.87 6.04 20.73
N ARG A 558 -34.14 6.36 21.97
CA ARG A 558 -33.08 6.67 22.93
C ARG A 558 -32.63 5.38 23.63
N ILE A 559 -32.38 4.35 22.85
CA ILE A 559 -31.96 3.06 23.42
C ILE A 559 -31.10 2.29 22.41
N PRO A 560 -29.92 1.82 22.86
CA PRO A 560 -29.11 1.01 21.96
C PRO A 560 -29.55 -0.45 22.00
N THR A 561 -29.60 -1.09 20.85
CA THR A 561 -30.07 -2.46 20.74
C THR A 561 -28.91 -3.43 20.83
N ALA A 562 -28.95 -4.34 21.81
CA ALA A 562 -27.91 -5.35 21.98
C ALA A 562 -28.49 -6.76 22.14
N PHE A 563 -27.93 -7.73 21.43
CA PHE A 563 -28.27 -9.14 21.63
C PHE A 563 -27.40 -9.74 22.73
N LEU A 564 -27.92 -9.78 23.95
CA LEU A 564 -27.19 -10.30 25.11
C LEU A 564 -26.12 -9.32 25.58
N PRO A 565 -26.19 -8.90 26.85
CA PRO A 565 -25.25 -7.95 27.43
C PRO A 565 -23.89 -8.56 27.80
N ASP A 566 -22.82 -7.76 27.78
CA ASP A 566 -21.50 -8.26 28.17
C ASP A 566 -21.56 -8.55 29.65
N GLU A 567 -20.99 -9.67 30.06
CA GLU A 567 -20.97 -10.05 31.46
C GLU A 567 -19.53 -10.05 31.94
N ASP A 568 -19.33 -10.27 33.22
CA ASP A 568 -17.99 -10.29 33.81
C ASP A 568 -17.22 -11.59 33.48
N GLN A 569 -17.64 -12.71 34.07
CA GLN A 569 -17.01 -14.03 33.83
C GLN A 569 -15.67 -14.30 34.52
N GLY A 570 -15.29 -13.45 35.48
CA GLY A 570 -14.07 -13.64 36.25
C GLY A 570 -12.82 -14.01 35.44
N VAL A 571 -12.72 -13.50 34.22
CA VAL A 571 -11.59 -13.83 33.40
C VAL A 571 -11.22 -12.71 32.46
N LEU A 572 -9.94 -12.38 32.42
CA LEU A 572 -9.45 -11.30 31.58
C LEU A 572 -8.27 -11.77 30.80
N PHE A 573 -8.13 -11.26 29.58
CA PHE A 573 -7.04 -11.64 28.69
C PHE A 573 -6.04 -10.50 28.58
N ALA A 574 -4.85 -10.81 28.06
CA ALA A 574 -3.81 -9.82 27.87
C ALA A 574 -2.92 -10.21 26.72
N GLN A 575 -2.99 -9.45 25.63
CA GLN A 575 -2.21 -9.73 24.44
C GLN A 575 -0.92 -8.88 24.35
N VAL A 576 0.18 -9.47 23.87
CA VAL A 576 1.47 -8.76 23.73
C VAL A 576 2.07 -9.01 22.35
N GLN A 577 2.32 -7.96 21.57
CA GLN A 577 2.98 -8.13 20.25
C GLN A 577 4.14 -7.18 20.00
N THR A 578 5.31 -7.49 20.54
CA THR A 578 6.52 -6.69 20.31
C THR A 578 6.71 -6.34 18.83
N PRO A 579 7.57 -5.35 18.53
CA PRO A 579 7.73 -4.88 17.15
C PRO A 579 8.26 -5.96 16.25
N PRO A 580 8.07 -5.83 14.93
CA PRO A 580 8.42 -6.92 14.04
C PRO A 580 9.87 -7.33 14.20
N GLY A 581 10.17 -8.57 13.81
CA GLY A 581 11.49 -9.15 13.99
C GLY A 581 11.94 -9.27 15.43
N SER A 582 11.17 -8.72 16.38
CA SER A 582 11.57 -8.71 17.79
C SER A 582 11.93 -10.12 18.22
N SER A 583 13.14 -10.26 18.73
CA SER A 583 13.57 -11.54 19.23
C SER A 583 12.65 -11.94 20.36
N ALA A 584 12.61 -13.25 20.63
CA ALA A 584 11.78 -13.81 21.67
C ALA A 584 12.26 -13.43 23.07
N GLU A 585 13.41 -12.77 23.17
CA GLU A 585 13.93 -12.41 24.50
C GLU A 585 13.44 -11.03 24.95
N ARG A 586 13.19 -10.15 23.98
CA ARG A 586 12.67 -8.81 24.23
C ARG A 586 11.30 -8.90 24.87
N THR A 587 10.40 -9.59 24.18
CA THR A 587 9.02 -9.80 24.64
C THR A 587 8.96 -10.31 26.07
N GLN A 588 9.69 -11.38 26.34
CA GLN A 588 9.69 -11.99 27.66
C GLN A 588 9.80 -10.98 28.75
N VAL A 589 10.25 -9.77 28.41
CA VAL A 589 10.44 -8.70 29.40
C VAL A 589 9.17 -7.87 29.53
N VAL A 590 8.48 -7.65 28.41
CA VAL A 590 7.20 -6.95 28.42
C VAL A 590 6.16 -7.76 29.18
N VAL A 591 6.01 -9.03 28.83
CA VAL A 591 5.03 -9.90 29.47
C VAL A 591 5.30 -9.95 30.98
N ASP A 592 6.59 -9.93 31.34
CA ASP A 592 6.97 -9.96 32.74
C ASP A 592 6.56 -8.67 33.43
N SER A 593 7.00 -7.55 32.88
CA SER A 593 6.64 -6.25 33.45
C SER A 593 5.13 -6.16 33.50
N MET A 594 4.50 -6.68 32.46
CA MET A 594 3.05 -6.70 32.34
C MET A 594 2.46 -7.63 33.41
N ARG A 595 3.09 -8.76 33.61
CA ARG A 595 2.66 -9.72 34.64
C ARG A 595 2.87 -9.17 36.05
N GLU A 596 3.91 -8.36 36.24
CA GLU A 596 4.21 -7.74 37.53
C GLU A 596 3.22 -6.63 37.89
N TYR A 597 2.78 -5.88 36.89
CA TYR A 597 1.79 -4.82 37.11
C TYR A 597 0.55 -5.40 37.78
N LEU A 598 -0.20 -6.20 37.03
CA LEU A 598 -1.44 -6.81 37.50
C LEU A 598 -1.22 -7.56 38.80
N LEU A 599 -0.30 -8.52 38.78
CA LEU A 599 -0.07 -9.34 39.96
C LEU A 599 0.29 -8.50 41.20
N GLU A 600 1.17 -7.52 41.02
CA GLU A 600 1.59 -6.66 42.13
C GLU A 600 0.63 -5.49 42.34
N LYS A 601 0.52 -4.65 41.32
CA LYS A 601 -0.25 -3.42 41.40
C LYS A 601 -1.71 -3.63 40.99
N GLU A 602 -2.35 -4.70 41.49
CA GLU A 602 -3.78 -4.96 41.20
C GLU A 602 -4.40 -5.99 42.13
N SER A 603 -3.64 -6.47 43.10
CA SER A 603 -4.07 -7.55 44.01
C SER A 603 -5.57 -7.55 44.36
N SER A 604 -6.23 -6.41 44.19
CA SER A 604 -7.68 -6.31 44.43
C SER A 604 -8.45 -7.40 43.69
N SER A 605 -8.36 -7.36 42.35
CA SER A 605 -9.08 -8.30 41.49
C SER A 605 -8.18 -9.44 41.00
N VAL A 606 -7.10 -9.08 40.32
CA VAL A 606 -6.22 -10.06 39.72
C VAL A 606 -5.72 -11.06 40.77
N SER A 607 -6.10 -12.32 40.59
CA SER A 607 -5.72 -13.41 41.51
C SER A 607 -4.51 -14.22 41.02
N SER A 608 -4.27 -14.24 39.72
CA SER A 608 -3.16 -15.01 39.16
C SER A 608 -3.01 -14.74 37.67
N VAL A 609 -1.77 -14.63 37.22
CA VAL A 609 -1.47 -14.32 35.82
C VAL A 609 -0.56 -15.38 35.25
N PHE A 610 -1.05 -16.09 34.24
CA PHE A 610 -0.34 -17.19 33.60
C PHE A 610 -0.10 -16.78 32.15
N THR A 611 1.17 -16.62 31.79
CA THR A 611 1.56 -16.06 30.50
C THR A 611 2.19 -17.11 29.65
N VAL A 612 2.02 -16.98 28.34
CA VAL A 612 2.65 -17.89 27.37
C VAL A 612 3.30 -17.05 26.29
N THR A 613 4.38 -17.56 25.70
CA THR A 613 5.13 -16.84 24.64
C THR A 613 5.19 -17.64 23.34
N GLY A 614 5.06 -16.96 22.22
CA GLY A 614 5.23 -17.63 20.93
C GLY A 614 3.86 -17.85 20.33
N PHE A 615 2.83 -17.46 21.06
CA PHE A 615 1.45 -17.71 20.69
C PHE A 615 0.62 -16.53 21.16
N ASN A 616 -0.36 -16.19 20.33
CA ASN A 616 -1.30 -15.11 20.57
C ASN A 616 -2.55 -15.47 19.77
N PHE A 617 -3.68 -14.86 20.12
CA PHE A 617 -4.88 -15.02 19.28
C PHE A 617 -4.63 -14.35 17.93
N ALA A 618 -3.74 -13.36 17.92
CA ALA A 618 -3.41 -12.64 16.69
C ALA A 618 -2.32 -13.33 15.91
N GLY A 619 -1.45 -14.04 16.61
CA GLY A 619 -0.42 -14.82 15.92
C GLY A 619 0.61 -15.55 16.79
N ARG A 620 1.55 -16.20 16.11
CA ARG A 620 2.59 -16.99 16.74
C ARG A 620 3.96 -16.28 16.67
N GLY A 621 5.04 -17.02 16.44
CA GLY A 621 6.42 -16.52 16.41
C GLY A 621 6.97 -15.87 17.66
N GLN A 622 8.21 -15.35 17.59
CA GLN A 622 8.87 -14.88 18.83
C GLN A 622 8.44 -13.50 19.28
N SER A 623 7.56 -12.89 18.50
CA SER A 623 7.07 -11.58 18.81
C SER A 623 5.77 -11.67 19.56
N SER A 624 5.04 -12.78 19.36
CA SER A 624 3.70 -12.92 19.94
C SER A 624 3.74 -13.54 21.33
N GLY A 625 2.91 -13.01 22.22
CA GLY A 625 2.78 -13.54 23.58
C GLY A 625 1.56 -12.99 24.30
N MET A 626 0.81 -13.85 25.00
CA MET A 626 -0.40 -13.40 25.73
C MET A 626 -0.31 -13.70 27.21
N ALA A 627 -1.32 -13.23 27.93
CA ALA A 627 -1.50 -13.56 29.32
C ALA A 627 -2.93 -14.04 29.61
N PHE A 628 -3.04 -14.94 30.59
CA PHE A 628 -4.33 -15.45 31.08
C PHE A 628 -4.61 -14.93 32.48
N ILE A 629 -5.58 -14.04 32.61
CA ILE A 629 -5.84 -13.41 33.89
C ILE A 629 -7.09 -13.94 34.58
N MET A 630 -6.88 -14.68 35.66
CA MET A 630 -7.95 -15.23 36.44
C MET A 630 -8.16 -14.32 37.65
N LEU A 631 -9.26 -13.57 37.65
CA LEU A 631 -9.58 -12.68 38.77
C LEU A 631 -10.04 -13.49 39.96
N LYS A 632 -9.99 -12.88 41.14
CA LYS A 632 -10.42 -13.55 42.36
C LYS A 632 -11.94 -13.52 42.41
N PRO A 633 -12.57 -14.52 43.04
CA PRO A 633 -14.02 -14.63 43.02
C PRO A 633 -14.73 -13.30 43.24
N TRP A 634 -15.98 -13.25 42.77
CA TRP A 634 -16.83 -12.06 42.81
C TRP A 634 -17.02 -11.52 44.23
N GLU A 635 -17.23 -12.41 45.19
CA GLU A 635 -17.37 -12.03 46.60
C GLU A 635 -16.00 -11.87 47.28
N GLU A 636 -15.00 -11.50 46.48
CA GLU A 636 -13.66 -11.23 46.98
C GLU A 636 -13.14 -9.96 46.32
N ARG A 637 -13.92 -9.43 45.37
CA ARG A 637 -13.59 -8.19 44.69
C ARG A 637 -14.87 -7.42 44.30
N PRO A 638 -15.57 -6.85 45.30
CA PRO A 638 -16.84 -6.16 45.03
C PRO A 638 -16.65 -4.88 44.22
N GLY A 639 -17.64 -4.01 44.26
CA GLY A 639 -17.52 -2.71 43.61
C GLY A 639 -17.43 -2.82 42.10
N GLY A 640 -17.92 -1.80 41.41
CA GLY A 640 -17.84 -1.75 39.96
C GLY A 640 -16.44 -1.37 39.55
N GLU A 641 -15.58 -1.17 40.55
CA GLU A 641 -14.21 -0.77 40.33
C GLU A 641 -13.28 -1.97 40.32
N ASN A 642 -13.66 -3.01 41.07
CA ASN A 642 -12.91 -4.25 41.07
C ASN A 642 -13.47 -5.22 40.05
N SER A 643 -14.19 -4.69 39.06
CA SER A 643 -14.80 -5.54 38.03
C SER A 643 -13.73 -6.02 37.07
N VAL A 644 -14.10 -6.12 35.81
CA VAL A 644 -13.18 -6.57 34.81
C VAL A 644 -12.95 -5.45 33.80
N PHE A 645 -14.02 -4.99 33.18
CA PHE A 645 -13.91 -3.96 32.16
C PHE A 645 -13.21 -2.74 32.77
N GLU A 646 -13.59 -2.41 34.00
CA GLU A 646 -12.98 -1.30 34.73
C GLU A 646 -11.55 -1.65 35.17
N LEU A 647 -11.19 -2.92 35.02
CA LEU A 647 -9.83 -3.38 35.24
C LEU A 647 -9.17 -3.41 33.88
N ALA A 648 -9.97 -3.67 32.86
CA ALA A 648 -9.49 -3.78 31.51
C ALA A 648 -8.76 -2.51 31.12
N LYS A 649 -9.48 -1.40 31.08
CA LYS A 649 -8.92 -0.14 30.63
C LYS A 649 -8.02 0.49 31.69
N ARG A 650 -8.27 0.16 32.95
CA ARG A 650 -7.44 0.63 34.06
C ARG A 650 -6.07 -0.07 34.02
N ALA A 651 -5.78 -0.67 32.87
CA ALA A 651 -4.51 -1.32 32.62
C ALA A 651 -4.25 -1.22 31.12
N GLN A 652 -5.26 -0.76 30.39
CA GLN A 652 -5.19 -0.59 28.95
C GLN A 652 -4.29 0.59 28.61
N MET A 653 -4.39 1.67 29.40
CA MET A 653 -3.58 2.85 29.19
C MET A 653 -2.12 2.59 29.54
N HIS A 654 -1.93 1.76 30.57
CA HIS A 654 -0.60 1.42 31.07
C HIS A 654 0.42 1.17 29.95
N PHE A 655 0.11 0.27 29.02
CA PHE A 655 1.06 -0.09 27.95
C PHE A 655 0.63 0.24 26.53
N PHE A 656 -0.67 0.18 26.24
CA PHE A 656 -1.17 0.52 24.90
C PHE A 656 -0.52 1.83 24.44
N SER A 657 -0.06 2.60 25.42
CA SER A 657 0.64 3.86 25.17
C SER A 657 2.16 3.65 25.10
N PHE A 658 2.58 2.54 24.49
CA PHE A 658 4.00 2.23 24.35
C PHE A 658 4.41 2.13 22.89
N LYS A 659 5.51 2.79 22.54
CA LYS A 659 6.11 2.61 21.22
C LYS A 659 6.87 1.30 21.29
N ASP A 660 7.01 0.82 22.52
CA ASP A 660 7.68 -0.44 22.80
C ASP A 660 6.91 -1.66 22.29
N ALA A 661 5.61 -1.73 22.57
CA ALA A 661 4.78 -2.85 22.09
C ALA A 661 3.32 -2.72 22.56
N MET A 662 2.37 -2.78 21.63
CA MET A 662 0.94 -2.80 21.98
C MET A 662 0.64 -3.91 23.00
N VAL A 663 -0.23 -3.65 23.97
CA VAL A 663 -0.56 -4.65 24.98
C VAL A 663 -2.06 -4.68 25.24
N PHE A 664 -2.83 -4.70 24.16
CA PHE A 664 -4.31 -4.66 24.22
C PHE A 664 -4.95 -5.80 25.03
N ALA A 665 -5.22 -5.57 26.31
CA ALA A 665 -5.86 -6.58 27.17
C ALA A 665 -7.36 -6.41 27.13
N PHE A 666 -8.08 -7.51 26.95
CA PHE A 666 -9.53 -7.44 26.79
C PHE A 666 -10.26 -8.63 27.42
N ALA A 667 -11.59 -8.51 27.50
CA ALA A 667 -12.43 -9.54 28.09
C ALA A 667 -13.25 -10.25 27.03
N PRO A 668 -13.68 -11.50 27.35
CA PRO A 668 -14.45 -12.31 26.40
C PRO A 668 -15.94 -11.95 26.34
N PRO A 669 -16.61 -12.26 25.22
CA PRO A 669 -18.02 -11.91 25.05
C PRO A 669 -18.96 -12.60 26.04
N SER A 670 -20.25 -12.42 25.80
CA SER A 670 -21.32 -12.93 26.67
C SER A 670 -21.34 -14.45 26.71
N VAL A 671 -21.26 -15.04 25.51
CA VAL A 671 -21.20 -16.48 25.30
C VAL A 671 -19.92 -16.85 24.53
N LEU A 672 -19.04 -17.62 25.16
CA LEU A 672 -17.71 -17.89 24.61
C LEU A 672 -17.73 -18.73 23.33
N GLU A 673 -18.64 -19.70 23.26
CA GLU A 673 -18.77 -20.62 22.12
C GLU A 673 -18.43 -20.00 20.75
N LEU A 674 -18.58 -18.68 20.64
CA LEU A 674 -18.34 -17.92 19.40
C LEU A 674 -17.54 -16.63 19.66
N GLY A 675 -16.28 -16.53 19.19
CA GLY A 675 -15.46 -15.33 19.50
C GLY A 675 -13.98 -15.41 19.93
N ASN A 676 -13.73 -15.62 21.25
CA ASN A 676 -12.79 -14.86 22.16
C ASN A 676 -12.87 -13.36 22.15
N ALA A 677 -13.87 -12.80 21.55
CA ALA A 677 -13.68 -11.42 21.46
C ALA A 677 -14.94 -10.82 20.98
N THR A 678 -15.28 -9.66 21.53
CA THR A 678 -16.51 -8.95 21.21
C THR A 678 -16.34 -8.03 19.99
N GLY A 679 -17.40 -7.31 19.63
CA GLY A 679 -17.34 -6.39 18.48
C GLY A 679 -17.63 -7.13 17.19
N PHE A 680 -17.01 -6.69 16.10
CA PHE A 680 -17.27 -7.28 14.77
C PHE A 680 -16.06 -8.05 14.20
N ASP A 681 -16.24 -8.65 13.02
CA ASP A 681 -15.24 -9.53 12.41
C ASP A 681 -15.44 -9.62 10.89
N LEU A 682 -14.35 -9.74 10.13
CA LEU A 682 -14.41 -9.91 8.66
C LEU A 682 -13.06 -10.18 7.97
N PHE A 683 -13.11 -10.64 6.72
CA PHE A 683 -11.91 -10.86 5.91
C PHE A 683 -11.99 -10.12 4.56
N LEU A 684 -10.93 -9.37 4.26
CA LEU A 684 -10.76 -8.69 2.98
C LEU A 684 -10.07 -9.68 2.07
N GLN A 685 -10.60 -9.92 0.88
CA GLN A 685 -10.05 -10.99 0.02
C GLN A 685 -9.25 -10.51 -1.19
N ASP A 686 -8.99 -11.45 -2.12
CA ASP A 686 -8.14 -11.26 -3.27
C ASP A 686 -8.70 -12.09 -4.40
N GLN A 687 -9.69 -11.52 -5.10
CA GLN A 687 -10.35 -12.20 -6.22
C GLN A 687 -9.67 -11.92 -7.55
N ALA A 688 -8.88 -10.85 -7.61
CA ALA A 688 -8.18 -10.46 -8.83
C ALA A 688 -6.85 -11.16 -8.94
N GLY A 689 -6.34 -11.68 -7.81
CA GLY A 689 -5.02 -12.27 -7.79
C GLY A 689 -4.01 -11.16 -7.98
N VAL A 690 -4.29 -10.02 -7.37
CA VAL A 690 -3.34 -8.92 -7.32
C VAL A 690 -2.01 -9.34 -6.69
N GLY A 691 -2.09 -10.22 -5.68
CA GLY A 691 -0.93 -10.65 -4.90
C GLY A 691 -0.85 -9.92 -3.58
N HIS A 692 0.14 -10.29 -2.77
CA HIS A 692 0.19 -9.89 -1.34
C HIS A 692 0.29 -8.38 -1.08
N GLU A 693 0.97 -7.66 -1.97
CA GLU A 693 1.23 -6.21 -1.77
C GLU A 693 -0.05 -5.40 -1.68
N VAL A 694 -0.91 -5.47 -2.70
CA VAL A 694 -2.13 -4.67 -2.72
C VAL A 694 -3.03 -4.95 -1.50
N LEU A 695 -3.41 -6.21 -1.31
CA LEU A 695 -4.29 -6.59 -0.20
C LEU A 695 -3.73 -6.05 1.11
N LEU A 696 -2.41 -6.09 1.22
CA LEU A 696 -1.75 -5.57 2.41
C LEU A 696 -1.98 -4.06 2.56
N GLN A 697 -1.92 -3.35 1.43
CA GLN A 697 -2.19 -1.91 1.43
C GLN A 697 -3.67 -1.63 1.67
N ALA A 698 -4.52 -2.40 1.01
CA ALA A 698 -5.97 -2.32 1.21
C ALA A 698 -6.39 -2.50 2.68
N ARG A 699 -5.69 -3.39 3.41
CA ARG A 699 -5.94 -3.53 4.84
C ARG A 699 -5.72 -2.22 5.61
N ASN A 700 -4.67 -1.48 5.25
CA ASN A 700 -4.37 -0.19 5.91
C ASN A 700 -5.26 0.91 5.38
N LYS A 701 -5.40 0.97 4.06
CA LYS A 701 -6.32 1.92 3.45
C LYS A 701 -7.69 1.76 4.10
N PHE A 702 -8.05 0.51 4.40
CA PHE A 702 -9.29 0.21 5.07
C PHE A 702 -9.14 0.49 6.57
N LEU A 703 -8.09 -0.05 7.16
CA LEU A 703 -7.84 0.15 8.58
C LEU A 703 -7.93 1.63 8.93
N MET A 704 -7.47 2.46 7.99
CA MET A 704 -7.38 3.91 8.23
C MET A 704 -8.60 4.67 7.69
N LEU A 705 -9.10 4.30 6.51
CA LEU A 705 -10.34 4.90 5.97
C LEU A 705 -11.44 4.84 7.00
N ALA A 706 -11.49 3.73 7.72
CA ALA A 706 -12.46 3.50 8.78
C ALA A 706 -11.93 3.99 10.11
N ALA A 707 -10.97 4.91 10.07
CA ALA A 707 -10.45 5.54 11.27
C ALA A 707 -11.10 6.92 11.39
N GLN A 708 -11.50 7.47 10.25
CA GLN A 708 -12.24 8.71 10.18
C GLN A 708 -13.72 8.40 10.11
N ASN A 709 -14.19 7.72 11.14
CA ASN A 709 -15.58 7.27 11.25
C ASN A 709 -15.81 6.72 12.65
N PRO A 710 -16.31 7.58 13.57
CA PRO A 710 -16.49 7.22 14.99
C PRO A 710 -17.52 6.12 15.25
N ALA A 711 -18.32 5.76 14.24
CA ALA A 711 -19.28 4.66 14.38
C ALA A 711 -18.59 3.45 14.96
N LEU A 712 -17.28 3.37 14.76
CA LEU A 712 -16.45 2.27 15.21
C LEU A 712 -15.67 2.65 16.47
N GLN A 713 -14.77 1.75 16.87
CA GLN A 713 -13.90 1.95 18.03
C GLN A 713 -13.04 0.72 18.25
N ARG A 714 -11.91 0.64 17.53
CA ARG A 714 -10.92 -0.44 17.68
C ARG A 714 -10.83 -1.33 16.44
N VAL A 715 -11.19 -0.78 15.28
CA VAL A 715 -11.07 -1.50 14.02
C VAL A 715 -9.62 -1.90 13.79
N ARG A 716 -9.23 -3.02 14.38
CA ARG A 716 -7.84 -3.52 14.32
C ARG A 716 -7.74 -4.74 13.42
N PRO A 717 -6.52 -5.30 13.31
CA PRO A 717 -6.36 -6.52 12.54
C PRO A 717 -6.20 -7.77 13.43
N ASN A 718 -6.20 -8.95 12.81
CA ASN A 718 -5.96 -10.21 13.51
C ASN A 718 -4.84 -11.00 12.84
N GLY A 719 -4.27 -10.43 11.78
CA GLY A 719 -3.11 -10.99 11.10
C GLY A 719 -1.84 -10.55 11.78
N MET A 720 -0.70 -10.72 11.12
CA MET A 720 0.57 -10.19 11.63
C MET A 720 1.07 -9.12 10.66
N SER A 721 1.78 -8.14 11.20
CA SER A 721 2.49 -7.19 10.34
C SER A 721 3.57 -7.94 9.56
N ASP A 722 3.77 -7.55 8.30
CA ASP A 722 4.92 -8.05 7.54
C ASP A 722 6.17 -7.74 8.33
N GLU A 723 7.22 -8.51 8.08
CA GLU A 723 8.45 -8.30 8.82
C GLU A 723 9.68 -8.46 7.90
N PRO A 724 10.83 -7.93 8.32
CA PRO A 724 12.02 -8.13 7.52
C PRO A 724 12.42 -9.59 7.54
N GLN A 725 12.49 -10.17 6.35
CA GLN A 725 12.89 -11.53 6.18
C GLN A 725 14.24 -11.56 5.47
N TYR A 726 14.76 -12.75 5.21
CA TYR A 726 16.10 -12.90 4.66
C TYR A 726 16.14 -14.02 3.68
N LYS A 727 15.95 -13.71 2.39
CA LYS A 727 16.03 -14.75 1.37
C LYS A 727 17.47 -15.19 1.17
N LEU A 728 17.64 -16.42 0.70
CA LEU A 728 18.94 -16.97 0.36
C LEU A 728 18.93 -17.24 -1.12
N GLU A 729 20.05 -16.96 -1.77
CA GLU A 729 20.14 -17.09 -3.20
C GLU A 729 21.33 -17.94 -3.54
N ILE A 730 21.10 -19.20 -3.91
CA ILE A 730 22.22 -20.09 -4.23
C ILE A 730 22.44 -20.14 -5.75
N ASP A 731 23.68 -19.85 -6.15
CA ASP A 731 24.07 -19.84 -7.58
C ASP A 731 24.11 -21.27 -8.14
N ASP A 732 23.08 -21.65 -8.90
CA ASP A 732 23.09 -22.94 -9.58
C ASP A 732 24.28 -22.98 -10.51
N GLU A 733 24.81 -21.81 -10.83
CA GLU A 733 25.95 -21.69 -11.72
C GLU A 733 27.22 -22.14 -11.00
N LYS A 734 27.69 -21.28 -10.09
CA LYS A 734 28.93 -21.55 -9.37
C LYS A 734 28.89 -22.94 -8.77
N ALA A 735 27.90 -23.16 -7.90
CA ALA A 735 27.73 -24.42 -7.19
C ALA A 735 27.84 -25.63 -8.11
N SER A 736 27.13 -25.59 -9.23
CA SER A 736 27.14 -26.73 -10.14
C SER A 736 28.56 -27.11 -10.54
N ALA A 737 29.36 -26.12 -10.94
CA ALA A 737 30.73 -26.36 -11.39
C ALA A 737 31.61 -26.93 -10.28
N LEU A 738 31.59 -26.29 -9.11
CA LEU A 738 32.35 -26.75 -7.93
C LEU A 738 32.05 -28.22 -7.62
N GLY A 739 30.90 -28.68 -8.09
CA GLY A 739 30.48 -30.07 -7.90
C GLY A 739 29.17 -30.15 -7.15
N VAL A 740 29.18 -29.71 -5.90
CA VAL A 740 27.98 -29.66 -5.07
C VAL A 740 26.68 -30.01 -5.82
N SER A 741 26.02 -31.05 -5.36
CA SER A 741 24.78 -31.49 -5.98
C SER A 741 23.65 -30.62 -5.49
N LEU A 742 22.62 -30.53 -6.31
CA LEU A 742 21.47 -29.69 -5.98
C LEU A 742 20.83 -30.19 -4.69
N ALA A 743 20.65 -31.52 -4.61
CA ALA A 743 20.12 -32.18 -3.40
C ALA A 743 20.90 -31.83 -2.14
N ASP A 744 22.21 -32.11 -2.14
CA ASP A 744 23.07 -31.86 -0.96
C ASP A 744 22.94 -30.45 -0.38
N ILE A 745 22.77 -29.47 -1.26
CA ILE A 745 22.61 -28.09 -0.85
C ILE A 745 21.33 -27.99 -0.05
N ASN A 746 20.20 -28.28 -0.70
CA ASN A 746 18.90 -28.22 -0.03
C ASN A 746 18.88 -29.10 1.22
N SER A 747 19.52 -30.26 1.11
CA SER A 747 19.60 -31.22 2.21
C SER A 747 20.36 -30.67 3.43
N THR A 748 21.44 -29.93 3.17
CA THR A 748 22.24 -29.31 4.23
C THR A 748 21.45 -28.17 4.88
N VAL A 749 20.61 -27.55 4.06
CA VAL A 749 19.92 -26.33 4.44
C VAL A 749 18.75 -26.67 5.36
N SER A 750 17.82 -27.47 4.87
CA SER A 750 16.68 -27.87 5.67
C SER A 750 17.15 -28.48 7.00
N ILE A 751 17.97 -29.53 6.92
CA ILE A 751 18.50 -30.16 8.15
C ILE A 751 19.14 -29.21 9.12
N ALA A 752 19.98 -28.29 8.62
CA ALA A 752 20.86 -27.47 9.47
C ALA A 752 20.15 -26.28 10.09
N TRP A 753 19.39 -25.56 9.28
CA TRP A 753 18.67 -24.38 9.75
C TRP A 753 17.20 -24.71 10.06
N GLY A 754 16.52 -25.44 9.20
CA GLY A 754 15.10 -25.67 9.39
C GLY A 754 14.84 -26.57 10.58
N SER A 755 15.77 -27.52 10.75
CA SER A 755 15.74 -28.60 11.75
C SER A 755 15.18 -29.82 11.05
N SER A 756 15.35 -30.99 11.65
CA SER A 756 14.81 -32.19 11.05
C SER A 756 14.41 -33.27 12.02
N TYR A 757 13.39 -34.01 11.60
CA TYR A 757 12.76 -35.07 12.34
C TYR A 757 13.21 -36.34 11.68
N VAL A 758 14.25 -36.96 12.23
CA VAL A 758 14.91 -38.12 11.61
C VAL A 758 14.10 -39.40 11.81
N ASN A 759 13.85 -39.71 13.08
CA ASN A 759 12.99 -40.83 13.43
C ASN A 759 12.66 -40.77 14.91
N ASP A 760 12.23 -41.87 15.51
CA ASP A 760 11.89 -41.80 16.96
C ASP A 760 12.83 -42.65 17.74
N PHE A 761 12.85 -42.37 19.03
CA PHE A 761 13.46 -43.22 20.04
C PHE A 761 12.44 -43.64 21.12
N ILE A 762 12.88 -44.40 22.11
CA ILE A 762 12.03 -44.65 23.28
C ILE A 762 12.59 -43.93 24.49
N ASP A 763 11.71 -43.34 25.34
CA ASP A 763 12.13 -42.62 26.56
C ASP A 763 11.21 -42.88 27.74
N ARG A 764 11.73 -43.54 28.78
CA ARG A 764 10.95 -43.89 29.97
C ARG A 764 9.62 -44.51 29.51
N GLY A 765 9.65 -45.34 28.48
CA GLY A 765 8.48 -46.07 28.09
C GLY A 765 7.85 -45.56 26.79
N ARG A 766 7.73 -44.23 26.69
CA ARG A 766 6.95 -43.56 25.65
C ARG A 766 7.79 -43.17 24.43
N VAL A 767 7.38 -43.66 23.26
CA VAL A 767 7.95 -43.24 21.96
C VAL A 767 7.83 -41.74 21.79
N LYS A 768 9.00 -41.08 21.64
CA LYS A 768 9.19 -39.65 21.48
C LYS A 768 9.98 -39.45 20.19
N ARG A 769 10.46 -38.24 19.89
CA ARG A 769 11.16 -38.02 18.59
C ARG A 769 12.62 -37.50 18.60
N VAL A 770 13.42 -37.96 17.65
CA VAL A 770 14.74 -37.33 17.53
C VAL A 770 14.81 -36.28 16.40
N TYR A 771 15.09 -35.04 16.81
CA TYR A 771 15.30 -33.92 15.89
C TYR A 771 16.80 -33.52 15.72
N LEU A 772 17.25 -33.45 14.47
CA LEU A 772 18.63 -33.08 14.11
C LEU A 772 18.73 -31.63 13.67
N GLN A 773 19.78 -30.93 14.06
CA GLN A 773 19.92 -29.55 13.63
C GLN A 773 21.19 -28.81 14.09
N GLY A 774 21.66 -27.90 13.23
CA GLY A 774 22.79 -27.07 13.56
C GLY A 774 22.64 -26.46 14.93
N ARG A 775 23.76 -26.34 15.65
CA ARG A 775 23.74 -25.79 17.01
C ARG A 775 23.27 -24.34 16.97
N PRO A 776 22.86 -23.80 18.12
CA PRO A 776 22.36 -22.45 18.18
C PRO A 776 23.28 -21.47 17.46
N ASP A 777 24.47 -21.24 18.01
CA ASP A 777 25.42 -20.22 17.54
C ASP A 777 26.02 -20.45 16.14
N ALA A 778 25.47 -21.36 15.36
CA ALA A 778 25.87 -21.46 13.97
C ALA A 778 24.71 -21.10 13.06
N ARG A 779 23.70 -20.45 13.63
CA ARG A 779 22.44 -20.14 12.91
C ARG A 779 21.74 -18.93 13.50
N MET A 780 22.49 -17.94 13.95
CA MET A 780 21.90 -16.75 14.58
C MET A 780 21.94 -15.50 13.70
N ASN A 781 22.98 -15.36 12.88
CA ASN A 781 23.20 -14.18 12.03
C ASN A 781 23.61 -14.61 10.62
N PRO A 782 23.32 -13.79 9.60
CA PRO A 782 23.52 -14.17 8.19
C PRO A 782 24.93 -14.68 7.84
N ASP A 783 25.93 -14.21 8.59
CA ASP A 783 27.31 -14.72 8.47
C ASP A 783 27.45 -16.21 8.78
N ASP A 784 26.48 -16.77 9.51
CA ASP A 784 26.54 -18.17 9.96
C ASP A 784 26.21 -19.17 8.89
N LEU A 785 25.40 -18.79 7.91
CA LEU A 785 25.02 -19.74 6.86
C LEU A 785 26.26 -20.14 6.09
N SER A 786 27.35 -19.42 6.35
CA SER A 786 28.61 -19.64 5.65
C SER A 786 29.50 -20.66 6.36
N LYS A 787 29.37 -20.73 7.69
CA LYS A 787 30.10 -21.73 8.50
C LYS A 787 29.81 -23.14 8.03
N TRP A 788 28.80 -23.30 7.18
CA TRP A 788 28.39 -24.62 6.75
C TRP A 788 29.01 -25.02 5.44
N TYR A 789 29.30 -26.31 5.31
CA TYR A 789 29.85 -26.87 4.10
C TYR A 789 28.95 -27.97 3.57
N VAL A 790 29.07 -28.20 2.26
CA VAL A 790 28.36 -29.25 1.53
C VAL A 790 29.50 -30.06 0.95
N ARG A 791 29.25 -31.10 0.17
CA ARG A 791 30.32 -31.90 -0.41
C ARG A 791 30.12 -32.10 -1.92
N ASN A 792 31.08 -31.60 -2.71
CA ASN A 792 31.06 -31.80 -4.17
C ASN A 792 31.41 -33.24 -4.38
N ASP A 793 31.28 -33.74 -5.61
CA ASP A 793 31.48 -35.16 -5.88
C ASP A 793 32.95 -35.53 -6.10
N LYS A 794 33.87 -34.70 -5.60
CA LYS A 794 35.30 -35.04 -5.65
C LYS A 794 35.85 -35.07 -4.24
N GLY A 795 34.97 -35.26 -3.27
CA GLY A 795 35.38 -35.39 -1.87
C GLY A 795 35.58 -34.08 -1.13
N GLU A 796 35.51 -32.95 -1.82
CA GLU A 796 35.90 -31.69 -1.20
C GLU A 796 34.71 -31.03 -0.51
N MET A 797 35.03 -30.23 0.53
CA MET A 797 34.06 -29.50 1.31
C MET A 797 33.90 -28.06 0.81
N VAL A 798 32.86 -27.82 0.03
CA VAL A 798 32.60 -26.47 -0.47
C VAL A 798 31.77 -25.66 0.52
N PRO A 799 32.34 -24.57 1.06
CA PRO A 799 31.57 -23.73 1.98
C PRO A 799 30.37 -23.09 1.29
N PHE A 800 29.30 -22.88 2.04
CA PHE A 800 28.06 -22.40 1.42
C PHE A 800 28.26 -21.10 0.63
N ASN A 801 28.72 -20.06 1.32
CA ASN A 801 28.95 -18.73 0.73
C ASN A 801 29.91 -18.68 -0.48
N ALA A 802 30.33 -19.85 -0.99
CA ALA A 802 31.13 -19.93 -2.19
C ALA A 802 30.22 -20.10 -3.42
N PHE A 803 28.92 -20.03 -3.19
CA PHE A 803 27.95 -20.23 -4.26
C PHE A 803 26.57 -19.68 -3.87
N ALA A 804 26.51 -18.91 -2.79
CA ALA A 804 25.23 -18.44 -2.33
C ALA A 804 25.34 -17.07 -1.71
N THR A 805 24.38 -16.22 -2.07
CA THR A 805 24.29 -14.85 -1.59
C THR A 805 22.98 -14.72 -0.81
N GLY A 806 22.84 -13.63 -0.05
CA GLY A 806 21.67 -13.45 0.82
C GLY A 806 21.22 -12.02 1.00
N LYS A 807 19.95 -11.77 0.74
CA LYS A 807 19.37 -10.41 0.83
C LYS A 807 18.17 -10.39 1.77
N TRP A 808 17.75 -9.20 2.20
CA TRP A 808 16.61 -9.07 3.08
C TRP A 808 15.32 -8.58 2.40
N GLU A 809 14.45 -9.49 1.98
CA GLU A 809 13.16 -9.08 1.40
C GLU A 809 12.12 -8.92 2.47
N TYR A 810 10.87 -8.86 2.02
CA TYR A 810 9.72 -8.78 2.93
C TYR A 810 8.73 -9.85 2.60
N GLY A 811 8.10 -10.35 3.65
CA GLY A 811 7.06 -11.38 3.55
C GLY A 811 6.30 -11.38 4.86
N SER A 812 5.33 -12.27 4.98
CA SER A 812 4.50 -12.26 6.18
C SER A 812 4.74 -13.49 7.06
N PRO A 813 4.70 -13.29 8.39
CA PRO A 813 4.74 -14.37 9.39
C PRO A 813 3.35 -14.95 9.69
N LYS A 814 2.39 -14.71 8.81
CA LYS A 814 1.02 -15.21 9.02
C LYS A 814 0.16 -14.98 7.76
N LEU A 815 0.31 -15.89 6.79
CA LEU A 815 -0.46 -15.88 5.55
C LEU A 815 -1.77 -16.64 5.75
N GLU A 816 -2.86 -15.90 5.66
CA GLU A 816 -4.19 -16.48 5.82
C GLU A 816 -5.08 -16.34 4.60
N ARG A 817 -6.07 -17.21 4.49
CA ARG A 817 -7.02 -17.12 3.41
C ARG A 817 -8.46 -17.52 3.76
N TYR A 818 -9.42 -16.84 3.12
CA TYR A 818 -10.85 -17.04 3.35
C TYR A 818 -11.49 -17.69 2.14
N ASN A 819 -12.09 -18.85 2.33
CA ASN A 819 -12.68 -19.55 1.22
C ASN A 819 -11.68 -19.70 0.07
N GLY A 820 -10.53 -20.30 0.36
CA GLY A 820 -9.50 -20.54 -0.65
C GLY A 820 -8.94 -19.30 -1.36
N VAL A 821 -8.89 -18.17 -0.67
CA VAL A 821 -8.49 -16.88 -1.28
C VAL A 821 -7.71 -16.02 -0.26
N PRO A 822 -6.59 -15.44 -0.70
CA PRO A 822 -5.81 -14.68 0.27
C PRO A 822 -6.74 -13.73 0.98
N ALA A 823 -6.34 -13.25 2.16
CA ALA A 823 -7.23 -12.38 2.91
C ALA A 823 -6.59 -11.89 4.20
N MET A 824 -7.31 -11.04 4.92
CA MET A 824 -6.77 -10.46 6.13
C MET A 824 -7.95 -10.09 7.02
N GLU A 825 -7.95 -10.58 8.26
CA GLU A 825 -9.09 -10.38 9.11
C GLU A 825 -9.14 -8.93 9.55
N ILE A 826 -10.28 -8.52 10.10
CA ILE A 826 -10.48 -7.18 10.66
C ILE A 826 -11.48 -7.26 11.81
N LEU A 827 -11.01 -7.08 13.05
CA LEU A 827 -11.91 -7.15 14.21
C LEU A 827 -11.92 -5.86 15.06
N GLY A 828 -13.08 -5.21 15.11
CA GLY A 828 -13.24 -4.00 15.91
C GLY A 828 -14.50 -4.01 16.76
N GLU A 829 -14.93 -2.80 17.14
CA GLU A 829 -16.14 -2.63 17.94
C GLU A 829 -16.95 -1.43 17.46
N PRO A 830 -18.15 -1.24 18.02
CA PRO A 830 -18.96 -0.06 17.70
C PRO A 830 -18.72 1.08 18.70
N ALA A 831 -19.09 2.30 18.33
CA ALA A 831 -18.94 3.44 19.23
C ALA A 831 -19.83 3.26 20.47
N PRO A 832 -19.20 3.01 21.63
CA PRO A 832 -19.90 2.68 22.88
C PRO A 832 -21.23 3.41 23.08
N GLY A 833 -22.33 2.78 22.67
CA GLY A 833 -23.65 3.38 22.81
C GLY A 833 -24.49 3.25 21.55
N LEU A 834 -23.85 3.25 20.38
CA LEU A 834 -24.57 3.18 19.11
C LEU A 834 -25.29 1.84 18.96
N SER A 835 -24.62 0.90 18.30
CA SER A 835 -25.15 -0.46 18.11
C SER A 835 -24.16 -1.33 17.36
N SER A 836 -24.07 -2.61 17.75
CA SER A 836 -23.22 -3.56 17.06
C SER A 836 -23.62 -3.67 15.60
N GLY A 837 -24.92 -3.51 15.35
CA GLY A 837 -25.48 -3.59 14.01
C GLY A 837 -25.11 -2.38 13.18
N ASP A 838 -24.99 -1.23 13.84
CA ASP A 838 -24.66 0.03 13.19
C ASP A 838 -23.21 0.05 12.74
N ALA A 839 -22.30 -0.26 13.67
CA ALA A 839 -20.87 -0.29 13.37
C ALA A 839 -20.61 -1.01 12.06
N MET A 840 -21.58 -1.80 11.61
CA MET A 840 -21.46 -2.56 10.36
C MET A 840 -21.88 -1.76 9.11
N ALA A 841 -22.82 -0.85 9.27
CA ALA A 841 -23.23 -0.01 8.15
C ALA A 841 -22.02 0.78 7.66
N ALA A 842 -21.04 0.94 8.54
CA ALA A 842 -19.79 1.64 8.22
C ALA A 842 -18.88 0.85 7.30
N VAL A 843 -18.46 -0.32 7.78
CA VAL A 843 -17.56 -1.21 7.03
C VAL A 843 -18.08 -1.42 5.60
N GLU A 844 -19.39 -1.35 5.44
CA GLU A 844 -20.03 -1.48 4.12
C GLU A 844 -19.65 -0.29 3.23
N GLU A 845 -19.52 0.87 3.88
CA GLU A 845 -19.16 2.11 3.19
C GLU A 845 -17.66 2.17 2.85
N ILE A 846 -16.84 1.75 3.81
CA ILE A 846 -15.38 1.81 3.66
C ILE A 846 -14.90 1.09 2.40
N VAL A 847 -15.40 -0.14 2.19
CA VAL A 847 -15.02 -0.96 1.03
C VAL A 847 -15.24 -0.27 -0.32
N LYS A 848 -15.85 0.92 -0.28
CA LYS A 848 -16.09 1.70 -1.48
C LYS A 848 -14.77 2.16 -2.09
N GLN A 849 -13.95 2.82 -1.27
CA GLN A 849 -12.66 3.33 -1.71
C GLN A 849 -11.55 2.34 -1.37
N LEU A 850 -11.69 1.11 -1.85
CA LEU A 850 -10.69 0.07 -1.64
C LEU A 850 -10.11 -0.41 -2.96
N PRO A 851 -8.78 -0.67 -2.98
CA PRO A 851 -8.10 -1.07 -4.20
C PRO A 851 -8.86 -2.17 -4.94
N LYS A 852 -9.71 -1.74 -5.86
CA LYS A 852 -10.51 -2.67 -6.65
C LYS A 852 -9.70 -3.92 -6.92
N GLY A 853 -10.38 -5.06 -6.87
CA GLY A 853 -9.71 -6.35 -7.02
C GLY A 853 -9.65 -7.02 -5.66
N VAL A 854 -10.18 -6.31 -4.65
CA VAL A 854 -10.17 -6.80 -3.28
C VAL A 854 -11.59 -6.75 -2.70
N GLY A 855 -12.27 -7.89 -2.71
CA GLY A 855 -13.61 -8.01 -2.15
C GLY A 855 -13.56 -8.30 -0.66
N TYR A 856 -14.68 -8.80 -0.14
CA TYR A 856 -14.83 -9.06 1.30
C TYR A 856 -15.91 -10.11 1.59
N SER A 857 -15.96 -10.54 2.85
CA SER A 857 -16.91 -11.54 3.35
C SER A 857 -17.00 -11.37 4.85
N TRP A 858 -18.23 -11.19 5.35
CA TRP A 858 -18.43 -11.12 6.80
C TRP A 858 -18.32 -12.53 7.39
N THR A 859 -18.17 -12.61 8.70
CA THR A 859 -17.84 -13.89 9.31
C THR A 859 -17.91 -13.82 10.82
N GLY A 860 -17.72 -14.97 11.46
CA GLY A 860 -17.74 -15.05 12.92
C GLY A 860 -19.04 -14.58 13.54
N LEU A 861 -18.96 -14.11 14.78
CA LEU A 861 -20.10 -13.56 15.50
C LEU A 861 -20.93 -12.61 14.64
N SER A 862 -20.30 -11.99 13.65
CA SER A 862 -20.96 -11.03 12.76
C SER A 862 -21.89 -11.69 11.76
N TYR A 863 -21.40 -12.72 11.09
CA TYR A 863 -22.20 -13.50 10.14
C TYR A 863 -23.29 -14.22 10.91
N GLU A 864 -22.90 -14.81 12.03
CA GLU A 864 -23.82 -15.54 12.90
C GLU A 864 -25.10 -14.73 13.17
N GLU A 865 -24.96 -13.41 13.13
CA GLU A 865 -26.08 -12.50 13.31
C GLU A 865 -26.42 -11.79 12.01
N ARG A 866 -25.44 -11.64 11.12
CA ARG A 866 -25.67 -11.10 9.79
C ARG A 866 -26.78 -11.90 9.15
N LEU A 867 -27.02 -13.07 9.72
CA LEU A 867 -28.06 -13.99 9.27
C LEU A 867 -29.32 -13.78 10.10
N SER A 868 -29.17 -13.95 11.43
CA SER A 868 -30.29 -13.81 12.37
C SER A 868 -30.34 -12.39 12.92
N GLY A 869 -30.48 -12.27 14.24
CA GLY A 869 -30.51 -10.97 14.90
C GLY A 869 -31.84 -10.72 15.59
N GLN A 871 -35.10 -10.94 15.53
CA GLN A 871 -36.27 -10.11 15.24
C GLN A 871 -36.89 -9.54 16.52
N ALA A 872 -38.06 -8.91 16.40
CA ALA A 872 -38.70 -8.22 17.52
C ALA A 872 -39.90 -7.39 17.06
N PRO A 873 -39.75 -6.65 15.95
CA PRO A 873 -40.91 -5.89 15.49
C PRO A 873 -42.04 -6.82 15.05
N ALA A 874 -41.70 -8.06 14.73
CA ALA A 874 -42.70 -9.06 14.41
C ALA A 874 -43.18 -9.74 15.69
N LEU A 875 -42.28 -9.84 16.68
CA LEU A 875 -42.63 -10.46 17.96
C LEU A 875 -43.78 -9.71 18.59
N TYR A 876 -43.60 -8.41 18.78
CA TYR A 876 -44.64 -7.56 19.34
C TYR A 876 -45.88 -7.54 18.45
N ALA A 877 -45.69 -7.69 17.14
CA ALA A 877 -46.79 -7.68 16.20
C ALA A 877 -47.65 -8.93 16.37
N LEU A 878 -47.09 -10.09 16.07
CA LEU A 878 -47.78 -11.38 16.18
C LEU A 878 -48.36 -11.59 17.58
N SER A 879 -47.55 -11.39 18.60
CA SER A 879 -47.97 -11.64 19.97
C SER A 879 -49.27 -10.92 20.26
N LEU A 880 -49.36 -9.66 19.83
CA LEU A 880 -50.55 -8.84 20.08
C LEU A 880 -51.75 -9.23 19.21
N LEU A 881 -51.49 -9.82 18.05
CA LEU A 881 -52.58 -10.23 17.16
C LEU A 881 -53.26 -11.47 17.74
N VAL A 882 -52.52 -12.27 18.48
CA VAL A 882 -53.07 -13.45 19.10
C VAL A 882 -53.82 -13.07 20.38
N VAL A 883 -53.27 -12.10 21.12
CA VAL A 883 -53.89 -11.65 22.37
C VAL A 883 -55.19 -10.91 22.11
N PHE A 884 -55.17 -10.01 21.14
CA PHE A 884 -56.40 -9.31 20.74
C PHE A 884 -57.49 -10.33 20.38
N LEU A 885 -57.12 -11.30 19.56
CA LEU A 885 -58.04 -12.34 19.11
C LEU A 885 -58.60 -13.15 20.29
N CYS A 886 -57.73 -13.89 20.96
CA CYS A 886 -58.13 -14.64 22.13
C CYS A 886 -59.06 -13.79 23.01
N LEU A 887 -58.81 -12.50 23.07
CA LEU A 887 -59.62 -11.64 23.90
C LEU A 887 -60.93 -11.24 23.25
N ALA A 888 -60.95 -11.18 21.93
CA ALA A 888 -62.19 -10.91 21.26
C ALA A 888 -63.10 -12.07 21.63
N ALA A 889 -62.57 -13.27 21.45
CA ALA A 889 -63.25 -14.48 21.85
C ALA A 889 -63.59 -14.53 23.33
N LEU A 890 -62.67 -14.13 24.18
CA LEU A 890 -62.92 -14.15 25.61
C LEU A 890 -64.16 -13.33 25.93
N TYR A 891 -64.26 -12.17 25.28
CA TYR A 891 -65.39 -11.28 25.52
C TYR A 891 -66.47 -11.42 24.46
N GLU A 892 -66.34 -12.39 23.57
CA GLU A 892 -67.32 -12.54 22.51
C GLU A 892 -67.58 -11.15 21.93
N SER A 893 -66.56 -10.58 21.29
CA SER A 893 -66.61 -9.20 20.80
C SER A 893 -65.44 -8.85 19.87
N TRP A 894 -65.36 -7.58 19.51
CA TRP A 894 -64.26 -7.03 18.70
C TRP A 894 -63.86 -5.69 19.28
N SER A 895 -64.82 -4.99 19.87
CA SER A 895 -64.54 -3.72 20.52
C SER A 895 -64.01 -3.93 21.94
N ILE A 896 -64.84 -4.52 22.79
CA ILE A 896 -64.50 -4.80 24.18
C ILE A 896 -63.01 -5.08 24.34
N PRO A 897 -62.47 -6.04 23.56
CA PRO A 897 -61.07 -6.45 23.69
C PRO A 897 -60.07 -5.30 23.58
N PHE A 898 -60.50 -4.17 23.01
CA PHE A 898 -59.62 -3.01 22.89
C PHE A 898 -59.38 -2.39 24.25
N SER A 899 -60.29 -2.65 25.19
CA SER A 899 -60.19 -2.12 26.55
C SER A 899 -58.98 -2.68 27.29
N VAL A 900 -58.47 -3.81 26.81
CA VAL A 900 -57.32 -4.42 27.44
C VAL A 900 -56.08 -4.22 26.57
N MET A 901 -56.26 -4.16 25.26
CA MET A 901 -55.13 -3.97 24.35
C MET A 901 -54.43 -2.64 24.52
N LEU A 902 -55.04 -1.69 25.22
CA LEU A 902 -54.50 -0.34 25.34
C LEU A 902 -53.60 -0.14 26.57
N VAL A 903 -53.62 -1.09 27.49
CA VAL A 903 -52.77 -0.99 28.67
C VAL A 903 -51.29 -1.24 28.35
N VAL A 904 -50.98 -1.63 27.12
CA VAL A 904 -49.60 -1.97 26.76
C VAL A 904 -48.69 -0.73 26.86
N PRO A 905 -48.94 0.30 26.03
CA PRO A 905 -48.08 1.47 26.13
C PRO A 905 -47.83 1.93 27.56
N LEU A 906 -48.85 1.88 28.42
CA LEU A 906 -48.70 2.31 29.82
C LEU A 906 -47.65 1.49 30.57
N GLY A 907 -47.32 0.32 30.04
CA GLY A 907 -46.31 -0.54 30.65
C GLY A 907 -44.98 -0.44 29.94
N VAL A 908 -45.03 -0.21 28.63
CA VAL A 908 -43.83 -0.14 27.81
C VAL A 908 -42.91 1.02 28.21
N ILE A 909 -43.49 2.18 28.50
CA ILE A 909 -42.72 3.35 28.93
C ILE A 909 -41.94 3.08 30.21
N GLY A 910 -42.64 2.72 31.28
CA GLY A 910 -41.98 2.45 32.54
C GLY A 910 -40.88 1.42 32.34
N ALA A 911 -41.02 0.62 31.28
CA ALA A 911 -40.02 -0.38 30.94
C ALA A 911 -38.87 0.28 30.19
N LEU A 912 -39.14 1.44 29.62
CA LEU A 912 -38.15 2.22 28.90
C LEU A 912 -37.51 3.23 29.85
N LEU A 913 -38.32 3.77 30.75
CA LEU A 913 -37.83 4.70 31.78
C LEU A 913 -36.88 4.01 32.76
N ALA A 914 -37.28 2.85 33.28
CA ALA A 914 -36.47 2.16 34.27
C ALA A 914 -35.14 1.71 33.66
N THR A 915 -35.16 1.09 32.48
CA THR A 915 -33.91 0.62 31.89
C THR A 915 -33.04 1.79 31.45
N SER A 916 -33.62 2.71 30.68
CA SER A 916 -32.87 3.87 30.17
C SER A 916 -32.20 4.64 31.30
N MET A 917 -32.91 4.84 32.39
CA MET A 917 -32.36 5.51 33.57
C MET A 917 -31.36 4.64 34.34
N ARG A 918 -30.92 3.54 33.72
CA ARG A 918 -29.96 2.65 34.35
C ARG A 918 -28.77 2.40 33.44
N GLY A 919 -28.89 2.84 32.19
CA GLY A 919 -27.86 2.60 31.19
C GLY A 919 -27.92 1.22 30.56
N LEU A 920 -29.04 0.53 30.76
CA LEU A 920 -29.24 -0.80 30.22
C LEU A 920 -29.76 -0.64 28.81
N SER A 921 -29.89 -1.73 28.05
CA SER A 921 -30.30 -1.63 26.64
C SER A 921 -31.41 -2.59 26.16
N ASN A 922 -31.96 -2.26 24.99
CA ASN A 922 -33.00 -3.03 24.35
C ASN A 922 -32.42 -4.34 23.85
N ASP A 923 -32.18 -5.24 24.80
CA ASP A 923 -31.68 -6.59 24.54
C ASP A 923 -32.78 -7.63 24.82
N VAL A 924 -32.45 -8.91 24.65
CA VAL A 924 -33.44 -9.98 24.89
C VAL A 924 -34.09 -9.84 26.27
N PHE A 925 -33.28 -9.70 27.31
CA PHE A 925 -33.82 -9.63 28.67
C PHE A 925 -34.79 -8.46 28.86
N PHE A 926 -34.85 -7.58 27.87
CA PHE A 926 -35.75 -6.44 27.90
C PHE A 926 -37.09 -6.80 27.19
N GLN A 927 -36.96 -7.48 26.07
CA GLN A 927 -38.10 -7.88 25.26
C GLN A 927 -38.89 -8.98 25.97
N VAL A 928 -38.18 -10.05 26.29
CA VAL A 928 -38.72 -11.16 27.06
C VAL A 928 -39.40 -10.58 28.29
N GLY A 929 -38.69 -9.71 29.00
CA GLY A 929 -39.26 -9.09 30.17
C GLY A 929 -40.45 -8.21 29.84
N LEU A 930 -40.54 -7.78 28.58
CA LEU A 930 -41.65 -6.94 28.15
C LEU A 930 -42.95 -7.75 28.02
N LEU A 931 -42.87 -8.86 27.30
CA LEU A 931 -44.00 -9.75 27.13
C LEU A 931 -44.54 -10.24 28.47
N THR A 932 -43.63 -10.71 29.33
CA THR A 932 -44.03 -11.19 30.67
C THR A 932 -44.46 -10.02 31.55
N THR A 933 -44.89 -8.95 30.89
CA THR A 933 -45.32 -7.74 31.55
C THR A 933 -46.58 -7.25 30.85
N ILE A 934 -46.61 -7.43 29.53
CA ILE A 934 -47.78 -7.08 28.72
C ILE A 934 -48.86 -8.07 29.06
N GLY A 935 -48.49 -9.33 29.01
CA GLY A 935 -49.42 -10.40 29.30
C GLY A 935 -49.99 -10.20 30.69
N LEU A 936 -49.12 -10.26 31.68
CA LEU A 936 -49.58 -10.18 33.06
C LEU A 936 -50.53 -9.00 33.21
N SER A 937 -50.12 -7.85 32.68
CA SER A 937 -50.93 -6.63 32.77
C SER A 937 -52.26 -6.76 32.03
N ALA A 938 -52.27 -7.58 30.97
CA ALA A 938 -53.50 -7.87 30.25
C ALA A 938 -54.38 -8.73 31.15
N LYS A 939 -53.82 -9.83 31.62
CA LYS A 939 -54.51 -10.70 32.59
C LYS A 939 -55.12 -9.91 33.73
N ASN A 940 -54.59 -8.73 34.01
CA ASN A 940 -55.07 -7.91 35.12
C ASN A 940 -56.00 -6.80 34.66
N ALA A 941 -56.07 -6.56 33.36
CA ALA A 941 -57.03 -5.63 32.83
C ALA A 941 -58.31 -6.42 32.61
N ILE A 942 -58.13 -7.65 32.16
CA ILE A 942 -59.22 -8.59 31.91
C ILE A 942 -60.18 -8.73 33.09
N LEU A 943 -59.64 -8.67 34.31
CA LEU A 943 -60.45 -8.80 35.50
C LEU A 943 -61.29 -7.54 35.79
N ILE A 944 -60.94 -6.44 35.13
CA ILE A 944 -61.68 -5.19 35.26
C ILE A 944 -62.85 -5.19 34.27
N VAL A 945 -62.51 -5.11 32.99
CA VAL A 945 -63.46 -4.99 31.88
C VAL A 945 -64.55 -6.07 31.91
N GLU A 946 -64.27 -7.22 32.52
CA GLU A 946 -65.24 -8.31 32.57
C GLU A 946 -66.31 -8.04 33.62
N PHE A 947 -65.90 -7.79 34.85
CA PHE A 947 -66.83 -7.46 35.93
C PHE A 947 -67.72 -6.30 35.51
N ALA A 948 -67.14 -5.35 34.80
CA ALA A 948 -67.87 -4.17 34.33
C ALA A 948 -68.81 -4.51 33.20
N LYS A 949 -68.43 -5.54 32.44
CA LYS A 949 -69.27 -6.07 31.37
C LYS A 949 -70.48 -6.76 31.99
N GLU A 950 -70.22 -7.48 33.09
CA GLU A 950 -71.24 -8.18 33.85
C GLU A 950 -72.26 -7.22 34.44
N LEU A 951 -71.82 -6.38 35.36
CA LEU A 951 -72.71 -5.42 36.00
C LEU A 951 -73.50 -4.65 34.95
N HIS A 952 -73.00 -4.61 33.72
CA HIS A 952 -73.72 -4.02 32.60
C HIS A 952 -74.81 -4.98 32.11
N GLU A 953 -75.46 -5.65 33.07
CA GLU A 953 -76.54 -6.58 32.81
C GLU A 953 -77.84 -5.95 33.25
N GLN A 954 -77.77 -5.23 34.37
CA GLN A 954 -78.89 -4.49 34.90
C GLN A 954 -78.91 -3.11 34.25
N GLY A 955 -79.61 -2.17 34.88
CA GLY A 955 -79.63 -0.80 34.43
C GLY A 955 -78.26 -0.16 34.62
N LYS A 956 -77.37 -0.85 35.35
CA LYS A 956 -76.02 -0.34 35.59
C LYS A 956 -75.37 0.02 34.27
N GLY A 957 -75.27 1.32 34.00
CA GLY A 957 -74.66 1.78 32.77
C GLY A 957 -73.17 1.55 32.83
N ILE A 958 -72.48 1.96 31.79
CA ILE A 958 -71.02 1.86 31.71
C ILE A 958 -70.33 2.51 32.93
N VAL A 959 -70.66 3.77 33.18
CA VAL A 959 -69.98 4.56 34.22
C VAL A 959 -70.33 4.10 35.63
N GLU A 960 -71.56 3.60 35.80
CA GLU A 960 -71.99 3.11 37.10
C GLU A 960 -71.29 1.79 37.38
N ALA A 961 -71.02 1.04 36.32
CA ALA A 961 -70.40 -0.25 36.42
C ALA A 961 -68.88 -0.13 36.54
N ALA A 962 -68.26 0.51 35.55
CA ALA A 962 -66.80 0.67 35.52
C ALA A 962 -66.23 0.99 36.90
N ILE A 963 -66.82 1.99 37.55
CA ILE A 963 -66.42 2.34 38.91
C ILE A 963 -66.55 1.10 39.80
N GLU A 964 -67.78 0.61 39.90
CA GLU A 964 -68.12 -0.52 40.76
C GLU A 964 -67.00 -1.52 40.74
N ALA A 965 -66.69 -2.01 39.53
CA ALA A 965 -65.65 -3.02 39.35
C ALA A 965 -64.32 -2.58 39.93
N CYS A 966 -63.87 -1.40 39.53
CA CYS A 966 -62.58 -0.89 39.96
C CYS A 966 -62.45 -0.96 41.47
N ARG A 967 -63.56 -0.93 42.19
CA ARG A 967 -63.50 -1.03 43.66
C ARG A 967 -63.15 -2.47 44.05
N MET A 968 -63.93 -3.42 43.52
CA MET A 968 -63.74 -4.82 43.83
C MET A 968 -62.44 -5.34 43.24
N ARG A 969 -61.83 -4.56 42.35
CA ARG A 969 -60.61 -4.99 41.66
C ARG A 969 -59.32 -4.35 42.16
N LEU A 970 -59.42 -3.20 42.82
CA LEU A 970 -58.23 -2.49 43.27
C LEU A 970 -57.35 -3.36 44.17
N ARG A 971 -57.92 -3.99 45.20
CA ARG A 971 -57.11 -4.82 46.10
C ARG A 971 -56.47 -6.03 45.40
N PRO A 972 -57.26 -6.82 44.66
CA PRO A 972 -56.62 -7.96 44.01
C PRO A 972 -55.52 -7.53 43.03
N ILE A 973 -55.86 -6.69 42.04
CA ILE A 973 -54.86 -6.17 41.08
C ILE A 973 -53.58 -5.80 41.80
N VAL A 974 -53.74 -5.08 42.91
CA VAL A 974 -52.60 -4.65 43.72
C VAL A 974 -51.87 -5.85 44.30
N MET A 975 -52.45 -6.52 45.28
CA MET A 975 -51.81 -7.67 45.93
C MET A 975 -51.03 -8.43 44.89
N THR A 976 -51.70 -8.72 43.80
CA THR A 976 -51.14 -9.52 42.72
C THR A 976 -49.98 -8.79 42.05
N SER A 977 -50.14 -7.48 41.84
CA SER A 977 -49.12 -6.69 41.16
C SER A 977 -47.94 -6.42 42.08
N LEU A 978 -48.21 -6.13 43.35
CA LEU A 978 -47.10 -5.92 44.28
C LEU A 978 -46.27 -7.18 44.35
N ALA A 979 -46.94 -8.31 44.53
CA ALA A 979 -46.29 -9.62 44.64
C ALA A 979 -45.35 -10.01 43.47
N PHE A 980 -45.72 -9.66 42.25
CA PHE A 980 -44.89 -9.95 41.09
C PHE A 980 -43.64 -9.06 41.12
N ILE A 981 -43.90 -7.75 41.28
CA ILE A 981 -42.87 -6.73 41.31
C ILE A 981 -41.88 -7.03 42.41
N LEU A 982 -42.38 -7.13 43.63
CA LEU A 982 -41.53 -7.45 44.78
C LEU A 982 -40.88 -8.82 44.60
N GLY A 983 -41.29 -9.54 43.55
CA GLY A 983 -40.72 -10.83 43.23
C GLY A 983 -39.62 -10.76 42.19
N VAL A 984 -39.72 -9.80 41.28
CA VAL A 984 -38.71 -9.57 40.26
C VAL A 984 -37.48 -8.90 40.88
N VAL A 985 -37.75 -8.09 41.89
CA VAL A 985 -36.71 -7.32 42.59
C VAL A 985 -35.42 -8.10 42.84
N PRO A 986 -35.53 -9.35 43.32
CA PRO A 986 -34.30 -10.07 43.55
C PRO A 986 -33.39 -10.04 42.32
N LEU A 987 -34.00 -9.91 41.15
CA LEU A 987 -33.25 -9.90 39.88
C LEU A 987 -32.65 -8.53 39.58
N ALA A 988 -33.48 -7.49 39.65
CA ALA A 988 -33.01 -6.14 39.34
C ALA A 988 -31.95 -5.63 40.34
N ILE A 989 -31.70 -6.36 41.41
CA ILE A 989 -30.81 -5.88 42.46
C ILE A 989 -29.69 -6.87 42.83
N SER A 990 -29.59 -7.98 42.11
CA SER A 990 -28.60 -9.00 42.44
C SER A 990 -27.15 -8.50 42.31
N THR A 991 -26.22 -9.37 42.65
CA THR A 991 -24.81 -9.07 42.54
C THR A 991 -24.05 -10.35 42.15
N GLY A 992 -22.81 -10.19 41.70
CA GLY A 992 -21.95 -11.34 41.44
C GLY A 992 -22.09 -11.82 40.02
N ALA A 993 -21.77 -13.09 39.81
CA ALA A 993 -21.81 -13.66 38.47
C ALA A 993 -23.22 -13.61 37.88
N GLY A 994 -23.31 -13.52 36.55
CA GLY A 994 -24.59 -13.48 35.86
C GLY A 994 -25.45 -12.29 36.23
N SER A 995 -25.06 -11.55 37.26
CA SER A 995 -25.76 -10.35 37.65
C SER A 995 -26.19 -9.52 36.43
N GLY A 996 -25.24 -9.06 35.62
CA GLY A 996 -25.57 -8.33 34.41
C GLY A 996 -26.92 -8.71 33.81
N SER A 997 -27.18 -10.00 33.70
CA SER A 997 -28.45 -10.50 33.19
C SER A 997 -29.63 -10.27 34.17
N GLN A 998 -29.50 -10.75 35.39
CA GLN A 998 -30.53 -10.51 36.36
C GLN A 998 -31.00 -9.04 36.27
N HIS A 999 -30.05 -8.13 36.06
CA HIS A 999 -30.36 -6.70 36.01
C HIS A 999 -30.99 -6.33 34.66
N ALA A 1000 -30.58 -7.03 33.61
CA ALA A 1000 -31.14 -6.82 32.27
C ALA A 1000 -32.57 -7.33 32.20
N ILE A 1001 -32.93 -8.26 33.09
CA ILE A 1001 -34.27 -8.83 33.12
C ILE A 1001 -35.15 -8.14 34.14
N GLY A 1002 -34.61 -7.90 35.33
CA GLY A 1002 -35.38 -7.38 36.45
C GLY A 1002 -35.75 -5.89 36.37
N THR A 1003 -34.84 -5.07 35.86
CA THR A 1003 -35.09 -3.62 35.85
C THR A 1003 -36.14 -3.20 34.84
N GLY A 1004 -36.19 -3.85 33.69
CA GLY A 1004 -37.22 -3.57 32.69
C GLY A 1004 -38.62 -3.81 33.24
N VAL A 1005 -38.88 -5.03 33.71
CA VAL A 1005 -40.21 -5.42 34.16
C VAL A 1005 -40.69 -4.63 35.37
N ILE A 1006 -39.78 -4.22 36.26
CA ILE A 1006 -40.24 -3.47 37.43
C ILE A 1006 -40.79 -2.10 37.05
N GLY A 1007 -40.17 -1.48 36.06
CA GLY A 1007 -40.63 -0.20 35.57
C GLY A 1007 -41.85 -0.36 34.70
N GLY A 1008 -41.93 -1.48 33.99
CA GLY A 1008 -43.06 -1.75 33.13
C GLY A 1008 -44.33 -2.13 33.89
N MET A 1009 -44.15 -2.56 35.14
CA MET A 1009 -45.27 -2.97 35.99
C MET A 1009 -45.83 -1.78 36.74
N VAL A 1010 -45.03 -1.23 37.64
CA VAL A 1010 -45.46 -0.07 38.41
C VAL A 1010 -46.22 0.93 37.56
N THR A 1011 -45.70 1.23 36.37
CA THR A 1011 -46.35 2.20 35.49
C THR A 1011 -47.65 1.67 34.94
N ALA A 1012 -47.61 0.43 34.47
CA ALA A 1012 -48.80 -0.22 33.91
C ALA A 1012 -49.92 -0.40 34.93
N THR A 1013 -49.59 -0.82 36.14
CA THR A 1013 -50.61 -1.11 37.13
C THR A 1013 -51.21 0.14 37.77
N VAL A 1014 -50.44 1.23 37.89
CA VAL A 1014 -51.01 2.46 38.49
C VAL A 1014 -51.76 3.29 37.47
N LEU A 1015 -51.29 3.30 36.23
CA LEU A 1015 -51.94 4.05 35.18
C LEU A 1015 -53.25 3.38 34.74
N ALA A 1016 -53.22 2.06 34.60
CA ALA A 1016 -54.37 1.28 34.11
C ALA A 1016 -55.53 1.22 35.10
N ILE A 1017 -55.22 1.15 36.39
CA ILE A 1017 -56.29 1.14 37.36
C ILE A 1017 -57.17 2.36 37.16
N PHE A 1018 -56.61 3.41 36.56
CA PHE A 1018 -57.36 4.62 36.24
C PHE A 1018 -57.73 4.61 34.77
N TRP A 1019 -56.78 4.26 33.92
CA TRP A 1019 -57.03 4.32 32.50
C TRP A 1019 -57.94 3.21 31.93
N VAL A 1020 -57.93 2.03 32.53
CA VAL A 1020 -58.77 0.92 32.03
C VAL A 1020 -60.28 1.23 32.14
N PRO A 1021 -60.75 1.68 33.34
CA PRO A 1021 -62.17 2.01 33.45
C PRO A 1021 -62.57 3.21 32.59
N LEU A 1022 -61.60 3.78 31.89
CA LEU A 1022 -61.84 4.89 30.97
C LEU A 1022 -61.93 4.33 29.55
N PHE A 1023 -61.15 3.28 29.30
CA PHE A 1023 -61.12 2.66 27.98
C PHE A 1023 -62.36 1.83 27.71
N TYR A 1024 -62.91 1.20 28.76
CA TYR A 1024 -64.13 0.42 28.61
C TYR A 1024 -65.31 1.37 28.50
N VAL A 1025 -65.40 2.31 29.45
CA VAL A 1025 -66.49 3.27 29.41
C VAL A 1025 -66.50 3.99 28.07
N ALA A 1026 -65.32 4.40 27.59
CA ALA A 1026 -65.19 4.95 26.25
C ALA A 1026 -65.18 3.77 25.31
N VAL A 1027 -65.37 4.03 24.02
CA VAL A 1027 -65.38 2.96 23.00
C VAL A 1027 -66.52 1.95 23.19
N SER A 1028 -66.97 1.77 24.43
CA SER A 1028 -68.13 0.93 24.71
C SER A 1028 -69.35 1.70 24.26
N THR A 1029 -69.25 3.02 24.39
CA THR A 1029 -70.24 3.96 23.87
C THR A 1029 -69.83 4.33 22.45
N LEU A 1030 -69.58 3.31 21.65
CA LEU A 1030 -69.13 3.46 20.28
C LEU A 1030 -69.36 2.14 19.56
N MET B 1 -65.20 -45.27 30.22
CA MET B 1 -64.55 -45.95 29.07
C MET B 1 -65.07 -47.35 28.85
N SER B 2 -65.22 -48.10 29.92
CA SER B 2 -65.58 -49.51 29.81
C SER B 2 -67.08 -49.66 29.52
N LYS B 3 -67.87 -48.78 30.11
CA LYS B 3 -69.30 -48.76 29.87
C LYS B 3 -69.61 -48.25 28.47
N PHE B 4 -68.58 -47.66 27.86
CA PHE B 4 -68.65 -47.07 26.54
C PHE B 4 -68.53 -48.17 25.51
N PHE B 5 -67.62 -49.10 25.76
CA PHE B 5 -67.39 -50.23 24.86
C PHE B 5 -68.28 -51.43 25.15
N ILE B 6 -68.97 -51.45 26.30
CA ILE B 6 -69.91 -52.54 26.61
C ILE B 6 -71.07 -52.34 25.61
N ASP B 7 -71.51 -51.10 25.48
CA ASP B 7 -72.51 -50.76 24.51
C ASP B 7 -71.96 -50.73 23.05
N ARG B 8 -70.63 -50.93 22.88
CA ARG B 8 -69.95 -50.79 21.54
C ARG B 8 -69.10 -51.99 21.13
N PRO B 9 -69.62 -53.18 21.37
CA PRO B 9 -68.83 -54.40 21.06
C PRO B 9 -68.13 -54.41 19.71
N ILE B 10 -68.66 -53.70 18.71
CA ILE B 10 -68.10 -53.73 17.35
C ILE B 10 -66.84 -52.85 17.29
N PHE B 11 -66.97 -51.61 17.78
CA PHE B 11 -65.86 -50.69 17.96
C PHE B 11 -64.76 -51.34 18.79
N ALA B 12 -65.15 -51.84 19.96
CA ALA B 12 -64.24 -52.59 20.80
C ALA B 12 -63.55 -53.68 20.00
N TRP B 13 -64.28 -54.37 19.15
CA TRP B 13 -63.67 -55.40 18.31
C TRP B 13 -62.72 -54.76 17.29
N VAL B 14 -62.98 -53.51 16.87
CA VAL B 14 -62.15 -52.93 15.81
C VAL B 14 -60.75 -52.64 16.39
N ILE B 15 -60.72 -52.04 17.58
CA ILE B 15 -59.49 -51.80 18.34
C ILE B 15 -58.65 -53.10 18.42
N ALA B 16 -59.32 -54.17 18.82
CA ALA B 16 -58.61 -55.40 19.00
C ALA B 16 -58.10 -55.81 17.68
N LEU B 17 -58.83 -55.42 16.64
CA LEU B 17 -58.59 -55.91 15.28
C LEU B 17 -57.31 -55.27 14.72
N VAL B 18 -57.16 -53.95 14.92
CA VAL B 18 -55.90 -53.31 14.57
C VAL B 18 -54.73 -53.62 15.55
N ILE B 19 -54.99 -53.99 16.82
CA ILE B 19 -53.88 -54.44 17.65
C ILE B 19 -53.35 -55.70 16.98
N MET B 20 -54.27 -56.51 16.47
CA MET B 20 -53.84 -57.79 15.90
C MET B 20 -53.10 -57.63 14.58
N LEU B 21 -53.53 -56.69 13.74
CA LEU B 21 -52.93 -56.46 12.42
C LEU B 21 -51.53 -55.89 12.64
N ALA B 22 -51.48 -54.76 13.33
CA ALA B 22 -50.21 -54.16 13.72
C ALA B 22 -49.20 -55.18 14.23
N GLY B 23 -49.66 -56.08 15.09
CA GLY B 23 -48.79 -57.08 15.68
C GLY B 23 -48.37 -58.16 14.70
N GLY B 24 -49.27 -58.52 13.80
CA GLY B 24 -48.96 -59.53 12.77
C GLY B 24 -48.05 -58.98 11.69
N LEU B 25 -48.28 -57.74 11.27
CA LEU B 25 -47.44 -57.09 10.27
C LEU B 25 -46.08 -56.79 10.91
N SER B 26 -46.04 -56.86 12.24
CA SER B 26 -44.85 -56.57 13.00
C SER B 26 -44.04 -57.83 13.24
N ILE B 27 -44.70 -58.91 13.67
CA ILE B 27 -43.99 -60.17 13.89
C ILE B 27 -43.16 -60.65 12.71
N LEU B 28 -43.29 -60.01 11.53
CA LEU B 28 -42.52 -60.47 10.37
C LEU B 28 -41.63 -59.42 9.71
N SER B 29 -41.54 -58.24 10.31
CA SER B 29 -40.58 -57.22 9.88
C SER B 29 -39.52 -57.15 10.97
N LEU B 30 -39.70 -58.01 11.96
CA LEU B 30 -38.95 -57.99 13.20
C LEU B 30 -37.68 -58.80 13.01
N PRO B 31 -36.55 -58.29 13.49
CA PRO B 31 -35.30 -59.07 13.51
C PRO B 31 -35.38 -60.28 14.42
N VAL B 32 -34.72 -61.38 14.05
CA VAL B 32 -34.74 -62.60 14.85
C VAL B 32 -33.31 -63.11 15.11
N ASN B 33 -32.94 -63.11 16.38
CA ASN B 33 -31.57 -63.42 16.79
C ASN B 33 -31.51 -63.76 18.29
N GLN B 34 -30.58 -64.64 18.66
CA GLN B 34 -30.39 -65.10 20.06
C GLN B 34 -30.41 -64.00 21.16
N TYR B 35 -29.56 -63.00 21.02
CA TYR B 35 -29.47 -61.96 22.03
C TYR B 35 -29.40 -60.61 21.33
N PRO B 36 -29.85 -59.54 22.00
CA PRO B 36 -29.55 -58.16 21.63
C PRO B 36 -28.04 -57.87 21.83
N ALA B 37 -27.60 -56.62 21.80
CA ALA B 37 -26.16 -56.34 21.86
C ALA B 37 -25.77 -56.09 23.34
N ILE B 38 -25.41 -57.16 24.07
CA ILE B 38 -25.18 -57.02 25.51
C ILE B 38 -23.84 -56.33 25.74
N ALA B 39 -22.81 -56.87 25.13
CA ALA B 39 -21.45 -56.32 25.35
C ALA B 39 -21.36 -54.87 24.97
N PRO B 40 -20.47 -54.15 25.63
CA PRO B 40 -20.20 -52.79 25.24
C PRO B 40 -19.55 -52.83 23.87
N PRO B 41 -20.07 -52.06 22.91
CA PRO B 41 -19.52 -52.25 21.58
C PRO B 41 -18.04 -51.85 21.54
N ALA B 42 -17.23 -52.67 20.89
CA ALA B 42 -15.78 -52.53 20.90
C ALA B 42 -15.28 -52.49 19.47
N ILE B 43 -14.18 -51.78 19.21
CA ILE B 43 -13.58 -51.76 17.88
C ILE B 43 -12.12 -52.24 17.96
N ALA B 44 -11.82 -53.24 17.14
CA ALA B 44 -10.53 -53.86 17.02
C ALA B 44 -9.70 -53.30 15.83
N VAL B 45 -8.53 -52.75 16.15
CA VAL B 45 -7.57 -52.26 15.14
C VAL B 45 -6.46 -53.29 15.06
N GLN B 46 -6.29 -53.94 13.92
CA GLN B 46 -5.32 -55.02 13.80
C GLN B 46 -4.21 -54.91 12.70
N VAL B 47 -3.06 -55.55 12.96
CA VAL B 47 -1.99 -55.72 11.96
C VAL B 47 -0.96 -56.71 12.42
N SER B 48 -0.39 -57.42 11.45
CA SER B 48 0.79 -58.22 11.65
C SER B 48 2.02 -57.56 10.98
N TYR B 49 2.98 -57.14 11.79
CA TYR B 49 4.29 -56.65 11.31
C TYR B 49 5.18 -57.85 11.14
N PRO B 50 5.19 -58.47 9.95
CA PRO B 50 5.91 -59.74 9.84
C PRO B 50 7.29 -59.70 10.48
N GLY B 51 7.74 -60.87 10.94
CA GLY B 51 9.06 -61.04 11.59
C GLY B 51 9.27 -60.14 12.79
N ALA B 52 8.22 -59.49 13.27
CA ALA B 52 8.41 -58.51 14.33
C ALA B 52 8.31 -59.20 15.70
N SER B 53 8.76 -58.47 16.71
CA SER B 53 8.78 -58.90 18.10
C SER B 53 7.84 -57.99 18.89
N ALA B 54 7.33 -58.48 20.02
CA ALA B 54 6.38 -57.73 20.80
C ALA B 54 6.83 -56.30 21.02
N GLU B 55 8.13 -56.08 21.24
CA GLU B 55 8.65 -54.74 21.47
C GLU B 55 8.65 -53.89 20.20
N THR B 56 8.93 -54.48 19.05
CA THR B 56 8.99 -53.69 17.85
C THR B 56 7.55 -53.30 17.53
N VAL B 57 6.64 -54.25 17.66
CA VAL B 57 5.24 -54.01 17.35
C VAL B 57 4.68 -52.95 18.24
N GLN B 58 5.00 -52.99 19.53
CA GLN B 58 4.45 -52.03 20.50
C GLN B 58 4.96 -50.59 20.33
N ASP B 59 6.24 -50.47 20.00
CA ASP B 59 6.90 -49.16 20.02
C ASP B 59 6.90 -48.50 18.66
N THR B 60 6.68 -49.31 17.64
CA THR B 60 6.77 -48.91 16.26
C THR B 60 5.34 -48.77 15.69
N VAL B 61 4.43 -49.60 16.18
CA VAL B 61 3.05 -49.62 15.67
C VAL B 61 2.02 -49.19 16.72
N VAL B 62 1.94 -49.93 17.83
CA VAL B 62 0.86 -49.72 18.82
C VAL B 62 0.96 -48.38 19.57
N GLN B 63 2.13 -48.03 20.02
CA GLN B 63 2.23 -46.81 20.76
C GLN B 63 1.83 -45.70 19.83
N VAL B 64 2.36 -45.68 18.61
CA VAL B 64 2.06 -44.51 17.75
C VAL B 64 0.58 -44.43 17.42
N ILE B 65 -0.06 -45.53 17.11
CA ILE B 65 -1.49 -45.44 16.96
C ILE B 65 -2.19 -45.00 18.21
N GLU B 66 -1.78 -45.49 19.39
CA GLU B 66 -2.46 -45.07 20.66
C GLU B 66 -2.32 -43.58 20.91
N GLN B 67 -1.18 -43.01 20.50
CA GLN B 67 -0.90 -41.59 20.72
C GLN B 67 -1.80 -40.65 19.93
N GLN B 68 -2.47 -41.18 18.91
CA GLN B 68 -3.41 -40.35 18.18
C GLN B 68 -4.86 -40.87 18.24
N MET B 69 -5.12 -41.82 19.11
CA MET B 69 -6.48 -42.30 19.31
C MET B 69 -7.12 -41.50 20.45
N ASN B 70 -7.83 -40.48 20.09
CA ASN B 70 -8.50 -39.62 21.05
C ASN B 70 -9.44 -38.64 20.31
N GLY B 71 -10.14 -37.77 21.01
CA GLY B 71 -11.14 -36.96 20.37
C GLY B 71 -12.12 -37.93 19.72
N ILE B 72 -12.66 -38.83 20.53
CA ILE B 72 -13.62 -39.80 20.07
C ILE B 72 -14.76 -40.01 21.04
N ASP B 73 -15.96 -39.83 20.50
CA ASP B 73 -17.20 -39.93 21.23
C ASP B 73 -17.49 -41.24 21.99
N ASN B 74 -18.05 -41.09 23.18
CA ASN B 74 -18.40 -42.23 24.05
C ASN B 74 -17.33 -43.30 24.17
N LEU B 75 -16.10 -42.90 24.44
CA LEU B 75 -15.01 -43.87 24.57
C LEU B 75 -14.88 -44.29 26.03
N ARG B 76 -15.02 -45.57 26.36
CA ARG B 76 -14.93 -45.94 27.77
C ARG B 76 -13.48 -46.19 28.12
N TYR B 77 -12.83 -47.09 27.41
CA TYR B 77 -11.41 -47.25 27.63
C TYR B 77 -10.80 -47.89 26.42
N ILE B 78 -9.47 -47.90 26.37
CA ILE B 78 -8.72 -48.55 25.31
C ILE B 78 -7.74 -49.53 25.92
N SER B 79 -7.41 -50.56 25.14
CA SER B 79 -6.59 -51.66 25.56
C SER B 79 -5.94 -52.34 24.35
N SER B 80 -4.66 -52.73 24.46
CA SER B 80 -4.02 -53.47 23.36
C SER B 80 -3.00 -54.52 23.80
N GLU B 81 -2.67 -55.37 22.85
CA GLU B 81 -1.65 -56.38 23.01
C GLU B 81 -0.71 -56.33 21.79
N SER B 82 0.60 -56.31 22.06
CA SER B 82 1.59 -56.54 21.02
C SER B 82 2.17 -57.93 21.22
N ASN B 83 2.24 -58.73 20.15
CA ASN B 83 2.63 -60.13 20.28
C ASN B 83 3.98 -60.51 19.63
N SER B 84 4.44 -61.72 19.93
CA SER B 84 5.72 -62.22 19.45
C SER B 84 5.59 -62.70 18.04
N ASP B 85 4.36 -62.85 17.56
CA ASP B 85 4.14 -63.30 16.18
C ASP B 85 3.95 -62.10 15.23
N GLY B 86 4.28 -60.92 15.73
CA GLY B 86 4.25 -59.72 14.92
C GLY B 86 2.87 -59.09 14.79
N SER B 87 1.85 -59.82 15.20
CA SER B 87 0.47 -59.34 15.23
C SER B 87 0.21 -58.46 16.42
N MET B 88 -0.87 -57.70 16.36
CA MET B 88 -1.34 -56.87 17.49
C MET B 88 -2.82 -56.55 17.32
N THR B 89 -3.41 -56.03 18.38
CA THR B 89 -4.80 -55.66 18.36
C THR B 89 -4.88 -54.47 19.26
N ILE B 90 -5.70 -53.48 18.88
CA ILE B 90 -6.07 -52.39 19.78
C ILE B 90 -7.58 -52.34 19.76
N THR B 91 -8.21 -52.66 20.91
CA THR B 91 -9.62 -52.66 21.05
C THR B 91 -10.03 -51.48 21.81
N VAL B 92 -10.85 -50.61 21.19
CA VAL B 92 -11.41 -49.41 21.83
C VAL B 92 -12.80 -49.85 22.33
N THR B 93 -13.32 -49.21 23.40
CA THR B 93 -14.53 -49.69 24.04
C THR B 93 -15.41 -48.49 24.32
N PHE B 94 -16.68 -48.57 23.93
CA PHE B 94 -17.58 -47.41 24.09
C PHE B 94 -18.73 -47.79 24.97
N GLU B 95 -19.55 -46.83 25.29
CA GLU B 95 -20.75 -47.08 26.03
C GLU B 95 -21.69 -47.99 25.28
N GLN B 96 -22.48 -48.82 25.99
CA GLN B 96 -23.60 -49.49 25.35
C GLN B 96 -24.46 -48.40 24.81
N GLY B 97 -24.98 -48.55 23.60
CA GLY B 97 -25.74 -47.46 22.98
C GLY B 97 -24.95 -46.74 21.90
N THR B 98 -23.63 -46.70 22.04
CA THR B 98 -22.79 -46.07 21.03
C THR B 98 -23.22 -46.63 19.72
N ASP B 99 -23.39 -45.76 18.73
CA ASP B 99 -23.67 -46.23 17.38
C ASP B 99 -22.42 -46.91 16.87
N PRO B 100 -22.49 -48.23 16.66
CA PRO B 100 -21.31 -48.99 16.20
C PRO B 100 -20.67 -48.38 14.98
N ASP B 101 -21.47 -48.12 13.94
CA ASP B 101 -20.94 -47.70 12.63
C ASP B 101 -20.24 -46.36 12.76
N ILE B 102 -20.83 -45.47 13.54
CA ILE B 102 -20.15 -44.24 13.89
C ILE B 102 -18.89 -44.44 14.77
N ALA B 103 -18.90 -45.39 15.71
CA ALA B 103 -17.76 -45.60 16.58
C ALA B 103 -16.60 -46.13 15.76
N GLN B 104 -16.90 -47.09 14.91
CA GLN B 104 -15.89 -47.63 14.02
C GLN B 104 -15.19 -46.47 13.28
N VAL B 105 -15.96 -45.78 12.44
CA VAL B 105 -15.43 -44.73 11.59
C VAL B 105 -14.60 -43.72 12.37
N GLN B 106 -15.03 -43.31 13.57
CA GLN B 106 -14.18 -42.43 14.37
C GLN B 106 -12.81 -43.10 14.68
N VAL B 107 -12.77 -44.42 14.75
CA VAL B 107 -11.52 -45.08 15.13
C VAL B 107 -10.62 -45.28 13.91
N GLN B 108 -11.20 -45.58 12.75
CA GLN B 108 -10.34 -45.77 11.57
C GLN B 108 -9.90 -44.42 11.03
N ASN B 109 -10.66 -43.39 11.31
CA ASN B 109 -10.21 -42.10 10.90
C ASN B 109 -8.95 -41.72 11.54
N LYS B 110 -8.90 -41.80 12.85
CA LYS B 110 -7.70 -41.45 13.56
C LYS B 110 -6.64 -42.49 13.38
N LEU B 111 -6.98 -43.66 12.91
CA LEU B 111 -5.95 -44.63 12.51
C LEU B 111 -5.28 -44.00 11.29
N GLN B 112 -6.11 -43.55 10.36
CA GLN B 112 -5.69 -43.00 9.08
C GLN B 112 -4.62 -41.92 9.27
N LEU B 113 -4.89 -41.01 10.21
CA LEU B 113 -3.99 -39.92 10.59
C LEU B 113 -2.64 -40.39 11.15
N ALA B 114 -2.68 -41.56 11.81
CA ALA B 114 -1.47 -42.17 12.40
C ALA B 114 -0.69 -43.02 11.41
N THR B 115 -1.35 -43.51 10.39
CA THR B 115 -0.67 -44.44 9.45
C THR B 115 0.65 -43.94 8.83
N PRO B 116 0.81 -42.62 8.64
CA PRO B 116 2.06 -42.19 8.03
C PRO B 116 3.17 -42.13 9.05
N LEU B 117 2.79 -42.21 10.32
CA LEU B 117 3.78 -42.28 11.39
C LEU B 117 4.31 -43.68 11.63
N LEU B 118 3.81 -44.66 10.87
CA LEU B 118 4.14 -46.08 11.08
C LEU B 118 5.24 -46.55 10.14
N PRO B 119 5.96 -47.61 10.53
CA PRO B 119 6.94 -48.13 9.61
C PRO B 119 6.32 -48.49 8.26
N GLN B 120 7.04 -48.16 7.18
CA GLN B 120 6.57 -48.43 5.82
C GLN B 120 6.06 -49.86 5.68
N GLU B 121 6.61 -50.76 6.47
CA GLU B 121 6.29 -52.18 6.32
C GLU B 121 4.89 -52.53 6.87
N VAL B 122 4.48 -51.85 7.94
CA VAL B 122 3.16 -52.12 8.48
C VAL B 122 2.12 -51.41 7.62
N GLN B 123 2.47 -50.19 7.19
CA GLN B 123 1.65 -49.40 6.28
C GLN B 123 1.28 -50.20 5.06
N ARG B 124 2.25 -50.91 4.52
CA ARG B 124 1.98 -51.73 3.36
C ARG B 124 1.01 -52.86 3.69
N GLN B 125 1.16 -53.48 4.87
CA GLN B 125 0.27 -54.59 5.28
C GLN B 125 -1.21 -54.16 5.24
N GLY B 126 -1.54 -53.04 5.86
CA GLY B 126 -2.92 -52.57 5.87
C GLY B 126 -3.42 -52.01 7.19
N ILE B 127 -3.61 -52.88 8.17
CA ILE B 127 -4.17 -52.48 9.46
C ILE B 127 -5.68 -52.40 9.41
N ARG B 128 -6.31 -53.58 9.50
CA ARG B 128 -7.75 -53.73 9.41
C ARG B 128 -8.42 -53.27 10.68
N VAL B 129 -9.47 -52.46 10.57
CA VAL B 129 -10.29 -52.12 11.72
C VAL B 129 -11.66 -52.71 11.55
N THR B 130 -12.21 -53.25 12.62
CA THR B 130 -13.46 -53.95 12.53
C THR B 130 -14.13 -54.08 13.86
N LYS B 131 -15.46 -54.24 13.80
CA LYS B 131 -16.35 -54.38 14.96
C LYS B 131 -16.09 -55.69 15.62
N ALA B 132 -15.81 -55.66 16.91
CA ALA B 132 -15.24 -56.86 17.57
C ALA B 132 -16.17 -57.57 18.59
N VAL B 133 -17.48 -57.36 18.49
CA VAL B 133 -18.41 -58.09 19.33
C VAL B 133 -18.37 -59.58 18.98
N LYS B 134 -18.46 -60.40 20.00
CA LYS B 134 -18.38 -61.85 19.82
C LYS B 134 -19.81 -62.43 19.85
N ASN B 135 -20.53 -62.20 18.75
CA ASN B 135 -21.89 -62.70 18.57
C ASN B 135 -22.03 -63.47 17.26
N PHE B 136 -21.20 -64.49 17.07
CA PHE B 136 -21.14 -65.23 15.82
C PHE B 136 -22.39 -66.07 15.60
N LEU B 137 -22.98 -65.92 14.42
CA LEU B 137 -24.18 -66.65 14.09
C LEU B 137 -23.83 -68.13 14.07
N MET B 138 -23.03 -68.53 13.08
CA MET B 138 -22.46 -69.89 13.01
C MET B 138 -20.99 -69.80 12.60
N VAL B 139 -20.32 -70.94 12.55
CA VAL B 139 -18.92 -71.01 12.12
C VAL B 139 -18.70 -72.30 11.35
N VAL B 140 -18.37 -72.19 10.06
CA VAL B 140 -18.34 -73.35 9.18
C VAL B 140 -17.04 -74.13 9.33
N GLY B 141 -16.16 -74.04 8.35
CA GLY B 141 -14.92 -74.80 8.38
C GLY B 141 -14.80 -75.68 7.16
N VAL B 142 -13.84 -75.38 6.30
CA VAL B 142 -13.55 -76.22 5.15
C VAL B 142 -12.39 -77.13 5.50
N VAL B 143 -12.69 -78.37 5.88
CA VAL B 143 -11.65 -79.31 6.32
C VAL B 143 -11.44 -80.35 5.24
N SER B 144 -10.20 -80.79 5.08
CA SER B 144 -9.86 -81.86 4.12
C SER B 144 -9.88 -83.25 4.78
N THR B 145 -10.92 -84.03 4.51
CA THR B 145 -11.09 -85.38 5.08
C THR B 145 -9.78 -86.18 5.08
N ASP B 146 -9.04 -86.06 3.98
CA ASP B 146 -7.77 -86.77 3.81
C ASP B 146 -6.60 -85.93 4.32
N GLY B 147 -5.68 -85.59 3.43
CA GLY B 147 -4.54 -84.75 3.78
C GLY B 147 -4.02 -84.08 2.54
N SER B 148 -4.85 -84.03 1.51
CA SER B 148 -4.47 -83.53 0.20
C SER B 148 -4.04 -82.07 0.23
N MET B 149 -4.82 -81.24 0.92
CA MET B 149 -4.60 -79.80 1.00
C MET B 149 -4.20 -79.41 2.41
N THR B 150 -3.40 -78.36 2.53
CA THR B 150 -2.98 -77.82 3.82
C THR B 150 -3.87 -76.66 4.29
N LYS B 151 -3.64 -76.20 5.50
CA LYS B 151 -4.37 -75.08 6.06
C LYS B 151 -4.35 -73.87 5.13
N GLU B 152 -3.18 -73.61 4.55
CA GLU B 152 -2.98 -72.46 3.65
C GLU B 152 -3.84 -72.59 2.38
N ASP B 153 -3.83 -73.79 1.80
CA ASP B 153 -4.59 -74.07 0.58
C ASP B 153 -6.08 -73.81 0.80
N LEU B 154 -6.69 -74.67 1.62
CA LEU B 154 -8.09 -74.56 2.01
C LEU B 154 -8.51 -73.11 2.17
N SER B 155 -7.66 -72.30 2.77
CA SER B 155 -7.95 -70.90 2.95
C SER B 155 -8.18 -70.20 1.63
N ASN B 156 -7.15 -70.09 0.80
CA ASN B 156 -7.26 -69.38 -0.48
C ASN B 156 -8.51 -69.78 -1.24
N TYR B 157 -8.90 -71.04 -1.09
CA TYR B 157 -10.09 -71.56 -1.71
C TYR B 157 -11.31 -70.84 -1.15
N ILE B 158 -11.50 -70.96 0.15
CA ILE B 158 -12.66 -70.36 0.77
C ILE B 158 -12.77 -68.93 0.28
N VAL B 159 -11.64 -68.28 0.08
CA VAL B 159 -11.65 -66.86 -0.32
C VAL B 159 -11.64 -66.71 -1.84
N SER B 160 -11.43 -67.81 -2.56
CA SER B 160 -11.45 -67.79 -4.03
C SER B 160 -12.81 -68.21 -4.58
N ASN B 161 -13.47 -69.14 -3.89
CA ASN B 161 -14.73 -69.72 -4.36
C ASN B 161 -15.89 -69.57 -3.37
N ILE B 162 -15.59 -69.71 -2.08
CA ILE B 162 -16.60 -69.74 -1.01
C ILE B 162 -17.00 -68.37 -0.49
N GLN B 163 -16.10 -67.40 -0.57
CA GLN B 163 -16.30 -66.07 0.05
C GLN B 163 -17.33 -65.18 -0.69
N ASP B 164 -16.95 -64.65 -1.84
CA ASP B 164 -17.81 -63.72 -2.59
C ASP B 164 -19.30 -64.09 -2.61
N PRO B 165 -19.63 -65.35 -2.90
CA PRO B 165 -21.06 -65.67 -2.94
C PRO B 165 -21.75 -65.58 -1.57
N LEU B 166 -21.11 -66.16 -0.55
CA LEU B 166 -21.60 -66.12 0.83
C LEU B 166 -21.95 -64.70 1.26
N SER B 167 -21.25 -63.72 0.71
CA SER B 167 -21.51 -62.32 1.03
C SER B 167 -22.81 -61.85 0.36
N ARG B 168 -23.18 -62.49 -0.73
CA ARG B 168 -24.38 -62.10 -1.46
C ARG B 168 -25.59 -62.85 -0.91
N THR B 169 -25.31 -63.83 -0.04
CA THR B 169 -26.33 -64.61 0.65
C THR B 169 -27.11 -63.76 1.66
N LYS B 170 -28.43 -63.78 1.54
CA LYS B 170 -29.29 -62.95 2.38
C LYS B 170 -29.05 -63.21 3.87
N GLY B 171 -28.94 -62.13 4.65
CA GLY B 171 -28.71 -62.22 6.09
C GLY B 171 -27.27 -62.15 6.59
N VAL B 172 -26.31 -62.57 5.76
CA VAL B 172 -24.91 -62.65 6.15
C VAL B 172 -24.26 -61.29 6.41
N GLY B 173 -23.78 -61.13 7.63
CA GLY B 173 -23.12 -59.91 8.03
C GLY B 173 -21.62 -60.12 7.92
N ASP B 174 -20.92 -59.79 9.00
CA ASP B 174 -19.47 -59.84 9.01
C ASP B 174 -19.05 -61.27 9.11
N PHE B 175 -17.90 -61.55 8.51
CA PHE B 175 -17.32 -62.87 8.59
C PHE B 175 -15.81 -62.78 8.47
N GLN B 176 -15.14 -63.76 9.08
CA GLN B 176 -13.69 -63.81 9.09
C GLN B 176 -13.25 -65.16 8.59
N VAL B 177 -12.47 -65.16 7.51
CA VAL B 177 -11.85 -66.39 7.04
C VAL B 177 -10.63 -66.71 7.91
N PHE B 178 -10.50 -67.96 8.36
CA PHE B 178 -9.36 -68.32 9.20
C PHE B 178 -8.13 -68.40 8.31
N GLY B 179 -7.66 -67.26 7.81
CA GLY B 179 -6.55 -67.27 6.87
C GLY B 179 -6.69 -66.26 5.76
N SER B 180 -5.58 -65.97 5.09
CA SER B 180 -5.58 -65.01 3.99
C SER B 180 -5.50 -65.72 2.63
N GLN B 181 -5.29 -64.94 1.58
CA GLN B 181 -5.09 -65.49 0.24
C GLN B 181 -3.73 -66.21 0.17
N TYR B 182 -3.44 -66.78 -1.00
CA TYR B 182 -2.13 -67.34 -1.30
C TYR B 182 -1.10 -66.23 -1.35
N SER B 183 0.13 -66.55 -0.95
CA SER B 183 1.23 -65.63 -1.06
C SER B 183 2.40 -66.32 -1.74
N MET B 184 2.89 -65.73 -2.83
CA MET B 184 4.07 -66.25 -3.50
C MET B 184 5.24 -66.34 -2.52
N ARG B 185 5.69 -67.56 -2.26
CA ARG B 185 6.76 -67.78 -1.28
C ARG B 185 8.13 -68.07 -1.91
N ILE B 186 9.13 -67.28 -1.54
CA ILE B 186 10.51 -67.46 -2.01
C ILE B 186 11.39 -67.69 -0.79
N TRP B 187 11.88 -68.90 -0.57
CA TRP B 187 12.72 -69.17 0.61
C TRP B 187 14.22 -69.21 0.26
N LEU B 188 14.88 -68.07 0.39
CA LEU B 188 16.31 -67.92 0.05
C LEU B 188 17.29 -68.88 0.74
N ASP B 189 18.18 -69.46 -0.06
CA ASP B 189 19.26 -70.33 0.45
C ASP B 189 20.52 -69.51 0.75
N PRO B 190 21.00 -69.57 2.00
CA PRO B 190 22.20 -68.81 2.34
C PRO B 190 23.42 -69.33 1.59
N ALA B 191 23.42 -70.62 1.29
CA ALA B 191 24.54 -71.25 0.59
C ALA B 191 24.45 -71.01 -0.92
N LYS B 192 23.32 -71.36 -1.52
CA LYS B 192 23.11 -71.13 -2.95
C LYS B 192 23.06 -69.65 -3.29
N LEU B 193 23.32 -68.79 -2.30
CA LEU B 193 23.32 -67.35 -2.54
C LEU B 193 24.70 -66.75 -2.30
N ASN B 194 25.45 -67.37 -1.38
CA ASN B 194 26.81 -66.99 -1.06
C ASN B 194 27.76 -67.36 -2.19
N SER B 195 27.39 -68.39 -2.94
CA SER B 195 28.18 -68.92 -4.04
C SER B 195 28.23 -67.98 -5.26
N TYR B 196 27.38 -66.97 -5.28
CA TYR B 196 27.39 -65.97 -6.35
C TYR B 196 27.55 -64.60 -5.71
N GLN B 197 28.11 -64.60 -4.52
CA GLN B 197 28.24 -63.38 -3.73
C GLN B 197 26.99 -62.53 -3.87
N LEU B 198 25.84 -63.17 -3.65
CA LEU B 198 24.54 -62.51 -3.71
C LEU B 198 23.87 -62.51 -2.33
N THR B 199 23.06 -61.49 -2.08
CA THR B 199 22.38 -61.34 -0.79
C THR B 199 20.87 -61.11 -0.96
N PRO B 200 20.07 -61.52 0.05
CA PRO B 200 18.62 -61.41 -0.07
C PRO B 200 18.19 -60.08 -0.67
N GLY B 201 18.79 -59.00 -0.19
CA GLY B 201 18.51 -57.65 -0.69
C GLY B 201 18.68 -57.49 -2.19
N ASP B 202 19.52 -58.33 -2.81
CA ASP B 202 19.69 -58.29 -4.26
C ASP B 202 18.45 -58.86 -4.89
N VAL B 203 17.83 -59.78 -4.17
CA VAL B 203 16.62 -60.42 -4.63
C VAL B 203 15.43 -59.48 -4.51
N SER B 204 15.34 -58.76 -3.40
CA SER B 204 14.23 -57.84 -3.16
C SER B 204 14.20 -56.71 -4.20
N SER B 205 15.35 -56.04 -4.37
CA SER B 205 15.47 -54.95 -5.36
C SER B 205 15.21 -55.50 -6.75
N ALA B 206 15.56 -56.78 -6.93
CA ALA B 206 15.41 -57.44 -8.20
C ALA B 206 13.97 -57.78 -8.43
N ILE B 207 13.37 -58.48 -7.46
CA ILE B 207 11.97 -58.88 -7.53
C ILE B 207 11.11 -57.67 -7.90
N GLN B 208 11.43 -56.56 -7.25
CA GLN B 208 10.74 -55.30 -7.50
C GLN B 208 10.93 -54.85 -8.94
N ALA B 209 12.17 -54.95 -9.43
CA ALA B 209 12.51 -54.56 -10.79
C ALA B 209 11.66 -55.28 -11.83
N GLN B 210 11.72 -56.61 -11.82
CA GLN B 210 11.07 -57.45 -12.85
C GLN B 210 9.65 -57.88 -12.47
N ASN B 211 8.90 -56.97 -11.84
CA ASN B 211 7.52 -57.24 -11.45
C ASN B 211 6.83 -55.95 -11.05
N VAL B 212 6.63 -55.06 -12.03
CA VAL B 212 5.96 -53.80 -11.79
C VAL B 212 5.22 -53.37 -13.06
N GLN B 213 3.90 -53.54 -13.06
CA GLN B 213 3.09 -53.09 -14.16
C GLN B 213 3.44 -51.64 -14.53
N ILE B 214 3.84 -51.44 -15.78
CA ILE B 214 4.17 -50.11 -16.26
C ILE B 214 2.95 -49.48 -16.90
N SER B 215 2.79 -48.19 -16.64
CA SER B 215 1.60 -47.47 -17.06
C SER B 215 1.40 -47.65 -18.55
N SER B 216 2.36 -47.20 -19.33
CA SER B 216 2.26 -47.25 -20.78
C SER B 216 1.14 -46.33 -21.23
N GLY B 217 1.52 -45.18 -21.78
CA GLY B 217 0.55 -44.15 -22.14
C GLY B 217 -0.44 -44.52 -23.23
N GLN B 218 -0.76 -43.55 -24.09
CA GLN B 218 -1.77 -43.74 -25.14
C GLN B 218 -1.18 -43.55 -26.53
N LEU B 219 -1.83 -44.18 -27.50
CA LEU B 219 -1.43 -44.10 -28.90
C LEU B 219 -2.36 -43.14 -29.63
N GLY B 220 -2.24 -41.87 -29.32
CA GLY B 220 -3.10 -40.85 -29.91
C GLY B 220 -3.61 -39.86 -28.87
N GLY B 221 -2.92 -39.77 -27.74
CA GLY B 221 -3.36 -38.93 -26.63
C GLY B 221 -3.51 -37.47 -26.99
N LEU B 222 -3.51 -36.61 -25.98
CA LEU B 222 -3.84 -35.20 -26.17
C LEU B 222 -2.82 -34.27 -25.51
N PRO B 223 -2.39 -33.23 -26.25
CA PRO B 223 -2.86 -32.94 -27.60
C PRO B 223 -2.41 -33.96 -28.66
N ALA B 224 -2.94 -33.82 -29.87
CA ALA B 224 -2.56 -34.71 -30.96
C ALA B 224 -2.23 -33.91 -32.22
N VAL B 225 -1.60 -34.58 -33.20
CA VAL B 225 -1.32 -33.96 -34.50
C VAL B 225 -2.57 -33.97 -35.38
N LYS B 226 -2.77 -32.91 -36.16
CA LYS B 226 -3.86 -32.80 -37.12
C LYS B 226 -4.14 -34.13 -37.81
N GLY B 227 -5.33 -34.68 -37.58
CA GLY B 227 -5.73 -35.96 -38.18
C GLY B 227 -5.60 -37.13 -37.23
N GLN B 228 -4.63 -38.01 -37.52
CA GLN B 228 -4.42 -39.23 -36.74
C GLN B 228 -5.56 -40.20 -36.98
N GLN B 229 -6.78 -39.72 -36.78
CA GLN B 229 -7.98 -40.51 -37.03
C GLN B 229 -8.08 -41.72 -36.11
N LEU B 230 -6.95 -42.21 -35.61
CA LEU B 230 -6.94 -43.40 -34.75
C LEU B 230 -6.29 -43.16 -33.40
N ASN B 231 -7.07 -43.40 -32.34
CA ASN B 231 -6.58 -43.33 -30.97
C ASN B 231 -6.86 -44.63 -30.24
N ALA B 232 -5.85 -45.17 -29.57
CA ALA B 232 -6.00 -46.44 -28.88
C ALA B 232 -5.03 -46.56 -27.71
N THR B 233 -5.55 -46.92 -26.55
CA THR B 233 -4.72 -47.16 -25.37
C THR B 233 -3.69 -48.24 -25.69
N ILE B 234 -2.51 -48.10 -25.11
CA ILE B 234 -1.45 -49.09 -25.31
C ILE B 234 -1.26 -49.88 -24.02
N ILE B 235 -1.56 -51.17 -24.07
CA ILE B 235 -1.46 -52.03 -22.89
C ILE B 235 -0.12 -52.75 -22.86
N GLY B 236 0.73 -52.40 -21.90
CA GLY B 236 2.05 -53.01 -21.78
C GLY B 236 2.01 -54.39 -21.15
N LYS B 237 3.11 -54.78 -20.50
CA LYS B 237 3.21 -56.10 -19.86
C LYS B 237 2.55 -56.08 -18.50
N THR B 238 2.12 -57.26 -18.03
CA THR B 238 1.53 -57.39 -16.69
C THR B 238 2.52 -58.02 -15.71
N ARG B 239 2.23 -57.87 -14.42
CA ARG B 239 3.08 -58.41 -13.37
C ARG B 239 3.14 -59.93 -13.43
N LEU B 240 4.16 -60.49 -12.78
CA LEU B 240 4.35 -61.94 -12.73
C LEU B 240 3.16 -62.63 -12.10
N GLN B 241 2.99 -63.91 -12.43
CA GLN B 241 1.85 -64.70 -11.96
C GLN B 241 2.30 -66.08 -11.47
N THR B 242 3.01 -66.81 -12.32
CA THR B 242 3.41 -68.18 -12.04
C THR B 242 4.67 -68.26 -11.20
N ALA B 243 4.81 -69.37 -10.46
CA ALA B 243 6.00 -69.66 -9.68
C ALA B 243 7.23 -69.69 -10.58
N GLU B 244 7.01 -70.10 -11.83
CA GLU B 244 8.07 -70.20 -12.81
C GLU B 244 8.59 -68.83 -13.19
N GLN B 245 7.67 -67.94 -13.54
CA GLN B 245 8.05 -66.59 -13.92
C GLN B 245 8.93 -65.96 -12.85
N PHE B 246 8.69 -66.34 -11.60
CA PHE B 246 9.45 -65.82 -10.45
C PHE B 246 10.81 -66.48 -10.36
N GLU B 247 10.85 -67.76 -10.71
CA GLU B 247 12.10 -68.50 -10.74
C GLU B 247 13.00 -68.02 -11.88
N ASN B 248 12.52 -67.04 -12.63
CA ASN B 248 13.18 -66.54 -13.82
C ASN B 248 13.83 -65.14 -13.66
N ILE B 249 13.30 -64.32 -12.76
CA ILE B 249 13.77 -62.93 -12.56
C ILE B 249 15.26 -62.78 -12.21
N LEU B 250 16.11 -63.15 -13.18
CA LEU B 250 17.57 -63.12 -13.06
C LEU B 250 18.15 -62.09 -12.09
N LEU B 251 19.22 -62.48 -11.39
CA LEU B 251 19.88 -61.65 -10.40
C LEU B 251 21.24 -61.15 -10.93
N LYS B 252 21.99 -62.02 -11.59
CA LYS B 252 23.29 -61.65 -12.15
C LYS B 252 23.77 -62.68 -13.20
N VAL B 253 24.78 -62.27 -13.97
CA VAL B 253 25.36 -63.12 -15.03
C VAL B 253 26.89 -63.25 -14.88
N ASN B 254 27.39 -64.48 -14.88
CA ASN B 254 28.83 -64.73 -14.72
C ASN B 254 29.62 -64.28 -15.94
N PRO B 255 30.87 -63.80 -15.72
CA PRO B 255 31.71 -63.33 -16.82
C PRO B 255 31.78 -64.31 -17.99
N ASP B 256 31.69 -65.61 -17.68
CA ASP B 256 31.66 -66.63 -18.72
C ASP B 256 30.33 -66.61 -19.48
N GLY B 257 29.51 -65.59 -19.23
CA GLY B 257 28.24 -65.44 -19.93
C GLY B 257 27.06 -66.09 -19.23
N SER B 258 27.31 -67.19 -18.52
CA SER B 258 26.25 -67.92 -17.81
C SER B 258 25.45 -66.98 -16.91
N GLN B 259 24.14 -67.18 -16.85
CA GLN B 259 23.27 -66.33 -16.06
C GLN B 259 22.73 -67.04 -14.82
N VAL B 260 22.37 -66.26 -13.80
CA VAL B 260 21.84 -66.80 -12.55
C VAL B 260 20.37 -66.43 -12.38
N ARG B 261 19.49 -67.40 -12.54
CA ARG B 261 18.06 -67.21 -12.38
C ARG B 261 17.73 -67.35 -10.91
N LEU B 262 16.62 -66.76 -10.47
CA LEU B 262 16.23 -66.83 -9.06
C LEU B 262 16.21 -68.30 -8.59
N LYS B 263 15.62 -69.16 -9.41
CA LYS B 263 15.59 -70.58 -9.13
C LYS B 263 16.94 -71.09 -8.62
N ASP B 264 18.03 -70.50 -9.08
CA ASP B 264 19.38 -70.94 -8.70
C ASP B 264 19.73 -70.63 -7.24
N VAL B 265 18.79 -70.12 -6.47
CA VAL B 265 19.09 -69.76 -5.08
C VAL B 265 18.02 -70.13 -4.05
N ALA B 266 16.84 -70.52 -4.50
CA ALA B 266 15.74 -70.86 -3.58
C ALA B 266 14.55 -71.52 -4.27
N ASP B 267 13.70 -72.13 -3.46
CA ASP B 267 12.45 -72.74 -3.92
C ASP B 267 11.42 -71.69 -4.35
N VAL B 268 10.34 -72.13 -4.95
CA VAL B 268 9.30 -71.22 -5.41
C VAL B 268 7.96 -71.92 -5.55
N GLY B 269 7.01 -71.52 -4.72
CA GLY B 269 5.68 -72.11 -4.76
C GLY B 269 4.67 -71.28 -4.00
N LEU B 270 3.42 -71.27 -4.46
CA LEU B 270 2.36 -70.57 -3.77
C LEU B 270 2.28 -71.11 -2.35
N GLY B 271 2.00 -70.23 -1.39
CA GLY B 271 1.88 -70.64 -0.01
C GLY B 271 1.13 -69.68 0.89
N GLY B 272 1.14 -69.99 2.18
CA GLY B 272 0.46 -69.14 3.14
C GLY B 272 1.23 -67.86 3.24
N GLN B 273 0.57 -66.82 3.73
CA GLN B 273 1.20 -65.54 3.96
C GLN B 273 1.73 -65.51 5.39
N ASP B 274 0.90 -65.99 6.32
CA ASP B 274 1.29 -66.04 7.71
C ASP B 274 1.03 -67.44 8.29
N TYR B 275 2.08 -67.99 8.91
CA TYR B 275 2.08 -69.36 9.41
C TYR B 275 1.94 -69.40 10.93
N SER B 276 1.78 -68.23 11.54
CA SER B 276 1.67 -68.12 12.98
C SER B 276 0.68 -69.12 13.58
N ILE B 277 -0.51 -69.23 12.97
CA ILE B 277 -1.58 -70.10 13.48
C ILE B 277 -1.81 -71.36 12.65
N ASN B 278 -2.03 -72.47 13.33
CA ASN B 278 -2.28 -73.77 12.71
C ASN B 278 -3.62 -74.34 13.24
N ALA B 279 -4.38 -75.05 12.40
CA ALA B 279 -5.73 -75.50 12.78
C ALA B 279 -6.16 -76.77 12.04
N GLN B 280 -6.71 -77.72 12.78
CA GLN B 280 -7.13 -79.01 12.22
C GLN B 280 -8.50 -79.47 12.75
N PHE B 281 -9.26 -80.12 11.88
CA PHE B 281 -10.59 -80.65 12.21
C PHE B 281 -10.52 -82.13 12.55
N ASN B 282 -10.53 -82.42 13.85
CA ASN B 282 -10.39 -83.78 14.35
C ASN B 282 -9.02 -84.33 13.99
N GLY B 283 -8.17 -83.45 13.48
CA GLY B 283 -6.81 -83.85 13.14
C GLY B 283 -6.44 -83.59 11.69
N SER B 284 -7.43 -83.21 10.89
CA SER B 284 -7.18 -82.96 9.46
C SER B 284 -6.98 -81.48 9.18
N PRO B 285 -6.16 -81.17 8.15
CA PRO B 285 -5.92 -79.78 7.79
C PRO B 285 -7.21 -79.01 7.53
N ALA B 286 -7.33 -77.83 8.13
CA ALA B 286 -8.58 -77.07 8.05
C ALA B 286 -8.46 -75.54 8.11
N SER B 287 -9.52 -74.92 7.59
CA SER B 287 -9.74 -73.49 7.60
C SER B 287 -11.24 -73.30 7.88
N GLY B 288 -11.83 -72.18 7.45
CA GLY B 288 -13.24 -71.91 7.75
C GLY B 288 -13.62 -70.43 7.86
N ILE B 289 -14.91 -70.19 8.12
CA ILE B 289 -15.42 -68.82 8.26
C ILE B 289 -16.11 -68.67 9.59
N ALA B 290 -16.16 -67.43 10.07
CA ALA B 290 -16.88 -67.13 11.28
C ALA B 290 -17.83 -66.01 10.96
N ILE B 291 -19.12 -66.35 10.84
CA ILE B 291 -20.10 -65.40 10.36
C ILE B 291 -20.90 -64.71 11.46
N LYS B 292 -21.35 -63.51 11.15
CA LYS B 292 -22.23 -62.77 12.01
C LYS B 292 -23.50 -62.48 11.24
N LEU B 293 -24.56 -62.16 11.98
CA LEU B 293 -25.87 -61.95 11.40
C LEU B 293 -25.93 -60.49 11.06
N ALA B 294 -26.41 -60.17 9.85
CA ALA B 294 -26.51 -58.77 9.45
C ALA B 294 -27.59 -58.09 10.27
N THR B 295 -27.44 -56.79 10.49
CA THR B 295 -28.44 -56.03 11.22
C THR B 295 -29.83 -56.33 10.64
N GLY B 296 -30.79 -56.58 11.51
CA GLY B 296 -32.18 -56.78 11.12
C GLY B 296 -32.49 -58.13 10.51
N ALA B 297 -31.49 -59.00 10.41
CA ALA B 297 -31.63 -60.31 9.72
C ALA B 297 -32.42 -61.31 10.54
N ASN B 298 -32.63 -62.50 9.97
CA ASN B 298 -33.35 -63.56 10.65
C ASN B 298 -32.42 -64.73 10.88
N ALA B 299 -31.94 -64.83 12.13
CA ALA B 299 -31.01 -65.87 12.54
C ALA B 299 -31.30 -67.19 11.85
N LEU B 300 -32.58 -67.56 11.84
CA LEU B 300 -33.05 -68.83 11.27
C LEU B 300 -32.96 -68.87 9.74
N ASP B 301 -33.46 -67.84 9.09
CA ASP B 301 -33.48 -67.76 7.64
C ASP B 301 -32.06 -67.74 7.04
N THR B 302 -31.14 -67.04 7.72
CA THR B 302 -29.76 -66.94 7.26
C THR B 302 -29.04 -68.29 7.39
N ALA B 303 -29.26 -68.99 8.49
CA ALA B 303 -28.64 -70.29 8.68
C ALA B 303 -28.97 -71.21 7.51
N LYS B 304 -30.26 -71.34 7.19
CA LYS B 304 -30.70 -72.02 5.97
C LYS B 304 -29.99 -71.48 4.72
N ALA B 305 -30.04 -70.16 4.54
CA ALA B 305 -29.42 -69.53 3.39
C ALA B 305 -27.90 -69.78 3.34
N ILE B 306 -27.21 -69.83 4.48
CA ILE B 306 -25.77 -70.13 4.45
C ILE B 306 -25.62 -71.55 3.91
N ARG B 307 -26.14 -72.51 4.66
CA ARG B 307 -26.10 -73.92 4.25
C ARG B 307 -26.58 -74.07 2.80
N GLN B 308 -27.53 -73.24 2.40
CA GLN B 308 -27.99 -73.20 1.03
C GLN B 308 -26.81 -72.89 0.13
N THR B 309 -26.35 -71.64 0.19
CA THR B 309 -25.23 -71.16 -0.62
C THR B 309 -24.05 -72.14 -0.65
N ILE B 310 -23.65 -72.64 0.51
CA ILE B 310 -22.53 -73.55 0.60
C ILE B 310 -22.77 -74.81 -0.26
N ALA B 311 -23.97 -75.39 -0.17
CA ALA B 311 -24.32 -76.61 -0.91
C ALA B 311 -24.08 -76.48 -2.41
N ASN B 312 -24.60 -75.40 -3.01
CA ASN B 312 -24.36 -75.10 -4.42
C ASN B 312 -22.88 -74.93 -4.77
N LEU B 313 -22.01 -75.17 -3.80
CA LEU B 313 -20.56 -75.04 -4.01
C LEU B 313 -19.87 -76.37 -3.76
N GLU B 314 -20.51 -77.23 -2.97
CA GLU B 314 -19.93 -78.51 -2.59
C GLU B 314 -19.62 -79.42 -3.79
N PRO B 315 -20.49 -79.41 -4.82
CA PRO B 315 -20.21 -80.28 -5.97
C PRO B 315 -18.82 -80.06 -6.56
N PHE B 316 -18.47 -78.80 -6.81
CA PHE B 316 -17.22 -78.47 -7.49
C PHE B 316 -16.00 -78.46 -6.56
N MET B 317 -16.20 -78.60 -5.26
CA MET B 317 -15.09 -78.59 -4.33
C MET B 317 -14.21 -79.81 -4.56
N PRO B 318 -12.87 -79.62 -4.63
CA PRO B 318 -11.90 -80.68 -4.83
C PRO B 318 -12.14 -81.91 -3.99
N GLN B 319 -11.59 -83.03 -4.42
CA GLN B 319 -11.76 -84.27 -3.68
C GLN B 319 -11.01 -84.17 -2.36
N GLY B 320 -11.74 -84.43 -1.28
CA GLY B 320 -11.18 -84.36 0.05
C GLY B 320 -11.71 -83.18 0.83
N MET B 321 -12.14 -82.14 0.11
CA MET B 321 -12.68 -80.93 0.75
C MET B 321 -14.08 -81.19 1.29
N LYS B 322 -14.20 -81.16 2.61
CA LYS B 322 -15.48 -81.37 3.27
C LYS B 322 -15.88 -80.12 4.04
N VAL B 323 -17.03 -79.55 3.70
CA VAL B 323 -17.59 -78.46 4.49
C VAL B 323 -18.26 -79.05 5.71
N VAL B 324 -18.40 -78.25 6.76
CA VAL B 324 -18.94 -78.74 8.02
C VAL B 324 -19.36 -77.55 8.94
N TYR B 325 -20.33 -77.78 9.82
CA TYR B 325 -20.85 -76.72 10.69
C TYR B 325 -20.72 -77.08 12.16
N PRO B 326 -19.49 -76.98 12.70
CA PRO B 326 -19.19 -77.36 14.08
C PRO B 326 -19.96 -76.57 15.10
N TYR B 327 -20.13 -75.25 14.86
CA TYR B 327 -20.80 -74.34 15.82
C TYR B 327 -21.87 -73.47 15.16
N ASP B 328 -23.07 -73.54 15.71
CA ASP B 328 -24.21 -72.89 15.14
C ASP B 328 -25.17 -72.58 16.27
N THR B 329 -25.59 -71.32 16.37
CA THR B 329 -26.43 -70.87 17.45
C THR B 329 -27.92 -70.94 17.07
N THR B 330 -28.18 -71.42 15.85
CA THR B 330 -29.53 -71.56 15.32
C THR B 330 -30.40 -72.53 16.13
N PRO B 331 -29.83 -73.70 16.49
CA PRO B 331 -30.56 -74.68 17.30
C PRO B 331 -31.09 -74.15 18.64
N VAL B 332 -30.34 -73.27 19.29
CA VAL B 332 -30.80 -72.69 20.55
C VAL B 332 -31.86 -71.62 20.34
N VAL B 333 -31.74 -70.87 19.25
CA VAL B 333 -32.69 -69.81 18.93
C VAL B 333 -34.04 -70.43 18.56
N SER B 334 -33.99 -71.44 17.70
CA SER B 334 -35.17 -72.12 17.23
C SER B 334 -35.84 -72.85 18.38
N ALA B 335 -35.05 -73.62 19.14
CA ALA B 335 -35.56 -74.36 20.29
C ALA B 335 -35.91 -73.42 21.43
N SER B 336 -36.03 -72.14 21.12
CA SER B 336 -36.44 -71.17 22.12
C SER B 336 -37.72 -70.51 21.67
N ILE B 337 -37.92 -70.43 20.35
CA ILE B 337 -39.12 -69.87 19.78
C ILE B 337 -40.26 -70.86 19.96
N HIS B 338 -39.96 -72.14 19.77
CA HIS B 338 -40.95 -73.19 20.00
C HIS B 338 -41.28 -73.23 21.49
N GLU B 339 -40.24 -73.39 22.29
CA GLU B 339 -40.36 -73.50 23.73
C GLU B 339 -40.94 -72.25 24.36
N VAL B 340 -41.77 -71.55 23.59
CA VAL B 340 -42.42 -70.33 24.03
C VAL B 340 -43.81 -70.29 23.38
N VAL B 341 -43.86 -70.63 22.11
CA VAL B 341 -45.12 -70.70 21.39
C VAL B 341 -45.92 -71.90 21.96
N LYS B 342 -45.17 -72.86 22.49
CA LYS B 342 -45.71 -74.06 23.13
C LYS B 342 -46.26 -73.71 24.52
N THR B 343 -45.46 -73.03 25.32
CA THR B 343 -45.89 -72.57 26.65
C THR B 343 -47.02 -71.56 26.53
N LEU B 344 -46.96 -70.72 25.51
CA LEU B 344 -48.01 -69.74 25.28
C LEU B 344 -49.30 -70.48 24.96
N GLY B 345 -49.20 -71.47 24.08
CA GLY B 345 -50.34 -72.29 23.69
C GLY B 345 -50.93 -73.03 24.88
N GLU B 346 -50.10 -73.84 25.54
CA GLU B 346 -50.51 -74.52 26.77
C GLU B 346 -51.20 -73.58 27.76
N ALA B 347 -50.62 -72.41 27.96
CA ALA B 347 -51.20 -71.49 28.92
C ALA B 347 -52.67 -71.27 28.59
N ILE B 348 -52.97 -70.93 27.33
CA ILE B 348 -54.34 -70.62 26.91
C ILE B 348 -55.25 -71.86 26.95
N LEU B 349 -54.67 -73.04 26.79
CA LEU B 349 -55.39 -74.32 26.92
C LEU B 349 -55.71 -74.60 28.39
N LEU B 350 -54.70 -74.48 29.25
CA LEU B 350 -54.87 -74.66 30.69
C LEU B 350 -55.94 -73.71 31.22
N VAL B 351 -55.91 -72.48 30.72
CA VAL B 351 -56.80 -71.44 31.24
C VAL B 351 -58.24 -71.80 30.91
N PHE B 352 -58.43 -72.38 29.72
CA PHE B 352 -59.72 -72.89 29.29
C PHE B 352 -60.22 -73.91 30.33
N LEU B 353 -59.42 -74.93 30.59
CA LEU B 353 -59.75 -75.94 31.59
C LEU B 353 -60.18 -75.32 32.93
N VAL B 354 -59.27 -74.62 33.62
CA VAL B 354 -59.61 -74.00 34.91
C VAL B 354 -60.85 -73.14 34.76
N MET B 355 -61.00 -72.54 33.59
CA MET B 355 -62.12 -71.65 33.32
C MET B 355 -63.42 -72.47 33.29
N TYR B 356 -63.36 -73.65 32.68
CA TYR B 356 -64.49 -74.57 32.65
C TYR B 356 -64.78 -75.16 34.04
N LEU B 357 -63.89 -76.06 34.49
CA LEU B 357 -63.96 -76.67 35.82
C LEU B 357 -64.69 -75.81 36.84
N PHE B 358 -64.37 -74.53 36.88
CA PHE B 358 -64.97 -73.64 37.85
C PHE B 358 -66.24 -72.97 37.31
N LEU B 359 -66.17 -72.42 36.11
CA LEU B 359 -67.29 -71.62 35.62
C LEU B 359 -68.33 -72.49 34.88
N GLN B 360 -67.91 -73.67 34.44
CA GLN B 360 -68.83 -74.64 33.83
C GLN B 360 -69.70 -74.01 32.76
N ASN B 361 -69.05 -73.46 31.75
CA ASN B 361 -69.70 -72.81 30.63
C ASN B 361 -68.65 -72.49 29.58
N PHE B 362 -68.88 -72.95 28.35
CA PHE B 362 -67.93 -72.75 27.25
C PHE B 362 -67.84 -71.30 26.76
N ARG B 363 -68.94 -70.58 26.77
CA ARG B 363 -68.90 -69.22 26.26
C ARG B 363 -67.84 -68.40 27.01
N ALA B 364 -67.91 -68.39 28.35
CA ALA B 364 -66.98 -67.63 29.20
C ALA B 364 -65.55 -68.07 28.93
N THR B 365 -65.44 -69.30 28.50
CA THR B 365 -64.20 -69.93 28.18
C THR B 365 -63.57 -69.39 26.90
N LEU B 366 -64.41 -68.78 26.06
CA LEU B 366 -63.94 -68.20 24.80
C LEU B 366 -63.24 -66.88 25.04
N ILE B 367 -63.74 -66.06 25.98
CA ILE B 367 -63.18 -64.74 26.18
C ILE B 367 -61.64 -64.75 26.39
N PRO B 368 -61.13 -65.31 27.53
CA PRO B 368 -59.68 -65.33 27.76
C PRO B 368 -58.93 -65.79 26.52
N THR B 369 -59.52 -66.75 25.79
CA THR B 369 -58.96 -67.28 24.52
C THR B 369 -58.92 -66.23 23.39
N ILE B 370 -59.65 -65.13 23.54
CA ILE B 370 -59.63 -64.06 22.56
C ILE B 370 -58.56 -63.11 23.03
N ALA B 371 -58.83 -62.46 24.15
CA ALA B 371 -57.93 -61.43 24.67
C ALA B 371 -56.44 -61.84 24.77
N VAL B 372 -56.13 -63.00 25.32
CA VAL B 372 -54.71 -63.29 25.53
C VAL B 372 -53.96 -63.26 24.20
N PRO B 373 -54.57 -63.78 23.14
CA PRO B 373 -53.82 -63.71 21.86
C PRO B 373 -53.79 -62.31 21.28
N VAL B 374 -54.87 -61.57 21.44
CA VAL B 374 -54.90 -60.21 20.99
C VAL B 374 -53.70 -59.48 21.55
N VAL B 375 -53.56 -59.56 22.86
CA VAL B 375 -52.54 -58.85 23.62
C VAL B 375 -51.12 -59.30 23.26
N LEU B 376 -50.98 -60.58 22.95
CA LEU B 376 -49.66 -61.08 22.66
C LEU B 376 -49.20 -60.58 21.30
N LEU B 377 -50.12 -60.51 20.34
CA LEU B 377 -49.84 -59.89 19.03
C LEU B 377 -49.45 -58.42 19.20
N GLY B 378 -50.22 -57.71 20.00
CA GLY B 378 -49.95 -56.32 20.23
C GLY B 378 -48.50 -56.12 20.61
N THR B 379 -48.12 -56.75 21.73
CA THR B 379 -46.81 -56.56 22.33
C THR B 379 -45.69 -56.53 21.29
N PHE B 380 -45.70 -57.50 20.39
CA PHE B 380 -44.74 -57.56 19.29
C PHE B 380 -44.72 -56.24 18.48
N GLY B 381 -45.90 -55.75 18.15
CA GLY B 381 -45.96 -54.50 17.45
C GLY B 381 -45.33 -53.46 18.32
N VAL B 382 -45.68 -53.49 19.60
CA VAL B 382 -45.15 -52.49 20.53
C VAL B 382 -43.63 -52.60 20.64
N LEU B 383 -43.08 -53.80 20.45
CA LEU B 383 -41.66 -53.98 20.56
C LEU B 383 -41.07 -53.43 19.28
N ALA B 384 -41.77 -53.66 18.19
CA ALA B 384 -41.35 -53.17 16.88
C ALA B 384 -41.24 -51.66 16.91
N ALA B 385 -42.28 -51.01 17.37
CA ALA B 385 -42.19 -49.56 17.60
C ALA B 385 -40.91 -49.22 18.35
N PHE B 386 -40.67 -49.93 19.46
CA PHE B 386 -39.55 -49.61 20.34
C PHE B 386 -38.19 -49.96 19.74
N GLY B 387 -38.16 -50.82 18.74
CA GLY B 387 -36.92 -51.15 18.08
C GLY B 387 -36.26 -52.36 18.67
N PHE B 388 -37.01 -53.11 19.47
CA PHE B 388 -36.47 -54.31 20.07
C PHE B 388 -36.53 -55.43 19.06
N SER B 389 -36.02 -56.60 19.41
CA SER B 389 -36.06 -57.72 18.49
C SER B 389 -36.67 -58.96 19.17
N ILE B 390 -36.80 -60.03 18.38
CA ILE B 390 -37.28 -61.29 18.85
C ILE B 390 -36.04 -62.04 19.22
N ASN B 391 -35.73 -62.03 20.50
CA ASN B 391 -34.53 -62.68 21.01
C ASN B 391 -34.86 -63.53 22.24
N THR B 392 -33.88 -64.31 22.65
CA THR B 392 -33.94 -65.12 23.87
C THR B 392 -34.58 -64.45 25.06
N LEU B 393 -34.25 -63.18 25.25
CA LEU B 393 -34.69 -62.42 26.40
C LEU B 393 -36.09 -61.87 26.18
N THR B 394 -36.35 -61.26 25.01
CA THR B 394 -37.68 -60.70 24.76
C THR B 394 -38.77 -61.79 24.81
N MET B 395 -38.44 -62.97 24.34
CA MET B 395 -39.32 -64.12 24.36
C MET B 395 -39.60 -64.61 25.78
N PHE B 396 -38.60 -65.16 26.47
CA PHE B 396 -38.82 -65.52 27.87
C PHE B 396 -39.60 -64.40 28.57
N GLY B 397 -39.33 -63.16 28.24
CA GLY B 397 -40.06 -62.06 28.86
C GLY B 397 -41.56 -62.17 28.58
N MET B 398 -41.90 -62.93 27.54
CA MET B 398 -43.29 -63.18 27.17
C MET B 398 -43.87 -64.27 28.06
N VAL B 399 -43.07 -65.31 28.24
CA VAL B 399 -43.39 -66.40 29.12
C VAL B 399 -43.72 -65.89 30.49
N LEU B 400 -42.87 -65.01 31.00
CA LEU B 400 -43.08 -64.46 32.33
C LEU B 400 -44.37 -63.67 32.34
N ALA B 401 -44.69 -63.02 31.22
CA ALA B 401 -45.85 -62.12 31.12
C ALA B 401 -47.18 -62.87 31.28
N ILE B 402 -47.16 -64.13 30.87
CA ILE B 402 -48.37 -64.96 30.81
C ILE B 402 -49.23 -64.98 32.08
N GLY B 403 -48.63 -65.18 33.24
CA GLY B 403 -49.40 -65.15 34.45
C GLY B 403 -50.26 -63.92 34.48
N LEU B 404 -49.63 -62.80 34.16
CA LEU B 404 -50.29 -61.50 34.22
C LEU B 404 -51.37 -61.34 33.11
N LEU B 405 -51.21 -62.03 31.98
CA LEU B 405 -52.10 -61.88 30.83
C LEU B 405 -53.36 -62.67 31.07
N VAL B 406 -53.14 -63.93 31.39
CA VAL B 406 -54.15 -64.85 31.85
C VAL B 406 -54.92 -64.29 33.05
N ASP B 407 -54.24 -63.56 33.91
CA ASP B 407 -54.88 -63.02 35.10
C ASP B 407 -55.92 -61.97 34.81
N ASP B 408 -55.52 -60.89 34.13
CA ASP B 408 -56.42 -59.77 33.69
C ASP B 408 -57.74 -60.31 33.08
N ALA B 409 -57.61 -61.32 32.24
CA ALA B 409 -58.75 -61.93 31.61
C ALA B 409 -59.67 -62.59 32.65
N ILE B 410 -59.08 -63.52 33.41
CA ILE B 410 -59.81 -64.27 34.44
C ILE B 410 -60.52 -63.36 35.43
N VAL B 411 -59.82 -62.34 35.88
CA VAL B 411 -60.48 -61.52 36.90
C VAL B 411 -61.73 -60.86 36.33
N VAL B 412 -61.59 -60.27 35.16
CA VAL B 412 -62.69 -59.60 34.46
C VAL B 412 -63.87 -60.54 34.23
N VAL B 413 -63.60 -61.71 33.65
CA VAL B 413 -64.69 -62.64 33.40
C VAL B 413 -65.29 -63.29 34.65
N GLU B 414 -64.43 -63.79 35.55
CA GLU B 414 -64.90 -64.42 36.78
C GLU B 414 -65.72 -63.46 37.56
N ASN B 415 -65.44 -62.17 37.47
CA ASN B 415 -66.15 -61.23 38.33
C ASN B 415 -67.49 -60.79 37.76
N VAL B 416 -67.74 -61.06 36.47
CA VAL B 416 -68.99 -60.64 35.86
C VAL B 416 -69.88 -61.78 36.17
N GLU B 417 -69.29 -62.95 35.92
CA GLU B 417 -69.88 -64.25 36.16
C GLU B 417 -70.40 -64.31 37.56
N ARG B 418 -69.64 -63.78 38.50
CA ARG B 418 -70.04 -63.79 39.90
C ARG B 418 -71.16 -62.81 40.21
N VAL B 419 -71.02 -61.57 39.77
CA VAL B 419 -72.05 -60.54 39.95
C VAL B 419 -73.44 -60.97 39.45
N MET B 420 -73.46 -61.67 38.32
CA MET B 420 -74.71 -62.14 37.75
C MET B 420 -75.33 -63.14 38.70
N ALA B 421 -74.46 -63.93 39.33
CA ALA B 421 -74.86 -65.02 40.19
C ALA B 421 -75.42 -64.51 41.52
N GLU B 422 -74.79 -63.49 42.07
CA GLU B 422 -75.21 -63.00 43.39
C GLU B 422 -76.39 -62.05 43.30
N GLU B 423 -76.42 -61.19 42.29
CA GLU B 423 -77.51 -60.22 42.17
C GLU B 423 -78.44 -60.53 40.99
N GLY B 424 -78.26 -61.69 40.38
CA GLY B 424 -79.06 -62.05 39.22
C GLY B 424 -79.10 -61.01 38.12
N LEU B 425 -78.13 -60.10 38.09
CA LEU B 425 -78.04 -59.11 37.03
C LEU B 425 -77.76 -59.81 35.71
N SER B 426 -78.07 -59.13 34.62
CA SER B 426 -77.80 -59.69 33.29
C SER B 426 -76.39 -59.36 32.85
N PRO B 427 -75.85 -60.15 31.90
CA PRO B 427 -74.53 -59.88 31.33
C PRO B 427 -74.23 -58.38 31.16
N ARG B 428 -75.02 -57.67 30.39
CA ARG B 428 -74.80 -56.25 30.19
C ARG B 428 -74.68 -55.55 31.53
N GLU B 429 -75.72 -55.65 32.34
CA GLU B 429 -75.78 -54.96 33.63
C GLU B 429 -74.66 -55.34 34.58
N ALA B 430 -74.37 -56.63 34.66
CA ALA B 430 -73.29 -57.16 35.48
C ALA B 430 -71.96 -56.56 35.02
N ALA B 431 -71.75 -56.66 33.70
CA ALA B 431 -70.56 -56.14 33.02
C ALA B 431 -70.30 -54.70 33.34
N ARG B 432 -71.33 -53.88 33.32
CA ARG B 432 -71.09 -52.50 33.71
C ARG B 432 -70.63 -52.56 35.17
N LYS B 433 -71.49 -53.16 36.00
CA LYS B 433 -71.34 -53.33 37.45
C LYS B 433 -69.94 -53.78 37.90
N SER B 434 -69.42 -54.84 37.31
CA SER B 434 -68.06 -55.26 37.61
C SER B 434 -67.08 -54.13 37.34
N MET B 435 -67.04 -53.67 36.09
CA MET B 435 -66.12 -52.59 35.68
C MET B 435 -66.29 -51.33 36.51
N GLY B 436 -67.45 -51.16 37.13
CA GLY B 436 -67.60 -50.03 38.05
C GLY B 436 -66.76 -50.31 39.30
N GLN B 437 -66.74 -51.58 39.70
CA GLN B 437 -66.05 -52.02 40.88
C GLN B 437 -64.52 -51.93 40.71
N ILE B 438 -64.00 -52.83 39.87
CA ILE B 438 -62.60 -52.93 39.63
C ILE B 438 -62.08 -51.64 38.93
N GLN B 439 -61.70 -51.71 37.67
CA GLN B 439 -61.52 -50.54 36.80
C GLN B 439 -60.55 -49.47 37.24
N GLY B 440 -60.83 -48.81 38.34
CA GLY B 440 -59.83 -47.93 38.96
C GLY B 440 -58.65 -48.79 39.34
N ALA B 441 -58.96 -49.84 40.09
CA ALA B 441 -57.99 -50.77 40.57
C ALA B 441 -57.03 -51.11 39.48
N LEU B 442 -57.55 -51.50 38.31
CA LEU B 442 -56.73 -51.95 37.16
C LEU B 442 -55.87 -50.80 36.62
N VAL B 443 -56.41 -49.58 36.59
CA VAL B 443 -55.60 -48.47 36.16
C VAL B 443 -54.54 -48.35 37.24
N GLY B 444 -54.97 -48.51 38.48
CA GLY B 444 -54.08 -48.43 39.64
C GLY B 444 -52.97 -49.44 39.55
N ILE B 445 -53.34 -50.67 39.23
CA ILE B 445 -52.35 -51.71 39.15
C ILE B 445 -51.48 -51.62 37.93
N ALA B 446 -51.95 -50.93 36.88
CA ALA B 446 -51.15 -50.81 35.65
C ALA B 446 -49.98 -49.89 35.96
N MET B 447 -50.30 -48.84 36.72
CA MET B 447 -49.31 -47.91 37.23
C MET B 447 -48.30 -48.57 38.16
N VAL B 448 -48.80 -49.16 39.25
CA VAL B 448 -47.98 -49.85 40.27
C VAL B 448 -47.06 -50.85 39.59
N LEU B 449 -47.54 -51.51 38.56
CA LEU B 449 -46.69 -52.54 37.96
C LEU B 449 -45.62 -51.92 37.07
N SER B 450 -45.90 -50.74 36.51
CA SER B 450 -44.93 -50.09 35.67
C SER B 450 -43.82 -49.64 36.60
N ALA B 451 -44.25 -49.17 37.76
CA ALA B 451 -43.33 -48.71 38.82
C ALA B 451 -42.51 -49.85 39.42
N VAL B 452 -42.84 -51.09 39.07
CA VAL B 452 -42.10 -52.24 39.57
C VAL B 452 -41.18 -52.78 38.50
N PHE B 453 -41.52 -52.56 37.23
CA PHE B 453 -40.68 -53.14 36.16
C PHE B 453 -39.80 -52.10 35.43
N LEU B 454 -40.16 -50.81 35.52
CA LEU B 454 -39.45 -49.78 34.75
C LEU B 454 -38.08 -49.41 35.29
N PRO B 455 -37.94 -49.29 36.62
CA PRO B 455 -36.65 -48.89 37.14
C PRO B 455 -35.48 -49.77 36.66
N MET B 456 -35.66 -51.08 36.63
CA MET B 456 -34.64 -51.94 36.04
C MET B 456 -34.11 -51.27 34.79
N ALA B 457 -35.03 -50.96 33.86
CA ALA B 457 -34.62 -50.41 32.55
C ALA B 457 -33.55 -49.30 32.67
N PHE B 458 -33.59 -48.57 33.76
CA PHE B 458 -32.76 -47.42 33.93
C PHE B 458 -31.35 -47.81 34.40
N PHE B 459 -31.07 -49.11 34.46
CA PHE B 459 -29.74 -49.50 34.81
C PHE B 459 -28.88 -49.17 33.62
N GLY B 460 -27.64 -48.76 33.90
CA GLY B 460 -26.64 -48.49 32.89
C GLY B 460 -25.97 -49.80 32.65
N GLY B 461 -25.07 -49.86 31.69
CA GLY B 461 -24.22 -51.03 31.49
C GLY B 461 -24.80 -52.23 30.80
N SER B 462 -24.12 -53.34 31.01
CA SER B 462 -24.50 -54.62 30.47
C SER B 462 -25.74 -55.27 31.18
N THR B 463 -25.72 -55.36 32.52
CA THR B 463 -26.87 -55.93 33.21
C THR B 463 -28.06 -55.04 32.87
N GLY B 464 -27.77 -53.85 32.41
CA GLY B 464 -28.85 -52.93 32.03
C GLY B 464 -29.52 -53.31 30.72
N VAL B 465 -28.75 -53.80 29.77
CA VAL B 465 -29.35 -54.17 28.52
C VAL B 465 -30.24 -55.40 28.66
N ILE B 466 -29.80 -56.39 29.44
CA ILE B 466 -30.55 -57.64 29.66
C ILE B 466 -31.89 -57.30 30.32
N TYR B 467 -31.82 -56.53 31.40
CA TYR B 467 -33.00 -56.23 32.16
C TYR B 467 -33.99 -55.40 31.35
N ARG B 468 -33.46 -54.48 30.56
CA ARG B 468 -34.28 -53.60 29.72
C ARG B 468 -35.15 -54.43 28.76
N GLN B 469 -34.64 -55.57 28.29
CA GLN B 469 -35.41 -56.40 27.41
C GLN B 469 -36.64 -56.92 28.17
N PHE B 470 -36.41 -57.66 29.25
CA PHE B 470 -37.45 -58.21 30.11
C PHE B 470 -38.43 -57.14 30.54
N SER B 471 -37.86 -56.02 30.94
CA SER B 471 -38.67 -54.95 31.45
C SER B 471 -39.61 -54.37 30.38
N ILE B 472 -39.08 -53.99 29.22
CA ILE B 472 -39.88 -53.31 28.19
C ILE B 472 -40.92 -54.29 27.62
N THR B 473 -40.55 -55.54 27.41
CA THR B 473 -41.54 -56.47 26.89
C THR B 473 -42.58 -56.90 27.94
N ILE B 474 -42.19 -57.06 29.19
CA ILE B 474 -43.16 -57.42 30.24
C ILE B 474 -44.17 -56.26 30.36
N VAL B 475 -43.70 -55.04 30.52
CA VAL B 475 -44.63 -53.92 30.78
C VAL B 475 -45.41 -53.45 29.55
N SER B 476 -44.98 -53.87 28.37
CA SER B 476 -45.69 -53.54 27.17
C SER B 476 -46.92 -54.42 27.17
N ALA B 477 -46.72 -55.71 27.43
CA ALA B 477 -47.81 -56.69 27.50
C ALA B 477 -48.80 -56.29 28.60
N MET B 478 -48.24 -56.05 29.76
CA MET B 478 -49.01 -55.63 30.89
C MET B 478 -49.92 -54.49 30.52
N ALA B 479 -49.35 -53.36 30.12
CA ALA B 479 -50.12 -52.16 29.67
C ALA B 479 -51.14 -52.48 28.55
N LEU B 480 -50.76 -53.31 27.58
CA LEU B 480 -51.70 -53.74 26.59
C LEU B 480 -52.81 -54.55 27.22
N SER B 481 -52.40 -55.50 28.08
CA SER B 481 -53.31 -56.42 28.76
C SER B 481 -54.41 -55.70 29.49
N VAL B 482 -54.06 -54.55 30.01
CA VAL B 482 -55.00 -53.76 30.77
C VAL B 482 -55.93 -53.06 29.80
N ILE B 483 -55.36 -52.42 28.77
CA ILE B 483 -56.13 -51.71 27.75
C ILE B 483 -57.22 -52.63 27.29
N VAL B 484 -56.84 -53.88 26.95
CA VAL B 484 -57.74 -54.91 26.42
C VAL B 484 -58.73 -55.43 27.48
N ALA B 485 -58.36 -55.27 28.77
CA ALA B 485 -59.18 -55.68 29.90
C ALA B 485 -60.15 -54.59 30.18
N LEU B 486 -59.97 -53.47 29.51
CA LEU B 486 -60.90 -52.35 29.69
C LEU B 486 -61.83 -52.08 28.50
N ILE B 487 -61.45 -52.53 27.32
CA ILE B 487 -62.18 -52.17 26.12
C ILE B 487 -62.87 -53.42 25.62
N LEU B 488 -62.06 -54.34 25.12
CA LEU B 488 -62.52 -55.59 24.62
C LEU B 488 -63.30 -56.38 25.68
N THR B 489 -62.61 -57.13 26.53
CA THR B 489 -63.19 -58.18 27.40
C THR B 489 -64.47 -57.82 28.14
N PRO B 490 -64.52 -56.64 28.75
CA PRO B 490 -65.82 -56.41 29.31
C PRO B 490 -66.92 -56.46 28.22
N ALA B 491 -66.61 -55.93 27.02
CA ALA B 491 -67.55 -55.98 25.90
C ALA B 491 -67.88 -57.39 25.57
N LEU B 492 -66.86 -58.24 25.50
CA LEU B 492 -67.14 -59.67 25.19
C LEU B 492 -68.01 -60.37 26.25
N CYS B 493 -67.99 -59.86 27.48
CA CYS B 493 -68.70 -60.50 28.55
C CYS B 493 -70.17 -60.16 28.40
N ALA B 494 -70.41 -58.87 28.19
CA ALA B 494 -71.76 -58.38 28.00
C ALA B 494 -72.42 -59.06 26.81
N THR B 495 -71.64 -59.40 25.81
CA THR B 495 -72.14 -59.99 24.58
C THR B 495 -72.24 -61.51 24.60
N MET B 496 -71.23 -62.21 25.12
CA MET B 496 -71.14 -63.67 24.91
C MET B 496 -71.54 -64.55 26.10
N LEU B 497 -71.81 -63.98 27.28
CA LEU B 497 -72.18 -64.82 28.43
C LEU B 497 -73.68 -64.86 28.67
N LYS B 498 -74.20 -66.04 28.97
CA LYS B 498 -75.60 -66.21 29.34
C LYS B 498 -75.76 -65.88 30.80
N PRO B 499 -77.02 -65.62 31.22
CA PRO B 499 -77.33 -65.29 32.61
C PRO B 499 -77.25 -66.47 33.57
N ILE B 500 -77.31 -66.15 34.86
CA ILE B 500 -77.31 -67.14 35.92
C ILE B 500 -78.42 -66.82 36.94
N GLU B 501 -79.20 -67.84 37.29
CA GLU B 501 -80.26 -67.71 38.31
C GLU B 501 -79.69 -67.19 39.64
N LYS B 502 -80.04 -65.97 40.03
CA LYS B 502 -79.54 -65.41 41.29
C LYS B 502 -79.50 -66.46 42.41
N GLY B 503 -78.35 -66.58 43.05
CA GLY B 503 -78.14 -67.52 44.15
C GLY B 503 -77.77 -68.92 43.71
N ASP B 504 -77.72 -69.16 42.40
CA ASP B 504 -77.39 -70.47 41.84
C ASP B 504 -75.88 -70.69 41.79
N HIS B 505 -75.38 -71.57 42.64
CA HIS B 505 -73.96 -71.86 42.69
C HIS B 505 -73.71 -73.29 42.31
N GLY B 506 -74.66 -73.85 41.56
CA GLY B 506 -74.54 -75.20 40.97
C GLY B 506 -74.23 -76.36 41.91
N GLU B 507 -74.63 -76.26 43.18
CA GLU B 507 -74.39 -77.33 44.16
C GLU B 507 -75.40 -78.46 43.98
N HIS B 508 -76.12 -78.42 42.85
CA HIS B 508 -77.16 -79.40 42.55
C HIS B 508 -76.85 -80.22 41.31
N LYS B 509 -76.05 -79.65 40.40
CA LYS B 509 -75.73 -80.26 39.11
C LYS B 509 -75.41 -81.75 39.19
N GLY B 510 -75.12 -82.23 40.38
CA GLY B 510 -74.76 -83.63 40.54
C GLY B 510 -73.57 -84.02 39.69
N GLY B 511 -73.13 -85.25 39.83
CA GLY B 511 -71.94 -85.71 39.12
C GLY B 511 -70.70 -84.95 39.56
N PHE B 512 -69.71 -84.89 38.68
CA PHE B 512 -68.47 -84.23 39.02
C PHE B 512 -68.73 -82.78 39.38
N PHE B 513 -69.26 -82.04 38.41
CA PHE B 513 -69.58 -80.64 38.62
C PHE B 513 -70.39 -80.46 39.88
N GLY B 514 -71.32 -81.39 40.11
CA GLY B 514 -72.13 -81.37 41.32
C GLY B 514 -71.30 -81.52 42.57
N TRP B 515 -70.39 -82.48 42.55
CA TRP B 515 -69.43 -82.67 43.65
C TRP B 515 -68.50 -81.47 43.85
N PHE B 516 -67.87 -81.01 42.75
CA PHE B 516 -66.89 -79.92 42.79
C PHE B 516 -67.45 -78.67 43.47
N ASN B 517 -68.65 -78.27 43.07
CA ASN B 517 -69.22 -77.05 43.58
C ASN B 517 -69.52 -77.16 45.06
N ARG B 518 -69.81 -78.37 45.54
CA ARG B 518 -70.06 -78.49 46.96
C ARG B 518 -68.69 -78.49 47.66
N MET B 519 -67.75 -79.25 47.15
CA MET B 519 -66.38 -79.24 47.67
C MET B 519 -65.84 -77.82 47.82
N PHE B 520 -65.78 -77.08 46.70
CA PHE B 520 -65.22 -75.72 46.71
C PHE B 520 -66.03 -74.77 47.58
N LEU B 521 -67.34 -74.98 47.57
CA LEU B 521 -68.24 -74.17 48.37
C LEU B 521 -67.90 -74.36 49.81
N SER B 522 -67.58 -75.59 50.20
CA SER B 522 -67.18 -75.79 51.58
C SER B 522 -65.80 -75.23 51.80
N THR B 523 -64.87 -75.54 50.90
CA THR B 523 -63.49 -75.00 51.04
C THR B 523 -63.45 -73.49 51.27
N THR B 524 -64.33 -72.76 50.60
CA THR B 524 -64.38 -71.32 50.78
C THR B 524 -64.82 -71.04 52.18
N HIS B 525 -65.90 -71.69 52.63
CA HIS B 525 -66.46 -71.47 53.97
C HIS B 525 -65.38 -71.71 55.02
N GLY B 526 -64.64 -72.78 54.84
CA GLY B 526 -63.42 -72.99 55.63
C GLY B 526 -62.50 -71.78 55.66
N TYR B 527 -62.17 -71.26 54.47
CA TYR B 527 -61.26 -70.12 54.36
C TYR B 527 -61.79 -68.86 55.05
N GLU B 528 -63.05 -68.52 54.83
CA GLU B 528 -63.51 -67.31 55.45
C GLU B 528 -63.25 -67.51 56.94
N ARG B 529 -63.64 -68.68 57.49
CA ARG B 529 -63.39 -69.04 58.92
C ARG B 529 -61.94 -68.92 59.38
N GLY B 530 -61.02 -69.58 58.69
CA GLY B 530 -59.61 -69.35 59.00
C GLY B 530 -59.32 -67.86 59.09
N VAL B 531 -59.69 -67.15 58.04
CA VAL B 531 -59.42 -65.73 57.95
C VAL B 531 -60.07 -65.06 59.17
N ALA B 532 -61.30 -65.46 59.48
CA ALA B 532 -62.05 -64.88 60.61
C ALA B 532 -61.34 -65.23 61.92
N SER B 533 -60.85 -66.46 61.97
CA SER B 533 -60.06 -66.95 63.09
C SER B 533 -58.85 -66.02 63.26
N ILE B 534 -58.00 -65.95 62.23
CA ILE B 534 -56.83 -65.05 62.22
C ILE B 534 -57.15 -63.61 62.63
N LEU B 535 -58.24 -63.06 62.13
CA LEU B 535 -58.60 -61.68 62.44
C LEU B 535 -58.97 -61.47 63.91
N LYS B 536 -59.17 -62.58 64.63
CA LYS B 536 -59.41 -62.52 66.10
C LYS B 536 -58.07 -62.46 66.84
N HIS B 537 -57.24 -63.47 66.62
CA HIS B 537 -55.95 -63.58 67.27
C HIS B 537 -54.83 -63.08 66.36
N ARG B 538 -54.79 -61.77 66.17
CA ARG B 538 -53.91 -61.18 65.17
C ARG B 538 -52.42 -61.27 65.50
N ALA B 539 -51.98 -60.49 66.50
CA ALA B 539 -50.58 -60.46 66.97
C ALA B 539 -49.77 -61.73 66.68
N PRO B 540 -50.15 -62.85 67.31
CA PRO B 540 -49.51 -64.11 66.94
C PRO B 540 -49.20 -64.26 65.44
N TYR B 541 -50.07 -63.73 64.58
CA TYR B 541 -49.91 -63.90 63.12
C TYR B 541 -49.01 -62.79 62.55
N LEU B 542 -49.23 -61.58 62.99
CA LEU B 542 -48.30 -60.53 62.64
C LEU B 542 -46.92 -61.06 62.99
N LEU B 543 -46.89 -61.65 64.19
CA LEU B 543 -45.72 -62.28 64.77
C LEU B 543 -45.07 -63.20 63.78
N ILE B 544 -45.82 -64.22 63.36
CA ILE B 544 -45.32 -65.18 62.37
C ILE B 544 -44.88 -64.48 61.08
N TYR B 545 -45.54 -63.37 60.75
CA TYR B 545 -45.19 -62.61 59.56
C TYR B 545 -43.72 -62.16 59.69
N VAL B 546 -43.37 -61.67 60.88
CA VAL B 546 -41.99 -61.27 61.15
C VAL B 546 -41.00 -62.42 60.90
N VAL B 547 -41.43 -63.65 61.14
CA VAL B 547 -40.57 -64.83 60.93
C VAL B 547 -40.51 -65.19 59.43
N ILE B 548 -41.59 -64.91 58.68
CA ILE B 548 -41.56 -65.07 57.19
C ILE B 548 -40.47 -64.14 56.65
N VAL B 549 -40.54 -62.90 57.10
CA VAL B 549 -39.58 -61.88 56.69
C VAL B 549 -38.15 -62.35 56.99
N ALA B 550 -37.80 -62.33 58.28
CA ALA B 550 -36.46 -62.68 58.75
C ALA B 550 -35.91 -63.86 57.97
N GLY B 551 -36.77 -64.82 57.69
CA GLY B 551 -36.35 -65.98 56.91
C GLY B 551 -35.94 -65.60 55.49
N MET B 552 -36.67 -64.64 54.90
CA MET B 552 -36.41 -64.18 53.53
C MET B 552 -35.01 -63.60 53.47
N ILE B 553 -34.78 -62.57 54.28
CA ILE B 553 -33.47 -61.95 54.39
C ILE B 553 -32.37 -62.98 54.57
N TRP B 554 -32.45 -63.71 55.68
CA TRP B 554 -31.48 -64.75 55.98
C TRP B 554 -31.29 -65.69 54.78
N MET B 555 -32.40 -66.03 54.13
CA MET B 555 -32.36 -66.92 52.99
C MET B 555 -31.67 -66.23 51.79
N PHE B 556 -31.71 -64.91 51.79
CA PHE B 556 -31.02 -64.13 50.75
C PHE B 556 -29.53 -64.24 50.96
N THR B 557 -29.13 -64.02 52.20
CA THR B 557 -27.73 -64.04 52.58
C THR B 557 -27.23 -65.48 52.69
N ARG B 558 -27.44 -66.25 51.64
CA ARG B 558 -27.05 -67.66 51.62
C ARG B 558 -27.16 -68.25 50.23
N ILE B 559 -27.88 -67.57 49.34
CA ILE B 559 -28.08 -68.04 47.97
C ILE B 559 -26.96 -67.51 47.06
N PRO B 560 -26.31 -68.41 46.31
CA PRO B 560 -25.22 -67.97 45.42
C PRO B 560 -25.69 -66.99 44.31
N THR B 561 -25.17 -65.77 44.35
CA THR B 561 -25.52 -64.75 43.35
C THR B 561 -24.75 -64.98 42.05
N ALA B 562 -25.41 -64.80 40.91
CA ALA B 562 -24.77 -65.00 39.61
C ALA B 562 -25.38 -64.09 38.55
N PHE B 563 -24.67 -63.93 37.44
CA PHE B 563 -25.09 -63.06 36.35
C PHE B 563 -26.21 -63.72 35.52
N LEU B 564 -25.94 -64.94 35.03
CA LEU B 564 -26.91 -65.70 34.26
C LEU B 564 -26.72 -67.20 34.46
N PRO B 565 -27.80 -68.00 34.32
CA PRO B 565 -27.77 -69.45 34.47
C PRO B 565 -26.60 -70.15 33.77
N ASP B 566 -26.31 -71.37 34.22
CA ASP B 566 -25.20 -72.16 33.68
C ASP B 566 -25.67 -72.97 32.48
N GLU B 567 -25.79 -72.28 31.35
CA GLU B 567 -26.35 -72.89 30.15
C GLU B 567 -25.40 -73.92 29.55
N ASP B 568 -25.96 -75.01 29.05
CA ASP B 568 -25.16 -76.00 28.33
C ASP B 568 -25.27 -75.72 26.82
N GLN B 569 -24.33 -74.92 26.33
CA GLN B 569 -24.15 -74.76 24.92
C GLN B 569 -23.48 -76.04 24.45
N GLY B 570 -23.68 -76.42 23.20
CA GLY B 570 -23.10 -77.66 22.75
C GLY B 570 -21.58 -77.61 22.64
N VAL B 571 -20.91 -76.81 23.48
CA VAL B 571 -19.46 -76.62 23.31
C VAL B 571 -18.68 -76.64 24.63
N LEU B 572 -17.37 -76.84 24.56
CA LEU B 572 -16.47 -76.66 25.70
C LEU B 572 -15.05 -76.27 25.23
N PHE B 573 -14.41 -75.31 25.89
CA PHE B 573 -13.04 -74.89 25.54
C PHE B 573 -11.97 -75.69 26.30
N ALA B 574 -10.76 -75.69 25.72
CA ALA B 574 -9.61 -76.37 26.32
C ALA B 574 -8.35 -75.60 26.00
N GLN B 575 -7.77 -74.94 27.00
CA GLN B 575 -6.60 -74.13 26.75
C GLN B 575 -5.32 -74.94 26.95
N VAL B 576 -4.45 -74.94 25.93
CA VAL B 576 -3.16 -75.61 26.03
C VAL B 576 -1.99 -74.63 26.05
N GLN B 577 -1.20 -74.71 27.11
CA GLN B 577 -0.02 -73.88 27.24
C GLN B 577 1.15 -74.75 27.60
N THR B 578 2.01 -75.01 26.63
CA THR B 578 3.20 -75.81 26.86
C THR B 578 4.25 -74.92 27.48
N PRO B 579 5.43 -75.48 27.80
CA PRO B 579 6.48 -74.70 28.45
C PRO B 579 6.99 -73.54 27.58
N PRO B 580 7.35 -72.42 28.23
CA PRO B 580 7.91 -71.27 27.52
C PRO B 580 9.19 -71.65 26.78
N GLY B 581 9.08 -71.72 25.47
CA GLY B 581 10.18 -72.09 24.60
C GLY B 581 9.75 -73.15 23.63
N SER B 582 8.59 -73.74 23.88
CA SER B 582 8.13 -74.88 23.14
C SER B 582 7.85 -74.50 21.69
N SER B 583 8.15 -75.42 20.76
CA SER B 583 7.82 -75.22 19.34
C SER B 583 6.44 -75.74 19.00
N ALA B 584 5.78 -75.08 18.06
CA ALA B 584 4.45 -75.45 17.60
C ALA B 584 4.30 -76.97 17.44
N GLU B 585 5.28 -77.62 16.83
CA GLU B 585 5.26 -79.08 16.69
C GLU B 585 4.99 -79.77 18.03
N ARG B 586 5.57 -79.25 19.10
CA ARG B 586 5.35 -79.83 20.42
C ARG B 586 3.91 -79.62 20.81
N THR B 587 3.50 -78.36 20.86
CA THR B 587 2.14 -78.00 21.24
C THR B 587 1.10 -78.75 20.39
N GLN B 588 1.40 -78.95 19.12
CA GLN B 588 0.50 -79.61 18.19
C GLN B 588 0.06 -80.97 18.69
N VAL B 589 0.94 -81.63 19.43
CA VAL B 589 0.65 -82.97 19.95
C VAL B 589 -0.09 -82.88 21.28
N VAL B 590 0.37 -81.96 22.13
CA VAL B 590 -0.25 -81.78 23.43
C VAL B 590 -1.74 -81.55 23.25
N VAL B 591 -2.12 -81.03 22.08
CA VAL B 591 -3.54 -80.77 21.80
C VAL B 591 -4.16 -81.99 21.11
N ASP B 592 -3.33 -82.89 20.61
CA ASP B 592 -3.81 -84.11 19.96
C ASP B 592 -4.00 -85.25 20.96
N SER B 593 -3.06 -85.40 21.89
CA SER B 593 -3.21 -86.40 22.95
C SER B 593 -4.49 -86.11 23.71
N MET B 594 -5.17 -85.05 23.26
CA MET B 594 -6.45 -84.66 23.77
C MET B 594 -7.50 -85.07 22.76
N ARG B 595 -7.35 -84.58 21.54
CA ARG B 595 -8.30 -84.86 20.47
C ARG B 595 -8.61 -86.34 20.37
N GLU B 596 -7.58 -87.12 20.10
CA GLU B 596 -7.72 -88.57 20.04
C GLU B 596 -8.50 -89.03 21.27
N TYR B 597 -8.13 -88.48 22.43
CA TYR B 597 -8.80 -88.81 23.67
C TYR B 597 -10.28 -88.40 23.67
N LEU B 598 -10.54 -87.10 23.57
CA LEU B 598 -11.92 -86.60 23.53
C LEU B 598 -12.71 -87.35 22.46
N LEU B 599 -12.29 -87.15 21.22
CA LEU B 599 -12.98 -87.71 20.07
C LEU B 599 -13.34 -89.18 20.25
N GLU B 600 -12.52 -89.92 21.00
CA GLU B 600 -12.75 -91.36 21.20
C GLU B 600 -13.34 -91.70 22.58
N LYS B 601 -12.50 -91.75 23.61
CA LYS B 601 -12.93 -92.11 24.96
C LYS B 601 -14.22 -91.38 25.34
N GLU B 602 -14.42 -90.19 24.77
CA GLU B 602 -15.61 -89.40 25.03
C GLU B 602 -16.52 -89.26 23.82
N SER B 603 -16.64 -90.32 23.03
CA SER B 603 -17.51 -90.32 21.87
C SER B 603 -18.99 -90.20 22.27
N SER B 604 -19.30 -90.65 23.48
CA SER B 604 -20.66 -90.59 23.99
C SER B 604 -21.21 -89.18 23.92
N SER B 605 -20.33 -88.20 24.13
CA SER B 605 -20.71 -86.79 24.14
C SER B 605 -20.01 -85.92 23.09
N VAL B 606 -18.83 -86.35 22.61
CA VAL B 606 -18.04 -85.55 21.67
C VAL B 606 -18.22 -85.95 20.21
N SER B 607 -18.54 -84.96 19.38
CA SER B 607 -18.73 -85.16 17.95
C SER B 607 -17.42 -84.91 17.20
N SER B 608 -16.87 -83.70 17.32
CA SER B 608 -15.61 -83.39 16.68
C SER B 608 -14.85 -82.33 17.46
N VAL B 609 -13.53 -82.30 17.30
CA VAL B 609 -12.70 -81.26 17.92
C VAL B 609 -12.04 -80.34 16.87
N PHE B 610 -12.00 -79.04 17.15
CA PHE B 610 -11.33 -78.07 16.28
C PHE B 610 -10.12 -77.51 17.04
N THR B 611 -8.92 -77.93 16.66
CA THR B 611 -7.74 -77.51 17.42
C THR B 611 -6.90 -76.47 16.69
N VAL B 612 -6.11 -75.74 17.47
CA VAL B 612 -5.31 -74.70 16.89
C VAL B 612 -3.95 -74.60 17.57
N THR B 613 -2.91 -74.48 16.74
CA THR B 613 -1.58 -74.16 17.23
C THR B 613 -1.29 -72.69 16.96
N GLY B 614 -0.64 -72.03 17.90
CA GLY B 614 -0.29 -70.63 17.73
C GLY B 614 -1.22 -69.74 18.50
N PHE B 615 -2.51 -70.04 18.49
CA PHE B 615 -3.47 -69.21 19.23
C PHE B 615 -3.92 -69.86 20.54
N ASN B 616 -4.21 -68.98 21.52
CA ASN B 616 -4.63 -69.34 22.86
C ASN B 616 -5.51 -68.22 23.45
N PHE B 617 -5.98 -68.38 24.68
CA PHE B 617 -6.82 -67.35 25.31
C PHE B 617 -6.05 -66.47 26.28
N ALA B 618 -4.80 -66.83 26.57
CA ALA B 618 -3.92 -66.01 27.39
C ALA B 618 -3.00 -65.22 26.48
N GLY B 619 -2.76 -65.77 25.30
CA GLY B 619 -1.84 -65.16 24.36
C GLY B 619 -1.64 -65.94 23.08
N ARG B 620 -0.60 -65.55 22.34
CA ARG B 620 -0.27 -66.17 21.08
C ARG B 620 1.21 -66.54 21.09
N GLY B 621 1.53 -67.59 20.35
CA GLY B 621 2.86 -68.08 20.24
C GLY B 621 2.84 -69.57 20.05
N GLN B 622 3.99 -70.12 19.66
CA GLN B 622 4.12 -71.56 19.51
C GLN B 622 3.80 -72.33 20.81
N SER B 623 4.04 -71.75 22.00
CA SER B 623 3.68 -72.44 23.24
C SER B 623 2.19 -72.29 23.61
N SER B 624 1.42 -71.64 22.74
CA SER B 624 0.02 -71.35 23.03
C SER B 624 -0.87 -72.19 22.13
N GLY B 625 -1.73 -73.00 22.74
CA GLY B 625 -2.54 -73.91 21.96
C GLY B 625 -3.95 -73.94 22.49
N MET B 626 -4.85 -74.57 21.74
CA MET B 626 -6.25 -74.69 22.17
C MET B 626 -7.07 -75.66 21.32
N ALA B 627 -8.13 -76.19 21.93
CA ALA B 627 -9.07 -77.10 21.27
C ALA B 627 -10.50 -76.65 21.54
N PHE B 628 -11.30 -76.66 20.48
CA PHE B 628 -12.71 -76.31 20.56
C PHE B 628 -13.49 -77.62 20.43
N ILE B 629 -13.78 -78.18 21.60
CA ILE B 629 -14.49 -79.43 21.74
C ILE B 629 -15.98 -79.23 21.50
N MET B 630 -16.44 -79.62 20.32
CA MET B 630 -17.89 -79.54 20.02
C MET B 630 -18.66 -80.54 20.88
N LEU B 631 -19.93 -80.72 20.56
CA LEU B 631 -20.78 -81.72 21.22
C LEU B 631 -22.04 -81.93 20.39
N LYS B 632 -22.54 -83.16 20.42
CA LYS B 632 -23.73 -83.51 19.66
C LYS B 632 -24.98 -83.01 20.39
N PRO B 633 -26.05 -82.71 19.63
CA PRO B 633 -27.24 -82.07 20.19
C PRO B 633 -27.66 -82.66 21.55
N TRP B 634 -28.02 -81.78 22.46
CA TRP B 634 -28.44 -82.16 23.81
C TRP B 634 -29.18 -83.50 23.83
N GLU B 635 -30.13 -83.64 22.91
CA GLU B 635 -30.95 -84.84 22.82
C GLU B 635 -30.12 -86.12 22.89
N GLU B 636 -29.19 -86.30 21.95
CA GLU B 636 -28.45 -87.57 21.84
C GLU B 636 -27.33 -87.73 22.89
N ARG B 637 -27.47 -87.06 24.02
CA ARG B 637 -26.50 -87.19 25.12
C ARG B 637 -27.07 -86.77 26.48
N PRO B 638 -28.19 -87.38 26.89
CA PRO B 638 -28.80 -87.02 28.17
C PRO B 638 -28.04 -87.58 29.38
N GLY B 639 -28.65 -87.48 30.56
CA GLY B 639 -28.00 -87.92 31.79
C GLY B 639 -26.82 -87.04 32.17
N GLY B 640 -26.88 -86.49 33.39
CA GLY B 640 -25.84 -85.61 33.89
C GLY B 640 -24.42 -86.00 33.54
N GLU B 641 -24.12 -87.29 33.46
CA GLU B 641 -22.77 -87.74 33.15
C GLU B 641 -22.27 -87.22 31.79
N ASN B 642 -23.18 -86.91 30.87
CA ASN B 642 -22.81 -86.37 29.56
C ASN B 642 -23.17 -84.89 29.41
N SER B 643 -23.07 -84.14 30.50
CA SER B 643 -23.27 -82.70 30.47
C SER B 643 -21.93 -82.05 30.17
N VAL B 644 -21.94 -80.91 29.49
CA VAL B 644 -20.67 -80.25 29.16
C VAL B 644 -19.93 -80.04 30.47
N PHE B 645 -20.69 -79.84 31.53
CA PHE B 645 -20.14 -79.60 32.85
C PHE B 645 -19.58 -80.89 33.48
N GLU B 646 -20.03 -82.03 32.99
CA GLU B 646 -19.52 -83.30 33.48
C GLU B 646 -18.38 -83.77 32.60
N LEU B 647 -18.57 -83.61 31.30
CA LEU B 647 -17.53 -83.91 30.33
C LEU B 647 -16.23 -83.23 30.70
N ALA B 648 -16.36 -82.01 31.22
CA ALA B 648 -15.21 -81.21 31.64
C ALA B 648 -14.42 -82.02 32.65
N LYS B 649 -15.05 -82.28 33.79
CA LYS B 649 -14.44 -83.02 34.89
C LYS B 649 -13.60 -84.19 34.37
N ARG B 650 -14.17 -84.97 33.48
CA ARG B 650 -13.43 -86.06 32.88
C ARG B 650 -12.25 -85.51 32.10
N ALA B 651 -12.55 -84.66 31.11
CA ALA B 651 -11.52 -84.08 30.28
C ALA B 651 -10.37 -83.58 31.15
N GLN B 652 -10.71 -82.82 32.18
CA GLN B 652 -9.71 -82.30 33.13
C GLN B 652 -8.83 -83.44 33.63
N MET B 653 -9.43 -84.32 34.45
CA MET B 653 -8.67 -85.38 35.09
C MET B 653 -7.68 -86.02 34.14
N HIS B 654 -8.13 -86.40 32.94
CA HIS B 654 -7.23 -86.99 31.96
C HIS B 654 -6.02 -86.07 31.81
N PHE B 655 -6.28 -84.82 31.43
CA PHE B 655 -5.23 -83.84 31.21
C PHE B 655 -4.38 -83.66 32.46
N PHE B 656 -4.96 -83.96 33.62
CA PHE B 656 -4.24 -83.85 34.89
C PHE B 656 -2.84 -84.44 34.79
N SER B 657 -2.74 -85.63 34.24
CA SER B 657 -1.45 -86.24 34.02
C SER B 657 -0.77 -85.53 32.87
N PHE B 658 -0.15 -84.40 33.18
CA PHE B 658 0.50 -83.59 32.15
C PHE B 658 1.62 -82.74 32.74
N LYS B 659 2.54 -83.36 33.46
CA LYS B 659 3.68 -82.63 34.01
C LYS B 659 4.58 -82.18 32.88
N ASP B 660 4.00 -81.52 31.89
CA ASP B 660 4.73 -81.11 30.70
C ASP B 660 3.98 -80.09 29.83
N ALA B 661 2.75 -79.76 30.20
CA ALA B 661 1.96 -78.80 29.44
C ALA B 661 0.67 -78.40 30.16
N MET B 662 0.58 -77.16 30.62
CA MET B 662 -0.60 -76.68 31.35
C MET B 662 -1.85 -76.79 30.47
N VAL B 663 -2.81 -77.59 30.93
CA VAL B 663 -4.05 -77.84 30.18
C VAL B 663 -5.28 -77.57 31.06
N PHE B 664 -6.35 -77.06 30.46
CA PHE B 664 -7.55 -76.74 31.21
C PHE B 664 -8.83 -76.87 30.40
N ALA B 665 -9.89 -77.28 31.07
CA ALA B 665 -11.22 -77.36 30.47
C ALA B 665 -12.16 -76.43 31.18
N PHE B 666 -13.07 -75.82 30.43
CA PHE B 666 -14.07 -74.92 31.04
C PHE B 666 -15.19 -74.59 30.06
N ALA B 667 -16.43 -74.74 30.50
CA ALA B 667 -17.57 -74.42 29.63
C ALA B 667 -17.49 -72.94 29.34
N PRO B 668 -17.78 -72.53 28.10
CA PRO B 668 -17.78 -71.10 27.78
C PRO B 668 -18.73 -70.28 28.66
N PRO B 669 -18.63 -68.94 28.61
CA PRO B 669 -19.53 -68.09 29.40
C PRO B 669 -20.99 -68.18 28.94
N SER B 670 -21.91 -67.74 29.79
CA SER B 670 -23.34 -67.83 29.45
C SER B 670 -23.65 -67.01 28.20
N VAL B 671 -23.04 -65.83 28.11
CA VAL B 671 -23.15 -64.98 26.94
C VAL B 671 -21.75 -64.68 26.45
N LEU B 672 -21.34 -65.37 25.39
CA LEU B 672 -19.97 -65.26 24.87
C LEU B 672 -19.46 -63.81 24.81
N GLU B 673 -20.18 -62.97 24.07
CA GLU B 673 -19.83 -61.56 23.89
C GLU B 673 -19.17 -60.91 25.11
N LEU B 674 -19.55 -61.34 26.31
CA LEU B 674 -19.03 -60.76 27.56
C LEU B 674 -17.84 -61.53 28.15
N GLY B 675 -17.73 -62.81 27.81
CA GLY B 675 -16.69 -63.65 28.37
C GLY B 675 -16.81 -63.81 29.87
N ASN B 676 -15.70 -63.58 30.58
CA ASN B 676 -15.62 -63.73 32.04
C ASN B 676 -16.88 -63.24 32.75
N ALA B 677 -17.73 -64.16 33.16
CA ALA B 677 -19.01 -63.81 33.78
C ALA B 677 -18.90 -63.77 35.28
N THR B 678 -18.13 -64.69 35.85
CA THR B 678 -17.91 -64.71 37.28
C THR B 678 -16.50 -64.27 37.62
N GLY B 679 -16.39 -63.30 38.51
CA GLY B 679 -15.10 -62.88 39.00
C GLY B 679 -14.88 -61.39 38.88
N PHE B 680 -13.62 -61.01 38.65
CA PHE B 680 -13.27 -59.64 38.61
C PHE B 680 -12.19 -59.45 37.59
N ASP B 681 -12.06 -58.23 37.07
CA ASP B 681 -11.16 -57.99 35.94
C ASP B 681 -10.57 -56.61 36.12
N LEU B 682 -9.25 -56.52 35.97
CA LEU B 682 -8.55 -55.26 36.23
C LEU B 682 -7.23 -55.27 35.54
N PHE B 683 -6.65 -54.08 35.39
CA PHE B 683 -5.28 -53.97 34.83
C PHE B 683 -4.38 -53.36 35.85
N LEU B 684 -3.21 -53.99 36.01
CA LEU B 684 -2.13 -53.35 36.74
C LEU B 684 -1.43 -52.39 35.75
N GLN B 685 -1.25 -51.13 36.15
CA GLN B 685 -0.66 -50.13 35.25
C GLN B 685 0.52 -49.22 35.77
N ASP B 686 1.55 -49.08 34.93
CA ASP B 686 2.73 -48.20 35.13
C ASP B 686 2.39 -46.87 34.62
N GLN B 687 2.00 -46.01 35.55
CA GLN B 687 1.59 -44.67 35.30
C GLN B 687 2.78 -43.78 35.60
N ALA B 688 4.01 -44.29 35.52
CA ALA B 688 5.21 -43.42 35.66
C ALA B 688 6.43 -43.90 34.93
N GLY B 689 6.25 -44.74 33.91
CA GLY B 689 7.36 -45.28 33.14
C GLY B 689 8.38 -46.00 34.01
N VAL B 690 7.90 -46.51 35.15
CA VAL B 690 8.76 -47.22 36.05
C VAL B 690 9.48 -48.33 35.32
N GLY B 691 8.79 -49.00 34.41
CA GLY B 691 9.40 -50.04 33.57
C GLY B 691 8.75 -51.43 33.65
N HIS B 692 8.99 -52.17 32.59
CA HIS B 692 8.44 -53.49 32.49
C HIS B 692 8.73 -54.25 33.77
N GLU B 693 10.01 -54.55 33.98
CA GLU B 693 10.48 -55.37 35.11
C GLU B 693 9.88 -54.92 36.45
N VAL B 694 9.90 -53.63 36.71
CA VAL B 694 9.25 -53.16 37.92
C VAL B 694 7.82 -53.61 37.86
N LEU B 695 7.12 -53.13 36.84
CA LEU B 695 5.71 -53.43 36.67
C LEU B 695 5.47 -54.91 36.97
N LEU B 696 6.35 -55.76 36.44
CA LEU B 696 6.27 -57.23 36.66
C LEU B 696 6.52 -57.64 38.13
N GLN B 697 7.17 -56.79 38.93
CA GLN B 697 7.31 -57.04 40.34
C GLN B 697 5.95 -56.92 40.96
N ALA B 698 5.14 -56.04 40.36
CA ALA B 698 3.79 -55.77 40.85
C ALA B 698 2.89 -56.95 40.64
N ARG B 699 2.83 -57.42 39.41
CA ARG B 699 1.96 -58.54 39.09
C ARG B 699 2.32 -59.83 39.83
N ASN B 700 3.58 -59.91 40.26
CA ASN B 700 4.05 -61.09 41.01
C ASN B 700 3.85 -60.93 42.52
N LYS B 701 3.88 -59.69 43.01
CA LYS B 701 3.60 -59.41 44.38
C LYS B 701 2.10 -59.48 44.56
N PHE B 702 1.41 -58.95 43.55
CA PHE B 702 -0.03 -58.86 43.57
C PHE B 702 -0.55 -60.25 43.77
N LEU B 703 0.02 -61.15 42.95
CA LEU B 703 -0.40 -62.54 42.83
C LEU B 703 -0.12 -63.33 44.11
N MET B 704 1.12 -63.24 44.60
CA MET B 704 1.56 -63.91 45.82
C MET B 704 1.38 -62.96 47.00
N LEU B 705 0.12 -62.73 47.33
CA LEU B 705 -0.28 -61.81 48.35
C LEU B 705 -1.79 -61.93 48.34
N ALA B 706 -2.37 -61.70 47.18
CA ALA B 706 -3.81 -61.81 47.05
C ALA B 706 -4.16 -63.24 47.43
N ALA B 707 -3.22 -64.15 47.19
CA ALA B 707 -3.34 -65.59 47.54
C ALA B 707 -3.07 -65.91 49.03
N GLN B 708 -2.81 -64.88 49.83
CA GLN B 708 -2.72 -65.00 51.27
C GLN B 708 -3.99 -64.38 51.80
N ASN B 709 -4.83 -63.97 50.86
CA ASN B 709 -6.00 -63.22 51.19
C ASN B 709 -7.24 -64.09 51.10
N PRO B 710 -7.75 -64.54 52.26
CA PRO B 710 -8.90 -65.44 52.29
C PRO B 710 -10.19 -64.80 51.80
N ALA B 711 -10.08 -63.86 50.86
CA ALA B 711 -11.26 -63.27 50.22
C ALA B 711 -11.29 -63.57 48.72
N LEU B 712 -10.15 -63.97 48.15
CA LEU B 712 -10.07 -64.27 46.71
C LEU B 712 -9.64 -65.72 46.47
N GLN B 713 -9.69 -66.15 45.20
CA GLN B 713 -9.33 -67.49 44.79
C GLN B 713 -9.03 -67.51 43.29
N ARG B 714 -8.38 -68.56 42.82
CA ARG B 714 -8.10 -68.71 41.41
C ARG B 714 -7.55 -67.42 40.76
N VAL B 715 -6.64 -66.72 41.41
CA VAL B 715 -6.10 -65.49 40.84
C VAL B 715 -4.98 -65.77 39.86
N ARG B 716 -5.28 -65.60 38.57
CA ARG B 716 -4.31 -65.85 37.52
C ARG B 716 -4.10 -64.60 36.65
N PRO B 717 -2.82 -64.21 36.45
CA PRO B 717 -2.60 -63.14 35.48
C PRO B 717 -3.13 -63.60 34.13
N ASN B 718 -3.65 -62.71 33.30
CA ASN B 718 -4.27 -63.18 32.08
C ASN B 718 -3.26 -63.39 30.95
N GLY B 719 -2.41 -62.41 30.70
CA GLY B 719 -1.42 -62.49 29.60
C GLY B 719 -0.40 -63.60 29.73
N MET B 720 0.75 -63.45 29.07
CA MET B 720 1.81 -64.47 29.11
C MET B 720 2.95 -64.04 30.04
N SER B 721 3.87 -64.96 30.30
CA SER B 721 5.03 -64.69 31.15
C SER B 721 6.25 -64.60 30.26
N ASP B 722 7.21 -63.76 30.62
CA ASP B 722 8.47 -63.66 29.88
C ASP B 722 9.15 -65.01 29.75
N GLU B 723 9.62 -65.28 28.55
CA GLU B 723 10.37 -66.46 28.24
C GLU B 723 11.80 -66.05 27.85
N PRO B 724 12.65 -67.03 27.52
CA PRO B 724 13.94 -66.56 27.04
C PRO B 724 13.92 -66.18 25.55
N GLN B 725 14.57 -65.07 25.23
CA GLN B 725 14.67 -64.61 23.84
C GLN B 725 16.14 -64.40 23.48
N TYR B 726 16.49 -64.81 22.28
CA TYR B 726 17.87 -64.79 21.81
C TYR B 726 18.27 -63.44 21.29
N LYS B 727 18.92 -62.64 22.11
CA LYS B 727 19.34 -61.30 21.70
C LYS B 727 20.49 -61.38 20.71
N LEU B 728 20.66 -60.32 19.93
CA LEU B 728 21.77 -60.22 18.97
C LEU B 728 22.61 -58.99 19.26
N GLU B 729 23.91 -59.18 19.44
CA GLU B 729 24.83 -58.05 19.54
C GLU B 729 25.56 -57.89 18.21
N ILE B 730 25.61 -56.67 17.70
CA ILE B 730 26.34 -56.38 16.48
C ILE B 730 27.41 -55.38 16.76
N ASP B 731 28.65 -55.80 16.63
CA ASP B 731 29.79 -54.93 16.82
C ASP B 731 30.07 -54.18 15.52
N ASP B 732 29.58 -52.95 15.43
CA ASP B 732 29.77 -52.17 14.22
C ASP B 732 31.26 -51.83 14.04
N GLU B 733 32.00 -51.82 15.15
CA GLU B 733 33.44 -51.56 15.13
C GLU B 733 34.15 -52.52 14.20
N LYS B 734 33.70 -53.77 14.19
CA LYS B 734 34.25 -54.78 13.29
C LYS B 734 33.42 -54.85 12.01
N ALA B 735 32.31 -54.13 11.98
CA ALA B 735 31.44 -54.12 10.80
C ALA B 735 32.00 -53.14 9.78
N SER B 736 32.25 -51.92 10.22
CA SER B 736 32.82 -50.89 9.37
C SER B 736 34.27 -51.23 9.07
N ALA B 737 34.88 -51.99 9.95
CA ALA B 737 36.26 -52.44 9.78
C ALA B 737 36.34 -53.69 8.92
N LEU B 738 35.22 -54.09 8.33
CA LEU B 738 35.17 -55.25 7.45
C LEU B 738 34.59 -54.90 6.08
N GLY B 739 34.28 -53.63 5.86
CA GLY B 739 33.71 -53.17 4.60
C GLY B 739 32.22 -53.46 4.45
N VAL B 740 31.61 -54.01 5.50
CA VAL B 740 30.19 -54.37 5.47
C VAL B 740 29.39 -53.23 6.06
N SER B 741 28.53 -52.63 5.24
CA SER B 741 27.76 -51.43 5.63
C SER B 741 27.30 -51.45 7.09
N LEU B 742 26.07 -51.90 7.30
CA LEU B 742 25.39 -51.81 8.58
C LEU B 742 23.89 -51.85 8.30
N ALA B 743 23.49 -51.18 7.22
CA ALA B 743 22.14 -51.26 6.72
C ALA B 743 21.93 -52.53 5.93
N ASP B 744 23.00 -53.04 5.34
CA ASP B 744 22.94 -54.28 4.58
C ASP B 744 22.85 -55.45 5.54
N ILE B 745 23.35 -55.29 6.76
CA ILE B 745 23.28 -56.37 7.72
C ILE B 745 21.83 -56.50 8.23
N ASN B 746 21.26 -55.36 8.58
CA ASN B 746 19.89 -55.28 9.05
C ASN B 746 18.92 -55.82 7.99
N SER B 747 19.09 -55.37 6.75
CA SER B 747 18.26 -55.86 5.65
C SER B 747 18.43 -57.35 5.51
N THR B 748 19.61 -57.82 5.90
CA THR B 748 19.96 -59.21 5.82
C THR B 748 19.21 -60.01 6.87
N VAL B 749 19.21 -59.52 8.10
CA VAL B 749 18.56 -60.22 9.20
C VAL B 749 17.04 -60.15 9.08
N SER B 750 16.53 -59.07 8.47
CA SER B 750 15.08 -58.88 8.34
C SER B 750 14.51 -59.68 7.22
N ILE B 751 15.06 -59.45 6.03
CA ILE B 751 14.55 -60.04 4.80
C ILE B 751 14.93 -61.52 4.65
N ALA B 752 15.46 -62.15 5.71
CA ALA B 752 15.90 -63.56 5.64
C ALA B 752 15.35 -64.40 6.78
N TRP B 753 15.36 -63.84 7.98
CA TRP B 753 14.74 -64.48 9.12
C TRP B 753 13.28 -64.03 9.32
N GLY B 754 13.10 -62.78 9.72
CA GLY B 754 11.79 -62.24 10.02
C GLY B 754 10.82 -62.34 8.84
N SER B 755 11.35 -62.17 7.65
CA SER B 755 10.59 -62.23 6.40
C SER B 755 10.40 -60.82 5.87
N SER B 756 10.19 -60.71 4.57
CA SER B 756 9.95 -59.43 3.97
C SER B 756 8.87 -59.59 2.95
N TYR B 757 7.83 -58.79 3.10
CA TYR B 757 6.78 -58.73 2.10
C TYR B 757 7.20 -57.70 1.09
N VAL B 758 7.63 -58.18 -0.07
CA VAL B 758 8.16 -57.32 -1.12
C VAL B 758 7.11 -56.87 -2.14
N ASN B 759 6.71 -57.75 -3.05
CA ASN B 759 5.80 -57.35 -4.15
C ASN B 759 4.40 -57.96 -4.21
N ASP B 760 3.61 -57.42 -5.13
CA ASP B 760 2.26 -57.89 -5.42
C ASP B 760 2.20 -58.51 -6.83
N PHE B 761 2.15 -59.83 -6.91
CA PHE B 761 1.96 -60.51 -8.19
C PHE B 761 0.46 -60.66 -8.51
N ILE B 762 0.13 -61.46 -9.52
CA ILE B 762 -1.25 -61.69 -9.92
C ILE B 762 -1.55 -63.17 -9.99
N ASP B 763 -2.50 -63.61 -9.17
CA ASP B 763 -2.82 -65.02 -9.08
C ASP B 763 -4.23 -65.26 -9.57
N ARG B 764 -4.34 -66.09 -10.60
CA ARG B 764 -5.62 -66.47 -11.18
C ARG B 764 -6.67 -65.39 -10.98
N GLY B 765 -6.36 -64.19 -11.46
CA GLY B 765 -7.31 -63.08 -11.40
C GLY B 765 -6.92 -62.01 -10.41
N ARG B 766 -7.29 -62.19 -9.14
CA ARG B 766 -7.00 -61.21 -8.09
C ARG B 766 -5.50 -61.05 -7.88
N VAL B 767 -5.13 -60.03 -7.12
CA VAL B 767 -3.73 -59.81 -6.79
C VAL B 767 -3.44 -60.30 -5.37
N LYS B 768 -2.28 -60.94 -5.20
CA LYS B 768 -1.87 -61.48 -3.90
C LYS B 768 -0.46 -60.99 -3.60
N ARG B 769 0.17 -61.52 -2.56
CA ARG B 769 1.45 -60.97 -2.10
C ARG B 769 2.66 -61.89 -2.33
N VAL B 770 3.79 -61.26 -2.64
CA VAL B 770 5.08 -61.95 -2.79
C VAL B 770 5.82 -61.88 -1.46
N TYR B 771 6.25 -63.01 -0.94
CA TYR B 771 6.98 -63.02 0.33
C TYR B 771 8.39 -63.58 0.14
N LEU B 772 9.37 -62.90 0.71
CA LEU B 772 10.77 -63.32 0.59
C LEU B 772 11.39 -63.53 1.97
N GLN B 773 11.84 -64.74 2.24
CA GLN B 773 12.59 -65.02 3.48
C GLN B 773 13.36 -66.35 3.39
N GLY B 774 14.25 -66.60 4.35
CA GLY B 774 15.13 -67.77 4.30
C GLY B 774 14.41 -69.11 4.40
N ARG B 775 14.93 -70.10 3.67
CA ARG B 775 14.43 -71.47 3.74
C ARG B 775 14.62 -72.04 5.14
N PRO B 776 13.59 -72.69 5.69
CA PRO B 776 13.52 -73.21 7.06
C PRO B 776 14.85 -73.64 7.72
N ASP B 777 15.52 -74.64 7.13
CA ASP B 777 16.77 -75.18 7.69
C ASP B 777 17.89 -74.14 7.77
N ALA B 778 17.58 -72.91 7.38
CA ALA B 778 18.54 -71.81 7.42
C ALA B 778 18.26 -70.81 8.54
N ARG B 779 17.14 -71.01 9.24
CA ARG B 779 16.75 -70.07 10.28
C ARG B 779 16.21 -70.75 11.54
N MET B 780 16.65 -71.98 11.81
CA MET B 780 16.14 -72.69 12.98
C MET B 780 16.94 -72.47 14.27
N ASN B 781 18.26 -72.62 14.22
CA ASN B 781 19.08 -72.52 15.44
C ASN B 781 20.16 -71.44 15.34
N PRO B 782 20.69 -70.99 16.50
CA PRO B 782 21.71 -69.92 16.58
C PRO B 782 22.86 -70.06 15.58
N ASP B 783 23.21 -71.30 15.23
CA ASP B 783 24.27 -71.52 14.27
C ASP B 783 23.78 -71.24 12.85
N ASP B 784 22.45 -71.21 12.67
CA ASP B 784 21.86 -70.98 11.34
C ASP B 784 22.21 -69.59 10.79
N LEU B 785 22.40 -68.63 11.67
CA LEU B 785 22.73 -67.27 11.24
C LEU B 785 24.18 -67.23 10.77
N SER B 786 25.01 -68.05 11.41
CA SER B 786 26.39 -68.17 11.02
C SER B 786 26.44 -68.54 9.55
N LYS B 787 25.33 -69.10 9.07
CA LYS B 787 25.22 -69.53 7.68
C LYS B 787 25.01 -68.40 6.70
N TRP B 788 24.81 -67.17 7.17
CA TRP B 788 24.44 -66.09 6.26
C TRP B 788 25.53 -65.03 6.09
N TYR B 789 25.89 -64.74 4.85
CA TYR B 789 26.93 -63.74 4.56
C TYR B 789 26.35 -62.54 3.86
N VAL B 790 27.12 -61.46 3.86
CA VAL B 790 26.77 -60.22 3.19
C VAL B 790 27.96 -59.72 2.37
N ARG B 791 27.68 -59.11 1.22
CA ARG B 791 28.72 -58.53 0.37
C ARG B 791 29.38 -57.36 1.08
N ASN B 792 30.66 -57.13 0.80
CA ASN B 792 31.42 -56.03 1.39
C ASN B 792 31.63 -54.86 0.41
N ASP B 793 32.53 -53.95 0.76
CA ASP B 793 32.92 -52.83 -0.13
C ASP B 793 33.05 -53.34 -1.55
N LYS B 794 33.84 -54.39 -1.71
CA LYS B 794 34.08 -55.00 -3.01
C LYS B 794 33.02 -56.06 -3.33
N GLY B 795 33.30 -57.29 -2.95
CA GLY B 795 32.40 -58.41 -3.22
C GLY B 795 32.81 -59.64 -2.43
N GLU B 796 33.34 -59.41 -1.23
CA GLU B 796 33.74 -60.48 -0.34
C GLU B 796 32.61 -60.78 0.63
N MET B 797 32.04 -61.96 0.51
CA MET B 797 30.95 -62.35 1.40
C MET B 797 31.48 -62.45 2.81
N VAL B 798 30.81 -61.79 3.74
CA VAL B 798 31.22 -61.82 5.14
C VAL B 798 30.15 -62.52 6.00
N PRO B 799 30.49 -63.72 6.52
CA PRO B 799 29.57 -64.49 7.34
C PRO B 799 29.11 -63.73 8.59
N PHE B 800 27.85 -63.91 8.96
CA PHE B 800 27.26 -63.24 10.11
C PHE B 800 28.02 -63.55 11.41
N ASN B 801 28.76 -64.64 11.42
CA ASN B 801 29.56 -65.01 12.59
C ASN B 801 30.86 -64.20 12.73
N ALA B 802 31.15 -63.33 11.76
CA ALA B 802 32.38 -62.51 11.78
C ALA B 802 32.22 -61.13 12.44
N PHE B 803 31.02 -60.82 12.90
CA PHE B 803 30.79 -59.55 13.56
C PHE B 803 29.62 -59.59 14.53
N ALA B 804 28.78 -60.62 14.41
CA ALA B 804 27.62 -60.76 15.27
C ALA B 804 27.91 -61.75 16.40
N THR B 805 27.27 -61.55 17.54
CA THR B 805 27.39 -62.46 18.66
C THR B 805 26.03 -62.65 19.34
N GLY B 806 25.79 -63.82 19.90
CA GLY B 806 24.50 -64.14 20.52
C GLY B 806 24.52 -63.92 22.01
N LYS B 807 23.37 -64.10 22.66
CA LYS B 807 23.22 -63.79 24.08
C LYS B 807 21.76 -63.95 24.52
N TRP B 808 21.50 -64.89 25.44
CA TRP B 808 20.13 -65.17 25.92
C TRP B 808 19.74 -64.25 27.05
N GLU B 809 18.56 -63.66 26.95
CA GLU B 809 18.02 -62.79 28.01
C GLU B 809 16.50 -62.99 28.12
N TYR B 810 15.88 -62.33 29.09
CA TYR B 810 14.47 -62.51 29.34
C TYR B 810 13.72 -61.39 28.67
N GLY B 811 12.60 -61.70 28.04
CA GLY B 811 11.81 -60.67 27.42
C GLY B 811 10.34 -60.98 27.37
N SER B 812 9.55 -59.95 27.09
CA SER B 812 8.10 -60.06 27.06
C SER B 812 7.61 -60.73 25.78
N PRO B 813 6.82 -61.80 25.93
CA PRO B 813 6.30 -62.52 24.78
C PRO B 813 4.98 -61.90 24.33
N LYS B 814 4.50 -60.97 25.13
CA LYS B 814 3.18 -60.38 24.95
C LYS B 814 3.11 -59.11 25.77
N LEU B 815 3.12 -57.98 25.10
CA LEU B 815 3.05 -56.74 25.84
C LEU B 815 1.63 -56.22 25.77
N GLU B 816 1.17 -55.62 26.85
CA GLU B 816 -0.20 -55.15 26.98
C GLU B 816 -0.14 -53.74 27.49
N ARG B 817 -1.19 -52.96 27.24
CA ARG B 817 -1.27 -51.58 27.72
C ARG B 817 -2.78 -51.37 27.98
N TYR B 818 -3.12 -50.41 28.83
CA TYR B 818 -4.50 -50.13 29.08
C TYR B 818 -4.55 -48.64 29.30
N ASN B 819 -5.32 -47.95 28.48
CA ASN B 819 -5.35 -46.50 28.46
C ASN B 819 -3.98 -45.83 28.25
N GLY B 820 -3.23 -46.33 27.26
CA GLY B 820 -2.06 -45.63 26.79
C GLY B 820 -0.72 -45.95 27.44
N VAL B 821 -0.76 -46.57 28.62
CA VAL B 821 0.44 -46.93 29.39
C VAL B 821 0.53 -48.43 29.52
N PRO B 822 1.76 -48.97 29.66
CA PRO B 822 1.90 -50.44 29.76
C PRO B 822 1.12 -50.99 30.94
N ALA B 823 0.60 -52.20 30.77
CA ALA B 823 -0.22 -52.75 31.85
C ALA B 823 -0.25 -54.25 31.78
N MET B 824 -0.83 -54.86 32.82
CA MET B 824 -0.92 -56.32 32.92
C MET B 824 -2.25 -56.67 33.56
N GLU B 825 -3.01 -57.55 32.92
CA GLU B 825 -4.32 -57.89 33.44
C GLU B 825 -4.33 -59.07 34.44
N ILE B 826 -5.11 -58.94 35.48
CA ILE B 826 -5.28 -60.07 36.38
C ILE B 826 -6.76 -60.42 36.61
N LEU B 827 -7.07 -61.70 36.46
CA LEU B 827 -8.40 -62.25 36.74
C LEU B 827 -8.56 -62.77 38.18
N GLY B 828 -9.09 -63.97 38.34
CA GLY B 828 -9.43 -64.48 39.67
C GLY B 828 -10.90 -64.31 40.02
N GLU B 829 -11.20 -64.38 41.31
CA GLU B 829 -12.59 -64.27 41.78
C GLU B 829 -12.74 -64.22 43.30
N PRO B 830 -13.98 -64.07 43.79
CA PRO B 830 -14.26 -64.04 45.22
C PRO B 830 -14.23 -65.41 45.88
N ALA B 831 -13.91 -65.44 47.18
CA ALA B 831 -13.89 -66.71 47.91
C ALA B 831 -15.33 -67.22 48.13
N PRO B 832 -15.53 -68.55 48.13
CA PRO B 832 -16.86 -69.13 48.27
C PRO B 832 -17.75 -68.43 49.30
N GLY B 833 -18.95 -68.02 48.88
CA GLY B 833 -19.89 -67.33 49.74
C GLY B 833 -19.68 -65.83 49.82
N LEU B 834 -18.59 -65.37 49.22
CA LEU B 834 -18.31 -63.93 49.18
C LEU B 834 -18.67 -63.37 47.81
N SER B 835 -19.01 -62.09 47.80
CA SER B 835 -19.46 -61.40 46.60
C SER B 835 -18.34 -60.70 45.82
N SER B 836 -18.55 -60.57 44.51
CA SER B 836 -17.60 -59.88 43.64
C SER B 836 -17.24 -58.57 44.29
N GLY B 837 -18.21 -57.99 44.97
CA GLY B 837 -17.99 -56.72 45.65
C GLY B 837 -16.92 -56.86 46.69
N ASP B 838 -17.06 -57.86 47.56
CA ASP B 838 -16.06 -58.12 48.60
C ASP B 838 -14.70 -58.29 47.95
N ALA B 839 -14.67 -59.15 46.94
CA ALA B 839 -13.46 -59.46 46.20
C ALA B 839 -12.73 -58.21 45.74
N MET B 840 -13.49 -57.21 45.26
CA MET B 840 -12.90 -55.97 44.79
C MET B 840 -12.40 -55.20 46.00
N ALA B 841 -13.06 -55.43 47.13
CA ALA B 841 -12.69 -54.79 48.40
C ALA B 841 -11.29 -55.19 48.84
N ALA B 842 -11.05 -56.50 48.88
CA ALA B 842 -9.77 -57.01 49.29
C ALA B 842 -8.71 -56.40 48.38
N VAL B 843 -8.98 -56.48 47.08
CA VAL B 843 -8.10 -55.98 46.03
C VAL B 843 -7.82 -54.49 46.15
N GLU B 844 -8.83 -53.72 46.54
CA GLU B 844 -8.67 -52.28 46.72
C GLU B 844 -7.69 -51.95 47.85
N GLU B 845 -7.29 -52.98 48.58
CA GLU B 845 -6.38 -52.86 49.71
C GLU B 845 -5.00 -53.43 49.32
N ILE B 846 -5.00 -54.62 48.73
CA ILE B 846 -3.80 -55.17 48.14
C ILE B 846 -3.06 -54.10 47.37
N VAL B 847 -3.72 -53.63 46.30
CA VAL B 847 -3.15 -52.64 45.37
C VAL B 847 -2.28 -51.64 46.13
N LYS B 848 -2.68 -51.35 47.37
CA LYS B 848 -1.98 -50.35 48.21
C LYS B 848 -0.55 -50.77 48.64
N GLN B 849 -0.17 -52.02 48.40
CA GLN B 849 1.17 -52.50 48.70
C GLN B 849 2.01 -52.44 47.45
N LEU B 850 1.51 -51.73 46.45
CA LEU B 850 2.17 -51.65 45.16
C LEU B 850 3.46 -50.85 45.22
N PRO B 851 4.38 -51.10 44.28
CA PRO B 851 5.52 -50.20 44.13
C PRO B 851 5.08 -48.84 43.69
N LYS B 852 5.95 -47.86 43.81
CA LYS B 852 5.60 -46.50 43.45
C LYS B 852 5.51 -46.44 41.93
N GLY B 853 4.58 -45.63 41.43
CA GLY B 853 4.41 -45.47 40.00
C GLY B 853 3.51 -46.50 39.36
N VAL B 854 3.03 -47.45 40.16
CA VAL B 854 2.02 -48.37 39.66
C VAL B 854 0.62 -48.14 40.18
N GLY B 855 -0.33 -48.05 39.25
CA GLY B 855 -1.74 -47.83 39.55
C GLY B 855 -2.50 -49.00 38.99
N TYR B 856 -3.81 -48.90 39.08
CA TYR B 856 -4.68 -49.95 38.52
C TYR B 856 -6.03 -49.33 38.21
N SER B 857 -6.82 -50.04 37.46
CA SER B 857 -8.19 -49.58 37.24
C SER B 857 -8.99 -50.78 36.86
N TRP B 858 -10.26 -50.82 37.28
CA TRP B 858 -11.12 -51.96 36.92
C TRP B 858 -11.51 -51.92 35.44
N THR B 859 -11.62 -53.09 34.83
CA THR B 859 -12.07 -53.20 33.48
C THR B 859 -13.15 -54.25 33.29
N GLY B 860 -13.79 -54.19 32.12
CA GLY B 860 -14.78 -55.19 31.75
C GLY B 860 -15.96 -55.18 32.68
N LEU B 861 -16.37 -56.39 33.12
CA LEU B 861 -17.53 -56.54 34.00
C LEU B 861 -17.38 -55.99 35.41
N SER B 862 -16.14 -55.81 35.87
CA SER B 862 -15.94 -55.17 37.20
C SER B 862 -16.11 -53.68 37.11
N TYR B 863 -15.69 -53.12 35.98
CA TYR B 863 -15.90 -51.70 35.66
C TYR B 863 -17.41 -51.48 35.67
N GLU B 864 -18.14 -52.36 35.02
CA GLU B 864 -19.59 -52.18 34.90
C GLU B 864 -20.37 -52.37 36.19
N GLU B 865 -20.21 -53.55 36.82
CA GLU B 865 -20.94 -53.82 38.05
C GLU B 865 -20.69 -52.77 39.11
N ARG B 866 -19.56 -52.09 39.00
CA ARG B 866 -19.22 -51.00 39.92
C ARG B 866 -20.09 -49.79 39.64
N LEU B 867 -20.65 -49.71 38.44
CA LEU B 867 -21.50 -48.58 38.07
C LEU B 867 -22.99 -48.88 38.34
N SER B 868 -23.42 -50.06 37.95
CA SER B 868 -24.81 -50.45 38.17
C SER B 868 -25.06 -50.59 39.64
N GLY B 869 -24.13 -51.26 40.31
CA GLY B 869 -24.19 -51.44 41.75
C GLY B 869 -24.52 -50.17 42.49
N SER B 870 -23.95 -49.07 42.03
CA SER B 870 -24.17 -47.78 42.68
C SER B 870 -25.52 -47.13 42.47
N GLN B 871 -26.29 -47.55 41.46
CA GLN B 871 -27.56 -46.84 41.20
C GLN B 871 -28.72 -47.60 41.87
N ALA B 872 -28.57 -48.91 42.00
CA ALA B 872 -29.58 -49.77 42.68
C ALA B 872 -30.32 -49.15 43.89
N PRO B 873 -29.59 -48.71 44.89
CA PRO B 873 -30.33 -48.05 45.96
C PRO B 873 -31.40 -47.10 45.42
N ALA B 874 -30.98 -46.21 44.52
CA ALA B 874 -31.83 -45.13 43.96
C ALA B 874 -33.02 -45.77 43.22
N LEU B 875 -32.73 -46.75 42.38
CA LEU B 875 -33.75 -47.36 41.60
C LEU B 875 -34.76 -48.06 42.53
N TYR B 876 -34.27 -48.99 43.35
CA TYR B 876 -35.09 -49.66 44.36
C TYR B 876 -35.98 -48.70 45.13
N ALA B 877 -35.47 -47.54 45.48
CA ALA B 877 -36.27 -46.58 46.24
C ALA B 877 -37.27 -45.80 45.37
N LEU B 878 -37.05 -45.72 44.07
CA LEU B 878 -38.02 -45.00 43.26
C LEU B 878 -39.20 -45.93 43.03
N SER B 879 -38.88 -47.19 42.73
CA SER B 879 -39.85 -48.29 42.66
C SER B 879 -40.81 -48.31 43.85
N LEU B 880 -40.25 -48.24 45.05
CA LEU B 880 -41.08 -48.25 46.27
C LEU B 880 -41.91 -46.97 46.37
N LEU B 881 -41.30 -45.84 46.07
CA LEU B 881 -41.98 -44.56 46.28
C LEU B 881 -43.15 -44.34 45.28
N VAL B 882 -43.12 -44.98 44.12
CA VAL B 882 -44.14 -44.72 43.15
C VAL B 882 -45.25 -45.76 43.34
N VAL B 883 -44.87 -46.98 43.73
CA VAL B 883 -45.89 -47.97 44.06
C VAL B 883 -46.66 -47.45 45.26
N PHE B 884 -45.95 -46.82 46.18
CA PHE B 884 -46.60 -46.26 47.35
C PHE B 884 -47.62 -45.24 46.90
N LEU B 885 -47.13 -44.22 46.20
CA LEU B 885 -47.96 -43.07 45.78
C LEU B 885 -49.18 -43.45 44.93
N CYS B 886 -49.03 -44.45 44.07
CA CYS B 886 -50.12 -44.90 43.23
C CYS B 886 -51.19 -45.60 44.05
N LEU B 887 -50.77 -46.44 45.00
CA LEU B 887 -51.73 -47.10 45.92
C LEU B 887 -52.31 -46.06 46.87
N ALA B 888 -51.58 -45.00 47.13
CA ALA B 888 -52.18 -43.99 47.99
C ALA B 888 -53.35 -43.38 47.26
N ALA B 889 -53.12 -42.99 45.99
CA ALA B 889 -54.15 -42.44 45.11
C ALA B 889 -55.36 -43.39 44.97
N LEU B 890 -55.10 -44.65 44.68
CA LEU B 890 -56.15 -45.64 44.50
C LEU B 890 -57.07 -45.77 45.73
N TYR B 891 -56.48 -45.80 46.92
CA TYR B 891 -57.24 -46.05 48.14
C TYR B 891 -57.58 -44.80 48.92
N GLU B 892 -57.10 -43.65 48.43
CA GLU B 892 -57.31 -42.40 49.15
C GLU B 892 -56.84 -42.58 50.57
N SER B 893 -55.58 -42.99 50.74
CA SER B 893 -55.02 -43.21 52.08
C SER B 893 -53.51 -43.37 52.11
N TRP B 894 -52.86 -42.73 53.08
CA TRP B 894 -51.39 -42.84 53.28
C TRP B 894 -51.00 -44.11 53.96
N SER B 895 -51.92 -44.73 54.69
CA SER B 895 -51.64 -46.00 55.38
C SER B 895 -52.04 -47.30 54.68
N ILE B 896 -53.19 -47.33 54.01
CA ILE B 896 -53.67 -48.59 53.40
C ILE B 896 -52.72 -49.15 52.37
N PRO B 897 -51.90 -48.28 51.73
CA PRO B 897 -50.96 -48.87 50.76
C PRO B 897 -50.02 -49.88 51.40
N PHE B 898 -49.80 -49.72 52.72
CA PHE B 898 -48.98 -50.72 53.45
C PHE B 898 -49.52 -52.16 53.48
N SER B 899 -50.85 -52.32 53.39
CA SER B 899 -51.47 -53.65 53.49
C SER B 899 -51.40 -54.48 52.21
N VAL B 900 -50.68 -54.00 51.21
CA VAL B 900 -50.44 -54.78 49.99
C VAL B 900 -48.95 -54.79 49.72
N MET B 901 -48.27 -53.72 50.02
CA MET B 901 -46.78 -53.76 49.93
C MET B 901 -46.17 -54.84 50.82
N LEU B 902 -46.73 -55.01 52.03
CA LEU B 902 -46.26 -56.09 52.93
C LEU B 902 -46.51 -57.50 52.44
N VAL B 903 -46.92 -57.70 51.17
CA VAL B 903 -46.99 -59.07 50.58
C VAL B 903 -45.75 -59.41 49.80
N VAL B 904 -44.92 -58.40 49.55
CA VAL B 904 -43.71 -58.64 48.81
C VAL B 904 -43.03 -59.88 49.34
N PRO B 905 -42.70 -59.91 50.67
CA PRO B 905 -41.91 -60.99 51.25
C PRO B 905 -42.59 -62.32 51.12
N LEU B 906 -43.86 -62.36 51.50
CA LEU B 906 -44.70 -63.54 51.37
C LEU B 906 -44.38 -64.35 50.15
N GLY B 907 -44.28 -63.71 49.00
CA GLY B 907 -43.98 -64.48 47.78
C GLY B 907 -42.51 -64.67 47.52
N VAL B 908 -41.67 -63.70 47.86
CA VAL B 908 -40.24 -63.88 47.59
C VAL B 908 -39.58 -64.98 48.47
N ILE B 909 -40.20 -65.36 49.56
CA ILE B 909 -39.66 -66.47 50.37
C ILE B 909 -39.72 -67.82 49.65
N GLY B 910 -40.84 -68.10 48.98
CA GLY B 910 -41.00 -69.38 48.28
C GLY B 910 -40.12 -69.49 47.07
N ALA B 911 -39.65 -68.36 46.56
CA ALA B 911 -38.73 -68.34 45.43
C ALA B 911 -37.35 -68.66 45.93
N LEU B 912 -36.88 -67.88 46.89
CA LEU B 912 -35.59 -68.18 47.57
C LEU B 912 -35.60 -69.61 48.03
N LEU B 913 -36.71 -70.03 48.61
CA LEU B 913 -36.87 -71.39 49.08
C LEU B 913 -36.72 -72.41 47.94
N ALA B 914 -37.58 -72.30 46.93
CA ALA B 914 -37.56 -73.25 45.83
C ALA B 914 -36.20 -73.24 45.09
N THR B 915 -35.68 -72.05 44.76
CA THR B 915 -34.44 -71.95 43.99
C THR B 915 -33.25 -72.48 44.78
N SER B 916 -33.11 -72.04 46.03
CA SER B 916 -32.04 -72.53 46.92
C SER B 916 -32.23 -74.01 47.14
N MET B 917 -33.49 -74.41 47.33
CA MET B 917 -33.85 -75.80 47.56
C MET B 917 -33.59 -76.67 46.32
N ARG B 918 -33.38 -76.02 45.17
CA ARG B 918 -33.04 -76.74 43.93
C ARG B 918 -31.57 -76.52 43.52
N GLY B 919 -30.83 -75.72 44.29
CA GLY B 919 -29.40 -75.55 44.04
C GLY B 919 -29.06 -74.52 42.96
N LEU B 920 -30.05 -73.76 42.53
CA LEU B 920 -29.84 -72.74 41.51
C LEU B 920 -29.29 -71.48 42.16
N SER B 921 -29.14 -70.41 41.36
CA SER B 921 -28.54 -69.19 41.86
C SER B 921 -29.38 -67.92 41.60
N ASN B 922 -29.10 -66.89 42.40
CA ASN B 922 -29.74 -65.61 42.27
C ASN B 922 -29.13 -64.89 41.07
N ASP B 923 -29.72 -65.15 39.90
CA ASP B 923 -29.23 -64.61 38.64
C ASP B 923 -30.29 -63.71 37.97
N VAL B 924 -30.23 -63.57 36.64
CA VAL B 924 -31.16 -62.69 35.90
C VAL B 924 -32.58 -63.26 35.87
N PHE B 925 -32.72 -64.49 35.41
CA PHE B 925 -34.04 -65.09 35.31
C PHE B 925 -34.76 -65.07 36.68
N PHE B 926 -34.06 -65.49 37.73
CA PHE B 926 -34.60 -65.49 39.09
C PHE B 926 -35.07 -64.10 39.54
N GLN B 927 -34.27 -63.09 39.26
CA GLN B 927 -34.58 -61.72 39.67
C GLN B 927 -35.82 -61.18 38.97
N VAL B 928 -35.88 -61.28 37.65
CA VAL B 928 -37.03 -60.78 36.92
C VAL B 928 -38.25 -61.64 37.21
N GLY B 929 -38.00 -62.90 37.55
CA GLY B 929 -39.10 -63.80 37.88
C GLY B 929 -39.69 -63.33 39.19
N LEU B 930 -38.83 -62.83 40.04
CA LEU B 930 -39.21 -62.43 41.37
C LEU B 930 -40.03 -61.15 41.34
N LEU B 931 -39.87 -60.37 40.26
CA LEU B 931 -40.65 -59.13 40.08
C LEU B 931 -42.04 -59.47 39.51
N THR B 932 -42.09 -60.49 38.65
CA THR B 932 -43.31 -61.01 38.05
C THR B 932 -44.18 -61.64 39.13
N THR B 933 -43.64 -62.70 39.76
CA THR B 933 -44.31 -63.31 40.89
C THR B 933 -44.80 -62.29 41.95
N ILE B 934 -44.02 -61.26 42.27
CA ILE B 934 -44.52 -60.29 43.27
C ILE B 934 -45.49 -59.30 42.65
N GLY B 935 -45.48 -59.16 41.32
CA GLY B 935 -46.43 -58.27 40.70
C GLY B 935 -47.83 -58.88 40.79
N LEU B 936 -47.93 -60.11 40.36
CA LEU B 936 -49.20 -60.82 40.41
C LEU B 936 -49.71 -60.83 41.87
N SER B 937 -48.80 -61.14 42.78
CA SER B 937 -49.14 -61.27 44.19
C SER B 937 -49.77 -60.02 44.67
N ALA B 938 -49.19 -58.91 44.29
CA ALA B 938 -49.66 -57.62 44.78
C ALA B 938 -50.95 -57.23 44.07
N LYS B 939 -51.21 -57.85 42.92
CA LYS B 939 -52.43 -57.56 42.18
C LYS B 939 -53.56 -58.25 42.96
N ASN B 940 -53.31 -59.50 43.33
CA ASN B 940 -54.19 -60.22 44.23
C ASN B 940 -54.45 -59.45 45.51
N ALA B 941 -53.40 -58.93 46.13
CA ALA B 941 -53.58 -58.12 47.35
C ALA B 941 -54.38 -56.85 47.09
N ILE B 942 -53.88 -56.03 46.17
CA ILE B 942 -54.59 -54.81 45.74
C ILE B 942 -56.10 -55.01 45.56
N LEU B 943 -56.51 -55.97 44.75
CA LEU B 943 -57.94 -56.19 44.55
C LEU B 943 -58.68 -56.50 45.86
N ILE B 944 -58.10 -57.38 46.69
CA ILE B 944 -58.68 -57.70 47.98
C ILE B 944 -58.84 -56.44 48.79
N VAL B 945 -57.80 -55.63 48.86
CA VAL B 945 -57.93 -54.41 49.67
C VAL B 945 -59.07 -53.59 49.09
N GLU B 946 -58.90 -53.21 47.83
CA GLU B 946 -59.95 -52.57 47.02
C GLU B 946 -61.40 -53.05 47.24
N PHE B 947 -61.64 -54.33 47.07
CA PHE B 947 -63.00 -54.84 47.41
C PHE B 947 -63.41 -54.49 48.84
N ALA B 948 -62.52 -54.77 49.80
CA ALA B 948 -62.81 -54.60 51.20
C ALA B 948 -63.13 -53.14 51.48
N LYS B 949 -62.31 -52.27 50.93
CA LYS B 949 -62.54 -50.83 51.11
C LYS B 949 -63.95 -50.45 50.61
N GLU B 950 -64.39 -51.07 49.51
CA GLU B 950 -65.69 -50.80 48.93
C GLU B 950 -66.76 -51.29 49.88
N LEU B 951 -66.74 -52.58 50.13
CA LEU B 951 -67.59 -53.20 51.16
C LEU B 951 -67.56 -52.38 52.42
N HIS B 952 -66.37 -52.00 52.83
CA HIS B 952 -66.24 -51.23 54.05
C HIS B 952 -66.99 -49.96 53.95
N GLU B 953 -66.82 -49.23 52.86
CA GLU B 953 -67.46 -47.95 52.70
C GLU B 953 -68.97 -48.09 52.42
N GLN B 954 -69.42 -49.17 51.81
CA GLN B 954 -70.85 -49.28 51.57
C GLN B 954 -71.59 -49.72 52.84
N GLY B 955 -70.91 -49.62 53.98
CA GLY B 955 -71.58 -49.73 55.28
C GLY B 955 -71.35 -51.05 55.98
N LYS B 956 -70.11 -51.48 56.03
CA LYS B 956 -69.78 -52.68 56.76
C LYS B 956 -68.52 -52.46 57.52
N GLY B 957 -68.44 -53.08 58.70
CA GLY B 957 -67.32 -52.86 59.59
C GLY B 957 -66.11 -53.58 59.03
N ILE B 958 -64.94 -53.00 59.30
CA ILE B 958 -63.65 -53.51 58.79
C ILE B 958 -63.47 -55.04 58.69
N VAL B 959 -63.65 -55.79 59.79
CA VAL B 959 -63.37 -57.25 59.72
C VAL B 959 -64.43 -57.96 58.86
N GLU B 960 -65.64 -57.47 58.93
CA GLU B 960 -66.68 -58.07 58.10
C GLU B 960 -66.38 -57.75 56.62
N ALA B 961 -65.92 -56.54 56.34
CA ALA B 961 -65.49 -56.17 54.98
C ALA B 961 -64.35 -56.99 54.47
N ALA B 962 -63.38 -57.30 55.34
CA ALA B 962 -62.21 -58.11 54.96
C ALA B 962 -62.55 -59.55 54.70
N ILE B 963 -63.53 -60.07 55.43
CA ILE B 963 -63.90 -61.48 55.26
C ILE B 963 -64.61 -61.64 53.93
N GLU B 964 -65.62 -60.79 53.71
CA GLU B 964 -66.37 -60.80 52.47
C GLU B 964 -65.47 -60.60 51.28
N ALA B 965 -64.60 -59.59 51.39
CA ALA B 965 -63.62 -59.34 50.32
C ALA B 965 -62.84 -60.60 49.97
N CYS B 966 -62.21 -61.22 50.94
CA CYS B 966 -61.44 -62.48 50.66
C CYS B 966 -62.26 -63.63 50.07
N ARG B 967 -63.51 -63.78 50.53
CA ARG B 967 -64.43 -64.80 50.02
C ARG B 967 -64.76 -64.51 48.57
N MET B 968 -65.10 -63.26 48.28
CA MET B 968 -65.30 -62.83 46.88
C MET B 968 -64.04 -62.96 46.03
N ARG B 969 -62.86 -62.78 46.60
CA ARG B 969 -61.61 -62.87 45.78
C ARG B 969 -60.92 -64.23 45.56
N LEU B 970 -61.37 -65.21 46.33
CA LEU B 970 -60.70 -66.51 46.41
C LEU B 970 -60.79 -67.24 45.10
N ARG B 971 -61.99 -67.40 44.54
CA ARG B 971 -62.15 -68.15 43.27
C ARG B 971 -61.24 -67.64 42.15
N PRO B 972 -61.28 -66.32 41.88
CA PRO B 972 -60.36 -65.62 40.96
C PRO B 972 -58.90 -66.04 41.16
N ILE B 973 -58.39 -65.80 42.38
CA ILE B 973 -56.99 -66.16 42.75
C ILE B 973 -56.66 -67.62 42.52
N VAL B 974 -57.54 -68.52 42.98
CA VAL B 974 -57.22 -69.96 42.83
C VAL B 974 -57.11 -70.33 41.37
N MET B 975 -58.04 -69.82 40.55
CA MET B 975 -58.02 -70.03 39.08
C MET B 975 -56.76 -69.53 38.37
N THR B 976 -56.37 -68.30 38.61
CA THR B 976 -55.13 -67.81 37.98
C THR B 976 -53.85 -68.51 38.48
N SER B 977 -53.81 -68.90 39.76
CA SER B 977 -52.62 -69.61 40.29
C SER B 977 -52.65 -71.07 39.92
N LEU B 978 -53.84 -71.66 39.93
CA LEU B 978 -53.97 -73.03 39.49
C LEU B 978 -53.46 -73.14 38.08
N ALA B 979 -53.92 -72.23 37.21
CA ALA B 979 -53.52 -72.23 35.79
C ALA B 979 -52.09 -71.73 35.51
N PHE B 980 -51.61 -70.74 36.27
CA PHE B 980 -50.26 -70.20 36.02
C PHE B 980 -49.15 -71.20 36.43
N ILE B 981 -49.30 -71.88 37.58
CA ILE B 981 -48.29 -72.84 38.00
C ILE B 981 -48.13 -73.91 36.93
N LEU B 982 -49.23 -74.60 36.63
CA LEU B 982 -49.21 -75.69 35.65
C LEU B 982 -48.59 -75.25 34.32
N GLY B 983 -48.86 -74.01 33.90
CA GLY B 983 -48.26 -73.45 32.67
C GLY B 983 -46.74 -73.47 32.69
N VAL B 984 -46.17 -73.23 33.86
CA VAL B 984 -44.71 -73.15 34.02
C VAL B 984 -44.04 -74.50 34.29
N VAL B 985 -44.76 -75.42 34.93
CA VAL B 985 -44.20 -76.75 35.24
C VAL B 985 -43.24 -77.26 34.16
N PRO B 986 -43.64 -77.23 32.88
CA PRO B 986 -42.80 -77.75 31.79
C PRO B 986 -41.42 -77.10 31.68
N LEU B 987 -41.34 -75.84 32.07
CA LEU B 987 -40.05 -75.17 32.16
C LEU B 987 -39.25 -75.73 33.33
N ALA B 988 -39.93 -75.90 34.46
CA ALA B 988 -39.31 -76.45 35.68
C ALA B 988 -38.61 -77.79 35.47
N ILE B 989 -39.13 -78.61 34.57
CA ILE B 989 -38.58 -79.96 34.37
C ILE B 989 -38.10 -80.20 32.96
N SER B 990 -37.72 -79.14 32.26
CA SER B 990 -37.31 -79.30 30.86
C SER B 990 -35.89 -79.81 30.72
N THR B 991 -35.56 -80.22 29.50
CA THR B 991 -34.23 -80.68 29.16
C THR B 991 -33.95 -80.39 27.69
N GLY B 992 -32.68 -80.26 27.35
CA GLY B 992 -32.29 -80.02 25.97
C GLY B 992 -31.79 -78.60 25.73
N ALA B 993 -31.92 -78.15 24.49
CA ALA B 993 -31.43 -76.83 24.11
C ALA B 993 -32.12 -75.72 24.92
N GLY B 994 -31.35 -75.05 25.78
CA GLY B 994 -31.85 -73.91 26.53
C GLY B 994 -32.58 -74.28 27.81
N SER B 995 -32.56 -75.56 28.17
CA SER B 995 -33.28 -76.02 29.36
C SER B 995 -32.80 -75.34 30.64
N GLY B 996 -31.53 -74.90 30.65
CA GLY B 996 -30.97 -74.23 31.82
C GLY B 996 -31.64 -72.92 32.15
N SER B 997 -32.04 -72.17 31.12
CA SER B 997 -32.74 -70.91 31.32
C SER B 997 -34.16 -71.21 31.80
N GLN B 998 -34.85 -72.07 31.06
CA GLN B 998 -36.19 -72.51 31.41
C GLN B 998 -36.33 -72.99 32.88
N HIS B 999 -35.28 -73.58 33.45
CA HIS B 999 -35.31 -74.02 34.86
C HIS B 999 -35.18 -72.81 35.78
N ALA B 1000 -34.16 -71.99 35.50
CA ALA B 1000 -33.91 -70.80 36.29
C ALA B 1000 -35.15 -69.93 36.37
N ILE B 1001 -36.11 -70.18 35.49
CA ILE B 1001 -37.32 -69.37 35.44
C ILE B 1001 -38.53 -70.14 35.97
N GLY B 1002 -38.59 -71.44 35.73
CA GLY B 1002 -39.72 -72.22 36.21
C GLY B 1002 -39.71 -72.46 37.71
N THR B 1003 -38.54 -72.82 38.24
CA THR B 1003 -38.32 -73.11 39.65
C THR B 1003 -38.64 -71.90 40.54
N GLY B 1004 -38.49 -70.70 39.98
CA GLY B 1004 -38.68 -69.46 40.74
C GLY B 1004 -40.12 -69.03 40.85
N VAL B 1005 -40.86 -69.09 39.74
CA VAL B 1005 -42.27 -68.68 39.75
C VAL B 1005 -43.15 -69.71 40.44
N ILE B 1006 -42.84 -71.00 40.29
CA ILE B 1006 -43.64 -72.04 40.98
C ILE B 1006 -43.57 -71.78 42.49
N GLY B 1007 -42.35 -71.68 43.03
CA GLY B 1007 -42.18 -71.43 44.43
C GLY B 1007 -42.83 -70.16 44.88
N GLY B 1008 -42.55 -69.08 44.15
CA GLY B 1008 -43.12 -67.77 44.46
C GLY B 1008 -44.64 -67.78 44.33
N MET B 1009 -45.14 -68.55 43.36
CA MET B 1009 -46.57 -68.62 43.13
C MET B 1009 -47.24 -69.37 44.26
N VAL B 1010 -46.64 -70.49 44.67
CA VAL B 1010 -47.28 -71.32 45.68
C VAL B 1010 -47.35 -70.60 47.03
N THR B 1011 -46.21 -70.21 47.58
CA THR B 1011 -46.23 -69.61 48.91
C THR B 1011 -47.03 -68.32 48.93
N ALA B 1012 -46.86 -67.50 47.90
CA ALA B 1012 -47.56 -66.19 47.79
C ALA B 1012 -49.08 -66.33 47.71
N THR B 1013 -49.55 -67.25 46.87
CA THR B 1013 -50.99 -67.56 46.80
C THR B 1013 -51.48 -67.91 48.19
N VAL B 1014 -50.97 -69.02 48.75
CA VAL B 1014 -51.47 -69.51 50.03
C VAL B 1014 -51.28 -68.55 51.20
N LEU B 1015 -50.28 -67.67 51.16
CA LEU B 1015 -50.06 -66.80 52.31
C LEU B 1015 -50.77 -65.46 52.25
N ALA B 1016 -50.83 -64.85 51.07
CA ALA B 1016 -51.52 -63.57 50.97
C ALA B 1016 -53.03 -63.76 51.14
N ILE B 1017 -53.56 -64.93 50.80
CA ILE B 1017 -54.99 -65.13 51.03
C ILE B 1017 -55.28 -65.13 52.51
N PHE B 1018 -54.24 -65.27 53.35
CA PHE B 1018 -54.46 -65.19 54.82
C PHE B 1018 -53.98 -63.92 55.51
N TRP B 1019 -52.82 -63.40 55.11
CA TRP B 1019 -52.26 -62.19 55.77
C TRP B 1019 -52.72 -60.81 55.22
N VAL B 1020 -53.20 -60.75 53.97
CA VAL B 1020 -53.62 -59.44 53.46
C VAL B 1020 -54.76 -58.87 54.28
N PRO B 1021 -55.79 -59.70 54.56
CA PRO B 1021 -56.91 -59.29 55.38
C PRO B 1021 -56.45 -58.91 56.76
N LEU B 1022 -55.48 -59.68 57.26
CA LEU B 1022 -54.78 -59.33 58.51
C LEU B 1022 -54.16 -57.99 58.34
N PHE B 1023 -53.28 -57.85 57.33
CA PHE B 1023 -52.61 -56.51 57.11
C PHE B 1023 -53.67 -55.39 57.03
N TYR B 1024 -54.65 -55.63 56.15
CA TYR B 1024 -55.72 -54.67 55.96
C TYR B 1024 -56.42 -54.35 57.24
N VAL B 1025 -56.86 -55.37 58.00
CA VAL B 1025 -57.51 -55.05 59.27
C VAL B 1025 -56.51 -54.47 60.30
N ALA B 1026 -55.33 -55.09 60.40
CA ALA B 1026 -54.24 -54.62 61.28
C ALA B 1026 -53.90 -53.13 61.15
N VAL B 1027 -53.88 -52.61 59.91
CA VAL B 1027 -53.53 -51.20 59.67
C VAL B 1027 -54.71 -50.28 59.82
N SER B 1028 -55.92 -50.77 59.56
CA SER B 1028 -57.11 -49.92 59.73
C SER B 1028 -57.41 -49.78 61.20
N THR B 1029 -57.02 -50.79 61.97
CA THR B 1029 -57.14 -50.78 63.43
C THR B 1029 -56.21 -49.74 64.10
N LEU B 1030 -55.09 -49.42 63.46
CA LEU B 1030 -54.13 -48.45 64.00
C LEU B 1030 -54.73 -47.04 64.09
N MET C 1 -71.06 -28.76 20.74
CA MET C 1 -70.00 -27.79 20.35
C MET C 1 -70.57 -26.78 19.34
N SER C 2 -71.05 -27.26 18.20
CA SER C 2 -71.72 -26.39 17.22
C SER C 2 -72.69 -25.44 17.87
N LYS C 3 -73.71 -25.98 18.53
CA LYS C 3 -74.72 -25.16 19.18
C LYS C 3 -74.01 -24.10 19.98
N PHE C 4 -72.94 -24.51 20.66
CA PHE C 4 -72.16 -23.62 21.51
C PHE C 4 -71.55 -22.45 20.73
N PHE C 5 -71.08 -22.73 19.51
CA PHE C 5 -70.49 -21.70 18.67
C PHE C 5 -71.53 -20.88 17.93
N ILE C 6 -72.72 -21.45 17.70
CA ILE C 6 -73.82 -20.76 17.03
C ILE C 6 -74.19 -19.43 17.72
N ASP C 7 -74.01 -19.36 19.04
CA ASP C 7 -74.32 -18.13 19.79
C ASP C 7 -73.04 -17.46 20.27
N ARG C 8 -71.92 -17.84 19.64
CA ARG C 8 -70.62 -17.28 19.97
C ARG C 8 -69.79 -17.24 18.70
N PRO C 9 -70.31 -16.59 17.65
CA PRO C 9 -69.72 -16.62 16.30
C PRO C 9 -68.39 -15.89 16.19
N ILE C 10 -68.08 -15.03 17.14
CA ILE C 10 -66.77 -14.37 17.16
C ILE C 10 -65.72 -15.40 17.57
N PHE C 11 -65.97 -16.05 18.71
CA PHE C 11 -65.11 -17.11 19.19
C PHE C 11 -64.87 -18.07 18.05
N ALA C 12 -65.95 -18.49 17.39
CA ALA C 12 -65.80 -19.40 16.26
C ALA C 12 -64.91 -18.78 15.17
N TRP C 13 -65.07 -17.47 14.95
CA TRP C 13 -64.26 -16.73 13.96
C TRP C 13 -62.77 -16.83 14.28
N VAL C 14 -62.46 -16.62 15.56
CA VAL C 14 -61.10 -16.65 16.05
C VAL C 14 -60.35 -17.98 15.83
N ILE C 15 -60.96 -19.11 16.13
CA ILE C 15 -60.21 -20.34 15.92
C ILE C 15 -59.87 -20.36 14.43
N ALA C 16 -60.79 -19.88 13.62
CA ALA C 16 -60.60 -19.83 12.15
C ALA C 16 -59.49 -18.85 11.76
N LEU C 17 -59.45 -17.70 12.43
CA LEU C 17 -58.41 -16.72 12.19
C LEU C 17 -57.04 -17.24 12.64
N VAL C 18 -56.96 -17.75 13.86
CA VAL C 18 -55.70 -18.28 14.40
C VAL C 18 -55.18 -19.34 13.46
N ILE C 19 -56.06 -20.23 13.05
CA ILE C 19 -55.63 -21.29 12.14
C ILE C 19 -55.02 -20.66 10.89
N MET C 20 -55.62 -19.56 10.43
CA MET C 20 -55.18 -18.88 9.22
C MET C 20 -53.88 -18.12 9.47
N LEU C 21 -53.88 -17.31 10.52
CA LEU C 21 -52.68 -16.61 10.93
C LEU C 21 -51.47 -17.56 10.92
N ALA C 22 -51.58 -18.68 11.64
CA ALA C 22 -50.46 -19.63 11.73
C ALA C 22 -50.14 -20.24 10.38
N GLY C 23 -51.12 -20.83 9.73
CA GLY C 23 -50.91 -21.43 8.41
C GLY C 23 -50.35 -20.44 7.40
N GLY C 24 -50.84 -19.21 7.47
CA GLY C 24 -50.35 -18.16 6.58
C GLY C 24 -48.85 -17.98 6.74
N LEU C 25 -48.46 -17.51 7.92
CA LEU C 25 -47.07 -17.22 8.22
C LEU C 25 -46.17 -18.43 7.87
N SER C 26 -46.70 -19.63 8.06
CA SER C 26 -45.96 -20.87 7.71
C SER C 26 -45.56 -20.92 6.24
N ILE C 27 -46.27 -20.17 5.40
CA ILE C 27 -46.00 -20.12 3.96
C ILE C 27 -44.71 -19.34 3.66
N LEU C 28 -44.25 -18.56 4.63
CA LEU C 28 -43.03 -17.76 4.45
C LEU C 28 -41.78 -18.51 4.90
N SER C 29 -41.87 -19.82 5.12
CA SER C 29 -40.71 -20.64 5.49
C SER C 29 -40.69 -21.96 4.75
N LEU C 30 -41.82 -22.32 4.16
CA LEU C 30 -41.91 -23.56 3.44
C LEU C 30 -41.01 -23.46 2.22
N PRO C 31 -40.25 -24.53 1.93
CA PRO C 31 -39.54 -24.61 0.68
C PRO C 31 -40.45 -25.00 -0.45
N VAL C 32 -40.12 -24.50 -1.64
CA VAL C 32 -40.83 -24.86 -2.84
C VAL C 32 -39.86 -25.71 -3.62
N ASN C 33 -40.35 -26.80 -4.21
CA ASN C 33 -39.54 -27.68 -5.04
C ASN C 33 -40.47 -28.45 -5.99
N GLN C 34 -39.97 -29.01 -7.08
CA GLN C 34 -40.87 -29.69 -8.00
C GLN C 34 -41.44 -30.90 -7.29
N TYR C 35 -40.67 -32.00 -7.27
CA TYR C 35 -41.05 -33.21 -6.59
C TYR C 35 -40.26 -33.39 -5.29
N PRO C 36 -40.87 -34.01 -4.26
CA PRO C 36 -40.15 -34.21 -2.99
C PRO C 36 -38.90 -35.07 -3.19
N ALA C 37 -38.08 -35.23 -2.16
CA ALA C 37 -36.89 -36.04 -2.33
C ALA C 37 -37.33 -37.45 -2.55
N ILE C 38 -37.29 -37.93 -3.79
CA ILE C 38 -37.80 -39.28 -4.07
C ILE C 38 -36.80 -40.20 -4.72
N ALA C 39 -35.58 -39.73 -4.92
CA ALA C 39 -34.56 -40.63 -5.42
C ALA C 39 -33.91 -41.45 -4.28
N PRO C 40 -33.82 -42.76 -4.46
CA PRO C 40 -33.11 -43.56 -3.48
C PRO C 40 -31.65 -43.13 -3.31
N PRO C 41 -31.18 -42.99 -2.06
CA PRO C 41 -29.80 -42.56 -1.82
C PRO C 41 -28.83 -43.49 -2.50
N ALA C 42 -27.66 -42.97 -2.84
CA ALA C 42 -26.62 -43.75 -3.52
C ALA C 42 -25.23 -43.29 -3.07
N ILE C 43 -24.25 -44.17 -3.19
CA ILE C 43 -22.91 -43.83 -2.84
C ILE C 43 -22.00 -44.34 -3.92
N ALA C 44 -21.14 -43.46 -4.43
CA ALA C 44 -20.16 -43.85 -5.45
C ALA C 44 -18.75 -43.92 -4.81
N VAL C 45 -18.05 -45.02 -5.12
CA VAL C 45 -16.67 -45.22 -4.78
C VAL C 45 -15.82 -45.13 -6.05
N GLN C 46 -14.90 -44.19 -6.12
CA GLN C 46 -14.09 -44.05 -7.33
C GLN C 46 -12.59 -44.06 -7.14
N VAL C 47 -11.94 -44.84 -8.00
CA VAL C 47 -10.49 -45.04 -8.00
C VAL C 47 -9.97 -45.06 -9.45
N SER C 48 -8.88 -44.34 -9.66
CA SER C 48 -8.11 -44.38 -10.90
C SER C 48 -6.85 -45.21 -10.69
N TYR C 49 -6.61 -46.16 -11.58
CA TYR C 49 -5.40 -46.98 -11.60
C TYR C 49 -4.66 -46.82 -12.94
N PRO C 50 -3.65 -45.93 -12.99
CA PRO C 50 -2.94 -45.62 -14.24
C PRO C 50 -2.15 -46.80 -14.82
N GLY C 51 -2.50 -47.17 -16.05
CA GLY C 51 -1.72 -48.14 -16.83
C GLY C 51 -2.31 -49.52 -17.03
N ALA C 52 -3.41 -49.81 -16.34
CA ALA C 52 -3.99 -51.14 -16.38
C ALA C 52 -5.20 -51.11 -17.26
N SER C 53 -5.58 -52.27 -17.77
CA SER C 53 -6.73 -52.36 -18.65
C SER C 53 -8.04 -52.41 -17.85
N ALA C 54 -9.14 -52.07 -18.51
CA ALA C 54 -10.45 -52.16 -17.89
C ALA C 54 -10.59 -53.53 -17.23
N GLU C 55 -9.92 -54.54 -17.79
CA GLU C 55 -9.95 -55.88 -17.24
C GLU C 55 -9.12 -56.03 -15.96
N THR C 56 -8.04 -55.25 -15.84
CA THR C 56 -7.25 -55.25 -14.62
C THR C 56 -8.03 -54.51 -13.57
N VAL C 57 -8.43 -53.29 -13.93
CA VAL C 57 -9.19 -52.43 -13.05
C VAL C 57 -10.31 -53.22 -12.38
N GLN C 58 -10.72 -54.32 -13.02
CA GLN C 58 -11.83 -55.09 -12.53
C GLN C 58 -11.41 -56.29 -11.71
N ASP C 59 -10.34 -56.97 -12.13
CA ASP C 59 -9.91 -58.17 -11.44
C ASP C 59 -9.16 -57.85 -10.15
N THR C 60 -8.46 -56.71 -10.12
CA THR C 60 -7.61 -56.37 -8.99
C THR C 60 -8.23 -55.28 -8.10
N VAL C 61 -9.27 -54.62 -8.58
CA VAL C 61 -9.93 -53.54 -7.82
C VAL C 61 -11.43 -53.82 -7.61
N VAL C 62 -12.28 -53.25 -8.45
CA VAL C 62 -13.74 -53.30 -8.32
C VAL C 62 -14.29 -54.56 -7.68
N GLN C 63 -13.94 -55.70 -8.25
CA GLN C 63 -14.40 -56.98 -7.75
C GLN C 63 -14.14 -57.14 -6.25
N VAL C 64 -12.99 -56.67 -5.79
CA VAL C 64 -12.64 -56.81 -4.37
C VAL C 64 -13.52 -55.89 -3.55
N ILE C 65 -13.57 -54.62 -3.92
CA ILE C 65 -14.40 -53.64 -3.19
C ILE C 65 -15.88 -54.05 -3.14
N GLU C 66 -16.32 -54.88 -4.08
CA GLU C 66 -17.72 -55.29 -4.13
C GLU C 66 -18.03 -56.36 -3.10
N GLN C 67 -17.01 -57.14 -2.75
CA GLN C 67 -17.13 -58.15 -1.71
C GLN C 67 -17.47 -57.45 -0.40
N GLN C 68 -16.84 -56.31 -0.16
CA GLN C 68 -17.06 -55.58 1.09
C GLN C 68 -18.38 -54.85 1.08
N MET C 69 -18.93 -54.61 -0.10
CA MET C 69 -20.15 -53.82 -0.23
C MET C 69 -21.39 -54.69 -0.03
N ASN C 70 -21.24 -55.98 -0.26
CA ASN C 70 -22.28 -56.92 0.05
C ASN C 70 -22.47 -56.93 1.56
N GLY C 71 -23.71 -57.07 1.98
CA GLY C 71 -24.01 -57.14 3.41
C GLY C 71 -24.33 -55.81 4.07
N ILE C 72 -24.19 -54.71 3.33
CA ILE C 72 -24.43 -53.38 3.88
C ILE C 72 -25.93 -53.15 4.11
N ASP C 73 -26.24 -52.34 5.12
CA ASP C 73 -27.61 -52.09 5.49
C ASP C 73 -28.36 -51.39 4.38
N ASN C 74 -29.55 -51.93 4.11
CA ASN C 74 -30.50 -51.36 3.18
C ASN C 74 -29.95 -51.26 1.77
N LEU C 75 -29.41 -52.38 1.27
CA LEU C 75 -28.80 -52.41 -0.05
C LEU C 75 -29.82 -52.80 -1.13
N ARG C 76 -30.01 -51.95 -2.13
CA ARG C 76 -30.91 -52.30 -3.22
C ARG C 76 -30.13 -52.99 -4.28
N TYR C 77 -29.08 -52.32 -4.75
CA TYR C 77 -28.15 -52.95 -5.69
C TYR C 77 -26.87 -52.16 -5.83
N ILE C 78 -25.88 -52.81 -6.43
CA ILE C 78 -24.59 -52.19 -6.70
C ILE C 78 -24.26 -52.37 -8.20
N SER C 79 -23.82 -51.30 -8.85
CA SER C 79 -23.35 -51.41 -10.26
C SER C 79 -21.97 -50.75 -10.45
N SER C 80 -21.01 -51.52 -10.93
CA SER C 80 -19.66 -51.01 -11.14
C SER C 80 -19.28 -51.01 -12.62
N GLU C 81 -18.28 -50.19 -12.95
CA GLU C 81 -17.76 -50.12 -14.31
C GLU C 81 -16.22 -50.08 -14.31
N SER C 82 -15.61 -50.86 -15.21
CA SER C 82 -14.17 -50.83 -15.42
C SER C 82 -13.81 -50.25 -16.80
N ASN C 83 -12.96 -49.23 -16.79
CA ASN C 83 -12.54 -48.54 -18.01
C ASN C 83 -11.10 -48.87 -18.43
N SER C 84 -10.81 -48.67 -19.70
CA SER C 84 -9.46 -48.91 -20.23
C SER C 84 -8.50 -47.73 -19.97
N ASP C 85 -8.96 -46.68 -19.28
CA ASP C 85 -8.09 -45.57 -18.84
C ASP C 85 -7.70 -45.65 -17.34
N GLY C 86 -7.83 -46.82 -16.74
CA GLY C 86 -7.51 -47.00 -15.32
C GLY C 86 -8.57 -46.52 -14.33
N SER C 87 -9.74 -46.15 -14.84
CA SER C 87 -10.81 -45.64 -13.99
C SER C 87 -11.87 -46.69 -13.68
N MET C 88 -12.58 -46.48 -12.59
CA MET C 88 -13.67 -47.36 -12.21
C MET C 88 -14.62 -46.60 -11.33
N THR C 89 -15.87 -47.08 -11.32
CA THR C 89 -16.87 -46.56 -10.42
C THR C 89 -17.72 -47.70 -9.91
N ILE C 90 -17.84 -47.81 -8.60
CA ILE C 90 -18.78 -48.73 -8.00
C ILE C 90 -19.87 -47.89 -7.45
N THR C 91 -21.09 -48.13 -7.93
CA THR C 91 -22.24 -47.35 -7.46
C THR C 91 -23.07 -48.28 -6.60
N VAL C 92 -23.23 -47.92 -5.34
CA VAL C 92 -23.98 -48.74 -4.39
C VAL C 92 -25.27 -48.00 -4.12
N THR C 93 -26.41 -48.66 -4.34
CA THR C 93 -27.71 -47.98 -4.23
C THR C 93 -28.55 -48.50 -3.05
N PHE C 94 -29.23 -47.58 -2.35
CA PHE C 94 -30.03 -47.90 -1.15
C PHE C 94 -31.52 -47.47 -1.17
N GLU C 95 -32.36 -48.19 -0.41
CA GLU C 95 -33.81 -47.90 -0.35
C GLU C 95 -34.06 -46.52 0.21
N GLN C 96 -35.07 -45.83 -0.31
CA GLN C 96 -35.42 -44.51 0.23
C GLN C 96 -35.56 -44.64 1.75
N GLY C 97 -35.28 -43.58 2.47
CA GLY C 97 -35.45 -43.62 3.93
C GLY C 97 -34.16 -43.94 4.64
N THR C 98 -33.30 -44.75 4.00
CA THR C 98 -31.91 -44.91 4.43
C THR C 98 -31.21 -43.59 4.66
N ASP C 99 -30.60 -43.44 5.83
CA ASP C 99 -29.85 -42.21 6.12
C ASP C 99 -28.54 -42.21 5.30
N PRO C 100 -28.39 -41.24 4.37
CA PRO C 100 -27.25 -41.20 3.46
C PRO C 100 -25.90 -40.85 4.12
N ASP C 101 -25.87 -39.95 5.09
CA ASP C 101 -24.63 -39.73 5.84
C ASP C 101 -24.16 -41.10 6.38
N ILE C 102 -25.10 -41.92 6.84
CA ILE C 102 -24.72 -43.16 7.50
C ILE C 102 -24.41 -44.29 6.54
N ALA C 103 -25.00 -44.29 5.34
CA ALA C 103 -24.63 -45.28 4.32
C ALA C 103 -23.24 -44.99 3.75
N GLN C 104 -22.86 -43.72 3.69
CA GLN C 104 -21.49 -43.39 3.30
C GLN C 104 -20.50 -43.99 4.33
N VAL C 105 -20.75 -43.67 5.60
CA VAL C 105 -19.89 -44.20 6.67
C VAL C 105 -19.82 -45.75 6.62
N GLN C 106 -20.93 -46.40 6.34
CA GLN C 106 -20.88 -47.84 6.24
C GLN C 106 -20.05 -48.19 5.06
N VAL C 107 -20.11 -47.32 4.07
CA VAL C 107 -19.34 -47.50 2.83
C VAL C 107 -17.86 -47.37 3.13
N GLN C 108 -17.46 -46.26 3.71
CA GLN C 108 -16.07 -46.14 4.19
C GLN C 108 -15.62 -47.29 5.08
N ASN C 109 -16.47 -47.73 6.00
CA ASN C 109 -16.06 -48.80 6.92
C ASN C 109 -15.79 -50.11 6.18
N LYS C 110 -16.56 -50.41 5.15
CA LYS C 110 -16.37 -51.67 4.42
C LYS C 110 -15.17 -51.60 3.49
N LEU C 111 -15.01 -50.47 2.80
CA LEU C 111 -13.90 -50.29 1.84
C LEU C 111 -12.54 -50.41 2.52
N GLN C 112 -12.44 -49.83 3.71
CA GLN C 112 -11.21 -49.89 4.51
C GLN C 112 -10.73 -51.30 4.70
N LEU C 113 -11.60 -52.29 4.48
CA LEU C 113 -11.18 -53.70 4.56
C LEU C 113 -10.85 -54.32 3.20
N ALA C 114 -11.13 -53.59 2.12
CA ALA C 114 -10.76 -54.07 0.80
C ALA C 114 -9.40 -53.45 0.48
N THR C 115 -9.31 -52.17 0.77
CA THR C 115 -8.10 -51.40 0.54
C THR C 115 -6.73 -52.12 0.69
N PRO C 116 -6.51 -52.88 1.78
CA PRO C 116 -5.18 -53.49 1.83
C PRO C 116 -4.99 -54.53 0.73
N LEU C 117 -6.11 -55.00 0.17
CA LEU C 117 -6.10 -56.04 -0.85
C LEU C 117 -6.11 -55.43 -2.26
N LEU C 118 -5.98 -54.11 -2.32
CA LEU C 118 -5.85 -53.39 -3.57
C LEU C 118 -4.37 -53.27 -3.95
N PRO C 119 -4.08 -52.94 -5.22
CA PRO C 119 -2.69 -52.70 -5.61
C PRO C 119 -2.12 -51.48 -4.92
N GLN C 120 -0.88 -51.60 -4.43
CA GLN C 120 -0.23 -50.51 -3.70
C GLN C 120 -0.19 -49.22 -4.52
N GLU C 121 -0.47 -49.35 -5.80
CA GLU C 121 -0.58 -48.20 -6.70
C GLU C 121 -1.88 -47.44 -6.47
N VAL C 122 -2.84 -48.11 -5.82
CA VAL C 122 -4.10 -47.48 -5.41
C VAL C 122 -4.07 -47.10 -3.93
N GLN C 123 -3.58 -48.02 -3.10
CA GLN C 123 -3.55 -47.78 -1.65
C GLN C 123 -2.78 -46.52 -1.30
N ARG C 124 -1.83 -46.14 -2.14
CA ARG C 124 -1.08 -44.91 -1.93
C ARG C 124 -1.85 -43.76 -2.53
N GLN C 125 -2.64 -44.09 -3.55
CA GLN C 125 -3.53 -43.14 -4.24
C GLN C 125 -4.55 -42.61 -3.25
N GLY C 126 -5.72 -43.23 -3.20
CA GLY C 126 -6.81 -42.70 -2.39
C GLY C 126 -8.14 -42.82 -3.10
N ILE C 127 -8.94 -43.80 -2.68
CA ILE C 127 -10.24 -44.00 -3.27
C ILE C 127 -11.15 -42.83 -2.91
N ARG C 128 -11.94 -42.36 -3.87
CA ARG C 128 -12.86 -41.25 -3.62
C ARG C 128 -14.26 -41.81 -3.25
N VAL C 129 -14.90 -41.25 -2.23
CA VAL C 129 -16.21 -41.74 -1.81
C VAL C 129 -17.18 -40.58 -1.68
N THR C 130 -18.28 -40.63 -2.43
CA THR C 130 -19.23 -39.50 -2.47
C THR C 130 -20.62 -39.96 -2.79
N LYS C 131 -21.57 -39.15 -2.43
CA LYS C 131 -22.96 -39.46 -2.71
C LYS C 131 -23.17 -39.38 -4.24
N ALA C 132 -24.21 -40.06 -4.72
CA ALA C 132 -24.36 -40.20 -6.14
C ALA C 132 -25.66 -39.54 -6.61
N VAL C 133 -25.52 -38.35 -7.19
CA VAL C 133 -26.63 -37.63 -7.83
C VAL C 133 -26.60 -37.86 -9.33
N LYS C 134 -27.66 -38.44 -9.87
CA LYS C 134 -27.70 -38.81 -11.30
C LYS C 134 -27.80 -37.59 -12.25
N ASN C 135 -28.26 -36.43 -11.75
CA ASN C 135 -28.59 -35.33 -12.64
C ASN C 135 -27.95 -34.00 -12.27
N PHE C 136 -27.50 -33.30 -13.32
CA PHE C 136 -26.94 -31.97 -13.22
C PHE C 136 -28.11 -31.02 -13.08
N LEU C 137 -27.93 -29.97 -12.31
CA LEU C 137 -28.96 -28.98 -12.10
C LEU C 137 -28.78 -27.87 -13.12
N MET C 138 -27.52 -27.63 -13.50
CA MET C 138 -27.21 -26.61 -14.49
C MET C 138 -25.72 -26.56 -14.74
N VAL C 139 -25.39 -25.84 -15.80
CA VAL C 139 -24.02 -25.57 -16.18
C VAL C 139 -23.84 -24.08 -16.17
N VAL C 140 -22.72 -23.61 -15.66
CA VAL C 140 -22.42 -22.18 -15.71
C VAL C 140 -21.24 -22.03 -16.62
N GLY C 141 -21.52 -21.75 -17.89
CA GLY C 141 -20.50 -21.61 -18.91
C GLY C 141 -19.83 -20.25 -18.93
N VAL C 142 -18.79 -20.15 -19.74
CA VAL C 142 -18.11 -18.88 -19.93
C VAL C 142 -17.68 -18.74 -21.37
N VAL C 143 -18.06 -17.64 -22.00
CA VAL C 143 -17.78 -17.45 -23.42
C VAL C 143 -17.03 -16.13 -23.66
N SER C 144 -16.04 -16.18 -24.55
CA SER C 144 -15.27 -14.98 -24.92
C SER C 144 -15.83 -14.37 -26.21
N THR C 145 -16.22 -13.10 -26.19
CA THR C 145 -16.75 -12.47 -27.40
C THR C 145 -15.66 -12.08 -28.40
N ASP C 146 -14.84 -11.09 -28.04
CA ASP C 146 -13.78 -10.63 -28.93
C ASP C 146 -12.78 -11.73 -29.25
N GLY C 147 -13.02 -12.93 -28.72
CA GLY C 147 -12.11 -14.07 -28.96
C GLY C 147 -10.76 -13.94 -28.27
N SER C 148 -10.65 -12.99 -27.36
CA SER C 148 -9.40 -12.75 -26.62
C SER C 148 -8.94 -13.99 -25.86
N MET C 149 -9.90 -14.78 -25.39
CA MET C 149 -9.60 -15.98 -24.60
C MET C 149 -10.15 -17.21 -25.30
N THR C 150 -9.31 -18.25 -25.41
CA THR C 150 -9.73 -19.53 -25.95
C THR C 150 -10.29 -20.41 -24.84
N LYS C 151 -10.66 -21.65 -25.19
CA LYS C 151 -11.20 -22.60 -24.22
C LYS C 151 -10.28 -22.67 -23.00
N GLU C 152 -9.05 -23.09 -23.25
CA GLU C 152 -8.03 -23.24 -22.23
C GLU C 152 -7.97 -21.99 -21.35
N ASP C 153 -8.01 -20.83 -21.98
CA ASP C 153 -7.93 -19.57 -21.26
C ASP C 153 -9.11 -19.41 -20.32
N LEU C 154 -10.32 -19.53 -20.85
CA LEU C 154 -11.55 -19.42 -20.05
C LEU C 154 -11.62 -20.55 -19.00
N SER C 155 -11.30 -21.77 -19.42
CA SER C 155 -11.28 -22.93 -18.52
C SER C 155 -10.40 -22.64 -17.31
N ASN C 156 -9.11 -22.36 -17.55
CA ASN C 156 -8.20 -22.00 -16.48
C ASN C 156 -8.81 -20.89 -15.65
N TYR C 157 -9.60 -20.05 -16.28
CA TYR C 157 -10.20 -18.96 -15.52
C TYR C 157 -11.30 -19.49 -14.59
N ILE C 158 -11.92 -20.62 -14.95
CA ILE C 158 -12.99 -21.17 -14.13
C ILE C 158 -12.42 -21.96 -12.94
N VAL C 159 -11.63 -22.98 -13.23
CA VAL C 159 -11.05 -23.82 -12.21
C VAL C 159 -10.16 -23.02 -11.29
N SER C 160 -9.83 -21.78 -11.66
CA SER C 160 -8.88 -21.00 -10.89
C SER C 160 -9.54 -19.81 -10.20
N ASN C 161 -10.73 -19.45 -10.66
CA ASN C 161 -11.42 -18.30 -10.12
C ASN C 161 -12.87 -18.60 -9.68
N ILE C 162 -13.48 -19.64 -10.22
CA ILE C 162 -14.92 -19.74 -10.10
C ILE C 162 -15.38 -21.06 -9.46
N GLN C 163 -14.63 -22.15 -9.70
CA GLN C 163 -14.79 -23.44 -9.01
C GLN C 163 -14.94 -23.26 -7.49
N ASP C 164 -13.84 -23.03 -6.82
CA ASP C 164 -13.87 -23.05 -5.36
C ASP C 164 -15.06 -22.27 -4.76
N PRO C 165 -15.37 -21.09 -5.30
CA PRO C 165 -16.53 -20.41 -4.69
C PRO C 165 -17.86 -21.02 -5.16
N LEU C 166 -17.80 -21.84 -6.20
CA LEU C 166 -18.95 -22.56 -6.70
C LEU C 166 -19.11 -23.85 -5.90
N SER C 167 -17.98 -24.53 -5.72
CA SER C 167 -17.91 -25.79 -4.98
C SER C 167 -18.37 -25.63 -3.54
N ARG C 168 -18.10 -24.46 -2.98
CA ARG C 168 -18.50 -24.14 -1.64
C ARG C 168 -19.65 -23.17 -1.65
N THR C 169 -20.64 -23.48 -2.48
CA THR C 169 -21.82 -22.63 -2.63
C THR C 169 -23.02 -23.33 -1.99
N LYS C 170 -23.73 -22.61 -1.14
CA LYS C 170 -24.92 -23.15 -0.46
C LYS C 170 -25.80 -23.96 -1.40
N GLY C 171 -25.92 -25.23 -1.12
CA GLY C 171 -26.76 -26.10 -1.92
C GLY C 171 -25.92 -26.83 -2.94
N VAL C 172 -24.75 -26.27 -3.26
CA VAL C 172 -23.89 -26.89 -4.28
C VAL C 172 -23.20 -28.16 -3.74
N GLY C 173 -23.24 -29.23 -4.52
CA GLY C 173 -22.59 -30.48 -4.15
C GLY C 173 -21.54 -30.86 -5.17
N ASP C 174 -21.70 -32.01 -5.82
CA ASP C 174 -20.71 -32.41 -6.80
C ASP C 174 -20.70 -31.44 -8.00
N PHE C 175 -19.55 -31.41 -8.65
CA PHE C 175 -19.37 -30.59 -9.83
C PHE C 175 -18.40 -31.30 -10.74
N GLN C 176 -18.24 -30.76 -11.94
CA GLN C 176 -17.32 -31.36 -12.90
C GLN C 176 -17.11 -30.42 -14.08
N VAL C 177 -15.93 -29.81 -14.10
CA VAL C 177 -15.59 -28.83 -15.13
C VAL C 177 -15.34 -29.53 -16.46
N PHE C 178 -15.85 -28.95 -17.53
CA PHE C 178 -15.63 -29.46 -18.86
C PHE C 178 -14.35 -28.82 -19.43
N GLY C 179 -13.25 -29.09 -18.75
CA GLY C 179 -11.98 -28.45 -19.06
C GLY C 179 -11.03 -28.60 -17.91
N SER C 180 -10.07 -27.68 -17.82
CA SER C 180 -9.04 -27.74 -16.78
C SER C 180 -8.31 -26.42 -16.60
N GLN C 181 -7.51 -26.35 -15.54
CA GLN C 181 -6.68 -25.19 -15.27
C GLN C 181 -5.35 -25.35 -16.01
N TYR C 182 -4.56 -24.29 -16.09
CA TYR C 182 -3.27 -24.37 -16.77
C TYR C 182 -2.34 -25.30 -15.99
N SER C 183 -1.40 -25.89 -16.71
CA SER C 183 -0.37 -26.70 -16.10
C SER C 183 0.94 -26.45 -16.83
N MET C 184 2.04 -26.56 -16.11
CA MET C 184 3.35 -26.42 -16.73
C MET C 184 3.64 -27.68 -17.52
N ARG C 185 3.37 -27.65 -18.82
CA ARG C 185 3.63 -28.79 -19.71
C ARG C 185 5.05 -28.82 -20.29
N ILE C 186 5.59 -30.03 -20.37
CA ILE C 186 6.93 -30.24 -20.84
C ILE C 186 6.96 -31.38 -21.87
N TRP C 187 6.98 -31.00 -23.15
CA TRP C 187 6.96 -31.96 -24.24
C TRP C 187 8.36 -32.35 -24.71
N LEU C 188 8.86 -33.46 -24.14
CA LEU C 188 10.17 -33.97 -24.48
C LEU C 188 10.28 -34.23 -25.97
N ASP C 189 11.48 -33.99 -26.50
CA ASP C 189 11.79 -34.25 -27.90
C ASP C 189 12.69 -35.49 -27.98
N PRO C 190 12.15 -36.61 -28.50
CA PRO C 190 12.88 -37.89 -28.52
C PRO C 190 14.25 -37.82 -29.23
N ALA C 191 14.34 -37.03 -30.30
CA ALA C 191 15.59 -36.86 -31.02
C ALA C 191 16.50 -35.86 -30.32
N LYS C 192 15.96 -34.70 -29.96
CA LYS C 192 16.72 -33.67 -29.25
C LYS C 192 17.25 -34.21 -27.92
N LEU C 193 16.60 -35.26 -27.44
CA LEU C 193 16.96 -35.91 -26.19
C LEU C 193 18.16 -36.83 -26.39
N ASN C 194 18.11 -37.59 -27.49
CA ASN C 194 19.16 -38.52 -27.87
C ASN C 194 20.50 -37.82 -28.11
N SER C 195 20.44 -36.71 -28.84
CA SER C 195 21.63 -35.93 -29.16
C SER C 195 22.47 -35.60 -27.93
N TYR C 196 21.85 -35.60 -26.76
CA TYR C 196 22.55 -35.31 -25.51
C TYR C 196 22.70 -36.56 -24.64
N GLN C 197 22.49 -37.72 -25.24
CA GLN C 197 22.60 -39.00 -24.53
C GLN C 197 21.72 -39.02 -23.27
N LEU C 198 20.83 -38.04 -23.17
CA LEU C 198 19.97 -37.88 -21.99
C LEU C 198 18.69 -38.71 -22.08
N THR C 199 18.03 -38.88 -20.93
CA THR C 199 16.80 -39.66 -20.85
C THR C 199 15.68 -38.81 -20.27
N PRO C 200 14.42 -39.27 -20.43
CA PRO C 200 13.30 -38.53 -19.84
C PRO C 200 13.35 -38.60 -18.31
N GLY C 201 13.95 -39.66 -17.79
CA GLY C 201 14.16 -39.79 -16.36
C GLY C 201 14.99 -38.65 -15.81
N ASP C 202 16.15 -38.41 -16.42
CA ASP C 202 17.00 -37.29 -16.00
C ASP C 202 16.18 -36.01 -16.05
N VAL C 203 15.20 -35.98 -16.96
CA VAL C 203 14.31 -34.84 -17.11
C VAL C 203 13.35 -34.77 -15.94
N SER C 204 12.59 -35.84 -15.74
CA SER C 204 11.66 -35.93 -14.62
C SER C 204 12.43 -35.73 -13.33
N SER C 205 13.68 -36.21 -13.32
CA SER C 205 14.56 -36.02 -12.18
C SER C 205 14.87 -34.55 -11.95
N ALA C 206 15.43 -33.91 -12.97
CA ALA C 206 15.82 -32.50 -12.90
C ALA C 206 14.74 -31.58 -12.31
N ILE C 207 13.52 -31.68 -12.84
CA ILE C 207 12.38 -30.90 -12.35
C ILE C 207 12.25 -31.08 -10.84
N GLN C 208 12.05 -32.33 -10.43
CA GLN C 208 11.90 -32.66 -9.02
C GLN C 208 13.10 -32.22 -8.21
N ALA C 209 14.16 -31.75 -8.87
CA ALA C 209 15.39 -31.36 -8.18
C ALA C 209 15.60 -29.86 -8.03
N GLN C 210 15.03 -29.07 -8.93
CA GLN C 210 15.27 -27.63 -8.95
C GLN C 210 13.99 -26.79 -8.73
N ASN C 211 12.83 -27.40 -8.97
CA ASN C 211 11.57 -26.72 -8.73
C ASN C 211 10.95 -27.24 -7.45
N VAL C 212 11.19 -26.54 -6.35
CA VAL C 212 10.72 -27.03 -5.09
C VAL C 212 10.92 -26.03 -3.95
N GLN C 213 10.03 -26.14 -2.97
CA GLN C 213 10.02 -25.27 -1.81
C GLN C 213 10.74 -26.00 -0.69
N ILE C 214 11.84 -25.46 -0.19
CA ILE C 214 12.64 -26.17 0.80
C ILE C 214 12.52 -25.52 2.16
N SER C 215 12.38 -26.34 3.19
CA SER C 215 12.32 -25.81 4.56
C SER C 215 13.72 -25.36 4.97
N SER C 216 13.82 -24.21 5.64
CA SER C 216 15.15 -23.66 5.89
C SER C 216 15.31 -22.80 7.13
N GLY C 217 14.54 -23.05 8.16
CA GLY C 217 14.83 -22.42 9.45
C GLY C 217 14.75 -20.90 9.46
N GLN C 218 15.12 -20.31 10.60
CA GLN C 218 15.14 -18.87 10.72
C GLN C 218 16.55 -18.34 11.04
N LEU C 219 16.61 -17.09 11.46
CA LEU C 219 17.85 -16.52 11.90
C LEU C 219 17.67 -16.20 13.37
N GLY C 220 18.38 -16.90 14.23
CA GLY C 220 18.18 -16.77 15.64
C GLY C 220 16.92 -17.51 16.06
N GLY C 221 16.59 -18.57 15.32
CA GLY C 221 15.56 -19.51 15.73
C GLY C 221 15.86 -20.11 17.10
N LEU C 222 14.86 -20.79 17.67
CA LEU C 222 14.99 -21.35 19.01
C LEU C 222 15.37 -22.84 18.96
N PRO C 223 16.18 -23.29 19.93
CA PRO C 223 16.70 -22.45 21.01
C PRO C 223 17.85 -21.55 20.51
N ALA C 224 17.94 -20.34 21.06
CA ALA C 224 18.86 -19.32 20.56
C ALA C 224 19.92 -18.88 21.60
N VAL C 225 21.07 -18.40 21.08
CA VAL C 225 22.18 -17.94 21.93
C VAL C 225 21.77 -16.77 22.83
N LYS C 226 22.18 -16.84 24.10
CA LYS C 226 21.81 -15.80 25.06
C LYS C 226 22.17 -14.41 24.55
N GLY C 227 21.21 -13.51 24.58
CA GLY C 227 21.43 -12.13 24.15
C GLY C 227 20.91 -11.82 22.76
N GLN C 228 20.57 -12.83 21.98
CA GLN C 228 20.05 -12.57 20.64
C GLN C 228 18.90 -11.55 20.64
N GLN C 229 18.89 -10.72 19.59
CA GLN C 229 17.85 -9.71 19.40
C GLN C 229 17.40 -9.66 17.94
N LEU C 230 18.10 -10.36 17.06
CA LEU C 230 17.63 -10.58 15.70
C LEU C 230 16.86 -11.89 15.60
N ASN C 231 15.90 -11.92 14.69
CA ASN C 231 15.02 -13.06 14.55
C ASN C 231 14.15 -12.81 13.33
N ALA C 232 14.28 -13.67 12.32
CA ALA C 232 13.52 -13.57 11.10
C ALA C 232 13.55 -14.84 10.23
N THR C 233 12.57 -14.97 9.36
CA THR C 233 12.47 -16.10 8.45
C THR C 233 13.63 -16.13 7.49
N ILE C 234 14.05 -17.35 7.14
CA ILE C 234 15.06 -17.53 6.12
C ILE C 234 14.38 -18.13 4.91
N ILE C 235 14.04 -17.29 3.92
CA ILE C 235 13.46 -17.82 2.68
C ILE C 235 14.53 -18.68 2.03
N GLY C 236 14.14 -19.61 1.17
CA GLY C 236 15.08 -20.55 0.56
C GLY C 236 14.78 -20.69 -0.91
N LYS C 237 14.92 -21.90 -1.45
CA LYS C 237 14.79 -22.10 -2.88
C LYS C 237 13.44 -21.64 -3.41
N THR C 238 12.38 -22.28 -2.97
CA THR C 238 11.02 -21.92 -3.36
C THR C 238 10.66 -22.34 -4.77
N ARG C 239 9.40 -22.77 -4.92
CA ARG C 239 8.80 -23.23 -6.19
C ARG C 239 9.07 -22.27 -7.36
N LEU C 240 9.24 -22.84 -8.55
CA LEU C 240 9.34 -22.07 -9.79
C LEU C 240 7.99 -21.44 -10.07
N GLN C 241 7.67 -21.15 -11.34
CA GLN C 241 6.43 -20.42 -11.64
C GLN C 241 6.25 -20.08 -13.13
N THR C 242 7.28 -19.54 -13.77
CA THR C 242 7.15 -19.05 -15.14
C THR C 242 7.56 -20.10 -16.14
N ALA C 243 7.07 -19.95 -17.37
CA ALA C 243 7.41 -20.87 -18.44
C ALA C 243 8.90 -20.79 -18.73
N GLU C 244 9.48 -19.64 -18.38
CA GLU C 244 10.91 -19.39 -18.60
C GLU C 244 11.78 -20.10 -17.57
N GLN C 245 11.41 -19.98 -16.29
CA GLN C 245 12.16 -20.61 -15.21
C GLN C 245 12.28 -22.12 -15.38
N PHE C 246 11.29 -22.71 -16.05
CA PHE C 246 11.30 -24.13 -16.36
C PHE C 246 12.23 -24.38 -17.56
N GLU C 247 12.80 -23.31 -18.09
CA GLU C 247 13.70 -23.38 -19.25
C GLU C 247 15.18 -23.18 -18.87
N ASN C 248 15.46 -23.00 -17.59
CA ASN C 248 16.84 -22.85 -17.10
C ASN C 248 17.27 -24.06 -16.28
N ILE C 249 16.66 -25.21 -16.55
CA ILE C 249 16.93 -26.42 -15.78
C ILE C 249 17.95 -27.30 -16.51
N LEU C 250 19.19 -27.25 -16.05
CA LEU C 250 20.28 -27.99 -16.68
C LEU C 250 20.23 -29.46 -16.30
N LEU C 251 20.23 -30.32 -17.32
CA LEU C 251 20.18 -31.76 -17.10
C LEU C 251 21.53 -32.24 -16.60
N LYS C 252 22.60 -31.75 -17.23
CA LYS C 252 23.96 -32.09 -16.83
C LYS C 252 25.01 -31.30 -17.61
N VAL C 253 26.25 -31.79 -17.60
CA VAL C 253 27.34 -31.13 -18.29
C VAL C 253 28.05 -32.05 -19.30
N ASN C 254 28.18 -31.56 -20.53
CA ASN C 254 28.88 -32.28 -21.60
C ASN C 254 30.39 -32.01 -21.53
N PRO C 255 31.19 -32.56 -22.48
CA PRO C 255 32.63 -32.34 -22.43
C PRO C 255 33.06 -30.88 -22.24
N ASP C 256 32.63 -29.99 -23.13
CA ASP C 256 33.03 -28.58 -23.10
C ASP C 256 31.82 -27.65 -22.95
N GLY C 257 31.99 -26.40 -23.37
CA GLY C 257 30.88 -25.44 -23.42
C GLY C 257 30.36 -25.01 -22.06
N SER C 258 29.42 -24.08 -22.07
CA SER C 258 28.81 -23.61 -20.83
C SER C 258 28.02 -24.74 -20.20
N GLN C 259 26.70 -24.75 -20.42
CA GLN C 259 25.82 -25.75 -19.82
C GLN C 259 24.56 -25.96 -20.67
N VAL C 260 23.94 -27.12 -20.50
CA VAL C 260 22.71 -27.47 -21.21
C VAL C 260 21.50 -27.10 -20.36
N ARG C 261 20.37 -26.83 -21.01
CA ARG C 261 19.13 -26.52 -20.31
C ARG C 261 17.97 -27.39 -20.80
N LEU C 262 16.79 -27.16 -20.25
CA LEU C 262 15.59 -27.91 -20.62
C LEU C 262 15.00 -27.38 -21.92
N LYS C 263 15.23 -26.10 -22.19
CA LYS C 263 14.77 -25.48 -23.44
C LYS C 263 15.23 -26.28 -24.64
N ASP C 264 16.46 -26.79 -24.54
CA ASP C 264 17.09 -27.56 -25.61
C ASP C 264 16.63 -29.04 -25.65
N VAL C 265 15.58 -29.37 -24.89
CA VAL C 265 15.11 -30.76 -24.89
C VAL C 265 13.58 -30.87 -24.92
N ALA C 266 12.89 -29.75 -24.78
CA ALA C 266 11.44 -29.77 -24.81
C ALA C 266 10.84 -28.36 -24.78
N ASP C 267 9.54 -28.29 -25.01
CA ASP C 267 8.80 -27.04 -25.01
C ASP C 267 8.24 -26.77 -23.62
N VAL C 268 8.15 -25.51 -23.23
CA VAL C 268 7.78 -25.15 -21.85
C VAL C 268 6.94 -23.86 -21.73
N GLY C 269 5.62 -24.05 -21.70
CA GLY C 269 4.69 -22.98 -21.37
C GLY C 269 3.43 -23.51 -20.72
N LEU C 270 2.63 -22.59 -20.19
CA LEU C 270 1.33 -22.90 -19.57
C LEU C 270 0.42 -23.65 -20.52
N GLY C 271 0.08 -24.89 -20.18
CA GLY C 271 -0.85 -25.70 -20.97
C GLY C 271 -2.11 -26.03 -20.17
N GLY C 272 -2.45 -27.32 -20.17
CA GLY C 272 -3.60 -27.81 -19.40
C GLY C 272 -3.37 -29.20 -18.83
N GLN C 273 -3.93 -29.44 -17.64
CA GLN C 273 -3.78 -30.73 -16.96
C GLN C 273 -4.40 -31.86 -17.75
N ASP C 274 -5.45 -31.53 -18.50
CA ASP C 274 -6.18 -32.49 -19.29
C ASP C 274 -6.71 -31.79 -20.54
N TYR C 275 -6.52 -32.41 -21.70
CA TYR C 275 -6.99 -31.85 -22.96
C TYR C 275 -8.22 -32.60 -23.48
N SER C 276 -8.74 -33.50 -22.64
CA SER C 276 -9.84 -34.40 -23.02
C SER C 276 -11.14 -33.65 -23.28
N ILE C 277 -12.06 -33.76 -22.35
CA ILE C 277 -13.37 -33.18 -22.51
C ILE C 277 -13.27 -31.74 -23.04
N ASN C 278 -13.92 -31.47 -24.17
CA ASN C 278 -13.90 -30.14 -24.80
C ASN C 278 -15.30 -29.52 -24.87
N ALA C 279 -15.41 -28.21 -24.72
CA ALA C 279 -16.72 -27.55 -24.61
C ALA C 279 -16.95 -26.41 -25.61
N GLN C 280 -18.20 -26.29 -26.07
CA GLN C 280 -18.64 -25.21 -26.95
C GLN C 280 -20.11 -24.80 -26.68
N PHE C 281 -20.34 -23.51 -26.46
CA PHE C 281 -21.69 -22.98 -26.26
C PHE C 281 -22.19 -22.34 -27.55
N ASN C 282 -22.96 -23.09 -28.34
CA ASN C 282 -23.46 -22.59 -29.61
C ASN C 282 -22.30 -22.43 -30.59
N GLY C 283 -21.46 -23.47 -30.67
CA GLY C 283 -20.33 -23.48 -31.61
C GLY C 283 -19.12 -22.77 -31.01
N SER C 284 -19.30 -21.52 -30.59
CA SER C 284 -18.24 -20.73 -29.99
C SER C 284 -17.52 -21.50 -28.89
N PRO C 285 -16.20 -21.72 -29.05
CA PRO C 285 -15.47 -22.40 -27.98
C PRO C 285 -15.64 -21.67 -26.64
N ALA C 286 -15.82 -22.46 -25.58
CA ALA C 286 -16.04 -21.92 -24.24
C ALA C 286 -15.77 -22.97 -23.18
N SER C 287 -15.82 -22.54 -21.93
CA SER C 287 -15.69 -23.45 -20.79
C SER C 287 -16.97 -23.44 -19.96
N GLY C 288 -17.21 -24.50 -19.21
CA GLY C 288 -18.38 -24.53 -18.33
C GLY C 288 -18.29 -25.51 -17.20
N ILE C 289 -18.97 -25.20 -16.10
CA ILE C 289 -19.05 -26.08 -14.94
C ILE C 289 -20.49 -26.57 -14.66
N ALA C 290 -20.69 -27.86 -14.81
CA ALA C 290 -21.93 -28.59 -14.50
C ALA C 290 -22.04 -28.96 -12.99
N ILE C 291 -22.84 -28.25 -12.22
CA ILE C 291 -22.98 -28.60 -10.82
C ILE C 291 -24.21 -29.46 -10.50
N LYS C 292 -23.94 -30.58 -9.83
CA LYS C 292 -24.99 -31.44 -9.34
C LYS C 292 -25.51 -30.94 -8.01
N LEU C 293 -26.81 -31.09 -7.82
CA LEU C 293 -27.46 -30.59 -6.60
C LEU C 293 -27.07 -31.47 -5.41
N ALA C 294 -26.85 -30.84 -4.27
CA ALA C 294 -26.49 -31.58 -3.05
C ALA C 294 -27.72 -32.08 -2.33
N THR C 295 -27.65 -33.31 -1.82
CA THR C 295 -28.73 -33.94 -1.07
C THR C 295 -29.29 -33.01 0.00
N GLY C 296 -30.54 -32.58 -0.17
CA GLY C 296 -31.19 -31.74 0.84
C GLY C 296 -31.49 -30.28 0.52
N ALA C 297 -30.75 -29.67 -0.40
CA ALA C 297 -30.89 -28.23 -0.66
C ALA C 297 -32.10 -27.97 -1.56
N ASN C 298 -32.55 -26.73 -1.58
CA ASN C 298 -33.58 -26.28 -2.52
C ASN C 298 -33.03 -25.69 -3.83
N ALA C 299 -33.20 -26.43 -4.92
CA ALA C 299 -32.86 -25.93 -6.27
C ALA C 299 -33.15 -24.43 -6.49
N LEU C 300 -34.38 -23.98 -6.27
CA LEU C 300 -34.67 -22.55 -6.45
C LEU C 300 -33.74 -21.67 -5.60
N ASP C 301 -33.47 -22.10 -4.37
CA ASP C 301 -32.53 -21.35 -3.50
C ASP C 301 -31.09 -21.49 -3.97
N THR C 302 -30.75 -22.69 -4.45
CA THR C 302 -29.41 -23.01 -4.82
C THR C 302 -29.02 -22.23 -6.07
N ALA C 303 -29.76 -22.46 -7.17
CA ALA C 303 -29.56 -21.71 -8.42
C ALA C 303 -29.50 -20.21 -8.15
N LYS C 304 -30.37 -19.73 -7.27
CA LYS C 304 -30.29 -18.33 -6.90
C LYS C 304 -28.90 -18.03 -6.35
N ALA C 305 -28.54 -18.67 -5.23
CA ALA C 305 -27.27 -18.45 -4.54
C ALA C 305 -26.04 -18.43 -5.46
N ILE C 306 -25.96 -19.36 -6.41
CA ILE C 306 -24.80 -19.40 -7.28
C ILE C 306 -24.77 -18.16 -8.18
N ARG C 307 -25.92 -17.83 -8.77
CA ARG C 307 -26.02 -16.68 -9.67
C ARG C 307 -25.45 -15.53 -8.90
N GLN C 308 -25.77 -15.51 -7.61
CA GLN C 308 -25.32 -14.46 -6.70
C GLN C 308 -23.81 -14.53 -6.44
N THR C 309 -23.23 -15.74 -6.50
CA THR C 309 -21.79 -15.86 -6.22
C THR C 309 -20.97 -15.46 -7.43
N ILE C 310 -21.56 -15.57 -8.62
CA ILE C 310 -20.86 -15.18 -9.82
C ILE C 310 -21.00 -13.68 -10.02
N ALA C 311 -22.17 -13.15 -9.70
CA ALA C 311 -22.40 -11.72 -9.81
C ALA C 311 -21.28 -10.99 -9.11
N ASN C 312 -20.82 -11.54 -7.99
CA ASN C 312 -19.72 -10.96 -7.23
C ASN C 312 -18.36 -11.17 -7.88
N LEU C 313 -18.27 -12.22 -8.71
CA LEU C 313 -17.03 -12.61 -9.36
C LEU C 313 -16.86 -12.06 -10.78
N GLU C 314 -17.97 -11.82 -11.46
CA GLU C 314 -17.93 -11.23 -12.81
C GLU C 314 -17.08 -9.97 -12.82
N PRO C 315 -17.30 -9.07 -11.85
CA PRO C 315 -16.58 -7.78 -11.77
C PRO C 315 -15.07 -7.91 -11.53
N PHE C 316 -14.47 -9.02 -11.92
CA PHE C 316 -13.03 -9.22 -11.82
C PHE C 316 -12.54 -9.88 -13.09
N MET C 317 -13.50 -10.47 -13.81
CA MET C 317 -13.24 -11.14 -15.07
C MET C 317 -12.60 -10.16 -16.07
N PRO C 318 -11.85 -10.70 -17.03
CA PRO C 318 -11.14 -9.89 -18.01
C PRO C 318 -12.06 -9.06 -18.90
N GLN C 319 -11.50 -8.55 -19.99
CA GLN C 319 -12.19 -7.68 -20.93
C GLN C 319 -13.28 -8.41 -21.71
N GLY C 320 -12.90 -9.53 -22.34
CA GLY C 320 -13.79 -10.19 -23.30
C GLY C 320 -14.28 -11.59 -22.95
N MET C 321 -14.75 -11.77 -21.71
CA MET C 321 -15.43 -13.00 -21.31
C MET C 321 -16.77 -12.72 -20.64
N LYS C 322 -17.82 -13.41 -21.10
CA LYS C 322 -19.14 -13.31 -20.48
C LYS C 322 -19.59 -14.69 -19.97
N VAL C 323 -20.34 -14.68 -18.88
CA VAL C 323 -20.83 -15.92 -18.30
C VAL C 323 -22.20 -16.30 -18.85
N VAL C 324 -22.33 -17.53 -19.32
CA VAL C 324 -23.60 -18.03 -19.86
C VAL C 324 -24.10 -19.25 -19.09
N TYR C 325 -25.41 -19.45 -19.13
CA TYR C 325 -26.02 -20.56 -18.45
C TYR C 325 -26.68 -21.48 -19.44
N PRO C 326 -25.88 -22.29 -20.13
CA PRO C 326 -26.40 -23.26 -21.09
C PRO C 326 -27.48 -24.17 -20.50
N TYR C 327 -27.11 -25.08 -19.61
CA TYR C 327 -28.08 -25.99 -18.98
C TYR C 327 -28.58 -25.41 -17.67
N ASP C 328 -29.86 -25.60 -17.39
CA ASP C 328 -30.46 -25.12 -16.15
C ASP C 328 -31.93 -25.56 -16.02
N THR C 329 -32.20 -26.50 -15.10
CA THR C 329 -33.56 -27.02 -14.89
C THR C 329 -34.38 -26.21 -13.88
N THR C 330 -33.75 -25.24 -13.25
CA THR C 330 -34.43 -24.42 -12.28
C THR C 330 -35.80 -23.93 -12.79
N PRO C 331 -35.86 -23.38 -14.02
CA PRO C 331 -37.12 -22.82 -14.55
C PRO C 331 -38.36 -23.76 -14.47
N VAL C 332 -38.21 -24.99 -14.95
CA VAL C 332 -39.29 -25.97 -14.88
C VAL C 332 -39.88 -26.05 -13.47
N VAL C 333 -39.02 -25.85 -12.46
CA VAL C 333 -39.49 -25.90 -11.09
C VAL C 333 -40.49 -24.77 -10.91
N SER C 334 -40.08 -23.55 -11.24
CA SER C 334 -40.95 -22.37 -11.06
C SER C 334 -42.19 -22.37 -11.97
N ALA C 335 -42.10 -23.03 -13.11
CA ALA C 335 -43.19 -23.09 -14.05
C ALA C 335 -44.23 -24.03 -13.51
N SER C 336 -43.76 -25.14 -12.96
CA SER C 336 -44.64 -26.15 -12.39
C SER C 336 -45.49 -25.55 -11.27
N ILE C 337 -44.81 -24.91 -10.33
CA ILE C 337 -45.49 -24.33 -9.18
C ILE C 337 -46.41 -23.15 -9.57
N HIS C 338 -46.01 -22.36 -10.57
CA HIS C 338 -46.86 -21.25 -11.07
C HIS C 338 -48.16 -21.76 -11.71
N GLU C 339 -48.06 -22.86 -12.45
CA GLU C 339 -49.21 -23.45 -13.13
C GLU C 339 -50.22 -24.02 -12.12
N VAL C 340 -49.88 -25.18 -11.55
CA VAL C 340 -50.63 -25.80 -10.48
C VAL C 340 -51.18 -24.78 -9.51
N VAL C 341 -50.36 -23.81 -9.12
CA VAL C 341 -50.87 -22.82 -8.22
C VAL C 341 -52.05 -22.17 -8.90
N LYS C 342 -51.86 -21.83 -10.17
CA LYS C 342 -52.90 -21.18 -10.95
C LYS C 342 -54.16 -22.05 -11.06
N THR C 343 -54.02 -23.28 -11.53
CA THR C 343 -55.21 -24.11 -11.65
C THR C 343 -55.94 -24.09 -10.30
N LEU C 344 -55.18 -24.43 -9.27
CA LEU C 344 -55.67 -24.46 -7.91
C LEU C 344 -56.74 -23.41 -7.76
N GLY C 345 -56.37 -22.18 -8.07
CA GLY C 345 -57.26 -21.01 -7.96
C GLY C 345 -58.43 -21.00 -8.95
N GLU C 346 -58.33 -21.78 -10.03
CA GLU C 346 -59.42 -21.90 -10.99
C GLU C 346 -60.42 -22.87 -10.41
N ALA C 347 -59.85 -23.85 -9.71
CA ALA C 347 -60.61 -24.87 -9.03
C ALA C 347 -61.50 -24.23 -8.01
N ILE C 348 -60.97 -23.28 -7.27
CA ILE C 348 -61.79 -22.61 -6.28
C ILE C 348 -62.89 -21.73 -6.89
N LEU C 349 -62.60 -21.03 -7.98
CA LEU C 349 -63.64 -20.23 -8.66
C LEU C 349 -64.72 -21.13 -9.27
N LEU C 350 -64.26 -22.23 -9.89
CA LEU C 350 -65.15 -23.22 -10.52
C LEU C 350 -65.99 -24.06 -9.56
N VAL C 351 -65.53 -24.16 -8.32
CA VAL C 351 -66.25 -24.88 -7.27
C VAL C 351 -67.18 -23.88 -6.56
N PHE C 352 -66.76 -22.63 -6.53
CA PHE C 352 -67.60 -21.56 -6.02
C PHE C 352 -68.89 -21.47 -6.82
N LEU C 353 -68.77 -21.06 -8.09
CA LEU C 353 -69.93 -20.80 -8.94
C LEU C 353 -70.88 -21.99 -8.89
N VAL C 354 -70.34 -23.21 -8.91
CA VAL C 354 -71.17 -24.41 -8.85
C VAL C 354 -72.04 -24.40 -7.59
N MET C 355 -71.46 -24.00 -6.47
CA MET C 355 -72.24 -23.93 -5.25
C MET C 355 -73.32 -22.87 -5.40
N TYR C 356 -73.01 -21.82 -6.15
CA TYR C 356 -73.96 -20.75 -6.47
C TYR C 356 -75.08 -21.30 -7.35
N LEU C 357 -74.70 -22.17 -8.28
CA LEU C 357 -75.65 -22.86 -9.11
C LEU C 357 -76.78 -23.45 -8.25
N PHE C 358 -76.44 -23.93 -7.05
CA PHE C 358 -77.44 -24.56 -6.17
C PHE C 358 -77.92 -23.62 -5.07
N LEU C 359 -77.01 -22.82 -4.52
CA LEU C 359 -77.42 -21.96 -3.41
C LEU C 359 -78.03 -20.70 -3.96
N GLN C 360 -77.44 -20.19 -5.05
CA GLN C 360 -77.83 -18.92 -5.66
C GLN C 360 -78.18 -17.87 -4.61
N ASN C 361 -77.14 -17.28 -4.02
CA ASN C 361 -77.27 -16.23 -3.02
C ASN C 361 -75.90 -15.90 -2.48
N PHE C 362 -75.15 -15.09 -3.22
CA PHE C 362 -73.75 -14.78 -2.88
C PHE C 362 -73.45 -14.93 -1.39
N ARG C 363 -74.31 -14.33 -0.56
CA ARG C 363 -74.17 -14.42 0.89
C ARG C 363 -74.12 -15.88 1.35
N ALA C 364 -75.10 -16.66 0.91
CA ALA C 364 -75.15 -18.08 1.23
C ALA C 364 -73.89 -18.75 0.73
N THR C 365 -73.72 -18.83 -0.59
CA THR C 365 -72.56 -19.47 -1.24
C THR C 365 -71.22 -19.09 -0.60
N LEU C 366 -71.19 -17.94 0.06
CA LEU C 366 -70.00 -17.49 0.77
C LEU C 366 -69.75 -18.29 2.03
N ILE C 367 -70.84 -18.69 2.72
CA ILE C 367 -70.77 -19.46 3.97
C ILE C 367 -69.65 -20.50 3.85
N PRO C 368 -69.72 -21.36 2.80
CA PRO C 368 -68.77 -22.43 2.55
C PRO C 368 -67.48 -21.97 1.87
N THR C 369 -67.55 -21.03 0.94
CA THR C 369 -66.35 -20.64 0.22
C THR C 369 -65.24 -20.38 1.25
N ILE C 370 -65.65 -19.85 2.40
CA ILE C 370 -64.77 -19.56 3.54
C ILE C 370 -63.96 -20.78 3.98
N ALA C 371 -64.56 -21.94 3.91
CA ALA C 371 -63.90 -23.18 4.27
C ALA C 371 -62.62 -23.43 3.46
N VAL C 372 -62.35 -22.62 2.44
CA VAL C 372 -61.12 -22.78 1.64
C VAL C 372 -59.91 -22.09 2.28
N PRO C 373 -60.00 -20.76 2.50
CA PRO C 373 -58.93 -19.99 3.13
C PRO C 373 -58.83 -20.29 4.62
N VAL C 374 -59.22 -21.48 5.01
CA VAL C 374 -59.08 -21.92 6.40
C VAL C 374 -58.53 -23.34 6.37
N VAL C 375 -59.23 -24.24 5.71
CA VAL C 375 -58.72 -25.55 5.61
C VAL C 375 -57.34 -25.44 5.01
N LEU C 376 -57.28 -24.76 3.86
CA LEU C 376 -56.06 -24.63 3.05
C LEU C 376 -54.91 -23.98 3.81
N LEU C 377 -55.14 -22.82 4.39
CA LEU C 377 -54.08 -22.14 5.10
C LEU C 377 -53.54 -23.11 6.16
N GLY C 378 -54.45 -23.58 7.02
CA GLY C 378 -54.10 -24.48 8.10
C GLY C 378 -53.42 -25.73 7.63
N THR C 379 -53.80 -26.22 6.44
CA THR C 379 -53.19 -27.44 5.95
C THR C 379 -51.79 -27.13 5.39
N PHE C 380 -51.41 -25.85 5.48
CA PHE C 380 -50.06 -25.42 5.12
C PHE C 380 -49.19 -25.48 6.36
N GLY C 381 -49.78 -25.07 7.48
CA GLY C 381 -49.16 -25.20 8.79
C GLY C 381 -48.79 -26.64 9.10
N VAL C 382 -49.75 -27.54 8.88
CA VAL C 382 -49.56 -28.94 9.18
C VAL C 382 -48.40 -29.49 8.35
N LEU C 383 -48.25 -28.95 7.14
CA LEU C 383 -47.16 -29.36 6.25
C LEU C 383 -45.83 -28.83 6.81
N ALA C 384 -45.90 -27.63 7.40
CA ALA C 384 -44.73 -26.98 7.93
C ALA C 384 -44.32 -27.73 9.19
N ALA C 385 -45.23 -27.82 10.14
CA ALA C 385 -45.00 -28.55 11.39
C ALA C 385 -44.39 -29.93 11.16
N PHE C 386 -44.70 -30.56 10.02
CA PHE C 386 -44.18 -31.90 9.72
C PHE C 386 -43.02 -31.90 8.75
N GLY C 387 -42.40 -30.74 8.51
CA GLY C 387 -41.23 -30.67 7.62
C GLY C 387 -41.53 -31.11 6.21
N PHE C 388 -42.73 -30.78 5.74
CA PHE C 388 -43.13 -31.04 4.36
C PHE C 388 -42.90 -29.79 3.50
N SER C 389 -42.64 -29.99 2.22
CA SER C 389 -42.49 -28.83 1.31
C SER C 389 -43.73 -28.52 0.46
N ILE C 390 -43.88 -27.25 0.08
CA ILE C 390 -44.81 -26.88 -1.02
C ILE C 390 -44.21 -27.38 -2.30
N ASN C 391 -44.83 -28.36 -2.93
CA ASN C 391 -44.35 -28.87 -4.21
C ASN C 391 -45.49 -29.28 -5.15
N THR C 392 -45.15 -30.00 -6.22
CA THR C 392 -46.11 -30.41 -7.21
C THR C 392 -47.17 -31.28 -6.55
N LEU C 393 -46.70 -32.38 -5.96
CA LEU C 393 -47.54 -33.35 -5.28
C LEU C 393 -48.31 -32.80 -4.07
N THR C 394 -47.64 -32.03 -3.22
CA THR C 394 -48.34 -31.43 -2.08
C THR C 394 -49.48 -30.50 -2.57
N MET C 395 -49.22 -29.78 -3.65
CA MET C 395 -50.18 -28.82 -4.24
C MET C 395 -51.30 -29.53 -5.05
N PHE C 396 -50.97 -30.57 -5.79
CA PHE C 396 -52.02 -31.37 -6.43
C PHE C 396 -53.06 -31.71 -5.39
N GLY C 397 -52.71 -32.56 -4.42
CA GLY C 397 -53.63 -32.92 -3.34
C GLY C 397 -54.27 -31.69 -2.75
N MET C 398 -53.53 -30.58 -2.69
CA MET C 398 -54.19 -29.33 -2.30
C MET C 398 -55.41 -29.01 -3.20
N VAL C 399 -55.26 -29.33 -4.48
CA VAL C 399 -56.27 -29.04 -5.49
C VAL C 399 -57.36 -30.11 -5.40
N LEU C 400 -56.98 -31.38 -5.38
CA LEU C 400 -57.94 -32.49 -5.18
C LEU C 400 -58.85 -32.25 -3.98
N ALA C 401 -58.54 -31.26 -3.17
CA ALA C 401 -59.27 -31.01 -1.96
C ALA C 401 -60.19 -29.81 -1.96
N ILE C 402 -60.04 -28.91 -2.93
CA ILE C 402 -60.87 -27.68 -2.98
C ILE C 402 -62.33 -28.10 -2.83
N GLY C 403 -62.69 -29.17 -3.53
CA GLY C 403 -64.07 -29.61 -3.64
C GLY C 403 -64.45 -30.75 -2.71
N LEU C 404 -63.50 -31.18 -1.87
CA LEU C 404 -63.71 -32.27 -0.91
C LEU C 404 -63.89 -31.59 0.41
N LEU C 405 -63.14 -30.53 0.68
CA LEU C 405 -63.25 -29.87 2.00
C LEU C 405 -64.60 -29.28 2.14
N VAL C 406 -64.94 -28.41 1.18
CA VAL C 406 -66.29 -27.77 1.07
C VAL C 406 -67.47 -28.72 1.32
N ASP C 407 -67.43 -29.94 0.79
CA ASP C 407 -68.56 -30.81 0.83
C ASP C 407 -69.30 -30.54 2.12
N ASP C 408 -68.77 -31.19 3.14
CA ASP C 408 -69.19 -31.12 4.51
C ASP C 408 -69.81 -29.82 4.86
N ALA C 409 -69.09 -28.76 4.55
CA ALA C 409 -69.57 -27.41 4.85
C ALA C 409 -70.85 -27.08 4.11
N ILE C 410 -71.05 -27.63 2.91
CA ILE C 410 -72.25 -27.27 2.15
C ILE C 410 -73.44 -28.07 2.71
N VAL C 411 -73.20 -29.33 3.05
CA VAL C 411 -74.19 -30.17 3.77
C VAL C 411 -74.85 -29.45 4.95
N VAL C 412 -74.09 -28.64 5.69
CA VAL C 412 -74.64 -27.87 6.81
C VAL C 412 -75.51 -26.79 6.19
N VAL C 413 -74.94 -26.08 5.22
CA VAL C 413 -75.62 -25.02 4.46
C VAL C 413 -76.94 -25.53 3.82
N GLU C 414 -76.84 -26.65 3.12
CA GLU C 414 -77.99 -27.26 2.49
C GLU C 414 -79.08 -27.53 3.53
N ASN C 415 -78.91 -28.59 4.33
CA ASN C 415 -79.89 -28.96 5.36
C ASN C 415 -80.38 -27.76 6.15
N VAL C 416 -79.52 -26.77 6.36
CA VAL C 416 -79.97 -25.58 7.05
C VAL C 416 -80.88 -24.73 6.15
N GLU C 417 -80.79 -24.93 4.83
CA GLU C 417 -81.68 -24.25 3.90
C GLU C 417 -82.97 -25.05 3.87
N ARG C 418 -82.82 -26.34 3.56
CA ARG C 418 -83.92 -27.30 3.55
C ARG C 418 -84.81 -27.17 4.79
N VAL C 419 -84.23 -27.42 5.96
CA VAL C 419 -84.96 -27.31 7.21
C VAL C 419 -85.68 -25.97 7.25
N MET C 420 -84.94 -24.88 7.03
CA MET C 420 -85.52 -23.53 7.08
C MET C 420 -86.64 -23.38 6.05
N ALA C 421 -86.61 -24.25 5.04
CA ALA C 421 -87.66 -24.29 4.02
C ALA C 421 -88.87 -25.07 4.54
N GLU C 422 -88.74 -26.39 4.53
CA GLU C 422 -89.76 -27.31 5.00
C GLU C 422 -90.41 -26.95 6.36
N GLU C 423 -89.83 -26.03 7.12
CA GLU C 423 -90.34 -25.81 8.48
C GLU C 423 -90.44 -24.35 8.95
N GLY C 424 -89.99 -23.41 8.13
CA GLY C 424 -90.14 -21.99 8.49
C GLY C 424 -89.35 -21.49 9.68
N LEU C 425 -88.36 -22.27 10.10
CA LEU C 425 -87.53 -21.91 11.25
C LEU C 425 -86.63 -20.73 10.90
N SER C 426 -86.14 -20.01 11.91
CA SER C 426 -85.17 -18.96 11.67
C SER C 426 -83.83 -19.56 11.32
N PRO C 427 -82.92 -18.75 10.74
CA PRO C 427 -81.60 -19.29 10.45
C PRO C 427 -80.88 -19.83 11.68
N ARG C 428 -81.09 -19.20 12.83
CA ARG C 428 -80.47 -19.63 14.09
C ARG C 428 -81.10 -20.89 14.67
N GLU C 429 -82.39 -21.08 14.42
CA GLU C 429 -83.09 -22.25 14.92
C GLU C 429 -82.88 -23.43 13.97
N ALA C 430 -82.65 -23.10 12.70
CA ALA C 430 -82.44 -24.10 11.67
C ALA C 430 -81.01 -24.64 11.74
N ALA C 431 -80.10 -23.87 12.35
CA ALA C 431 -78.73 -24.31 12.56
C ALA C 431 -78.71 -25.28 13.72
N ARG C 432 -79.21 -24.80 14.86
CA ARG C 432 -79.38 -25.63 16.04
C ARG C 432 -80.01 -26.97 15.72
N LYS C 433 -81.07 -26.99 14.91
CA LYS C 433 -81.77 -28.26 14.64
C LYS C 433 -81.03 -29.11 13.63
N SER C 434 -80.55 -28.49 12.58
CA SER C 434 -79.90 -29.23 11.50
C SER C 434 -78.61 -29.92 11.98
N MET C 435 -77.97 -29.37 13.03
CA MET C 435 -76.71 -29.95 13.57
C MET C 435 -76.82 -31.38 14.04
N GLY C 436 -77.94 -31.72 14.67
CA GLY C 436 -78.22 -33.11 15.13
C GLY C 436 -78.39 -34.16 14.04
N GLN C 437 -78.83 -33.77 12.84
CA GLN C 437 -79.12 -34.74 11.76
C GLN C 437 -77.91 -35.09 10.91
N ILE C 438 -77.11 -34.08 10.60
CA ILE C 438 -75.98 -34.26 9.68
C ILE C 438 -74.66 -34.60 10.38
N GLN C 439 -74.60 -34.41 11.69
CA GLN C 439 -73.42 -34.71 12.50
C GLN C 439 -72.74 -35.97 12.02
N GLY C 440 -73.51 -37.05 11.98
CA GLY C 440 -72.99 -38.34 11.60
C GLY C 440 -72.66 -38.41 10.13
N ALA C 441 -73.05 -37.38 9.38
CA ALA C 441 -72.71 -37.30 7.96
C ALA C 441 -71.36 -36.55 7.82
N LEU C 442 -71.26 -35.41 8.50
CA LEU C 442 -70.02 -34.65 8.55
C LEU C 442 -68.81 -35.48 8.99
N VAL C 443 -68.91 -36.07 10.18
CA VAL C 443 -67.84 -36.91 10.76
C VAL C 443 -67.58 -38.03 9.75
N GLY C 444 -68.66 -38.54 9.18
CA GLY C 444 -68.59 -39.69 8.27
C GLY C 444 -67.72 -39.49 7.04
N ILE C 445 -67.97 -38.44 6.27
CA ILE C 445 -67.21 -38.20 5.03
C ILE C 445 -65.77 -37.84 5.32
N ALA C 446 -65.57 -36.93 6.26
CA ALA C 446 -64.23 -36.53 6.77
C ALA C 446 -63.40 -37.71 7.11
N MET C 447 -64.04 -38.71 7.69
CA MET C 447 -63.35 -39.87 8.23
C MET C 447 -62.94 -40.85 7.15
N VAL C 448 -63.81 -41.16 6.20
CA VAL C 448 -63.44 -42.08 5.12
C VAL C 448 -62.46 -41.46 4.10
N LEU C 449 -62.51 -40.15 3.93
CA LEU C 449 -61.60 -39.51 3.00
C LEU C 449 -60.27 -39.34 3.68
N SER C 450 -60.27 -39.47 5.00
CA SER C 450 -59.05 -39.38 5.79
C SER C 450 -58.43 -40.76 5.89
N ALA C 451 -59.27 -41.79 5.93
CA ALA C 451 -58.79 -43.16 6.10
C ALA C 451 -58.12 -43.82 4.89
N VAL C 452 -58.64 -43.59 3.68
CA VAL C 452 -58.15 -44.30 2.48
C VAL C 452 -56.74 -43.83 2.09
N PHE C 453 -56.35 -42.68 2.60
CA PHE C 453 -55.00 -42.21 2.40
C PHE C 453 -54.06 -42.50 3.58
N LEU C 454 -54.50 -43.25 4.60
CA LEU C 454 -53.69 -43.44 5.81
C LEU C 454 -52.55 -44.38 5.52
N PRO C 455 -52.86 -45.66 5.24
CA PRO C 455 -51.82 -46.60 4.92
C PRO C 455 -50.78 -46.04 3.94
N MET C 456 -51.20 -45.59 2.76
CA MET C 456 -50.23 -45.18 1.72
C MET C 456 -49.04 -44.38 2.27
N ALA C 457 -49.22 -43.71 3.40
CA ALA C 457 -48.12 -42.97 4.03
C ALA C 457 -47.04 -43.88 4.66
N PHE C 458 -47.21 -45.20 4.54
CA PHE C 458 -46.27 -46.16 5.09
C PHE C 458 -45.72 -47.20 4.09
N PHE C 459 -45.73 -46.90 2.80
CA PHE C 459 -45.15 -47.83 1.80
C PHE C 459 -43.74 -47.38 1.49
N GLY C 460 -42.97 -48.23 0.83
CA GLY C 460 -41.57 -47.94 0.58
C GLY C 460 -41.31 -47.35 -0.79
N GLY C 461 -40.06 -47.43 -1.19
CA GLY C 461 -39.66 -47.08 -2.53
C GLY C 461 -39.96 -45.64 -2.82
N SER C 462 -39.96 -45.27 -4.08
CA SER C 462 -40.30 -43.89 -4.46
C SER C 462 -41.78 -43.67 -4.37
N THR C 463 -42.54 -44.75 -4.46
CA THR C 463 -44.00 -44.63 -4.38
C THR C 463 -44.44 -44.00 -3.08
N GLY C 464 -43.95 -44.52 -1.94
CA GLY C 464 -44.43 -44.02 -0.63
C GLY C 464 -44.13 -42.57 -0.37
N VAL C 465 -42.98 -42.13 -0.87
CA VAL C 465 -42.57 -40.74 -0.70
C VAL C 465 -43.62 -39.93 -1.37
N ILE C 466 -43.98 -40.31 -2.62
CA ILE C 466 -45.02 -39.54 -3.31
C ILE C 466 -46.35 -39.79 -2.58
N TYR C 467 -46.73 -41.05 -2.38
CA TYR C 467 -48.00 -41.31 -1.63
C TYR C 467 -48.05 -40.38 -0.43
N ARG C 468 -47.00 -40.42 0.38
CA ARG C 468 -46.91 -39.63 1.62
C ARG C 468 -47.29 -38.16 1.37
N GLN C 469 -47.04 -37.65 0.16
CA GLN C 469 -47.32 -36.23 -0.19
C GLN C 469 -48.82 -35.93 -0.19
N PHE C 470 -49.61 -36.92 -0.58
CA PHE C 470 -51.05 -36.79 -0.68
C PHE C 470 -51.77 -37.09 0.63
N SER C 471 -51.27 -38.09 1.37
CA SER C 471 -51.85 -38.43 2.69
C SER C 471 -51.78 -37.25 3.63
N ILE C 472 -50.68 -36.51 3.60
CA ILE C 472 -50.53 -35.46 4.60
C ILE C 472 -51.46 -34.29 4.35
N THR C 473 -51.48 -33.79 3.12
CA THR C 473 -52.31 -32.62 2.80
C THR C 473 -53.79 -33.06 2.76
N ILE C 474 -54.08 -34.22 2.22
CA ILE C 474 -55.50 -34.62 2.26
C ILE C 474 -56.10 -34.90 3.64
N VAL C 475 -55.66 -35.96 4.36
CA VAL C 475 -56.30 -36.25 5.66
C VAL C 475 -56.32 -34.99 6.49
N SER C 476 -55.36 -34.11 6.26
CA SER C 476 -55.31 -32.86 7.03
C SER C 476 -56.39 -31.85 6.67
N ALA C 477 -56.65 -31.69 5.37
CA ALA C 477 -57.66 -30.70 4.94
C ALA C 477 -59.03 -31.21 5.35
N MET C 478 -59.26 -32.49 5.10
CA MET C 478 -60.46 -33.13 5.59
C MET C 478 -60.69 -32.87 7.09
N ALA C 479 -59.64 -33.03 7.92
CA ALA C 479 -59.77 -32.83 9.35
C ALA C 479 -60.18 -31.39 9.68
N LEU C 480 -59.39 -30.41 9.25
CA LEU C 480 -59.76 -28.99 9.43
C LEU C 480 -61.17 -28.78 8.88
N SER C 481 -61.50 -29.53 7.82
CA SER C 481 -62.80 -29.41 7.14
C SER C 481 -63.97 -29.57 8.11
N VAL C 482 -64.14 -30.80 8.62
CA VAL C 482 -65.13 -31.12 9.64
C VAL C 482 -64.99 -30.26 10.89
N ILE C 483 -63.78 -29.82 11.18
CA ILE C 483 -63.60 -28.87 12.27
C ILE C 483 -64.41 -27.61 11.99
N VAL C 484 -64.18 -27.00 10.82
CA VAL C 484 -64.85 -25.73 10.50
C VAL C 484 -66.35 -25.91 10.20
N ALA C 485 -66.71 -27.03 9.59
CA ALA C 485 -68.10 -27.35 9.34
C ALA C 485 -68.92 -27.49 10.66
N LEU C 486 -68.22 -27.90 11.72
CA LEU C 486 -68.79 -28.12 13.05
C LEU C 486 -68.63 -26.89 13.91
N ILE C 487 -67.62 -26.08 13.62
CA ILE C 487 -67.31 -24.92 14.46
C ILE C 487 -67.68 -23.58 13.79
N LEU C 488 -67.45 -23.48 12.48
CA LEU C 488 -67.59 -22.22 11.74
C LEU C 488 -68.86 -22.20 10.85
N THR C 489 -68.99 -23.19 9.98
CA THR C 489 -70.09 -23.30 9.03
C THR C 489 -71.48 -23.07 9.65
N PRO C 490 -71.73 -23.60 10.88
CA PRO C 490 -73.02 -23.47 11.55
C PRO C 490 -73.28 -22.11 12.18
N ALA C 491 -72.25 -21.44 12.65
CA ALA C 491 -72.44 -20.15 13.30
C ALA C 491 -72.61 -19.06 12.26
N LEU C 492 -72.08 -19.29 11.07
CA LEU C 492 -72.24 -18.33 9.98
C LEU C 492 -73.67 -18.41 9.43
N CYS C 493 -74.14 -19.63 9.16
CA CYS C 493 -75.50 -19.88 8.70
C CYS C 493 -76.53 -19.07 9.47
N ALA C 494 -76.60 -19.35 10.76
CA ALA C 494 -77.52 -18.67 11.64
C ALA C 494 -77.32 -17.17 11.55
N THR C 495 -76.13 -16.76 11.09
CA THR C 495 -75.76 -15.35 11.04
C THR C 495 -75.92 -14.70 9.65
N MET C 496 -75.63 -15.43 8.59
CA MET C 496 -75.58 -14.83 7.25
C MET C 496 -76.83 -15.17 6.45
N LEU C 497 -77.15 -16.46 6.37
CA LEU C 497 -78.35 -16.90 5.68
C LEU C 497 -79.56 -16.07 6.09
N LYS C 498 -80.38 -15.71 5.11
CA LYS C 498 -81.61 -14.97 5.37
C LYS C 498 -82.77 -15.95 5.43
N PRO C 499 -83.83 -15.59 6.18
CA PRO C 499 -85.00 -16.48 6.35
C PRO C 499 -85.62 -16.87 5.03
N ILE C 500 -86.10 -18.11 4.94
CA ILE C 500 -86.65 -18.64 3.69
C ILE C 500 -88.06 -19.22 3.88
N GLU C 501 -88.92 -18.46 4.56
CA GLU C 501 -90.32 -18.85 4.87
C GLU C 501 -90.79 -20.24 4.43
N LYS C 502 -91.41 -20.96 5.37
CA LYS C 502 -92.01 -22.26 5.09
C LYS C 502 -92.92 -22.16 3.87
N GLY C 503 -92.93 -23.18 3.04
CA GLY C 503 -93.72 -23.14 1.83
C GLY C 503 -93.05 -22.18 0.88
N ASP C 504 -91.81 -22.54 0.54
CA ASP C 504 -90.97 -21.75 -0.34
C ASP C 504 -90.02 -22.68 -1.09
N HIS C 505 -90.25 -23.99 -0.94
CA HIS C 505 -89.40 -25.00 -1.54
C HIS C 505 -89.15 -24.66 -2.99
N GLY C 506 -87.98 -25.03 -3.49
CA GLY C 506 -87.59 -24.67 -4.84
C GLY C 506 -87.83 -23.19 -4.98
N GLU C 507 -88.41 -22.78 -6.10
CA GLU C 507 -88.76 -21.38 -6.30
C GLU C 507 -89.27 -21.10 -7.71
N HIS C 508 -90.57 -20.85 -7.83
CA HIS C 508 -91.15 -20.38 -9.09
C HIS C 508 -90.40 -19.12 -9.49
N LYS C 509 -90.32 -18.19 -8.53
CA LYS C 509 -89.70 -16.88 -8.71
C LYS C 509 -88.38 -16.95 -9.48
N GLY C 510 -88.12 -15.91 -10.26
CA GLY C 510 -86.91 -15.83 -11.05
C GLY C 510 -87.00 -16.60 -12.36
N GLY C 511 -86.18 -16.21 -13.33
CA GLY C 511 -86.07 -16.94 -14.58
C GLY C 511 -85.06 -18.06 -14.50
N PHE C 512 -83.78 -17.71 -14.65
CA PHE C 512 -82.69 -18.68 -14.73
C PHE C 512 -82.66 -19.67 -13.55
N PHE C 513 -82.58 -19.15 -12.33
CA PHE C 513 -82.56 -20.04 -11.17
C PHE C 513 -83.95 -20.52 -10.79
N GLY C 514 -84.98 -19.84 -11.27
CA GLY C 514 -86.35 -20.31 -11.12
C GLY C 514 -86.50 -21.61 -11.87
N TRP C 515 -86.09 -21.59 -13.14
CA TRP C 515 -86.16 -22.77 -14.02
C TRP C 515 -85.46 -23.97 -13.40
N PHE C 516 -84.17 -23.80 -13.06
CA PHE C 516 -83.30 -24.88 -12.54
C PHE C 516 -83.86 -25.56 -11.28
N ASN C 517 -84.41 -24.79 -10.35
CA ASN C 517 -85.03 -25.35 -9.15
C ASN C 517 -86.22 -26.26 -9.47
N ARG C 518 -86.63 -26.30 -10.73
CA ARG C 518 -87.78 -27.11 -11.16
C ARG C 518 -87.38 -28.39 -11.90
N MET C 519 -86.41 -28.28 -12.80
CA MET C 519 -85.92 -29.44 -13.52
C MET C 519 -85.27 -30.41 -12.54
N PHE C 520 -84.77 -29.87 -11.43
CA PHE C 520 -84.13 -30.70 -10.42
C PHE C 520 -85.16 -31.22 -9.42
N LEU C 521 -86.03 -30.34 -8.94
CA LEU C 521 -87.11 -30.75 -8.05
C LEU C 521 -88.04 -31.69 -8.79
N SER C 522 -87.82 -31.82 -10.08
CA SER C 522 -88.60 -32.69 -10.93
C SER C 522 -87.81 -33.93 -11.35
N THR C 523 -86.51 -33.92 -11.10
CA THR C 523 -85.66 -35.05 -11.48
C THR C 523 -85.39 -35.93 -10.26
N THR C 524 -85.30 -35.30 -9.09
CA THR C 524 -85.25 -36.02 -7.81
C THR C 524 -86.42 -36.97 -7.76
N HIS C 525 -87.60 -36.47 -8.13
CA HIS C 525 -88.85 -37.28 -8.19
C HIS C 525 -88.65 -38.45 -9.12
N GLY C 526 -88.09 -38.17 -10.29
CA GLY C 526 -87.80 -39.23 -11.23
C GLY C 526 -87.00 -40.28 -10.50
N TYR C 527 -85.88 -39.82 -9.94
CA TYR C 527 -84.94 -40.65 -9.17
C TYR C 527 -85.60 -41.37 -7.99
N GLU C 528 -86.37 -40.60 -7.22
CA GLU C 528 -87.14 -41.14 -6.09
C GLU C 528 -87.88 -42.40 -6.49
N ARG C 529 -88.61 -42.28 -7.60
CA ARG C 529 -89.43 -43.38 -8.10
C ARG C 529 -88.54 -44.45 -8.71
N GLY C 530 -87.41 -44.02 -9.25
CA GLY C 530 -86.43 -44.93 -9.84
C GLY C 530 -85.91 -45.88 -8.79
N VAL C 531 -85.68 -45.36 -7.58
CA VAL C 531 -85.18 -46.17 -6.47
C VAL C 531 -86.27 -47.13 -5.99
N ALA C 532 -87.40 -46.56 -5.57
CA ALA C 532 -88.56 -47.37 -5.16
C ALA C 532 -88.75 -48.58 -6.07
N SER C 533 -88.52 -48.35 -7.35
CA SER C 533 -88.67 -49.39 -8.36
C SER C 533 -87.59 -50.43 -8.17
N ILE C 534 -86.33 -50.00 -8.11
CA ILE C 534 -85.20 -50.94 -7.93
C ILE C 534 -85.37 -51.74 -6.65
N LEU C 535 -85.82 -51.08 -5.59
CA LEU C 535 -86.04 -51.77 -4.33
C LEU C 535 -87.15 -52.83 -4.45
N LYS C 536 -87.90 -52.80 -5.56
CA LYS C 536 -88.97 -53.78 -5.80
C LYS C 536 -88.57 -54.91 -6.75
N HIS C 537 -87.46 -54.75 -7.47
CA HIS C 537 -86.98 -55.79 -8.37
C HIS C 537 -85.48 -56.00 -8.19
N ARG C 538 -85.12 -56.68 -7.10
CA ARG C 538 -83.73 -56.87 -6.71
C ARG C 538 -82.95 -57.74 -7.71
N ALA C 539 -83.17 -59.04 -7.65
CA ALA C 539 -82.46 -60.05 -8.46
C ALA C 539 -81.71 -59.56 -9.71
N PRO C 540 -82.40 -58.92 -10.69
CA PRO C 540 -81.69 -58.50 -11.91
C PRO C 540 -80.67 -57.36 -11.71
N TYR C 541 -81.03 -56.35 -10.93
CA TYR C 541 -80.12 -55.24 -10.68
C TYR C 541 -78.90 -55.61 -9.81
N LEU C 542 -79.08 -56.55 -8.88
CA LEU C 542 -77.92 -57.08 -8.17
C LEU C 542 -77.03 -57.77 -9.18
N LEU C 543 -77.66 -58.34 -10.21
CA LEU C 543 -76.97 -59.09 -11.24
C LEU C 543 -76.26 -58.22 -12.26
N ILE C 544 -76.77 -57.01 -12.51
CA ILE C 544 -76.08 -56.08 -13.41
C ILE C 544 -74.81 -55.60 -12.70
N TYR C 545 -74.88 -55.55 -11.38
CA TYR C 545 -73.73 -55.22 -10.55
C TYR C 545 -72.70 -56.29 -10.78
N VAL C 546 -73.14 -57.53 -10.61
CA VAL C 546 -72.26 -58.65 -10.85
C VAL C 546 -71.67 -58.51 -12.24
N VAL C 547 -72.32 -57.71 -13.07
CA VAL C 547 -71.87 -57.43 -14.43
C VAL C 547 -70.81 -56.35 -14.40
N ILE C 548 -71.20 -55.20 -13.84
CA ILE C 548 -70.30 -54.07 -13.68
C ILE C 548 -68.98 -54.53 -13.08
N VAL C 549 -69.05 -55.12 -11.89
CA VAL C 549 -67.87 -55.62 -11.19
C VAL C 549 -66.98 -56.36 -12.19
N ALA C 550 -67.59 -57.26 -12.96
CA ALA C 550 -66.86 -58.05 -13.94
C ALA C 550 -66.16 -57.13 -14.93
N GLY C 551 -66.90 -56.15 -15.45
CA GLY C 551 -66.35 -55.18 -16.38
C GLY C 551 -65.10 -54.55 -15.82
N MET C 552 -65.18 -54.11 -14.57
CA MET C 552 -64.04 -53.53 -13.85
C MET C 552 -62.80 -54.42 -13.93
N ILE C 553 -62.92 -55.66 -13.48
CA ILE C 553 -61.79 -56.60 -13.49
C ILE C 553 -61.21 -56.64 -14.88
N TRP C 554 -62.06 -56.87 -15.86
CA TRP C 554 -61.67 -56.91 -17.26
C TRP C 554 -60.94 -55.62 -17.62
N MET C 555 -61.66 -54.50 -17.47
CA MET C 555 -61.13 -53.19 -17.79
C MET C 555 -59.83 -52.87 -17.08
N PHE C 556 -59.69 -53.38 -15.85
CA PHE C 556 -58.48 -53.14 -15.06
C PHE C 556 -57.25 -53.66 -15.81
N THR C 557 -57.31 -54.94 -16.18
CA THR C 557 -56.22 -55.62 -16.87
C THR C 557 -55.96 -55.07 -18.28
N ARG C 558 -56.95 -54.44 -18.89
CA ARG C 558 -56.77 -53.88 -20.21
C ARG C 558 -55.81 -52.68 -20.22
N ILE C 559 -55.68 -51.98 -19.08
CA ILE C 559 -54.97 -50.67 -19.04
C ILE C 559 -53.44 -50.76 -18.89
N PRO C 560 -52.72 -50.15 -19.85
CA PRO C 560 -51.25 -50.17 -19.89
C PRO C 560 -50.59 -49.53 -18.65
N THR C 561 -49.37 -49.97 -18.32
CA THR C 561 -48.74 -49.50 -17.08
C THR C 561 -47.52 -48.62 -17.26
N ALA C 562 -47.52 -47.53 -16.48
CA ALA C 562 -46.41 -46.58 -16.43
C ALA C 562 -46.12 -46.22 -14.97
N PHE C 563 -45.08 -45.41 -14.77
CA PHE C 563 -44.69 -44.92 -13.46
C PHE C 563 -45.01 -43.43 -13.37
N LEU C 564 -44.21 -42.62 -14.04
CA LEU C 564 -44.45 -41.18 -14.09
C LEU C 564 -44.73 -40.75 -15.55
N PRO C 565 -45.84 -40.04 -15.76
CA PRO C 565 -46.10 -39.55 -17.12
C PRO C 565 -44.91 -38.79 -17.71
N ASP C 566 -44.46 -39.22 -18.90
CA ASP C 566 -43.40 -38.55 -19.64
C ASP C 566 -43.70 -37.05 -19.58
N GLU C 567 -42.71 -36.24 -19.24
CA GLU C 567 -42.97 -34.80 -19.11
C GLU C 567 -42.21 -33.94 -20.15
N ASP C 568 -42.49 -32.63 -20.10
CA ASP C 568 -41.86 -31.66 -20.96
C ASP C 568 -41.08 -30.74 -20.09
N GLN C 569 -39.80 -31.01 -19.92
CA GLN C 569 -38.99 -30.14 -19.11
C GLN C 569 -37.96 -29.38 -19.94
N GLY C 570 -38.43 -28.87 -21.07
CA GLY C 570 -37.67 -27.96 -21.91
C GLY C 570 -36.18 -28.28 -21.98
N VAL C 571 -35.84 -29.55 -22.15
CA VAL C 571 -34.46 -29.94 -22.17
C VAL C 571 -34.39 -31.27 -22.90
N LEU C 572 -33.20 -31.61 -23.41
CA LEU C 572 -33.06 -32.86 -24.16
C LEU C 572 -31.58 -33.19 -24.11
N PHE C 573 -31.19 -34.40 -24.51
CA PHE C 573 -29.77 -34.77 -24.46
C PHE C 573 -29.29 -35.46 -25.74
N ALA C 574 -28.34 -34.81 -26.41
CA ALA C 574 -27.70 -35.39 -27.58
C ALA C 574 -26.68 -36.41 -27.11
N GLN C 575 -26.85 -37.66 -27.53
CA GLN C 575 -25.97 -38.74 -27.11
C GLN C 575 -25.03 -39.16 -28.22
N VAL C 576 -23.95 -38.42 -28.39
CA VAL C 576 -22.97 -38.73 -29.44
C VAL C 576 -21.93 -39.74 -28.93
N GLN C 577 -21.74 -40.81 -29.70
CA GLN C 577 -20.77 -41.84 -29.34
C GLN C 577 -20.13 -42.43 -30.58
N THR C 578 -19.38 -41.61 -31.31
CA THR C 578 -18.68 -42.08 -32.52
C THR C 578 -18.02 -43.43 -32.26
N PRO C 579 -17.97 -44.31 -33.29
CA PRO C 579 -17.40 -45.64 -33.07
C PRO C 579 -15.99 -45.57 -32.50
N PRO C 580 -15.75 -46.22 -31.34
CA PRO C 580 -14.44 -46.13 -30.70
C PRO C 580 -13.28 -46.35 -31.67
N GLY C 581 -12.07 -46.04 -31.22
CA GLY C 581 -10.90 -46.11 -32.08
C GLY C 581 -10.67 -44.75 -32.65
N SER C 582 -11.76 -44.12 -33.10
CA SER C 582 -11.70 -42.77 -33.64
C SER C 582 -11.26 -41.82 -32.54
N SER C 583 -11.48 -40.52 -32.72
CA SER C 583 -11.03 -39.54 -31.74
C SER C 583 -11.83 -38.26 -31.84
N ALA C 584 -11.43 -37.26 -31.07
CA ALA C 584 -12.06 -35.96 -31.14
C ALA C 584 -11.98 -35.44 -32.57
N GLU C 585 -11.07 -36.02 -33.35
CA GLU C 585 -10.92 -35.65 -34.74
C GLU C 585 -12.25 -35.80 -35.48
N ARG C 586 -12.80 -37.01 -35.45
CA ARG C 586 -14.10 -37.28 -36.07
C ARG C 586 -15.19 -36.81 -35.13
N THR C 587 -15.14 -37.35 -33.92
CA THR C 587 -16.09 -37.08 -32.86
C THR C 587 -16.58 -35.62 -32.87
N GLN C 588 -15.65 -34.66 -32.83
CA GLN C 588 -16.01 -33.23 -32.75
C GLN C 588 -16.82 -32.73 -33.95
N VAL C 589 -16.50 -33.22 -35.15
CA VAL C 589 -17.23 -32.83 -36.34
C VAL C 589 -18.66 -33.37 -36.26
N VAL C 590 -18.76 -34.64 -35.86
CA VAL C 590 -20.04 -35.33 -35.67
C VAL C 590 -20.93 -34.66 -34.62
N VAL C 591 -20.35 -33.80 -33.79
CA VAL C 591 -21.10 -33.11 -32.74
C VAL C 591 -21.48 -31.70 -33.19
N ASP C 592 -20.52 -30.97 -33.75
CA ASP C 592 -20.79 -29.61 -34.20
C ASP C 592 -21.80 -29.59 -35.36
N SER C 593 -21.95 -30.72 -36.03
CA SER C 593 -22.94 -30.85 -37.09
C SER C 593 -24.34 -30.92 -36.50
N MET C 594 -24.57 -31.96 -35.71
CA MET C 594 -25.86 -32.17 -35.05
C MET C 594 -26.24 -30.92 -34.28
N ARG C 595 -25.25 -30.19 -33.80
CA ARG C 595 -25.50 -28.95 -33.05
C ARG C 595 -26.02 -27.83 -33.95
N GLU C 596 -25.68 -27.89 -35.23
CA GLU C 596 -26.13 -26.89 -36.20
C GLU C 596 -27.42 -27.34 -36.85
N TYR C 597 -27.43 -28.59 -37.31
CA TYR C 597 -28.61 -29.19 -37.91
C TYR C 597 -29.68 -29.40 -36.84
N LEU C 598 -29.80 -28.40 -35.96
CA LEU C 598 -30.65 -28.48 -34.78
C LEU C 598 -30.78 -27.07 -34.22
N LEU C 599 -29.72 -26.27 -34.36
CA LEU C 599 -29.72 -24.88 -33.92
C LEU C 599 -30.30 -23.95 -34.98
N GLU C 600 -30.18 -24.33 -36.25
CA GLU C 600 -30.67 -23.51 -37.36
C GLU C 600 -31.83 -24.18 -38.08
N LYS C 601 -31.80 -25.50 -38.13
CA LYS C 601 -32.87 -26.27 -38.74
C LYS C 601 -33.97 -26.55 -37.72
N GLU C 602 -34.04 -25.74 -36.67
CA GLU C 602 -34.95 -26.00 -35.57
C GLU C 602 -34.79 -24.97 -34.44
N SER C 603 -35.11 -23.70 -34.71
CA SER C 603 -34.95 -22.62 -33.74
C SER C 603 -36.28 -22.11 -33.20
N SER C 604 -37.32 -22.93 -33.32
CA SER C 604 -38.64 -22.58 -32.81
C SER C 604 -38.74 -23.04 -31.37
N SER C 605 -38.22 -24.24 -31.13
CA SER C 605 -38.23 -24.84 -29.81
C SER C 605 -36.86 -24.70 -29.15
N VAL C 606 -35.83 -25.22 -29.82
CA VAL C 606 -34.46 -25.17 -29.33
C VAL C 606 -33.98 -23.75 -29.17
N SER C 607 -33.13 -23.54 -28.18
CA SER C 607 -32.53 -22.25 -27.90
C SER C 607 -31.03 -22.43 -27.97
N SER C 608 -30.37 -22.33 -26.81
CA SER C 608 -28.94 -22.60 -26.74
C SER C 608 -28.71 -24.06 -26.98
N VAL C 609 -27.45 -24.44 -27.22
CA VAL C 609 -27.08 -25.83 -27.42
C VAL C 609 -25.65 -26.06 -26.94
N PHE C 610 -25.44 -26.04 -25.63
CA PHE C 610 -24.11 -26.29 -25.07
C PHE C 610 -23.65 -27.65 -25.51
N THR C 611 -22.46 -27.72 -26.11
CA THR C 611 -21.93 -28.97 -26.64
C THR C 611 -20.71 -29.40 -25.84
N VAL C 612 -20.40 -30.69 -25.90
CA VAL C 612 -19.26 -31.23 -25.15
C VAL C 612 -18.74 -32.49 -25.78
N THR C 613 -17.42 -32.61 -25.80
CA THR C 613 -16.75 -33.77 -26.38
C THR C 613 -15.82 -34.35 -25.34
N GLY C 614 -15.99 -35.63 -25.03
CA GLY C 614 -15.17 -36.27 -24.01
C GLY C 614 -15.97 -36.98 -22.93
N PHE C 615 -16.86 -36.26 -22.24
CA PHE C 615 -17.63 -36.83 -21.13
C PHE C 615 -19.12 -36.67 -21.39
N ASN C 616 -19.67 -37.57 -22.20
CA ASN C 616 -21.10 -37.65 -22.37
C ASN C 616 -21.71 -38.23 -21.09
N PHE C 617 -22.87 -38.91 -21.16
CA PHE C 617 -23.42 -39.56 -19.99
C PHE C 617 -22.93 -41.01 -19.86
N ALA C 618 -22.58 -41.61 -20.99
CA ALA C 618 -22.10 -42.98 -20.99
C ALA C 618 -20.67 -43.07 -20.43
N GLY C 619 -19.67 -43.03 -21.31
CA GLY C 619 -18.28 -43.16 -20.90
C GLY C 619 -17.40 -41.96 -21.19
N ARG C 620 -16.10 -42.22 -21.28
CA ARG C 620 -15.09 -41.22 -21.61
C ARG C 620 -14.53 -41.54 -23.00
N GLY C 621 -13.21 -41.71 -23.12
CA GLY C 621 -12.59 -41.95 -24.41
C GLY C 621 -12.84 -40.79 -25.37
N GLN C 622 -11.98 -40.67 -26.38
CA GLN C 622 -12.13 -39.60 -27.37
C GLN C 622 -13.38 -39.81 -28.23
N SER C 623 -13.90 -41.03 -28.27
CA SER C 623 -15.07 -41.34 -29.08
C SER C 623 -16.37 -41.08 -28.31
N SER C 624 -16.41 -39.97 -27.56
CA SER C 624 -17.61 -39.64 -26.81
C SER C 624 -17.86 -38.14 -26.75
N GLY C 625 -19.14 -37.77 -26.74
CA GLY C 625 -19.53 -36.39 -26.56
C GLY C 625 -21.03 -36.33 -26.46
N MET C 626 -21.55 -35.19 -26.03
CA MET C 626 -22.98 -35.00 -25.92
C MET C 626 -23.31 -33.52 -26.08
N ALA C 627 -24.51 -33.12 -25.68
CA ALA C 627 -24.89 -31.73 -25.71
C ALA C 627 -26.12 -31.46 -24.84
N PHE C 628 -26.08 -30.30 -24.19
CA PHE C 628 -27.16 -29.86 -23.35
C PHE C 628 -28.03 -28.95 -24.18
N ILE C 629 -29.16 -29.51 -24.59
CA ILE C 629 -30.12 -28.83 -25.46
C ILE C 629 -31.10 -27.98 -24.66
N MET C 630 -30.71 -26.76 -24.33
CA MET C 630 -31.65 -25.84 -23.68
C MET C 630 -32.72 -25.42 -24.69
N LEU C 631 -33.91 -25.14 -24.17
CA LEU C 631 -35.02 -24.70 -25.01
C LEU C 631 -35.61 -23.39 -24.54
N LYS C 632 -36.60 -22.94 -25.30
CA LYS C 632 -37.30 -21.71 -25.02
C LYS C 632 -38.52 -22.09 -24.20
N PRO C 633 -39.03 -21.15 -23.38
CA PRO C 633 -40.19 -21.35 -22.54
C PRO C 633 -41.32 -22.17 -23.16
N TRP C 634 -42.38 -22.36 -22.38
CA TRP C 634 -43.50 -23.22 -22.80
C TRP C 634 -44.43 -22.47 -23.75
N GLU C 635 -44.59 -21.17 -23.53
CA GLU C 635 -45.46 -20.35 -24.37
C GLU C 635 -44.89 -20.28 -25.78
N GLU C 636 -43.59 -20.04 -25.85
CA GLU C 636 -42.89 -19.90 -27.13
C GLU C 636 -42.86 -21.19 -27.95
N ARG C 637 -43.60 -22.23 -27.56
CA ARG C 637 -43.63 -23.48 -28.31
C ARG C 637 -45.05 -24.04 -28.47
N PRO C 638 -45.69 -23.77 -29.62
CA PRO C 638 -47.06 -24.24 -29.89
C PRO C 638 -47.19 -25.76 -29.88
N GLY C 639 -48.32 -26.25 -29.40
CA GLY C 639 -48.54 -27.69 -29.25
C GLY C 639 -47.99 -28.56 -30.37
N GLY C 640 -47.62 -29.81 -30.05
CA GLY C 640 -47.27 -30.81 -31.07
C GLY C 640 -45.80 -30.83 -31.44
N GLU C 641 -45.50 -30.42 -32.68
CA GLU C 641 -44.12 -30.39 -33.19
C GLU C 641 -43.17 -29.52 -32.36
N ASN C 642 -43.66 -28.94 -31.26
CA ASN C 642 -42.80 -28.14 -30.40
C ASN C 642 -42.49 -28.81 -29.06
N SER C 643 -43.16 -29.92 -28.78
CA SER C 643 -42.92 -30.69 -27.57
C SER C 643 -41.55 -31.31 -27.74
N VAL C 644 -40.85 -31.60 -26.63
CA VAL C 644 -39.56 -32.31 -26.72
C VAL C 644 -39.78 -33.68 -27.32
N PHE C 645 -40.94 -34.26 -27.07
CA PHE C 645 -41.24 -35.58 -27.61
C PHE C 645 -41.24 -35.54 -29.14
N GLU C 646 -41.70 -34.42 -29.69
CA GLU C 646 -41.75 -34.23 -31.14
C GLU C 646 -40.46 -33.57 -31.63
N LEU C 647 -40.07 -32.47 -30.98
CA LEU C 647 -38.80 -31.77 -31.29
C LEU C 647 -37.60 -32.72 -31.33
N ALA C 648 -37.76 -33.92 -30.79
CA ALA C 648 -36.69 -34.89 -30.76
C ALA C 648 -37.09 -36.13 -31.53
N LYS C 649 -38.34 -36.15 -31.98
CA LYS C 649 -38.84 -37.30 -32.73
C LYS C 649 -38.21 -37.29 -34.10
N ARG C 650 -38.11 -36.10 -34.66
CA ARG C 650 -37.51 -35.92 -35.97
C ARG C 650 -36.06 -35.48 -35.81
N ALA C 651 -35.73 -34.97 -34.62
CA ALA C 651 -34.35 -34.63 -34.29
C ALA C 651 -33.51 -35.88 -34.23
N GLN C 652 -34.16 -37.02 -34.10
CA GLN C 652 -33.48 -38.31 -34.06
C GLN C 652 -33.29 -38.88 -35.45
N MET C 653 -34.33 -38.76 -36.29
CA MET C 653 -34.32 -39.29 -37.66
C MET C 653 -33.17 -38.71 -38.48
N HIS C 654 -32.64 -37.56 -38.07
CA HIS C 654 -31.46 -36.97 -38.70
C HIS C 654 -30.41 -38.05 -38.96
N PHE C 655 -30.43 -39.09 -38.14
CA PHE C 655 -29.45 -40.18 -38.26
C PHE C 655 -30.06 -41.54 -38.63
N PHE C 656 -31.33 -41.54 -39.01
CA PHE C 656 -32.00 -42.76 -39.45
C PHE C 656 -31.08 -43.51 -40.39
N SER C 657 -30.82 -42.90 -41.54
CA SER C 657 -29.95 -43.45 -42.56
C SER C 657 -28.76 -42.52 -42.76
N PHE C 658 -28.09 -42.18 -41.66
CA PHE C 658 -26.94 -41.29 -41.69
C PHE C 658 -25.68 -42.08 -41.34
N LYS C 659 -24.53 -41.56 -41.77
CA LYS C 659 -23.24 -42.19 -41.54
C LYS C 659 -23.08 -42.77 -40.12
N ASP C 660 -22.28 -43.84 -40.03
CA ASP C 660 -22.04 -44.55 -38.79
C ASP C 660 -21.61 -43.64 -37.62
N ALA C 661 -22.23 -43.87 -36.46
CA ALA C 661 -21.97 -43.07 -35.26
C ALA C 661 -23.08 -43.23 -34.20
N MET C 662 -24.00 -44.16 -34.42
CA MET C 662 -25.11 -44.35 -33.51
C MET C 662 -25.92 -43.07 -33.35
N VAL C 663 -25.57 -42.27 -32.33
CA VAL C 663 -26.22 -40.97 -32.09
C VAL C 663 -27.68 -41.07 -31.67
N PHE C 664 -28.00 -40.42 -30.55
CA PHE C 664 -29.35 -40.45 -29.98
C PHE C 664 -29.74 -39.12 -29.36
N ALA C 665 -31.02 -38.99 -29.01
CA ALA C 665 -31.54 -37.79 -28.37
C ALA C 665 -32.66 -38.14 -27.40
N PHE C 666 -32.32 -38.34 -26.12
CA PHE C 666 -33.30 -38.74 -25.11
C PHE C 666 -33.67 -37.59 -24.16
N ALA C 667 -34.85 -37.69 -23.55
CA ALA C 667 -35.33 -36.68 -22.59
C ALA C 667 -35.40 -37.22 -21.15
N PRO C 668 -35.23 -36.33 -20.16
CA PRO C 668 -35.26 -36.76 -18.78
C PRO C 668 -36.68 -36.96 -18.29
N PRO C 669 -36.86 -37.83 -17.26
CA PRO C 669 -38.19 -38.14 -16.71
C PRO C 669 -38.73 -36.98 -15.85
N SER C 670 -40.02 -36.98 -15.52
CA SER C 670 -40.58 -35.86 -14.78
C SER C 670 -39.78 -35.65 -13.51
N VAL C 671 -39.29 -36.74 -12.93
CA VAL C 671 -38.49 -36.69 -11.72
C VAL C 671 -37.03 -36.79 -12.11
N LEU C 672 -36.38 -35.66 -12.29
CA LEU C 672 -34.97 -35.64 -12.73
C LEU C 672 -34.02 -36.36 -11.78
N GLU C 673 -34.28 -36.27 -10.46
CA GLU C 673 -33.44 -36.96 -9.47
C GLU C 673 -33.29 -38.43 -9.85
N LEU C 674 -34.19 -38.93 -10.70
CA LEU C 674 -34.17 -40.34 -11.09
C LEU C 674 -33.39 -40.62 -12.35
N GLY C 675 -33.05 -39.62 -13.15
CA GLY C 675 -32.41 -39.96 -14.42
C GLY C 675 -32.22 -38.90 -15.45
N ASN C 676 -31.56 -39.30 -16.53
CA ASN C 676 -31.39 -38.46 -17.70
C ASN C 676 -32.12 -39.05 -18.93
N ALA C 677 -32.34 -40.36 -18.92
CA ALA C 677 -33.06 -41.08 -19.97
C ALA C 677 -34.34 -41.79 -19.50
N THR C 678 -35.46 -41.35 -20.10
CA THR C 678 -36.78 -41.92 -19.85
C THR C 678 -36.89 -43.27 -20.47
N GLY C 679 -37.96 -43.98 -20.11
CA GLY C 679 -38.18 -45.31 -20.67
C GLY C 679 -37.78 -46.37 -19.69
N PHE C 680 -37.06 -47.39 -20.18
CA PHE C 680 -36.66 -48.50 -19.35
C PHE C 680 -35.14 -48.56 -19.25
N ASP C 681 -34.68 -49.37 -18.30
CA ASP C 681 -33.26 -49.54 -18.00
C ASP C 681 -33.08 -50.91 -17.37
N LEU C 682 -32.30 -51.80 -18.00
CA LEU C 682 -32.09 -53.17 -17.51
C LEU C 682 -30.64 -53.65 -17.67
N PHE C 683 -30.34 -54.83 -17.16
CA PHE C 683 -28.95 -55.30 -17.16
C PHE C 683 -28.87 -56.76 -17.66
N LEU C 684 -28.23 -56.92 -18.81
CA LEU C 684 -27.97 -58.25 -19.33
C LEU C 684 -26.80 -58.79 -18.52
N GLN C 685 -27.05 -59.76 -17.65
CA GLN C 685 -25.96 -60.37 -16.87
C GLN C 685 -25.92 -61.89 -17.02
N ASP C 686 -24.74 -62.42 -17.38
CA ASP C 686 -24.57 -63.85 -17.51
C ASP C 686 -24.56 -64.53 -16.15
N GLN C 687 -25.75 -64.85 -15.68
CA GLN C 687 -25.97 -65.54 -14.41
C GLN C 687 -25.00 -66.71 -14.25
N ALA C 688 -25.31 -67.82 -14.89
CA ALA C 688 -24.48 -69.02 -14.81
C ALA C 688 -23.09 -68.73 -15.37
N GLY C 689 -22.83 -67.48 -15.73
CA GLY C 689 -21.50 -67.06 -16.16
C GLY C 689 -20.97 -67.88 -17.31
N VAL C 690 -20.82 -67.25 -18.47
CA VAL C 690 -20.41 -67.97 -19.67
C VAL C 690 -19.13 -67.39 -20.28
N GLY C 691 -18.97 -66.07 -20.28
CA GLY C 691 -17.77 -65.44 -20.81
C GLY C 691 -17.89 -63.95 -21.05
N HIS C 692 -17.06 -63.45 -21.96
CA HIS C 692 -17.15 -62.07 -22.40
C HIS C 692 -17.84 -61.99 -23.77
N GLU C 693 -17.39 -62.83 -24.70
CA GLU C 693 -17.97 -62.86 -26.04
C GLU C 693 -19.46 -63.21 -26.02
N VAL C 694 -19.79 -64.30 -25.34
CA VAL C 694 -21.18 -64.75 -25.25
C VAL C 694 -22.09 -63.61 -24.74
N LEU C 695 -21.54 -62.74 -23.91
CA LEU C 695 -22.28 -61.58 -23.44
C LEU C 695 -22.42 -60.56 -24.55
N LEU C 696 -21.40 -60.48 -25.40
CA LEU C 696 -21.42 -59.60 -26.55
C LEU C 696 -22.55 -60.03 -27.49
N GLN C 697 -22.66 -61.34 -27.70
CA GLN C 697 -23.72 -61.91 -28.51
C GLN C 697 -25.05 -61.45 -27.96
N ALA C 698 -25.41 -62.01 -26.81
CA ALA C 698 -26.67 -61.70 -26.14
C ALA C 698 -27.03 -60.23 -26.23
N ARG C 699 -26.02 -59.38 -26.11
CA ARG C 699 -26.23 -57.93 -26.16
C ARG C 699 -26.61 -57.45 -27.55
N ASN C 700 -25.80 -57.81 -28.54
CA ASN C 700 -26.05 -57.41 -29.93
C ASN C 700 -27.36 -58.00 -30.45
N LYS C 701 -27.47 -59.31 -30.35
CA LYS C 701 -28.69 -60.01 -30.75
C LYS C 701 -29.90 -59.33 -30.12
N PHE C 702 -29.76 -58.97 -28.86
CA PHE C 702 -30.81 -58.27 -28.14
C PHE C 702 -31.21 -57.03 -28.91
N LEU C 703 -30.20 -56.28 -29.37
CA LEU C 703 -30.40 -55.06 -30.13
C LEU C 703 -31.12 -55.34 -31.44
N MET C 704 -30.71 -56.42 -32.11
CA MET C 704 -31.33 -56.83 -33.36
C MET C 704 -32.84 -56.86 -33.18
N LEU C 705 -33.30 -57.82 -32.38
CA LEU C 705 -34.72 -57.97 -32.07
C LEU C 705 -35.30 -56.66 -31.59
N ALA C 706 -34.51 -55.92 -30.81
CA ALA C 706 -34.97 -54.63 -30.34
C ALA C 706 -35.38 -53.79 -31.55
N ALA C 707 -34.44 -53.67 -32.49
CA ALA C 707 -34.65 -52.92 -33.73
C ALA C 707 -35.90 -53.42 -34.48
N GLN C 708 -36.00 -54.73 -34.64
CA GLN C 708 -37.18 -55.34 -35.26
C GLN C 708 -38.44 -55.05 -34.45
N ASN C 709 -38.51 -55.68 -33.28
CA ASN C 709 -39.65 -55.62 -32.38
C ASN C 709 -40.32 -54.26 -32.36
N PRO C 710 -41.65 -54.23 -32.66
CA PRO C 710 -42.46 -53.01 -32.89
C PRO C 710 -42.52 -51.97 -31.74
N ALA C 711 -42.74 -52.42 -30.51
CA ALA C 711 -42.95 -51.52 -29.37
C ALA C 711 -41.69 -50.80 -28.87
N LEU C 712 -40.52 -51.34 -29.21
CA LEU C 712 -39.25 -50.78 -28.75
C LEU C 712 -38.74 -49.64 -29.65
N GLN C 713 -38.18 -48.61 -29.01
CA GLN C 713 -37.72 -47.40 -29.67
C GLN C 713 -36.38 -46.92 -29.04
N ARG C 714 -35.54 -46.26 -29.84
CA ARG C 714 -34.24 -45.76 -29.40
C ARG C 714 -33.46 -46.68 -28.42
N VAL C 715 -33.58 -48.00 -28.56
CA VAL C 715 -32.77 -48.90 -27.77
C VAL C 715 -31.31 -48.54 -27.97
N ARG C 716 -30.47 -48.87 -26.99
CA ARG C 716 -29.05 -48.55 -27.04
C ARG C 716 -28.27 -49.19 -25.90
N PRO C 717 -26.98 -49.46 -26.14
CA PRO C 717 -26.09 -50.02 -25.12
C PRO C 717 -25.41 -48.91 -24.35
N ASN C 718 -24.95 -49.21 -23.13
CA ASN C 718 -24.21 -48.23 -22.36
C ASN C 718 -22.72 -48.46 -22.48
N GLY C 719 -22.32 -49.61 -23.02
CA GLY C 719 -20.92 -49.90 -23.31
C GLY C 719 -20.49 -49.55 -24.73
N MET C 720 -19.40 -50.16 -25.20
CA MET C 720 -18.90 -49.94 -26.57
C MET C 720 -18.24 -51.19 -27.18
N SER C 721 -18.95 -52.33 -27.16
CA SER C 721 -18.43 -53.55 -27.78
C SER C 721 -17.02 -53.84 -27.28
N ASP C 722 -16.05 -53.50 -28.12
CA ASP C 722 -14.64 -53.64 -27.82
C ASP C 722 -13.89 -52.64 -28.68
N GLU C 723 -12.58 -52.51 -28.48
CA GLU C 723 -11.80 -51.55 -29.26
C GLU C 723 -10.34 -51.96 -29.38
N PRO C 724 -9.65 -51.44 -30.43
CA PRO C 724 -8.25 -51.76 -30.74
C PRO C 724 -7.24 -51.35 -29.66
N GLN C 725 -6.61 -52.34 -29.04
CA GLN C 725 -5.63 -52.09 -28.00
C GLN C 725 -4.23 -52.43 -28.50
N TYR C 726 -3.27 -51.54 -28.28
CA TYR C 726 -1.91 -51.74 -28.79
C TYR C 726 -1.06 -52.50 -27.77
N LYS C 727 -1.12 -53.82 -27.83
CA LYS C 727 -0.41 -54.68 -26.88
C LYS C 727 1.10 -54.57 -27.01
N LEU C 728 1.67 -53.54 -26.40
CA LEU C 728 3.12 -53.28 -26.44
C LEU C 728 3.91 -54.32 -25.66
N GLU C 729 3.88 -55.57 -26.13
CA GLU C 729 4.62 -56.63 -25.45
C GLU C 729 6.09 -56.52 -25.77
N ILE C 730 6.91 -56.44 -24.73
CA ILE C 730 8.35 -56.30 -24.87
C ILE C 730 9.03 -57.44 -24.15
N ASP C 731 10.31 -57.28 -23.84
CA ASP C 731 11.07 -58.33 -23.18
C ASP C 731 11.99 -57.77 -22.09
N ASP C 732 12.94 -58.60 -21.68
CA ASP C 732 13.94 -58.24 -20.68
C ASP C 732 15.27 -58.95 -20.97
N GLU C 733 15.19 -60.09 -21.65
CA GLU C 733 16.36 -60.88 -22.03
C GLU C 733 17.26 -60.20 -23.06
N LYS C 734 16.67 -59.80 -24.19
CA LYS C 734 17.40 -59.12 -25.25
C LYS C 734 17.56 -57.64 -24.88
N ALA C 735 16.96 -57.26 -23.76
CA ALA C 735 17.03 -55.89 -23.28
C ALA C 735 18.18 -55.71 -22.29
N SER C 736 18.04 -56.30 -21.11
CA SER C 736 19.02 -56.18 -20.04
C SER C 736 20.47 -56.38 -20.49
N ALA C 737 20.67 -57.16 -21.55
CA ALA C 737 22.01 -57.38 -22.07
C ALA C 737 22.64 -56.06 -22.51
N LEU C 738 22.54 -55.75 -23.80
CA LEU C 738 23.05 -54.50 -24.34
C LEU C 738 21.99 -53.43 -24.21
N GLY C 739 21.86 -52.85 -23.02
CA GLY C 739 20.86 -51.80 -22.81
C GLY C 739 20.70 -51.37 -21.37
N VAL C 740 19.60 -51.79 -20.75
CA VAL C 740 19.26 -51.37 -19.40
C VAL C 740 19.09 -52.53 -18.44
N SER C 741 19.69 -52.38 -17.27
CA SER C 741 19.58 -53.37 -16.20
C SER C 741 18.21 -53.23 -15.54
N LEU C 742 17.74 -54.33 -14.95
CA LEU C 742 16.46 -54.34 -14.22
C LEU C 742 15.30 -53.73 -15.05
N ALA C 743 14.90 -52.50 -14.72
CA ALA C 743 13.75 -51.89 -15.37
C ALA C 743 13.86 -50.37 -15.38
N ASP C 744 14.87 -49.86 -16.08
CA ASP C 744 15.07 -48.42 -16.23
C ASP C 744 14.14 -47.89 -17.33
N ILE C 745 13.69 -48.80 -18.20
CA ILE C 745 12.80 -48.46 -19.31
C ILE C 745 11.34 -48.36 -18.87
N ASN C 746 10.99 -49.14 -17.86
CA ASN C 746 9.64 -49.10 -17.28
C ASN C 746 9.19 -47.65 -17.14
N SER C 747 10.17 -46.76 -16.98
CA SER C 747 9.93 -45.34 -16.84
C SER C 747 9.91 -44.66 -18.20
N THR C 748 10.82 -45.06 -19.08
CA THR C 748 10.93 -44.47 -20.42
C THR C 748 9.65 -44.71 -21.23
N VAL C 749 8.78 -45.58 -20.73
CA VAL C 749 7.52 -45.90 -21.40
C VAL C 749 6.36 -45.04 -20.90
N SER C 750 6.33 -44.78 -19.60
CA SER C 750 5.21 -44.07 -18.98
C SER C 750 5.56 -42.63 -18.56
N ILE C 751 6.19 -41.88 -19.45
CA ILE C 751 6.51 -40.47 -19.21
C ILE C 751 6.27 -39.65 -20.47
N ALA C 752 6.50 -40.26 -21.63
CA ALA C 752 6.31 -39.56 -22.89
C ALA C 752 4.86 -39.71 -23.32
N TRP C 753 4.40 -40.95 -23.39
CA TRP C 753 3.03 -41.27 -23.76
C TRP C 753 2.10 -40.94 -22.59
N GLY C 754 2.39 -41.55 -21.44
CA GLY C 754 1.59 -41.37 -20.25
C GLY C 754 2.07 -40.18 -19.44
N SER C 755 1.77 -38.98 -19.94
CA SER C 755 2.12 -37.74 -19.27
C SER C 755 2.28 -37.92 -17.77
N SER C 756 3.53 -37.94 -17.30
CA SER C 756 3.83 -38.16 -15.89
C SER C 756 3.76 -36.87 -15.06
N TYR C 757 3.08 -36.96 -13.93
CA TYR C 757 2.99 -35.85 -13.00
C TYR C 757 4.23 -35.86 -12.11
N VAL C 758 4.91 -34.72 -11.99
CA VAL C 758 6.18 -34.66 -11.26
C VAL C 758 6.08 -33.81 -9.99
N ASN C 759 5.44 -32.65 -10.08
CA ASN C 759 5.30 -31.77 -8.90
C ASN C 759 4.47 -30.51 -9.16
N ASP C 760 4.30 -29.68 -8.13
CA ASP C 760 3.48 -28.50 -8.23
C ASP C 760 4.29 -27.28 -8.62
N PHE C 761 3.57 -26.18 -8.83
CA PHE C 761 4.16 -24.90 -9.17
C PHE C 761 3.08 -23.85 -9.04
N ILE C 762 3.42 -22.72 -8.41
CA ILE C 762 2.47 -21.64 -8.23
C ILE C 762 2.23 -20.87 -9.53
N ASP C 763 0.95 -20.61 -9.82
CA ASP C 763 0.52 -19.91 -11.02
C ASP C 763 -0.44 -18.80 -10.65
N ARG C 764 0.09 -17.58 -10.61
CA ARG C 764 -0.69 -16.40 -10.27
C ARG C 764 -1.36 -16.57 -8.91
N GLY C 765 -0.81 -17.44 -8.07
CA GLY C 765 -1.24 -17.59 -6.69
C GLY C 765 -1.95 -18.90 -6.35
N ARG C 766 -1.98 -19.85 -7.29
CA ARG C 766 -2.66 -21.13 -7.06
C ARG C 766 -1.75 -22.28 -7.48
N VAL C 767 -1.64 -23.26 -6.59
CA VAL C 767 -0.85 -24.43 -6.81
C VAL C 767 -1.49 -25.15 -7.98
N LYS C 768 -0.70 -25.53 -8.96
CA LYS C 768 -1.22 -26.31 -10.08
C LYS C 768 -0.16 -27.33 -10.38
N ARG C 769 -0.42 -28.22 -11.32
CA ARG C 769 0.46 -29.36 -11.55
C ARG C 769 1.44 -29.12 -12.68
N VAL C 770 2.38 -30.05 -12.82
CA VAL C 770 3.42 -29.99 -13.81
C VAL C 770 3.55 -31.35 -14.45
N TYR C 771 3.02 -31.45 -15.67
CA TYR C 771 3.07 -32.68 -16.42
C TYR C 771 4.20 -32.64 -17.41
N LEU C 772 4.73 -33.83 -17.67
CA LEU C 772 5.91 -34.06 -18.49
C LEU C 772 5.53 -35.19 -19.40
N GLN C 773 5.26 -34.83 -20.64
CA GLN C 773 4.82 -35.77 -21.66
C GLN C 773 5.66 -35.53 -22.90
N GLY C 774 6.10 -36.57 -23.57
CA GLY C 774 6.84 -36.40 -24.82
C GLY C 774 6.04 -35.55 -25.79
N ARG C 775 6.72 -34.92 -26.75
CA ARG C 775 6.04 -34.16 -27.82
C ARG C 775 4.89 -35.00 -28.40
N PRO C 776 3.82 -34.33 -28.86
CA PRO C 776 2.67 -35.00 -29.48
C PRO C 776 3.01 -35.98 -30.65
N ASP C 777 3.89 -35.55 -31.55
CA ASP C 777 4.29 -36.35 -32.72
C ASP C 777 5.12 -37.60 -32.40
N ALA C 778 5.48 -37.79 -31.12
CA ALA C 778 6.29 -38.93 -30.69
C ALA C 778 5.49 -39.89 -29.81
N ARG C 779 4.22 -40.10 -30.16
CA ARG C 779 3.37 -41.04 -29.46
C ARG C 779 2.09 -41.25 -30.24
N MET C 780 2.14 -40.92 -31.54
CA MET C 780 0.97 -40.95 -32.41
C MET C 780 0.77 -42.35 -32.99
N ASN C 781 1.82 -42.94 -33.54
CA ASN C 781 1.71 -44.24 -34.22
C ASN C 781 2.62 -45.34 -33.67
N PRO C 782 2.32 -46.61 -33.98
CA PRO C 782 3.06 -47.78 -33.49
C PRO C 782 4.57 -47.73 -33.75
N ASP C 783 5.00 -47.25 -34.91
CA ASP C 783 6.43 -47.14 -35.19
C ASP C 783 6.97 -45.79 -34.73
N ASP C 784 6.06 -44.90 -34.35
CA ASP C 784 6.44 -43.58 -33.86
C ASP C 784 7.08 -43.70 -32.48
N LEU C 785 6.95 -44.88 -31.89
CA LEU C 785 7.51 -45.14 -30.56
C LEU C 785 8.94 -45.65 -30.64
N SER C 786 9.33 -46.25 -31.77
CA SER C 786 10.69 -46.76 -31.95
C SER C 786 11.68 -45.61 -31.84
N LYS C 787 11.17 -44.39 -31.96
CA LYS C 787 12.00 -43.20 -31.87
C LYS C 787 12.68 -43.10 -30.50
N TRP C 788 11.96 -43.48 -29.44
CA TRP C 788 12.45 -43.30 -28.07
C TRP C 788 13.58 -44.25 -27.70
N TYR C 789 14.80 -43.70 -27.64
CA TYR C 789 16.00 -44.46 -27.28
C TYR C 789 16.23 -44.36 -25.78
N VAL C 790 16.72 -45.44 -25.18
CA VAL C 790 16.99 -45.48 -23.75
C VAL C 790 18.51 -45.39 -23.52
N ARG C 791 18.90 -45.35 -22.25
CA ARG C 791 20.30 -45.34 -21.86
C ARG C 791 20.90 -46.75 -21.84
N ASN C 792 22.21 -46.82 -22.02
CA ASN C 792 22.93 -48.09 -21.99
C ASN C 792 23.85 -48.16 -20.77
N ASP C 793 23.84 -49.29 -20.07
CA ASP C 793 24.67 -49.47 -18.88
C ASP C 793 26.05 -48.86 -19.08
N LYS C 794 26.72 -49.28 -20.15
CA LYS C 794 28.06 -48.80 -20.47
C LYS C 794 28.02 -47.41 -21.11
N GLY C 795 27.14 -46.56 -20.61
CA GLY C 795 27.07 -45.17 -21.06
C GLY C 795 26.34 -44.97 -22.38
N GLU C 796 26.50 -45.90 -23.31
CA GLU C 796 25.95 -45.77 -24.67
C GLU C 796 24.44 -45.48 -24.68
N MET C 797 23.88 -45.44 -25.89
CA MET C 797 22.46 -45.18 -26.09
C MET C 797 21.78 -46.34 -26.83
N VAL C 798 21.12 -47.22 -26.06
CA VAL C 798 20.40 -48.35 -26.64
C VAL C 798 19.05 -47.93 -27.22
N PRO C 799 18.74 -48.39 -28.45
CA PRO C 799 17.47 -48.07 -29.10
C PRO C 799 16.27 -48.72 -28.40
N PHE C 800 15.08 -48.50 -28.95
CA PHE C 800 13.86 -49.06 -28.39
C PHE C 800 13.49 -50.38 -29.07
N ASN C 801 13.75 -50.45 -30.37
CA ASN C 801 13.48 -51.65 -31.14
C ASN C 801 14.35 -52.82 -30.69
N ALA C 802 15.45 -52.51 -29.99
CA ALA C 802 16.34 -53.55 -29.45
C ALA C 802 15.62 -54.34 -28.36
N PHE C 803 14.33 -54.07 -28.20
CA PHE C 803 13.47 -54.75 -27.26
C PHE C 803 12.05 -54.21 -27.40
N ALA C 804 11.73 -53.72 -28.59
CA ALA C 804 10.42 -53.10 -28.85
C ALA C 804 9.33 -54.15 -28.93
N THR C 805 8.75 -54.31 -30.12
CA THR C 805 7.63 -55.24 -30.34
C THR C 805 6.33 -54.66 -29.81
N GLY C 806 5.55 -54.10 -30.71
CA GLY C 806 4.23 -53.60 -30.39
C GLY C 806 3.22 -54.07 -31.41
N LYS C 807 2.16 -54.71 -30.95
CA LYS C 807 1.13 -55.21 -31.85
C LYS C 807 -0.29 -54.87 -31.39
N TRP C 808 -1.24 -55.04 -32.30
CA TRP C 808 -2.64 -54.77 -32.04
C TRP C 808 -3.32 -55.97 -31.38
N GLU C 809 -4.04 -55.71 -30.30
CA GLU C 809 -4.79 -56.71 -29.55
C GLU C 809 -6.16 -56.10 -29.28
N TYR C 810 -7.19 -56.93 -29.15
CA TYR C 810 -8.54 -56.40 -28.89
C TYR C 810 -8.94 -56.47 -27.41
N GLY C 811 -9.19 -55.31 -26.81
CA GLY C 811 -9.61 -55.23 -25.41
C GLY C 811 -10.80 -54.33 -25.18
N SER C 812 -11.56 -54.65 -24.15
CA SER C 812 -12.79 -53.94 -23.81
C SER C 812 -12.50 -52.55 -23.23
N PRO C 813 -13.21 -51.50 -23.71
CA PRO C 813 -13.02 -50.11 -23.26
C PRO C 813 -13.80 -49.76 -22.00
N LYS C 814 -14.72 -50.62 -21.61
CA LYS C 814 -15.55 -50.34 -20.45
C LYS C 814 -16.40 -51.54 -20.03
N LEU C 815 -15.81 -52.44 -19.25
CA LEU C 815 -16.53 -53.61 -18.70
C LEU C 815 -17.44 -53.19 -17.56
N GLU C 816 -18.64 -53.78 -17.51
CA GLU C 816 -19.64 -53.47 -16.48
C GLU C 816 -19.91 -54.70 -15.62
N ARG C 817 -20.30 -54.46 -14.37
CA ARG C 817 -20.76 -55.54 -13.48
C ARG C 817 -22.09 -55.16 -12.87
N TYR C 818 -22.94 -56.13 -12.53
CA TYR C 818 -24.25 -55.83 -11.96
C TYR C 818 -24.67 -56.89 -10.98
N ASN C 819 -24.63 -56.56 -9.70
CA ASN C 819 -24.86 -57.52 -8.62
C ASN C 819 -23.72 -58.49 -8.53
N GLY C 820 -22.54 -58.10 -9.01
CA GLY C 820 -21.36 -58.97 -8.93
C GLY C 820 -21.23 -60.10 -9.96
N VAL C 821 -21.58 -59.77 -11.19
CA VAL C 821 -21.47 -60.68 -12.32
C VAL C 821 -21.27 -59.76 -13.50
N PRO C 822 -20.34 -60.08 -14.40
CA PRO C 822 -20.20 -59.10 -15.46
C PRO C 822 -21.52 -58.99 -16.21
N ALA C 823 -21.72 -57.92 -16.93
CA ALA C 823 -22.97 -57.73 -17.60
C ALA C 823 -22.90 -56.52 -18.51
N MET C 824 -24.05 -56.07 -18.99
CA MET C 824 -24.12 -54.94 -19.90
C MET C 824 -25.47 -54.22 -19.75
N GLU C 825 -25.44 -52.92 -19.50
CA GLU C 825 -26.66 -52.12 -19.38
C GLU C 825 -27.05 -51.57 -20.75
N ILE C 826 -28.35 -51.59 -21.04
CA ILE C 826 -28.86 -51.05 -22.30
C ILE C 826 -30.16 -50.28 -22.08
N LEU C 827 -30.12 -48.99 -22.37
CA LEU C 827 -31.30 -48.13 -22.22
C LEU C 827 -32.26 -48.28 -23.44
N GLY C 828 -33.28 -47.43 -23.47
CA GLY C 828 -34.32 -47.54 -24.47
C GLY C 828 -35.61 -46.81 -24.08
N GLU C 829 -36.34 -46.34 -25.10
CA GLU C 829 -37.63 -45.69 -24.91
C GLU C 829 -38.74 -46.60 -25.42
N PRO C 830 -39.97 -46.37 -24.97
CA PRO C 830 -41.09 -47.15 -25.48
C PRO C 830 -41.66 -46.51 -26.74
N ALA C 831 -42.22 -47.33 -27.63
CA ALA C 831 -42.77 -46.85 -28.90
C ALA C 831 -43.69 -45.64 -28.69
N PRO C 832 -43.93 -44.87 -29.75
CA PRO C 832 -44.86 -43.77 -29.61
C PRO C 832 -46.26 -44.30 -29.36
N GLY C 833 -46.95 -43.77 -28.35
CA GLY C 833 -48.26 -44.25 -27.96
C GLY C 833 -48.26 -45.58 -27.22
N LEU C 834 -47.09 -46.04 -26.80
CA LEU C 834 -46.99 -47.14 -25.84
C LEU C 834 -46.26 -46.69 -24.57
N SER C 835 -46.70 -47.21 -23.43
CA SER C 835 -46.11 -46.88 -22.12
C SER C 835 -44.82 -47.64 -21.81
N SER C 836 -44.18 -47.28 -20.70
CA SER C 836 -42.96 -47.96 -20.23
C SER C 836 -43.25 -49.42 -19.89
N GLY C 837 -44.47 -49.69 -19.43
CA GLY C 837 -44.88 -51.05 -19.14
C GLY C 837 -44.90 -51.93 -20.37
N ASP C 838 -45.54 -51.43 -21.42
CA ASP C 838 -45.61 -52.14 -22.70
C ASP C 838 -44.20 -52.46 -23.15
N ALA C 839 -43.32 -51.46 -23.14
CA ALA C 839 -41.91 -51.71 -23.52
C ALA C 839 -41.29 -52.83 -22.67
N MET C 840 -41.51 -52.77 -21.35
CA MET C 840 -41.03 -53.81 -20.43
C MET C 840 -41.57 -55.18 -20.84
N ALA C 841 -42.89 -55.25 -21.02
CA ALA C 841 -43.53 -56.48 -21.49
C ALA C 841 -42.82 -56.98 -22.74
N ALA C 842 -42.48 -56.04 -23.62
CA ALA C 842 -41.81 -56.35 -24.88
C ALA C 842 -40.38 -56.80 -24.66
N VAL C 843 -39.64 -56.02 -23.87
CA VAL C 843 -38.26 -56.32 -23.53
C VAL C 843 -38.12 -57.72 -22.92
N GLU C 844 -39.10 -58.14 -22.14
CA GLU C 844 -39.01 -59.44 -21.48
C GLU C 844 -39.35 -60.58 -22.43
N GLU C 845 -39.40 -60.25 -23.72
CA GLU C 845 -39.63 -61.23 -24.78
C GLU C 845 -38.33 -61.43 -25.54
N ILE C 846 -37.77 -60.33 -26.01
CA ILE C 846 -36.53 -60.36 -26.77
C ILE C 846 -35.37 -60.62 -25.84
N VAL C 847 -35.69 -61.14 -24.66
CA VAL C 847 -34.68 -61.51 -23.66
C VAL C 847 -34.68 -63.02 -23.45
N LYS C 848 -35.64 -63.68 -24.08
CA LYS C 848 -35.80 -65.13 -23.98
C LYS C 848 -34.89 -65.83 -24.99
N GLN C 849 -34.57 -65.14 -26.06
CA GLN C 849 -33.73 -65.67 -27.12
C GLN C 849 -32.24 -65.45 -26.81
N LEU C 850 -31.89 -65.51 -25.52
CA LEU C 850 -30.51 -65.31 -25.09
C LEU C 850 -29.89 -66.66 -24.75
N PRO C 851 -28.56 -66.81 -24.99
CA PRO C 851 -27.88 -68.06 -24.70
C PRO C 851 -27.97 -68.44 -23.21
N LYS C 852 -28.80 -69.43 -22.92
CA LYS C 852 -29.02 -69.87 -21.54
C LYS C 852 -27.71 -69.86 -20.74
N GLY C 853 -27.58 -68.85 -19.90
CA GLY C 853 -26.34 -68.54 -19.21
C GLY C 853 -26.31 -67.05 -18.93
N VAL C 854 -27.01 -66.30 -19.80
CA VAL C 854 -27.13 -64.85 -19.68
C VAL C 854 -28.54 -64.46 -19.28
N GLY C 855 -28.68 -63.99 -18.04
CA GLY C 855 -29.97 -63.52 -17.55
C GLY C 855 -30.04 -62.01 -17.57
N TYR C 856 -31.13 -61.46 -17.03
CA TYR C 856 -31.32 -60.03 -17.02
C TYR C 856 -31.82 -59.62 -15.65
N SER C 857 -31.88 -58.30 -15.44
CA SER C 857 -32.26 -57.70 -14.17
C SER C 857 -32.50 -56.22 -14.36
N TRP C 858 -33.72 -55.78 -14.11
CA TRP C 858 -34.11 -54.38 -14.23
C TRP C 858 -33.35 -53.47 -13.26
N THR C 859 -33.39 -52.15 -13.48
CA THR C 859 -32.72 -51.16 -12.62
C THR C 859 -33.23 -49.73 -12.87
N GLY C 860 -32.71 -48.75 -12.13
CA GLY C 860 -33.20 -47.37 -12.21
C GLY C 860 -34.71 -47.29 -12.37
N LEU C 861 -35.16 -46.36 -13.21
CA LEU C 861 -36.58 -46.19 -13.62
C LEU C 861 -37.35 -47.48 -13.63
N SER C 862 -36.79 -48.49 -14.28
CA SER C 862 -37.49 -49.75 -14.36
C SER C 862 -37.71 -50.28 -12.96
N TYR C 863 -36.62 -50.39 -12.18
CA TYR C 863 -36.69 -50.95 -10.83
C TYR C 863 -37.86 -50.31 -10.13
N GLU C 864 -37.89 -48.99 -10.20
CA GLU C 864 -38.95 -48.22 -9.57
C GLU C 864 -40.33 -48.66 -10.06
N GLU C 865 -40.42 -49.02 -11.33
CA GLU C 865 -41.70 -49.40 -11.93
C GLU C 865 -42.14 -50.73 -11.35
N ARG C 866 -41.30 -51.74 -11.50
CA ARG C 866 -41.61 -53.07 -10.99
C ARG C 866 -41.91 -53.10 -9.48
N LEU C 867 -41.56 -52.05 -8.76
CA LEU C 867 -41.89 -51.98 -7.37
C LEU C 867 -43.30 -51.41 -7.25
N SER C 868 -43.50 -50.25 -7.87
CA SER C 868 -44.79 -49.57 -7.84
C SER C 868 -45.92 -50.53 -8.17
N GLY C 869 -45.69 -51.40 -9.14
CA GLY C 869 -46.65 -52.41 -9.46
C GLY C 869 -46.87 -53.27 -8.24
N SER C 870 -45.77 -53.78 -7.67
CA SER C 870 -45.84 -54.70 -6.53
C SER C 870 -46.70 -54.15 -5.38
N GLN C 871 -46.43 -52.92 -4.97
CA GLN C 871 -47.18 -52.28 -3.91
C GLN C 871 -48.70 -52.36 -4.18
N ALA C 872 -49.14 -51.62 -5.19
CA ALA C 872 -50.55 -51.44 -5.58
C ALA C 872 -51.60 -52.39 -4.99
N PRO C 873 -51.48 -53.72 -5.21
CA PRO C 873 -52.46 -54.64 -4.61
C PRO C 873 -52.70 -54.44 -3.10
N ALA C 874 -51.69 -54.71 -2.27
CA ALA C 874 -51.83 -54.56 -0.81
C ALA C 874 -52.29 -53.14 -0.43
N LEU C 875 -51.80 -52.16 -1.15
CA LEU C 875 -52.24 -50.79 -0.93
C LEU C 875 -53.77 -50.74 -1.01
N TYR C 876 -54.33 -51.45 -2.00
CA TYR C 876 -55.77 -51.48 -2.25
C TYR C 876 -56.47 -52.30 -1.18
N ALA C 877 -55.87 -53.43 -0.84
CA ALA C 877 -56.40 -54.28 0.22
C ALA C 877 -56.45 -53.53 1.55
N LEU C 878 -55.30 -53.07 2.02
CA LEU C 878 -55.26 -52.45 3.34
C LEU C 878 -56.13 -51.21 3.37
N SER C 879 -56.21 -50.50 2.26
CA SER C 879 -56.98 -49.26 2.21
C SER C 879 -58.49 -49.53 2.26
N LEU C 880 -58.92 -50.65 1.72
CA LEU C 880 -60.30 -51.05 1.86
C LEU C 880 -60.54 -51.41 3.33
N LEU C 881 -59.56 -52.06 3.96
CA LEU C 881 -59.65 -52.42 5.40
C LEU C 881 -59.84 -51.24 6.34
N VAL C 882 -58.95 -50.26 6.25
CA VAL C 882 -59.03 -49.12 7.14
C VAL C 882 -60.40 -48.45 7.01
N VAL C 883 -60.89 -48.31 5.77
CA VAL C 883 -62.21 -47.68 5.50
C VAL C 883 -63.33 -48.54 6.09
N PHE C 884 -63.20 -49.84 5.91
CA PHE C 884 -64.16 -50.80 6.49
C PHE C 884 -64.26 -50.73 8.03
N LEU C 885 -63.11 -50.85 8.71
CA LEU C 885 -63.06 -50.85 10.18
C LEU C 885 -63.49 -49.54 10.74
N CYS C 886 -63.06 -48.46 10.11
CA CYS C 886 -63.40 -47.14 10.65
C CYS C 886 -64.87 -46.85 10.58
N LEU C 887 -65.55 -47.48 9.62
CA LEU C 887 -66.97 -47.24 9.45
C LEU C 887 -67.68 -48.21 10.35
N ALA C 888 -67.13 -49.42 10.43
CA ALA C 888 -67.71 -50.47 11.26
C ALA C 888 -67.48 -50.21 12.71
N ALA C 889 -67.17 -48.98 13.07
CA ALA C 889 -66.86 -48.63 14.46
C ALA C 889 -67.34 -47.28 14.76
N LEU C 890 -67.40 -46.45 13.74
CA LEU C 890 -67.90 -45.12 13.86
C LEU C 890 -69.45 -45.13 13.78
N TYR C 891 -70.02 -46.21 13.24
CA TYR C 891 -71.48 -46.35 13.14
C TYR C 891 -72.02 -47.57 13.90
N GLU C 892 -71.18 -48.14 14.76
CA GLU C 892 -71.50 -49.33 15.56
C GLU C 892 -72.28 -50.40 14.85
N SER C 893 -71.78 -50.85 13.70
CA SER C 893 -72.44 -51.89 12.92
C SER C 893 -71.53 -52.46 11.86
N TRP C 894 -71.97 -53.58 11.27
CA TRP C 894 -71.24 -54.23 10.20
C TRP C 894 -71.96 -54.05 8.86
N SER C 895 -73.25 -53.71 8.91
CA SER C 895 -74.07 -53.57 7.71
C SER C 895 -73.60 -52.41 6.81
N ILE C 896 -73.51 -51.20 7.36
CA ILE C 896 -73.01 -50.06 6.61
C ILE C 896 -71.63 -50.33 5.98
N PRO C 897 -70.61 -50.62 6.81
CA PRO C 897 -69.32 -50.80 6.17
C PRO C 897 -69.41 -51.76 4.97
N PHE C 898 -70.20 -52.82 5.10
CA PHE C 898 -70.33 -53.79 3.99
C PHE C 898 -71.04 -53.14 2.79
N SER C 899 -71.98 -52.24 3.06
CA SER C 899 -72.71 -51.55 2.00
C SER C 899 -71.78 -50.69 1.17
N VAL C 900 -71.00 -49.84 1.82
CA VAL C 900 -70.11 -48.90 1.14
C VAL C 900 -68.98 -49.62 0.36
N MET C 901 -68.64 -50.84 0.75
CA MET C 901 -67.60 -51.57 0.03
C MET C 901 -68.11 -52.01 -1.33
N LEU C 902 -69.37 -52.44 -1.37
CA LEU C 902 -70.03 -52.89 -2.61
C LEU C 902 -70.10 -51.73 -3.61
N VAL C 903 -70.30 -50.52 -3.09
CA VAL C 903 -70.30 -49.29 -3.88
C VAL C 903 -68.93 -48.90 -4.47
N VAL C 904 -67.90 -49.73 -4.27
CA VAL C 904 -66.54 -49.36 -4.66
C VAL C 904 -66.19 -49.74 -6.09
N PRO C 905 -66.49 -50.98 -6.51
CA PRO C 905 -66.23 -51.35 -7.90
C PRO C 905 -67.06 -50.50 -8.88
N LEU C 906 -68.08 -49.84 -8.34
CA LEU C 906 -68.89 -48.94 -9.11
C LEU C 906 -68.15 -47.65 -9.33
N GLY C 907 -67.03 -47.48 -8.61
CA GLY C 907 -66.16 -46.30 -8.77
C GLY C 907 -65.01 -46.59 -9.71
N VAL C 908 -64.48 -47.80 -9.64
CA VAL C 908 -63.30 -48.13 -10.41
C VAL C 908 -63.54 -48.14 -11.94
N ILE C 909 -64.68 -48.71 -12.39
CA ILE C 909 -65.00 -48.67 -13.83
C ILE C 909 -64.94 -47.26 -14.33
N GLY C 910 -65.61 -46.36 -13.62
CA GLY C 910 -65.68 -44.96 -14.00
C GLY C 910 -64.38 -44.20 -13.85
N ALA C 911 -63.32 -44.88 -13.44
CA ALA C 911 -62.00 -44.26 -13.32
C ALA C 911 -61.09 -44.89 -14.35
N LEU C 912 -61.29 -46.19 -14.54
CA LEU C 912 -60.60 -46.90 -15.56
C LEU C 912 -61.07 -46.36 -16.93
N LEU C 913 -62.39 -46.45 -17.13
CA LEU C 913 -63.03 -45.96 -18.33
C LEU C 913 -62.30 -44.75 -18.88
N ALA C 914 -62.20 -43.70 -18.07
CA ALA C 914 -61.62 -42.48 -18.54
C ALA C 914 -60.16 -42.71 -18.90
N THR C 915 -59.35 -43.04 -17.89
CA THR C 915 -57.93 -43.33 -18.09
C THR C 915 -57.74 -44.02 -19.41
N SER C 916 -58.66 -44.90 -19.76
CA SER C 916 -58.58 -45.58 -21.04
C SER C 916 -59.00 -44.68 -22.20
N MET C 917 -60.14 -44.01 -22.07
CA MET C 917 -60.61 -43.17 -23.16
C MET C 917 -59.96 -41.80 -23.13
N ARG C 918 -58.71 -41.77 -22.66
CA ARG C 918 -57.89 -40.59 -22.83
C ARG C 918 -56.45 -40.99 -23.10
N GLY C 919 -56.18 -42.28 -23.17
CA GLY C 919 -54.82 -42.74 -23.42
C GLY C 919 -53.89 -42.48 -22.23
N LEU C 920 -54.43 -42.71 -21.04
CA LEU C 920 -53.67 -42.58 -19.84
C LEU C 920 -53.36 -43.94 -19.30
N SER C 921 -52.14 -44.11 -18.81
CA SER C 921 -51.71 -45.40 -18.28
C SER C 921 -52.06 -45.56 -16.82
N ASN C 922 -51.93 -46.79 -16.37
CA ASN C 922 -52.08 -47.11 -14.96
C ASN C 922 -50.78 -46.82 -14.19
N ASP C 923 -50.59 -45.56 -13.83
CA ASP C 923 -49.35 -45.12 -13.19
C ASP C 923 -49.53 -44.68 -11.70
N VAL C 924 -48.43 -44.41 -11.00
CA VAL C 924 -48.56 -44.14 -9.58
C VAL C 924 -49.65 -43.11 -9.37
N PHE C 925 -49.81 -42.22 -10.34
CA PHE C 925 -50.77 -41.15 -10.23
C PHE C 925 -52.21 -41.71 -10.30
N PHE C 926 -52.36 -42.79 -11.09
CA PHE C 926 -53.60 -43.51 -11.23
C PHE C 926 -54.00 -44.04 -9.86
N GLN C 927 -53.09 -44.83 -9.27
CA GLN C 927 -53.28 -45.39 -7.93
C GLN C 927 -53.81 -44.37 -6.95
N VAL C 928 -53.14 -43.23 -6.87
CA VAL C 928 -53.65 -42.17 -6.00
C VAL C 928 -55.12 -42.02 -6.34
N GLY C 929 -55.41 -41.83 -7.64
CA GLY C 929 -56.77 -41.68 -8.16
C GLY C 929 -57.73 -42.79 -7.75
N LEU C 930 -57.42 -44.03 -8.11
CA LEU C 930 -58.23 -45.13 -7.66
C LEU C 930 -58.52 -44.95 -6.13
N LEU C 931 -57.47 -44.87 -5.33
CA LEU C 931 -57.61 -44.71 -3.87
C LEU C 931 -58.53 -43.56 -3.58
N THR C 932 -58.22 -42.39 -4.13
CA THR C 932 -59.11 -41.25 -3.84
C THR C 932 -60.56 -41.53 -4.34
N THR C 933 -60.67 -42.46 -5.30
CA THR C 933 -61.96 -42.83 -5.85
C THR C 933 -62.73 -43.78 -4.92
N ILE C 934 -62.07 -44.82 -4.43
CA ILE C 934 -62.70 -45.69 -3.43
C ILE C 934 -63.26 -44.83 -2.33
N GLY C 935 -62.54 -43.78 -2.00
CA GLY C 935 -63.07 -42.82 -1.03
C GLY C 935 -64.24 -41.99 -1.53
N LEU C 936 -64.27 -41.66 -2.82
CA LEU C 936 -65.36 -40.78 -3.36
C LEU C 936 -66.65 -41.58 -3.38
N SER C 937 -66.52 -42.79 -3.89
CA SER C 937 -67.60 -43.76 -3.81
C SER C 937 -68.23 -43.77 -2.44
N ALA C 938 -67.40 -44.11 -1.45
CA ALA C 938 -67.80 -44.24 -0.04
C ALA C 938 -68.37 -42.96 0.53
N LYS C 939 -67.87 -41.81 0.07
CA LYS C 939 -68.38 -40.53 0.56
C LYS C 939 -69.82 -40.32 0.06
N ASN C 940 -70.14 -40.89 -1.10
CA ASN C 940 -71.50 -40.80 -1.60
C ASN C 940 -72.38 -41.85 -0.94
N ALA C 941 -71.78 -43.00 -0.67
CA ALA C 941 -72.48 -44.11 -0.05
C ALA C 941 -73.02 -43.74 1.35
N ILE C 942 -72.13 -43.23 2.19
CA ILE C 942 -72.50 -42.89 3.56
C ILE C 942 -73.50 -41.72 3.59
N LEU C 943 -73.51 -40.93 2.53
CA LEU C 943 -74.43 -39.80 2.44
C LEU C 943 -75.89 -40.31 2.33
N ILE C 944 -76.06 -41.52 1.83
CA ILE C 944 -77.35 -42.17 1.79
C ILE C 944 -77.52 -43.13 3.00
N VAL C 945 -76.80 -44.24 2.97
CA VAL C 945 -76.84 -45.28 3.99
C VAL C 945 -76.94 -44.87 5.51
N GLU C 946 -76.03 -44.07 6.03
CA GLU C 946 -76.13 -43.76 7.46
C GLU C 946 -77.29 -42.81 7.81
N PHE C 947 -77.79 -42.05 6.85
CA PHE C 947 -78.99 -41.23 7.08
C PHE C 947 -80.25 -42.11 7.03
N ALA C 948 -80.13 -43.18 6.26
CA ALA C 948 -81.16 -44.17 6.10
C ALA C 948 -81.23 -45.05 7.33
N LYS C 949 -80.13 -45.08 8.10
CA LYS C 949 -80.06 -45.85 9.33
C LYS C 949 -80.64 -45.04 10.48
N GLU C 950 -80.53 -43.72 10.37
CA GLU C 950 -81.18 -42.85 11.32
C GLU C 950 -82.71 -42.89 11.15
N LEU C 951 -83.19 -42.50 9.96
CA LEU C 951 -84.61 -42.52 9.62
C LEU C 951 -85.28 -43.80 10.16
N HIS C 952 -84.64 -44.93 9.91
CA HIS C 952 -85.17 -46.22 10.31
C HIS C 952 -85.31 -46.28 11.84
N GLU C 953 -84.21 -46.04 12.52
CA GLU C 953 -84.17 -46.11 13.95
C GLU C 953 -85.09 -45.11 14.60
N GLN C 954 -85.63 -44.16 13.86
CA GLN C 954 -86.63 -43.24 14.42
C GLN C 954 -88.11 -43.58 14.01
N GLY C 955 -88.33 -44.75 13.42
CA GLY C 955 -89.69 -45.24 13.19
C GLY C 955 -89.92 -45.83 11.82
N LYS C 956 -89.63 -45.06 10.78
CA LYS C 956 -89.74 -45.52 9.41
C LYS C 956 -89.09 -46.89 9.23
N GLY C 957 -89.51 -47.65 8.22
CA GLY C 957 -88.98 -49.00 8.02
C GLY C 957 -87.88 -48.98 6.99
N ILE C 958 -87.11 -50.05 6.95
CA ILE C 958 -85.95 -50.19 6.05
C ILE C 958 -86.12 -49.48 4.68
N VAL C 959 -86.88 -50.12 3.79
CA VAL C 959 -87.14 -49.60 2.44
C VAL C 959 -87.61 -48.13 2.47
N GLU C 960 -88.69 -47.85 3.17
CA GLU C 960 -89.08 -46.47 3.22
C GLU C 960 -87.84 -45.63 3.53
N ALA C 961 -87.13 -46.03 4.58
CA ALA C 961 -85.93 -45.32 5.11
C ALA C 961 -84.90 -45.03 4.04
N ALA C 962 -84.58 -46.04 3.26
CA ALA C 962 -83.70 -45.89 2.13
C ALA C 962 -84.23 -44.80 1.20
N ILE C 963 -85.54 -44.87 0.91
CA ILE C 963 -86.23 -43.90 0.06
C ILE C 963 -86.03 -42.50 0.60
N GLU C 964 -86.63 -42.21 1.73
CA GLU C 964 -86.59 -40.86 2.30
C GLU C 964 -85.15 -40.32 2.38
N ALA C 965 -84.17 -41.23 2.29
CA ALA C 965 -82.76 -40.90 2.32
C ALA C 965 -82.34 -40.38 0.96
N CYS C 966 -82.35 -41.27 -0.02
CA CYS C 966 -82.14 -40.90 -1.42
C CYS C 966 -82.82 -39.58 -1.78
N ARG C 967 -84.11 -39.48 -1.50
CA ARG C 967 -84.82 -38.24 -1.71
C ARG C 967 -84.08 -37.08 -1.08
N MET C 968 -84.07 -37.04 0.24
CA MET C 968 -83.46 -35.92 0.99
C MET C 968 -81.96 -35.66 0.79
N ARG C 969 -81.26 -36.56 0.11
CA ARG C 969 -79.82 -36.40 -0.06
C ARG C 969 -79.36 -36.29 -1.49
N LEU C 970 -80.29 -36.18 -2.43
CA LEU C 970 -79.93 -36.06 -3.85
C LEU C 970 -79.24 -34.72 -4.11
N ARG C 971 -79.82 -33.64 -3.59
CA ARG C 971 -79.30 -32.30 -3.80
C ARG C 971 -77.88 -32.11 -3.29
N PRO C 972 -77.57 -32.54 -2.04
CA PRO C 972 -76.23 -32.37 -1.42
C PRO C 972 -75.18 -33.27 -2.04
N ILE C 973 -75.56 -34.50 -2.32
CA ILE C 973 -74.67 -35.46 -2.97
C ILE C 973 -74.21 -34.95 -4.33
N VAL C 974 -75.17 -34.70 -5.22
CA VAL C 974 -74.92 -34.13 -6.56
C VAL C 974 -74.09 -32.86 -6.47
N MET C 975 -74.55 -31.97 -5.58
CA MET C 975 -73.96 -30.65 -5.32
C MET C 975 -72.50 -30.71 -4.82
N THR C 976 -72.15 -31.74 -4.03
CA THR C 976 -70.77 -31.88 -3.58
C THR C 976 -70.04 -32.77 -4.59
N SER C 977 -70.72 -33.79 -5.14
CA SER C 977 -70.03 -34.57 -6.16
C SER C 977 -69.56 -33.64 -7.30
N LEU C 978 -70.50 -32.93 -7.93
CA LEU C 978 -70.17 -32.06 -9.06
C LEU C 978 -69.03 -31.10 -8.71
N ALA C 979 -69.22 -30.37 -7.61
CA ALA C 979 -68.21 -29.42 -7.09
C ALA C 979 -66.83 -30.06 -7.02
N PHE C 980 -66.79 -31.37 -6.83
CA PHE C 980 -65.52 -32.03 -6.80
C PHE C 980 -65.08 -32.13 -8.23
N ILE C 981 -66.01 -32.53 -9.10
CA ILE C 981 -65.73 -32.71 -10.53
C ILE C 981 -65.12 -31.45 -11.16
N LEU C 982 -65.78 -30.31 -10.97
CA LEU C 982 -65.30 -29.07 -11.53
C LEU C 982 -63.94 -28.71 -10.94
N GLY C 983 -63.77 -28.89 -9.63
CA GLY C 983 -62.56 -28.46 -8.94
C GLY C 983 -61.31 -29.12 -9.47
N VAL C 984 -61.50 -30.28 -10.10
CA VAL C 984 -60.40 -31.01 -10.73
C VAL C 984 -60.37 -30.84 -12.26
N VAL C 985 -61.36 -30.15 -12.83
CA VAL C 985 -61.38 -29.92 -14.28
C VAL C 985 -60.12 -29.18 -14.72
N PRO C 986 -59.74 -28.13 -13.99
CA PRO C 986 -58.53 -27.43 -14.41
C PRO C 986 -57.37 -28.39 -14.58
N LEU C 987 -57.20 -29.27 -13.60
CA LEU C 987 -56.14 -30.25 -13.66
C LEU C 987 -56.19 -30.89 -15.02
N ALA C 988 -57.36 -31.45 -15.35
CA ALA C 988 -57.58 -32.21 -16.60
C ALA C 988 -57.26 -31.47 -17.90
N ILE C 989 -57.36 -30.14 -17.87
CA ILE C 989 -57.17 -29.33 -19.07
C ILE C 989 -56.00 -28.37 -18.94
N SER C 990 -55.17 -28.55 -17.91
CA SER C 990 -53.99 -27.69 -17.74
C SER C 990 -53.06 -27.84 -18.93
N THR C 991 -52.22 -26.85 -19.16
CA THR C 991 -51.21 -26.91 -20.22
C THR C 991 -49.88 -26.51 -19.59
N GLY C 992 -48.91 -26.12 -20.41
CA GLY C 992 -47.65 -25.61 -19.88
C GLY C 992 -46.83 -26.69 -19.20
N ALA C 993 -46.11 -26.31 -18.15
CA ALA C 993 -45.22 -27.24 -17.43
C ALA C 993 -45.97 -27.96 -16.32
N GLY C 994 -45.32 -28.98 -15.78
CA GLY C 994 -45.90 -29.74 -14.67
C GLY C 994 -47.39 -29.93 -14.85
N SER C 995 -47.76 -30.34 -16.07
CA SER C 995 -49.17 -30.56 -16.42
C SER C 995 -49.34 -31.84 -17.23
N GLY C 996 -48.28 -32.62 -17.36
CA GLY C 996 -48.41 -33.94 -17.92
C GLY C 996 -48.95 -34.83 -16.84
N SER C 997 -48.38 -34.64 -15.64
CA SER C 997 -48.74 -35.44 -14.48
C SER C 997 -50.15 -35.12 -14.04
N GLN C 998 -50.57 -33.91 -14.38
CA GLN C 998 -51.93 -33.45 -14.04
C GLN C 998 -53.02 -34.24 -14.74
N HIS C 999 -52.90 -34.40 -16.04
CA HIS C 999 -53.94 -35.14 -16.75
C HIS C 999 -54.03 -36.53 -16.14
N ALA C 1000 -52.90 -37.01 -15.61
CA ALA C 1000 -52.81 -38.37 -15.03
C ALA C 1000 -53.50 -38.46 -13.66
N ILE C 1001 -53.48 -37.38 -12.91
CA ILE C 1001 -54.10 -37.38 -11.62
C ILE C 1001 -55.51 -36.77 -11.60
N GLY C 1002 -55.80 -35.90 -12.55
CA GLY C 1002 -57.14 -35.32 -12.71
C GLY C 1002 -58.12 -36.21 -13.46
N THR C 1003 -57.63 -37.01 -14.41
CA THR C 1003 -58.54 -37.69 -15.34
C THR C 1003 -59.43 -38.75 -14.68
N GLY C 1004 -58.80 -39.72 -14.03
CA GLY C 1004 -59.53 -40.79 -13.34
C GLY C 1004 -60.45 -40.32 -12.23
N VAL C 1005 -59.99 -39.36 -11.44
CA VAL C 1005 -60.80 -38.89 -10.32
C VAL C 1005 -62.05 -38.14 -10.76
N ILE C 1006 -62.13 -37.81 -12.05
CA ILE C 1006 -63.32 -37.19 -12.67
C ILE C 1006 -64.21 -38.34 -13.06
N GLY C 1007 -63.62 -39.30 -13.74
CA GLY C 1007 -64.33 -40.48 -14.07
C GLY C 1007 -65.03 -40.99 -12.83
N GLY C 1008 -64.21 -41.57 -11.94
CA GLY C 1008 -64.63 -42.23 -10.69
C GLY C 1008 -65.70 -41.44 -9.99
N MET C 1009 -65.47 -40.14 -9.80
CA MET C 1009 -66.51 -39.33 -9.16
C MET C 1009 -67.76 -39.15 -10.05
N VAL C 1010 -67.66 -39.61 -11.30
CA VAL C 1010 -68.80 -39.54 -12.19
C VAL C 1010 -69.61 -40.82 -12.01
N THR C 1011 -69.00 -41.98 -12.17
CA THR C 1011 -69.77 -43.21 -12.01
C THR C 1011 -69.95 -43.54 -10.53
N ALA C 1012 -69.85 -42.52 -9.69
CA ALA C 1012 -70.05 -42.69 -8.27
C ALA C 1012 -71.12 -41.74 -7.80
N THR C 1013 -71.55 -40.86 -8.70
CA THR C 1013 -72.65 -39.96 -8.43
C THR C 1013 -73.91 -40.35 -9.20
N VAL C 1014 -73.76 -41.08 -10.31
CA VAL C 1014 -74.93 -41.50 -11.10
C VAL C 1014 -75.21 -42.98 -10.88
N LEU C 1015 -74.13 -43.75 -10.72
CA LEU C 1015 -74.24 -45.19 -10.49
C LEU C 1015 -74.59 -45.49 -9.02
N ALA C 1016 -73.93 -44.81 -8.09
CA ALA C 1016 -74.09 -45.11 -6.66
C ALA C 1016 -75.52 -44.84 -6.21
N ILE C 1017 -75.97 -43.59 -6.36
CA ILE C 1017 -77.31 -43.20 -5.92
C ILE C 1017 -78.45 -44.20 -6.23
N PHE C 1018 -78.21 -45.19 -7.07
CA PHE C 1018 -79.24 -46.18 -7.36
C PHE C 1018 -78.97 -47.48 -6.63
N TRP C 1019 -77.75 -47.99 -6.78
CA TRP C 1019 -77.38 -49.29 -6.22
C TRP C 1019 -77.10 -49.28 -4.71
N VAL C 1020 -76.70 -48.12 -4.16
CA VAL C 1020 -76.38 -48.07 -2.74
C VAL C 1020 -77.64 -48.31 -1.91
N PRO C 1021 -78.76 -47.65 -2.30
CA PRO C 1021 -80.02 -47.80 -1.57
C PRO C 1021 -80.53 -49.21 -1.59
N LEU C 1022 -79.97 -50.00 -2.50
CA LEU C 1022 -80.27 -51.41 -2.69
C LEU C 1022 -79.33 -52.33 -1.88
N PHE C 1023 -78.04 -52.03 -1.88
CA PHE C 1023 -77.08 -52.81 -1.10
C PHE C 1023 -77.49 -52.82 0.38
N TYR C 1024 -77.79 -51.63 0.91
CA TYR C 1024 -78.33 -51.46 2.23
C TYR C 1024 -79.48 -52.44 2.48
N VAL C 1025 -80.68 -52.03 2.09
CA VAL C 1025 -81.87 -52.87 2.12
C VAL C 1025 -81.51 -54.34 1.94
N ALA C 1026 -80.65 -54.63 0.99
CA ALA C 1026 -80.24 -56.00 0.73
C ALA C 1026 -79.48 -56.63 1.90
N VAL C 1027 -78.44 -55.94 2.38
CA VAL C 1027 -77.63 -56.45 3.48
C VAL C 1027 -78.41 -56.44 4.80
N SER C 1028 -79.31 -55.47 4.95
CA SER C 1028 -80.12 -55.35 6.17
C SER C 1028 -81.06 -56.53 6.39
N THR C 1029 -81.63 -57.04 5.31
CA THR C 1029 -82.53 -58.19 5.37
C THR C 1029 -81.75 -59.48 5.17
N LEU C 1030 -80.43 -59.38 5.25
CA LEU C 1030 -79.53 -60.51 5.11
C LEU C 1030 -79.48 -61.29 6.41
N MET D 1 69.64 33.67 -21.18
CA MET D 1 69.60 34.83 -20.28
C MET D 1 70.35 34.67 -18.96
N SER D 2 70.92 33.49 -18.70
CA SER D 2 71.72 33.31 -17.48
C SER D 2 73.15 33.87 -17.42
N LYS D 3 73.85 33.91 -18.56
CA LYS D 3 75.17 34.60 -18.62
C LYS D 3 74.90 36.10 -18.41
N PHE D 4 73.73 36.51 -18.84
CA PHE D 4 73.30 37.89 -18.64
C PHE D 4 73.21 38.22 -17.18
N PHE D 5 72.45 37.40 -16.43
CA PHE D 5 72.24 37.66 -15.01
C PHE D 5 73.47 37.36 -14.15
N ILE D 6 74.23 36.38 -14.55
CA ILE D 6 75.53 36.13 -13.93
C ILE D 6 76.47 37.33 -13.92
N ASP D 7 76.25 38.33 -14.76
CA ASP D 7 77.09 39.54 -14.73
C ASP D 7 76.32 40.70 -14.13
N ARG D 8 75.07 40.42 -13.72
CA ARG D 8 74.21 41.42 -13.11
C ARG D 8 73.43 40.80 -11.96
N PRO D 9 74.16 40.29 -10.95
CA PRO D 9 73.54 39.54 -9.89
C PRO D 9 72.54 40.37 -9.11
N ILE D 10 72.76 41.67 -9.05
CA ILE D 10 71.75 42.55 -8.51
C ILE D 10 70.49 42.70 -9.42
N PHE D 11 70.65 42.56 -10.75
CA PHE D 11 69.44 42.61 -11.56
C PHE D 11 68.70 41.36 -11.13
N ALA D 12 69.43 40.26 -11.14
CA ALA D 12 68.85 38.99 -10.79
C ALA D 12 68.22 39.12 -9.40
N TRP D 13 68.94 39.77 -8.50
CA TRP D 13 68.34 39.90 -7.21
C TRP D 13 66.97 40.52 -7.39
N VAL D 14 66.93 41.72 -7.95
CA VAL D 14 65.72 42.55 -8.10
C VAL D 14 64.50 41.82 -8.69
N ILE D 15 64.73 40.86 -9.61
CA ILE D 15 63.62 40.14 -10.17
C ILE D 15 63.07 39.17 -9.15
N ALA D 16 63.93 38.79 -8.20
CA ALA D 16 63.53 37.93 -7.11
C ALA D 16 62.80 38.73 -6.07
N LEU D 17 63.23 39.96 -5.87
CA LEU D 17 62.55 40.82 -4.91
C LEU D 17 61.12 41.16 -5.35
N VAL D 18 60.97 41.66 -6.58
CA VAL D 18 59.69 42.05 -7.20
C VAL D 18 58.67 40.91 -7.12
N ILE D 19 59.12 39.70 -7.46
CA ILE D 19 58.33 38.49 -7.28
C ILE D 19 57.95 38.28 -5.81
N MET D 20 58.92 37.95 -4.95
CA MET D 20 58.63 37.74 -3.52
C MET D 20 57.69 38.86 -3.02
N LEU D 21 57.96 40.07 -3.48
CA LEU D 21 57.21 41.23 -3.00
C LEU D 21 55.75 41.10 -3.40
N ALA D 22 55.54 40.59 -4.61
CA ALA D 22 54.20 40.42 -5.14
C ALA D 22 53.47 39.36 -4.33
N GLY D 23 54.12 38.22 -4.14
CA GLY D 23 53.54 37.17 -3.30
C GLY D 23 53.19 37.66 -1.88
N GLY D 24 54.10 38.41 -1.28
CA GLY D 24 53.86 38.91 0.04
C GLY D 24 52.55 39.63 0.05
N LEU D 25 52.46 40.59 -0.85
CA LEU D 25 51.24 41.38 -1.06
C LEU D 25 50.00 40.50 -1.32
N SER D 26 50.22 39.37 -1.99
CA SER D 26 49.16 38.44 -2.31
C SER D 26 48.69 37.65 -1.08
N ILE D 27 49.68 37.20 -0.29
CA ILE D 27 49.42 36.52 0.98
C ILE D 27 48.60 37.38 1.91
N LEU D 28 48.82 38.70 1.85
CA LEU D 28 48.11 39.67 2.69
C LEU D 28 46.67 39.94 2.26
N SER D 29 46.22 39.43 1.11
CA SER D 29 44.85 39.71 0.68
C SER D 29 44.08 38.49 0.18
N LEU D 30 44.78 37.42 -0.19
CA LEU D 30 44.14 36.24 -0.73
C LEU D 30 43.20 35.60 0.27
N PRO D 31 41.93 35.41 -0.12
CA PRO D 31 40.98 34.86 0.86
C PRO D 31 41.49 33.57 1.39
N VAL D 32 41.58 33.41 2.71
CA VAL D 32 41.97 32.11 3.25
C VAL D 32 40.72 31.32 3.59
N ASN D 33 40.79 29.99 3.41
CA ASN D 33 39.66 29.14 3.66
C ASN D 33 40.06 27.66 3.57
N GLN D 34 39.21 26.78 4.08
CA GLN D 34 39.53 25.36 4.17
C GLN D 34 39.74 24.76 2.78
N TYR D 35 38.67 24.60 2.00
CA TYR D 35 38.72 24.03 0.64
C TYR D 35 38.13 25.05 -0.36
N PRO D 36 38.53 25.00 -1.63
CA PRO D 36 37.82 25.89 -2.54
C PRO D 36 36.33 25.54 -2.59
N ALA D 37 35.48 26.56 -2.58
CA ALA D 37 34.02 26.38 -2.53
C ALA D 37 33.53 25.38 -3.57
N ILE D 38 32.65 24.47 -3.17
CA ILE D 38 32.22 23.42 -4.09
C ILE D 38 30.75 23.03 -4.00
N ALA D 39 30.01 23.64 -3.09
CA ALA D 39 28.62 23.27 -2.87
C ALA D 39 27.76 24.21 -3.67
N PRO D 40 26.66 23.71 -4.24
CA PRO D 40 25.79 24.49 -5.12
C PRO D 40 25.07 25.60 -4.36
N PRO D 41 24.81 26.74 -5.04
CA PRO D 41 24.10 27.85 -4.41
C PRO D 41 22.64 27.51 -4.14
N ALA D 42 22.06 28.13 -3.11
CA ALA D 42 20.66 27.92 -2.80
C ALA D 42 20.01 29.15 -2.15
N ILE D 43 18.73 29.31 -2.49
CA ILE D 43 17.89 30.40 -2.00
C ILE D 43 16.88 29.77 -1.05
N ALA D 44 16.36 30.51 -0.09
CA ALA D 44 15.41 29.91 0.87
C ALA D 44 14.29 30.85 1.31
N VAL D 45 13.06 30.38 1.11
CA VAL D 45 11.84 31.13 1.44
C VAL D 45 11.38 30.64 2.81
N GLN D 46 11.25 31.56 3.75
CA GLN D 46 10.95 31.21 5.14
C GLN D 46 9.91 32.14 5.77
N VAL D 47 8.79 31.55 6.21
CA VAL D 47 7.73 32.31 6.88
C VAL D 47 7.05 31.45 7.93
N SER D 48 6.28 32.07 8.80
CA SER D 48 5.44 31.33 9.74
C SER D 48 3.99 31.81 9.74
N TYR D 49 3.06 30.87 9.88
CA TYR D 49 1.65 31.19 10.10
C TYR D 49 1.35 30.87 11.55
N PRO D 50 1.26 31.91 12.39
CA PRO D 50 1.02 31.65 13.82
C PRO D 50 -0.19 30.75 14.08
N GLY D 51 0.06 29.63 14.76
CA GLY D 51 -1.00 28.70 15.11
C GLY D 51 -1.17 27.55 14.15
N ALA D 52 -0.99 27.82 12.87
CA ALA D 52 -1.31 26.82 11.86
C ALA D 52 -0.59 25.50 12.13
N SER D 53 -0.99 24.50 11.35
CA SER D 53 -0.47 23.14 11.45
C SER D 53 0.29 22.73 10.18
N ALA D 54 1.17 21.75 10.32
CA ALA D 54 1.95 21.21 9.21
C ALA D 54 1.18 21.06 7.88
N GLU D 55 -0.06 20.60 7.94
CA GLU D 55 -0.85 20.43 6.70
C GLU D 55 -1.46 21.76 6.22
N THR D 56 -1.79 22.67 7.16
CA THR D 56 -2.36 23.97 6.80
C THR D 56 -1.27 24.85 6.23
N VAL D 57 -0.10 24.81 6.87
CA VAL D 57 1.07 25.52 6.35
C VAL D 57 1.45 24.93 5.01
N GLN D 58 1.41 23.61 4.89
CA GLN D 58 1.75 22.97 3.64
C GLN D 58 0.77 23.37 2.52
N ASP D 59 -0.49 22.95 2.66
CA ASP D 59 -1.50 23.08 1.62
C ASP D 59 -1.93 24.52 1.29
N THR D 60 -1.81 25.45 2.23
CA THR D 60 -2.14 26.84 1.99
C THR D 60 -0.90 27.75 1.79
N VAL D 61 0.30 27.19 1.71
CA VAL D 61 1.51 27.99 1.51
C VAL D 61 2.56 27.27 0.65
N VAL D 62 3.34 26.41 1.31
CA VAL D 62 4.42 25.70 0.66
C VAL D 62 3.98 25.30 -0.72
N GLN D 63 2.74 24.87 -0.83
CA GLN D 63 2.26 24.25 -2.07
C GLN D 63 1.92 25.30 -3.12
N VAL D 64 1.38 26.44 -2.68
CA VAL D 64 0.99 27.46 -3.64
C VAL D 64 2.21 28.21 -4.13
N ILE D 65 3.34 27.96 -3.48
CA ILE D 65 4.61 28.60 -3.78
C ILE D 65 5.45 27.74 -4.72
N GLU D 66 5.38 26.41 -4.56
CA GLU D 66 6.12 25.49 -5.43
C GLU D 66 5.56 25.45 -6.84
N GLN D 67 4.24 25.58 -6.98
CA GLN D 67 3.57 25.57 -8.30
C GLN D 67 4.04 26.73 -9.21
N GLN D 68 4.68 27.71 -8.61
CA GLN D 68 5.24 28.84 -9.36
C GLN D 68 6.77 28.76 -9.55
N MET D 69 7.38 27.68 -9.05
CA MET D 69 8.83 27.50 -9.14
C MET D 69 9.18 26.79 -10.43
N ASN D 70 8.92 27.51 -11.52
CA ASN D 70 9.28 27.11 -12.85
C ASN D 70 9.86 28.35 -13.52
N GLY D 71 10.41 28.21 -14.71
CA GLY D 71 11.01 29.33 -15.42
C GLY D 71 12.11 29.97 -14.60
N ILE D 72 12.94 29.13 -14.01
CA ILE D 72 14.04 29.58 -13.17
C ILE D 72 15.25 28.90 -13.74
N ASP D 73 16.31 29.65 -14.03
CA ASP D 73 17.49 29.04 -14.69
C ASP D 73 18.37 28.27 -13.72
N ASN D 74 18.94 27.19 -14.23
CA ASN D 74 19.91 26.40 -13.48
C ASN D 74 19.38 25.87 -12.17
N LEU D 75 18.09 25.55 -12.15
CA LEU D 75 17.45 24.99 -10.98
C LEU D 75 17.71 23.50 -10.95
N ARG D 76 18.41 23.03 -9.91
CA ARG D 76 18.76 21.59 -9.84
C ARG D 76 17.60 20.78 -9.28
N TYR D 77 17.04 21.23 -8.18
CA TYR D 77 15.95 20.56 -7.51
C TYR D 77 15.51 21.51 -6.44
N ILE D 78 14.35 21.24 -5.85
CA ILE D 78 13.70 22.10 -4.84
C ILE D 78 13.25 21.21 -3.65
N SER D 79 13.18 21.77 -2.45
CA SER D 79 12.75 21.00 -1.28
C SER D 79 11.96 21.89 -0.32
N SER D 80 11.10 21.28 0.49
CA SER D 80 10.35 22.04 1.51
C SER D 80 10.01 21.26 2.79
N GLU D 81 9.69 22.01 3.84
CA GLU D 81 9.22 21.41 5.06
C GLU D 81 8.12 22.28 5.66
N SER D 82 7.08 21.63 6.17
CA SER D 82 5.98 22.32 6.83
C SER D 82 5.83 21.76 8.26
N ASN D 83 6.02 22.63 9.25
CA ASN D 83 6.13 22.20 10.65
C ASN D 83 4.91 22.52 11.52
N SER D 84 4.90 21.89 12.70
CA SER D 84 3.87 22.03 13.71
C SER D 84 3.83 23.44 14.29
N ASP D 85 5.01 24.03 14.50
CA ASP D 85 5.04 25.40 15.00
C ASP D 85 4.59 26.38 13.90
N GLY D 86 4.06 25.85 12.81
CA GLY D 86 3.46 26.72 11.79
C GLY D 86 4.50 27.48 11.00
N SER D 87 5.62 26.81 10.69
CA SER D 87 6.73 27.43 10.02
C SER D 87 7.14 26.54 8.86
N MET D 88 7.63 27.19 7.81
CA MET D 88 8.11 26.45 6.67
C MET D 88 9.45 27.01 6.13
N THR D 89 10.15 26.17 5.38
CA THR D 89 11.35 26.55 4.64
C THR D 89 11.23 25.88 3.26
N ILE D 90 11.16 26.69 2.20
CA ILE D 90 11.29 26.17 0.83
C ILE D 90 12.71 26.50 0.38
N THR D 91 13.38 25.52 -0.19
CA THR D 91 14.80 25.65 -0.53
C THR D 91 15.00 25.27 -1.97
N VAL D 92 15.49 26.23 -2.75
CA VAL D 92 15.68 26.05 -4.20
C VAL D 92 17.17 25.91 -4.42
N THR D 93 17.59 24.82 -5.03
CA THR D 93 19.01 24.59 -5.23
C THR D 93 19.45 24.56 -6.71
N PHE D 94 20.44 25.42 -6.98
CA PHE D 94 20.85 25.67 -8.34
C PHE D 94 22.07 24.88 -8.73
N GLU D 95 22.33 24.91 -10.03
CA GLU D 95 23.51 24.30 -10.57
C GLU D 95 24.73 25.16 -10.21
N GLN D 96 25.86 24.53 -9.87
CA GLN D 96 27.15 25.23 -9.74
C GLN D 96 27.41 26.17 -10.91
N GLY D 97 27.99 27.31 -10.65
CA GLY D 97 28.11 28.34 -11.68
C GLY D 97 27.09 29.43 -11.51
N THR D 98 25.89 29.06 -11.08
CA THR D 98 24.81 30.01 -10.94
C THR D 98 25.20 31.20 -10.08
N ASP D 99 24.71 32.36 -10.50
CA ASP D 99 24.96 33.64 -9.86
C ASP D 99 23.92 33.79 -8.74
N PRO D 100 24.34 33.48 -7.50
CA PRO D 100 23.42 33.54 -6.38
C PRO D 100 22.49 34.76 -6.47
N ASP D 101 23.00 35.86 -7.03
CA ASP D 101 22.23 37.12 -7.14
C ASP D 101 21.05 37.01 -8.10
N ILE D 102 21.24 36.25 -9.17
CA ILE D 102 20.22 36.12 -10.17
C ILE D 102 19.27 35.06 -9.67
N ALA D 103 19.82 34.16 -8.87
CA ALA D 103 19.10 33.07 -8.26
C ALA D 103 18.05 33.62 -7.34
N GLN D 104 18.51 34.43 -6.41
CA GLN D 104 17.62 35.10 -5.50
C GLN D 104 16.62 35.99 -6.26
N VAL D 105 17.07 36.74 -7.26
CA VAL D 105 16.15 37.58 -8.09
C VAL D 105 15.10 36.68 -8.76
N GLN D 106 15.56 35.59 -9.37
CA GLN D 106 14.63 34.77 -10.11
C GLN D 106 13.64 34.10 -9.17
N VAL D 107 14.06 33.77 -7.95
CA VAL D 107 13.16 33.12 -7.00
C VAL D 107 12.12 34.12 -6.55
N GLN D 108 12.56 35.24 -5.99
CA GLN D 108 11.61 36.14 -5.37
C GLN D 108 10.69 36.66 -6.46
N ASN D 109 11.14 36.56 -7.71
CA ASN D 109 10.31 36.96 -8.85
C ASN D 109 9.07 36.07 -8.91
N LYS D 110 9.28 34.77 -9.03
CA LYS D 110 8.17 33.86 -9.01
C LYS D 110 7.41 33.98 -7.68
N LEU D 111 8.16 33.88 -6.58
CA LEU D 111 7.56 33.96 -5.27
C LEU D 111 6.46 35.00 -5.24
N GLN D 112 6.73 36.16 -5.83
CA GLN D 112 5.77 37.27 -5.79
C GLN D 112 4.49 37.03 -6.61
N LEU D 113 4.51 36.04 -7.49
CA LEU D 113 3.31 35.66 -8.19
C LEU D 113 2.38 34.83 -7.29
N ALA D 114 2.91 34.37 -6.16
CA ALA D 114 2.18 33.50 -5.26
C ALA D 114 1.69 34.25 -4.02
N THR D 115 2.48 35.23 -3.59
CA THR D 115 2.13 36.01 -2.41
C THR D 115 0.66 36.45 -2.37
N PRO D 116 0.15 37.03 -3.46
CA PRO D 116 -1.25 37.47 -3.40
C PRO D 116 -2.24 36.36 -3.07
N LEU D 117 -1.83 35.11 -3.24
CA LEU D 117 -2.68 33.97 -2.90
C LEU D 117 -2.33 33.30 -1.58
N LEU D 118 -1.77 34.07 -0.66
CA LEU D 118 -1.37 33.56 0.65
C LEU D 118 -2.18 34.26 1.72
N PRO D 119 -2.37 33.60 2.88
CA PRO D 119 -3.14 34.19 3.97
C PRO D 119 -2.55 35.53 4.43
N GLN D 120 -3.41 36.54 4.56
CA GLN D 120 -2.97 37.87 4.96
C GLN D 120 -2.16 37.79 6.24
N GLU D 121 -2.42 36.77 7.04
CA GLU D 121 -1.76 36.58 8.33
C GLU D 121 -0.34 36.01 8.17
N VAL D 122 -0.11 35.28 7.09
CA VAL D 122 1.23 34.78 6.78
C VAL D 122 1.99 35.79 5.92
N GLN D 123 1.29 36.84 5.50
CA GLN D 123 1.89 37.90 4.71
C GLN D 123 2.41 38.98 5.64
N ARG D 124 1.52 39.45 6.51
CA ARG D 124 1.89 40.46 7.51
C ARG D 124 3.02 39.89 8.36
N GLN D 125 3.25 38.59 8.23
CA GLN D 125 4.29 37.91 8.96
C GLN D 125 5.65 38.41 8.51
N GLY D 126 5.91 38.31 7.21
CA GLY D 126 7.14 38.86 6.63
C GLY D 126 8.07 37.77 6.14
N ILE D 127 7.75 37.19 4.99
CA ILE D 127 8.55 36.14 4.37
C ILE D 127 10.02 36.50 4.21
N ARG D 128 10.87 35.49 4.03
CA ARG D 128 12.28 35.73 3.84
C ARG D 128 12.86 34.87 2.72
N VAL D 129 13.68 35.53 1.89
CA VAL D 129 14.36 34.88 0.80
C VAL D 129 15.83 35.15 1.02
N THR D 130 16.63 34.07 1.11
CA THR D 130 18.04 34.21 1.43
C THR D 130 18.95 33.33 0.57
N LYS D 131 20.20 33.79 0.40
CA LYS D 131 21.18 33.01 -0.38
C LYS D 131 22.41 32.68 0.47
N ALA D 132 22.19 31.78 1.43
CA ALA D 132 23.24 31.37 2.32
C ALA D 132 23.60 29.94 2.10
N VAL D 133 24.68 29.56 2.77
CA VAL D 133 25.11 28.17 2.93
C VAL D 133 24.19 27.42 3.89
N LYS D 134 24.08 26.12 3.74
CA LYS D 134 23.23 25.32 4.64
C LYS D 134 23.77 25.32 6.06
N ASN D 135 25.02 24.90 6.20
CA ASN D 135 25.72 24.76 7.46
C ASN D 135 25.59 26.01 8.29
N PHE D 136 25.92 25.90 9.58
CA PHE D 136 25.87 27.02 10.52
C PHE D 136 27.31 27.44 10.71
N LEU D 137 27.54 28.73 10.88
CA LEU D 137 28.91 29.26 10.94
C LEU D 137 29.37 29.37 12.39
N MET D 138 28.48 29.90 13.21
CA MET D 138 28.74 30.12 14.62
C MET D 138 27.44 30.59 15.25
N VAL D 139 27.50 30.84 16.56
CA VAL D 139 26.38 31.42 17.28
C VAL D 139 26.88 32.49 18.22
N VAL D 140 26.22 33.63 18.17
CA VAL D 140 26.47 34.75 19.07
C VAL D 140 25.40 34.73 20.15
N GLY D 141 25.64 33.99 21.21
CA GLY D 141 24.73 33.95 22.35
C GLY D 141 25.18 34.90 23.45
N VAL D 142 24.23 35.49 24.17
CA VAL D 142 24.53 36.21 25.41
C VAL D 142 24.15 35.34 26.60
N VAL D 143 24.33 35.89 27.81
CA VAL D 143 24.06 35.14 29.03
C VAL D 143 24.31 36.06 30.24
N SER D 144 23.28 36.23 31.08
CA SER D 144 23.38 37.11 32.25
C SER D 144 24.57 36.76 33.13
N THR D 145 25.43 37.76 33.39
CA THR D 145 26.65 37.57 34.18
C THR D 145 26.33 37.13 35.62
N ASP D 146 25.05 37.09 35.96
CA ASP D 146 24.62 36.78 37.31
C ASP D 146 23.16 36.35 37.37
N GLY D 147 22.77 35.42 36.50
CA GLY D 147 21.41 34.87 36.48
C GLY D 147 20.28 35.87 36.68
N SER D 148 20.59 37.17 36.63
CA SER D 148 19.59 38.22 36.86
C SER D 148 18.61 38.35 35.70
N MET D 149 18.97 37.76 34.56
CA MET D 149 18.13 37.81 33.36
C MET D 149 17.83 36.41 32.83
N THR D 150 16.57 36.20 32.47
CA THR D 150 16.09 34.90 32.00
C THR D 150 16.17 34.82 30.49
N LYS D 151 15.84 33.64 29.97
CA LYS D 151 15.85 33.37 28.54
C LYS D 151 15.26 34.56 27.77
N GLU D 152 13.94 34.71 27.88
CA GLU D 152 13.21 35.71 27.14
C GLU D 152 13.93 37.06 27.15
N ASP D 153 14.38 37.47 28.34
CA ASP D 153 15.05 38.77 28.52
C ASP D 153 16.34 38.88 27.68
N LEU D 154 17.10 37.79 27.60
CA LEU D 154 18.35 37.77 26.85
C LEU D 154 18.10 37.84 25.35
N SER D 155 16.94 37.36 24.92
CA SER D 155 16.56 37.42 23.52
C SER D 155 16.21 38.85 23.09
N ASN D 156 15.38 39.50 23.88
CA ASN D 156 14.97 40.85 23.57
C ASN D 156 16.11 41.86 23.44
N TYR D 157 17.27 41.57 24.04
CA TYR D 157 18.43 42.44 23.86
C TYR D 157 19.04 42.08 22.51
N ILE D 158 19.00 40.78 22.20
CA ILE D 158 19.56 40.24 20.99
C ILE D 158 18.85 40.76 19.74
N VAL D 159 17.59 40.36 19.58
CA VAL D 159 16.79 40.70 18.41
C VAL D 159 16.64 42.20 18.23
N SER D 160 16.62 42.95 19.33
CA SER D 160 16.37 44.42 19.32
C SER D 160 17.63 45.31 19.28
N ASN D 161 18.81 44.72 19.47
CA ASN D 161 20.05 45.49 19.54
C ASN D 161 21.15 44.92 18.64
N ILE D 162 21.26 43.58 18.62
CA ILE D 162 22.32 42.87 17.92
C ILE D 162 21.81 42.34 16.59
N GLN D 163 20.59 41.83 16.59
CA GLN D 163 20.01 41.15 15.41
C GLN D 163 20.08 41.95 14.11
N ASP D 164 19.51 43.16 14.08
CA ASP D 164 19.49 43.93 12.84
C ASP D 164 20.85 44.42 12.39
N PRO D 165 21.73 44.81 13.35
CA PRO D 165 23.05 45.29 12.92
C PRO D 165 23.89 44.16 12.37
N LEU D 166 23.63 42.95 12.84
CA LEU D 166 24.34 41.75 12.42
C LEU D 166 23.87 41.22 11.08
N SER D 167 22.55 41.25 10.85
CA SER D 167 21.98 40.71 9.63
C SER D 167 22.43 41.48 8.37
N ARG D 168 23.00 42.66 8.55
CA ARG D 168 23.53 43.41 7.45
C ARG D 168 25.05 43.63 7.58
N THR D 169 25.69 42.69 8.25
CA THR D 169 27.12 42.68 8.46
C THR D 169 27.71 41.82 7.37
N LYS D 170 28.69 42.34 6.66
CA LYS D 170 29.16 41.66 5.44
C LYS D 170 29.46 40.19 5.71
N GLY D 171 28.85 39.34 4.89
CA GLY D 171 29.13 37.91 4.90
C GLY D 171 27.95 37.10 5.41
N VAL D 172 27.14 37.67 6.30
CA VAL D 172 26.02 36.87 6.79
C VAL D 172 24.77 37.08 5.95
N GLY D 173 24.36 36.04 5.25
CA GLY D 173 23.13 36.08 4.48
C GLY D 173 21.89 35.63 5.23
N ASP D 174 22.10 34.89 6.32
CA ASP D 174 20.99 34.37 7.14
C ASP D 174 21.36 34.27 8.60
N PHE D 175 20.32 34.10 9.42
CA PHE D 175 20.50 34.00 10.85
C PHE D 175 19.22 33.46 11.50
N GLN D 176 19.39 32.47 12.36
CA GLN D 176 18.29 31.91 13.10
C GLN D 176 18.44 32.26 14.56
N VAL D 177 17.55 33.11 15.06
CA VAL D 177 17.58 33.54 16.45
C VAL D 177 16.93 32.48 17.35
N PHE D 178 17.67 31.95 18.32
CA PHE D 178 17.15 30.89 19.20
C PHE D 178 16.40 31.48 20.40
N GLY D 179 15.29 32.14 20.11
CA GLY D 179 14.56 32.90 21.11
C GLY D 179 13.47 33.69 20.41
N SER D 180 13.21 34.90 20.92
CA SER D 180 12.23 35.80 20.33
C SER D 180 12.39 37.21 20.90
N GLN D 181 11.60 38.16 20.41
CA GLN D 181 11.59 39.50 21.02
C GLN D 181 10.22 39.74 21.67
N TYR D 182 10.11 40.76 22.50
CA TYR D 182 8.84 41.02 23.19
C TYR D 182 7.73 41.46 22.25
N SER D 183 6.52 41.42 22.78
CA SER D 183 5.32 41.81 22.05
C SER D 183 4.19 41.75 23.03
N MET D 184 3.25 42.67 22.92
CA MET D 184 2.14 42.70 23.85
C MET D 184 1.35 41.40 23.76
N ARG D 185 1.43 40.62 24.84
CA ARG D 185 0.78 39.33 24.88
C ARG D 185 -0.48 39.35 25.74
N ILE D 186 -1.63 39.42 25.07
CA ILE D 186 -2.93 39.46 25.75
C ILE D 186 -3.30 38.05 26.15
N TRP D 187 -3.49 37.83 27.45
CA TRP D 187 -3.80 36.48 27.95
C TRP D 187 -5.26 36.31 28.37
N LEU D 188 -6.10 36.11 27.36
CA LEU D 188 -7.56 36.00 27.49
C LEU D 188 -8.05 34.84 28.38
N ASP D 189 -9.02 35.15 29.25
CA ASP D 189 -9.67 34.16 30.10
C ASP D 189 -11.12 33.97 29.65
N PRO D 190 -11.46 32.80 29.10
CA PRO D 190 -12.81 32.54 28.57
C PRO D 190 -13.89 32.74 29.63
N ALA D 191 -13.51 32.57 30.91
CA ALA D 191 -14.40 32.80 32.02
C ALA D 191 -14.80 34.27 32.01
N LYS D 192 -13.86 35.13 32.38
CA LYS D 192 -14.09 36.57 32.36
C LYS D 192 -14.74 36.97 31.04
N LEU D 193 -14.32 36.28 29.97
CA LEU D 193 -14.84 36.52 28.62
C LEU D 193 -16.34 36.25 28.56
N ASN D 194 -16.71 34.98 28.74
CA ASN D 194 -18.12 34.57 28.72
C ASN D 194 -19.02 35.40 29.61
N SER D 195 -18.45 36.01 30.64
CA SER D 195 -19.22 36.84 31.56
C SER D 195 -19.64 38.16 30.92
N TYR D 196 -18.69 39.09 30.76
CA TYR D 196 -19.00 40.44 30.26
C TYR D 196 -19.68 40.47 28.90
N GLN D 197 -20.18 39.33 28.44
CA GLN D 197 -20.87 39.24 27.17
C GLN D 197 -19.87 39.58 26.07
N LEU D 198 -18.75 38.87 26.04
CA LEU D 198 -17.67 39.14 25.07
C LEU D 198 -17.03 37.86 24.50
N THR D 199 -16.55 37.98 23.27
CA THR D 199 -15.81 36.92 22.58
C THR D 199 -14.43 37.43 22.21
N PRO D 200 -13.53 36.53 21.78
CA PRO D 200 -12.20 37.03 21.40
C PRO D 200 -12.25 38.05 20.26
N GLY D 201 -13.17 37.86 19.30
CA GLY D 201 -13.39 38.80 18.20
C GLY D 201 -13.49 40.26 18.63
N ASP D 202 -14.23 40.53 19.70
CA ASP D 202 -14.41 41.89 20.18
C ASP D 202 -13.05 42.48 20.54
N VAL D 203 -12.37 41.81 21.47
CA VAL D 203 -11.06 42.25 21.95
C VAL D 203 -10.12 42.57 20.78
N SER D 204 -10.19 41.74 19.75
CA SER D 204 -9.38 41.96 18.56
C SER D 204 -9.78 43.26 17.91
N SER D 205 -11.05 43.32 17.50
CA SER D 205 -11.60 44.52 16.89
C SER D 205 -11.20 45.72 17.72
N ALA D 206 -11.29 45.53 19.03
CA ALA D 206 -10.94 46.55 19.99
C ALA D 206 -9.48 46.88 19.89
N ILE D 207 -8.64 45.85 20.01
CA ILE D 207 -7.20 46.05 19.96
C ILE D 207 -6.81 46.65 18.62
N GLN D 208 -7.60 46.35 17.59
CA GLN D 208 -7.38 46.87 16.23
C GLN D 208 -7.83 48.32 16.04
N ALA D 209 -8.78 48.78 16.85
CA ALA D 209 -9.31 50.15 16.71
C ALA D 209 -9.04 51.06 17.92
N GLN D 210 -7.96 50.82 18.65
CA GLN D 210 -7.60 51.70 19.77
C GLN D 210 -6.10 51.81 20.00
N ASN D 211 -5.35 50.85 19.48
CA ASN D 211 -3.90 50.90 19.52
C ASN D 211 -3.33 51.47 18.21
N VAL D 212 -4.22 52.03 17.40
CA VAL D 212 -3.86 52.54 16.09
C VAL D 212 -2.76 53.59 16.13
N GLN D 213 -2.25 53.94 14.95
CA GLN D 213 -1.23 54.99 14.82
C GLN D 213 -1.72 55.95 13.73
N ILE D 214 -3.04 56.04 13.61
CA ILE D 214 -3.72 56.83 12.56
C ILE D 214 -3.12 58.20 12.22
N SER D 215 -3.35 58.62 10.98
CA SER D 215 -2.91 59.92 10.47
C SER D 215 -3.96 60.97 10.82
N SER D 216 -3.51 62.16 11.19
CA SER D 216 -4.41 63.22 11.64
C SER D 216 -3.92 64.59 11.16
N GLY D 217 -3.88 64.77 9.84
CA GLY D 217 -3.47 66.03 9.22
C GLY D 217 -2.53 66.88 10.04
N GLN D 218 -2.78 68.18 10.03
CA GLN D 218 -1.97 69.12 10.77
C GLN D 218 -2.68 70.46 10.82
N LEU D 219 -2.04 71.43 11.47
CA LEU D 219 -2.61 72.76 11.50
C LEU D 219 -2.70 73.33 10.08
N GLY D 220 -1.77 74.21 9.73
CA GLY D 220 -1.83 74.93 8.46
C GLY D 220 -1.65 74.04 7.24
N GLY D 221 -2.24 72.84 7.29
CA GLY D 221 -2.19 71.92 6.18
C GLY D 221 -2.37 72.59 4.83
N LEU D 222 -1.51 72.24 3.88
CA LEU D 222 -1.59 72.81 2.56
C LEU D 222 -2.57 72.02 1.69
N PRO D 223 -3.32 72.72 0.82
CA PRO D 223 -3.26 74.16 0.64
C PRO D 223 -3.97 74.89 1.78
N ALA D 224 -3.46 76.06 2.12
CA ALA D 224 -4.01 76.86 3.21
C ALA D 224 -4.84 78.02 2.65
N VAL D 225 -5.39 78.86 3.53
CA VAL D 225 -6.05 80.10 3.11
C VAL D 225 -5.10 81.27 3.31
N LYS D 226 -5.05 82.12 2.29
CA LYS D 226 -4.19 83.30 2.32
C LYS D 226 -4.13 83.92 3.71
N GLY D 227 -2.98 84.43 4.10
CA GLY D 227 -2.84 85.07 5.40
C GLY D 227 -2.32 84.17 6.49
N GLN D 228 -2.82 82.94 6.56
CA GLN D 228 -2.43 81.98 7.58
C GLN D 228 -0.98 82.18 8.07
N GLN D 229 -0.80 82.21 9.40
CA GLN D 229 0.53 82.41 10.00
C GLN D 229 0.85 81.32 11.03
N LEU D 230 0.20 80.17 10.90
CA LEU D 230 0.34 79.06 11.84
C LEU D 230 0.40 77.75 11.06
N ASN D 231 1.00 76.74 11.67
CA ASN D 231 1.08 75.40 11.08
C ASN D 231 1.84 74.46 12.02
N ALA D 232 1.33 73.24 12.18
CA ALA D 232 1.95 72.26 13.05
C ALA D 232 1.32 70.87 12.90
N THR D 233 2.07 69.88 13.36
CA THR D 233 1.62 68.50 13.32
C THR D 233 0.54 68.26 14.35
N ILE D 234 -0.68 68.06 13.90
CA ILE D 234 -1.74 67.66 14.81
C ILE D 234 -1.55 66.19 15.12
N ILE D 235 -0.79 65.88 16.17
CA ILE D 235 -0.60 64.49 16.56
C ILE D 235 -1.86 63.99 17.27
N GLY D 236 -2.44 62.92 16.74
CA GLY D 236 -3.68 62.39 17.27
C GLY D 236 -3.42 61.09 18.00
N LYS D 237 -4.27 60.09 17.74
CA LYS D 237 -4.13 58.78 18.39
C LYS D 237 -2.77 58.19 18.07
N THR D 238 -2.08 57.74 19.12
CA THR D 238 -0.76 57.16 18.97
C THR D 238 -0.68 55.83 19.71
N ARG D 239 -0.16 54.81 19.02
CA ARG D 239 0.02 53.47 19.56
C ARG D 239 0.39 53.40 21.03
N LEU D 240 0.13 52.24 21.62
CA LEU D 240 0.39 51.98 23.02
C LEU D 240 1.79 51.38 23.18
N GLN D 241 2.26 51.29 24.41
CA GLN D 241 3.59 50.75 24.70
C GLN D 241 3.61 49.91 25.98
N THR D 242 3.20 50.53 27.08
CA THR D 242 3.22 49.88 28.39
C THR D 242 2.12 48.83 28.60
N ALA D 243 2.44 47.81 29.39
CA ALA D 243 1.51 46.72 29.67
C ALA D 243 0.24 47.20 30.35
N GLU D 244 0.41 48.02 31.37
CA GLU D 244 -0.72 48.60 32.08
C GLU D 244 -1.55 49.56 31.20
N GLN D 245 -1.00 49.94 30.05
CA GLN D 245 -1.70 50.84 29.14
C GLN D 245 -2.72 50.07 28.31
N PHE D 246 -2.43 48.81 28.06
CA PHE D 246 -3.33 47.97 27.29
C PHE D 246 -4.47 47.46 28.15
N GLU D 247 -4.27 47.50 29.46
CA GLU D 247 -5.30 47.08 30.42
C GLU D 247 -6.63 47.76 30.08
N ASN D 248 -6.57 49.05 29.76
CA ASN D 248 -7.77 49.84 29.44
C ASN D 248 -8.12 49.84 27.97
N ILE D 249 -9.13 49.05 27.61
CA ILE D 249 -9.60 49.00 26.24
C ILE D 249 -11.12 48.77 26.24
N LEU D 250 -11.84 49.62 25.51
CA LEU D 250 -13.27 49.49 25.37
C LEU D 250 -13.67 48.06 25.12
N LEU D 251 -14.88 47.70 25.51
CA LEU D 251 -15.35 46.35 25.30
C LEU D 251 -16.87 46.31 25.17
N LYS D 252 -17.56 46.78 26.20
CA LYS D 252 -19.01 46.78 26.23
C LYS D 252 -19.52 48.13 26.75
N VAL D 253 -20.82 48.21 27.04
CA VAL D 253 -21.43 49.41 27.59
C VAL D 253 -21.47 49.38 29.12
N ASN D 254 -21.54 50.57 29.74
CA ASN D 254 -21.52 50.67 31.20
C ASN D 254 -22.61 51.58 31.77
N PRO D 255 -23.86 51.47 31.27
CA PRO D 255 -24.93 52.29 31.85
C PRO D 255 -24.92 52.25 33.37
N ASP D 256 -25.00 51.05 33.95
CA ASP D 256 -25.01 50.88 35.41
C ASP D 256 -23.61 51.02 36.01
N GLY D 257 -22.86 52.00 35.51
CA GLY D 257 -21.54 52.29 36.05
C GLY D 257 -20.49 51.24 35.72
N SER D 258 -19.36 51.34 36.41
CA SER D 258 -18.24 50.43 36.20
C SER D 258 -17.85 50.46 34.72
N GLN D 259 -16.81 49.71 34.34
CA GLN D 259 -16.36 49.70 32.93
C GLN D 259 -15.73 48.35 32.54
N VAL D 260 -16.12 47.82 31.38
CA VAL D 260 -15.58 46.55 30.86
C VAL D 260 -14.28 46.81 30.11
N ARG D 261 -13.18 46.91 30.85
CA ARG D 261 -11.87 47.19 30.26
C ARG D 261 -11.13 45.88 30.00
N LEU D 262 -10.02 45.96 29.27
CA LEU D 262 -9.27 44.77 28.92
C LEU D 262 -8.90 43.93 30.13
N LYS D 263 -8.19 44.53 31.08
CA LYS D 263 -7.77 43.82 32.31
C LYS D 263 -8.91 43.01 32.97
N ASP D 264 -10.15 43.26 32.55
CA ASP D 264 -11.30 42.53 33.08
C ASP D 264 -11.54 41.23 32.34
N VAL D 265 -10.63 40.86 31.44
CA VAL D 265 -10.80 39.63 30.65
C VAL D 265 -9.50 38.87 30.43
N ALA D 266 -8.36 39.56 30.42
CA ALA D 266 -7.08 38.91 30.11
C ALA D 266 -5.90 39.47 30.89
N ASP D 267 -4.82 38.68 30.93
CA ASP D 267 -3.55 39.10 31.54
C ASP D 267 -2.71 39.87 30.51
N VAL D 268 -2.41 41.13 30.80
CA VAL D 268 -1.59 41.95 29.91
C VAL D 268 -0.13 41.90 30.34
N GLY D 269 0.77 41.93 29.36
CA GLY D 269 2.21 41.93 29.66
C GLY D 269 3.12 41.64 28.47
N LEU D 270 4.28 42.29 28.49
CA LEU D 270 5.29 42.12 27.45
C LEU D 270 5.90 40.73 27.47
N GLY D 271 5.21 39.78 26.85
CA GLY D 271 5.69 38.42 26.79
C GLY D 271 6.62 38.20 25.62
N GLY D 272 6.56 36.99 25.05
CA GLY D 272 7.40 36.60 23.92
C GLY D 272 6.60 36.45 22.63
N GLN D 273 7.23 36.83 21.52
CA GLN D 273 6.60 36.74 20.21
C GLN D 273 6.49 35.29 19.78
N ASP D 274 7.38 34.44 20.27
CA ASP D 274 7.35 33.02 19.95
C ASP D 274 8.05 32.19 21.03
N TYR D 275 7.29 31.28 21.64
CA TYR D 275 7.77 30.46 22.76
C TYR D 275 8.39 29.18 22.26
N SER D 276 8.12 28.88 20.99
CA SER D 276 8.57 27.62 20.40
C SER D 276 10.08 27.38 20.56
N ILE D 277 10.87 28.46 20.69
CA ILE D 277 12.33 28.33 20.74
C ILE D 277 12.92 29.03 21.94
N ASN D 278 13.90 28.34 22.56
CA ASN D 278 14.60 28.80 23.77
C ASN D 278 15.96 28.13 23.83
N ALA D 279 16.92 28.77 24.49
CA ALA D 279 18.26 28.16 24.61
C ALA D 279 18.88 28.33 26.00
N GLN D 280 19.93 27.57 26.23
CA GLN D 280 20.76 27.76 27.42
C GLN D 280 22.16 27.23 27.17
N PHE D 281 23.14 28.06 27.48
CA PHE D 281 24.55 27.73 27.36
C PHE D 281 25.11 27.18 28.68
N ASN D 282 25.81 26.05 28.62
CA ASN D 282 26.46 25.48 29.79
C ASN D 282 25.52 25.29 30.99
N GLY D 283 24.21 25.28 30.75
CA GLY D 283 23.24 25.03 31.82
C GLY D 283 22.35 26.21 32.17
N SER D 284 22.95 27.38 32.41
CA SER D 284 22.20 28.57 32.80
C SER D 284 21.30 29.08 31.67
N PRO D 285 20.34 29.97 32.01
CA PRO D 285 19.47 30.49 30.96
C PRO D 285 20.26 31.36 29.99
N ALA D 286 19.82 31.41 28.73
CA ALA D 286 20.49 32.20 27.70
C ALA D 286 19.74 32.14 26.38
N SER D 287 20.33 32.78 25.38
CA SER D 287 19.85 32.70 24.01
C SER D 287 20.96 33.07 23.05
N GLY D 288 20.64 33.20 21.78
CA GLY D 288 21.62 33.59 20.80
C GLY D 288 21.14 33.58 19.38
N ILE D 289 22.04 34.00 18.50
CA ILE D 289 21.77 34.11 17.07
C ILE D 289 22.74 33.21 16.35
N ALA D 290 22.20 32.21 15.68
CA ALA D 290 22.97 31.39 14.82
C ALA D 290 23.15 32.11 13.45
N ILE D 291 24.24 31.82 12.76
CA ILE D 291 24.51 32.52 11.49
C ILE D 291 25.02 31.61 10.36
N LYS D 292 24.31 31.62 9.23
CA LYS D 292 24.74 30.88 8.03
C LYS D 292 25.50 31.82 7.10
N LEU D 293 26.41 31.29 6.29
CA LEU D 293 27.23 32.16 5.43
C LEU D 293 26.53 32.51 4.12
N ALA D 294 26.70 33.76 3.68
CA ALA D 294 26.19 34.19 2.36
C ALA D 294 26.88 33.43 1.30
N THR D 295 26.14 32.89 0.34
CA THR D 295 26.83 32.10 -0.69
C THR D 295 28.00 32.89 -1.31
N GLY D 296 29.19 32.28 -1.32
CA GLY D 296 30.39 32.92 -1.84
C GLY D 296 31.13 33.78 -0.84
N ALA D 297 30.52 34.02 0.32
CA ALA D 297 31.17 34.81 1.36
C ALA D 297 32.34 34.02 1.94
N ASN D 298 33.18 34.68 2.73
CA ASN D 298 34.38 34.04 3.32
C ASN D 298 34.24 33.85 4.85
N ALA D 299 34.34 32.62 5.32
CA ALA D 299 34.15 32.35 6.77
C ALA D 299 35.06 33.13 7.71
N LEU D 300 36.37 33.24 7.41
CA LEU D 300 37.25 34.02 8.29
C LEU D 300 37.00 35.51 8.22
N ASP D 301 36.72 36.00 7.01
CA ASP D 301 36.48 37.43 6.81
C ASP D 301 35.19 37.87 7.49
N THR D 302 34.11 37.13 7.29
CA THR D 302 32.83 37.51 7.92
C THR D 302 32.80 37.23 9.43
N ALA D 303 33.42 36.13 9.88
CA ALA D 303 33.57 35.89 11.32
C ALA D 303 34.21 37.07 12.04
N LYS D 304 35.24 37.63 11.41
CA LYS D 304 35.90 38.81 11.95
C LYS D 304 34.99 40.02 11.92
N ALA D 305 34.16 40.16 10.90
CA ALA D 305 33.26 41.33 10.81
C ALA D 305 32.05 41.15 11.70
N ILE D 306 31.66 39.89 11.96
CA ILE D 306 30.60 39.61 12.93
C ILE D 306 31.10 40.07 14.28
N ARG D 307 32.31 39.62 14.64
CA ARG D 307 32.90 39.99 15.91
C ARG D 307 33.13 41.49 15.98
N GLN D 308 33.38 42.11 14.83
CA GLN D 308 33.62 43.55 14.79
C GLN D 308 32.34 44.32 15.06
N THR D 309 31.21 43.75 14.65
CA THR D 309 29.90 44.35 14.91
C THR D 309 29.63 44.30 16.40
N ILE D 310 29.70 43.10 16.96
CA ILE D 310 29.43 42.86 18.37
C ILE D 310 30.43 43.58 19.27
N ALA D 311 31.71 43.55 18.89
CA ALA D 311 32.75 44.27 19.61
C ALA D 311 32.52 45.78 19.49
N ASN D 312 31.27 46.15 19.24
CA ASN D 312 30.88 47.53 19.00
C ASN D 312 29.51 47.79 19.61
N LEU D 313 28.75 46.73 19.82
CA LEU D 313 27.43 46.81 20.46
C LEU D 313 27.44 46.29 21.91
N GLU D 314 28.60 45.84 22.39
CA GLU D 314 28.72 45.39 23.78
C GLU D 314 28.66 46.56 24.77
N PRO D 315 29.41 47.64 24.50
CA PRO D 315 29.40 48.83 25.36
C PRO D 315 28.03 49.44 25.66
N PHE D 316 26.99 49.03 24.93
CA PHE D 316 25.65 49.56 25.15
C PHE D 316 24.77 48.50 25.77
N MET D 317 25.41 47.48 26.33
CA MET D 317 24.70 46.35 26.91
C MET D 317 24.72 46.44 28.44
N PRO D 318 23.62 46.00 29.10
CA PRO D 318 23.57 46.01 30.56
C PRO D 318 24.66 45.15 31.20
N GLN D 319 24.92 45.40 32.47
CA GLN D 319 25.97 44.67 33.22
C GLN D 319 25.54 43.24 33.51
N GLY D 320 24.24 43.05 33.69
CA GLY D 320 23.70 41.72 33.91
C GLY D 320 23.62 40.95 32.62
N MET D 321 24.60 41.17 31.74
CA MET D 321 24.59 40.59 30.40
C MET D 321 26.01 40.55 29.81
N LYS D 322 26.47 39.34 29.45
CA LYS D 322 27.81 39.15 28.91
C LYS D 322 27.78 38.28 27.64
N VAL D 323 28.42 38.78 26.58
CA VAL D 323 28.45 38.11 25.28
C VAL D 323 29.36 36.89 25.29
N VAL D 324 29.05 35.93 24.41
CA VAL D 324 29.86 34.71 24.26
C VAL D 324 29.55 33.97 22.94
N TYR D 325 30.41 33.02 22.58
CA TYR D 325 30.28 32.27 21.34
C TYR D 325 30.19 30.79 21.66
N PRO D 326 28.98 30.24 21.70
CA PRO D 326 28.76 28.82 22.04
C PRO D 326 29.12 27.85 20.92
N TYR D 327 29.01 28.30 19.68
CA TYR D 327 29.33 27.47 18.49
C TYR D 327 30.20 28.28 17.55
N ASP D 328 31.03 27.58 16.79
CA ASP D 328 31.95 28.27 15.90
C ASP D 328 32.55 27.29 14.92
N THR D 329 33.01 27.83 13.81
CA THR D 329 33.61 27.02 12.77
C THR D 329 34.93 27.59 12.29
N THR D 330 35.15 28.89 12.47
CA THR D 330 36.33 29.53 11.90
C THR D 330 37.65 29.07 12.52
N PRO D 331 37.68 28.80 13.84
CA PRO D 331 38.93 28.36 14.46
C PRO D 331 39.56 27.17 13.76
N VAL D 332 38.78 26.19 13.33
CA VAL D 332 39.34 25.05 12.59
C VAL D 332 40.04 25.51 11.32
N VAL D 333 39.52 26.56 10.69
CA VAL D 333 40.10 27.09 9.46
C VAL D 333 41.41 27.78 9.78
N SER D 334 41.39 28.66 10.80
CA SER D 334 42.59 29.36 11.27
C SER D 334 43.66 28.35 11.72
N ALA D 335 43.21 27.37 12.48
CA ALA D 335 44.09 26.41 13.12
C ALA D 335 44.71 25.51 12.07
N SER D 336 43.92 25.06 11.11
CA SER D 336 44.40 24.14 10.07
C SER D 336 45.53 24.76 9.24
N ILE D 337 45.34 26.03 8.86
CA ILE D 337 46.31 26.71 8.00
C ILE D 337 47.58 27.01 8.78
N HIS D 338 47.44 27.53 10.00
CA HIS D 338 48.64 27.79 10.81
C HIS D 338 49.41 26.49 11.02
N GLU D 339 48.68 25.38 11.05
CA GLU D 339 49.27 24.06 11.22
C GLU D 339 49.90 23.58 9.94
N VAL D 340 49.73 24.36 8.88
CA VAL D 340 50.28 24.03 7.56
C VAL D 340 51.50 24.90 7.33
N VAL D 341 51.38 26.16 7.71
CA VAL D 341 52.52 27.03 7.71
C VAL D 341 53.64 26.29 8.43
N LYS D 342 53.30 25.84 9.63
CA LYS D 342 54.19 25.06 10.50
C LYS D 342 54.94 23.97 9.76
N THR D 343 54.23 22.99 9.21
CA THR D 343 54.94 21.90 8.55
C THR D 343 55.79 22.49 7.43
N LEU D 344 55.25 23.52 6.77
CA LEU D 344 55.91 24.14 5.61
C LEU D 344 57.32 24.57 6.02
N GLY D 345 57.39 25.40 7.07
CA GLY D 345 58.67 25.83 7.61
C GLY D 345 59.56 24.69 8.08
N GLU D 346 58.97 23.64 8.64
CA GLU D 346 59.72 22.50 9.10
C GLU D 346 60.35 21.79 7.91
N ALA D 347 59.58 21.67 6.83
CA ALA D 347 60.09 21.02 5.61
C ALA D 347 61.29 21.76 5.04
N ILE D 348 61.31 23.09 5.07
CA ILE D 348 62.43 23.77 4.48
C ILE D 348 63.67 23.46 5.32
N LEU D 349 63.51 23.53 6.64
CA LEU D 349 64.61 23.18 7.56
C LEU D 349 65.13 21.77 7.32
N LEU D 350 64.21 20.85 7.07
CA LEU D 350 64.60 19.48 6.78
C LEU D 350 65.38 19.40 5.48
N VAL D 351 65.05 20.29 4.52
CA VAL D 351 65.67 20.29 3.18
C VAL D 351 67.04 20.94 3.24
N PHE D 352 67.11 22.09 3.89
CA PHE D 352 68.38 22.71 4.15
C PHE D 352 69.35 21.80 4.92
N LEU D 353 68.84 20.73 5.55
CA LEU D 353 69.67 19.80 6.30
C LEU D 353 70.15 18.64 5.43
N VAL D 354 69.24 18.01 4.72
CA VAL D 354 69.63 16.91 3.83
C VAL D 354 70.63 17.38 2.75
N MET D 355 70.42 18.59 2.24
CA MET D 355 71.29 19.12 1.22
C MET D 355 72.66 19.36 1.83
N TYR D 356 72.67 19.98 3.00
CA TYR D 356 73.92 20.23 3.75
C TYR D 356 74.61 18.90 4.09
N LEU D 357 73.82 17.91 4.45
CA LEU D 357 74.34 16.57 4.68
C LEU D 357 75.17 16.09 3.49
N PHE D 358 74.72 16.44 2.28
CA PHE D 358 75.34 15.94 1.05
C PHE D 358 76.30 16.97 0.42
N LEU D 359 76.02 18.25 0.62
CA LEU D 359 76.80 19.31 0.04
C LEU D 359 77.93 19.75 0.93
N GLN D 360 77.79 19.61 2.25
CA GLN D 360 78.89 19.89 3.19
C GLN D 360 79.51 21.22 2.81
N ASN D 361 78.78 22.31 3.09
CA ASN D 361 79.14 23.69 2.75
C ASN D 361 77.91 24.60 2.88
N PHE D 362 77.94 25.55 3.80
CA PHE D 362 76.80 26.42 4.00
C PHE D 362 76.43 27.06 2.67
N ARG D 363 77.29 27.97 2.22
CA ARG D 363 77.18 28.65 0.95
C ARG D 363 76.51 27.80 -0.15
N ALA D 364 77.06 26.63 -0.40
CA ALA D 364 76.45 25.78 -1.36
C ALA D 364 74.99 25.57 -0.96
N THR D 365 74.78 24.93 0.18
CA THR D 365 73.44 24.63 0.69
C THR D 365 72.58 25.87 0.66
N LEU D 366 73.17 26.95 1.11
CA LEU D 366 72.45 28.20 1.23
C LEU D 366 71.94 28.79 -0.13
N ILE D 367 72.46 28.32 -1.28
CA ILE D 367 72.03 28.82 -2.62
C ILE D 367 70.60 28.35 -2.91
N PRO D 368 70.41 27.07 -3.20
CA PRO D 368 69.03 26.56 -3.37
C PRO D 368 68.01 26.98 -2.30
N THR D 369 68.36 26.87 -1.04
CA THR D 369 67.46 27.28 0.02
C THR D 369 66.90 28.66 -0.31
N ILE D 370 67.70 29.52 -0.94
CA ILE D 370 67.24 30.90 -1.23
C ILE D 370 66.12 30.88 -2.28
N ALA D 371 66.18 29.90 -3.16
CA ALA D 371 65.12 29.64 -4.12
C ALA D 371 63.78 29.51 -3.41
N VAL D 372 63.62 28.43 -2.64
CA VAL D 372 62.40 28.13 -1.87
C VAL D 372 61.49 29.34 -1.65
N PRO D 373 61.98 30.35 -0.90
CA PRO D 373 61.09 31.48 -0.71
C PRO D 373 60.73 32.21 -2.02
N VAL D 374 61.68 32.35 -2.94
CA VAL D 374 61.43 33.13 -4.16
C VAL D 374 60.28 32.49 -4.96
N VAL D 375 60.46 31.21 -5.31
CA VAL D 375 59.50 30.41 -6.02
C VAL D 375 58.07 30.36 -5.43
N LEU D 376 57.96 29.99 -4.16
CA LEU D 376 56.66 29.82 -3.47
C LEU D 376 55.91 31.13 -3.40
N LEU D 377 56.57 32.17 -2.92
CA LEU D 377 55.97 33.49 -2.86
C LEU D 377 55.59 33.91 -4.30
N GLY D 378 56.33 33.43 -5.31
CA GLY D 378 55.96 33.71 -6.68
C GLY D 378 54.60 33.10 -6.89
N THR D 379 54.56 31.77 -6.76
CA THR D 379 53.34 30.98 -6.80
C THR D 379 52.14 31.59 -6.08
N PHE D 380 52.37 32.32 -5.02
CA PHE D 380 51.26 32.93 -4.32
C PHE D 380 50.75 34.01 -5.24
N GLY D 381 51.69 34.69 -5.90
CA GLY D 381 51.35 35.74 -6.84
C GLY D 381 50.55 35.15 -7.98
N VAL D 382 50.97 33.98 -8.45
CA VAL D 382 50.34 33.40 -9.58
C VAL D 382 49.09 32.66 -9.13
N LEU D 383 48.88 32.52 -7.83
CA LEU D 383 47.63 31.90 -7.37
C LEU D 383 46.61 32.99 -7.42
N ALA D 384 46.96 34.13 -6.84
CA ALA D 384 46.10 35.29 -6.90
C ALA D 384 45.71 35.60 -8.34
N ALA D 385 46.70 35.85 -9.19
CA ALA D 385 46.48 36.16 -10.59
C ALA D 385 45.30 35.38 -11.16
N PHE D 386 45.35 34.05 -10.99
CA PHE D 386 44.31 33.13 -11.47
C PHE D 386 43.05 33.18 -10.61
N GLY D 387 43.03 34.01 -9.59
CA GLY D 387 41.87 34.10 -8.70
C GLY D 387 41.63 32.94 -7.72
N PHE D 388 42.70 32.30 -7.28
CA PHE D 388 42.54 31.24 -6.30
C PHE D 388 42.66 31.75 -4.85
N SER D 389 42.60 30.85 -3.91
CA SER D 389 42.74 31.22 -2.50
C SER D 389 43.82 30.39 -1.85
N ILE D 390 44.21 30.80 -0.66
CA ILE D 390 45.04 29.95 0.20
C ILE D 390 44.15 28.90 0.87
N ASN D 391 44.30 27.65 0.47
CA ASN D 391 43.48 26.55 0.98
C ASN D 391 44.32 25.31 1.22
N THR D 392 43.74 24.33 1.89
CA THR D 392 44.46 23.12 2.21
C THR D 392 45.14 22.57 0.97
N LEU D 393 44.51 22.70 -0.19
CA LEU D 393 45.08 22.07 -1.38
C LEU D 393 46.20 22.87 -2.08
N THR D 394 46.13 24.19 -2.04
CA THR D 394 47.17 25.00 -2.59
C THR D 394 48.37 24.98 -1.64
N MET D 395 48.09 25.23 -0.37
CA MET D 395 49.13 25.16 0.67
C MET D 395 49.84 23.81 0.69
N PHE D 396 49.15 22.74 0.31
CA PHE D 396 49.86 21.47 0.23
C PHE D 396 50.78 21.56 -0.95
N GLY D 397 50.28 22.20 -2.02
CA GLY D 397 51.06 22.42 -3.23
C GLY D 397 52.40 23.03 -2.88
N MET D 398 52.34 24.16 -2.18
CA MET D 398 53.50 24.82 -1.67
C MET D 398 54.43 23.85 -0.96
N VAL D 399 53.99 23.35 0.21
CA VAL D 399 54.81 22.54 1.11
C VAL D 399 55.43 21.38 0.37
N LEU D 400 54.66 20.78 -0.53
CA LEU D 400 55.10 19.58 -1.24
C LEU D 400 56.08 19.95 -2.34
N ALA D 401 56.31 21.26 -2.52
CA ALA D 401 57.12 21.80 -3.62
C ALA D 401 58.55 22.15 -3.14
N ILE D 402 58.72 22.24 -1.83
CA ILE D 402 60.01 22.57 -1.25
C ILE D 402 61.08 21.64 -1.81
N GLY D 403 60.72 20.37 -1.97
CA GLY D 403 61.68 19.32 -2.37
C GLY D 403 61.67 18.97 -3.83
N LEU D 404 61.26 19.93 -4.64
CA LEU D 404 61.34 19.83 -6.09
C LEU D 404 62.03 21.09 -6.62
N LEU D 405 61.61 22.24 -6.09
CA LEU D 405 62.12 23.54 -6.50
C LEU D 405 63.61 23.81 -6.17
N VAL D 406 64.18 23.04 -5.24
CA VAL D 406 65.61 23.15 -4.92
C VAL D 406 66.48 22.30 -5.84
N ASP D 407 65.89 21.32 -6.52
CA ASP D 407 66.66 20.36 -7.32
C ASP D 407 67.43 21.07 -8.43
N ASP D 408 66.72 21.80 -9.30
CA ASP D 408 67.36 22.44 -10.45
C ASP D 408 68.40 23.42 -9.93
N ALA D 409 68.07 24.09 -8.83
CA ALA D 409 69.08 24.94 -8.20
C ALA D 409 70.27 24.09 -7.77
N ILE D 410 69.99 22.85 -7.42
CA ILE D 410 71.01 21.97 -6.94
C ILE D 410 71.86 21.64 -8.14
N VAL D 411 71.23 21.32 -9.26
CA VAL D 411 72.01 20.93 -10.47
C VAL D 411 72.97 22.06 -10.92
N VAL D 412 72.55 23.32 -10.78
CA VAL D 412 73.36 24.40 -11.28
C VAL D 412 74.62 24.43 -10.45
N VAL D 413 74.44 24.65 -9.14
CA VAL D 413 75.53 24.64 -8.17
C VAL D 413 76.35 23.37 -8.27
N GLU D 414 75.70 22.26 -8.52
CA GLU D 414 76.41 20.99 -8.60
C GLU D 414 77.29 21.04 -9.83
N ASN D 415 76.84 21.79 -10.85
CA ASN D 415 77.60 21.91 -12.10
C ASN D 415 78.72 22.93 -12.00
N VAL D 416 78.43 24.10 -11.46
CA VAL D 416 79.49 25.04 -11.27
C VAL D 416 80.68 24.30 -10.62
N GLU D 417 80.47 23.89 -9.37
CA GLU D 417 81.48 23.20 -8.56
C GLU D 417 82.25 22.19 -9.38
N ARG D 418 81.53 21.36 -10.11
CA ARG D 418 82.21 20.42 -10.98
C ARG D 418 83.24 21.15 -11.84
N VAL D 419 82.78 22.07 -12.69
CA VAL D 419 83.68 22.72 -13.67
C VAL D 419 84.77 23.50 -12.96
N MET D 420 84.44 23.99 -11.77
CA MET D 420 85.35 24.76 -10.94
C MET D 420 86.50 23.88 -10.43
N ALA D 421 86.26 22.56 -10.47
CA ALA D 421 87.20 21.58 -9.96
C ALA D 421 87.93 20.90 -11.09
N GLU D 422 87.25 20.75 -12.23
CA GLU D 422 87.88 20.16 -13.42
C GLU D 422 88.99 21.04 -14.02
N GLU D 423 88.99 22.35 -13.75
CA GLU D 423 90.02 23.26 -14.26
C GLU D 423 90.18 24.54 -13.42
N GLY D 424 89.68 24.51 -12.22
CA GLY D 424 90.00 25.57 -11.33
C GLY D 424 89.77 26.85 -12.03
N LEU D 425 88.51 27.28 -12.03
CA LEU D 425 88.07 28.53 -12.63
C LEU D 425 87.34 29.31 -11.58
N SER D 426 87.16 30.60 -11.81
CA SER D 426 86.37 31.40 -10.92
C SER D 426 84.98 30.77 -10.84
N PRO D 427 84.28 30.99 -9.71
CA PRO D 427 82.88 30.60 -9.72
C PRO D 427 82.11 31.22 -10.90
N ARG D 428 82.26 32.52 -11.09
CA ARG D 428 81.62 33.26 -12.18
C ARG D 428 81.83 32.60 -13.54
N GLU D 429 83.08 32.34 -13.89
CA GLU D 429 83.34 31.71 -15.17
C GLU D 429 82.79 30.31 -15.13
N ALA D 430 82.87 29.68 -13.96
CA ALA D 430 82.35 28.30 -13.78
C ALA D 430 80.84 28.28 -14.00
N ALA D 431 80.17 29.28 -13.46
CA ALA D 431 78.75 29.51 -13.69
C ALA D 431 78.42 29.72 -15.18
N ARG D 432 79.05 30.74 -15.79
CA ARG D 432 78.90 31.05 -17.23
C ARG D 432 78.99 29.83 -18.09
N LYS D 433 80.12 29.16 -17.96
CA LYS D 433 80.32 27.97 -18.76
C LYS D 433 79.26 26.88 -18.49
N SER D 434 78.90 26.63 -17.23
CA SER D 434 78.01 25.50 -16.96
C SER D 434 76.60 25.82 -17.44
N MET D 435 76.09 27.01 -17.16
CA MET D 435 74.79 27.41 -17.71
C MET D 435 74.74 27.17 -19.23
N GLY D 436 75.85 27.48 -19.90
CA GLY D 436 75.94 27.27 -21.31
C GLY D 436 75.42 25.90 -21.57
N GLN D 437 76.00 24.93 -20.90
CA GLN D 437 75.46 23.55 -20.90
C GLN D 437 74.28 23.52 -19.91
N ILE D 438 73.60 22.40 -19.80
CA ILE D 438 72.43 22.26 -18.88
C ILE D 438 71.23 23.20 -19.07
N GLN D 439 71.44 24.51 -19.06
CA GLN D 439 70.36 25.50 -19.23
C GLN D 439 69.22 25.03 -20.17
N GLY D 440 69.57 24.33 -21.24
CA GLY D 440 68.58 23.61 -21.97
C GLY D 440 67.87 22.74 -20.96
N ALA D 441 68.23 21.47 -20.95
CA ALA D 441 67.75 20.44 -20.02
C ALA D 441 66.93 20.90 -18.79
N LEU D 442 67.50 21.74 -17.91
CA LEU D 442 66.70 22.23 -16.79
C LEU D 442 65.29 22.48 -17.29
N VAL D 443 65.20 23.07 -18.48
CA VAL D 443 63.94 23.45 -19.11
C VAL D 443 63.15 22.24 -19.57
N GLY D 444 63.82 21.36 -20.29
CA GLY D 444 63.22 20.11 -20.73
C GLY D 444 62.62 19.30 -19.60
N ILE D 445 63.47 18.75 -18.74
CA ILE D 445 63.01 17.92 -17.62
C ILE D 445 61.83 18.58 -16.90
N ALA D 446 61.95 19.89 -16.65
CA ALA D 446 60.91 20.63 -15.96
C ALA D 446 59.60 20.57 -16.72
N MET D 447 59.69 20.47 -18.05
CA MET D 447 58.50 20.41 -18.87
C MET D 447 57.89 19.02 -18.81
N VAL D 448 58.73 18.00 -18.91
CA VAL D 448 58.28 16.62 -18.73
C VAL D 448 57.71 16.46 -17.32
N LEU D 449 58.27 17.20 -16.37
CA LEU D 449 57.82 17.12 -14.99
C LEU D 449 56.45 17.81 -14.87
N SER D 450 56.32 18.98 -15.47
CA SER D 450 55.06 19.72 -15.47
C SER D 450 53.93 18.91 -16.10
N ALA D 451 54.26 18.14 -17.14
CA ALA D 451 53.30 17.32 -17.86
C ALA D 451 52.48 16.39 -16.95
N VAL D 452 53.17 15.87 -15.93
CA VAL D 452 52.59 14.97 -14.96
C VAL D 452 51.37 15.56 -14.29
N PHE D 453 51.43 16.86 -13.99
CA PHE D 453 50.39 17.57 -13.26
C PHE D 453 49.44 18.37 -14.16
N LEU D 454 49.77 18.51 -15.43
CA LEU D 454 49.00 19.41 -16.30
C LEU D 454 47.59 18.91 -16.59
N PRO D 455 47.44 17.66 -17.08
CA PRO D 455 46.09 17.16 -17.38
C PRO D 455 45.11 17.36 -16.21
N MET D 456 45.58 17.13 -14.98
CA MET D 456 44.80 17.36 -13.77
C MET D 456 43.88 18.55 -13.92
N ALA D 457 44.47 19.65 -14.37
CA ALA D 457 43.77 20.94 -14.50
C ALA D 457 42.51 20.93 -15.37
N PHE D 458 42.32 19.88 -16.16
CA PHE D 458 41.15 19.81 -17.04
C PHE D 458 40.08 18.81 -16.57
N PHE D 459 39.43 19.09 -15.43
CA PHE D 459 38.39 18.17 -14.91
C PHE D 459 37.26 18.95 -14.24
N GLY D 460 36.07 18.35 -14.26
CA GLY D 460 34.85 19.06 -13.82
C GLY D 460 34.38 18.72 -12.42
N GLY D 461 33.34 19.42 -11.96
CA GLY D 461 32.81 19.22 -10.64
C GLY D 461 33.76 19.64 -9.53
N SER D 462 33.30 19.52 -8.29
CA SER D 462 34.11 19.84 -7.12
C SER D 462 35.48 19.17 -7.21
N THR D 463 35.51 17.98 -7.81
CA THR D 463 36.74 17.23 -7.94
C THR D 463 37.75 17.89 -8.89
N GLY D 464 37.36 18.19 -10.12
CA GLY D 464 38.27 18.89 -11.03
C GLY D 464 38.66 20.20 -10.36
N VAL D 465 37.73 20.79 -9.64
CA VAL D 465 38.09 21.95 -8.92
C VAL D 465 39.28 21.57 -8.03
N ILE D 466 39.04 20.70 -7.05
CA ILE D 466 40.05 20.28 -6.08
C ILE D 466 41.43 20.11 -6.76
N TYR D 467 41.44 19.32 -7.82
CA TYR D 467 42.65 19.09 -8.59
C TYR D 467 43.22 20.43 -9.11
N ARG D 468 42.40 21.15 -9.86
CA ARG D 468 42.87 22.33 -10.54
C ARG D 468 43.78 23.06 -9.62
N GLN D 469 43.31 23.29 -8.40
CA GLN D 469 44.04 24.12 -7.46
C GLN D 469 45.40 23.51 -7.05
N PHE D 470 45.53 22.19 -7.18
CA PHE D 470 46.79 21.53 -6.88
C PHE D 470 47.69 21.55 -8.10
N SER D 471 47.06 21.48 -9.27
CA SER D 471 47.80 21.49 -10.52
C SER D 471 48.55 22.80 -10.74
N ILE D 472 47.86 23.93 -10.67
CA ILE D 472 48.51 25.20 -10.94
C ILE D 472 49.52 25.67 -9.87
N THR D 473 49.35 25.32 -8.59
CA THR D 473 50.40 25.63 -7.59
C THR D 473 51.67 24.85 -7.92
N ILE D 474 51.49 23.57 -8.20
CA ILE D 474 52.60 22.69 -8.54
C ILE D 474 53.23 22.98 -9.91
N VAL D 475 52.45 23.06 -10.99
CA VAL D 475 53.02 23.42 -12.31
C VAL D 475 53.59 24.84 -12.29
N SER D 476 52.90 25.76 -11.59
CA SER D 476 53.41 27.12 -11.46
C SER D 476 54.79 27.08 -10.82
N ALA D 477 54.83 26.63 -9.56
CA ALA D 477 56.06 26.52 -8.76
C ALA D 477 57.22 25.91 -9.53
N MET D 478 56.98 24.78 -10.19
CA MET D 478 58.03 24.16 -10.98
C MET D 478 58.52 25.12 -12.07
N ALA D 479 57.59 25.67 -12.86
CA ALA D 479 57.97 26.59 -13.93
C ALA D 479 58.77 27.74 -13.32
N LEU D 480 58.19 28.37 -12.31
CA LEU D 480 58.90 29.44 -11.62
C LEU D 480 60.22 28.92 -11.01
N SER D 481 60.39 27.61 -10.98
CA SER D 481 61.58 27.08 -10.40
C SER D 481 62.70 27.11 -11.41
N VAL D 482 62.31 27.01 -12.67
CA VAL D 482 63.26 27.10 -13.78
C VAL D 482 63.75 28.53 -13.92
N ILE D 483 62.84 29.50 -13.90
CA ILE D 483 63.32 30.84 -14.19
C ILE D 483 64.24 31.28 -13.08
N VAL D 484 63.94 30.88 -11.87
CA VAL D 484 64.77 31.15 -10.69
C VAL D 484 66.14 30.49 -10.87
N ALA D 485 66.10 29.27 -11.33
CA ALA D 485 67.32 28.53 -11.53
C ALA D 485 68.24 29.17 -12.60
N LEU D 486 67.64 29.77 -13.63
CA LEU D 486 68.41 30.34 -14.73
C LEU D 486 68.72 31.82 -14.56
N ILE D 487 67.96 32.54 -13.70
CA ILE D 487 68.27 33.95 -13.38
C ILE D 487 69.05 34.26 -12.04
N LEU D 488 68.44 33.85 -10.93
CA LEU D 488 68.96 34.14 -9.59
C LEU D 488 70.20 33.32 -9.28
N THR D 489 70.04 32.02 -9.42
CA THR D 489 70.96 31.00 -8.95
C THR D 489 72.35 30.96 -9.59
N PRO D 490 72.45 31.01 -10.93
CA PRO D 490 73.80 31.01 -11.52
C PRO D 490 74.52 32.29 -11.14
N ALA D 491 73.73 33.31 -10.85
CA ALA D 491 74.24 34.60 -10.45
C ALA D 491 74.69 34.53 -9.00
N LEU D 492 73.93 33.84 -8.17
CA LEU D 492 74.29 33.62 -6.77
C LEU D 492 75.58 32.80 -6.66
N CYS D 493 75.70 31.75 -7.48
CA CYS D 493 76.95 31.01 -7.62
C CYS D 493 78.16 31.81 -8.04
N ALA D 494 77.95 32.96 -8.65
CA ALA D 494 79.04 33.80 -9.11
C ALA D 494 79.48 34.75 -8.00
N THR D 495 78.59 34.98 -7.04
CA THR D 495 78.93 35.88 -5.94
C THR D 495 79.14 35.20 -4.57
N MET D 496 78.83 33.91 -4.43
CA MET D 496 78.78 33.29 -3.10
C MET D 496 79.67 32.06 -2.95
N LEU D 497 79.61 31.11 -3.88
CA LEU D 497 80.58 30.01 -3.90
C LEU D 497 82.02 30.52 -3.94
N LYS D 498 82.98 29.64 -3.62
CA LYS D 498 84.38 30.11 -3.49
C LYS D 498 85.53 29.20 -3.97
N PRO D 499 85.43 27.86 -3.74
CA PRO D 499 86.59 26.99 -4.02
C PRO D 499 86.74 26.61 -5.49
N PHE D 512 80.86 12.80 10.84
CA PHE D 512 81.32 14.01 10.20
C PHE D 512 81.44 13.75 8.68
N PHE D 513 81.65 14.79 7.89
CA PHE D 513 81.61 14.62 6.43
C PHE D 513 82.66 13.67 5.87
N GLY D 514 83.83 13.61 6.53
CA GLY D 514 84.89 12.69 6.08
C GLY D 514 84.46 11.23 6.11
N TRP D 515 83.75 10.88 7.18
CA TRP D 515 83.33 9.48 7.42
C TRP D 515 82.25 9.09 6.43
N PHE D 516 81.23 9.96 6.32
CA PHE D 516 80.12 9.78 5.40
C PHE D 516 80.55 9.61 3.94
N ASN D 517 81.46 10.48 3.47
CA ASN D 517 81.86 10.37 2.06
C ASN D 517 82.39 8.97 1.81
N ARG D 518 83.26 8.52 2.71
CA ARG D 518 83.86 7.18 2.63
C ARG D 518 82.78 6.09 2.64
N MET D 519 81.77 6.26 3.50
CA MET D 519 80.69 5.30 3.58
C MET D 519 79.85 5.26 2.29
N PHE D 520 79.38 6.42 1.82
CA PHE D 520 78.63 6.44 0.57
C PHE D 520 79.53 6.00 -0.56
N LEU D 521 80.75 6.53 -0.57
CA LEU D 521 81.76 6.07 -1.52
C LEU D 521 81.74 4.56 -1.50
N SER D 522 81.75 4.03 -0.28
CA SER D 522 81.69 2.59 -0.06
C SER D 522 80.34 2.00 -0.46
N THR D 523 79.24 2.62 -0.03
CA THR D 523 77.93 2.12 -0.40
C THR D 523 77.73 2.14 -1.92
N THR D 524 78.30 3.13 -2.58
CA THR D 524 78.20 3.24 -4.03
C THR D 524 78.69 1.97 -4.74
N HIS D 525 79.93 1.58 -4.46
CA HIS D 525 80.49 0.35 -5.04
C HIS D 525 79.60 -0.83 -4.71
N GLY D 526 78.96 -0.78 -3.53
CA GLY D 526 78.00 -1.80 -3.18
C GLY D 526 77.00 -1.90 -4.31
N TYR D 527 76.23 -0.82 -4.48
CA TYR D 527 75.22 -0.76 -5.52
C TYR D 527 75.82 -1.06 -6.87
N GLU D 528 76.96 -0.43 -7.16
CA GLU D 528 77.65 -0.61 -8.45
C GLU D 528 77.71 -2.09 -8.83
N ARG D 529 78.38 -2.86 -7.98
CA ARG D 529 78.54 -4.30 -8.16
C ARG D 529 77.17 -4.99 -8.09
N GLY D 530 76.24 -4.35 -7.41
CA GLY D 530 74.87 -4.85 -7.34
C GLY D 530 74.17 -4.81 -8.68
N VAL D 531 74.11 -3.62 -9.30
CA VAL D 531 73.45 -3.49 -10.60
C VAL D 531 74.10 -4.41 -11.63
N ALA D 532 75.42 -4.50 -11.57
CA ALA D 532 76.16 -5.40 -12.46
C ALA D 532 75.65 -6.81 -12.27
N SER D 533 75.22 -7.13 -11.06
CA SER D 533 74.62 -8.43 -10.77
C SER D 533 73.26 -8.57 -11.46
N ILE D 534 72.44 -7.53 -11.36
CA ILE D 534 71.09 -7.53 -11.90
C ILE D 534 71.09 -7.56 -13.44
N LEU D 535 72.09 -6.93 -14.06
CA LEU D 535 72.22 -6.93 -15.52
C LEU D 535 72.89 -8.20 -15.99
N LYS D 536 73.54 -8.89 -15.06
CA LYS D 536 74.20 -10.16 -15.33
C LYS D 536 73.19 -11.26 -15.67
N HIS D 537 72.15 -11.39 -14.85
CA HIS D 537 71.17 -12.46 -15.01
C HIS D 537 69.94 -12.07 -15.82
N ARG D 538 69.31 -10.94 -15.50
CA ARG D 538 68.26 -10.38 -16.36
C ARG D 538 66.85 -11.00 -16.14
N ALA D 539 66.59 -12.18 -16.70
CA ALA D 539 65.28 -12.83 -16.60
C ALA D 539 64.70 -12.96 -15.17
N PRO D 540 65.56 -13.25 -14.18
CA PRO D 540 65.08 -13.33 -12.78
C PRO D 540 64.43 -12.04 -12.26
N TYR D 541 65.03 -10.90 -12.56
CA TYR D 541 64.54 -9.62 -12.06
C TYR D 541 63.35 -9.05 -12.85
N LEU D 542 63.27 -9.37 -14.15
CA LEU D 542 62.13 -8.94 -14.95
C LEU D 542 60.86 -9.56 -14.39
N LEU D 543 60.89 -10.87 -14.19
CA LEU D 543 59.76 -11.59 -13.62
C LEU D 543 59.48 -11.13 -12.19
N ILE D 544 60.54 -10.89 -11.41
CA ILE D 544 60.35 -10.44 -10.05
C ILE D 544 59.64 -9.09 -10.07
N TYR D 545 60.00 -8.23 -11.02
CA TYR D 545 59.35 -6.93 -11.20
C TYR D 545 57.89 -7.09 -11.63
N VAL D 546 57.64 -8.12 -12.42
CA VAL D 546 56.27 -8.42 -12.86
C VAL D 546 55.42 -8.74 -11.65
N VAL D 547 56.00 -9.52 -10.74
CA VAL D 547 55.34 -9.85 -9.49
C VAL D 547 54.92 -8.56 -8.83
N ILE D 548 55.76 -7.55 -9.00
CA ILE D 548 55.53 -6.24 -8.41
C ILE D 548 54.36 -5.54 -9.09
N VAL D 549 54.17 -5.82 -10.39
CA VAL D 549 53.07 -5.23 -11.14
C VAL D 549 51.78 -5.83 -10.64
N ALA D 550 51.78 -7.17 -10.55
CA ALA D 550 50.64 -7.90 -9.98
C ALA D 550 50.41 -7.45 -8.57
N GLY D 551 51.50 -7.36 -7.80
CA GLY D 551 51.42 -6.91 -6.42
C GLY D 551 50.86 -5.51 -6.27
N MET D 552 50.75 -4.81 -7.39
CA MET D 552 50.26 -3.42 -7.38
C MET D 552 48.79 -3.39 -7.79
N ILE D 553 48.49 -4.05 -8.90
CA ILE D 553 47.13 -4.17 -9.38
C ILE D 553 46.20 -4.70 -8.27
N TRP D 554 46.79 -5.36 -7.27
CA TRP D 554 46.01 -5.95 -6.19
C TRP D 554 45.62 -4.94 -5.12
N MET D 555 46.61 -4.30 -4.50
CA MET D 555 46.32 -3.36 -3.41
C MET D 555 45.20 -2.36 -3.71
N PHE D 556 45.05 -1.92 -4.96
CA PHE D 556 44.00 -0.95 -5.30
C PHE D 556 42.63 -1.36 -4.79
N THR D 557 42.38 -2.66 -4.72
CA THR D 557 41.08 -3.18 -4.28
C THR D 557 41.01 -3.37 -2.76
N ARG D 558 42.14 -3.32 -2.07
CA ARG D 558 42.15 -3.55 -0.63
C ARG D 558 42.03 -2.27 0.18
N ILE D 559 41.76 -1.15 -0.48
CA ILE D 559 41.68 0.13 0.22
C ILE D 559 40.37 0.86 -0.14
N PRO D 560 39.74 1.54 0.85
CA PRO D 560 38.49 2.18 0.51
C PRO D 560 38.70 3.53 -0.20
N THR D 561 38.04 3.71 -1.34
CA THR D 561 38.09 4.98 -2.08
C THR D 561 37.34 6.05 -1.32
N ALA D 562 37.64 7.32 -1.60
CA ALA D 562 36.92 8.46 -1.00
C ALA D 562 37.40 9.83 -1.52
N PHE D 563 36.54 10.85 -1.45
CA PHE D 563 36.89 12.23 -1.82
C PHE D 563 36.99 13.09 -0.56
N LEU D 564 38.19 13.28 -0.06
CA LEU D 564 38.42 14.00 1.20
C LEU D 564 38.03 13.19 2.43
N PRO D 565 39.03 12.82 3.24
CA PRO D 565 38.78 12.02 4.42
C PRO D 565 38.03 12.83 5.46
N ASP D 566 37.36 12.16 6.40
CA ASP D 566 36.67 12.87 7.47
C ASP D 566 37.71 13.58 8.34
N GLU D 567 37.38 14.79 8.76
CA GLU D 567 38.26 15.58 9.60
C GLU D 567 37.53 15.89 10.90
N ASP D 568 38.29 16.19 11.95
CA ASP D 568 37.75 16.45 13.28
C ASP D 568 36.95 17.77 13.36
N GLN D 569 37.64 18.89 13.26
CA GLN D 569 37.06 20.26 13.21
C GLN D 569 36.59 20.87 14.54
N GLY D 570 36.76 20.13 15.63
CA GLY D 570 36.40 20.62 16.96
C GLY D 570 34.93 20.96 17.21
N VAL D 571 34.01 20.36 16.47
CA VAL D 571 32.58 20.66 16.66
C VAL D 571 31.78 19.37 16.75
N LEU D 572 30.67 19.41 17.49
CA LEU D 572 29.83 18.22 17.62
C LEU D 572 28.37 18.60 17.79
N PHE D 573 27.51 17.94 17.04
CA PHE D 573 26.08 18.16 17.26
C PHE D 573 25.57 17.06 18.14
N ALA D 574 24.36 17.26 18.64
CA ALA D 574 23.70 16.26 19.45
C ALA D 574 22.26 16.62 19.39
N GLN D 575 21.45 15.75 18.78
CA GLN D 575 20.05 16.06 18.66
C GLN D 575 19.18 15.04 19.38
N VAL D 576 17.98 15.46 19.76
CA VAL D 576 17.09 14.59 20.50
C VAL D 576 15.71 14.69 19.90
N GLN D 577 14.91 13.65 20.12
CA GLN D 577 13.56 13.62 19.62
C GLN D 577 12.71 12.72 20.51
N THR D 578 12.50 13.15 21.75
CA THR D 578 11.59 12.43 22.65
C THR D 578 10.40 11.88 21.89
N PRO D 579 9.75 10.84 22.43
CA PRO D 579 8.67 10.18 21.72
C PRO D 579 7.53 11.12 21.29
N PRO D 580 6.82 10.75 20.22
CA PRO D 580 5.69 11.51 19.71
C PRO D 580 4.80 12.02 20.82
N GLY D 581 4.39 13.28 20.72
CA GLY D 581 3.53 13.88 21.74
C GLY D 581 4.33 14.39 22.92
N SER D 582 5.60 14.01 23.02
CA SER D 582 6.39 14.34 24.21
C SER D 582 6.26 15.79 24.63
N SER D 583 6.30 16.04 25.93
CA SER D 583 6.17 17.39 26.47
C SER D 583 7.41 18.25 26.22
N ALA D 584 7.26 19.54 26.44
CA ALA D 584 8.36 20.46 26.32
C ALA D 584 9.23 20.32 27.56
N GLU D 585 8.61 20.37 28.73
CA GLU D 585 9.34 20.22 29.99
C GLU D 585 9.91 18.81 30.11
N ARG D 586 9.35 17.86 29.36
CA ARG D 586 9.88 16.49 29.31
C ARG D 586 11.15 16.47 28.47
N THR D 587 11.12 17.23 27.37
CA THR D 587 12.25 17.34 26.46
C THR D 587 13.44 17.94 27.17
N GLN D 588 13.21 19.09 27.80
CA GLN D 588 14.25 19.79 28.54
C GLN D 588 14.95 18.86 29.54
N VAL D 589 14.42 17.65 29.70
CA VAL D 589 15.00 16.69 30.63
C VAL D 589 16.15 15.95 29.96
N VAL D 590 15.90 15.39 28.79
CA VAL D 590 16.90 14.59 28.08
C VAL D 590 18.04 15.47 27.53
N VAL D 591 17.72 16.69 27.11
CA VAL D 591 18.74 17.61 26.63
C VAL D 591 19.55 18.07 27.82
N ASP D 592 18.94 17.96 29.00
CA ASP D 592 19.61 18.32 30.25
C ASP D 592 20.49 17.17 30.73
N SER D 593 20.04 15.94 30.54
CA SER D 593 20.84 14.78 30.94
C SER D 593 22.05 14.68 30.04
N MET D 594 21.81 14.76 28.73
CA MET D 594 22.87 14.72 27.74
C MET D 594 23.88 15.85 27.98
N ARG D 595 23.36 17.03 28.31
CA ARG D 595 24.20 18.19 28.57
C ARG D 595 25.01 17.95 29.82
N GLU D 596 24.32 17.58 30.90
CA GLU D 596 24.97 17.29 32.19
C GLU D 596 26.08 16.28 32.03
N TYR D 597 25.76 15.13 31.43
CA TYR D 597 26.72 14.03 31.27
C TYR D 597 27.93 14.47 30.45
N LEU D 598 27.64 14.90 29.23
CA LEU D 598 28.64 15.30 28.24
C LEU D 598 29.60 16.32 28.85
N LEU D 599 29.04 17.30 29.55
CA LEU D 599 29.82 18.39 30.10
C LEU D 599 30.54 18.03 31.43
N GLU D 600 30.52 16.75 31.81
CA GLU D 600 31.21 16.29 33.01
C GLU D 600 32.04 15.04 32.78
N LYS D 601 31.38 13.95 32.39
CA LYS D 601 32.07 12.69 32.18
C LYS D 601 32.77 12.68 30.81
N GLU D 602 33.12 13.86 30.33
CA GLU D 602 33.78 14.02 29.03
C GLU D 602 34.67 15.26 28.99
N SER D 603 34.54 16.12 30.00
CA SER D 603 35.18 17.43 30.06
C SER D 603 36.66 17.53 29.62
N SER D 604 37.26 16.41 29.17
CA SER D 604 38.62 16.46 28.62
C SER D 604 38.59 16.51 27.09
N SER D 605 37.39 16.52 26.53
CA SER D 605 37.20 16.68 25.11
C SER D 605 36.24 17.83 24.83
N VAL D 606 35.23 17.96 25.70
CA VAL D 606 34.23 19.03 25.59
C VAL D 606 34.68 20.34 26.25
N SER D 607 34.07 21.44 25.83
CA SER D 607 34.38 22.77 26.36
C SER D 607 33.14 23.53 26.80
N SER D 608 32.00 23.18 26.19
CA SER D 608 30.73 23.82 26.46
C SER D 608 29.64 23.13 25.66
N VAL D 609 28.39 23.24 26.13
CA VAL D 609 27.28 22.58 25.48
C VAL D 609 26.08 23.52 25.35
N PHE D 610 26.01 24.25 24.24
CA PHE D 610 24.91 25.15 23.99
C PHE D 610 23.72 24.33 23.55
N THR D 611 22.60 24.43 24.28
CA THR D 611 21.45 23.58 23.99
C THR D 611 20.28 24.43 23.55
N VAL D 612 19.54 23.94 22.57
CA VAL D 612 18.34 24.64 22.14
C VAL D 612 17.23 23.61 22.12
N THR D 613 16.05 23.99 22.61
CA THR D 613 14.88 23.10 22.50
C THR D 613 13.87 23.79 21.59
N GLY D 614 13.05 23.01 20.91
CA GLY D 614 12.11 23.56 19.94
C GLY D 614 12.78 23.74 18.60
N PHE D 615 13.81 22.92 18.34
CA PHE D 615 14.55 22.93 17.08
C PHE D 615 15.59 21.79 17.01
N ASN D 616 15.74 21.23 15.82
CA ASN D 616 16.64 20.12 15.58
C ASN D 616 16.66 19.88 14.06
N PHE D 617 17.84 19.76 13.44
CA PHE D 617 17.92 19.68 11.98
C PHE D 617 16.75 18.88 11.40
N ALA D 618 16.30 17.87 12.14
CA ALA D 618 15.24 16.97 11.70
C ALA D 618 13.82 17.51 11.97
N GLY D 619 13.67 18.39 12.94
CA GLY D 619 12.32 18.87 13.24
C GLY D 619 12.25 19.93 14.32
N ARG D 620 11.04 20.42 14.55
CA ARG D 620 10.77 21.40 15.57
C ARG D 620 9.65 20.90 16.47
N GLY D 621 8.93 21.83 17.10
CA GLY D 621 7.90 21.48 18.07
C GLY D 621 8.49 21.23 19.44
N GLN D 622 7.77 20.48 20.28
CA GLN D 622 8.17 20.26 21.66
C GLN D 622 9.06 19.03 21.86
N SER D 623 8.92 18.03 20.97
CA SER D 623 9.75 16.81 21.00
C SER D 623 11.07 16.94 20.21
N SER D 624 11.59 18.16 20.10
CA SER D 624 12.81 18.41 19.33
C SER D 624 13.75 19.33 20.10
N GLY D 625 15.00 18.90 20.17
CA GLY D 625 16.01 19.75 20.79
C GLY D 625 17.35 19.39 20.19
N MET D 626 18.37 20.15 20.55
CA MET D 626 19.70 19.82 20.06
C MET D 626 20.77 20.51 20.88
N ALA D 627 22.00 20.13 20.62
CA ALA D 627 23.12 20.80 21.26
C ALA D 627 24.25 21.05 20.27
N PHE D 628 24.83 22.23 20.37
CA PHE D 628 26.04 22.57 19.67
C PHE D 628 27.20 22.36 20.65
N ILE D 629 27.91 21.26 20.49
CA ILE D 629 28.98 20.93 21.42
C ILE D 629 30.32 21.51 20.94
N MET D 630 30.63 22.73 21.36
CA MET D 630 31.92 23.33 21.07
C MET D 630 33.03 22.75 21.93
N LEU D 631 34.17 22.48 21.28
CA LEU D 631 35.36 21.95 21.94
C LEU D 631 36.39 23.00 22.25
N LYS D 632 37.34 22.64 23.12
CA LYS D 632 38.48 23.48 23.42
C LYS D 632 39.58 23.13 22.42
N PRO D 633 40.58 24.02 22.26
CA PRO D 633 41.60 23.87 21.22
C PRO D 633 42.19 22.47 21.07
N TRP D 634 42.37 22.08 19.82
CA TRP D 634 42.96 20.81 19.43
C TRP D 634 44.18 20.42 20.27
N GLU D 635 45.13 21.35 20.42
CA GLU D 635 46.36 21.09 21.16
C GLU D 635 46.09 20.84 22.64
N GLU D 636 44.86 20.44 22.96
CA GLU D 636 44.48 20.15 24.35
C GLU D 636 43.64 18.89 24.43
N ARG D 637 43.74 18.02 23.43
CA ARG D 637 42.99 16.78 23.43
C ARG D 637 43.76 15.71 22.66
N PRO D 638 45.09 15.64 22.86
CA PRO D 638 45.80 14.55 22.21
C PRO D 638 45.22 13.18 22.57
N GLY D 639 45.55 12.18 21.76
CA GLY D 639 45.00 10.84 21.93
C GLY D 639 43.71 10.67 21.17
N GLY D 640 43.63 9.63 20.35
CA GLY D 640 42.44 9.36 19.55
C GLY D 640 41.17 9.22 20.38
N GLU D 641 41.32 9.06 21.69
CA GLU D 641 40.16 8.99 22.58
C GLU D 641 39.50 10.35 22.69
N ASN D 642 40.32 11.39 22.75
CA ASN D 642 39.84 12.76 22.82
C ASN D 642 39.58 13.38 21.43
N SER D 643 39.43 12.53 20.42
CA SER D 643 39.02 12.97 19.11
C SER D 643 37.49 13.05 19.07
N VAL D 644 36.97 13.98 18.27
CA VAL D 644 35.52 14.18 18.17
C VAL D 644 34.82 12.91 17.69
N PHE D 645 35.48 12.19 16.81
CA PHE D 645 34.92 10.95 16.27
C PHE D 645 34.76 9.96 17.41
N GLU D 646 35.84 9.81 18.17
CA GLU D 646 35.85 8.91 19.31
C GLU D 646 34.81 9.34 20.34
N LEU D 647 34.90 10.60 20.78
CA LEU D 647 33.93 11.12 21.71
C LEU D 647 32.53 10.77 21.20
N ALA D 648 32.18 11.30 20.02
CA ALA D 648 30.87 11.10 19.43
C ALA D 648 30.37 9.68 19.67
N LYS D 649 31.21 8.69 19.38
CA LYS D 649 30.89 7.28 19.59
C LYS D 649 30.73 6.96 21.09
N ARG D 650 31.70 7.40 21.88
CA ARG D 650 31.68 7.17 23.32
C ARG D 650 30.37 7.70 23.92
N ALA D 651 30.11 8.97 23.73
CA ALA D 651 28.88 9.58 24.25
C ALA D 651 27.65 9.00 23.56
N GLN D 652 27.86 8.27 22.46
CA GLN D 652 26.73 7.65 21.80
C GLN D 652 26.18 6.55 22.68
N MET D 653 26.98 5.50 22.85
CA MET D 653 26.60 4.36 23.69
C MET D 653 25.89 4.82 24.95
N HIS D 654 26.39 5.91 25.54
CA HIS D 654 25.83 6.43 26.78
C HIS D 654 24.31 6.32 26.80
N PHE D 655 23.59 7.33 26.29
CA PHE D 655 22.13 7.30 26.32
C PHE D 655 21.57 6.58 25.09
N PHE D 656 21.72 5.26 25.07
CA PHE D 656 21.19 4.42 24.00
C PHE D 656 20.28 3.35 24.59
N SER D 657 20.81 2.61 25.55
CA SER D 657 20.06 1.54 26.21
C SER D 657 18.79 2.08 26.91
N PHE D 658 18.83 3.35 27.30
CA PHE D 658 17.68 3.98 27.93
C PHE D 658 16.82 4.67 26.87
N LYS D 659 15.56 4.25 26.75
CA LYS D 659 14.65 4.76 25.72
C LYS D 659 13.77 5.94 26.19
N ASP D 660 14.31 6.81 27.06
CA ASP D 660 13.58 8.00 27.48
C ASP D 660 13.39 8.96 26.29
N ALA D 661 14.31 8.89 25.34
CA ALA D 661 14.26 9.72 24.14
C ALA D 661 15.39 9.33 23.19
N MET D 662 15.12 9.28 21.88
CA MET D 662 16.17 8.97 20.90
C MET D 662 17.25 10.05 20.91
N VAL D 663 18.50 9.62 20.76
CA VAL D 663 19.64 10.54 20.76
C VAL D 663 20.65 10.21 19.68
N PHE D 664 21.21 11.24 19.07
CA PHE D 664 22.22 11.09 18.04
C PHE D 664 23.41 12.01 18.28
N ALA D 665 24.61 11.45 18.14
CA ALA D 665 25.86 12.19 18.32
C ALA D 665 26.67 12.02 17.07
N PHE D 666 26.78 13.07 16.26
CA PHE D 666 27.53 12.95 15.00
C PHE D 666 28.29 14.21 14.59
N ALA D 667 29.40 13.99 13.88
CA ALA D 667 30.23 15.09 13.37
C ALA D 667 29.82 15.52 11.95
N PRO D 668 30.09 16.79 11.62
CA PRO D 668 29.78 17.32 10.29
C PRO D 668 30.70 16.77 9.22
N PRO D 669 30.26 16.81 7.95
CA PRO D 669 31.04 16.30 6.83
C PRO D 669 32.38 17.02 6.59
N SER D 670 33.30 16.32 5.93
CA SER D 670 34.61 16.83 5.61
C SER D 670 34.55 18.29 5.18
N VAL D 671 33.72 18.57 4.17
CA VAL D 671 33.45 19.94 3.75
C VAL D 671 32.06 20.30 4.26
N LEU D 672 31.99 21.39 5.03
CA LEU D 672 30.77 21.83 5.65
C LEU D 672 29.70 22.23 4.63
N GLU D 673 30.01 23.26 3.84
CA GLU D 673 29.14 23.77 2.79
C GLU D 673 28.13 22.71 2.30
N LEU D 674 28.58 21.48 2.17
CA LEU D 674 27.72 20.41 1.72
C LEU D 674 27.69 19.32 2.77
N GLY D 675 26.53 19.10 3.37
CA GLY D 675 26.37 17.97 4.31
C GLY D 675 25.65 18.29 5.60
N ASN D 676 26.33 18.98 6.54
CA ASN D 676 25.77 19.16 7.88
C ASN D 676 25.80 17.83 8.63
N ALA D 677 26.09 16.76 7.89
CA ALA D 677 26.22 15.42 8.43
C ALA D 677 26.71 14.44 7.34
N THR D 678 27.80 13.71 7.62
CA THR D 678 28.36 12.75 6.67
C THR D 678 27.38 11.67 6.21
N GLY D 679 27.66 11.08 5.05
CA GLY D 679 26.88 9.95 4.52
C GLY D 679 26.13 10.27 3.24
N PHE D 680 25.19 9.40 2.87
CA PHE D 680 24.30 9.60 1.72
C PHE D 680 23.04 10.38 2.12
N ASP D 681 22.34 10.92 1.13
CA ASP D 681 21.12 11.69 1.33
C ASP D 681 20.20 11.33 0.18
N LEU D 682 18.92 11.17 0.47
CA LEU D 682 17.92 10.83 -0.55
C LEU D 682 16.56 11.13 -0.01
N PHE D 683 15.61 11.24 -0.93
CA PHE D 683 14.21 11.34 -0.57
C PHE D 683 13.49 10.24 -1.30
N LEU D 684 12.54 9.66 -0.58
CA LEU D 684 11.62 8.71 -1.13
C LEU D 684 10.51 9.60 -1.57
N GLN D 685 10.03 9.47 -2.78
CA GLN D 685 8.99 10.41 -3.25
C GLN D 685 7.75 9.71 -3.76
N ASP D 686 6.59 10.18 -3.33
CA ASP D 686 5.33 9.67 -3.86
C ASP D 686 4.94 10.39 -5.14
N GLN D 687 5.18 9.79 -6.29
CA GLN D 687 4.87 10.44 -7.57
C GLN D 687 3.44 10.17 -8.06
N ALA D 688 2.76 9.21 -7.45
CA ALA D 688 1.45 8.76 -7.95
C ALA D 688 0.33 9.05 -6.97
N GLY D 689 0.61 9.78 -5.90
CA GLY D 689 -0.40 10.00 -4.87
C GLY D 689 -0.83 8.72 -4.17
N VAL D 690 0.15 7.93 -3.74
CA VAL D 690 -0.10 6.78 -2.87
C VAL D 690 -0.51 7.28 -1.49
N GLY D 691 -0.43 8.59 -1.31
CA GLY D 691 -0.88 9.21 -0.07
C GLY D 691 0.10 9.11 1.09
N HIS D 692 -0.06 10.02 2.05
CA HIS D 692 0.83 10.13 3.19
C HIS D 692 0.88 8.87 4.03
N GLU D 693 0.14 7.83 3.62
CA GLU D 693 0.08 6.56 4.35
C GLU D 693 1.13 5.62 3.80
N VAL D 694 0.91 5.18 2.57
CA VAL D 694 1.83 4.28 1.87
C VAL D 694 3.29 4.74 1.97
N LEU D 695 3.50 6.06 1.95
CA LEU D 695 4.85 6.65 1.95
C LEU D 695 5.55 6.33 3.25
N LEU D 696 4.82 6.48 4.36
CA LEU D 696 5.37 6.19 5.68
C LEU D 696 5.64 4.71 5.83
N GLN D 697 4.71 3.88 5.35
CA GLN D 697 4.94 2.44 5.30
C GLN D 697 6.24 2.24 4.56
N ALA D 698 6.31 2.77 3.33
CA ALA D 698 7.51 2.65 2.46
C ALA D 698 8.79 3.08 3.16
N ARG D 699 8.75 4.26 3.79
CA ARG D 699 9.89 4.75 4.53
C ARG D 699 10.25 3.77 5.64
N ASN D 700 9.50 3.85 6.74
CA ASN D 700 9.63 2.91 7.86
C ASN D 700 10.05 1.51 7.40
N LYS D 701 9.36 0.99 6.40
CA LYS D 701 9.84 -0.23 5.84
C LYS D 701 11.30 -0.03 5.50
N PHE D 702 11.55 0.84 4.50
CA PHE D 702 12.91 1.10 3.96
C PHE D 702 13.95 1.08 5.05
N LEU D 703 13.69 1.77 6.14
CA LEU D 703 14.62 1.81 7.25
C LEU D 703 14.90 0.40 7.82
N MET D 704 13.84 -0.28 8.24
CA MET D 704 13.96 -1.59 8.84
C MET D 704 14.85 -2.51 8.01
N LEU D 705 14.73 -2.41 6.68
CA LEU D 705 15.61 -3.19 5.77
C LEU D 705 17.06 -2.67 5.76
N ALA D 706 17.21 -1.36 6.03
CA ALA D 706 18.49 -0.67 6.00
C ALA D 706 19.32 -1.02 7.23
N ALA D 707 18.64 -1.43 8.30
CA ALA D 707 19.32 -1.80 9.53
C ALA D 707 19.91 -3.19 9.45
N GLN D 708 19.53 -3.97 8.44
CA GLN D 708 20.14 -5.28 8.21
C GLN D 708 21.23 -5.28 7.13
N ASN D 709 21.05 -4.45 6.11
CA ASN D 709 22.03 -4.33 5.01
C ASN D 709 23.43 -4.12 5.58
N PRO D 710 24.38 -5.00 5.28
CA PRO D 710 25.72 -4.90 5.88
C PRO D 710 26.65 -3.90 5.16
N ALA D 711 26.13 -3.19 4.18
CA ALA D 711 26.87 -2.12 3.51
C ALA D 711 26.58 -0.76 4.15
N LEU D 712 25.49 -0.67 4.91
CA LEU D 712 25.04 0.60 5.48
C LEU D 712 25.34 0.69 6.96
N GLN D 713 24.97 1.82 7.55
CA GLN D 713 25.14 2.04 8.96
C GLN D 713 24.42 3.32 9.28
N ARG D 714 24.30 3.63 10.55
CA ARG D 714 23.58 4.80 11.00
C ARG D 714 22.49 5.36 10.06
N VAL D 715 21.76 4.51 9.34
CA VAL D 715 20.71 5.07 8.48
C VAL D 715 19.46 5.39 9.28
N ARG D 716 18.96 6.61 9.07
CA ARG D 716 17.78 7.10 9.77
C ARG D 716 17.06 8.12 8.89
N PRO D 717 15.81 8.46 9.26
CA PRO D 717 15.10 9.47 8.49
C PRO D 717 15.48 10.84 9.02
N ASN D 718 15.26 11.88 8.23
CA ASN D 718 15.50 13.24 8.69
C ASN D 718 14.19 13.97 8.97
N GLY D 719 13.09 13.24 8.84
CA GLY D 719 11.80 13.74 9.27
C GLY D 719 11.45 13.20 10.64
N MET D 720 10.16 13.04 10.90
CA MET D 720 9.71 12.58 12.19
C MET D 720 8.60 11.57 11.98
N SER D 721 8.31 10.79 13.01
CA SER D 721 7.25 9.82 12.96
C SER D 721 5.94 10.52 13.23
N ASP D 722 4.85 9.90 12.80
CA ASP D 722 3.52 10.44 13.07
C ASP D 722 3.29 10.59 14.57
N GLU D 723 2.27 11.36 14.92
CA GLU D 723 2.02 11.66 16.31
C GLU D 723 0.50 11.85 16.58
N PRO D 724 0.13 12.15 17.84
CA PRO D 724 -1.28 12.33 18.20
C PRO D 724 -1.78 13.75 18.02
N GLN D 725 -2.98 13.89 17.47
CA GLN D 725 -3.55 15.21 17.17
C GLN D 725 -5.06 15.19 17.37
N TYR D 726 -5.60 16.22 18.03
CA TYR D 726 -7.02 16.25 18.35
C TYR D 726 -7.80 17.01 17.31
N LYS D 727 -8.53 16.28 16.48
CA LYS D 727 -9.35 16.87 15.43
C LYS D 727 -10.70 17.32 15.98
N LEU D 728 -10.95 18.61 15.91
CA LEU D 728 -12.25 19.18 16.23
C LEU D 728 -13.23 18.75 15.16
N GLU D 729 -14.48 18.54 15.55
CA GLU D 729 -15.51 18.14 14.61
C GLU D 729 -16.77 18.96 14.81
N ILE D 730 -16.74 20.20 14.32
CA ILE D 730 -17.85 21.15 14.42
C ILE D 730 -19.14 20.68 13.71
N ASP D 731 -20.15 21.56 13.65
CA ASP D 731 -21.42 21.22 13.01
C ASP D 731 -21.92 22.33 12.09
N ASP D 732 -21.40 22.36 10.86
CA ASP D 732 -21.84 23.33 9.85
C ASP D 732 -23.31 23.15 9.49
N GLU D 733 -24.07 22.52 10.38
CA GLU D 733 -25.50 22.33 10.17
C GLU D 733 -26.26 22.46 11.47
N LYS D 734 -25.78 21.82 12.54
CA LYS D 734 -26.42 21.95 13.85
C LYS D 734 -26.19 23.33 14.46
N ALA D 735 -24.93 23.74 14.56
CA ALA D 735 -24.55 25.03 15.15
C ALA D 735 -25.30 26.21 14.53
N SER D 736 -25.72 26.07 13.28
CA SER D 736 -26.47 27.12 12.61
C SER D 736 -27.89 27.15 13.13
N ALA D 737 -28.38 25.98 13.54
CA ALA D 737 -29.68 25.88 14.19
C ALA D 737 -29.64 26.50 15.57
N LEU D 738 -28.48 26.99 15.96
CA LEU D 738 -28.32 27.67 17.25
C LEU D 738 -28.03 29.17 17.09
N GLY D 739 -28.11 29.66 15.85
CA GLY D 739 -27.88 31.06 15.53
C GLY D 739 -26.43 31.42 15.24
N VAL D 740 -25.49 30.77 15.92
CA VAL D 740 -24.07 31.06 15.80
C VAL D 740 -23.56 30.96 14.35
N SER D 741 -22.74 31.94 13.97
CA SER D 741 -22.14 31.97 12.64
C SER D 741 -20.85 31.16 12.61
N LEU D 742 -20.74 30.27 11.64
CA LEU D 742 -19.56 29.42 11.51
C LEU D 742 -18.29 30.26 11.57
N ALA D 743 -18.27 31.32 10.75
CA ALA D 743 -17.15 32.25 10.74
C ALA D 743 -16.70 32.55 12.17
N ASP D 744 -17.66 32.90 13.01
CA ASP D 744 -17.39 33.24 14.41
C ASP D 744 -16.87 32.03 15.21
N ILE D 745 -17.23 30.83 14.78
CA ILE D 745 -16.70 29.64 15.43
C ILE D 745 -15.22 29.55 15.10
N ASN D 746 -14.87 29.99 13.91
CA ASN D 746 -13.48 29.98 13.45
C ASN D 746 -12.66 31.11 14.06
N SER D 747 -13.25 32.29 14.15
CA SER D 747 -12.57 33.43 14.74
C SER D 747 -12.13 33.12 16.17
N THR D 748 -13.02 32.48 16.92
CA THR D 748 -12.75 32.14 18.31
C THR D 748 -11.75 30.98 18.37
N VAL D 749 -11.89 30.05 17.43
CA VAL D 749 -11.04 28.87 17.37
C VAL D 749 -9.56 29.21 17.16
N SER D 750 -9.29 30.26 16.40
CA SER D 750 -7.93 30.63 16.06
C SER D 750 -7.36 31.76 16.93
N ILE D 751 -8.17 32.77 17.26
CA ILE D 751 -7.68 33.85 18.12
C ILE D 751 -7.43 33.35 19.55
N ALA D 752 -7.81 32.11 19.82
CA ALA D 752 -7.65 31.55 21.16
C ALA D 752 -6.75 30.31 21.19
N TRP D 753 -6.98 29.36 20.28
CA TRP D 753 -6.16 28.14 20.25
C TRP D 753 -4.89 28.33 19.43
N GLY D 754 -5.06 28.73 18.17
CA GLY D 754 -3.93 28.91 17.26
C GLY D 754 -3.15 30.16 17.58
N SER D 755 -3.85 31.16 18.09
CA SER D 755 -3.27 32.47 18.42
C SER D 755 -3.42 33.44 17.26
N SER D 756 -3.37 34.73 17.58
CA SER D 756 -3.56 35.79 16.60
C SER D 756 -2.53 36.89 16.69
N TYR D 757 -2.35 37.56 15.55
CA TYR D 757 -1.45 38.67 15.39
C TYR D 757 -2.34 39.82 15.00
N VAL D 758 -2.46 40.80 15.92
CA VAL D 758 -3.40 41.92 15.77
C VAL D 758 -2.76 43.14 15.13
N ASN D 759 -1.69 43.64 15.72
CA ASN D 759 -0.93 44.74 15.14
C ASN D 759 0.42 44.94 15.85
N ASP D 760 1.01 46.13 15.75
CA ASP D 760 2.30 46.40 16.39
C ASP D 760 2.19 47.56 17.37
N PHE D 761 3.25 47.70 18.17
CA PHE D 761 3.36 48.79 19.14
C PHE D 761 4.85 49.02 19.31
N ILE D 762 5.25 50.18 19.82
CA ILE D 762 6.66 50.46 20.01
C ILE D 762 7.10 50.13 21.43
N ASP D 763 8.38 49.82 21.59
CA ASP D 763 8.93 49.55 22.91
C ASP D 763 10.44 49.77 22.92
N ARG D 764 10.90 50.62 23.82
CA ARG D 764 12.32 50.96 23.89
C ARG D 764 12.75 51.44 22.50
N GLY D 765 11.82 52.12 21.83
CA GLY D 765 12.09 52.70 20.52
C GLY D 765 11.65 51.83 19.35
N ARG D 766 11.90 50.52 19.47
CA ARG D 766 11.66 49.56 18.39
C ARG D 766 10.17 49.27 18.22
N VAL D 767 9.85 48.57 17.14
CA VAL D 767 8.50 48.15 16.83
C VAL D 767 8.41 46.66 17.01
N LYS D 768 7.51 46.24 17.90
CA LYS D 768 7.24 44.83 18.10
C LYS D 768 5.75 44.56 17.90
N ARG D 769 5.36 43.31 18.11
CA ARG D 769 4.01 42.90 17.81
C ARG D 769 3.10 42.88 19.04
N VAL D 770 1.83 42.53 18.83
CA VAL D 770 0.87 42.41 19.89
C VAL D 770 -0.04 41.25 19.59
N TYR D 771 0.32 40.06 20.07
CA TYR D 771 -0.49 38.87 19.84
C TYR D 771 -1.64 38.76 20.84
N LEU D 772 -2.57 37.87 20.53
CA LEU D 772 -3.73 37.61 21.36
C LEU D 772 -3.93 36.11 21.34
N GLN D 773 -4.37 35.55 22.46
CA GLN D 773 -4.54 34.12 22.57
C GLN D 773 -5.12 33.70 23.93
N GLY D 774 -5.79 32.56 23.95
CA GLY D 774 -6.32 32.01 25.19
C GLY D 774 -5.23 31.78 26.22
N ARG D 775 -5.64 31.73 27.48
CA ARG D 775 -4.74 31.47 28.60
C ARG D 775 -4.35 30.00 28.65
N PRO D 776 -3.09 29.71 29.04
CA PRO D 776 -2.55 28.35 29.06
C PRO D 776 -3.54 27.34 29.62
N ASP D 777 -3.86 27.46 30.91
CA ASP D 777 -4.77 26.54 31.61
C ASP D 777 -6.18 26.44 30.98
N ALA D 778 -6.42 27.16 29.88
CA ALA D 778 -7.71 27.13 29.20
C ALA D 778 -7.60 26.58 27.77
N ARG D 779 -6.69 25.66 27.55
CA ARG D 779 -6.47 25.07 26.22
C ARG D 779 -5.45 23.92 26.27
N MET D 780 -5.06 23.53 27.47
CA MET D 780 -4.08 22.48 27.68
C MET D 780 -4.66 21.08 27.44
N ASN D 781 -5.94 20.91 27.77
CA ASN D 781 -6.62 19.63 27.63
C ASN D 781 -7.95 19.83 26.90
N PRO D 782 -8.44 18.79 26.23
CA PRO D 782 -9.70 18.90 25.49
C PRO D 782 -10.86 19.49 26.30
N ASP D 783 -10.96 19.13 27.57
CA ASP D 783 -12.02 19.68 28.43
C ASP D 783 -12.03 21.20 28.28
N ASP D 784 -10.83 21.75 28.09
CA ASP D 784 -10.62 23.18 27.94
C ASP D 784 -11.31 23.78 26.71
N LEU D 785 -11.47 22.98 25.65
CA LEU D 785 -12.05 23.45 24.39
C LEU D 785 -13.54 23.79 24.49
N SER D 786 -14.06 23.81 25.71
CA SER D 786 -15.47 24.14 25.93
C SER D 786 -15.68 25.36 26.83
N LYS D 787 -14.65 25.78 27.57
CA LYS D 787 -14.73 26.97 28.39
C LYS D 787 -15.02 28.21 27.52
N TRP D 788 -14.88 28.05 26.21
CA TRP D 788 -15.02 29.16 25.27
C TRP D 788 -16.44 29.24 24.72
N TYR D 789 -17.17 30.26 25.19
CA TYR D 789 -18.52 30.50 24.72
C TYR D 789 -18.43 31.57 23.64
N VAL D 790 -19.36 31.51 22.69
CA VAL D 790 -19.38 32.47 21.59
C VAL D 790 -20.76 33.09 21.41
N ARG D 791 -20.82 34.42 21.40
CA ARG D 791 -22.06 35.15 21.20
C ARG D 791 -22.72 34.82 19.86
N ASN D 792 -24.02 34.56 19.89
CA ASN D 792 -24.77 34.18 18.71
C ASN D 792 -25.60 35.35 18.17
N ASP D 793 -26.44 35.06 17.18
CA ASP D 793 -27.23 36.07 16.47
C ASP D 793 -28.40 36.64 17.28
N LYS D 794 -28.26 36.70 18.60
CA LYS D 794 -29.30 37.27 19.46
C LYS D 794 -28.84 37.47 20.89
N GLY D 795 -27.52 37.43 21.12
CA GLY D 795 -26.97 37.60 22.46
C GLY D 795 -26.58 36.30 23.17
N GLU D 796 -27.39 35.27 23.02
CA GLU D 796 -27.15 33.99 23.70
C GLU D 796 -25.79 33.39 23.35
N MET D 797 -24.78 33.72 24.16
CA MET D 797 -23.44 33.21 23.95
C MET D 797 -23.39 31.72 24.26
N VAL D 798 -23.43 30.91 23.21
CA VAL D 798 -23.44 29.45 23.33
C VAL D 798 -22.01 28.88 23.47
N PRO D 799 -21.84 27.87 24.36
CA PRO D 799 -20.53 27.23 24.55
C PRO D 799 -20.17 26.23 23.44
N PHE D 800 -18.87 25.91 23.34
CA PHE D 800 -18.36 25.08 22.25
C PHE D 800 -18.97 23.69 22.25
N ASN D 801 -19.00 23.07 23.43
CA ASN D 801 -19.58 21.75 23.57
C ASN D 801 -21.10 21.79 23.44
N ALA D 802 -21.57 22.60 22.50
CA ALA D 802 -22.99 22.68 22.19
C ALA D 802 -23.15 22.53 20.68
N PHE D 803 -22.04 22.54 19.96
CA PHE D 803 -22.07 22.43 18.50
C PHE D 803 -20.86 21.73 17.88
N ALA D 804 -20.16 20.89 18.66
CA ALA D 804 -18.98 20.20 18.16
C ALA D 804 -18.49 19.10 19.10
N THR D 805 -17.84 18.09 18.52
CA THR D 805 -17.25 16.98 19.27
C THR D 805 -15.92 16.58 18.66
N GLY D 806 -14.84 16.70 19.44
CA GLY D 806 -13.51 16.39 18.94
C GLY D 806 -13.26 14.92 18.73
N LYS D 807 -11.99 14.55 18.58
CA LYS D 807 -11.57 13.18 18.35
C LYS D 807 -10.03 13.10 18.16
N TRP D 808 -9.46 11.90 18.33
CA TRP D 808 -8.02 11.69 18.18
C TRP D 808 -7.65 10.92 16.90
N GLU D 809 -6.51 11.29 16.31
CA GLU D 809 -5.96 10.58 15.15
C GLU D 809 -4.47 10.91 14.96
N TYR D 810 -3.85 10.28 13.96
CA TYR D 810 -2.45 10.52 13.63
C TYR D 810 -2.30 11.79 12.78
N GLY D 811 -1.05 12.23 12.63
CA GLY D 811 -0.74 13.35 11.76
C GLY D 811 0.74 13.68 11.79
N SER D 812 1.29 14.03 10.63
CA SER D 812 2.71 14.34 10.55
C SER D 812 3.03 15.70 11.14
N PRO D 813 4.01 15.76 12.05
CA PRO D 813 4.40 17.05 12.62
C PRO D 813 5.35 17.78 11.67
N LYS D 814 5.88 17.04 10.69
CA LYS D 814 6.74 17.63 9.68
C LYS D 814 6.40 17.07 8.29
N LEU D 815 5.67 17.86 7.49
CA LEU D 815 5.36 17.40 6.13
C LEU D 815 6.42 17.98 5.19
N GLU D 816 7.03 17.10 4.40
CA GLU D 816 8.11 17.51 3.52
C GLU D 816 7.95 16.94 2.10
N ARG D 817 8.11 17.80 1.10
CA ARG D 817 8.01 17.39 -0.32
C ARG D 817 9.30 17.65 -1.05
N TYR D 818 9.60 16.81 -2.05
CA TYR D 818 10.82 16.96 -2.83
C TYR D 818 10.49 17.01 -4.32
N ASN D 819 10.40 18.21 -4.87
CA ASN D 819 10.14 18.44 -6.29
C ASN D 819 8.65 18.51 -6.55
N GLY D 820 7.97 19.40 -5.84
CA GLY D 820 6.53 19.49 -5.88
C GLY D 820 5.83 18.17 -5.67
N VAL D 821 6.29 17.41 -4.69
CA VAL D 821 5.73 16.08 -4.45
C VAL D 821 6.09 15.55 -3.06
N PRO D 822 5.11 14.96 -2.35
CA PRO D 822 5.29 14.54 -0.93
C PRO D 822 6.50 13.65 -0.73
N ALA D 823 7.38 14.00 0.17
CA ALA D 823 8.63 13.28 0.27
C ALA D 823 8.90 12.78 1.68
N MET D 824 10.14 12.38 1.93
CA MET D 824 10.60 12.08 3.27
C MET D 824 12.10 11.87 3.19
N GLU D 825 12.85 12.74 3.83
CA GLU D 825 14.29 12.59 3.70
C GLU D 825 14.92 11.53 4.63
N ILE D 826 15.76 10.71 4.04
CA ILE D 826 16.50 9.68 4.75
C ILE D 826 17.99 9.88 4.50
N LEU D 827 18.74 10.10 5.57
CA LEU D 827 20.18 10.25 5.46
C LEU D 827 20.93 9.34 6.42
N GLY D 828 21.64 8.36 5.87
CA GLY D 828 22.51 7.47 6.62
C GLY D 828 23.95 7.45 6.13
N GLU D 829 24.82 6.79 6.90
CA GLU D 829 26.24 6.68 6.59
C GLU D 829 26.56 5.28 6.05
N PRO D 830 27.78 5.08 5.49
CA PRO D 830 28.15 3.76 4.97
C PRO D 830 28.87 2.89 6.00
N ALA D 831 28.91 1.58 5.76
CA ALA D 831 29.54 0.65 6.68
C ALA D 831 31.05 0.89 6.73
N PRO D 832 31.60 1.01 7.95
CA PRO D 832 33.00 1.32 8.14
C PRO D 832 33.91 0.53 7.19
N GLY D 833 34.82 1.24 6.52
CA GLY D 833 35.71 0.61 5.54
C GLY D 833 35.10 0.43 4.17
N LEU D 834 33.90 0.98 3.95
CA LEU D 834 33.26 0.92 2.64
C LEU D 834 33.10 2.33 2.07
N SER D 835 32.99 2.41 0.74
CA SER D 835 32.89 3.69 0.06
C SER D 835 31.42 4.08 -0.07
N SER D 836 31.20 5.38 -0.16
CA SER D 836 29.86 5.91 -0.36
C SER D 836 29.29 5.38 -1.67
N GLY D 837 30.14 4.89 -2.56
CA GLY D 837 29.66 4.28 -3.78
C GLY D 837 29.08 2.92 -3.51
N ASP D 838 29.43 2.36 -2.35
CA ASP D 838 28.92 1.06 -1.92
C ASP D 838 27.57 1.25 -1.22
N ALA D 839 27.54 2.19 -0.28
CA ALA D 839 26.34 2.54 0.43
C ALA D 839 25.23 3.01 -0.48
N MET D 840 25.60 3.52 -1.66
CA MET D 840 24.63 4.07 -2.59
C MET D 840 24.12 2.98 -3.53
N ALA D 841 24.86 1.90 -3.65
CA ALA D 841 24.38 0.81 -4.48
C ALA D 841 23.47 -0.05 -3.62
N ALA D 842 23.78 -0.13 -2.33
CA ALA D 842 22.97 -0.91 -1.41
C ALA D 842 21.57 -0.33 -1.39
N VAL D 843 21.48 1.00 -1.37
CA VAL D 843 20.22 1.70 -1.40
C VAL D 843 19.55 1.45 -2.75
N GLU D 844 20.32 1.63 -3.82
CA GLU D 844 19.81 1.42 -5.16
C GLU D 844 19.13 0.05 -5.18
N GLU D 845 19.48 -0.78 -4.19
CA GLU D 845 18.93 -2.14 -4.09
C GLU D 845 17.74 -2.25 -3.11
N ILE D 846 17.92 -1.69 -1.92
CA ILE D 846 16.88 -1.72 -0.92
C ILE D 846 15.66 -0.99 -1.46
N VAL D 847 15.88 -0.18 -2.49
CA VAL D 847 14.82 0.63 -3.11
C VAL D 847 14.01 -0.20 -4.09
N LYS D 848 14.61 -1.29 -4.58
CA LYS D 848 13.94 -2.14 -5.53
C LYS D 848 12.67 -2.72 -4.91
N GLN D 849 12.58 -2.65 -3.58
CA GLN D 849 11.45 -3.19 -2.86
C GLN D 849 10.65 -2.07 -2.16
N LEU D 850 10.15 -1.13 -2.95
CA LEU D 850 9.30 -0.04 -2.45
C LEU D 850 7.89 -0.25 -2.98
N PRO D 851 6.90 0.37 -2.34
CA PRO D 851 5.54 0.21 -2.82
C PRO D 851 5.35 0.89 -4.17
N LYS D 852 4.81 0.16 -5.14
CA LYS D 852 4.54 0.73 -6.45
C LYS D 852 3.98 2.13 -6.25
N GLY D 853 4.47 3.08 -7.04
CA GLY D 853 4.01 4.47 -6.92
C GLY D 853 4.90 5.33 -6.04
N VAL D 854 5.90 4.71 -5.41
CA VAL D 854 6.90 5.44 -4.65
C VAL D 854 8.28 5.38 -5.30
N GLY D 855 8.88 6.55 -5.55
CA GLY D 855 10.23 6.64 -6.13
C GLY D 855 11.21 7.29 -5.17
N TYR D 856 12.45 7.51 -5.63
CA TYR D 856 13.44 8.22 -4.80
C TYR D 856 14.27 9.23 -5.58
N SER D 857 14.88 10.16 -4.85
CA SER D 857 15.83 11.12 -5.44
C SER D 857 17.01 11.39 -4.51
N TRP D 858 18.22 11.06 -4.99
CA TRP D 858 19.45 11.40 -4.28
C TRP D 858 19.60 12.89 -4.27
N THR D 859 19.57 13.51 -3.09
CA THR D 859 19.75 14.97 -2.93
C THR D 859 21.15 15.20 -2.31
N GLY D 860 21.41 16.45 -1.93
CA GLY D 860 22.64 16.81 -1.22
C GLY D 860 23.97 16.30 -1.76
N LEU D 861 24.89 16.05 -0.82
CA LEU D 861 26.24 15.63 -1.13
C LEU D 861 26.26 14.33 -1.88
N SER D 862 25.13 13.65 -1.89
CA SER D 862 25.03 12.39 -2.58
C SER D 862 24.66 12.62 -4.04
N TYR D 863 24.20 13.82 -4.36
CA TYR D 863 23.94 14.19 -5.73
C TYR D 863 25.22 14.82 -6.23
N GLU D 864 25.84 15.59 -5.35
CA GLU D 864 27.08 16.28 -5.66
C GLU D 864 28.21 15.30 -5.97
N GLU D 865 28.07 14.07 -5.45
CA GLU D 865 29.07 13.02 -5.65
C GLU D 865 28.43 11.80 -6.34
N ARG D 866 27.79 12.06 -7.48
CA ARG D 866 27.12 11.03 -8.27
C ARG D 866 27.06 11.49 -9.73
N LEU D 867 27.62 12.66 -9.99
CA LEU D 867 27.58 13.30 -11.30
C LEU D 867 28.82 12.91 -12.11
N SER D 868 29.94 12.69 -11.41
CA SER D 868 31.18 12.26 -12.04
C SER D 868 31.95 11.29 -11.15
N GLY D 869 31.25 10.68 -10.19
CA GLY D 869 31.89 9.79 -9.24
C GLY D 869 33.16 10.38 -8.70
N SER D 870 34.30 9.79 -9.06
CA SER D 870 35.62 10.30 -8.66
C SER D 870 36.68 9.94 -9.70
N GLN D 871 36.80 10.76 -10.74
CA GLN D 871 37.79 10.56 -11.81
C GLN D 871 39.17 10.16 -11.26
N ALA D 872 39.83 9.25 -11.98
CA ALA D 872 41.14 8.73 -11.55
C ALA D 872 41.77 7.79 -12.59
N PRO D 873 41.03 6.77 -13.03
CA PRO D 873 41.64 5.93 -14.06
C PRO D 873 41.92 6.67 -15.37
N ALA D 874 41.23 7.79 -15.59
CA ALA D 874 41.47 8.60 -16.78
C ALA D 874 42.66 9.52 -16.52
N LEU D 875 42.68 10.11 -15.33
CA LEU D 875 43.80 10.94 -14.88
C LEU D 875 45.12 10.21 -15.09
N TYR D 876 45.25 9.07 -14.44
CA TYR D 876 46.46 8.29 -14.54
C TYR D 876 46.73 8.04 -16.00
N ALA D 877 45.69 7.70 -16.75
CA ALA D 877 45.84 7.37 -18.17
C ALA D 877 46.45 8.54 -18.97
N LEU D 878 45.94 9.75 -18.76
CA LEU D 878 46.36 10.91 -19.53
C LEU D 878 47.74 11.36 -19.13
N SER D 879 47.95 11.55 -17.83
CA SER D 879 49.24 11.97 -17.33
C SER D 879 50.34 11.05 -17.84
N LEU D 880 50.12 9.75 -17.77
CA LEU D 880 51.12 8.82 -18.28
C LEU D 880 51.35 8.97 -19.80
N LEU D 881 50.28 9.20 -20.56
CA LEU D 881 50.43 9.34 -22.01
C LEU D 881 51.26 10.58 -22.36
N VAL D 882 51.06 11.62 -21.56
CA VAL D 882 51.63 12.92 -21.79
C VAL D 882 53.03 13.08 -21.20
N VAL D 883 53.47 12.07 -20.47
CA VAL D 883 54.83 12.02 -19.96
C VAL D 883 55.61 11.22 -20.99
N PHE D 884 55.02 10.13 -21.46
CA PHE D 884 55.63 9.33 -22.49
C PHE D 884 55.96 10.26 -23.66
N LEU D 885 54.91 10.75 -24.30
CA LEU D 885 55.05 11.63 -25.46
C LEU D 885 56.21 12.63 -25.28
N CYS D 886 56.21 13.35 -24.17
CA CYS D 886 57.30 14.26 -23.87
C CYS D 886 58.64 13.51 -23.89
N LEU D 887 58.77 12.50 -23.03
CA LEU D 887 60.00 11.76 -22.93
C LEU D 887 60.46 11.29 -24.29
N ALA D 888 59.52 11.09 -25.20
CA ALA D 888 59.85 10.67 -26.55
C ALA D 888 60.48 11.85 -27.31
N ALA D 889 60.00 13.04 -27.03
CA ALA D 889 60.60 14.23 -27.58
C ALA D 889 61.97 14.41 -26.96
N LEU D 890 62.09 14.01 -25.70
CA LEU D 890 63.31 14.21 -24.93
C LEU D 890 64.46 13.36 -25.42
N TYR D 891 64.20 12.10 -25.75
CA TYR D 891 65.24 11.14 -26.17
C TYR D 891 65.19 10.82 -27.67
N GLU D 892 64.33 11.52 -28.42
CA GLU D 892 64.19 11.26 -29.85
C GLU D 892 64.01 9.77 -30.12
N SER D 893 63.04 9.17 -29.47
CA SER D 893 62.77 7.74 -29.63
C SER D 893 61.45 7.36 -28.98
N TRP D 894 60.86 6.27 -29.46
CA TRP D 894 59.62 5.75 -28.89
C TRP D 894 59.90 4.67 -27.86
N SER D 895 61.11 4.12 -27.90
CA SER D 895 61.52 3.00 -27.08
C SER D 895 62.13 3.46 -25.75
N ILE D 896 63.25 4.17 -25.84
CA ILE D 896 63.97 4.67 -24.66
C ILE D 896 63.00 5.11 -23.55
N PRO D 897 61.91 5.80 -23.92
CA PRO D 897 60.99 6.27 -22.90
C PRO D 897 60.45 5.18 -21.94
N PHE D 898 60.33 3.95 -22.40
CA PHE D 898 59.83 2.89 -21.50
C PHE D 898 60.79 2.60 -20.35
N SER D 899 62.04 2.98 -20.50
CA SER D 899 63.05 2.75 -19.48
C SER D 899 62.92 3.76 -18.35
N VAL D 900 61.75 4.38 -18.24
CA VAL D 900 61.48 5.33 -17.17
C VAL D 900 60.01 5.27 -16.77
N MET D 901 59.13 5.01 -17.75
CA MET D 901 57.71 4.86 -17.45
C MET D 901 57.56 3.69 -16.48
N LEU D 902 58.33 2.63 -16.72
CA LEU D 902 58.20 1.39 -15.95
C LEU D 902 58.47 1.55 -14.44
N VAL D 903 59.16 2.60 -14.05
CA VAL D 903 59.40 2.80 -12.64
C VAL D 903 58.10 3.18 -12.02
N VAL D 904 57.05 3.30 -12.81
CA VAL D 904 55.79 3.83 -12.30
C VAL D 904 55.29 2.99 -11.12
N PRO D 905 54.99 1.71 -11.36
CA PRO D 905 54.57 0.82 -10.28
C PRO D 905 55.48 0.80 -9.09
N LEU D 906 56.80 0.86 -9.33
CA LEU D 906 57.78 0.83 -8.24
C LEU D 906 57.44 1.79 -7.12
N GLY D 907 56.80 2.90 -7.48
CA GLY D 907 56.47 3.94 -6.51
C GLY D 907 55.05 3.81 -5.98
N VAL D 908 54.22 3.05 -6.67
CA VAL D 908 52.80 2.95 -6.29
C VAL D 908 52.63 1.93 -5.17
N ILE D 909 53.24 0.77 -5.35
CA ILE D 909 53.18 -0.31 -4.36
C ILE D 909 53.42 0.21 -2.94
N GLY D 910 54.35 1.12 -2.79
CA GLY D 910 54.63 1.69 -1.48
C GLY D 910 53.60 2.72 -1.13
N ALA D 911 53.09 3.39 -2.15
CA ALA D 911 52.02 4.36 -1.96
C ALA D 911 50.82 3.59 -1.40
N LEU D 912 50.50 2.51 -2.08
CA LEU D 912 49.44 1.60 -1.69
C LEU D 912 49.71 1.01 -0.29
N LEU D 913 50.79 0.24 -0.17
CA LEU D 913 51.26 -0.32 1.10
C LEU D 913 51.06 0.65 2.26
N ALA D 914 51.82 1.71 2.26
CA ALA D 914 51.84 2.62 3.40
C ALA D 914 50.46 3.19 3.69
N THR D 915 49.60 3.30 2.68
CA THR D 915 48.26 3.90 2.90
C THR D 915 47.33 2.93 3.64
N SER D 916 47.31 1.67 3.21
CA SER D 916 46.52 0.64 3.87
C SER D 916 47.07 0.34 5.25
N MET D 917 48.39 0.25 5.36
CA MET D 917 49.02 0.01 6.64
C MET D 917 48.89 1.22 7.58
N ARG D 918 47.85 2.03 7.35
CA ARG D 918 47.46 3.09 8.28
C ARG D 918 45.94 3.31 8.15
N GLY D 919 45.28 2.37 7.49
CA GLY D 919 43.85 2.48 7.29
C GLY D 919 43.48 3.82 6.69
N LEU D 920 44.31 4.29 5.77
CA LEU D 920 43.99 5.48 5.02
C LEU D 920 43.28 5.03 3.75
N SER D 921 42.49 5.92 3.17
CA SER D 921 41.74 5.62 1.96
C SER D 921 42.39 6.23 0.71
N ASN D 922 42.16 5.55 -0.41
CA ASN D 922 42.50 6.09 -1.70
C ASN D 922 41.60 7.27 -2.01
N ASP D 923 41.95 8.42 -1.43
CA ASP D 923 41.18 9.66 -1.55
C ASP D 923 41.82 10.64 -2.60
N VAL D 924 41.42 11.90 -2.66
CA VAL D 924 42.06 12.81 -3.64
C VAL D 924 43.47 13.17 -3.24
N PHE D 925 43.79 13.08 -1.96
CA PHE D 925 45.15 13.31 -1.50
C PHE D 925 46.04 12.16 -1.94
N PHE D 926 45.46 10.97 -2.03
CA PHE D 926 46.21 9.82 -2.54
C PHE D 926 46.49 9.96 -4.04
N GLN D 927 45.46 10.35 -4.80
CA GLN D 927 45.58 10.46 -6.27
C GLN D 927 46.59 11.59 -6.59
N VAL D 928 46.46 12.68 -5.85
CA VAL D 928 47.27 13.88 -6.00
C VAL D 928 48.71 13.77 -5.46
N GLY D 929 48.95 12.86 -4.51
CA GLY D 929 50.31 12.64 -3.99
C GLY D 929 50.96 11.55 -4.80
N LEU D 930 50.14 10.67 -5.37
CA LEU D 930 50.66 9.64 -6.24
C LEU D 930 51.37 10.25 -7.47
N LEU D 931 50.70 11.17 -8.17
CA LEU D 931 51.23 11.76 -9.42
C LEU D 931 52.52 12.53 -9.18
N THR D 932 52.59 13.23 -8.05
CA THR D 932 53.82 13.91 -7.70
C THR D 932 54.90 12.88 -7.32
N THR D 933 54.50 11.75 -6.73
CA THR D 933 55.49 10.75 -6.41
C THR D 933 56.02 10.25 -7.73
N ILE D 934 55.13 10.13 -8.71
CA ILE D 934 55.50 9.74 -10.06
C ILE D 934 56.36 10.83 -10.73
N GLY D 935 56.04 12.09 -10.42
CA GLY D 935 56.84 13.16 -10.95
C GLY D 935 58.31 12.87 -10.70
N LEU D 936 58.71 13.08 -9.45
CA LEU D 936 60.09 12.92 -9.01
C LEU D 936 60.70 11.59 -9.42
N SER D 937 59.95 10.53 -9.18
CA SER D 937 60.43 9.22 -9.52
C SER D 937 60.91 9.19 -10.97
N ALA D 938 60.04 9.58 -11.89
CA ALA D 938 60.33 9.64 -13.33
C ALA D 938 61.56 10.50 -13.62
N LYS D 939 61.64 11.65 -12.94
CA LYS D 939 62.75 12.55 -13.11
C LYS D 939 64.09 11.92 -12.70
N ASN D 940 64.19 11.41 -11.45
CA ASN D 940 65.43 10.75 -10.99
C ASN D 940 65.85 9.68 -12.01
N ALA D 941 64.89 9.21 -12.81
CA ALA D 941 65.20 8.16 -13.77
C ALA D 941 65.81 8.74 -15.02
N ILE D 942 65.25 9.85 -15.48
CA ILE D 942 65.67 10.45 -16.75
C ILE D 942 67.17 10.72 -16.70
N LEU D 943 67.70 10.76 -15.48
CA LEU D 943 69.13 10.85 -15.22
C LEU D 943 69.92 9.66 -15.79
N ILE D 944 69.59 8.45 -15.36
CA ILE D 944 70.33 7.25 -15.73
C ILE D 944 70.22 6.96 -17.22
N VAL D 945 68.99 6.96 -17.72
CA VAL D 945 68.72 6.71 -19.15
C VAL D 945 69.45 7.72 -20.04
N GLU D 946 69.40 9.00 -19.68
CA GLU D 946 70.12 10.01 -20.44
C GLU D 946 71.62 9.68 -20.53
N PHE D 947 72.36 9.93 -19.43
CA PHE D 947 73.80 9.67 -19.35
C PHE D 947 74.12 8.28 -19.89
N ALA D 948 73.26 7.32 -19.61
CA ALA D 948 73.52 6.03 -20.18
C ALA D 948 73.56 6.26 -21.69
N LYS D 949 72.50 6.85 -22.22
CA LYS D 949 72.32 7.08 -23.64
C LYS D 949 73.47 7.89 -24.21
N GLU D 950 73.81 8.99 -23.54
CA GLU D 950 74.91 9.80 -23.98
C GLU D 950 76.16 8.92 -24.04
N LEU D 951 76.44 8.19 -22.96
CA LEU D 951 77.64 7.34 -22.87
C LEU D 951 77.70 6.24 -23.92
N HIS D 952 76.56 5.63 -24.20
CA HIS D 952 76.47 4.60 -25.22
C HIS D 952 76.97 5.14 -26.58
N GLU D 953 77.05 6.48 -26.68
CA GLU D 953 77.62 7.20 -27.82
C GLU D 953 78.60 6.38 -28.62
N GLN D 954 79.89 6.45 -28.29
CA GLN D 954 80.85 5.65 -28.98
C GLN D 954 81.06 4.40 -28.16
N GLY D 955 82.22 4.30 -27.53
CA GLY D 955 82.53 3.15 -26.73
C GLY D 955 81.54 3.03 -25.59
N LYS D 956 81.77 2.04 -24.75
CA LYS D 956 80.88 1.77 -23.65
C LYS D 956 79.54 1.32 -24.23
N GLY D 957 79.26 0.03 -24.03
CA GLY D 957 78.00 -0.54 -24.49
C GLY D 957 76.92 -0.25 -23.48
N ILE D 958 75.69 -0.57 -23.87
CA ILE D 958 74.53 -0.38 -23.00
C ILE D 958 74.81 -0.88 -21.58
N VAL D 959 75.36 -2.09 -21.46
CA VAL D 959 75.61 -2.67 -20.15
C VAL D 959 76.72 -1.94 -19.41
N GLU D 960 77.75 -1.53 -20.14
CA GLU D 960 78.83 -0.77 -19.54
C GLU D 960 78.32 0.61 -19.20
N ALA D 961 77.54 1.18 -20.10
CA ALA D 961 77.05 2.54 -19.95
C ALA D 961 76.03 2.66 -18.83
N ALA D 962 75.09 1.72 -18.77
CA ALA D 962 74.07 1.71 -17.71
C ALA D 962 74.72 1.74 -16.33
N ILE D 963 75.66 0.82 -16.11
CA ILE D 963 76.43 0.76 -14.85
C ILE D 963 77.08 2.09 -14.58
N GLU D 964 77.88 2.55 -15.55
CA GLU D 964 78.61 3.83 -15.48
C GLU D 964 77.66 4.95 -15.10
N ALA D 965 76.56 5.04 -15.85
CA ALA D 965 75.51 6.04 -15.59
C ALA D 965 74.97 5.90 -14.17
N CYS D 966 74.59 4.69 -13.79
CA CYS D 966 74.08 4.45 -12.43
C CYS D 966 75.08 4.85 -11.36
N ARG D 967 76.37 4.70 -11.67
CA ARG D 967 77.43 5.05 -10.73
C ARG D 967 77.48 6.54 -10.43
N MET D 968 77.37 7.36 -11.46
CA MET D 968 77.49 8.82 -11.31
C MET D 968 76.24 9.46 -10.72
N ARG D 969 75.06 8.93 -11.05
CA ARG D 969 73.80 9.53 -10.64
C ARG D 969 73.32 9.08 -9.26
N LEU D 970 73.97 8.07 -8.69
CA LEU D 970 73.57 7.52 -7.38
C LEU D 970 73.58 8.58 -6.29
N ARG D 971 74.74 9.13 -5.97
CA ARG D 971 74.69 10.10 -4.89
C ARG D 971 73.55 11.12 -5.16
N PRO D 972 73.58 11.83 -6.30
CA PRO D 972 72.56 12.88 -6.54
C PRO D 972 71.10 12.39 -6.44
N ILE D 973 70.77 11.25 -7.03
CA ILE D 973 69.44 10.64 -6.86
C ILE D 973 69.05 10.47 -5.40
N VAL D 974 70.01 10.07 -4.56
CA VAL D 974 69.73 9.82 -3.14
C VAL D 974 69.45 11.12 -2.39
N MET D 975 70.31 12.10 -2.56
CA MET D 975 70.14 13.41 -1.91
C MET D 975 68.79 14.03 -2.26
N THR D 976 68.36 13.85 -3.51
CA THR D 976 67.10 14.44 -3.98
C THR D 976 65.93 13.67 -3.39
N SER D 977 65.88 12.37 -3.67
CA SER D 977 64.84 11.50 -3.16
C SER D 977 64.74 11.61 -1.65
N LEU D 978 65.90 11.71 -1.00
CA LEU D 978 65.97 11.82 0.45
C LEU D 978 65.50 13.20 0.95
N ALA D 979 65.95 14.27 0.30
CA ALA D 979 65.60 15.62 0.72
C ALA D 979 64.08 15.82 0.63
N PHE D 980 63.50 15.53 -0.54
CA PHE D 980 62.04 15.59 -0.69
C PHE D 980 61.27 14.70 0.30
N ILE D 981 61.70 13.44 0.46
CA ILE D 981 61.03 12.55 1.43
C ILE D 981 61.05 13.09 2.85
N LEU D 982 62.22 13.53 3.29
CA LEU D 982 62.34 14.13 4.61
C LEU D 982 61.64 15.47 4.59
N GLY D 983 61.18 15.87 3.40
CA GLY D 983 60.42 17.11 3.23
C GLY D 983 58.93 16.95 3.46
N VAL D 984 58.42 15.76 3.15
CA VAL D 984 57.02 15.42 3.39
C VAL D 984 56.72 15.10 4.88
N VAL D 985 57.64 14.38 5.53
CA VAL D 985 57.50 13.91 6.91
C VAL D 985 56.62 14.80 7.84
N PRO D 986 56.83 16.12 7.78
CA PRO D 986 56.04 17.00 8.63
C PRO D 986 54.55 17.07 8.21
N LEU D 987 54.18 16.24 7.23
CA LEU D 987 52.81 16.15 6.78
C LEU D 987 52.19 14.92 7.42
N ALA D 988 52.99 13.86 7.48
CA ALA D 988 52.53 12.60 7.99
C ALA D 988 52.79 12.50 9.50
N ILE D 989 52.80 13.62 10.20
CA ILE D 989 53.19 13.69 11.59
C ILE D 989 52.63 14.96 12.25
N SER D 990 51.84 15.73 11.50
CA SER D 990 51.31 16.96 12.03
C SER D 990 50.28 16.57 13.07
N THR D 991 49.86 17.55 13.87
CA THR D 991 48.86 17.35 14.90
C THR D 991 47.89 18.56 14.97
N GLY D 992 46.63 18.29 15.25
CA GLY D 992 45.69 19.37 15.43
C GLY D 992 44.77 19.49 14.24
N ALA D 993 44.17 20.65 14.13
CA ALA D 993 43.31 21.00 13.02
C ALA D 993 44.09 20.82 11.75
N GLY D 994 43.76 19.79 10.98
CA GLY D 994 44.39 19.55 9.73
C GLY D 994 44.87 18.14 9.57
N SER D 995 45.68 17.68 10.52
CA SER D 995 46.29 16.36 10.51
C SER D 995 45.65 15.34 9.54
N GLY D 996 44.33 15.22 9.57
CA GLY D 996 43.65 14.23 8.73
C GLY D 996 44.13 14.30 7.30
N SER D 997 44.02 15.52 6.74
CA SER D 997 44.43 15.83 5.37
C SER D 997 45.93 15.71 5.18
N GLN D 998 46.70 16.43 6.03
CA GLN D 998 48.16 16.34 6.01
C GLN D 998 48.61 14.88 5.94
N HIS D 999 47.99 14.01 6.74
CA HIS D 999 48.36 12.60 6.71
C HIS D 999 47.93 11.93 5.42
N ALA D 1000 46.71 12.22 4.98
CA ALA D 1000 46.20 11.71 3.69
C ALA D 1000 47.23 11.93 2.56
N ILE D 1001 47.77 13.13 2.46
CA ILE D 1001 48.74 13.43 1.42
C ILE D 1001 50.15 12.95 1.78
N GLY D 1002 50.57 13.24 3.01
CA GLY D 1002 51.91 12.90 3.51
C GLY D 1002 52.37 11.43 3.50
N THR D 1003 51.50 10.48 3.85
CA THR D 1003 51.97 9.10 4.10
C THR D 1003 52.18 8.32 2.79
N GLY D 1004 51.37 8.57 1.78
CA GLY D 1004 51.52 7.88 0.48
C GLY D 1004 52.73 8.38 -0.33
N VAL D 1005 52.99 9.69 -0.25
CA VAL D 1005 54.18 10.20 -0.89
C VAL D 1005 55.35 9.40 -0.31
N ILE D 1006 55.59 9.58 0.99
CA ILE D 1006 56.69 8.90 1.69
C ILE D 1006 56.74 7.43 1.31
N GLY D 1007 55.61 6.75 1.46
CA GLY D 1007 55.53 5.34 1.13
C GLY D 1007 55.95 5.16 -0.30
N GLY D 1008 55.35 5.98 -1.18
CA GLY D 1008 55.59 5.92 -2.62
C GLY D 1008 57.01 6.29 -3.07
N MET D 1009 57.57 7.36 -2.54
CA MET D 1009 58.97 7.70 -2.88
C MET D 1009 59.96 6.58 -2.55
N VAL D 1010 60.01 6.15 -1.28
CA VAL D 1010 60.96 5.11 -0.84
C VAL D 1010 60.89 3.85 -1.72
N THR D 1011 59.68 3.37 -1.99
CA THR D 1011 59.58 2.15 -2.79
C THR D 1011 60.28 2.38 -4.11
N ALA D 1012 60.05 3.55 -4.71
CA ALA D 1012 60.61 3.94 -6.03
C ALA D 1012 62.08 4.35 -5.98
N THR D 1013 62.44 5.27 -5.10
CA THR D 1013 63.81 5.75 -5.13
C THR D 1013 64.87 4.71 -4.66
N VAL D 1014 64.44 3.50 -4.30
CA VAL D 1014 65.37 2.44 -3.89
C VAL D 1014 65.30 1.23 -4.83
N LEU D 1015 64.16 1.04 -5.46
CA LEU D 1015 63.99 -0.02 -6.44
C LEU D 1015 64.56 0.39 -7.80
N ALA D 1016 63.96 1.41 -8.40
CA ALA D 1016 64.32 1.84 -9.76
C ALA D 1016 65.83 2.00 -9.99
N ILE D 1017 66.57 2.54 -9.01
CA ILE D 1017 68.03 2.67 -9.19
C ILE D 1017 68.60 1.33 -9.64
N PHE D 1018 67.94 0.24 -9.23
CA PHE D 1018 68.37 -1.12 -9.62
C PHE D 1018 67.64 -1.60 -10.86
N TRP D 1019 66.38 -1.21 -11.01
CA TRP D 1019 65.56 -1.69 -12.13
C TRP D 1019 65.62 -0.81 -13.40
N VAL D 1020 65.91 0.48 -13.23
CA VAL D 1020 66.04 1.43 -14.37
C VAL D 1020 67.09 0.87 -15.35
N PRO D 1021 68.35 0.69 -14.87
CA PRO D 1021 69.38 0.14 -15.75
C PRO D 1021 68.98 -1.19 -16.36
N LEU D 1022 68.17 -1.95 -15.64
CA LEU D 1022 67.66 -3.23 -16.12
C LEU D 1022 66.75 -2.98 -17.32
N PHE D 1023 65.80 -2.07 -17.12
CA PHE D 1023 64.89 -1.68 -18.20
C PHE D 1023 65.66 -1.12 -19.40
N TYR D 1024 66.56 -0.25 -19.31
CA TYR D 1024 67.28 0.36 -20.42
C TYR D 1024 67.96 -0.69 -21.29
N VAL D 1025 68.70 -1.58 -20.65
CA VAL D 1025 69.41 -2.64 -21.37
C VAL D 1025 68.42 -3.55 -22.08
N ALA D 1026 67.38 -3.98 -21.37
CA ALA D 1026 66.37 -4.87 -21.94
C ALA D 1026 65.84 -4.31 -23.25
N VAL D 1027 64.91 -3.35 -23.17
CA VAL D 1027 64.31 -2.74 -24.35
C VAL D 1027 65.39 -2.31 -25.34
N SER D 1028 66.49 -1.76 -24.83
CA SER D 1028 67.59 -1.31 -25.67
C SER D 1028 68.03 -2.41 -26.64
N THR D 1029 67.91 -3.67 -26.20
CA THR D 1029 68.27 -4.81 -27.03
C THR D 1029 67.08 -5.31 -27.84
N LEU D 1030 65.90 -4.77 -27.55
CA LEU D 1030 64.68 -5.13 -28.28
C LEU D 1030 64.61 -4.43 -29.63
N PHE D 1031 65.31 -3.29 -29.71
CA PHE D 1031 65.33 -2.50 -30.95
C PHE D 1031 66.69 -1.81 -31.13
N LYS D 1032 66.95 -0.81 -30.28
CA LYS D 1032 68.21 -0.03 -30.31
C LYS D 1032 68.65 0.47 -31.65
N MET E 1 65.00 45.68 -29.94
CA MET E 1 63.68 45.92 -30.59
C MET E 1 63.80 47.12 -31.53
N SER E 2 64.32 48.22 -31.01
CA SER E 2 64.63 49.39 -31.82
C SER E 2 65.44 49.04 -33.08
N LYS E 3 66.58 48.39 -32.91
CA LYS E 3 67.41 48.10 -34.06
C LYS E 3 66.69 47.16 -35.05
N PHE E 4 65.49 46.74 -34.65
CA PHE E 4 64.73 45.77 -35.47
C PHE E 4 63.81 46.56 -36.39
N PHE E 5 63.21 47.61 -35.83
CA PHE E 5 62.32 48.49 -36.53
C PHE E 5 63.03 49.58 -37.33
N ILE E 6 64.25 49.94 -36.91
CA ILE E 6 65.04 50.92 -37.60
C ILE E 6 65.13 50.49 -39.06
N ASP E 7 65.29 49.19 -39.26
CA ASP E 7 65.40 48.61 -40.58
C ASP E 7 64.07 47.97 -41.03
N ARG E 8 62.97 48.34 -40.36
CA ARG E 8 61.62 47.88 -40.69
C ARG E 8 60.68 49.03 -40.41
N PRO E 9 61.01 50.20 -40.96
CA PRO E 9 60.16 51.34 -40.72
C PRO E 9 58.74 51.18 -41.30
N ILE E 10 58.54 50.28 -42.27
CA ILE E 10 57.16 50.04 -42.78
C ILE E 10 56.34 49.26 -41.74
N PHE E 11 56.96 48.22 -41.17
CA PHE E 11 56.44 47.54 -39.97
C PHE E 11 56.14 48.51 -38.90
N ALA E 12 57.09 49.39 -38.64
CA ALA E 12 56.90 50.37 -37.59
C ALA E 12 55.64 51.17 -37.84
N TRP E 13 55.56 51.82 -39.02
CA TRP E 13 54.34 52.61 -39.45
C TRP E 13 53.04 51.81 -39.29
N VAL E 14 53.05 50.54 -39.67
CA VAL E 14 51.87 49.75 -39.44
C VAL E 14 51.38 49.83 -37.99
N ILE E 15 52.28 49.47 -37.06
CA ILE E 15 52.02 49.49 -35.61
C ILE E 15 51.44 50.84 -35.29
N ALA E 16 52.10 51.89 -35.76
CA ALA E 16 51.57 53.24 -35.55
C ALA E 16 50.15 53.33 -36.10
N LEU E 17 49.92 52.72 -37.26
CA LEU E 17 48.66 52.86 -37.91
C LEU E 17 47.58 52.24 -37.05
N VAL E 18 47.74 50.95 -36.79
CA VAL E 18 46.75 50.28 -35.94
C VAL E 18 46.58 50.91 -34.55
N ILE E 19 47.64 51.47 -33.97
CA ILE E 19 47.43 52.20 -32.72
C ILE E 19 46.39 53.27 -33.05
N MET E 20 46.71 54.13 -34.02
CA MET E 20 45.79 55.19 -34.47
C MET E 20 44.40 54.64 -34.81
N LEU E 21 44.36 53.60 -35.63
CA LEU E 21 43.08 52.98 -36.00
C LEU E 21 42.24 52.67 -34.76
N ALA E 22 42.79 51.82 -33.87
CA ALA E 22 42.14 51.47 -32.61
C ALA E 22 41.80 52.71 -31.87
N GLY E 23 42.74 53.64 -31.84
CA GLY E 23 42.55 54.91 -31.15
C GLY E 23 41.28 55.66 -31.55
N GLY E 24 41.22 56.06 -32.82
CA GLY E 24 40.12 56.89 -33.34
C GLY E 24 38.78 56.18 -33.33
N LEU E 25 38.78 54.89 -33.65
CA LEU E 25 37.56 54.09 -33.56
C LEU E 25 37.08 53.95 -32.12
N SER E 26 37.89 54.39 -31.15
CA SER E 26 37.52 54.30 -29.75
C SER E 26 36.85 55.59 -29.27
N ILE E 27 37.33 56.74 -29.72
CA ILE E 27 36.75 58.02 -29.32
C ILE E 27 35.28 58.09 -29.75
N LEU E 28 34.98 57.45 -30.86
CA LEU E 28 33.62 57.44 -31.38
C LEU E 28 32.68 56.71 -30.43
N SER E 29 32.96 55.44 -30.15
CA SER E 29 32.13 54.64 -29.26
C SER E 29 32.17 55.11 -27.80
N LEU E 30 33.13 55.98 -27.49
CA LEU E 30 33.46 56.35 -26.12
C LEU E 30 32.40 57.24 -25.46
N PRO E 31 32.06 56.96 -24.17
CA PRO E 31 31.18 57.82 -23.37
C PRO E 31 31.73 59.21 -23.07
N VAL E 32 30.83 60.20 -23.03
CA VAL E 32 31.25 61.57 -22.77
C VAL E 32 30.40 62.17 -21.66
N ASN E 33 31.01 62.41 -20.50
CA ASN E 33 30.34 63.01 -19.35
C ASN E 33 31.30 63.80 -18.45
N GLN E 34 30.76 64.67 -17.60
CA GLN E 34 31.54 65.50 -16.69
C GLN E 34 32.43 64.68 -15.74
N TYR E 35 31.82 63.72 -15.04
CA TYR E 35 32.55 62.86 -14.09
C TYR E 35 32.16 61.39 -14.23
N PRO E 36 32.99 60.50 -13.69
CA PRO E 36 32.60 59.11 -13.54
C PRO E 36 31.83 58.94 -12.21
N ALA E 37 31.39 57.74 -11.89
CA ALA E 37 30.70 57.50 -10.62
C ALA E 37 31.70 57.70 -9.47
N ILE E 38 31.64 58.86 -8.81
CA ILE E 38 32.55 59.20 -7.71
C ILE E 38 31.96 58.74 -6.37
N ALA E 39 30.73 59.18 -6.11
CA ALA E 39 30.02 58.92 -4.86
C ALA E 39 29.78 57.45 -4.70
N PRO E 40 29.78 56.96 -3.45
CA PRO E 40 29.44 55.56 -3.31
C PRO E 40 27.96 55.37 -3.69
N PRO E 41 27.68 54.43 -4.56
CA PRO E 41 26.34 54.26 -5.06
C PRO E 41 25.30 54.16 -3.92
N ALA E 42 24.14 54.76 -4.13
CA ALA E 42 23.09 54.83 -3.14
C ALA E 42 21.73 54.57 -3.77
N ILE E 43 20.90 53.85 -3.03
CA ILE E 43 19.56 53.52 -3.45
C ILE E 43 18.58 54.16 -2.49
N ALA E 44 17.65 54.94 -3.00
CA ALA E 44 16.67 55.64 -2.16
C ALA E 44 15.30 54.95 -2.18
N VAL E 45 14.66 54.92 -1.01
CA VAL E 45 13.34 54.31 -0.87
C VAL E 45 12.45 55.41 -0.39
N GLN E 46 11.45 55.77 -1.18
CA GLN E 46 10.64 56.93 -0.84
C GLN E 46 9.15 56.66 -0.92
N VAL E 47 8.43 57.13 0.09
CA VAL E 47 6.99 56.98 0.10
C VAL E 47 6.35 58.26 0.54
N SER E 48 5.04 58.33 0.32
CA SER E 48 4.24 59.48 0.68
C SER E 48 3.06 59.01 1.53
N TYR E 49 3.09 59.29 2.83
CA TYR E 49 1.96 58.99 3.72
C TYR E 49 1.11 60.23 3.94
N PRO E 50 -0.02 60.37 3.21
CA PRO E 50 -0.74 61.65 3.29
C PRO E 50 -1.18 61.99 4.72
N GLY E 51 -1.15 63.28 5.05
CA GLY E 51 -1.49 63.74 6.39
C GLY E 51 -0.92 62.87 7.50
N ALA E 52 0.39 62.66 7.49
CA ALA E 52 0.98 61.77 8.49
C ALA E 52 2.03 62.48 9.29
N SER E 53 2.02 62.22 10.59
CA SER E 53 2.98 62.78 11.48
C SER E 53 4.37 62.22 11.16
N ALA E 54 5.41 62.94 11.51
CA ALA E 54 6.75 62.43 11.32
C ALA E 54 6.91 61.21 12.15
N GLU E 55 6.19 61.14 13.28
CA GLU E 55 6.24 59.96 14.15
C GLU E 55 5.36 58.79 13.67
N THR E 56 4.43 59.03 12.76
CA THR E 56 3.59 57.96 12.20
C THR E 56 4.26 57.31 10.98
N VAL E 57 5.20 58.03 10.40
CA VAL E 57 5.97 57.56 9.27
C VAL E 57 7.13 56.78 9.83
N GLN E 58 7.76 57.32 10.87
CA GLN E 58 8.93 56.66 11.43
C GLN E 58 8.63 55.41 12.23
N ASP E 59 7.40 55.24 12.72
CA ASP E 59 7.06 54.03 13.48
C ASP E 59 6.10 53.07 12.77
N THR E 60 5.62 53.46 11.60
CA THR E 60 4.71 52.62 10.85
C THR E 60 5.29 52.17 9.51
N VAL E 61 6.21 52.95 8.97
CA VAL E 61 6.78 52.70 7.65
C VAL E 61 8.30 52.54 7.73
N VAL E 62 9.02 53.61 7.97
CA VAL E 62 10.49 53.55 7.95
C VAL E 62 11.05 52.46 8.88
N GLN E 63 10.30 52.04 9.89
CA GLN E 63 10.77 50.97 10.77
C GLN E 63 10.49 49.57 10.24
N VAL E 64 9.36 49.36 9.55
CA VAL E 64 9.09 48.02 9.01
C VAL E 64 9.90 47.80 7.76
N ILE E 65 10.17 48.87 7.01
CA ILE E 65 11.01 48.73 5.83
C ILE E 65 12.41 48.39 6.31
N GLU E 66 12.95 49.22 7.20
CA GLU E 66 14.31 49.04 7.74
C GLU E 66 14.59 47.66 8.33
N GLN E 67 13.64 47.10 9.08
CA GLN E 67 13.92 45.83 9.74
C GLN E 67 13.92 44.64 8.78
N GLN E 68 13.64 44.93 7.51
CA GLN E 68 13.58 43.93 6.46
C GLN E 68 14.74 44.17 5.49
N MET E 69 15.31 45.37 5.58
CA MET E 69 16.43 45.80 4.75
C MET E 69 17.73 45.22 5.28
N ASN E 70 18.04 44.01 4.85
CA ASN E 70 19.26 43.34 5.24
C ASN E 70 19.47 42.18 4.28
N GLY E 71 20.65 41.54 4.35
CA GLY E 71 20.98 40.45 3.43
C GLY E 71 21.19 40.99 2.03
N ILE E 72 21.69 42.21 1.95
CA ILE E 72 22.01 42.85 0.69
C ILE E 72 23.53 42.99 0.49
N ASP E 73 24.01 42.54 -0.66
CA ASP E 73 25.44 42.60 -1.02
C ASP E 73 26.05 44.02 -1.10
N ASN E 74 27.28 44.15 -0.58
CA ASN E 74 28.09 45.40 -0.58
C ASN E 74 27.55 46.58 0.19
N LEU E 75 26.62 46.31 1.10
CA LEU E 75 26.03 47.36 1.95
C LEU E 75 27.11 47.97 2.82
N ARG E 76 26.98 49.26 3.10
CA ARG E 76 27.90 49.95 3.99
C ARG E 76 27.14 50.60 5.14
N TYR E 77 26.16 51.43 4.82
CA TYR E 77 25.35 52.08 5.85
C TYR E 77 24.04 52.72 5.33
N ILE E 78 22.97 52.54 6.10
CA ILE E 78 21.66 53.05 5.73
C ILE E 78 21.28 54.15 6.69
N SER E 79 20.51 55.11 6.19
CA SER E 79 20.03 56.23 6.99
C SER E 79 18.63 56.62 6.52
N SER E 80 17.74 56.92 7.46
CA SER E 80 16.39 57.34 7.09
C SER E 80 16.00 58.67 7.72
N GLU E 81 15.16 59.40 7.01
CA GLU E 81 14.53 60.60 7.53
C GLU E 81 12.99 60.54 7.37
N SER E 82 12.29 60.50 8.50
CA SER E 82 10.82 60.55 8.53
C SER E 82 10.36 61.98 8.79
N ASN E 83 9.59 62.55 7.87
CA ASN E 83 9.25 63.97 7.97
C ASN E 83 7.82 64.29 8.40
N SER E 84 7.57 65.58 8.58
CA SER E 84 6.24 66.06 8.92
C SER E 84 5.25 65.79 7.78
N ASP E 85 5.59 66.19 6.57
CA ASP E 85 4.65 66.03 5.48
C ASP E 85 4.44 64.56 5.11
N GLY E 86 4.65 63.67 6.06
CA GLY E 86 4.38 62.23 5.84
C GLY E 86 5.30 61.47 4.89
N SER E 87 6.38 62.12 4.45
CA SER E 87 7.32 61.53 3.50
C SER E 87 8.54 60.90 4.16
N MET E 88 9.12 59.93 3.45
CA MET E 88 10.30 59.22 3.92
C MET E 88 11.24 58.83 2.79
N THR E 89 12.49 58.69 3.19
CA THR E 89 13.54 58.21 2.33
C THR E 89 14.39 57.27 3.16
N ILE E 90 14.70 56.11 2.59
CA ILE E 90 15.73 55.25 3.12
C ILE E 90 16.83 55.18 2.08
N THR E 91 17.87 55.96 2.28
CA THR E 91 19.05 55.87 1.44
C THR E 91 19.92 54.70 1.86
N VAL E 92 20.08 53.72 0.96
CA VAL E 92 21.01 52.61 1.18
C VAL E 92 22.30 52.85 0.39
N THR E 93 23.40 53.06 1.12
CA THR E 93 24.69 53.33 0.52
C THR E 93 25.53 52.08 0.45
N PHE E 94 26.16 51.85 -0.72
CA PHE E 94 26.99 50.66 -0.98
C PHE E 94 28.43 51.06 -1.28
N GLU E 95 29.30 50.07 -1.34
CA GLU E 95 30.70 50.28 -1.67
C GLU E 95 30.80 50.73 -3.10
N GLN E 96 31.94 51.34 -3.45
CA GLN E 96 32.24 51.72 -4.83
C GLN E 96 32.35 50.47 -5.71
N GLY E 97 31.93 50.56 -6.97
CA GLY E 97 32.07 49.43 -7.87
C GLY E 97 31.02 48.35 -7.71
N THR E 98 29.97 48.67 -6.97
CA THR E 98 28.81 47.81 -6.91
C THR E 98 27.91 48.10 -8.08
N ASP E 99 27.49 47.06 -8.77
CA ASP E 99 26.57 47.26 -9.83
C ASP E 99 25.36 47.96 -9.25
N PRO E 100 25.14 49.20 -9.67
CA PRO E 100 24.00 50.03 -9.25
C PRO E 100 22.61 49.40 -9.48
N ASP E 101 22.49 48.51 -10.46
CA ASP E 101 21.20 47.90 -10.73
C ASP E 101 20.93 46.73 -9.83
N ILE E 102 21.98 45.98 -9.52
CA ILE E 102 21.88 44.86 -8.60
C ILE E 102 21.63 45.41 -7.21
N ALA E 103 22.23 46.54 -6.90
CA ALA E 103 22.03 47.11 -5.58
C ALA E 103 20.55 47.43 -5.46
N GLN E 104 20.01 48.01 -6.54
CA GLN E 104 18.61 48.43 -6.58
C GLN E 104 17.66 47.24 -6.56
N VAL E 105 17.99 46.17 -7.28
CA VAL E 105 17.09 45.06 -7.34
C VAL E 105 17.08 44.26 -6.03
N GLN E 106 18.18 44.34 -5.28
CA GLN E 106 18.24 43.69 -3.98
C GLN E 106 17.57 44.54 -2.91
N VAL E 107 17.59 45.85 -3.11
CA VAL E 107 16.97 46.78 -2.18
C VAL E 107 15.45 46.73 -2.30
N GLN E 108 14.95 46.91 -3.52
CA GLN E 108 13.53 46.94 -3.72
C GLN E 108 12.90 45.59 -3.38
N ASN E 109 13.67 44.52 -3.52
CA ASN E 109 13.19 43.19 -3.16
C ASN E 109 12.94 42.99 -1.64
N LYS E 110 13.82 43.51 -0.79
CA LYS E 110 13.60 43.42 0.64
C LYS E 110 12.37 44.27 0.94
N LEU E 111 12.10 45.18 0.01
CA LEU E 111 10.94 46.07 0.08
C LEU E 111 9.66 45.32 -0.25
N GLN E 112 9.74 44.40 -1.20
CA GLN E 112 8.60 43.61 -1.62
C GLN E 112 8.17 42.80 -0.40
N LEU E 113 9.16 42.08 0.18
CA LEU E 113 8.99 41.25 1.37
C LEU E 113 8.47 41.98 2.61
N ALA E 114 8.61 43.30 2.60
CA ALA E 114 8.16 44.11 3.74
C ALA E 114 6.83 44.81 3.48
N THR E 115 6.41 44.93 2.22
CA THR E 115 5.21 45.70 1.88
C THR E 115 3.95 45.28 2.68
N PRO E 116 3.63 43.98 2.74
CA PRO E 116 2.46 43.56 3.50
C PRO E 116 2.47 43.95 5.00
N LEU E 117 3.56 44.56 5.47
CA LEU E 117 3.65 45.03 6.88
C LEU E 117 3.53 46.58 7.01
N LEU E 118 3.28 47.24 5.88
CA LEU E 118 3.06 48.67 5.85
C LEU E 118 1.55 48.91 5.89
N PRO E 119 1.12 50.04 6.46
CA PRO E 119 -0.32 50.25 6.48
C PRO E 119 -0.95 50.30 5.07
N GLN E 120 -2.14 49.69 4.94
CA GLN E 120 -2.88 49.60 3.68
C GLN E 120 -2.73 50.83 2.80
N GLU E 121 -2.77 52.00 3.42
CA GLU E 121 -2.59 53.26 2.69
C GLU E 121 -1.25 53.26 1.96
N VAL E 122 -0.14 53.33 2.72
CA VAL E 122 1.20 53.37 2.15
C VAL E 122 1.36 52.35 1.03
N GLN E 123 0.73 51.20 1.18
CA GLN E 123 0.78 50.23 0.10
C GLN E 123 0.12 50.81 -1.15
N ARG E 124 -1.15 51.17 -1.02
CA ARG E 124 -1.91 51.70 -2.15
C ARG E 124 -1.19 52.90 -2.80
N GLN E 125 -0.29 53.52 -2.05
CA GLN E 125 0.44 54.68 -2.55
C GLN E 125 1.64 54.24 -3.42
N GLY E 126 2.33 53.18 -3.00
CA GLY E 126 3.46 52.66 -3.76
C GLY E 126 4.78 53.31 -3.38
N ILE E 127 5.59 52.57 -2.63
CA ILE E 127 6.88 53.05 -2.18
C ILE E 127 7.81 53.03 -3.38
N ARG E 128 8.47 54.13 -3.70
CA ARG E 128 9.41 54.11 -4.82
C ARG E 128 10.89 53.93 -4.42
N VAL E 129 11.63 53.26 -5.28
CA VAL E 129 13.06 53.13 -5.09
C VAL E 129 13.80 53.57 -6.34
N THR E 130 14.79 54.43 -6.15
CA THR E 130 15.63 54.92 -7.22
C THR E 130 17.09 54.99 -6.78
N LYS E 131 17.94 55.44 -7.68
CA LYS E 131 19.36 55.61 -7.40
C LYS E 131 19.57 57.02 -6.95
N ALA E 132 20.19 57.18 -5.80
CA ALA E 132 20.33 58.52 -5.20
C ALA E 132 21.37 59.43 -5.87
N VAL E 133 22.42 58.87 -6.48
CA VAL E 133 23.51 59.69 -7.04
C VAL E 133 22.97 60.95 -7.76
N LYS E 134 23.38 62.13 -7.29
CA LYS E 134 22.89 63.42 -7.83
C LYS E 134 23.81 64.03 -8.90
N ASN E 135 23.86 63.37 -10.05
CA ASN E 135 24.71 63.76 -11.18
C ASN E 135 23.85 64.25 -12.35
N PHE E 136 23.02 65.24 -12.07
CA PHE E 136 22.05 65.69 -13.06
C PHE E 136 22.75 66.41 -14.19
N LEU E 137 22.49 65.94 -15.42
CA LEU E 137 23.02 66.55 -16.63
C LEU E 137 22.50 67.98 -16.69
N MET E 138 21.20 68.12 -16.45
CA MET E 138 20.57 69.42 -16.43
C MET E 138 19.18 69.33 -15.84
N VAL E 139 18.66 70.47 -15.42
CA VAL E 139 17.29 70.55 -14.96
C VAL E 139 16.51 71.39 -15.95
N VAL E 140 15.27 71.01 -16.23
CA VAL E 140 14.44 71.75 -17.16
C VAL E 140 13.35 72.50 -16.43
N GLY E 141 13.37 73.84 -16.52
CA GLY E 141 12.35 74.68 -15.90
C GLY E 141 11.07 74.79 -16.75
N VAL E 142 9.92 74.77 -16.07
CA VAL E 142 8.65 74.96 -16.74
C VAL E 142 7.82 75.97 -15.98
N VAL E 143 7.92 77.23 -16.40
CA VAL E 143 7.31 78.34 -15.68
C VAL E 143 6.08 78.92 -16.43
N SER E 144 5.35 79.81 -15.78
CA SER E 144 4.19 80.48 -16.37
C SER E 144 4.27 82.01 -16.26
N THR E 145 4.54 82.68 -17.39
CA THR E 145 4.61 84.14 -17.42
C THR E 145 3.52 84.70 -16.54
N ASP E 146 2.28 84.58 -17.03
CA ASP E 146 1.11 84.97 -16.27
C ASP E 146 0.75 83.84 -15.33
N GLY E 147 1.09 84.01 -14.05
CA GLY E 147 0.85 83.01 -13.00
C GLY E 147 -0.58 82.50 -12.96
N SER E 148 -1.07 82.06 -14.11
CA SER E 148 -2.40 81.51 -14.26
C SER E 148 -2.36 80.00 -14.11
N MET E 149 -1.16 79.43 -14.19
CA MET E 149 -0.98 78.00 -13.98
C MET E 149 -0.23 77.72 -12.67
N THR E 150 -0.83 76.86 -11.85
CA THR E 150 -0.24 76.46 -10.57
C THR E 150 0.84 75.40 -10.82
N LYS E 151 1.75 75.22 -9.87
CA LYS E 151 2.75 74.14 -10.00
C LYS E 151 2.03 72.88 -10.39
N GLU E 152 0.93 72.63 -9.69
CA GLU E 152 0.07 71.47 -9.92
C GLU E 152 -0.32 71.34 -11.37
N ASP E 153 -0.66 72.46 -12.02
CA ASP E 153 -1.06 72.45 -13.43
C ASP E 153 0.13 72.14 -14.34
N LEU E 154 1.29 72.70 -14.00
CA LEU E 154 2.54 72.53 -14.77
C LEU E 154 3.12 71.12 -14.65
N SER E 155 3.08 70.59 -13.43
CA SER E 155 3.55 69.24 -13.19
C SER E 155 2.83 68.26 -14.11
N ASN E 156 1.53 68.49 -14.26
CA ASN E 156 0.65 67.63 -15.05
C ASN E 156 0.81 67.85 -16.54
N TYR E 157 1.04 69.07 -16.98
CA TYR E 157 1.35 69.27 -18.41
C TYR E 157 2.63 68.54 -18.73
N ILE E 158 3.57 68.55 -17.76
CA ILE E 158 4.86 67.85 -17.90
C ILE E 158 4.71 66.36 -18.18
N VAL E 159 4.08 65.61 -17.26
CA VAL E 159 4.02 64.15 -17.40
C VAL E 159 3.13 63.82 -18.57
N SER E 160 2.18 64.69 -18.84
CA SER E 160 1.26 64.45 -19.94
C SER E 160 1.86 64.74 -21.32
N ASN E 161 2.54 65.88 -21.49
CA ASN E 161 3.06 66.25 -22.80
C ASN E 161 4.58 66.35 -22.97
N ILE E 162 5.34 66.46 -21.86
CA ILE E 162 6.81 66.58 -21.95
C ILE E 162 7.53 65.26 -21.67
N GLN E 163 7.26 64.69 -20.49
CA GLN E 163 7.87 63.42 -20.04
C GLN E 163 8.07 62.39 -21.14
N ASP E 164 6.97 62.02 -21.78
CA ASP E 164 7.01 60.94 -22.74
C ASP E 164 8.03 61.18 -23.84
N PRO E 165 7.91 62.31 -24.58
CA PRO E 165 8.86 62.53 -25.68
C PRO E 165 10.29 62.69 -25.19
N LEU E 166 10.45 63.29 -24.02
CA LEU E 166 11.78 63.41 -23.42
C LEU E 166 12.43 62.06 -23.17
N SER E 167 11.62 61.04 -22.89
CA SER E 167 12.14 59.70 -22.56
C SER E 167 12.63 58.92 -23.79
N ARG E 168 12.28 59.39 -24.99
CA ARG E 168 12.64 58.69 -26.23
C ARG E 168 13.81 59.41 -26.91
N THR E 169 14.18 60.55 -26.35
CA THR E 169 15.37 61.29 -26.75
C THR E 169 16.66 60.54 -26.41
N LYS E 170 17.56 60.50 -27.39
CA LYS E 170 18.81 59.75 -27.27
C LYS E 170 19.68 60.22 -26.08
N GLY E 171 20.13 59.25 -25.28
CA GLY E 171 21.00 59.52 -24.15
C GLY E 171 20.31 60.01 -22.89
N VAL E 172 18.99 59.91 -22.84
CA VAL E 172 18.29 60.37 -21.64
C VAL E 172 18.12 59.18 -20.76
N GLY E 173 18.38 59.35 -19.46
CA GLY E 173 18.34 58.23 -18.54
C GLY E 173 17.15 58.36 -17.61
N ASP E 174 17.45 58.73 -16.36
CA ASP E 174 16.44 58.80 -15.32
C ASP E 174 16.15 60.24 -15.04
N PHE E 175 14.89 60.54 -14.70
CA PHE E 175 14.50 61.90 -14.47
C PHE E 175 13.39 62.02 -13.45
N GLN E 176 13.24 63.25 -12.94
CA GLN E 176 12.30 63.61 -11.92
C GLN E 176 11.50 64.84 -12.34
N VAL E 177 10.19 64.76 -12.20
CA VAL E 177 9.34 65.91 -12.43
C VAL E 177 9.07 66.56 -11.10
N PHE E 178 9.05 67.89 -11.04
CA PHE E 178 8.78 68.61 -9.78
C PHE E 178 7.29 68.56 -9.51
N GLY E 179 6.79 67.38 -9.16
CA GLY E 179 5.38 67.21 -8.82
C GLY E 179 4.78 66.01 -9.54
N SER E 180 3.50 65.75 -9.30
CA SER E 180 2.83 64.68 -9.98
C SER E 180 1.74 65.11 -10.98
N GLN E 181 1.13 64.11 -11.60
CA GLN E 181 -0.13 64.24 -12.33
C GLN E 181 -1.16 64.98 -11.53
N TYR E 182 -2.29 65.25 -12.18
CA TYR E 182 -3.44 65.82 -11.54
C TYR E 182 -3.97 64.76 -10.60
N SER E 183 -4.59 65.19 -9.52
CA SER E 183 -5.27 64.25 -8.67
C SER E 183 -6.69 64.80 -8.48
N MET E 184 -7.70 64.05 -8.90
CA MET E 184 -9.10 64.46 -8.72
C MET E 184 -9.35 64.79 -7.26
N ARG E 185 -9.36 66.08 -6.94
CA ARG E 185 -9.48 66.56 -5.57
C ARG E 185 -10.91 66.95 -5.18
N ILE E 186 -11.35 66.42 -4.05
CA ILE E 186 -12.66 66.71 -3.51
C ILE E 186 -12.47 67.38 -2.15
N TRP E 187 -12.66 68.69 -2.11
CA TRP E 187 -12.51 69.43 -0.88
C TRP E 187 -13.84 69.47 -0.14
N LEU E 188 -13.83 68.96 1.08
CA LEU E 188 -15.02 68.79 1.91
C LEU E 188 -15.37 70.01 2.76
N ASP E 189 -16.62 70.09 3.22
CA ASP E 189 -17.06 71.16 4.12
C ASP E 189 -17.78 70.56 5.34
N PRO E 190 -17.33 70.94 6.55
CA PRO E 190 -17.86 70.37 7.80
C PRO E 190 -19.33 70.74 8.05
N ALA E 191 -19.73 71.92 7.59
CA ALA E 191 -21.09 72.40 7.79
C ALA E 191 -21.99 71.91 6.66
N LYS E 192 -21.73 72.40 5.46
CA LYS E 192 -22.50 72.00 4.27
C LYS E 192 -22.69 70.50 4.23
N LEU E 193 -22.03 69.78 5.15
CA LEU E 193 -22.12 68.34 5.23
C LEU E 193 -22.83 67.92 6.52
N ASN E 194 -22.56 68.62 7.62
CA ASN E 194 -23.24 68.34 8.90
C ASN E 194 -24.71 68.66 8.79
N SER E 195 -25.02 69.68 8.00
CA SER E 195 -26.41 70.08 7.77
C SER E 195 -27.26 68.89 7.40
N TYR E 196 -26.84 68.16 6.36
CA TYR E 196 -27.60 66.98 5.95
C TYR E 196 -27.19 65.77 6.78
N GLN E 197 -26.82 66.01 8.03
CA GLN E 197 -26.36 64.92 8.92
C GLN E 197 -25.51 63.87 8.17
N LEU E 198 -24.41 64.33 7.59
CA LEU E 198 -23.47 63.47 6.85
C LEU E 198 -22.07 63.66 7.42
N THR E 199 -21.16 62.77 7.04
CA THR E 199 -19.79 62.82 7.54
C THR E 199 -18.76 62.43 6.46
N PRO E 200 -17.49 62.79 6.64
CA PRO E 200 -16.45 62.46 5.67
C PRO E 200 -16.45 60.99 5.25
N GLY E 201 -16.64 60.10 6.22
CA GLY E 201 -16.68 58.65 5.96
C GLY E 201 -17.66 58.26 4.88
N ASP E 202 -18.81 58.94 4.85
CA ASP E 202 -19.87 58.62 3.91
C ASP E 202 -19.45 58.88 2.46
N VAL E 203 -18.76 59.99 2.24
CA VAL E 203 -18.27 60.35 0.91
C VAL E 203 -17.40 59.25 0.30
N SER E 204 -16.35 58.86 1.01
CA SER E 204 -15.44 57.78 0.60
C SER E 204 -16.22 56.59 0.08
N SER E 205 -17.15 56.11 0.90
CA SER E 205 -17.96 54.96 0.57
C SER E 205 -18.78 55.22 -0.69
N ALA E 206 -19.34 56.42 -0.80
CA ALA E 206 -20.07 56.81 -1.99
C ALA E 206 -19.15 56.75 -3.21
N ILE E 207 -17.95 57.30 -3.04
CA ILE E 207 -16.94 57.29 -4.10
C ILE E 207 -16.53 55.85 -4.43
N GLN E 208 -16.25 55.07 -3.40
CA GLN E 208 -15.86 53.65 -3.55
C GLN E 208 -16.80 52.92 -4.50
N ALA E 209 -18.02 52.64 -4.02
CA ALA E 209 -19.03 51.87 -4.74
C ALA E 209 -19.56 52.52 -6.05
N GLN E 210 -19.63 53.84 -6.09
CA GLN E 210 -20.15 54.52 -7.28
C GLN E 210 -19.11 54.68 -8.41
N ASN E 211 -17.83 54.51 -8.07
CA ASN E 211 -16.74 54.68 -9.04
C ASN E 211 -15.86 53.44 -9.12
N VAL E 212 -16.29 52.45 -9.90
CA VAL E 212 -15.56 51.18 -10.04
C VAL E 212 -15.56 50.73 -11.49
N GLN E 213 -14.84 49.64 -11.77
CA GLN E 213 -14.83 49.08 -13.12
C GLN E 213 -15.22 47.60 -13.12
N ILE E 214 -16.51 47.36 -13.38
CA ILE E 214 -17.07 46.02 -13.44
C ILE E 214 -16.56 45.19 -14.62
N SER E 215 -16.03 43.99 -14.33
CA SER E 215 -15.53 43.10 -15.38
C SER E 215 -16.58 42.86 -16.46
N SER E 216 -17.63 42.14 -16.09
CA SER E 216 -18.69 41.76 -17.01
C SER E 216 -18.14 40.75 -18.02
N GLY E 217 -18.17 39.48 -17.65
CA GLY E 217 -17.57 38.44 -18.47
C GLY E 217 -18.07 38.43 -19.91
N GLN E 218 -17.51 37.55 -20.73
CA GLN E 218 -17.86 37.49 -22.14
C GLN E 218 -19.30 37.01 -22.33
N LEU E 219 -19.79 37.12 -23.56
CA LEU E 219 -21.12 36.67 -23.92
C LEU E 219 -21.03 35.46 -24.84
N GLY E 220 -20.90 34.28 -24.25
CA GLY E 220 -20.80 33.05 -25.04
C GLY E 220 -19.58 32.23 -24.69
N GLY E 221 -19.13 32.34 -23.43
CA GLY E 221 -17.88 31.72 -23.01
C GLY E 221 -17.91 30.20 -22.97
N LEU E 222 -16.72 29.59 -22.91
CA LEU E 222 -16.57 28.15 -22.85
C LEU E 222 -16.59 27.67 -21.39
N PRO E 223 -17.37 26.62 -21.11
CA PRO E 223 -18.20 25.88 -22.05
C PRO E 223 -19.49 26.63 -22.40
N ALA E 224 -19.79 26.68 -23.69
CA ALA E 224 -20.97 27.34 -24.19
C ALA E 224 -21.96 26.29 -24.69
N VAL E 225 -23.22 26.68 -24.85
CA VAL E 225 -24.25 25.79 -25.37
C VAL E 225 -23.88 25.34 -26.79
N LYS E 226 -24.01 24.05 -27.08
CA LYS E 226 -23.66 23.56 -28.41
C LYS E 226 -24.33 24.39 -29.50
N GLY E 227 -23.51 25.13 -30.26
CA GLY E 227 -24.01 25.98 -31.33
C GLY E 227 -23.45 27.40 -31.21
N GLN E 228 -24.21 28.27 -30.55
CA GLN E 228 -23.83 29.67 -30.38
C GLN E 228 -23.42 30.33 -31.70
N GLN E 229 -22.17 30.11 -32.11
CA GLN E 229 -21.64 30.66 -33.36
C GLN E 229 -21.34 32.17 -33.31
N LEU E 230 -21.69 32.84 -32.22
CA LEU E 230 -21.36 34.26 -32.04
C LEU E 230 -20.70 34.53 -30.68
N ASN E 231 -19.36 34.57 -30.66
CA ASN E 231 -18.58 34.93 -29.48
C ASN E 231 -18.31 36.43 -29.44
N ALA E 232 -18.57 37.04 -28.29
CA ALA E 232 -18.37 38.49 -28.13
C ALA E 232 -18.29 38.82 -26.67
N THR E 233 -17.45 39.81 -26.34
CA THR E 233 -17.23 40.18 -24.97
C THR E 233 -18.11 41.38 -24.66
N ILE E 234 -18.59 41.46 -23.42
CA ILE E 234 -19.43 42.58 -23.01
C ILE E 234 -18.62 43.47 -22.10
N ILE E 235 -18.66 44.76 -22.38
CA ILE E 235 -17.92 45.74 -21.58
C ILE E 235 -18.90 46.51 -20.71
N GLY E 236 -18.65 46.52 -19.41
CA GLY E 236 -19.48 47.28 -18.48
C GLY E 236 -19.15 48.75 -18.56
N LYS E 237 -19.57 49.53 -17.56
CA LYS E 237 -19.27 50.95 -17.55
C LYS E 237 -17.89 51.21 -16.93
N THR E 238 -17.15 52.14 -17.53
CA THR E 238 -15.80 52.45 -17.08
C THR E 238 -15.82 53.09 -15.68
N ARG E 239 -15.32 54.32 -15.58
CA ARG E 239 -15.29 55.05 -14.31
C ARG E 239 -15.37 56.55 -14.57
N LEU E 240 -15.49 57.31 -13.49
CA LEU E 240 -15.58 58.77 -13.61
C LEU E 240 -14.32 59.34 -14.25
N GLN E 241 -14.45 60.56 -14.75
CA GLN E 241 -13.36 61.25 -15.46
C GLN E 241 -13.34 62.74 -15.16
N THR E 242 -14.51 63.30 -14.87
CA THR E 242 -14.63 64.72 -14.68
C THR E 242 -15.33 65.04 -13.38
N ALA E 243 -15.29 66.32 -13.03
CA ALA E 243 -15.92 66.80 -11.82
C ALA E 243 -17.44 66.68 -11.89
N GLU E 244 -17.99 66.81 -13.09
CA GLU E 244 -19.43 66.69 -13.28
C GLU E 244 -19.88 65.37 -12.68
N GLN E 245 -19.40 64.28 -13.26
CA GLN E 245 -19.72 62.93 -12.82
C GLN E 245 -19.43 62.74 -11.34
N PHE E 246 -18.38 63.39 -10.84
CA PHE E 246 -18.03 63.29 -9.44
C PHE E 246 -19.07 63.97 -8.56
N GLU E 247 -19.24 65.27 -8.76
CA GLU E 247 -20.20 66.05 -8.00
C GLU E 247 -21.61 65.49 -8.16
N ASN E 248 -21.82 64.73 -9.23
CA ASN E 248 -23.13 64.18 -9.57
C ASN E 248 -23.54 62.97 -8.70
N ILE E 249 -22.58 62.14 -8.31
CA ILE E 249 -22.90 60.95 -7.53
C ILE E 249 -23.72 61.33 -6.29
N LEU E 250 -24.74 60.52 -5.99
CA LEU E 250 -25.66 60.81 -4.90
C LEU E 250 -25.21 60.16 -3.58
N LEU E 251 -25.34 60.90 -2.48
CA LEU E 251 -24.92 60.41 -1.15
C LEU E 251 -26.09 59.97 -0.28
N LYS E 252 -27.19 60.73 -0.31
CA LYS E 252 -28.40 60.35 0.43
C LYS E 252 -29.68 60.82 -0.26
N VAL E 253 -30.76 60.10 0.01
CA VAL E 253 -32.09 60.45 -0.48
C VAL E 253 -33.01 60.67 0.72
N ASN E 254 -33.34 61.93 1.00
CA ASN E 254 -34.21 62.29 2.12
C ASN E 254 -35.59 61.64 2.03
N PRO E 255 -36.24 61.37 3.18
CA PRO E 255 -37.58 60.77 3.19
C PRO E 255 -38.58 61.41 2.22
N ASP E 256 -38.44 62.72 1.98
CA ASP E 256 -39.35 63.43 1.07
C ASP E 256 -38.88 63.42 -0.39
N GLY E 257 -37.82 62.69 -0.69
CA GLY E 257 -37.36 62.54 -2.06
C GLY E 257 -36.05 63.25 -2.35
N SER E 258 -36.04 64.57 -2.18
CA SER E 258 -34.84 65.38 -2.38
C SER E 258 -33.56 64.59 -2.17
N GLN E 259 -32.67 64.64 -3.16
CA GLN E 259 -31.40 63.92 -3.10
C GLN E 259 -30.23 64.88 -2.91
N VAL E 260 -29.45 64.63 -1.85
CA VAL E 260 -28.28 65.44 -1.53
C VAL E 260 -27.07 65.02 -2.37
N ARG E 261 -26.65 65.89 -3.28
CA ARG E 261 -25.53 65.59 -4.18
C ARG E 261 -24.18 65.94 -3.55
N LEU E 262 -23.13 65.26 -4.02
CA LEU E 262 -21.76 65.52 -3.57
C LEU E 262 -21.42 66.98 -3.81
N LYS E 263 -21.99 67.54 -4.88
CA LYS E 263 -21.81 68.97 -5.19
C LYS E 263 -22.32 69.80 -4.03
N ASP E 264 -23.45 69.39 -3.48
CA ASP E 264 -24.08 70.06 -2.35
C ASP E 264 -23.24 69.81 -1.10
N VAL E 265 -22.45 68.74 -1.15
CA VAL E 265 -21.58 68.35 -0.04
C VAL E 265 -20.28 69.15 0.00
N ALA E 266 -19.53 69.14 -1.09
CA ALA E 266 -18.21 69.76 -1.10
C ALA E 266 -17.80 70.29 -2.49
N ASP E 267 -16.61 70.92 -2.52
CA ASP E 267 -16.04 71.43 -3.76
C ASP E 267 -15.26 70.33 -4.47
N VAL E 268 -15.15 70.44 -5.79
CA VAL E 268 -14.53 69.39 -6.59
C VAL E 268 -13.73 69.93 -7.77
N GLY E 269 -12.64 69.24 -8.11
CA GLY E 269 -11.84 69.65 -9.24
C GLY E 269 -10.43 69.14 -9.29
N LEU E 270 -9.88 69.11 -10.51
CA LEU E 270 -8.50 68.71 -10.74
C LEU E 270 -7.56 69.62 -9.98
N GLY E 271 -6.94 69.11 -8.93
CA GLY E 271 -6.01 69.88 -8.14
C GLY E 271 -4.69 69.16 -8.05
N GLY E 272 -3.92 69.47 -7.01
CA GLY E 272 -2.64 68.81 -6.81
C GLY E 272 -2.82 67.59 -5.94
N GLN E 273 -1.92 66.63 -6.08
CA GLN E 273 -1.97 65.43 -5.25
C GLN E 273 -1.32 65.73 -3.90
N ASP E 274 -0.06 66.15 -3.96
CA ASP E 274 0.68 66.53 -2.79
C ASP E 274 1.08 67.98 -2.94
N TYR E 275 0.70 68.80 -1.95
CA TYR E 275 0.89 70.23 -2.01
C TYR E 275 2.07 70.67 -1.17
N SER E 276 2.66 69.72 -0.43
CA SER E 276 3.75 70.00 0.53
C SER E 276 4.78 71.01 0.04
N ILE E 277 5.16 70.94 -1.23
CA ILE E 277 6.16 71.87 -1.75
C ILE E 277 5.63 72.70 -2.90
N ASN E 278 6.07 73.96 -2.93
CA ASN E 278 5.75 74.88 -4.02
C ASN E 278 7.05 75.51 -4.55
N ALA E 279 7.24 75.46 -5.86
CA ALA E 279 8.45 75.99 -6.49
C ALA E 279 8.09 77.22 -7.27
N GLN E 280 9.07 78.09 -7.49
CA GLN E 280 8.84 79.33 -8.23
C GLN E 280 10.09 79.78 -8.96
N PHE E 281 9.95 80.00 -10.25
CA PHE E 281 11.02 80.52 -11.07
C PHE E 281 10.77 82.00 -11.23
N ASN E 282 11.74 82.81 -10.82
CA ASN E 282 11.60 84.27 -10.86
C ASN E 282 10.16 84.65 -10.58
N GLY E 283 9.62 84.15 -9.48
CA GLY E 283 8.28 84.50 -9.05
C GLY E 283 7.19 83.59 -9.58
N SER E 284 6.90 83.68 -10.88
CA SER E 284 5.87 82.86 -11.49
C SER E 284 5.95 81.43 -10.97
N PRO E 285 4.78 80.78 -10.77
CA PRO E 285 4.74 79.40 -10.30
C PRO E 285 5.40 78.44 -11.31
N ALA E 286 6.23 77.50 -10.83
CA ALA E 286 6.95 76.62 -11.75
C ALA E 286 7.03 75.13 -11.36
N SER E 287 7.52 74.34 -12.30
CA SER E 287 7.74 72.91 -12.14
C SER E 287 8.92 72.53 -13.03
N GLY E 288 9.21 71.24 -13.19
CA GLY E 288 10.34 70.89 -14.04
C GLY E 288 10.73 69.42 -14.15
N ILE E 289 11.98 69.20 -14.54
CA ILE E 289 12.48 67.87 -14.78
C ILE E 289 13.99 67.83 -14.55
N ALA E 290 14.42 66.96 -13.64
CA ALA E 290 15.83 66.80 -13.31
C ALA E 290 16.31 65.58 -14.04
N ILE E 291 17.25 65.75 -14.96
CA ILE E 291 17.64 64.67 -15.87
C ILE E 291 19.05 64.11 -15.64
N LYS E 292 19.15 62.79 -15.73
CA LYS E 292 20.41 62.10 -15.62
C LYS E 292 20.72 61.51 -16.97
N LEU E 293 22.01 61.22 -17.17
CA LEU E 293 22.54 60.80 -18.45
C LEU E 293 22.48 59.30 -18.47
N ALA E 294 22.11 58.73 -19.60
CA ALA E 294 22.07 57.28 -19.73
C ALA E 294 23.50 56.74 -19.79
N THR E 295 23.81 55.80 -18.91
CA THR E 295 25.17 55.29 -18.85
C THR E 295 25.60 55.03 -20.29
N GLY E 296 26.84 55.39 -20.63
CA GLY E 296 27.43 55.14 -21.94
C GLY E 296 27.09 56.18 -23.03
N ALA E 297 26.60 57.34 -22.63
CA ALA E 297 26.10 58.33 -23.58
C ALA E 297 27.02 59.53 -23.73
N ASN E 298 26.67 60.41 -24.66
CA ASN E 298 27.40 61.67 -24.89
C ASN E 298 26.68 62.89 -24.28
N ALA E 299 27.21 63.40 -23.18
CA ALA E 299 26.58 64.52 -22.49
C ALA E 299 26.27 65.67 -23.46
N LEU E 300 27.23 66.02 -24.31
CA LEU E 300 27.06 67.13 -25.26
C LEU E 300 25.93 66.87 -26.24
N ASP E 301 25.93 65.68 -26.83
CA ASP E 301 24.87 65.26 -27.73
C ASP E 301 23.49 65.32 -27.03
N THR E 302 23.32 64.52 -25.97
CA THR E 302 22.04 64.44 -25.25
C THR E 302 21.56 65.82 -24.78
N ALA E 303 22.49 66.73 -24.51
CA ALA E 303 22.04 68.06 -24.13
C ALA E 303 21.43 68.75 -25.34
N LYS E 304 22.09 68.58 -26.50
CA LYS E 304 21.57 69.16 -27.72
C LYS E 304 20.24 68.50 -28.01
N ALA E 305 20.22 67.19 -27.77
CA ALA E 305 19.08 66.34 -28.09
C ALA E 305 17.87 66.69 -27.24
N ILE E 306 18.10 66.75 -25.94
CA ILE E 306 17.06 67.15 -25.06
C ILE E 306 16.47 68.45 -25.59
N ARG E 307 17.34 69.41 -25.92
CA ARG E 307 16.93 70.74 -26.37
C ARG E 307 16.11 70.73 -27.68
N GLN E 308 16.40 69.77 -28.56
CA GLN E 308 15.64 69.65 -29.78
C GLN E 308 14.23 69.20 -29.44
N THR E 309 14.16 68.18 -28.59
CA THR E 309 12.91 67.59 -28.15
C THR E 309 11.95 68.63 -27.56
N ILE E 310 12.47 69.52 -26.72
CA ILE E 310 11.63 70.51 -26.08
C ILE E 310 11.36 71.67 -27.05
N ALA E 311 12.22 71.81 -28.05
CA ALA E 311 12.03 72.81 -29.11
C ALA E 311 10.85 72.44 -30.00
N ASN E 312 10.49 71.16 -30.00
CA ASN E 312 9.39 70.71 -30.81
C ASN E 312 8.07 70.62 -30.03
N LEU E 313 7.97 71.38 -28.95
CA LEU E 313 6.76 71.40 -28.13
C LEU E 313 6.42 72.83 -27.74
N GLU E 314 7.45 73.63 -27.55
CA GLU E 314 7.28 75.02 -27.15
C GLU E 314 6.20 75.72 -27.98
N PRO E 315 6.24 75.58 -29.31
CA PRO E 315 5.18 76.21 -30.13
C PRO E 315 3.75 75.80 -29.78
N PHE E 316 3.53 74.54 -29.37
CA PHE E 316 2.17 74.07 -29.04
C PHE E 316 1.79 74.22 -27.58
N MET E 317 2.76 74.46 -26.72
CA MET E 317 2.46 74.54 -25.31
C MET E 317 1.45 75.67 -25.08
N PRO E 318 0.76 75.67 -23.92
CA PRO E 318 -0.18 76.73 -23.56
C PRO E 318 0.41 78.14 -23.63
N GLN E 319 -0.45 79.12 -23.83
CA GLN E 319 0.00 80.50 -23.91
C GLN E 319 0.43 80.92 -22.51
N GLY E 320 1.62 81.50 -22.42
CA GLY E 320 2.18 81.95 -21.16
C GLY E 320 3.13 80.93 -20.56
N MET E 321 3.34 79.82 -21.26
CA MET E 321 4.25 78.79 -20.79
C MET E 321 5.58 78.85 -21.54
N LYS E 322 6.65 78.90 -20.76
CA LYS E 322 8.00 78.94 -21.30
C LYS E 322 8.88 77.94 -20.55
N VAL E 323 9.78 77.29 -21.28
CA VAL E 323 10.70 76.34 -20.68
C VAL E 323 12.06 77.01 -20.55
N VAL E 324 12.65 76.89 -19.38
CA VAL E 324 13.91 77.55 -19.10
C VAL E 324 14.93 76.57 -18.50
N TYR E 325 16.22 76.78 -18.83
CA TYR E 325 17.28 75.86 -18.40
C TYR E 325 18.20 76.49 -17.36
N PRO E 326 17.76 76.55 -16.11
CA PRO E 326 18.59 77.12 -15.05
C PRO E 326 19.89 76.37 -14.78
N TYR E 327 19.87 75.04 -14.85
CA TYR E 327 21.06 74.24 -14.57
C TYR E 327 21.41 73.28 -15.69
N ASP E 328 22.60 73.46 -16.26
CA ASP E 328 23.14 72.56 -17.30
C ASP E 328 24.62 72.42 -17.03
N THR E 329 25.19 71.26 -17.32
CA THR E 329 26.63 71.05 -17.09
C THR E 329 27.42 71.05 -18.38
N THR E 330 26.72 71.10 -19.50
CA THR E 330 27.38 71.03 -20.79
C THR E 330 28.40 72.14 -21.00
N PRO E 331 28.08 73.38 -20.58
CA PRO E 331 29.07 74.43 -20.79
C PRO E 331 30.43 74.02 -20.23
N VAL E 332 30.43 73.55 -18.98
CA VAL E 332 31.63 73.06 -18.30
C VAL E 332 32.27 71.91 -19.04
N VAL E 333 31.54 70.82 -19.16
CA VAL E 333 32.05 69.64 -19.83
C VAL E 333 32.55 70.08 -21.20
N SER E 334 31.76 70.88 -21.91
CA SER E 334 32.13 71.33 -23.25
C SER E 334 33.43 72.13 -23.22
N ALA E 335 33.59 72.98 -22.23
CA ALA E 335 34.81 73.78 -22.11
C ALA E 335 36.01 72.89 -21.82
N SER E 336 35.87 71.97 -20.87
CA SER E 336 36.96 71.07 -20.50
C SER E 336 37.56 70.43 -21.74
N ILE E 337 36.71 69.82 -22.57
CA ILE E 337 37.14 69.23 -23.83
C ILE E 337 37.82 70.26 -24.72
N HIS E 338 37.28 71.49 -24.71
CA HIS E 338 37.89 72.58 -25.47
C HIS E 338 39.26 72.88 -24.88
N GLU E 339 39.34 73.00 -23.57
CA GLU E 339 40.59 73.29 -22.87
C GLU E 339 41.50 72.07 -22.80
N VAL E 340 41.54 71.28 -23.88
CA VAL E 340 42.36 70.06 -23.90
C VAL E 340 42.82 69.80 -25.32
N VAL E 341 41.88 69.69 -26.24
CA VAL E 341 42.22 69.59 -27.67
C VAL E 341 43.01 70.83 -28.12
N LYS E 342 42.81 71.93 -27.38
CA LYS E 342 43.53 73.18 -27.58
C LYS E 342 44.96 73.06 -27.04
N THR E 343 45.06 72.74 -25.75
CA THR E 343 46.36 72.58 -25.11
C THR E 343 47.16 71.48 -25.78
N LEU E 344 46.47 70.40 -26.16
CA LEU E 344 47.13 69.31 -26.86
C LEU E 344 47.72 69.81 -28.18
N GLY E 345 46.98 70.68 -28.86
CA GLY E 345 47.43 71.21 -30.14
C GLY E 345 48.60 72.17 -29.96
N GLU E 346 48.45 73.12 -29.04
CA GLU E 346 49.53 74.03 -28.71
C GLU E 346 50.82 73.28 -28.42
N ALA E 347 50.75 72.38 -27.45
CA ALA E 347 51.88 71.55 -27.07
C ALA E 347 52.70 71.13 -28.29
N ILE E 348 52.07 70.40 -29.21
CA ILE E 348 52.82 69.86 -30.35
C ILE E 348 53.47 70.98 -31.14
N LEU E 349 52.77 72.11 -31.20
CA LEU E 349 53.25 73.29 -31.89
C LEU E 349 54.51 73.83 -31.21
N LEU E 350 54.36 74.18 -29.94
CA LEU E 350 55.52 74.64 -29.20
C LEU E 350 56.67 73.62 -29.30
N VAL E 351 56.34 72.34 -29.32
CA VAL E 351 57.37 71.34 -29.51
C VAL E 351 57.98 71.61 -30.87
N PHE E 352 57.12 71.80 -31.85
CA PHE E 352 57.56 72.14 -33.20
C PHE E 352 58.56 73.31 -33.22
N LEU E 353 58.24 74.35 -32.44
CA LEU E 353 59.06 75.55 -32.34
C LEU E 353 60.39 75.28 -31.63
N VAL E 354 60.36 75.04 -30.31
CA VAL E 354 61.60 74.84 -29.54
C VAL E 354 62.46 73.83 -30.23
N MET E 355 61.84 73.06 -31.13
CA MET E 355 62.53 71.98 -31.80
C MET E 355 63.17 72.55 -33.04
N TYR E 356 62.68 73.72 -33.47
CA TYR E 356 63.22 74.41 -34.62
C TYR E 356 64.36 75.31 -34.16
N LEU E 357 64.07 76.13 -33.18
CA LEU E 357 65.08 76.94 -32.51
C LEU E 357 66.41 76.20 -32.34
N PHE E 358 66.37 75.08 -31.65
CA PHE E 358 67.60 74.35 -31.30
C PHE E 358 68.17 73.49 -32.42
N LEU E 359 67.36 72.60 -33.01
CA LEU E 359 67.86 71.69 -34.05
C LEU E 359 67.82 72.29 -35.44
N GLN E 360 67.19 73.46 -35.55
CA GLN E 360 67.17 74.26 -36.79
C GLN E 360 67.05 73.38 -38.05
N ASN E 361 66.02 72.54 -38.03
CA ASN E 361 65.75 71.61 -39.11
C ASN E 361 64.23 71.32 -39.15
N PHE E 362 63.70 70.88 -40.29
CA PHE E 362 62.26 70.62 -40.42
C PHE E 362 61.95 69.15 -40.33
N ARG E 363 62.76 68.33 -40.98
CA ARG E 363 62.62 66.89 -40.92
C ARG E 363 62.55 66.39 -39.45
N ALA E 364 63.44 66.86 -38.59
CA ALA E 364 63.44 66.39 -37.21
C ALA E 364 62.19 66.90 -36.55
N THR E 365 61.71 68.02 -37.07
CA THR E 365 60.49 68.68 -36.60
C THR E 365 59.21 67.86 -36.81
N LEU E 366 59.18 67.05 -37.86
CA LEU E 366 57.99 66.25 -38.21
C LEU E 366 57.81 65.02 -37.30
N ILE E 367 58.88 64.61 -36.64
CA ILE E 367 58.88 63.42 -35.80
C ILE E 367 57.97 63.50 -34.54
N PRO E 368 58.16 64.48 -33.65
CA PRO E 368 57.29 64.55 -32.49
C PRO E 368 55.88 65.03 -32.85
N THR E 369 55.78 65.63 -34.02
CA THR E 369 54.49 66.05 -34.56
C THR E 369 53.67 64.81 -34.94
N ILE E 370 54.39 63.74 -35.26
CA ILE E 370 53.82 62.44 -35.59
C ILE E 370 53.63 61.49 -34.39
N ALA E 371 54.67 61.34 -33.58
CA ALA E 371 54.68 60.41 -32.43
C ALA E 371 53.64 60.80 -31.41
N VAL E 372 53.65 62.06 -30.95
CA VAL E 372 52.79 62.46 -29.86
C VAL E 372 51.31 62.24 -30.18
N PRO E 373 50.86 62.64 -31.38
CA PRO E 373 49.45 62.37 -31.72
C PRO E 373 49.14 60.88 -31.75
N VAL E 374 50.01 60.07 -32.36
CA VAL E 374 49.81 58.63 -32.32
C VAL E 374 49.54 58.21 -30.89
N VAL E 375 50.53 58.44 -30.04
CA VAL E 375 50.46 58.06 -28.63
C VAL E 375 49.17 58.51 -27.97
N LEU E 376 48.68 59.69 -28.35
CA LEU E 376 47.42 60.18 -27.79
C LEU E 376 46.21 59.39 -28.33
N LEU E 377 46.19 59.12 -29.62
CA LEU E 377 45.08 58.35 -30.17
C LEU E 377 45.00 56.99 -29.48
N GLY E 378 46.12 56.31 -29.41
CA GLY E 378 46.17 54.98 -28.81
C GLY E 378 45.78 55.00 -27.34
N THR E 379 45.96 56.14 -26.69
CA THR E 379 45.60 56.23 -25.30
C THR E 379 44.09 56.28 -25.13
N PHE E 380 43.35 56.80 -26.13
CA PHE E 380 41.87 56.75 -26.04
C PHE E 380 41.43 55.30 -26.22
N GLY E 381 42.23 54.53 -26.97
CA GLY E 381 41.98 53.12 -27.08
C GLY E 381 42.14 52.40 -25.74
N VAL E 382 43.28 52.57 -25.08
CA VAL E 382 43.54 51.83 -23.87
C VAL E 382 42.43 52.11 -22.86
N LEU E 383 42.02 53.37 -22.76
CA LEU E 383 40.90 53.73 -21.86
C LEU E 383 39.62 52.99 -22.27
N ALA E 384 39.42 52.80 -23.57
CA ALA E 384 38.27 52.08 -24.05
C ALA E 384 38.38 50.69 -23.50
N ALA E 385 39.45 50.02 -23.85
CA ALA E 385 39.69 48.65 -23.39
C ALA E 385 39.51 48.55 -21.88
N PHE E 386 40.06 49.51 -21.15
CA PHE E 386 39.98 49.44 -19.70
C PHE E 386 38.59 49.64 -19.16
N GLY E 387 37.72 50.28 -19.95
CA GLY E 387 36.34 50.56 -19.55
C GLY E 387 36.11 51.95 -18.99
N PHE E 388 37.03 52.88 -19.25
CA PHE E 388 36.87 54.25 -18.74
C PHE E 388 36.08 55.08 -19.77
N SER E 389 35.89 56.35 -19.47
CA SER E 389 35.22 57.27 -20.36
C SER E 389 35.90 58.65 -20.41
N ILE E 390 35.42 59.52 -21.32
CA ILE E 390 36.01 60.84 -21.48
C ILE E 390 35.28 61.70 -20.48
N ASN E 391 36.05 62.35 -19.61
CA ASN E 391 35.45 63.16 -18.56
C ASN E 391 36.45 64.17 -18.01
N THR E 392 35.97 65.09 -17.19
CA THR E 392 36.80 66.14 -16.65
C THR E 392 38.15 65.63 -16.15
N LEU E 393 38.18 64.45 -15.53
CA LEU E 393 39.42 63.92 -14.95
C LEU E 393 40.36 63.22 -15.95
N THR E 394 39.84 62.30 -16.75
CA THR E 394 40.72 61.57 -17.68
C THR E 394 41.25 62.49 -18.78
N MET E 395 40.66 63.66 -18.94
CA MET E 395 41.14 64.59 -19.94
C MET E 395 42.27 65.45 -19.39
N PHE E 396 42.10 65.96 -18.17
CA PHE E 396 43.19 66.65 -17.53
C PHE E 396 44.32 65.64 -17.32
N GLY E 397 43.95 64.37 -17.33
CA GLY E 397 44.92 63.30 -17.26
C GLY E 397 45.78 63.33 -18.49
N MET E 398 45.16 63.64 -19.64
CA MET E 398 45.84 63.73 -20.95
C MET E 398 46.76 64.96 -20.97
N VAL E 399 46.28 66.04 -20.37
CA VAL E 399 47.03 67.26 -20.30
C VAL E 399 48.32 67.12 -19.50
N LEU E 400 48.22 66.58 -18.29
CA LEU E 400 49.43 66.34 -17.48
C LEU E 400 50.39 65.43 -18.25
N ALA E 401 49.83 64.38 -18.87
CA ALA E 401 50.60 63.38 -19.60
C ALA E 401 51.35 63.93 -20.81
N ILE E 402 51.01 65.14 -21.22
CA ILE E 402 51.61 65.76 -22.39
C ILE E 402 53.13 65.91 -22.23
N GLY E 403 53.55 66.61 -21.20
CA GLY E 403 54.98 66.85 -20.97
C GLY E 403 55.82 65.58 -21.07
N LEU E 404 55.23 64.45 -20.69
CA LEU E 404 55.90 63.17 -20.76
C LEU E 404 55.91 62.62 -22.19
N LEU E 405 54.89 62.92 -22.98
CA LEU E 405 54.87 62.46 -24.38
C LEU E 405 55.76 63.38 -25.22
N VAL E 406 55.69 64.66 -24.95
CA VAL E 406 56.57 65.58 -25.61
C VAL E 406 58.01 65.11 -25.41
N ASP E 407 58.39 64.99 -24.14
CA ASP E 407 59.72 64.55 -23.73
C ASP E 407 60.23 63.29 -24.39
N ASP E 408 59.43 62.24 -24.37
CA ASP E 408 59.86 61.02 -25.03
C ASP E 408 60.24 61.31 -26.46
N ALA E 409 59.43 62.13 -27.12
CA ALA E 409 59.70 62.51 -28.50
C ALA E 409 61.07 63.20 -28.59
N ILE E 410 61.22 64.29 -27.85
CA ILE E 410 62.44 65.07 -27.86
C ILE E 410 63.73 64.27 -27.60
N VAL E 411 63.78 63.43 -26.53
CA VAL E 411 65.05 62.79 -26.21
C VAL E 411 65.47 61.85 -27.34
N VAL E 412 64.53 61.16 -27.93
CA VAL E 412 64.90 60.23 -28.98
C VAL E 412 65.43 60.96 -30.22
N VAL E 413 64.94 62.16 -30.50
CA VAL E 413 65.31 62.77 -31.74
C VAL E 413 66.58 63.59 -31.51
N GLU E 414 66.56 64.36 -30.42
CA GLU E 414 67.71 65.16 -30.09
C GLU E 414 68.95 64.27 -29.96
N ASN E 415 68.80 63.16 -29.28
CA ASN E 415 69.96 62.34 -29.03
C ASN E 415 70.48 61.73 -30.31
N VAL E 416 69.61 61.51 -31.27
CA VAL E 416 70.05 60.99 -32.57
C VAL E 416 70.76 62.09 -33.36
N GLU E 417 70.31 63.31 -33.09
CA GLU E 417 70.71 64.49 -33.74
C GLU E 417 72.09 64.89 -33.22
N ARG E 418 72.38 64.54 -31.97
CA ARG E 418 73.67 64.83 -31.36
C ARG E 418 74.73 63.81 -31.72
N VAL E 419 74.40 62.52 -31.61
CA VAL E 419 75.35 61.46 -31.95
C VAL E 419 75.95 61.66 -33.34
N MET E 420 75.10 61.96 -34.33
CA MET E 420 75.58 62.18 -35.69
C MET E 420 76.31 63.53 -35.85
N ALA E 421 75.92 64.52 -35.04
CA ALA E 421 76.58 65.82 -35.07
C ALA E 421 77.99 65.82 -34.44
N GLU E 422 78.22 64.94 -33.47
CA GLU E 422 79.51 64.86 -32.78
C GLU E 422 80.41 63.76 -33.33
N GLU E 423 79.85 62.79 -34.04
CA GLU E 423 80.65 61.68 -34.52
C GLU E 423 80.47 61.38 -36.00
N GLY E 424 79.69 62.23 -36.68
CA GLY E 424 79.42 62.07 -38.13
C GLY E 424 78.85 60.74 -38.58
N LEU E 425 78.08 60.10 -37.71
CA LEU E 425 77.47 58.81 -38.02
C LEU E 425 76.28 59.13 -38.84
N SER E 426 75.96 58.30 -39.82
CA SER E 426 74.74 58.51 -40.60
C SER E 426 73.48 58.54 -39.72
N PRO E 427 72.33 58.85 -40.31
CA PRO E 427 71.02 58.77 -39.63
C PRO E 427 70.76 57.42 -38.99
N ARG E 428 70.90 56.38 -39.80
CA ARG E 428 70.62 55.02 -39.38
C ARG E 428 71.58 54.53 -38.28
N GLU E 429 72.88 54.53 -38.58
CA GLU E 429 73.91 54.07 -37.62
C GLU E 429 73.78 54.84 -36.31
N ALA E 430 73.52 56.13 -36.42
CA ALA E 430 73.29 56.92 -35.27
C ALA E 430 71.94 56.60 -34.62
N ALA E 431 70.98 56.07 -35.38
CA ALA E 431 69.65 55.82 -34.78
C ALA E 431 69.82 54.67 -33.82
N ARG E 432 70.44 53.60 -34.32
CA ARG E 432 70.72 52.46 -33.48
C ARG E 432 71.65 52.89 -32.38
N LYS E 433 72.86 53.30 -32.77
CA LYS E 433 73.83 53.83 -31.83
C LYS E 433 73.14 54.46 -30.65
N SER E 434 72.23 55.38 -30.95
CA SER E 434 71.52 56.15 -29.95
C SER E 434 70.61 55.27 -29.08
N MET E 435 69.93 54.32 -29.72
CA MET E 435 68.98 53.50 -29.00
C MET E 435 69.70 52.51 -28.10
N GLY E 436 70.97 52.26 -28.40
CA GLY E 436 71.80 51.43 -27.56
C GLY E 436 72.07 52.05 -26.20
N GLN E 437 71.97 53.36 -26.12
CA GLN E 437 72.31 54.13 -24.93
C GLN E 437 71.13 54.31 -23.99
N ILE E 438 70.01 54.77 -24.55
CA ILE E 438 68.82 55.10 -23.78
C ILE E 438 67.80 53.95 -23.69
N GLN E 439 67.98 52.95 -24.55
CA GLN E 439 67.02 51.85 -24.74
C GLN E 439 66.49 51.25 -23.44
N GLY E 440 67.41 50.70 -22.63
CA GLY E 440 67.09 50.08 -21.33
C GLY E 440 66.68 51.09 -20.30
N ALA E 441 67.18 52.31 -20.39
CA ALA E 441 66.78 53.32 -19.42
C ALA E 441 65.32 53.70 -19.62
N LEU E 442 64.89 53.75 -20.89
CA LEU E 442 63.49 54.02 -21.26
C LEU E 442 62.57 52.93 -20.67
N VAL E 443 62.95 51.68 -20.87
CA VAL E 443 62.25 50.58 -20.23
C VAL E 443 62.29 50.76 -18.71
N GLY E 444 63.39 51.30 -18.20
CA GLY E 444 63.54 51.51 -16.76
C GLY E 444 62.64 52.61 -16.25
N ILE E 445 62.48 53.67 -17.02
CA ILE E 445 61.64 54.81 -16.59
C ILE E 445 60.17 54.41 -16.66
N ALA E 446 59.84 53.59 -17.64
CA ALA E 446 58.48 53.16 -17.83
C ALA E 446 58.04 52.53 -16.52
N MET E 447 58.86 51.59 -16.02
CA MET E 447 58.66 50.93 -14.72
C MET E 447 58.65 51.97 -13.62
N VAL E 448 59.70 52.76 -13.53
CA VAL E 448 59.79 53.73 -12.43
C VAL E 448 58.53 54.57 -12.47
N LEU E 449 58.16 55.07 -13.64
CA LEU E 449 56.97 55.93 -13.77
C LEU E 449 55.66 55.19 -13.44
N SER E 450 55.55 53.92 -13.83
CA SER E 450 54.47 53.09 -13.37
C SER E 450 54.39 53.01 -11.84
N ALA E 451 55.52 52.78 -11.15
CA ALA E 451 55.53 52.66 -9.68
C ALA E 451 55.31 53.98 -8.98
N VAL E 452 55.12 55.04 -9.77
CA VAL E 452 54.90 56.36 -9.22
C VAL E 452 53.49 56.82 -9.46
N PHE E 453 52.81 56.30 -10.49
CA PHE E 453 51.47 56.77 -10.82
C PHE E 453 50.40 55.74 -10.46
N LEU E 454 50.84 54.52 -10.16
CA LEU E 454 49.90 53.43 -9.90
C LEU E 454 49.37 53.41 -8.47
N PRO E 455 50.27 53.40 -7.47
CA PRO E 455 49.79 53.09 -6.14
C PRO E 455 48.48 53.79 -5.82
N MET E 456 48.37 55.08 -6.13
CA MET E 456 47.14 55.86 -5.87
C MET E 456 45.86 55.26 -6.49
N ALA E 457 46.01 54.40 -7.49
CA ALA E 457 44.84 53.79 -8.11
C ALA E 457 44.30 52.71 -7.21
N PHE E 458 45.08 52.36 -6.19
CA PHE E 458 44.69 51.36 -5.17
C PHE E 458 43.98 51.98 -3.96
N PHE E 459 43.74 53.30 -3.97
CA PHE E 459 43.07 53.99 -2.86
C PHE E 459 41.56 53.77 -2.93
N GLY E 460 41.04 52.92 -2.05
CA GLY E 460 39.60 52.69 -1.99
C GLY E 460 38.87 53.98 -1.77
N GLY E 461 37.56 53.94 -1.86
CA GLY E 461 36.76 55.15 -1.62
C GLY E 461 36.51 56.02 -2.84
N SER E 462 36.09 57.27 -2.56
CA SER E 462 35.80 58.29 -3.58
C SER E 462 37.00 59.15 -3.96
N THR E 463 38.09 59.03 -3.19
CA THR E 463 39.34 59.69 -3.55
C THR E 463 40.13 58.80 -4.48
N GLY E 464 39.89 57.51 -4.43
CA GLY E 464 40.55 56.56 -5.33
C GLY E 464 40.00 56.66 -6.73
N VAL E 465 38.67 56.47 -6.85
CA VAL E 465 37.95 56.58 -8.12
C VAL E 465 38.50 57.75 -8.91
N ILE E 466 38.88 58.82 -8.21
CA ILE E 466 39.42 60.01 -8.87
C ILE E 466 40.89 59.88 -9.20
N TYR E 467 41.72 59.60 -8.18
CA TYR E 467 43.14 59.42 -8.40
C TYR E 467 43.32 58.41 -9.51
N ARG E 468 42.35 57.52 -9.63
CA ARG E 468 42.47 56.40 -10.58
C ARG E 468 42.20 56.78 -12.04
N GLN E 469 41.35 57.78 -12.25
CA GLN E 469 41.07 58.28 -13.58
C GLN E 469 42.34 58.90 -14.15
N PHE E 470 43.13 59.51 -13.27
CA PHE E 470 44.40 60.13 -13.61
C PHE E 470 45.47 59.08 -13.75
N SER E 471 45.54 58.21 -12.74
CA SER E 471 46.54 57.16 -12.66
C SER E 471 46.52 56.37 -13.95
N ILE E 472 45.35 55.90 -14.35
CA ILE E 472 45.22 55.02 -15.50
C ILE E 472 45.40 55.72 -16.84
N THR E 473 44.93 56.97 -16.97
CA THR E 473 45.06 57.64 -18.25
C THR E 473 46.51 58.05 -18.45
N ILE E 474 47.21 58.21 -17.33
CA ILE E 474 48.65 58.56 -17.35
C ILE E 474 49.58 57.36 -17.56
N VAL E 475 49.46 56.29 -16.78
CA VAL E 475 50.34 55.13 -16.95
C VAL E 475 50.19 54.56 -18.37
N SER E 476 48.98 54.71 -18.91
CA SER E 476 48.65 54.27 -20.25
C SER E 476 49.29 55.16 -21.31
N ALA E 477 49.19 56.47 -21.18
CA ALA E 477 49.87 57.37 -22.12
C ALA E 477 51.38 57.10 -22.11
N MET E 478 51.96 57.17 -20.90
CA MET E 478 53.38 56.93 -20.65
C MET E 478 53.79 55.61 -21.22
N ALA E 479 53.05 54.57 -20.89
CA ALA E 479 53.45 53.24 -21.41
C ALA E 479 53.33 53.15 -22.92
N LEU E 480 52.51 54.00 -23.53
CA LEU E 480 52.34 54.00 -24.99
C LEU E 480 53.46 54.76 -25.69
N SER E 481 53.84 55.91 -25.13
CA SER E 481 55.03 56.62 -25.58
C SER E 481 56.28 55.70 -25.65
N VAL E 482 56.66 55.13 -24.50
CA VAL E 482 57.90 54.40 -24.42
C VAL E 482 57.91 53.41 -25.57
N ILE E 483 56.77 52.80 -25.82
CA ILE E 483 56.69 51.82 -26.89
C ILE E 483 56.93 52.49 -28.25
N VAL E 484 56.40 53.70 -28.43
CA VAL E 484 56.55 54.41 -29.71
C VAL E 484 57.98 54.94 -29.84
N ALA E 485 58.51 55.39 -28.70
CA ALA E 485 59.89 55.82 -28.57
C ALA E 485 60.86 54.70 -28.79
N LEU E 486 60.39 53.47 -28.74
CA LEU E 486 61.21 52.29 -28.98
C LEU E 486 60.91 51.70 -30.36
N ILE E 487 59.73 51.95 -30.89
CA ILE E 487 59.33 51.30 -32.14
C ILE E 487 59.34 52.30 -33.30
N LEU E 488 58.62 53.41 -33.10
CA LEU E 488 58.30 54.31 -34.21
C LEU E 488 59.34 55.43 -34.39
N THR E 489 59.49 56.32 -33.41
CA THR E 489 60.47 57.41 -33.51
C THR E 489 61.88 56.97 -34.00
N PRO E 490 62.52 56.01 -33.33
CA PRO E 490 63.84 55.68 -33.91
C PRO E 490 63.78 55.30 -35.41
N ALA E 491 62.61 54.88 -35.88
CA ALA E 491 62.39 54.54 -37.31
C ALA E 491 62.25 55.80 -38.12
N LEU E 492 61.62 56.80 -37.53
CA LEU E 492 61.49 58.13 -38.09
C LEU E 492 62.77 58.97 -38.04
N CYS E 493 63.48 58.92 -36.91
CA CYS E 493 64.78 59.60 -36.78
C CYS E 493 65.69 59.13 -37.90
N ALA E 494 65.90 57.81 -37.94
CA ALA E 494 66.77 57.16 -38.91
C ALA E 494 66.32 57.37 -40.36
N THR E 495 65.01 57.31 -40.59
CA THR E 495 64.43 57.25 -41.92
C THR E 495 64.27 58.63 -42.56
N MET E 496 64.12 59.68 -41.73
CA MET E 496 63.81 61.05 -42.18
C MET E 496 64.86 62.13 -41.87
N LEU E 497 65.67 61.92 -40.84
CA LEU E 497 66.70 62.90 -40.49
C LEU E 497 67.74 62.98 -41.58
N LYS E 498 68.32 64.15 -41.82
CA LYS E 498 69.47 64.28 -42.70
C LYS E 498 70.77 64.23 -41.90
N PRO E 499 71.89 63.94 -42.57
CA PRO E 499 73.18 63.89 -41.89
C PRO E 499 73.72 65.26 -41.44
N ILE E 500 74.42 65.28 -40.31
CA ILE E 500 75.16 66.45 -39.86
C ILE E 500 76.65 66.19 -40.02
N GLU E 501 77.37 67.16 -40.58
CA GLU E 501 78.84 67.10 -40.69
C GLU E 501 79.49 67.03 -39.31
N LYS E 502 80.17 65.93 -39.02
CA LYS E 502 80.88 65.79 -37.74
C LYS E 502 81.58 67.09 -37.36
N GLY E 503 81.44 67.49 -36.09
CA GLY E 503 82.04 68.71 -35.57
C GLY E 503 81.14 69.94 -35.65
N ASP E 504 80.33 70.00 -36.69
CA ASP E 504 79.42 71.15 -36.90
C ASP E 504 78.39 71.28 -35.78
N HIS E 505 78.42 72.42 -35.10
CA HIS E 505 77.48 72.71 -34.03
C HIS E 505 76.78 74.05 -34.30
N GLY E 506 76.56 74.35 -35.57
CA GLY E 506 75.86 75.59 -35.96
C GLY E 506 76.51 76.90 -35.55
N GLU E 507 77.79 76.85 -35.18
CA GLU E 507 78.55 78.00 -34.69
C GLU E 507 78.72 79.10 -35.74
N HIS E 508 78.91 78.72 -37.01
CA HIS E 508 79.12 79.70 -38.05
C HIS E 508 77.84 79.92 -38.85
N LYS E 509 76.70 79.52 -38.30
CA LYS E 509 75.43 79.62 -39.00
C LYS E 509 75.31 80.95 -39.72
N GLY E 510 75.31 82.03 -38.94
CA GLY E 510 75.15 83.39 -39.48
C GLY E 510 73.79 83.97 -39.16
N GLY E 511 73.77 85.13 -38.53
CA GLY E 511 72.52 85.76 -38.15
C GLY E 511 71.99 85.28 -36.81
N PHE E 512 70.69 84.95 -36.76
CA PHE E 512 70.03 84.58 -35.51
C PHE E 512 70.51 83.24 -34.99
N PHE E 513 70.43 82.21 -35.85
CA PHE E 513 70.94 80.90 -35.49
C PHE E 513 72.38 81.05 -35.02
N GLY E 514 73.22 81.58 -35.90
CA GLY E 514 74.62 81.83 -35.59
C GLY E 514 74.79 82.36 -34.19
N TRP E 515 74.09 83.46 -33.90
CA TRP E 515 74.11 84.00 -32.55
C TRP E 515 73.75 82.89 -31.58
N PHE E 516 72.52 82.40 -31.70
CA PHE E 516 71.95 81.44 -30.77
C PHE E 516 72.89 80.25 -30.50
N ASN E 517 73.32 79.57 -31.58
CA ASN E 517 74.22 78.43 -31.42
C ASN E 517 75.51 78.79 -30.65
N ARG E 518 75.90 80.06 -30.71
CA ARG E 518 77.06 80.53 -29.96
C ARG E 518 76.63 80.76 -28.52
N MET E 519 75.48 81.40 -28.36
CA MET E 519 74.92 81.70 -27.05
C MET E 519 74.71 80.43 -26.22
N PHE E 520 74.03 79.45 -26.79
CA PHE E 520 73.75 78.21 -26.08
C PHE E 520 75.03 77.38 -25.86
N LEU E 521 75.99 77.55 -26.75
CA LEU E 521 77.26 76.81 -26.63
C LEU E 521 78.05 77.33 -25.44
N SER E 522 78.10 78.64 -25.30
CA SER E 522 78.82 79.24 -24.19
C SER E 522 78.09 78.98 -22.90
N THR E 523 76.76 79.04 -22.95
CA THR E 523 75.92 78.75 -21.78
C THR E 523 76.19 77.35 -21.28
N THR E 524 76.31 76.40 -22.21
CA THR E 524 76.65 75.04 -21.85
C THR E 524 77.96 75.04 -21.07
N HIS E 525 79.04 75.43 -21.75
CA HIS E 525 80.40 75.44 -21.16
C HIS E 525 80.37 76.07 -19.77
N GLY E 526 79.69 77.20 -19.63
CA GLY E 526 79.52 77.80 -18.33
C GLY E 526 78.82 76.86 -17.36
N TYR E 527 77.74 76.25 -17.84
CA TYR E 527 76.99 75.32 -17.01
C TYR E 527 77.88 74.17 -16.58
N GLU E 528 78.75 73.73 -17.47
CA GLU E 528 79.70 72.68 -17.10
C GLU E 528 80.50 73.23 -15.93
N ARG E 529 81.04 74.43 -16.13
CA ARG E 529 81.83 75.09 -15.10
C ARG E 529 81.16 74.99 -13.73
N GLY E 530 79.87 75.31 -13.67
CA GLY E 530 79.13 75.30 -12.40
C GLY E 530 79.12 73.93 -11.77
N VAL E 531 78.83 72.94 -12.59
CA VAL E 531 78.80 71.57 -12.13
C VAL E 531 80.22 71.24 -11.67
N ALA E 532 81.20 71.69 -12.44
CA ALA E 532 82.61 71.48 -12.13
C ALA E 532 82.92 72.03 -10.76
N SER E 533 82.56 73.30 -10.58
CA SER E 533 82.74 73.93 -9.31
C SER E 533 82.05 73.10 -8.25
N ILE E 534 80.78 72.77 -8.49
CA ILE E 534 79.98 72.02 -7.52
C ILE E 534 80.71 70.77 -7.05
N LEU E 535 81.23 70.00 -8.00
CA LEU E 535 81.93 68.76 -7.65
C LEU E 535 83.26 69.04 -6.94
N LYS E 536 83.71 70.29 -7.00
CA LYS E 536 84.95 70.70 -6.33
C LYS E 536 84.72 71.14 -4.89
N HIS E 537 83.55 71.70 -4.61
CA HIS E 537 83.19 72.20 -3.28
C HIS E 537 81.86 71.61 -2.85
N ARG E 538 81.86 70.30 -2.63
CA ARG E 538 80.64 69.54 -2.37
C ARG E 538 79.91 69.92 -1.07
N ALA E 539 80.46 69.49 0.07
CA ALA E 539 79.86 69.70 1.40
C ALA E 539 78.86 70.86 1.52
N PRO E 540 79.26 72.09 1.14
CA PRO E 540 78.34 73.21 1.27
C PRO E 540 77.05 73.05 0.47
N TYR E 541 77.14 72.42 -0.71
CA TYR E 541 75.95 72.22 -1.54
C TYR E 541 75.09 71.07 -1.03
N LEU E 542 75.74 70.04 -0.49
CA LEU E 542 75.01 68.90 0.07
C LEU E 542 74.23 69.34 1.30
N LEU E 543 74.32 70.63 1.63
CA LEU E 543 73.60 71.19 2.75
C LEU E 543 72.55 72.16 2.26
N ILE E 544 72.91 73.00 1.30
CA ILE E 544 71.93 73.90 0.69
C ILE E 544 70.78 73.03 0.20
N TYR E 545 71.12 71.80 -0.17
CA TYR E 545 70.13 70.80 -0.49
C TYR E 545 69.33 70.57 0.77
N VAL E 546 70.00 70.04 1.79
CA VAL E 546 69.39 69.77 3.10
C VAL E 546 68.49 70.91 3.55
N VAL E 547 68.85 72.13 3.16
CA VAL E 547 68.01 73.28 3.48
C VAL E 547 66.71 73.22 2.68
N ILE E 548 66.83 73.07 1.36
CA ILE E 548 65.66 73.01 0.49
C ILE E 548 64.71 71.89 0.95
N VAL E 549 65.27 70.80 1.46
CA VAL E 549 64.44 69.70 1.94
C VAL E 549 63.68 70.09 3.20
N ALA E 550 64.40 70.60 4.19
CA ALA E 550 63.73 71.05 5.40
C ALA E 550 62.58 71.95 4.95
N GLY E 551 62.83 72.74 3.93
CA GLY E 551 61.82 73.63 3.38
C GLY E 551 60.62 72.92 2.77
N MET E 552 60.86 71.77 2.15
CA MET E 552 59.78 70.96 1.60
C MET E 552 58.81 70.62 2.72
N ILE E 553 59.35 69.96 3.74
CA ILE E 553 58.59 69.51 4.90
C ILE E 553 57.71 70.62 5.43
N TRP E 554 58.28 71.83 5.49
CA TRP E 554 57.68 73.02 6.11
C TRP E 554 56.58 73.64 5.26
N MET E 555 56.92 74.02 4.04
CA MET E 555 55.95 74.61 3.12
C MET E 555 54.65 73.81 3.07
N PHE E 556 54.75 72.50 3.29
CA PHE E 556 53.57 71.63 3.35
C PHE E 556 52.72 72.00 4.57
N THR E 557 53.35 71.95 5.73
CA THR E 557 52.68 72.22 7.00
C THR E 557 52.01 73.61 7.00
N ARG E 558 52.16 74.37 5.91
CA ARG E 558 51.56 75.69 5.82
C ARG E 558 50.48 75.78 4.75
N ILE E 559 50.75 75.23 3.57
CA ILE E 559 49.78 75.27 2.48
C ILE E 559 48.47 74.60 2.93
N PRO E 560 47.33 75.23 2.63
CA PRO E 560 46.03 74.66 3.01
C PRO E 560 45.52 73.56 2.05
N THR E 561 45.26 72.37 2.59
CA THR E 561 44.71 71.28 1.79
C THR E 561 43.22 71.47 1.54
N ALA E 562 42.68 70.65 0.64
CA ALA E 562 41.29 70.73 0.23
C ALA E 562 41.02 69.56 -0.70
N PHE E 563 39.77 69.12 -0.77
CA PHE E 563 39.41 67.96 -1.57
C PHE E 563 39.62 68.23 -3.06
N LEU E 564 38.83 69.15 -3.61
CA LEU E 564 38.91 69.51 -5.02
C LEU E 564 39.00 71.02 -5.14
N PRO E 565 39.45 71.51 -6.31
CA PRO E 565 39.60 72.94 -6.53
C PRO E 565 38.30 73.72 -6.36
N ASP E 566 38.40 74.87 -5.70
CA ASP E 566 37.24 75.75 -5.49
C ASP E 566 36.77 76.28 -6.83
N GLU E 567 35.79 75.59 -7.41
CA GLU E 567 35.32 75.89 -8.76
C GLU E 567 34.12 76.84 -8.73
N ASP E 568 33.96 77.60 -9.81
CA ASP E 568 32.88 78.56 -9.93
C ASP E 568 31.84 78.07 -10.92
N GLN E 569 30.91 77.27 -10.42
CA GLN E 569 29.78 76.77 -11.21
C GLN E 569 28.74 77.86 -11.20
N GLY E 570 28.05 78.05 -12.32
CA GLY E 570 27.04 79.11 -12.40
C GLY E 570 25.86 78.84 -11.47
N VAL E 571 26.15 78.60 -10.19
CA VAL E 571 25.11 78.26 -9.21
C VAL E 571 25.50 78.75 -7.83
N LEU E 572 24.50 79.12 -7.05
CA LEU E 572 24.67 79.57 -5.67
C LEU E 572 23.42 79.17 -4.86
N PHE E 573 23.59 78.36 -3.81
CA PHE E 573 22.45 77.93 -3.01
C PHE E 573 22.07 78.98 -1.98
N ALA E 574 20.94 78.75 -1.31
CA ALA E 574 20.45 79.67 -0.28
C ALA E 574 19.39 78.98 0.55
N GLN E 575 19.76 78.49 1.73
CA GLN E 575 18.83 77.80 2.63
C GLN E 575 18.14 78.76 3.57
N VAL E 576 16.84 78.56 3.80
CA VAL E 576 16.06 79.47 4.64
C VAL E 576 15.35 78.71 5.75
N GLN E 577 15.37 79.27 6.95
CA GLN E 577 14.82 78.62 8.14
C GLN E 577 14.05 79.61 9.00
N THR E 578 12.82 79.90 8.60
CA THR E 578 11.94 80.81 9.33
C THR E 578 11.57 80.18 10.67
N PRO E 579 10.80 80.90 11.51
CA PRO E 579 10.49 80.40 12.85
C PRO E 579 9.97 78.94 12.91
N PRO E 580 10.51 78.15 13.86
CA PRO E 580 10.00 76.84 14.23
C PRO E 580 8.50 76.82 14.48
N GLY E 581 7.75 76.97 13.40
CA GLY E 581 6.30 76.86 13.47
C GLY E 581 5.62 77.60 12.35
N SER E 582 6.43 78.22 11.48
CA SER E 582 5.99 79.20 10.48
C SER E 582 4.78 78.79 9.64
N SER E 583 4.77 79.22 8.38
CA SER E 583 3.72 78.85 7.43
C SER E 583 4.21 79.08 6.01
N ALA E 584 3.64 78.34 5.07
CA ALA E 584 4.00 78.46 3.66
C ALA E 584 4.08 79.92 3.24
N GLU E 585 2.96 80.62 3.31
CA GLU E 585 2.90 82.04 2.95
C GLU E 585 4.06 82.86 3.53
N ARG E 586 4.30 82.71 4.83
CA ARG E 586 5.34 83.48 5.52
C ARG E 586 6.69 83.22 4.88
N THR E 587 7.18 81.99 5.02
CA THR E 587 8.46 81.61 4.44
C THR E 587 8.51 81.88 2.92
N GLN E 588 7.39 81.62 2.25
CA GLN E 588 7.26 81.81 0.79
C GLN E 588 7.72 83.20 0.38
N VAL E 589 7.41 84.19 1.20
CA VAL E 589 7.80 85.55 0.90
C VAL E 589 9.12 85.91 1.58
N VAL E 590 9.38 85.28 2.73
CA VAL E 590 10.65 85.45 3.45
C VAL E 590 11.79 85.32 2.46
N VAL E 591 11.53 84.56 1.41
CA VAL E 591 12.51 84.27 0.41
C VAL E 591 12.17 84.95 -0.90
N ASP E 592 10.87 85.15 -1.12
CA ASP E 592 10.39 85.89 -2.29
C ASP E 592 11.14 87.21 -2.40
N SER E 593 11.61 87.71 -1.26
CA SER E 593 12.37 88.95 -1.20
C SER E 593 13.81 88.73 -1.64
N MET E 594 14.41 87.65 -1.12
CA MET E 594 15.75 87.27 -1.53
C MET E 594 15.77 87.28 -3.04
N ARG E 595 14.66 86.86 -3.61
CA ARG E 595 14.48 86.87 -5.05
C ARG E 595 14.54 88.28 -5.60
N GLU E 596 13.82 89.21 -4.97
CA GLU E 596 13.82 90.60 -5.43
C GLU E 596 15.20 91.22 -5.26
N TYR E 597 15.80 91.01 -4.07
CA TYR E 597 17.15 91.52 -3.81
C TYR E 597 18.12 91.08 -4.91
N LEU E 598 18.21 89.77 -5.11
CA LEU E 598 19.09 89.21 -6.14
C LEU E 598 18.72 89.73 -7.52
N LEU E 599 17.55 89.34 -8.00
CA LEU E 599 17.08 89.67 -9.34
C LEU E 599 17.19 91.16 -9.69
N GLU E 600 17.34 92.01 -8.68
CA GLU E 600 17.43 93.44 -8.94
C GLU E 600 18.84 94.00 -8.70
N LYS E 601 19.33 93.86 -7.48
CA LYS E 601 20.64 94.42 -7.08
C LYS E 601 21.86 93.66 -7.64
N GLU E 602 21.88 92.35 -7.47
CA GLU E 602 22.98 91.54 -7.98
C GLU E 602 22.71 91.16 -9.44
N SER E 603 22.20 92.11 -10.21
CA SER E 603 21.80 91.85 -11.60
C SER E 603 22.98 91.76 -12.57
N SER E 604 24.17 92.14 -12.10
CA SER E 604 25.38 92.04 -12.91
C SER E 604 25.80 90.57 -13.05
N SER E 605 25.54 89.79 -12.00
CA SER E 605 25.92 88.38 -11.98
C SER E 605 24.70 87.48 -11.98
N VAL E 606 23.96 87.45 -10.88
CA VAL E 606 22.77 86.61 -10.77
C VAL E 606 21.80 86.81 -11.92
N SER E 607 21.39 85.71 -12.54
CA SER E 607 20.48 85.74 -13.68
C SER E 607 19.02 85.53 -13.25
N SER E 608 18.82 84.80 -12.15
CA SER E 608 17.47 84.46 -11.71
C SER E 608 17.48 83.69 -10.40
N VAL E 609 16.31 83.23 -9.99
CA VAL E 609 16.19 82.38 -8.81
C VAL E 609 15.01 81.42 -8.86
N PHE E 610 15.26 80.20 -8.41
CA PHE E 610 14.27 79.14 -8.32
C PHE E 610 13.92 78.98 -6.85
N THR E 611 12.89 79.69 -6.40
CA THR E 611 12.52 79.66 -4.98
C THR E 611 11.77 78.37 -4.68
N VAL E 612 11.85 77.90 -3.43
CA VAL E 612 11.15 76.69 -3.02
C VAL E 612 10.72 76.72 -1.55
N THR E 613 9.59 76.06 -1.28
CA THR E 613 9.06 75.93 0.08
C THR E 613 8.78 74.47 0.41
N GLY E 614 8.86 74.13 1.70
CA GLY E 614 8.63 72.76 2.13
C GLY E 614 9.84 71.86 1.93
N PHE E 615 10.98 72.44 1.56
CA PHE E 615 12.17 71.65 1.25
C PHE E 615 13.46 72.47 1.26
N ASN E 616 14.39 72.07 2.11
CA ASN E 616 15.69 72.69 2.21
C ASN E 616 16.73 71.61 2.39
N PHE E 617 17.99 71.99 2.54
CA PHE E 617 19.07 71.03 2.75
C PHE E 617 19.36 70.78 4.24
N ALA E 618 18.40 70.13 4.90
CA ALA E 618 18.48 69.84 6.32
C ALA E 618 17.08 69.52 6.84
N GLY E 619 16.09 69.61 5.95
CA GLY E 619 14.71 69.32 6.30
C GLY E 619 13.65 69.72 5.27
N ARG E 620 12.45 69.19 5.47
CA ARG E 620 11.29 69.48 4.63
C ARG E 620 10.28 70.25 5.44
N GLY E 621 9.09 70.44 4.85
CA GLY E 621 7.98 71.08 5.56
C GLY E 621 8.01 72.59 5.47
N GLN E 622 6.89 73.20 5.84
CA GLN E 622 6.75 74.66 5.80
C GLN E 622 7.84 75.32 6.62
N SER E 623 8.29 74.62 7.66
CA SER E 623 9.29 75.15 8.60
C SER E 623 10.60 75.60 7.93
N SER E 624 10.63 75.69 6.60
CA SER E 624 11.80 76.16 5.87
C SER E 624 11.64 76.07 4.35
N GLY E 625 12.61 76.61 3.62
CA GLY E 625 12.53 76.72 2.18
C GLY E 625 13.89 77.14 1.67
N MET E 626 13.98 77.59 0.42
CA MET E 626 15.26 78.03 -0.12
C MET E 626 15.20 78.56 -1.55
N ALA E 627 16.38 78.92 -2.07
CA ALA E 627 16.52 79.43 -3.41
C ALA E 627 17.79 78.93 -4.08
N PHE E 628 17.67 78.60 -5.36
CA PHE E 628 18.79 78.12 -6.15
C PHE E 628 19.19 79.23 -7.09
N ILE E 629 20.00 80.16 -6.60
CA ILE E 629 20.40 81.31 -7.40
C ILE E 629 21.26 80.83 -8.55
N MET E 630 20.91 81.23 -9.77
CA MET E 630 21.63 80.77 -10.97
C MET E 630 22.27 81.93 -11.75
N LEU E 631 23.59 82.04 -11.63
CA LEU E 631 24.34 83.11 -12.30
C LEU E 631 24.22 83.07 -13.81
N LYS E 632 24.58 84.18 -14.46
CA LYS E 632 24.56 84.27 -15.92
C LYS E 632 25.93 83.85 -16.43
N PRO E 633 26.06 83.63 -17.75
CA PRO E 633 27.33 83.16 -18.31
C PRO E 633 28.56 83.79 -17.65
N TRP E 634 29.66 83.03 -17.59
CA TRP E 634 30.91 83.50 -17.00
C TRP E 634 31.51 84.65 -17.78
N GLU E 635 31.75 84.44 -19.05
CA GLU E 635 32.33 85.47 -19.91
C GLU E 635 31.43 86.69 -19.99
N GLU E 636 30.16 86.51 -19.61
CA GLU E 636 29.18 87.60 -19.67
C GLU E 636 29.03 88.32 -18.34
N ARG E 637 29.88 87.98 -17.37
CA ARG E 637 29.89 88.63 -16.06
C ARG E 637 31.30 88.59 -15.46
N PRO E 638 32.31 89.02 -16.24
CA PRO E 638 33.68 89.00 -15.74
C PRO E 638 33.87 89.85 -14.47
N GLY E 639 35.09 89.83 -13.95
CA GLY E 639 35.42 90.55 -12.71
C GLY E 639 35.39 89.61 -11.53
N GLY E 640 36.21 89.91 -10.53
CA GLY E 640 36.31 89.07 -9.34
C GLY E 640 35.15 89.33 -8.40
N GLU E 641 34.55 90.50 -8.51
CA GLU E 641 33.43 90.90 -7.67
C GLU E 641 32.22 90.02 -7.92
N ASN E 642 31.97 89.68 -9.18
CA ASN E 642 30.84 88.84 -9.55
C ASN E 642 31.13 87.36 -9.31
N SER E 643 32.08 87.07 -8.41
CA SER E 643 32.45 85.69 -8.11
C SER E 643 31.36 85.02 -7.29
N VAL E 644 31.03 83.78 -7.65
CA VAL E 644 30.04 82.99 -6.90
C VAL E 644 30.41 83.00 -5.43
N PHE E 645 31.71 83.12 -5.17
CA PHE E 645 32.24 83.13 -3.83
C PHE E 645 32.14 84.54 -3.26
N GLU E 646 32.14 85.52 -4.16
CA GLU E 646 31.95 86.90 -3.74
C GLU E 646 30.49 87.12 -3.44
N LEU E 647 29.61 86.68 -4.34
CA LEU E 647 28.16 86.79 -4.11
C LEU E 647 27.79 85.95 -2.90
N ALA E 648 28.43 84.80 -2.77
CA ALA E 648 28.18 83.92 -1.64
C ALA E 648 28.36 84.68 -0.34
N LYS E 649 29.09 85.80 -0.41
CA LYS E 649 29.33 86.65 0.76
C LYS E 649 28.52 87.95 0.69
N ARG E 650 28.47 88.56 -0.49
CA ARG E 650 27.68 89.78 -0.70
C ARG E 650 26.18 89.45 -0.74
N ALA E 651 25.81 88.35 -0.10
CA ALA E 651 24.43 87.95 0.06
C ALA E 651 24.22 87.62 1.52
N GLN E 652 25.31 87.23 2.20
CA GLN E 652 25.28 86.95 3.63
C GLN E 652 24.96 88.18 4.48
N MET E 653 25.07 89.37 3.88
CA MET E 653 24.81 90.61 4.60
C MET E 653 23.30 90.82 4.80
N HIS E 654 22.59 91.12 3.72
CA HIS E 654 21.14 91.35 3.81
C HIS E 654 20.46 90.10 4.38
N PHE E 655 21.10 88.96 4.21
CA PHE E 655 20.60 87.69 4.71
C PHE E 655 20.94 87.54 6.19
N PHE E 656 21.79 88.42 6.70
CA PHE E 656 22.13 88.45 8.12
C PHE E 656 21.07 89.24 8.88
N SER E 657 20.19 89.89 8.12
CA SER E 657 19.12 90.70 8.71
C SER E 657 17.94 89.83 9.13
N PHE E 658 16.74 90.18 8.66
CA PHE E 658 15.52 89.43 8.96
C PHE E 658 15.66 88.53 10.18
N LYS E 659 15.40 89.10 11.36
CA LYS E 659 15.44 88.36 12.61
C LYS E 659 14.23 87.45 12.75
N ASP E 660 13.58 87.20 11.61
CA ASP E 660 12.42 86.33 11.54
C ASP E 660 12.71 85.10 10.68
N ALA E 661 13.98 84.89 10.33
CA ALA E 661 14.40 83.72 9.54
C ALA E 661 15.92 83.60 9.40
N MET E 662 16.43 82.39 9.62
CA MET E 662 17.86 82.09 9.46
C MET E 662 18.15 81.83 7.99
N VAL E 663 18.80 82.78 7.32
CA VAL E 663 19.05 82.67 5.89
C VAL E 663 20.54 82.72 5.52
N PHE E 664 21.13 81.54 5.31
CA PHE E 664 22.54 81.41 4.94
C PHE E 664 22.71 81.12 3.46
N ALA E 665 23.90 81.38 2.93
CA ALA E 665 24.15 81.20 1.51
C ALA E 665 25.56 80.73 1.25
N PHE E 666 25.68 79.70 0.41
CA PHE E 666 26.97 79.11 0.06
C PHE E 666 26.98 78.60 -1.37
N ALA E 667 28.19 78.46 -1.92
CA ALA E 667 28.36 77.96 -3.28
C ALA E 667 28.46 76.44 -3.28
N PRO E 668 27.71 75.77 -4.15
CA PRO E 668 27.75 74.31 -4.14
C PRO E 668 29.19 73.79 -4.27
N PRO E 669 29.45 72.58 -3.74
CA PRO E 669 30.78 71.96 -3.80
C PRO E 669 31.23 71.53 -5.22
N SER E 670 32.38 70.89 -5.32
CA SER E 670 33.01 70.60 -6.62
C SER E 670 32.34 69.43 -7.33
N VAL E 671 32.19 68.31 -6.64
CA VAL E 671 31.53 67.13 -7.20
C VAL E 671 30.18 66.91 -6.51
N LEU E 672 29.18 67.69 -6.93
CA LEU E 672 27.86 67.71 -6.27
C LEU E 672 27.35 66.35 -5.80
N GLU E 673 27.49 65.33 -6.63
CA GLU E 673 27.02 64.01 -6.28
C GLU E 673 27.63 63.60 -4.94
N LEU E 674 28.85 64.07 -4.68
CA LEU E 674 29.55 63.73 -3.45
C LEU E 674 29.01 64.53 -2.28
N GLY E 675 28.25 65.58 -2.58
CA GLY E 675 27.56 66.37 -1.55
C GLY E 675 28.45 66.87 -0.42
N ASN E 676 27.83 67.40 0.64
CA ASN E 676 28.56 67.91 1.81
C ASN E 676 29.71 68.79 1.35
N ALA E 677 30.80 68.85 2.10
CA ALA E 677 31.96 69.65 1.68
C ALA E 677 33.26 69.04 2.18
N THR E 678 33.64 69.37 3.41
CA THR E 678 34.92 68.93 3.98
C THR E 678 34.73 68.54 5.43
N GLY E 679 35.84 68.31 6.13
CA GLY E 679 35.78 68.01 7.55
C GLY E 679 34.90 66.82 7.83
N PHE E 680 34.80 66.44 9.09
CA PHE E 680 34.04 65.28 9.51
C PHE E 680 32.54 65.42 9.19
N ASP E 681 31.73 64.57 9.81
CA ASP E 681 30.28 64.57 9.67
C ASP E 681 29.82 63.28 10.29
N LEU E 682 28.85 63.30 11.20
CA LEU E 682 28.35 62.04 11.75
C LEU E 682 26.97 62.09 12.38
N PHE E 683 26.59 60.95 12.93
CA PHE E 683 25.32 60.83 13.59
C PHE E 683 25.56 60.37 15.02
N LEU E 684 24.93 61.05 15.96
CA LEU E 684 24.84 60.53 17.31
C LEU E 684 23.75 59.48 17.23
N GLN E 685 23.80 58.43 18.05
CA GLN E 685 22.75 57.44 17.98
C GLN E 685 22.47 56.64 19.27
N ASP E 686 21.19 56.40 19.52
CA ASP E 686 20.72 55.62 20.67
C ASP E 686 20.80 54.11 20.42
N GLN E 687 21.75 53.45 21.09
CA GLN E 687 22.02 52.00 20.92
C GLN E 687 21.48 51.11 22.03
N ALA E 688 20.28 51.37 22.55
CA ALA E 688 19.67 50.46 23.51
C ALA E 688 18.19 50.76 23.81
N GLY E 689 17.94 52.00 24.24
CA GLY E 689 16.55 52.42 24.57
C GLY E 689 16.45 53.89 24.96
N VAL E 690 17.61 54.51 25.18
CA VAL E 690 17.74 55.92 25.55
C VAL E 690 16.56 56.83 25.16
N GLY E 691 15.88 56.52 24.05
CA GLY E 691 14.70 57.28 23.64
C GLY E 691 15.00 58.71 23.22
N HIS E 692 14.23 59.20 22.26
CA HIS E 692 14.40 60.55 21.71
C HIS E 692 14.64 61.57 22.81
N GLU E 693 14.12 61.26 23.99
CA GLU E 693 14.28 62.14 25.13
C GLU E 693 15.75 62.39 25.41
N VAL E 694 16.43 61.38 25.95
CA VAL E 694 17.83 61.53 26.33
C VAL E 694 18.71 61.81 25.12
N LEU E 695 18.32 61.28 23.95
CA LEU E 695 19.09 61.49 22.73
C LEU E 695 19.25 62.97 22.43
N LEU E 696 18.14 63.67 22.25
CA LEU E 696 18.20 65.09 21.99
C LEU E 696 19.09 65.77 23.03
N GLN E 697 19.08 65.23 24.26
CA GLN E 697 19.93 65.75 25.31
C GLN E 697 21.39 65.49 24.98
N ALA E 698 21.65 64.34 24.34
CA ALA E 698 23.00 64.00 23.92
C ALA E 698 23.50 65.00 22.87
N ARG E 699 22.66 65.32 21.88
CA ARG E 699 23.04 66.27 20.83
C ARG E 699 23.44 67.60 21.42
N ASN E 700 22.51 68.24 22.13
CA ASN E 700 22.70 69.58 22.70
C ASN E 700 24.01 69.73 23.52
N LYS E 701 24.54 68.63 24.04
CA LYS E 701 25.80 68.65 24.77
C LYS E 701 26.99 68.54 23.81
N PHE E 702 26.89 67.60 22.87
CA PHE E 702 27.93 67.39 21.88
C PHE E 702 28.28 68.71 21.21
N LEU E 703 27.25 69.40 20.74
CA LEU E 703 27.44 70.66 20.04
C LEU E 703 28.08 71.72 20.95
N MET E 704 27.55 71.87 22.15
CA MET E 704 28.08 72.87 23.08
C MET E 704 29.45 72.47 23.61
N LEU E 705 29.59 71.20 24.00
CA LEU E 705 30.88 70.70 24.45
C LEU E 705 31.86 70.76 23.28
N ALA E 706 31.32 71.09 22.11
CA ALA E 706 32.12 71.24 20.90
C ALA E 706 32.51 72.69 20.70
N ALA E 707 31.58 73.59 21.04
CA ALA E 707 31.86 75.02 20.98
C ALA E 707 33.16 75.32 21.71
N GLN E 708 33.31 74.73 22.88
CA GLN E 708 34.48 74.92 23.73
C GLN E 708 35.74 74.48 23.00
N ASN E 709 35.79 73.20 22.64
CA ASN E 709 36.93 72.61 21.96
C ASN E 709 37.54 73.59 20.94
N PRO E 710 38.88 73.74 20.95
CA PRO E 710 39.57 74.65 20.04
C PRO E 710 39.75 74.07 18.64
N ALA E 711 39.73 72.74 18.54
CA ALA E 711 39.99 72.05 17.27
C ALA E 711 38.81 72.10 16.30
N LEU E 712 37.62 71.79 16.79
CA LEU E 712 36.41 71.74 15.99
C LEU E 712 36.10 73.09 15.35
N GLN E 713 34.86 73.25 14.87
CA GLN E 713 34.40 74.48 14.23
C GLN E 713 33.04 74.23 13.61
N ARG E 714 32.29 75.30 13.34
CA ARG E 714 30.98 75.22 12.70
C ARG E 714 30.25 73.91 13.00
N VAL E 715 30.37 73.44 14.24
CA VAL E 715 29.84 72.14 14.63
C VAL E 715 28.32 72.21 14.68
N ARG E 716 27.70 72.50 13.54
CA ARG E 716 26.26 72.68 13.45
C ARG E 716 25.55 71.36 13.14
N PRO E 717 24.45 71.05 13.86
CA PRO E 717 23.65 69.86 13.57
C PRO E 717 22.84 70.07 12.31
N ASN E 718 22.67 69.04 11.49
CA ASN E 718 22.02 69.21 10.19
C ASN E 718 20.49 69.15 10.23
N GLY E 719 19.94 68.07 10.78
CA GLY E 719 18.49 67.91 10.91
C GLY E 719 17.74 69.15 11.41
N MET E 720 16.42 69.07 11.40
CA MET E 720 15.57 70.16 11.90
C MET E 720 15.37 70.04 13.41
N SER E 721 15.05 71.16 14.05
CA SER E 721 14.95 71.25 15.51
C SER E 721 13.50 71.21 16.00
N ASP E 722 13.29 70.49 17.10
CA ASP E 722 11.97 70.27 17.68
C ASP E 722 11.05 71.47 17.58
N GLU E 723 9.76 71.21 17.45
CA GLU E 723 8.77 72.26 17.37
C GLU E 723 7.45 71.83 18.01
N PRO E 724 6.65 72.81 18.44
CA PRO E 724 5.36 72.50 19.06
C PRO E 724 4.39 71.86 18.07
N GLN E 725 3.50 71.02 18.58
CA GLN E 725 2.52 70.36 17.75
C GLN E 725 1.25 70.06 18.56
N TYR E 726 0.10 70.44 18.02
CA TYR E 726 -1.19 70.25 18.68
C TYR E 726 -1.52 68.75 18.80
N LYS E 727 -1.67 68.27 20.03
CA LYS E 727 -1.85 66.84 20.29
C LYS E 727 -3.32 66.47 20.53
N LEU E 728 -4.12 66.53 19.47
CA LEU E 728 -5.54 66.23 19.56
C LEU E 728 -5.81 64.96 20.37
N GLU E 729 -6.17 65.15 21.63
CA GLU E 729 -6.53 64.06 22.54
C GLU E 729 -7.99 63.68 22.32
N ILE E 730 -8.42 62.59 22.97
CA ILE E 730 -9.80 62.15 22.84
C ILE E 730 -10.31 61.53 24.13
N ASP E 731 -11.55 61.86 24.49
CA ASP E 731 -12.17 61.35 25.70
C ASP E 731 -12.90 60.06 25.42
N ASP E 732 -12.33 58.97 25.92
CA ASP E 732 -12.91 57.64 25.77
C ASP E 732 -14.36 57.61 26.22
N GLU E 733 -14.58 57.43 27.52
CA GLU E 733 -15.92 57.29 28.09
C GLU E 733 -16.92 58.28 27.48
N LYS E 734 -16.62 59.58 27.59
CA LYS E 734 -17.51 60.60 27.02
C LYS E 734 -17.94 60.19 25.62
N ALA E 735 -16.98 59.73 24.82
CA ALA E 735 -17.26 59.29 23.46
C ALA E 735 -18.28 58.17 23.49
N SER E 736 -18.05 57.18 24.35
CA SER E 736 -18.97 56.05 24.49
C SER E 736 -20.35 56.53 24.90
N ALA E 737 -20.38 57.51 25.80
CA ALA E 737 -21.63 58.07 26.27
C ALA E 737 -22.46 58.60 25.10
N LEU E 738 -21.86 59.47 24.29
CA LEU E 738 -22.52 60.04 23.12
C LEU E 738 -22.97 58.95 22.16
N GLY E 739 -22.30 57.81 22.23
CA GLY E 739 -22.65 56.67 21.38
C GLY E 739 -22.14 56.87 19.97
N VAL E 740 -20.86 57.24 19.85
CA VAL E 740 -20.24 57.48 18.55
C VAL E 740 -19.03 56.56 18.39
N SER E 741 -19.19 55.52 17.58
CA SER E 741 -18.15 54.53 17.32
C SER E 741 -16.76 55.17 17.24
N LEU E 742 -15.93 54.86 18.21
CA LEU E 742 -14.55 55.31 18.25
C LEU E 742 -13.87 55.08 16.89
N ALA E 743 -14.27 53.99 16.23
CA ALA E 743 -13.71 53.60 14.93
C ALA E 743 -14.14 54.51 13.78
N ASP E 744 -14.96 55.52 14.08
CA ASP E 744 -15.41 56.48 13.07
C ASP E 744 -14.97 57.89 13.47
N ILE E 745 -14.26 57.99 14.58
CA ILE E 745 -13.77 59.26 15.07
C ILE E 745 -12.41 59.53 14.44
N ASN E 746 -11.49 58.60 14.68
CA ASN E 746 -10.15 58.70 14.15
C ASN E 746 -10.20 58.75 12.64
N SER E 747 -11.18 58.05 12.08
CA SER E 747 -11.40 58.05 10.63
C SER E 747 -11.87 59.40 10.12
N THR E 748 -12.63 60.11 10.95
CA THR E 748 -13.16 61.40 10.57
C THR E 748 -12.00 62.39 10.45
N VAL E 749 -11.14 62.42 11.45
CA VAL E 749 -9.97 63.32 11.44
C VAL E 749 -9.01 62.98 10.32
N SER E 750 -8.92 61.70 9.96
CA SER E 750 -8.05 61.26 8.88
C SER E 750 -8.67 61.55 7.52
N ILE E 751 -9.77 60.89 7.22
CA ILE E 751 -10.50 61.09 5.97
C ILE E 751 -10.68 62.59 5.71
N ALA E 752 -10.53 63.40 6.76
CA ALA E 752 -10.82 64.83 6.67
C ALA E 752 -9.58 65.71 6.82
N TRP E 753 -8.82 65.51 7.90
CA TRP E 753 -7.63 66.32 8.15
C TRP E 753 -6.37 65.76 7.48
N GLY E 754 -6.14 64.46 7.64
CA GLY E 754 -4.93 63.84 7.11
C GLY E 754 -5.04 63.39 5.67
N SER E 755 -5.88 64.07 4.89
CA SER E 755 -6.11 63.72 3.50
C SER E 755 -6.62 62.28 3.39
N SER E 756 -7.08 61.89 2.21
CA SER E 756 -7.48 60.51 1.97
C SER E 756 -7.54 60.16 0.48
N TYR E 757 -6.67 59.24 0.09
CA TYR E 757 -6.64 58.74 -1.26
C TYR E 757 -7.74 57.69 -1.35
N VAL E 758 -8.85 58.02 -2.02
CA VAL E 758 -10.03 57.12 -2.09
C VAL E 758 -9.99 56.13 -3.27
N ASN E 759 -10.08 56.62 -4.50
CA ASN E 759 -10.13 55.75 -5.68
C ASN E 759 -9.37 56.29 -6.88
N ASP E 760 -9.53 55.61 -8.01
CA ASP E 760 -8.93 56.04 -9.25
C ASP E 760 -10.00 56.42 -10.28
N PHE E 761 -9.63 57.27 -11.22
CA PHE E 761 -10.53 57.71 -12.27
C PHE E 761 -9.75 57.94 -13.56
N ILE E 762 -10.24 57.40 -14.66
CA ILE E 762 -9.61 57.63 -15.95
C ILE E 762 -9.63 59.11 -16.28
N ASP E 763 -8.47 59.66 -16.59
CA ASP E 763 -8.33 61.06 -16.93
C ASP E 763 -7.49 61.18 -18.18
N ARG E 764 -8.12 61.55 -19.29
CA ARG E 764 -7.45 61.63 -20.56
C ARG E 764 -6.65 60.35 -20.81
N GLY E 765 -7.09 59.25 -20.22
CA GLY E 765 -6.36 58.00 -20.30
C GLY E 765 -5.79 57.57 -18.96
N ARG E 766 -4.52 57.90 -18.69
CA ARG E 766 -3.84 57.40 -17.49
C ARG E 766 -4.78 57.48 -16.32
N VAL E 767 -4.64 56.55 -15.39
CA VAL E 767 -5.49 56.57 -14.21
C VAL E 767 -4.84 57.47 -13.17
N LYS E 768 -5.61 58.42 -12.64
CA LYS E 768 -5.12 59.33 -11.62
C LYS E 768 -5.92 59.12 -10.35
N ARG E 769 -5.66 59.90 -9.30
CA ARG E 769 -6.19 59.58 -7.98
C ARG E 769 -7.18 60.62 -7.41
N VAL E 770 -8.20 60.11 -6.71
CA VAL E 770 -9.14 60.98 -6.01
C VAL E 770 -8.69 61.12 -4.58
N TYR E 771 -8.57 62.35 -4.13
CA TYR E 771 -8.13 62.66 -2.77
C TYR E 771 -9.15 63.56 -2.04
N LEU E 772 -9.71 63.00 -0.96
CA LEU E 772 -10.72 63.66 -0.16
C LEU E 772 -10.08 64.23 1.10
N GLN E 773 -10.50 65.43 1.49
CA GLN E 773 -10.12 66.04 2.77
C GLN E 773 -10.94 67.31 3.04
N GLY E 774 -10.61 68.01 4.12
CA GLY E 774 -11.34 69.21 4.51
C GLY E 774 -10.96 70.47 3.76
N ARG E 775 -11.94 71.33 3.53
CA ARG E 775 -11.72 72.57 2.78
C ARG E 775 -10.57 73.36 3.41
N PRO E 776 -9.91 74.21 2.62
CA PRO E 776 -8.79 74.99 3.14
C PRO E 776 -9.14 75.91 4.33
N ASP E 777 -10.42 76.15 4.61
CA ASP E 777 -10.80 76.98 5.76
C ASP E 777 -11.51 76.19 6.86
N ALA E 778 -11.34 74.86 6.85
CA ALA E 778 -11.95 73.97 7.85
C ALA E 778 -10.92 73.07 8.53
N ARG E 779 -9.67 73.52 8.56
CA ARG E 779 -8.59 72.74 9.17
C ARG E 779 -7.37 73.64 9.35
N MET E 780 -7.63 74.91 9.69
CA MET E 780 -6.61 75.96 9.76
C MET E 780 -6.04 76.18 11.15
N ASN E 781 -6.92 76.23 12.14
CA ASN E 781 -6.49 76.48 13.51
C ASN E 781 -7.31 75.66 14.49
N PRO E 782 -6.72 75.37 15.66
CA PRO E 782 -7.35 74.46 16.60
C PRO E 782 -8.85 74.66 16.66
N ASP E 783 -9.26 75.86 17.05
CA ASP E 783 -10.66 76.23 17.18
C ASP E 783 -11.57 75.60 16.12
N ASP E 784 -11.12 75.50 14.87
CA ASP E 784 -11.92 74.86 13.84
C ASP E 784 -12.36 73.48 14.34
N LEU E 785 -11.73 73.05 15.44
CA LEU E 785 -12.09 71.80 16.12
C LEU E 785 -13.49 71.84 16.75
N SER E 786 -14.43 72.41 16.02
CA SER E 786 -15.80 72.44 16.47
C SER E 786 -16.73 72.56 15.29
N LYS E 787 -16.19 72.30 14.11
CA LYS E 787 -16.96 72.36 12.87
C LYS E 787 -17.19 70.96 12.30
N TRP E 788 -16.38 70.00 12.73
CA TRP E 788 -16.48 68.63 12.23
C TRP E 788 -17.29 67.76 13.20
N TYR E 789 -18.47 67.32 12.75
CA TYR E 789 -19.32 66.45 13.57
C TYR E 789 -19.28 65.04 13.02
N VAL E 790 -19.46 64.07 13.92
CA VAL E 790 -19.49 62.65 13.54
C VAL E 790 -20.95 62.19 13.43
N ARG E 791 -21.31 61.19 14.22
CA ARG E 791 -22.64 60.63 14.23
C ARG E 791 -22.67 59.55 15.32
N ASN E 792 -23.65 59.64 16.20
CA ASN E 792 -23.73 58.71 17.32
C ASN E 792 -24.63 57.52 17.00
N ASP E 793 -25.19 56.94 18.07
CA ASP E 793 -26.10 55.81 17.94
C ASP E 793 -27.24 56.11 16.98
N LYS E 794 -27.46 57.39 16.69
CA LYS E 794 -28.51 57.80 15.77
C LYS E 794 -28.00 58.89 14.81
N GLY E 795 -28.87 59.33 13.90
CA GLY E 795 -28.51 60.39 12.97
C GLY E 795 -28.21 61.72 13.65
N GLU E 796 -27.91 61.65 14.95
CA GLU E 796 -27.57 62.83 15.72
C GLU E 796 -26.08 63.08 15.58
N MET E 797 -25.72 64.05 14.74
CA MET E 797 -24.33 64.34 14.44
C MET E 797 -23.64 64.99 15.63
N VAL E 798 -23.00 64.17 16.45
CA VAL E 798 -22.29 64.67 17.63
C VAL E 798 -21.07 65.50 17.23
N PRO E 799 -20.94 66.71 17.79
CA PRO E 799 -19.79 67.54 17.46
C PRO E 799 -18.51 66.99 18.07
N PHE E 800 -17.49 66.82 17.22
CA PHE E 800 -16.18 66.37 17.68
C PHE E 800 -15.67 67.28 18.78
N ASN E 801 -16.24 68.48 18.87
CA ASN E 801 -15.81 69.48 19.85
C ASN E 801 -16.33 69.24 21.26
N ALA E 802 -16.71 68.00 21.57
CA ALA E 802 -17.14 67.64 22.91
C ALA E 802 -15.93 67.10 23.67
N PHE E 803 -14.93 66.67 22.91
CA PHE E 803 -13.66 66.19 23.45
C PHE E 803 -12.49 66.95 22.81
N ALA E 804 -12.80 68.09 22.20
CA ALA E 804 -11.80 68.90 21.48
C ALA E 804 -10.81 69.55 22.46
N THR E 805 -10.62 68.91 23.61
CA THR E 805 -9.81 69.46 24.68
C THR E 805 -8.32 69.34 24.35
N GLY E 806 -7.85 70.18 23.43
CA GLY E 806 -6.47 70.10 22.96
C GLY E 806 -5.40 70.30 24.03
N LYS E 807 -4.26 70.83 23.59
CA LYS E 807 -3.05 70.91 24.42
C LYS E 807 -1.84 71.20 23.52
N TRP E 808 -0.65 71.31 24.10
CA TRP E 808 0.58 71.48 23.32
C TRP E 808 1.75 70.64 23.82
N GLU E 809 2.54 70.13 22.87
CA GLU E 809 3.71 69.29 23.13
C GLU E 809 4.72 69.45 21.98
N TYR E 810 5.87 70.07 22.24
CA TYR E 810 6.89 70.17 21.21
C TYR E 810 7.29 68.77 20.79
N GLY E 811 7.66 68.60 19.53
CA GLY E 811 8.03 67.28 19.02
C GLY E 811 9.02 67.34 17.88
N SER E 812 9.36 66.17 17.34
CA SER E 812 10.33 66.08 16.26
C SER E 812 9.64 66.30 14.92
N PRO E 813 10.05 67.34 14.16
CA PRO E 813 9.51 67.61 12.84
C PRO E 813 10.30 66.85 11.78
N LYS E 814 11.23 66.01 12.24
CA LYS E 814 12.08 65.20 11.37
C LYS E 814 12.81 64.09 12.16
N LEU E 815 12.28 62.87 12.09
CA LEU E 815 12.88 61.74 12.79
C LEU E 815 13.96 61.06 11.95
N GLU E 816 15.21 61.19 12.40
CA GLU E 816 16.34 60.59 11.69
C GLU E 816 16.74 59.26 12.31
N ARG E 817 17.41 58.42 11.51
CA ARG E 817 17.91 57.13 11.98
C ARG E 817 19.15 56.73 11.20
N TYR E 818 20.07 56.05 11.86
CA TYR E 818 21.30 55.62 11.23
C TYR E 818 21.55 54.17 11.62
N ASN E 819 21.46 53.28 10.63
CA ASN E 819 21.66 51.86 10.85
C ASN E 819 20.60 51.30 11.81
N GLY E 820 19.34 51.45 11.43
CA GLY E 820 18.24 50.78 12.10
C GLY E 820 17.83 51.36 13.44
N VAL E 821 18.49 52.43 13.88
CA VAL E 821 18.22 53.10 15.17
C VAL E 821 18.20 54.63 15.01
N PRO E 822 17.59 55.32 15.99
CA PRO E 822 17.52 56.79 15.98
C PRO E 822 18.88 57.47 16.12
N ALA E 823 19.13 58.47 15.30
CA ALA E 823 20.40 59.19 15.31
C ALA E 823 20.20 60.64 14.95
N MET E 824 21.28 61.42 14.95
CA MET E 824 21.18 62.85 14.61
C MET E 824 22.40 63.33 13.81
N GLU E 825 22.11 64.03 12.70
CA GLU E 825 23.17 64.58 11.85
C GLU E 825 23.79 65.80 12.53
N ILE E 826 25.12 65.76 12.64
CA ILE E 826 25.89 66.85 13.21
C ILE E 826 27.02 67.21 12.25
N LEU E 827 26.84 68.28 11.48
CA LEU E 827 27.91 68.75 10.60
C LEU E 827 29.16 69.10 11.41
N GLY E 828 30.15 69.71 10.77
CA GLY E 828 31.32 70.18 11.50
C GLY E 828 32.48 70.58 10.61
N GLU E 829 33.65 70.72 11.23
CA GLU E 829 34.90 71.06 10.55
C GLU E 829 35.90 71.61 11.56
N PRO E 830 37.21 71.44 11.29
CA PRO E 830 38.26 71.89 12.20
C PRO E 830 38.54 73.38 12.09
N ALA E 831 39.11 73.94 13.15
CA ALA E 831 39.50 75.34 13.15
C ALA E 831 40.44 75.55 11.97
N PRO E 832 40.42 76.73 11.37
CA PRO E 832 41.29 76.93 10.21
C PRO E 832 42.74 76.59 10.53
N GLY E 833 43.41 75.91 9.61
CA GLY E 833 44.78 75.45 9.82
C GLY E 833 44.82 74.03 10.39
N LEU E 834 43.69 73.57 10.93
CA LEU E 834 43.60 72.24 11.52
C LEU E 834 43.05 71.23 10.51
N SER E 835 43.52 69.98 10.58
CA SER E 835 43.12 68.94 9.63
C SER E 835 41.92 68.14 10.12
N SER E 836 41.00 67.82 9.21
CA SER E 836 39.79 67.06 9.54
C SER E 836 40.14 65.90 10.47
N GLY E 837 41.34 65.35 10.29
CA GLY E 837 41.81 64.27 11.15
C GLY E 837 41.92 64.72 12.59
N ASP E 838 42.56 65.87 12.79
CA ASP E 838 42.66 66.44 14.13
C ASP E 838 41.26 66.69 14.64
N ALA E 839 40.38 67.05 13.71
CA ALA E 839 38.98 67.32 14.04
C ALA E 839 38.28 66.06 14.49
N MET E 840 38.42 64.99 13.71
CA MET E 840 37.86 63.71 14.09
C MET E 840 38.52 63.21 15.37
N ALA E 841 39.81 63.50 15.49
CA ALA E 841 40.59 63.12 16.66
C ALA E 841 40.01 63.74 17.93
N ALA E 842 39.52 64.96 17.81
CA ALA E 842 38.95 65.68 18.94
C ALA E 842 37.56 65.16 19.24
N VAL E 843 36.67 65.24 18.25
CA VAL E 843 35.32 64.74 18.42
C VAL E 843 35.40 63.36 19.06
N GLU E 844 36.37 62.58 18.60
CA GLU E 844 36.61 61.25 19.13
C GLU E 844 36.58 61.26 20.67
N GLU E 845 37.03 62.35 21.26
CA GLU E 845 37.04 62.50 22.71
C GLU E 845 35.72 63.10 23.19
N ILE E 846 35.21 64.06 22.42
CA ILE E 846 33.93 64.72 22.72
C ILE E 846 32.81 63.70 22.83
N VAL E 847 33.01 62.52 22.27
CA VAL E 847 32.00 61.48 22.32
C VAL E 847 31.98 60.82 23.69
N LYS E 848 33.14 60.78 24.35
CA LYS E 848 33.27 60.11 25.65
C LYS E 848 32.33 60.72 26.69
N GLN E 849 32.37 62.04 26.78
CA GLN E 849 31.53 62.79 27.71
C GLN E 849 30.04 62.66 27.36
N LEU E 850 29.63 61.50 26.83
CA LEU E 850 28.24 61.28 26.41
C LEU E 850 27.56 60.20 27.24
N PRO E 851 26.21 60.25 27.33
CA PRO E 851 25.39 59.30 28.08
C PRO E 851 25.77 57.84 27.87
N LYS E 852 25.69 57.05 28.93
CA LYS E 852 26.03 55.63 28.86
C LYS E 852 24.98 54.88 28.06
N GLY E 853 24.66 55.40 26.89
CA GLY E 853 23.60 54.84 26.05
C GLY E 853 23.56 55.43 24.65
N VAL E 854 24.24 56.55 24.46
CA VAL E 854 24.31 57.20 23.16
C VAL E 854 25.51 56.68 22.39
N GLY E 855 25.53 56.94 21.09
CA GLY E 855 26.63 56.51 20.24
C GLY E 855 26.94 57.44 19.08
N TYR E 856 27.98 57.07 18.34
CA TYR E 856 28.37 57.82 17.17
C TYR E 856 28.90 56.88 16.09
N SER E 857 28.98 57.39 14.87
CA SER E 857 29.46 56.65 13.72
C SER E 857 29.73 57.63 12.62
N TRP E 858 30.95 57.65 12.10
CA TRP E 858 31.27 58.59 11.03
C TRP E 858 30.52 58.18 9.75
N THR E 859 30.40 59.10 8.81
CA THR E 859 29.70 58.82 7.57
C THR E 859 30.23 59.69 6.43
N GLY E 860 29.44 59.89 5.40
CA GLY E 860 29.84 60.76 4.30
C GLY E 860 31.31 60.62 3.98
N LEU E 861 31.97 61.74 3.77
CA LEU E 861 33.37 61.70 3.45
C LEU E 861 34.24 61.43 4.68
N SER E 862 33.63 61.35 5.85
CA SER E 862 34.40 61.08 7.09
C SER E 862 34.72 59.62 7.18
N TYR E 863 33.72 58.81 6.83
CA TYR E 863 33.84 57.35 6.80
C TYR E 863 34.98 56.90 5.91
N GLU E 864 35.06 57.50 4.73
CA GLU E 864 36.04 57.13 3.71
C GLU E 864 37.48 57.39 4.12
N GLU E 865 37.82 58.65 4.37
CA GLU E 865 39.20 58.99 4.74
C GLU E 865 39.68 58.15 5.90
N ARG E 866 38.77 57.79 6.79
CA ARG E 866 39.10 56.93 7.91
C ARG E 866 39.84 55.71 7.39
N LEU E 867 39.51 55.32 6.16
CA LEU E 867 40.16 54.20 5.51
C LEU E 867 41.21 54.65 4.49
N SER E 868 40.93 55.73 3.75
CA SER E 868 41.90 56.26 2.79
C SER E 868 43.24 56.46 3.48
N GLY E 869 43.23 57.28 4.52
CA GLY E 869 44.43 57.58 5.29
C GLY E 869 45.08 56.32 5.84
N SER E 870 44.26 55.35 6.20
CA SER E 870 44.78 54.11 6.74
C SER E 870 45.67 53.42 5.72
N GLN E 871 45.42 53.66 4.43
CA GLN E 871 46.14 52.93 3.37
C GLN E 871 47.33 53.73 2.82
N ALA E 872 47.32 55.04 3.04
CA ALA E 872 48.33 55.94 2.49
C ALA E 872 49.78 55.48 2.72
N PRO E 873 50.25 55.47 3.99
CA PRO E 873 51.64 55.12 4.26
C PRO E 873 52.18 53.90 3.51
N ALA E 874 51.44 52.78 3.57
CA ALA E 874 51.86 51.58 2.85
C ALA E 874 52.03 51.86 1.35
N LEU E 875 51.19 52.72 0.77
CA LEU E 875 51.25 52.94 -0.68
C LEU E 875 52.45 53.77 -1.09
N TYR E 876 52.68 54.85 -0.35
CA TYR E 876 53.91 55.62 -0.51
C TYR E 876 55.13 54.70 -0.34
N ALA E 877 55.00 53.67 0.47
CA ALA E 877 56.11 52.79 0.76
C ALA E 877 56.36 51.80 -0.37
N LEU E 878 55.31 51.31 -0.98
CA LEU E 878 55.46 50.38 -2.09
C LEU E 878 55.98 51.15 -3.33
N SER E 879 55.50 52.36 -3.52
CA SER E 879 56.00 53.20 -4.60
C SER E 879 57.50 53.46 -4.45
N LEU E 880 57.90 53.84 -3.25
CA LEU E 880 59.28 54.12 -2.92
C LEU E 880 60.17 52.88 -3.07
N LEU E 881 59.64 51.73 -2.72
CA LEU E 881 60.40 50.47 -2.77
C LEU E 881 60.48 49.89 -4.18
N VAL E 882 59.43 50.07 -4.97
CA VAL E 882 59.43 49.55 -6.33
C VAL E 882 60.29 50.49 -7.20
N VAL E 883 60.11 51.80 -7.07
CA VAL E 883 60.96 52.68 -7.83
C VAL E 883 62.42 52.38 -7.52
N PHE E 884 62.69 52.06 -6.25
CA PHE E 884 64.05 51.75 -5.82
C PHE E 884 64.51 50.53 -6.53
N LEU E 885 63.81 49.42 -6.37
CA LEU E 885 64.23 48.15 -6.97
C LEU E 885 64.58 48.30 -8.44
N CYS E 886 63.64 48.82 -9.23
CA CYS E 886 63.87 48.99 -10.66
C CYS E 886 65.14 49.76 -10.94
N LEU E 887 65.35 50.88 -10.27
CA LEU E 887 66.61 51.60 -10.43
C LEU E 887 67.82 50.68 -10.16
N ALA E 888 67.78 49.97 -9.04
CA ALA E 888 68.87 49.09 -8.72
C ALA E 888 69.17 48.28 -9.97
N ALA E 889 68.13 47.66 -10.49
CA ALA E 889 68.21 46.89 -11.71
C ALA E 889 68.80 47.69 -12.91
N LEU E 890 68.40 48.94 -13.10
CA LEU E 890 68.93 49.74 -14.21
C LEU E 890 70.41 49.93 -14.09
N TYR E 891 70.83 50.56 -13.00
CA TYR E 891 72.20 50.94 -12.81
C TYR E 891 73.07 49.78 -12.34
N GLU E 892 72.47 48.60 -12.13
CA GLU E 892 73.17 47.48 -11.46
C GLU E 892 73.93 47.94 -10.20
N SER E 893 73.22 48.57 -9.26
CA SER E 893 73.84 49.02 -8.02
C SER E 893 72.78 49.42 -6.97
N TRP E 894 73.07 49.12 -5.69
CA TRP E 894 72.16 49.42 -4.54
C TRP E 894 72.25 50.86 -4.07
N SER E 895 73.26 51.56 -4.53
CA SER E 895 73.46 52.90 -4.07
C SER E 895 73.11 53.90 -5.16
N ILE E 896 73.63 53.74 -6.38
CA ILE E 896 73.43 54.80 -7.38
C ILE E 896 71.98 55.25 -7.52
N PRO E 897 71.00 54.35 -7.30
CA PRO E 897 69.60 54.76 -7.24
C PRO E 897 69.34 56.08 -6.49
N PHE E 898 69.96 56.28 -5.34
CA PHE E 898 69.71 57.49 -4.54
C PHE E 898 70.11 58.75 -5.29
N SER E 899 71.00 58.62 -6.28
CA SER E 899 71.46 59.80 -7.01
C SER E 899 70.35 60.38 -7.84
N VAL E 900 69.24 59.66 -7.95
CA VAL E 900 68.09 60.16 -8.70
C VAL E 900 66.87 60.34 -7.84
N MET E 901 66.73 59.55 -6.78
CA MET E 901 65.55 59.72 -5.89
C MET E 901 65.59 60.99 -5.05
N LEU E 902 66.81 61.45 -4.74
CA LEU E 902 67.02 62.71 -4.04
C LEU E 902 66.63 63.92 -4.87
N VAL E 903 66.21 63.75 -6.12
CA VAL E 903 65.75 64.89 -6.89
C VAL E 903 64.25 65.11 -6.77
N VAL E 904 63.62 64.45 -5.80
CA VAL E 904 62.19 64.65 -5.62
C VAL E 904 61.86 66.02 -5.00
N PRO E 905 62.65 66.46 -3.99
CA PRO E 905 62.35 67.78 -3.45
C PRO E 905 62.51 68.91 -4.47
N LEU E 906 63.61 68.90 -5.21
CA LEU E 906 63.95 70.01 -6.10
C LEU E 906 62.89 70.43 -7.12
N GLY E 907 61.78 69.73 -7.21
CA GLY E 907 60.72 70.17 -8.08
C GLY E 907 59.43 70.14 -7.31
N VAL E 908 59.43 69.42 -6.20
CA VAL E 908 58.29 69.41 -5.30
C VAL E 908 58.25 70.72 -4.50
N ILE E 909 59.41 71.36 -4.33
CA ILE E 909 59.51 72.60 -3.54
C ILE E 909 58.94 73.81 -4.29
N GLY E 910 59.27 73.93 -5.57
CA GLY E 910 58.77 75.02 -6.39
C GLY E 910 57.29 74.92 -6.71
N ALA E 911 56.75 73.71 -6.67
CA ALA E 911 55.34 73.52 -6.90
C ALA E 911 54.62 74.12 -5.73
N LEU E 912 55.11 73.80 -4.53
CA LEU E 912 54.53 74.36 -3.31
C LEU E 912 54.51 75.88 -3.35
N LEU E 913 55.59 76.49 -3.83
CA LEU E 913 55.68 77.93 -3.94
C LEU E 913 54.60 78.45 -4.89
N ALA E 914 54.78 78.21 -6.18
CA ALA E 914 53.80 78.66 -7.17
C ALA E 914 52.38 78.49 -6.65
N THR E 915 52.07 77.30 -6.14
CA THR E 915 50.73 76.98 -5.64
C THR E 915 50.38 77.75 -4.38
N SER E 916 51.26 77.71 -3.38
CA SER E 916 51.02 78.46 -2.14
C SER E 916 51.02 79.97 -2.41
N MET E 917 51.81 80.40 -3.39
CA MET E 917 51.88 81.82 -3.80
C MET E 917 50.57 82.33 -4.40
N ARG E 918 50.02 81.59 -5.37
CA ARG E 918 48.76 81.98 -5.98
C ARG E 918 47.58 81.75 -5.03
N GLY E 919 47.90 81.43 -3.79
CA GLY E 919 46.89 81.23 -2.75
C GLY E 919 46.00 80.02 -2.98
N LEU E 920 46.49 79.04 -3.76
CA LEU E 920 45.73 77.83 -4.07
C LEU E 920 45.95 76.75 -3.01
N SER E 921 45.13 75.71 -3.06
CA SER E 921 45.13 74.69 -2.01
C SER E 921 45.72 73.34 -2.47
N ASN E 922 46.21 72.60 -1.49
CA ASN E 922 46.83 71.30 -1.71
C ASN E 922 45.76 70.23 -1.85
N ASP E 923 45.29 70.05 -3.09
CA ASP E 923 44.20 69.12 -3.36
C ASP E 923 44.62 67.99 -4.32
N VAL E 924 43.67 67.49 -5.09
CA VAL E 924 43.91 66.36 -5.99
C VAL E 924 44.68 66.76 -7.26
N PHE E 925 44.23 67.81 -7.94
CA PHE E 925 44.90 68.22 -9.18
C PHE E 925 46.33 68.69 -8.89
N PHE E 926 46.62 68.96 -7.62
CA PHE E 926 47.95 69.34 -7.19
C PHE E 926 48.74 68.07 -6.97
N GLN E 927 48.19 67.19 -6.14
CA GLN E 927 48.83 65.92 -5.83
C GLN E 927 49.22 65.16 -7.08
N VAL E 928 48.36 65.20 -8.11
CA VAL E 928 48.61 64.44 -9.34
C VAL E 928 49.53 65.20 -10.28
N GLY E 929 49.46 66.53 -10.21
CA GLY E 929 50.36 67.37 -10.99
C GLY E 929 51.74 67.29 -10.38
N LEU E 930 51.78 67.00 -9.08
CA LEU E 930 53.02 66.86 -8.33
C LEU E 930 53.77 65.61 -8.77
N LEU E 931 53.04 64.51 -8.89
CA LEU E 931 53.60 63.25 -9.34
C LEU E 931 54.11 63.38 -10.75
N THR E 932 53.41 64.15 -11.59
CA THR E 932 53.80 64.34 -12.98
C THR E 932 55.11 65.11 -13.02
N THR E 933 55.19 66.15 -12.23
CA THR E 933 56.38 66.98 -12.17
C THR E 933 57.60 66.18 -11.70
N ILE E 934 57.41 65.23 -10.77
CA ILE E 934 58.54 64.47 -10.27
C ILE E 934 58.90 63.35 -11.23
N GLY E 935 57.92 62.85 -11.94
CA GLY E 935 58.21 61.82 -12.93
C GLY E 935 59.14 62.37 -14.00
N LEU E 936 58.88 63.59 -14.44
CA LEU E 936 59.68 64.18 -15.51
C LEU E 936 61.04 64.55 -14.94
N SER E 937 61.04 65.11 -13.74
CA SER E 937 62.25 65.43 -13.03
C SER E 937 63.10 64.18 -12.90
N ALA E 938 62.49 63.13 -12.35
CA ALA E 938 63.19 61.86 -12.14
C ALA E 938 63.58 61.26 -13.47
N LYS E 939 62.94 61.72 -14.55
CA LYS E 939 63.30 61.21 -15.89
C LYS E 939 64.62 61.81 -16.33
N ASN E 940 64.79 63.11 -16.10
CA ASN E 940 66.04 63.75 -16.39
C ASN E 940 67.15 63.01 -15.66
N ALA E 941 67.07 63.01 -14.32
CA ALA E 941 68.05 62.35 -13.47
C ALA E 941 68.41 60.96 -13.96
N ILE E 942 67.42 60.13 -14.22
CA ILE E 942 67.71 58.78 -14.76
C ILE E 942 68.67 58.84 -15.97
N LEU E 943 68.45 59.80 -16.85
CA LEU E 943 69.25 59.89 -18.07
C LEU E 943 70.61 60.54 -17.78
N ILE E 944 70.60 61.64 -17.05
CA ILE E 944 71.83 62.21 -16.55
C ILE E 944 72.74 61.12 -15.93
N VAL E 945 72.19 60.33 -15.00
CA VAL E 945 72.94 59.29 -14.33
C VAL E 945 73.30 58.16 -15.27
N GLU E 946 72.32 57.68 -16.00
CA GLU E 946 72.59 56.63 -16.97
C GLU E 946 73.79 57.03 -17.82
N PHE E 947 73.76 58.21 -18.41
CA PHE E 947 74.88 58.66 -19.24
C PHE E 947 76.19 58.76 -18.47
N ALA E 948 76.16 59.38 -17.30
CA ALA E 948 77.35 59.41 -16.42
C ALA E 948 77.92 58.00 -16.31
N LYS E 949 77.11 57.09 -15.78
CA LYS E 949 77.52 55.70 -15.62
C LYS E 949 78.17 55.13 -16.87
N GLU E 950 77.63 55.44 -18.05
CA GLU E 950 78.12 54.87 -19.31
C GLU E 950 79.49 55.45 -19.62
N LEU E 951 79.63 56.75 -19.37
CA LEU E 951 80.90 57.45 -19.55
C LEU E 951 81.93 56.89 -18.58
N HIS E 952 81.60 56.98 -17.29
CA HIS E 952 82.44 56.44 -16.23
C HIS E 952 82.85 55.03 -16.50
N GLU E 953 82.07 54.31 -17.29
CA GLU E 953 82.34 52.90 -17.54
C GLU E 953 83.27 52.68 -18.72
N GLN E 954 83.39 53.65 -19.61
CA GLN E 954 84.23 53.45 -20.79
C GLN E 954 85.58 54.16 -20.65
N GLY E 955 85.94 54.53 -19.42
CA GLY E 955 87.28 55.04 -19.14
C GLY E 955 87.30 56.20 -18.18
N LYS E 956 86.29 57.07 -18.26
CA LYS E 956 86.35 58.33 -17.56
C LYS E 956 86.16 58.08 -16.07
N GLY E 957 86.44 59.10 -15.28
CA GLY E 957 86.22 59.01 -13.85
C GLY E 957 84.96 59.72 -13.41
N ILE E 958 84.35 59.17 -12.37
CA ILE E 958 83.07 59.67 -11.87
C ILE E 958 82.81 61.13 -12.25
N VAL E 959 83.78 61.99 -11.94
CA VAL E 959 83.62 63.45 -12.05
C VAL E 959 83.64 63.93 -13.50
N GLU E 960 84.42 63.27 -14.34
CA GLU E 960 84.51 63.65 -15.74
C GLU E 960 83.25 63.14 -16.42
N ALA E 961 82.74 62.04 -15.87
CA ALA E 961 81.51 61.42 -16.32
C ALA E 961 80.32 62.30 -16.00
N ALA E 962 80.20 62.67 -14.74
CA ALA E 962 79.12 63.54 -14.32
C ALA E 962 79.11 64.83 -15.10
N ILE E 963 80.29 65.39 -15.39
CA ILE E 963 80.36 66.68 -16.12
C ILE E 963 79.94 66.47 -17.57
N GLU E 964 80.57 65.48 -18.19
CA GLU E 964 80.31 65.15 -19.58
C GLU E 964 78.83 64.77 -19.78
N ALA E 965 78.33 63.92 -18.90
CA ALA E 965 76.93 63.48 -18.92
C ALA E 965 76.02 64.69 -18.91
N CYS E 966 76.23 65.58 -17.93
CA CYS E 966 75.38 66.75 -17.79
C CYS E 966 75.37 67.56 -19.07
N ARG E 967 76.56 67.79 -19.64
CA ARG E 967 76.67 68.60 -20.85
C ARG E 967 75.81 68.01 -21.97
N MET E 968 75.98 66.70 -22.24
CA MET E 968 75.23 65.95 -23.23
C MET E 968 73.70 66.12 -23.08
N ARG E 969 73.25 66.13 -21.84
CA ARG E 969 71.83 66.08 -21.51
C ARG E 969 71.26 67.47 -21.15
N LEU E 970 72.01 68.52 -21.44
CA LEU E 970 71.54 69.88 -21.15
C LEU E 970 70.53 70.34 -22.20
N ARG E 971 70.78 70.07 -23.47
CA ARG E 971 69.93 70.57 -24.54
C ARG E 971 68.51 69.97 -24.48
N PRO E 972 68.42 68.63 -24.29
CA PRO E 972 67.08 68.02 -24.20
C PRO E 972 66.31 68.58 -23.01
N ILE E 973 66.87 68.41 -21.83
CA ILE E 973 66.20 68.84 -20.62
C ILE E 973 65.68 70.25 -20.82
N VAL E 974 66.49 71.09 -21.45
CA VAL E 974 66.09 72.47 -21.70
C VAL E 974 64.98 72.56 -22.74
N MET E 975 65.06 71.77 -23.80
CA MET E 975 64.05 71.80 -24.86
C MET E 975 62.64 71.41 -24.37
N THR E 976 62.51 70.27 -23.69
CA THR E 976 61.18 69.82 -23.25
C THR E 976 60.64 70.67 -22.11
N SER E 977 61.53 71.10 -21.23
CA SER E 977 61.09 71.91 -20.10
C SER E 977 60.49 73.21 -20.58
N LEU E 978 61.17 73.89 -21.51
CA LEU E 978 60.67 75.15 -22.11
C LEU E 978 59.33 74.94 -22.82
N ALA E 979 59.29 73.96 -23.70
CA ALA E 979 58.10 73.64 -24.50
C ALA E 979 56.88 73.30 -23.63
N PHE E 980 57.11 72.51 -22.59
CA PHE E 980 56.04 72.06 -21.71
C PHE E 980 55.54 73.18 -20.80
N ILE E 981 56.46 73.88 -20.15
CA ILE E 981 56.06 74.97 -19.28
C ILE E 981 55.29 75.99 -20.10
N LEU E 982 55.47 76.01 -21.41
CA LEU E 982 54.77 76.98 -22.25
C LEU E 982 53.38 76.52 -22.63
N GLY E 983 53.25 75.28 -23.09
CA GLY E 983 51.96 74.76 -23.51
C GLY E 983 50.92 74.77 -22.42
N VAL E 984 51.38 74.74 -21.17
CA VAL E 984 50.49 74.67 -20.02
C VAL E 984 50.44 75.98 -19.21
N VAL E 985 50.90 77.09 -19.79
CA VAL E 985 50.78 78.41 -19.15
C VAL E 985 49.35 78.91 -19.25
N PRO E 986 48.76 78.89 -20.46
CA PRO E 986 47.38 79.30 -20.65
C PRO E 986 46.35 78.54 -19.80
N LEU E 987 46.74 77.41 -19.22
CA LEU E 987 45.87 76.70 -18.29
C LEU E 987 45.94 77.38 -16.92
N ALA E 988 46.91 78.27 -16.74
CA ALA E 988 47.12 78.95 -15.47
C ALA E 988 46.59 80.39 -15.49
N ILE E 989 46.70 81.05 -16.64
CA ILE E 989 46.19 82.41 -16.77
C ILE E 989 44.87 82.40 -17.54
N SER E 990 44.04 81.41 -17.24
CA SER E 990 42.76 81.26 -17.92
C SER E 990 41.63 81.61 -17.00
N THR E 991 40.47 81.86 -17.59
CA THR E 991 39.28 82.18 -16.81
C THR E 991 38.01 81.64 -17.47
N GLY E 992 36.94 81.58 -16.68
CA GLY E 992 35.66 81.07 -17.16
C GLY E 992 35.43 79.65 -16.72
N ALA E 993 34.97 78.82 -17.65
CA ALA E 993 34.58 77.44 -17.36
C ALA E 993 35.77 76.58 -16.92
N GLY E 994 35.61 75.90 -15.78
CA GLY E 994 36.67 75.03 -15.25
C GLY E 994 38.03 75.70 -15.11
N SER E 995 38.06 77.03 -15.10
CA SER E 995 39.31 77.76 -14.98
C SER E 995 39.86 77.59 -13.56
N GLY E 996 39.04 77.05 -12.66
CA GLY E 996 39.47 76.82 -11.30
C GLY E 996 40.37 75.61 -11.19
N SER E 997 40.10 74.60 -12.01
CA SER E 997 40.91 73.41 -12.06
C SER E 997 42.12 73.65 -12.94
N GLN E 998 41.90 74.25 -14.11
CA GLN E 998 43.00 74.60 -14.99
C GLN E 998 44.15 75.22 -14.17
N HIS E 999 43.79 76.05 -13.21
CA HIS E 999 44.76 76.71 -12.36
C HIS E 999 45.43 75.73 -11.40
N ALA E 1000 44.71 74.66 -11.07
CA ALA E 1000 45.20 73.65 -10.14
C ALA E 1000 46.25 72.72 -10.76
N ILE E 1001 46.24 72.61 -12.09
CA ILE E 1001 47.20 71.74 -12.79
C ILE E 1001 48.06 72.55 -13.75
N GLY E 1002 48.10 73.86 -13.54
CA GLY E 1002 48.92 74.76 -14.34
C GLY E 1002 49.90 75.48 -13.44
N THR E 1003 49.37 76.13 -12.40
CA THR E 1003 50.17 76.82 -11.39
C THR E 1003 51.05 75.84 -10.63
N GLY E 1004 50.71 74.56 -10.69
CA GLY E 1004 51.49 73.52 -10.01
C GLY E 1004 52.59 72.93 -10.87
N VAL E 1005 52.31 72.75 -12.16
CA VAL E 1005 53.31 72.18 -13.07
C VAL E 1005 54.40 73.20 -13.42
N ILE E 1006 54.03 74.48 -13.46
CA ILE E 1006 54.99 75.54 -13.76
C ILE E 1006 56.00 75.63 -12.64
N GLY E 1007 55.51 75.93 -11.44
CA GLY E 1007 56.36 76.00 -10.26
C GLY E 1007 57.30 74.81 -10.19
N GLY E 1008 56.71 73.61 -10.17
CA GLY E 1008 57.47 72.37 -10.05
C GLY E 1008 58.48 72.11 -11.14
N MET E 1009 58.13 72.43 -12.38
CA MET E 1009 59.01 72.19 -13.52
C MET E 1009 60.22 73.09 -13.51
N VAL E 1010 60.01 74.34 -13.08
CA VAL E 1010 61.10 75.31 -12.98
C VAL E 1010 62.18 74.80 -11.99
N THR E 1011 61.83 74.73 -10.71
CA THR E 1011 62.81 74.40 -9.68
C THR E 1011 63.58 73.10 -9.97
N ALA E 1012 63.05 72.29 -10.85
CA ALA E 1012 63.73 71.05 -11.19
C ALA E 1012 64.65 71.27 -12.38
N THR E 1013 64.24 72.15 -13.29
CA THR E 1013 65.04 72.45 -14.48
C THR E 1013 66.33 73.22 -14.15
N VAL E 1014 66.50 73.59 -12.89
CA VAL E 1014 67.68 74.35 -12.49
C VAL E 1014 68.38 73.69 -11.32
N LEU E 1015 67.61 73.13 -10.39
CA LEU E 1015 68.20 72.43 -9.26
C LEU E 1015 68.67 71.04 -9.63
N ALA E 1016 68.03 70.42 -10.61
CA ALA E 1016 68.41 69.07 -10.98
C ALA E 1016 69.67 69.09 -11.83
N ILE E 1017 69.79 70.06 -12.74
CA ILE E 1017 70.99 70.13 -13.57
C ILE E 1017 72.25 70.37 -12.75
N PHE E 1018 72.11 70.79 -11.49
CA PHE E 1018 73.26 71.02 -10.64
C PHE E 1018 73.37 69.98 -9.55
N TRP E 1019 72.27 69.71 -8.85
CA TRP E 1019 72.30 68.82 -7.70
C TRP E 1019 72.32 67.32 -8.06
N VAL E 1020 71.95 67.00 -9.29
CA VAL E 1020 71.94 65.61 -9.73
C VAL E 1020 73.37 65.05 -9.74
N PRO E 1021 74.26 65.59 -10.61
CA PRO E 1021 75.67 65.13 -10.60
C PRO E 1021 76.30 65.17 -9.20
N LEU E 1022 75.93 66.15 -8.41
CA LEU E 1022 76.35 66.17 -7.02
C LEU E 1022 76.06 64.80 -6.41
N PHE E 1023 74.78 64.43 -6.38
CA PHE E 1023 74.35 63.13 -5.84
C PHE E 1023 75.16 62.00 -6.46
N TYR E 1024 75.26 62.01 -7.79
CA TYR E 1024 75.96 60.94 -8.49
C TYR E 1024 77.41 60.83 -8.02
N VAL E 1025 78.13 61.95 -7.93
CA VAL E 1025 79.53 61.91 -7.52
C VAL E 1025 79.64 61.55 -6.05
N ALA E 1026 78.82 62.18 -5.21
CA ALA E 1026 78.83 61.90 -3.77
C ALA E 1026 78.62 60.42 -3.50
N VAL E 1027 77.46 59.92 -3.88
CA VAL E 1027 77.15 58.50 -3.67
C VAL E 1027 78.28 57.60 -4.19
N SER E 1028 78.80 57.93 -5.38
CA SER E 1028 79.91 57.16 -5.95
C SER E 1028 81.14 57.20 -5.03
N THR E 1029 81.35 58.34 -4.38
CA THR E 1029 82.47 58.53 -3.45
C THR E 1029 82.38 57.62 -2.23
N LEU E 1030 81.27 57.69 -1.49
CA LEU E 1030 81.06 56.85 -0.29
C LEU E 1030 81.63 55.46 -0.51
N MET F 1 64.37 26.19 -36.80
CA MET F 1 63.27 25.34 -36.22
C MET F 1 62.93 24.19 -37.15
N SER F 2 62.63 24.50 -38.40
CA SER F 2 62.32 23.45 -39.36
C SER F 2 63.51 22.53 -39.48
N LYS F 3 64.68 23.13 -39.49
CA LYS F 3 65.91 22.36 -39.57
C LYS F 3 66.11 21.63 -38.24
N PHE F 4 65.60 22.21 -37.17
CA PHE F 4 65.66 21.57 -35.85
C PHE F 4 64.75 20.35 -35.75
N PHE F 5 63.67 20.26 -36.55
CA PHE F 5 62.77 19.09 -36.51
C PHE F 5 62.97 18.05 -37.64
N ILE F 6 63.89 18.31 -38.57
CA ILE F 6 64.13 17.37 -39.64
C ILE F 6 64.93 16.23 -39.06
N ASP F 7 65.75 16.54 -38.05
CA ASP F 7 66.59 15.51 -37.42
C ASP F 7 65.96 14.97 -36.14
N ARG F 8 64.77 15.47 -35.85
CA ARG F 8 64.04 15.08 -34.66
C ARG F 8 62.59 14.83 -35.07
N PRO F 9 62.38 13.91 -35.99
CA PRO F 9 61.04 13.61 -36.47
C PRO F 9 60.10 13.05 -35.43
N ILE F 10 60.63 12.64 -34.28
CA ILE F 10 59.83 12.08 -33.21
C ILE F 10 59.32 13.20 -32.30
N PHE F 11 60.17 14.19 -32.00
CA PHE F 11 59.77 15.39 -31.24
C PHE F 11 58.70 16.12 -32.05
N ALA F 12 58.78 16.03 -33.37
CA ALA F 12 57.82 16.74 -34.24
C ALA F 12 56.48 15.98 -34.36
N TRP F 13 56.47 14.74 -33.90
CA TRP F 13 55.25 13.95 -33.89
C TRP F 13 54.57 14.19 -32.56
N VAL F 14 55.38 14.51 -31.55
CA VAL F 14 54.90 14.76 -30.21
C VAL F 14 54.08 16.04 -30.07
N ILE F 15 54.52 17.12 -30.70
CA ILE F 15 53.70 18.35 -30.62
C ILE F 15 52.40 18.13 -31.42
N ALA F 16 52.54 17.39 -32.52
CA ALA F 16 51.46 16.99 -33.36
C ALA F 16 50.46 16.23 -32.50
N LEU F 17 50.90 15.08 -32.00
CA LEU F 17 50.12 14.23 -31.09
C LEU F 17 49.58 14.98 -29.85
N VAL F 18 50.42 15.74 -29.17
CA VAL F 18 49.93 16.45 -27.99
C VAL F 18 48.71 17.22 -28.38
N ILE F 19 48.82 17.98 -29.48
CA ILE F 19 47.77 18.87 -29.97
C ILE F 19 46.51 18.05 -30.23
N MET F 20 46.68 16.94 -30.94
CA MET F 20 45.55 16.07 -31.25
C MET F 20 44.90 15.56 -29.94
N LEU F 21 45.73 15.10 -29.01
CA LEU F 21 45.25 14.54 -27.76
C LEU F 21 44.29 15.49 -27.13
N ALA F 22 44.71 16.74 -27.08
CA ALA F 22 43.90 17.81 -26.53
C ALA F 22 42.75 18.17 -27.45
N GLY F 23 42.86 17.83 -28.74
CA GLY F 23 41.85 18.18 -29.69
C GLY F 23 40.74 17.16 -29.60
N GLY F 24 41.14 15.90 -29.66
CA GLY F 24 40.20 14.81 -29.44
C GLY F 24 39.57 14.91 -28.07
N LEU F 25 40.33 14.57 -27.03
CA LEU F 25 39.78 14.57 -25.69
C LEU F 25 38.76 15.71 -25.53
N SER F 26 39.08 16.86 -26.11
CA SER F 26 38.26 18.08 -25.98
C SER F 26 36.90 18.00 -26.72
N ILE F 27 36.78 17.06 -27.66
CA ILE F 27 35.56 16.87 -28.46
C ILE F 27 34.50 16.01 -27.75
N LEU F 28 34.60 15.88 -26.44
CA LEU F 28 33.66 15.07 -25.69
C LEU F 28 32.78 15.90 -24.75
N SER F 29 33.28 17.06 -24.34
CA SER F 29 32.54 17.99 -23.50
C SER F 29 32.03 19.21 -24.29
N LEU F 30 32.25 19.21 -25.58
CA LEU F 30 31.90 20.34 -26.41
C LEU F 30 30.39 20.20 -26.76
N PRO F 31 29.61 21.23 -26.53
CA PRO F 31 28.23 21.17 -26.96
C PRO F 31 28.04 21.01 -28.47
N VAL F 32 26.87 20.52 -28.84
CA VAL F 32 26.51 20.43 -30.24
C VAL F 32 25.23 21.16 -30.44
N ASN F 33 25.24 22.07 -31.39
CA ASN F 33 24.04 22.80 -31.75
C ASN F 33 23.91 22.79 -33.23
N GLN F 34 22.81 23.31 -33.71
CA GLN F 34 22.65 23.57 -35.13
C GLN F 34 23.29 24.93 -35.37
N TYR F 35 23.00 25.87 -34.48
CA TYR F 35 23.50 27.22 -34.58
C TYR F 35 23.93 27.76 -33.20
N PRO F 36 24.91 28.68 -33.15
CA PRO F 36 25.25 29.28 -31.86
C PRO F 36 24.05 30.09 -31.45
N ALA F 37 24.18 31.05 -30.53
CA ALA F 37 23.04 31.81 -30.05
C ALA F 37 22.94 33.14 -30.72
N ILE F 38 22.37 33.11 -31.93
CA ILE F 38 22.36 34.33 -32.75
C ILE F 38 21.23 35.30 -32.48
N ALA F 39 20.17 34.86 -31.81
CA ALA F 39 18.98 35.73 -31.58
C ALA F 39 19.16 36.85 -30.55
N PRO F 40 18.50 38.00 -30.75
CA PRO F 40 18.69 39.00 -29.70
C PRO F 40 17.90 38.67 -28.43
N PRO F 41 18.46 38.95 -27.25
CA PRO F 41 17.67 38.74 -26.03
C PRO F 41 16.42 39.59 -25.99
N ALA F 42 15.42 39.15 -25.22
CA ALA F 42 14.15 39.89 -25.04
C ALA F 42 13.51 39.61 -23.68
N ILE F 43 13.00 40.66 -23.04
CA ILE F 43 12.25 40.51 -21.79
C ILE F 43 10.78 40.90 -22.00
N ALA F 44 9.89 39.98 -21.63
CA ALA F 44 8.44 40.19 -21.73
C ALA F 44 7.88 40.68 -20.42
N VAL F 45 6.95 41.61 -20.52
CA VAL F 45 6.15 42.00 -19.38
C VAL F 45 4.72 41.57 -19.70
N GLN F 46 4.12 40.79 -18.81
CA GLN F 46 2.74 40.35 -19.04
C GLN F 46 1.89 40.47 -17.80
N VAL F 47 0.69 40.99 -17.98
CA VAL F 47 -0.29 41.13 -16.91
C VAL F 47 -1.65 40.82 -17.50
N SER F 48 -2.69 41.41 -16.90
CA SER F 48 -4.07 41.23 -17.28
C SER F 48 -4.93 42.20 -16.44
N TYR F 49 -5.84 42.90 -17.12
CA TYR F 49 -6.79 43.77 -16.46
C TYR F 49 -8.19 43.15 -16.54
N PRO F 50 -8.53 42.25 -15.60
CA PRO F 50 -9.84 41.59 -15.63
C PRO F 50 -11.02 42.52 -15.97
N GLY F 51 -11.50 42.41 -17.21
CA GLY F 51 -12.70 43.10 -17.64
C GLY F 51 -12.39 44.25 -18.55
N ALA F 52 -11.12 44.65 -18.60
CA ALA F 52 -10.72 45.85 -19.32
C ALA F 52 -10.85 45.61 -20.80
N SER F 53 -11.17 46.62 -21.59
CA SER F 53 -11.09 46.48 -23.04
C SER F 53 -9.65 46.81 -23.47
N ALA F 54 -9.38 46.69 -24.76
CA ALA F 54 -8.03 46.96 -25.29
C ALA F 54 -7.62 48.40 -25.03
N GLU F 55 -8.44 49.32 -25.50
CA GLU F 55 -8.14 50.73 -25.40
C GLU F 55 -7.85 51.13 -23.95
N THR F 56 -8.52 50.50 -23.00
CA THR F 56 -8.33 50.81 -21.58
C THR F 56 -7.03 50.19 -21.05
N VAL F 57 -6.71 49.02 -21.56
CA VAL F 57 -5.48 48.32 -21.19
C VAL F 57 -4.29 49.07 -21.75
N GLN F 58 -4.41 49.45 -23.02
CA GLN F 58 -3.39 50.18 -23.73
C GLN F 58 -3.08 51.54 -23.08
N ASP F 59 -4.09 52.18 -22.48
CA ASP F 59 -3.93 53.51 -21.88
C ASP F 59 -3.64 53.50 -20.38
N THR F 60 -4.19 52.54 -19.65
CA THR F 60 -3.98 52.47 -18.20
C THR F 60 -2.75 51.65 -17.79
N VAL F 61 -2.41 50.61 -18.57
CA VAL F 61 -1.29 49.70 -18.21
C VAL F 61 -0.12 49.66 -19.21
N VAL F 62 -0.44 49.66 -20.51
CA VAL F 62 0.58 49.51 -21.54
C VAL F 62 1.46 50.76 -21.77
N GLN F 63 0.86 51.94 -21.71
CA GLN F 63 1.58 53.19 -21.98
C GLN F 63 2.56 53.54 -20.88
N VAL F 64 2.20 53.23 -19.64
CA VAL F 64 3.01 53.62 -18.48
C VAL F 64 4.23 52.72 -18.27
N ILE F 65 4.09 51.43 -18.59
CA ILE F 65 5.18 50.47 -18.49
C ILE F 65 6.09 50.58 -19.71
N GLU F 66 5.46 50.86 -20.86
CA GLU F 66 6.14 51.11 -22.11
C GLU F 66 7.09 52.29 -22.02
N GLN F 67 6.60 53.38 -21.44
CA GLN F 67 7.39 54.60 -21.26
C GLN F 67 8.62 54.26 -20.43
N GLN F 68 8.37 53.87 -19.18
CA GLN F 68 9.44 53.51 -18.23
C GLN F 68 10.48 52.55 -18.82
N MET F 69 10.10 51.75 -19.81
CA MET F 69 11.06 50.87 -20.49
C MET F 69 11.89 51.66 -21.49
N ASN F 70 11.51 52.91 -21.72
CA ASN F 70 12.32 53.76 -22.59
C ASN F 70 13.55 54.06 -21.76
N GLY F 71 14.69 54.16 -22.41
CA GLY F 71 15.91 54.53 -21.71
C GLY F 71 16.67 53.38 -21.10
N ILE F 72 16.14 52.16 -21.17
CA ILE F 72 16.86 50.99 -20.66
C ILE F 72 18.12 50.80 -21.50
N ASP F 73 19.12 50.12 -20.93
CA ASP F 73 20.37 49.84 -21.63
C ASP F 73 20.25 48.91 -22.83
N ASN F 74 21.05 49.19 -23.85
CA ASN F 74 21.14 48.35 -25.01
C ASN F 74 19.78 47.97 -25.59
N LEU F 75 18.84 48.91 -25.52
CA LEU F 75 17.52 48.70 -26.12
C LEU F 75 17.56 48.73 -27.64
N ARG F 76 16.98 47.74 -28.28
CA ARG F 76 16.80 47.71 -29.71
C ARG F 76 15.39 48.19 -30.07
N TYR F 77 14.37 47.48 -29.59
CA TYR F 77 12.99 47.90 -29.82
C TYR F 77 12.00 47.26 -28.87
N ILE F 78 10.82 47.88 -28.78
CA ILE F 78 9.78 47.47 -27.85
C ILE F 78 8.43 47.44 -28.55
N SER F 79 7.87 46.25 -28.67
CA SER F 79 6.52 46.09 -29.18
C SER F 79 5.60 45.62 -28.06
N SER F 80 4.34 46.03 -28.12
CA SER F 80 3.40 45.61 -27.10
C SER F 80 2.03 45.39 -27.71
N GLU F 81 1.22 44.58 -27.04
CA GLU F 81 -0.13 44.28 -27.51
C GLU F 81 -1.12 44.25 -26.37
N SER F 82 -2.28 44.86 -26.62
CA SER F 82 -3.42 44.83 -25.70
C SER F 82 -4.54 44.04 -26.37
N ASN F 83 -5.10 43.04 -25.68
CA ASN F 83 -6.14 42.21 -26.27
C ASN F 83 -7.43 42.13 -25.47
N SER F 84 -8.52 41.86 -26.19
CA SER F 84 -9.88 41.79 -25.64
C SER F 84 -9.96 41.15 -24.25
N ASP F 85 -9.52 39.89 -24.12
CA ASP F 85 -9.50 39.19 -22.83
C ASP F 85 -8.98 40.04 -21.67
N GLY F 86 -8.19 41.06 -21.99
CA GLY F 86 -7.65 41.98 -20.99
C GLY F 86 -6.17 41.77 -20.71
N SER F 87 -5.62 40.67 -21.20
CA SER F 87 -4.20 40.43 -21.09
C SER F 87 -3.43 41.36 -22.01
N MET F 88 -2.24 41.74 -21.55
CA MET F 88 -1.33 42.60 -22.30
C MET F 88 0.06 42.02 -22.23
N THR F 89 0.86 42.34 -23.23
CA THR F 89 2.24 41.87 -23.29
C THR F 89 3.13 42.92 -23.93
N ILE F 90 4.24 43.18 -23.24
CA ILE F 90 5.22 44.13 -23.74
C ILE F 90 6.52 43.40 -23.89
N THR F 91 7.07 43.44 -25.08
CA THR F 91 8.32 42.76 -25.34
C THR F 91 9.39 43.82 -25.55
N VAL F 92 10.40 43.81 -24.67
CA VAL F 92 11.50 44.78 -24.74
C VAL F 92 12.74 44.09 -25.28
N THR F 93 13.05 44.31 -26.56
CA THR F 93 14.20 43.64 -27.22
C THR F 93 15.52 44.43 -27.01
N PHE F 94 16.63 43.71 -27.12
CA PHE F 94 17.95 44.28 -26.82
C PHE F 94 18.95 43.79 -27.86
N GLU F 95 20.14 44.40 -27.79
CA GLU F 95 21.22 44.07 -28.72
C GLU F 95 21.94 42.77 -28.32
N GLN F 96 22.25 41.96 -29.32
CA GLN F 96 23.08 40.78 -29.09
C GLN F 96 24.23 41.25 -28.21
N GLY F 97 24.61 40.40 -27.24
CA GLY F 97 25.69 40.70 -26.32
C GLY F 97 25.20 41.25 -25.01
N THR F 98 23.92 41.57 -24.94
CA THR F 98 23.33 42.00 -23.68
C THR F 98 23.16 40.78 -22.79
N ASP F 99 23.50 40.93 -21.51
CA ASP F 99 23.37 39.85 -20.55
C ASP F 99 21.88 39.77 -20.21
N PRO F 100 21.26 38.61 -20.45
CA PRO F 100 19.81 38.63 -20.21
C PRO F 100 19.37 38.81 -18.75
N ASP F 101 20.18 38.44 -17.77
CA ASP F 101 19.77 38.71 -16.37
C ASP F 101 19.93 40.17 -15.95
N ILE F 102 20.93 40.86 -16.48
CA ILE F 102 20.99 42.31 -16.25
C ILE F 102 19.80 42.97 -16.93
N ALA F 103 19.43 42.50 -18.11
CA ALA F 103 18.30 43.10 -18.83
C ALA F 103 17.03 42.89 -18.02
N GLN F 104 16.79 41.64 -17.64
CA GLN F 104 15.63 41.33 -16.80
C GLN F 104 15.61 42.22 -15.56
N VAL F 105 16.77 42.35 -14.91
CA VAL F 105 16.82 43.14 -13.70
C VAL F 105 16.48 44.60 -14.01
N GLN F 106 16.92 45.10 -15.17
CA GLN F 106 16.66 46.49 -15.50
C GLN F 106 15.20 46.70 -15.82
N VAL F 107 14.60 45.77 -16.57
CA VAL F 107 13.15 45.84 -16.80
C VAL F 107 12.40 45.91 -15.47
N GLN F 108 12.73 45.01 -14.54
CA GLN F 108 12.10 45.07 -13.19
C GLN F 108 12.32 46.39 -12.43
N ASN F 109 13.52 46.93 -12.55
CA ASN F 109 13.83 48.17 -11.84
C ASN F 109 12.99 49.28 -12.39
N LYS F 110 12.84 49.31 -13.71
CA LYS F 110 12.02 50.33 -14.39
C LYS F 110 10.54 50.02 -14.13
N LEU F 111 10.16 48.76 -14.31
CA LEU F 111 8.77 48.35 -14.09
C LEU F 111 8.24 48.81 -12.75
N GLN F 112 8.99 48.49 -11.69
CA GLN F 112 8.67 48.86 -10.30
C GLN F 112 8.30 50.33 -10.14
N LEU F 113 8.94 51.19 -10.91
CA LEU F 113 8.66 52.61 -10.89
C LEU F 113 7.26 52.91 -11.36
N ALA F 114 6.92 52.42 -12.55
CA ALA F 114 5.61 52.71 -13.14
C ALA F 114 4.45 51.97 -12.44
N THR F 115 4.76 51.26 -11.37
CA THR F 115 3.77 50.42 -10.72
C THR F 115 2.61 51.13 -10.02
N PRO F 116 2.90 52.08 -9.10
CA PRO F 116 1.81 52.82 -8.42
C PRO F 116 1.07 53.81 -9.31
N LEU F 117 1.19 53.67 -10.63
CA LEU F 117 0.50 54.54 -11.57
C LEU F 117 -0.57 53.78 -12.34
N LEU F 118 -0.69 52.48 -12.06
CA LEU F 118 -1.61 51.60 -12.77
C LEU F 118 -2.85 51.26 -11.94
N PRO F 119 -3.90 50.75 -12.60
CA PRO F 119 -5.12 50.50 -11.84
C PRO F 119 -4.86 49.58 -10.62
N GLN F 120 -5.46 49.92 -9.48
CA GLN F 120 -5.29 49.14 -8.25
C GLN F 120 -5.61 47.66 -8.49
N GLU F 121 -6.44 47.37 -9.50
CA GLU F 121 -6.76 45.99 -9.88
C GLU F 121 -5.58 45.27 -10.53
N VAL F 122 -4.97 45.92 -11.54
CA VAL F 122 -3.78 45.39 -12.24
C VAL F 122 -2.61 45.17 -11.30
N GLN F 123 -2.47 46.05 -10.32
CA GLN F 123 -1.42 45.91 -9.31
C GLN F 123 -1.70 44.69 -8.46
N ARG F 124 -2.98 44.48 -8.16
CA ARG F 124 -3.43 43.36 -7.35
C ARG F 124 -2.95 42.07 -8.00
N GLN F 125 -3.13 41.96 -9.32
CA GLN F 125 -2.70 40.77 -10.05
C GLN F 125 -1.25 40.46 -9.73
N GLY F 126 -0.35 41.37 -10.11
CA GLY F 126 1.08 41.14 -9.94
C GLY F 126 1.76 40.91 -11.27
N ILE F 127 2.30 41.98 -11.83
CA ILE F 127 2.92 41.94 -13.16
C ILE F 127 4.08 40.95 -13.18
N ARG F 128 4.05 40.01 -14.14
CA ARG F 128 5.05 38.97 -14.29
C ARG F 128 6.05 39.27 -15.42
N VAL F 129 7.33 39.10 -15.11
CA VAL F 129 8.41 39.44 -16.02
C VAL F 129 9.29 38.24 -16.28
N THR F 130 9.50 37.91 -17.56
CA THR F 130 10.35 36.79 -17.94
C THR F 130 11.08 36.93 -19.29
N LYS F 131 12.15 36.19 -19.45
CA LYS F 131 12.92 36.18 -20.67
C LYS F 131 12.15 35.58 -21.85
N ALA F 132 11.65 36.45 -22.72
CA ALA F 132 10.96 36.03 -23.95
C ALA F 132 11.82 35.17 -24.85
N VAL F 133 11.18 34.22 -25.53
CA VAL F 133 11.80 33.30 -26.51
C VAL F 133 10.69 32.96 -27.53
N LYS F 134 11.01 32.79 -28.79
CA LYS F 134 9.96 32.77 -29.84
C LYS F 134 9.56 31.36 -30.34
N ASN F 135 10.38 30.35 -30.08
CA ASN F 135 10.06 29.02 -30.57
C ASN F 135 9.95 27.95 -29.46
N PHE F 136 9.10 26.94 -29.70
CA PHE F 136 9.00 25.77 -28.83
C PHE F 136 10.00 24.75 -29.32
N LEU F 137 10.79 24.20 -28.42
CA LEU F 137 11.73 23.17 -28.78
C LEU F 137 10.93 21.98 -29.20
N MET F 138 9.86 21.72 -28.44
CA MET F 138 9.00 20.59 -28.72
C MET F 138 7.60 20.75 -28.16
N VAL F 139 6.80 19.71 -28.34
CA VAL F 139 5.48 19.62 -27.77
C VAL F 139 5.30 18.24 -27.19
N VAL F 140 5.28 18.11 -25.86
CA VAL F 140 5.00 16.80 -25.27
C VAL F 140 3.49 16.60 -25.31
N GLY F 141 3.04 15.52 -25.95
CA GLY F 141 1.61 15.26 -26.10
C GLY F 141 1.08 14.08 -25.28
N VAL F 142 -0.23 13.94 -25.25
CA VAL F 142 -0.81 12.78 -24.58
C VAL F 142 -2.18 12.46 -25.17
N VAL F 143 -2.30 11.23 -25.67
CA VAL F 143 -3.51 10.75 -26.33
C VAL F 143 -3.86 9.36 -25.76
N SER F 144 -5.15 9.09 -25.52
CA SER F 144 -5.57 7.82 -24.95
C SER F 144 -5.88 6.78 -26.02
N THR F 145 -5.37 5.56 -25.82
CA THR F 145 -5.51 4.49 -26.81
C THR F 145 -6.95 3.93 -26.87
N ASP F 146 -7.76 4.19 -25.84
CA ASP F 146 -9.16 3.74 -25.82
C ASP F 146 -10.17 4.90 -25.88
N GLY F 147 -10.41 5.57 -24.76
CA GLY F 147 -11.39 6.66 -24.73
C GLY F 147 -11.86 7.06 -23.33
N SER F 148 -11.32 6.40 -22.32
CA SER F 148 -11.68 6.62 -20.92
C SER F 148 -11.35 8.03 -20.42
N MET F 149 -10.40 8.69 -21.07
CA MET F 149 -9.97 10.03 -20.69
C MET F 149 -10.19 10.99 -21.86
N THR F 150 -10.79 12.13 -21.53
CA THR F 150 -11.06 13.17 -22.53
C THR F 150 -9.97 14.25 -22.50
N LYS F 151 -9.98 15.13 -23.51
CA LYS F 151 -9.01 16.22 -23.59
C LYS F 151 -8.74 16.72 -22.19
N GLU F 152 -9.84 17.03 -21.51
CA GLU F 152 -9.84 17.58 -20.17
C GLU F 152 -9.19 16.66 -19.14
N ASP F 153 -9.49 15.37 -19.22
CA ASP F 153 -8.91 14.40 -18.28
C ASP F 153 -7.42 14.27 -18.54
N LEU F 154 -7.06 14.28 -19.81
CA LEU F 154 -5.67 14.19 -20.23
C LEU F 154 -4.95 15.49 -19.86
N SER F 155 -5.57 16.62 -20.17
CA SER F 155 -5.00 17.91 -19.84
C SER F 155 -4.70 17.98 -18.34
N ASN F 156 -5.65 17.53 -17.53
CA ASN F 156 -5.52 17.58 -16.08
C ASN F 156 -4.43 16.64 -15.62
N TYR F 157 -4.21 15.55 -16.36
CA TYR F 157 -3.12 14.67 -15.99
C TYR F 157 -1.77 15.38 -16.17
N ILE F 158 -1.62 16.08 -17.30
CA ILE F 158 -0.39 16.84 -17.58
C ILE F 158 -0.11 17.89 -16.50
N VAL F 159 -1.05 18.81 -16.29
CA VAL F 159 -0.86 19.90 -15.33
C VAL F 159 -0.88 19.41 -13.91
N SER F 160 -0.80 18.09 -13.72
CA SER F 160 -0.89 17.52 -12.37
C SER F 160 0.33 16.69 -11.98
N ASN F 161 0.74 15.78 -12.87
CA ASN F 161 1.81 14.84 -12.59
C ASN F 161 3.04 14.99 -13.50
N ILE F 162 2.97 15.89 -14.49
CA ILE F 162 3.97 15.95 -15.55
C ILE F 162 4.61 17.32 -15.64
N GLN F 163 3.76 18.35 -15.77
CA GLN F 163 4.18 19.75 -15.83
C GLN F 163 5.35 20.11 -14.91
N ASP F 164 5.12 20.05 -13.60
CA ASP F 164 6.11 20.48 -12.60
C ASP F 164 7.55 19.91 -12.77
N PRO F 165 7.68 18.59 -12.99
CA PRO F 165 9.05 18.08 -13.17
C PRO F 165 9.63 18.48 -14.52
N LEU F 166 8.76 18.52 -15.52
CA LEU F 166 9.11 18.96 -16.87
C LEU F 166 9.58 20.42 -16.82
N SER F 167 8.88 21.22 -16.00
CA SER F 167 9.22 22.62 -15.80
C SER F 167 10.44 22.79 -14.88
N ARG F 168 11.01 21.67 -14.45
CA ARG F 168 12.20 21.71 -13.63
C ARG F 168 13.19 20.68 -14.18
N THR F 169 12.98 20.28 -15.43
CA THR F 169 13.97 19.48 -16.12
C THR F 169 15.03 20.43 -16.63
N LYS F 170 16.29 20.08 -16.43
CA LYS F 170 17.40 20.94 -16.87
C LYS F 170 17.23 21.30 -18.35
N GLY F 171 17.50 22.56 -18.68
CA GLY F 171 17.41 23.01 -20.06
C GLY F 171 16.04 23.52 -20.42
N VAL F 172 15.04 23.20 -19.60
CA VAL F 172 13.66 23.65 -19.84
C VAL F 172 13.35 25.06 -19.29
N GLY F 173 12.62 25.85 -20.08
CA GLY F 173 12.24 27.20 -19.65
C GLY F 173 10.75 27.38 -19.56
N ASP F 174 10.28 28.47 -20.17
CA ASP F 174 8.87 28.78 -20.25
C ASP F 174 8.12 27.63 -20.93
N PHE F 175 6.89 27.39 -20.49
CA PHE F 175 6.09 26.34 -21.09
C PHE F 175 4.62 26.74 -21.22
N GLN F 176 3.92 26.13 -22.16
CA GLN F 176 2.50 26.41 -22.34
C GLN F 176 1.66 25.15 -22.33
N VAL F 177 0.62 25.13 -21.51
CA VAL F 177 -0.27 23.96 -21.47
C VAL F 177 -1.47 24.13 -22.41
N PHE F 178 -1.69 23.11 -23.24
CA PHE F 178 -2.81 23.11 -24.18
C PHE F 178 -4.05 22.52 -23.50
N GLY F 179 -4.50 23.21 -22.46
CA GLY F 179 -5.57 22.72 -21.64
C GLY F 179 -5.40 23.28 -20.25
N SER F 180 -5.89 22.56 -19.25
CA SER F 180 -5.69 22.98 -17.86
C SER F 180 -5.95 21.83 -16.89
N GLN F 181 -5.87 22.14 -15.61
CA GLN F 181 -6.12 21.13 -14.59
C GLN F 181 -7.57 21.26 -14.12
N TYR F 182 -8.07 20.27 -13.37
CA TYR F 182 -9.45 20.32 -12.91
C TYR F 182 -9.64 21.49 -11.99
N SER F 183 -10.92 21.90 -11.90
CA SER F 183 -11.38 22.98 -11.07
C SER F 183 -12.79 22.63 -10.59
N MET F 184 -13.15 23.08 -9.40
CA MET F 184 -14.49 22.85 -8.91
C MET F 184 -15.39 23.87 -9.58
N ARG F 185 -16.18 23.43 -10.55
CA ARG F 185 -17.02 24.37 -11.32
C ARG F 185 -18.44 24.45 -10.79
N ILE F 186 -18.67 25.44 -9.95
CA ILE F 186 -19.99 25.75 -9.46
C ILE F 186 -20.78 26.58 -10.49
N TRP F 187 -21.58 25.91 -11.31
CA TRP F 187 -22.45 26.56 -12.32
C TRP F 187 -23.77 27.09 -11.75
N LEU F 188 -23.79 28.35 -11.34
CA LEU F 188 -24.99 28.96 -10.75
C LEU F 188 -26.16 29.07 -11.71
N ASP F 189 -27.31 28.54 -11.26
CA ASP F 189 -28.57 28.63 -11.99
C ASP F 189 -29.35 29.86 -11.55
N PRO F 190 -29.62 30.80 -12.48
CA PRO F 190 -30.34 32.01 -12.14
C PRO F 190 -31.86 31.78 -11.94
N ALA F 191 -32.37 30.65 -12.43
CA ALA F 191 -33.78 30.32 -12.22
C ALA F 191 -33.97 29.78 -10.82
N LYS F 192 -33.27 28.68 -10.54
CA LYS F 192 -33.34 28.00 -9.25
C LYS F 192 -32.66 28.81 -8.13
N LEU F 193 -32.27 30.04 -8.44
CA LEU F 193 -31.58 30.90 -7.48
C LEU F 193 -32.48 32.02 -6.99
N ASN F 194 -33.41 32.44 -7.84
CA ASN F 194 -34.41 33.45 -7.48
C ASN F 194 -35.47 32.84 -6.57
N SER F 195 -35.81 31.58 -6.85
CA SER F 195 -36.82 30.87 -6.09
C SER F 195 -36.48 30.85 -4.60
N TYR F 196 -35.19 30.79 -4.29
CA TYR F 196 -34.73 30.79 -2.90
C TYR F 196 -34.35 32.20 -2.48
N GLN F 197 -34.73 33.19 -3.28
CA GLN F 197 -34.44 34.59 -2.98
C GLN F 197 -32.96 34.74 -2.66
N LEU F 198 -32.10 34.34 -3.59
CA LEU F 198 -30.65 34.40 -3.38
C LEU F 198 -29.94 35.13 -4.51
N THR F 199 -28.67 35.46 -4.28
CA THR F 199 -27.85 36.18 -5.25
C THR F 199 -26.54 35.44 -5.51
N PRO F 200 -25.83 35.81 -6.60
CA PRO F 200 -24.58 35.13 -6.93
C PRO F 200 -23.52 35.35 -5.85
N GLY F 201 -23.58 36.51 -5.21
CA GLY F 201 -22.67 36.82 -4.12
C GLY F 201 -22.66 35.72 -3.09
N ASP F 202 -23.58 35.81 -2.14
CA ASP F 202 -23.69 34.86 -1.02
C ASP F 202 -22.97 33.54 -1.23
N VAL F 203 -23.24 32.88 -2.36
CA VAL F 203 -22.61 31.60 -2.68
C VAL F 203 -21.07 31.73 -2.67
N SER F 204 -20.59 32.92 -3.01
CA SER F 204 -19.17 33.22 -2.99
C SER F 204 -18.73 33.41 -1.54
N SER F 205 -19.64 33.90 -0.72
CA SER F 205 -19.38 34.12 0.69
C SER F 205 -19.51 32.82 1.47
N ALA F 206 -20.43 31.98 1.04
CA ALA F 206 -20.65 30.69 1.67
C ALA F 206 -19.41 29.82 1.54
N ILE F 207 -18.83 29.80 0.34
CA ILE F 207 -17.63 29.03 0.07
C ILE F 207 -16.47 29.57 0.88
N GLN F 208 -16.39 30.89 0.96
CA GLN F 208 -15.31 31.56 1.67
C GLN F 208 -15.50 31.55 3.18
N ALA F 209 -16.52 30.85 3.65
CA ALA F 209 -16.80 30.72 5.07
C ALA F 209 -16.75 29.27 5.52
N GLN F 210 -17.12 28.36 4.62
CA GLN F 210 -17.19 26.94 4.93
C GLN F 210 -15.96 26.19 4.45
N ASN F 211 -15.58 26.41 3.19
CA ASN F 211 -14.38 25.78 2.65
C ASN F 211 -13.10 26.56 2.98
N VAL F 212 -12.42 26.17 4.04
CA VAL F 212 -11.17 26.82 4.43
C VAL F 212 -10.43 26.12 5.57
N GLN F 213 -9.12 26.02 5.41
CA GLN F 213 -8.24 25.46 6.42
C GLN F 213 -7.96 26.52 7.46
N ILE F 214 -8.44 26.31 8.69
CA ILE F 214 -8.29 27.30 9.77
C ILE F 214 -7.04 27.07 10.62
N SER F 215 -6.42 28.16 11.07
CA SER F 215 -5.22 28.09 11.90
C SER F 215 -5.53 27.65 13.33
N SER F 216 -5.99 26.41 13.46
CA SER F 216 -6.30 25.84 14.77
C SER F 216 -5.02 25.59 15.55
N GLY F 217 -5.04 25.94 16.83
CA GLY F 217 -3.84 25.86 17.66
C GLY F 217 -3.49 24.46 18.09
N GLN F 218 -2.85 24.38 19.27
CA GLN F 218 -2.41 23.11 19.81
C GLN F 218 -2.65 23.03 21.32
N LEU F 219 -3.08 21.86 21.77
CA LEU F 219 -3.27 21.58 23.18
C LEU F 219 -1.95 21.56 23.93
N GLY F 220 -1.93 22.23 25.07
CA GLY F 220 -0.74 22.23 25.90
C GLY F 220 0.43 22.80 25.12
N GLY F 221 0.16 23.86 24.36
CA GLY F 221 1.19 24.55 23.60
C GLY F 221 1.70 25.75 24.38
N LEU F 222 2.98 26.04 24.24
CA LEU F 222 3.62 27.14 24.95
C LEU F 222 2.88 28.45 24.68
N PRO F 223 2.76 29.31 25.70
CA PRO F 223 3.21 29.06 27.07
C PRO F 223 2.28 28.09 27.77
N ALA F 224 2.86 26.99 28.25
CA ALA F 224 2.10 25.93 28.91
C ALA F 224 2.32 26.02 30.41
N VAL F 225 1.31 25.56 31.16
CA VAL F 225 1.42 25.50 32.61
C VAL F 225 2.58 24.62 33.03
N LYS F 226 2.61 24.25 34.31
CA LYS F 226 3.63 23.37 34.82
C LYS F 226 3.07 21.95 34.90
N GLY F 227 3.89 20.98 34.53
CA GLY F 227 3.50 19.59 34.65
C GLY F 227 2.81 19.01 33.44
N GLN F 228 2.24 19.88 32.61
CA GLN F 228 1.57 19.43 31.38
C GLN F 228 2.42 18.39 30.64
N GLN F 229 1.80 17.25 30.35
CA GLN F 229 2.46 16.19 29.60
C GLN F 229 1.68 15.91 28.33
N LEU F 230 0.78 16.83 27.99
CA LEU F 230 -0.02 16.72 26.78
C LEU F 230 0.37 17.80 25.77
N ASN F 231 0.44 17.40 24.52
CA ASN F 231 0.69 18.33 23.43
C ASN F 231 0.33 17.67 22.11
N ALA F 232 -0.60 18.28 21.36
CA ALA F 232 -1.05 17.75 20.09
C ALA F 232 -1.70 18.83 19.21
N THR F 233 -1.75 18.59 17.91
CA THR F 233 -2.30 19.56 16.99
C THR F 233 -3.81 19.45 16.90
N ILE F 234 -4.47 20.61 16.88
CA ILE F 234 -5.91 20.69 16.82
C ILE F 234 -6.35 20.79 15.36
N ILE F 235 -6.46 19.67 14.67
CA ILE F 235 -7.03 19.70 13.33
C ILE F 235 -8.41 20.36 13.41
N GLY F 236 -8.81 21.09 12.38
CA GLY F 236 -10.06 21.87 12.42
C GLY F 236 -10.87 21.79 11.12
N LYS F 237 -11.21 22.97 10.60
CA LYS F 237 -12.09 23.07 9.42
C LYS F 237 -11.54 22.27 8.24
N THR F 238 -10.41 22.72 7.70
CA THR F 238 -9.76 22.05 6.57
C THR F 238 -10.50 22.16 5.22
N ARG F 239 -9.72 22.38 4.16
CA ARG F 239 -10.23 22.52 2.80
C ARG F 239 -11.09 21.32 2.36
N LEU F 240 -12.16 21.61 1.62
CA LEU F 240 -12.99 20.56 1.04
C LEU F 240 -12.22 19.87 -0.05
N GLN F 241 -12.89 19.01 -0.81
CA GLN F 241 -12.18 18.23 -1.82
C GLN F 241 -13.08 17.52 -2.83
N THR F 242 -14.33 17.26 -2.46
CA THR F 242 -15.22 16.47 -3.30
C THR F 242 -16.35 17.31 -3.89
N ALA F 243 -16.85 16.88 -5.05
CA ALA F 243 -18.01 17.51 -5.65
C ALA F 243 -19.19 17.47 -4.68
N GLU F 244 -19.39 16.31 -4.07
CA GLU F 244 -20.49 16.11 -3.12
C GLU F 244 -20.11 16.62 -1.72
N GLN F 245 -19.52 17.80 -1.67
CA GLN F 245 -19.09 18.40 -0.42
C GLN F 245 -19.26 19.92 -0.50
N PHE F 246 -19.28 20.44 -1.72
CA PHE F 246 -19.55 21.84 -1.97
C PHE F 246 -21.06 21.99 -2.17
N GLU F 247 -21.68 20.90 -2.59
CA GLU F 247 -23.13 20.84 -2.73
C GLU F 247 -23.77 21.02 -1.38
N ASN F 248 -23.07 20.59 -0.33
CA ASN F 248 -23.55 20.69 1.05
C ASN F 248 -23.44 22.10 1.66
N ILE F 249 -22.92 23.05 0.90
CA ILE F 249 -22.76 24.41 1.43
C ILE F 249 -24.13 24.98 1.79
N LEU F 250 -24.26 25.47 3.02
CA LEU F 250 -25.52 26.03 3.49
C LEU F 250 -25.66 27.47 3.04
N LEU F 251 -26.68 27.76 2.25
CA LEU F 251 -26.96 29.12 1.83
C LEU F 251 -27.74 29.86 2.92
N LYS F 252 -29.05 29.62 2.98
CA LYS F 252 -29.91 30.19 4.02
C LYS F 252 -30.97 29.17 4.43
N VAL F 253 -31.63 29.42 5.56
CA VAL F 253 -32.64 28.48 6.07
C VAL F 253 -34.06 28.90 5.70
N ASN F 254 -34.97 27.93 5.72
CA ASN F 254 -36.38 28.17 5.37
C ASN F 254 -37.32 27.87 6.54
N PRO F 255 -38.60 28.25 6.41
CA PRO F 255 -39.60 27.99 7.44
C PRO F 255 -39.82 26.49 7.68
N ASP F 256 -40.04 25.73 6.61
CA ASP F 256 -40.22 24.29 6.68
C ASP F 256 -39.23 23.64 7.63
N GLY F 257 -38.07 24.28 7.81
CA GLY F 257 -37.05 23.80 8.74
C GLY F 257 -35.79 23.35 8.04
N SER F 258 -35.85 23.23 6.71
CA SER F 258 -34.68 22.81 5.92
C SER F 258 -33.75 23.99 5.61
N GLN F 259 -32.60 23.66 5.06
CA GLN F 259 -31.60 24.66 4.68
C GLN F 259 -31.43 24.62 3.16
N VAL F 260 -30.89 25.70 2.60
CA VAL F 260 -30.64 25.78 1.17
C VAL F 260 -29.24 25.27 0.84
N ARG F 261 -29.18 24.29 -0.07
CA ARG F 261 -27.92 23.67 -0.46
C ARG F 261 -27.55 24.05 -1.90
N LEU F 262 -26.26 24.34 -2.12
CA LEU F 262 -25.75 24.73 -3.43
C LEU F 262 -26.32 23.84 -4.53
N LYS F 263 -26.63 22.59 -4.17
CA LYS F 263 -27.20 21.63 -5.10
C LYS F 263 -28.55 22.08 -5.67
N ASP F 264 -29.13 23.13 -5.09
CA ASP F 264 -30.42 23.64 -5.54
C ASP F 264 -30.27 24.93 -6.33
N VAL F 265 -29.20 25.68 -6.03
CA VAL F 265 -28.95 26.95 -6.71
C VAL F 265 -27.83 26.81 -7.75
N ALA F 266 -27.35 25.60 -7.97
CA ALA F 266 -26.31 25.36 -8.97
C ALA F 266 -25.82 23.90 -9.05
N ASP F 267 -25.20 23.57 -10.18
CA ASP F 267 -24.48 22.32 -10.33
C ASP F 267 -23.09 22.43 -9.70
N VAL F 268 -22.50 21.29 -9.38
CA VAL F 268 -21.21 21.22 -8.74
C VAL F 268 -20.53 19.92 -9.13
N GLY F 269 -19.52 20.04 -9.98
CA GLY F 269 -18.72 18.89 -10.40
C GLY F 269 -17.29 19.31 -10.72
N LEU F 270 -16.46 18.32 -10.96
CA LEU F 270 -15.07 18.55 -11.25
C LEU F 270 -14.92 18.91 -12.73
N GLY F 271 -14.69 20.19 -12.99
CA GLY F 271 -14.56 20.69 -14.35
C GLY F 271 -13.18 21.23 -14.69
N GLY F 272 -12.99 21.59 -15.95
CA GLY F 272 -11.72 22.13 -16.40
C GLY F 272 -11.56 23.51 -15.82
N GLN F 273 -10.35 23.81 -15.35
CA GLN F 273 -10.05 25.14 -14.80
C GLN F 273 -9.99 26.19 -15.89
N ASP F 274 -9.83 25.73 -17.14
CA ASP F 274 -9.81 26.61 -18.29
C ASP F 274 -10.29 25.92 -19.55
N TYR F 275 -11.47 26.31 -20.02
CA TYR F 275 -12.07 25.68 -21.19
C TYR F 275 -11.57 26.29 -22.49
N SER F 276 -10.89 27.43 -22.39
CA SER F 276 -10.37 28.15 -23.58
C SER F 276 -9.54 27.28 -24.51
N ILE F 277 -8.30 26.95 -24.11
CA ILE F 277 -7.37 26.24 -25.00
C ILE F 277 -7.65 24.75 -25.02
N ASN F 278 -7.78 24.19 -26.22
CA ASN F 278 -8.05 22.76 -26.42
C ASN F 278 -7.30 22.29 -27.66
N ALA F 279 -6.96 21.01 -27.73
CA ALA F 279 -6.17 20.52 -28.86
C ALA F 279 -6.36 19.02 -29.09
N GLN F 280 -6.22 18.62 -30.37
CA GLN F 280 -6.27 17.21 -30.76
C GLN F 280 -4.93 16.75 -31.35
N PHE F 281 -4.76 15.44 -31.50
CA PHE F 281 -3.60 14.86 -32.18
C PHE F 281 -4.04 13.87 -33.26
N ASN F 282 -4.08 14.34 -34.51
CA ASN F 282 -4.60 13.53 -35.60
C ASN F 282 -6.08 13.28 -35.40
N GLY F 283 -6.75 14.25 -34.78
CA GLY F 283 -8.17 14.15 -34.49
C GLY F 283 -8.37 13.79 -33.03
N SER F 284 -7.88 12.61 -32.66
CA SER F 284 -7.98 12.10 -31.29
C SER F 284 -7.89 13.21 -30.23
N PRO F 285 -8.91 13.33 -29.37
CA PRO F 285 -8.82 14.36 -28.33
C PRO F 285 -7.54 14.19 -27.51
N ALA F 286 -6.59 15.11 -27.69
CA ALA F 286 -5.33 15.04 -26.97
C ALA F 286 -5.11 16.25 -26.07
N SER F 287 -3.96 16.23 -25.41
CA SER F 287 -3.52 17.35 -24.59
C SER F 287 -2.01 17.52 -24.79
N GLY F 288 -1.45 18.60 -24.24
CA GLY F 288 -0.03 18.83 -24.40
C GLY F 288 0.53 20.07 -23.74
N ILE F 289 1.84 20.05 -23.56
CA ILE F 289 2.57 21.16 -22.97
C ILE F 289 3.74 21.47 -23.89
N ALA F 290 3.65 22.57 -24.61
CA ALA F 290 4.68 22.96 -25.59
C ALA F 290 5.83 23.58 -24.83
N ILE F 291 7.07 23.14 -25.05
CA ILE F 291 8.16 23.68 -24.22
C ILE F 291 9.23 24.45 -24.98
N LYS F 292 9.67 25.54 -24.36
CA LYS F 292 10.77 26.33 -24.87
C LYS F 292 12.09 25.97 -24.14
N LEU F 293 13.18 26.07 -24.89
CA LEU F 293 14.54 25.91 -24.38
C LEU F 293 14.88 27.13 -23.55
N ALA F 294 15.41 26.94 -22.34
CA ALA F 294 15.81 28.09 -21.52
C ALA F 294 17.08 28.75 -22.07
N THR F 295 17.35 29.97 -21.65
CA THR F 295 18.55 30.65 -22.14
C THR F 295 19.82 29.84 -21.84
N GLY F 296 20.60 29.62 -22.89
CA GLY F 296 21.85 28.89 -22.76
C GLY F 296 21.74 27.37 -22.80
N ALA F 297 20.52 26.85 -22.74
CA ALA F 297 20.35 25.41 -22.75
C ALA F 297 20.66 24.87 -24.15
N ASN F 298 20.84 23.55 -24.23
CA ASN F 298 21.29 22.82 -25.41
C ASN F 298 20.19 21.90 -25.93
N ALA F 299 19.40 22.39 -26.87
CA ALA F 299 18.29 21.63 -27.45
C ALA F 299 18.44 20.13 -27.20
N LEU F 300 19.52 19.54 -27.71
CA LEU F 300 19.73 18.07 -27.63
C LEU F 300 19.84 17.55 -26.20
N ASP F 301 20.56 18.27 -25.34
CA ASP F 301 20.69 17.86 -23.97
C ASP F 301 19.31 17.94 -23.34
N THR F 302 18.59 18.99 -23.69
CA THR F 302 17.25 19.19 -23.18
C THR F 302 16.31 18.12 -23.72
N ALA F 303 16.46 17.78 -24.99
CA ALA F 303 15.64 16.76 -25.64
C ALA F 303 15.83 15.40 -24.96
N LYS F 304 17.02 15.17 -24.45
CA LYS F 304 17.36 13.92 -23.78
C LYS F 304 16.79 13.94 -22.36
N ALA F 305 17.11 15.00 -21.64
CA ALA F 305 16.66 15.18 -20.28
C ALA F 305 15.14 15.25 -20.21
N ILE F 306 14.54 16.04 -21.10
CA ILE F 306 13.09 16.18 -21.15
C ILE F 306 12.45 14.82 -21.27
N ARG F 307 13.11 13.91 -21.96
CA ARG F 307 12.60 12.56 -22.18
C ARG F 307 13.01 11.57 -21.09
N GLN F 308 14.07 11.89 -20.35
CA GLN F 308 14.48 11.07 -19.24
C GLN F 308 13.44 11.22 -18.13
N THR F 309 12.89 12.43 -18.02
CA THR F 309 11.89 12.73 -17.01
C THR F 309 10.60 11.96 -17.27
N ILE F 310 9.95 12.26 -18.39
CA ILE F 310 8.69 11.64 -18.75
C ILE F 310 8.83 10.12 -18.80
N ALA F 311 10.07 9.66 -18.88
CA ALA F 311 10.35 8.22 -18.93
C ALA F 311 10.23 7.59 -17.56
N ASN F 312 10.09 8.42 -16.53
CA ASN F 312 9.95 7.94 -15.15
C ASN F 312 8.50 7.98 -14.69
N LEU F 313 7.62 8.44 -15.55
CA LEU F 313 6.22 8.63 -15.18
C LEU F 313 5.25 7.83 -16.05
N GLU F 314 5.77 7.13 -17.05
CA GLU F 314 4.92 6.29 -17.89
C GLU F 314 4.38 5.07 -17.13
N PRO F 315 5.27 4.36 -16.41
CA PRO F 315 4.78 3.22 -15.61
C PRO F 315 3.99 3.68 -14.38
N PHE F 316 3.45 4.90 -14.44
CA PHE F 316 2.64 5.46 -13.37
C PHE F 316 1.31 5.97 -13.91
N MET F 317 1.29 6.33 -15.18
CA MET F 317 0.10 6.87 -15.83
C MET F 317 -1.06 5.89 -15.80
N PRO F 318 -2.30 6.39 -15.94
CA PRO F 318 -3.50 5.55 -15.99
C PRO F 318 -3.55 4.63 -17.22
N GLN F 319 -4.76 4.21 -17.59
CA GLN F 319 -4.99 3.24 -18.69
C GLN F 319 -3.91 3.26 -19.76
N GLY F 320 -4.16 4.00 -20.82
CA GLY F 320 -3.25 4.09 -21.96
C GLY F 320 -3.34 5.48 -22.54
N MET F 321 -2.34 6.30 -22.25
CA MET F 321 -2.29 7.66 -22.78
C MET F 321 -0.97 7.91 -23.50
N LYS F 322 -0.26 6.81 -23.79
CA LYS F 322 1.03 6.85 -24.48
C LYS F 322 1.36 8.25 -25.00
N VAL F 323 2.35 8.88 -24.39
CA VAL F 323 2.77 10.22 -24.79
C VAL F 323 3.22 10.28 -26.24
N VAL F 324 2.57 11.10 -27.05
CA VAL F 324 3.02 11.32 -28.43
C VAL F 324 4.03 12.46 -28.47
N TYR F 325 4.78 12.57 -29.54
CA TYR F 325 5.72 13.68 -29.70
C TYR F 325 5.53 14.28 -31.08
N PRO F 326 4.42 15.00 -31.28
CA PRO F 326 4.23 15.71 -32.54
C PRO F 326 5.40 16.65 -32.89
N TYR F 327 5.37 17.89 -32.40
CA TYR F 327 6.42 18.88 -32.72
C TYR F 327 7.74 18.62 -31.97
N ASP F 328 8.75 18.13 -32.69
CA ASP F 328 10.10 18.02 -32.15
C ASP F 328 11.17 18.56 -33.11
N THR F 329 11.83 19.65 -32.69
CA THR F 329 12.95 20.26 -33.44
C THR F 329 14.22 19.40 -33.38
N THR F 330 14.63 19.04 -32.17
CA THR F 330 15.80 18.20 -31.87
C THR F 330 16.40 17.41 -33.05
N PRO F 331 15.60 16.51 -33.65
CA PRO F 331 16.17 15.66 -34.70
C PRO F 331 16.54 16.41 -36.01
N VAL F 332 15.99 17.61 -36.20
CA VAL F 332 16.30 18.43 -37.36
C VAL F 332 17.69 19.06 -37.17
N VAL F 333 18.18 18.94 -35.95
CA VAL F 333 19.50 19.40 -35.58
C VAL F 333 20.51 18.30 -35.83
N SER F 334 20.23 17.10 -35.33
CA SER F 334 21.15 15.98 -35.52
C SER F 334 21.35 15.74 -36.99
N ALA F 335 20.28 15.90 -37.76
CA ALA F 335 20.34 15.71 -39.21
C ALA F 335 21.34 16.67 -39.86
N SER F 336 21.25 17.96 -39.54
CA SER F 336 22.18 18.97 -40.06
C SER F 336 23.60 18.51 -39.82
N ILE F 337 23.91 18.29 -38.55
CA ILE F 337 25.23 17.92 -38.11
C ILE F 337 25.69 16.67 -38.82
N HIS F 338 24.86 15.65 -38.84
CA HIS F 338 25.26 14.40 -39.45
C HIS F 338 25.69 14.62 -40.89
N GLU F 339 24.89 15.41 -41.62
CA GLU F 339 25.13 15.64 -43.04
C GLU F 339 26.39 16.47 -43.26
N VAL F 340 26.50 17.58 -42.54
CA VAL F 340 27.72 18.39 -42.62
C VAL F 340 28.97 17.62 -42.18
N VAL F 341 28.83 16.74 -41.21
CA VAL F 341 29.92 15.87 -40.83
C VAL F 341 30.16 14.85 -41.92
N LYS F 342 29.15 14.61 -42.72
CA LYS F 342 29.29 13.70 -43.83
C LYS F 342 30.00 14.41 -44.98
N THR F 343 29.71 15.70 -45.15
CA THR F 343 30.40 16.45 -46.22
C THR F 343 31.81 16.78 -45.78
N LEU F 344 31.99 16.89 -44.45
CA LEU F 344 33.31 17.11 -43.87
C LEU F 344 34.22 16.00 -44.32
N GLY F 345 33.72 14.77 -44.23
CA GLY F 345 34.51 13.60 -44.63
C GLY F 345 34.66 13.42 -46.12
N GLU F 346 33.64 13.82 -46.89
CA GLU F 346 33.70 13.70 -48.34
C GLU F 346 34.79 14.62 -48.85
N ALA F 347 34.83 15.79 -48.24
CA ALA F 347 35.77 16.83 -48.64
C ALA F 347 37.24 16.51 -48.36
N ILE F 348 37.54 15.75 -47.30
CA ILE F 348 38.93 15.43 -47.03
C ILE F 348 39.29 14.37 -48.04
N LEU F 349 38.30 13.58 -48.42
CA LEU F 349 38.49 12.55 -49.42
C LEU F 349 38.74 13.16 -50.78
N LEU F 350 37.95 14.17 -51.17
CA LEU F 350 38.13 14.81 -52.47
C LEU F 350 39.41 15.64 -52.55
N VAL F 351 40.03 15.92 -51.41
CA VAL F 351 41.23 16.74 -51.38
C VAL F 351 42.45 15.87 -51.33
N PHE F 352 42.29 14.68 -50.76
CA PHE F 352 43.35 13.69 -50.79
C PHE F 352 43.61 13.19 -52.21
N LEU F 353 42.54 12.92 -52.95
CA LEU F 353 42.66 12.43 -54.33
C LEU F 353 43.29 13.50 -55.23
N VAL F 354 42.98 14.78 -54.97
CA VAL F 354 43.59 15.90 -55.71
C VAL F 354 45.09 15.99 -55.48
N MET F 355 45.51 15.97 -54.21
CA MET F 355 46.93 16.00 -53.91
C MET F 355 47.62 14.76 -54.45
N TYR F 356 46.83 13.73 -54.77
CA TYR F 356 47.36 12.51 -55.34
C TYR F 356 47.56 12.64 -56.85
N LEU F 357 46.67 13.38 -57.49
CA LEU F 357 46.76 13.65 -58.93
C LEU F 357 48.09 14.32 -59.28
N PHE F 358 48.51 15.27 -58.46
CA PHE F 358 49.75 16.02 -58.69
C PHE F 358 50.97 15.40 -57.99
N LEU F 359 50.75 14.52 -57.02
CA LEU F 359 51.87 13.90 -56.30
C LEU F 359 52.00 12.40 -56.56
N GLN F 360 51.04 11.83 -57.28
CA GLN F 360 51.11 10.43 -57.73
C GLN F 360 52.10 9.59 -56.91
N ASN F 361 51.64 9.13 -55.75
CA ASN F 361 52.44 8.31 -54.84
C ASN F 361 51.78 8.29 -53.48
N PHE F 362 51.41 7.12 -53.00
CA PHE F 362 50.76 7.02 -51.70
C PHE F 362 51.82 7.11 -50.61
N ARG F 363 52.29 8.32 -50.35
CA ARG F 363 53.32 8.55 -49.32
C ARG F 363 53.69 10.05 -49.23
N ALA F 364 53.72 10.71 -50.40
CA ALA F 364 53.96 12.14 -50.48
C ALA F 364 52.65 12.84 -50.24
N THR F 365 51.58 12.16 -50.63
CA THR F 365 50.22 12.66 -50.45
C THR F 365 49.80 12.46 -49.01
N LEU F 366 50.38 11.45 -48.36
CA LEU F 366 50.11 11.19 -46.96
C LEU F 366 50.64 12.34 -46.08
N ILE F 367 51.77 12.91 -46.50
CA ILE F 367 52.39 14.03 -45.79
C ILE F 367 51.40 15.20 -45.58
N PRO F 368 50.85 15.75 -46.69
CA PRO F 368 49.89 16.83 -46.53
C PRO F 368 48.61 16.38 -45.82
N THR F 369 48.22 15.14 -46.02
CA THR F 369 47.00 14.67 -45.38
C THR F 369 47.14 14.61 -43.85
N ILE F 370 48.25 14.02 -43.37
CA ILE F 370 48.55 13.94 -41.93
C ILE F 370 48.16 15.24 -41.21
N ALA F 371 48.26 16.35 -41.91
CA ALA F 371 47.94 17.65 -41.34
C ALA F 371 46.47 17.91 -41.06
N VAL F 372 45.59 17.20 -41.78
CA VAL F 372 44.15 17.38 -41.56
C VAL F 372 43.81 17.01 -40.12
N PRO F 373 44.05 15.74 -39.74
CA PRO F 373 43.75 15.34 -38.37
C PRO F 373 44.38 16.23 -37.30
N VAL F 374 45.61 16.71 -37.50
CA VAL F 374 46.26 17.51 -36.47
C VAL F 374 45.73 18.94 -36.38
N VAL F 375 45.44 19.52 -37.53
CA VAL F 375 44.92 20.87 -37.54
C VAL F 375 43.46 20.90 -37.11
N LEU F 376 42.67 19.94 -37.53
CA LEU F 376 41.27 19.95 -37.12
C LEU F 376 41.11 19.67 -35.62
N LEU F 377 41.73 18.61 -35.11
CA LEU F 377 41.54 18.27 -33.70
C LEU F 377 42.01 19.46 -32.89
N GLY F 378 43.13 20.05 -33.32
CA GLY F 378 43.62 21.27 -32.70
C GLY F 378 42.66 22.45 -32.72
N THR F 379 41.95 22.65 -33.84
CA THR F 379 41.00 23.76 -33.89
C THR F 379 39.79 23.38 -33.04
N PHE F 380 39.53 22.08 -32.91
CA PHE F 380 38.54 21.59 -31.91
C PHE F 380 38.93 21.98 -30.46
N GLY F 381 40.23 22.01 -30.15
CA GLY F 381 40.71 22.45 -28.83
C GLY F 381 40.45 23.92 -28.57
N VAL F 382 40.72 24.75 -29.59
CA VAL F 382 40.54 26.21 -29.48
C VAL F 382 39.06 26.58 -29.30
N LEU F 383 38.17 25.82 -29.94
CA LEU F 383 36.73 26.08 -29.82
C LEU F 383 36.37 25.87 -28.39
N ALA F 384 36.79 24.71 -27.89
CA ALA F 384 36.60 24.32 -26.48
C ALA F 384 37.18 25.36 -25.60
N ALA F 385 38.44 25.75 -25.86
CA ALA F 385 39.11 26.77 -25.00
C ALA F 385 38.39 28.11 -24.94
N PHE F 386 37.82 28.54 -26.07
CA PHE F 386 37.17 29.87 -26.15
C PHE F 386 35.68 29.82 -25.94
N GLY F 387 35.13 28.64 -25.74
CA GLY F 387 33.71 28.51 -25.35
C GLY F 387 32.80 28.24 -26.54
N PHE F 388 33.37 28.15 -27.72
CA PHE F 388 32.58 27.85 -28.88
C PHE F 388 32.06 26.41 -28.78
N SER F 389 31.27 25.99 -29.77
CA SER F 389 30.71 24.65 -29.80
C SER F 389 30.69 24.08 -31.19
N ILE F 390 30.46 22.77 -31.27
CA ILE F 390 30.22 22.13 -32.54
C ILE F 390 28.81 22.55 -32.96
N ASN F 391 28.70 23.21 -34.11
CA ASN F 391 27.41 23.60 -34.62
C ASN F 391 27.57 23.80 -36.11
N THR F 392 26.48 24.15 -36.78
CA THR F 392 26.47 24.29 -38.25
C THR F 392 27.58 25.22 -38.75
N LEU F 393 27.63 26.44 -38.23
CA LEU F 393 28.55 27.42 -38.74
C LEU F 393 30.01 27.08 -38.42
N THR F 394 30.26 26.59 -37.22
CA THR F 394 31.58 26.17 -36.79
C THR F 394 32.10 25.05 -37.66
N MET F 395 31.20 24.17 -38.11
CA MET F 395 31.59 23.03 -38.97
C MET F 395 31.83 23.45 -40.43
N PHE F 396 31.17 24.52 -40.88
CA PHE F 396 31.38 24.95 -42.25
C PHE F 396 32.80 25.46 -42.34
N GLY F 397 33.15 26.37 -41.44
CA GLY F 397 34.53 26.86 -41.37
C GLY F 397 35.55 25.75 -41.45
N MET F 398 35.28 24.68 -40.72
CA MET F 398 36.18 23.54 -40.67
C MET F 398 36.28 22.93 -42.04
N VAL F 399 35.15 22.89 -42.74
CA VAL F 399 35.04 22.36 -44.11
C VAL F 399 35.63 23.34 -45.12
N LEU F 400 35.36 24.61 -44.95
CA LEU F 400 36.03 25.62 -45.78
C LEU F 400 37.55 25.45 -45.69
N ALA F 401 38.01 25.04 -44.51
CA ALA F 401 39.44 25.03 -44.18
C ALA F 401 40.20 23.83 -44.70
N ILE F 402 39.55 22.70 -44.90
CA ILE F 402 40.33 21.52 -45.35
C ILE F 402 41.20 21.79 -46.55
N GLY F 403 40.69 22.52 -47.54
CA GLY F 403 41.42 22.79 -48.79
C GLY F 403 42.46 23.86 -48.58
N LEU F 404 42.21 24.76 -47.62
CA LEU F 404 43.16 25.76 -47.19
C LEU F 404 44.33 25.16 -46.35
N LEU F 405 43.97 24.55 -45.23
CA LEU F 405 44.92 24.16 -44.17
C LEU F 405 46.09 23.34 -44.67
N VAL F 406 45.84 22.53 -45.70
CA VAL F 406 46.90 21.74 -46.32
C VAL F 406 47.80 22.55 -47.28
N ASP F 407 47.62 23.87 -47.36
CA ASP F 407 48.34 24.62 -48.39
C ASP F 407 49.81 24.70 -48.05
N ASP F 408 50.14 25.45 -47.00
CA ASP F 408 51.52 25.53 -46.52
C ASP F 408 52.15 24.14 -46.60
N ALA F 409 51.46 23.08 -46.18
CA ALA F 409 52.09 21.71 -46.24
C ALA F 409 52.42 21.23 -47.64
N ILE F 410 51.54 21.47 -48.62
CA ILE F 410 51.82 21.03 -50.01
C ILE F 410 52.96 21.88 -50.62
N VAL F 411 53.00 23.16 -50.29
CA VAL F 411 54.05 24.00 -50.74
C VAL F 411 55.40 23.35 -50.42
N VAL F 412 55.42 22.51 -49.38
CA VAL F 412 56.62 21.89 -48.86
C VAL F 412 56.93 20.56 -49.54
N VAL F 413 55.93 19.71 -49.74
CA VAL F 413 56.14 18.42 -50.39
C VAL F 413 56.45 18.67 -51.86
N GLU F 414 55.80 19.69 -52.43
CA GLU F 414 56.00 20.05 -53.85
C GLU F 414 57.37 20.66 -54.08
N ASN F 415 57.66 21.73 -53.34
CA ASN F 415 58.95 22.40 -53.48
C ASN F 415 60.07 21.43 -53.17
N VAL F 416 59.78 20.42 -52.37
CA VAL F 416 60.78 19.42 -52.07
C VAL F 416 60.84 18.44 -53.21
N GLU F 417 59.70 18.15 -53.81
CA GLU F 417 59.65 17.26 -54.97
C GLU F 417 60.38 17.94 -56.13
N ARG F 418 60.17 19.25 -56.27
CA ARG F 418 60.88 20.04 -57.25
C ARG F 418 62.37 20.01 -57.00
N VAL F 419 62.80 20.64 -55.90
CA VAL F 419 64.20 20.69 -55.50
C VAL F 419 64.86 19.32 -55.45
N MET F 420 64.16 18.33 -54.92
CA MET F 420 64.73 16.98 -54.85
C MET F 420 64.85 16.39 -56.24
N ALA F 421 64.40 17.13 -57.24
CA ALA F 421 64.56 16.75 -58.64
C ALA F 421 65.68 17.58 -59.26
N GLU F 422 65.31 18.58 -60.06
CA GLU F 422 66.23 19.52 -60.67
C GLU F 422 67.68 19.35 -60.19
N GLU F 423 67.91 19.54 -58.90
CA GLU F 423 69.25 19.42 -58.31
C GLU F 423 69.60 17.96 -58.04
N GLY F 424 68.74 17.25 -57.32
CA GLY F 424 68.98 15.84 -57.01
C GLY F 424 69.53 15.57 -55.62
N LEU F 425 69.14 16.41 -54.67
CA LEU F 425 69.56 16.26 -53.28
C LEU F 425 68.73 15.12 -52.68
N SER F 426 69.20 14.56 -51.58
CA SER F 426 68.44 13.55 -50.86
C SER F 426 67.19 14.20 -50.29
N PRO F 427 66.23 13.41 -49.78
CA PRO F 427 65.06 14.01 -49.15
C PRO F 427 65.41 15.04 -48.05
N ARG F 428 66.25 14.62 -47.12
CA ARG F 428 66.66 15.46 -46.00
C ARG F 428 67.34 16.74 -46.49
N GLU F 429 68.30 16.59 -47.40
CA GLU F 429 69.02 17.74 -47.90
C GLU F 429 68.09 18.64 -48.71
N ALA F 430 67.18 18.00 -49.46
CA ALA F 430 66.18 18.73 -50.24
C ALA F 430 65.24 19.53 -49.33
N ALA F 431 64.78 18.90 -48.25
CA ALA F 431 63.87 19.53 -47.29
C ALA F 431 64.49 20.73 -46.59
N ARG F 432 65.77 20.63 -46.26
CA ARG F 432 66.44 21.72 -45.59
C ARG F 432 66.66 22.86 -46.55
N LYS F 433 66.99 22.57 -47.81
CA LYS F 433 67.14 23.65 -48.77
C LYS F 433 65.81 24.33 -49.07
N SER F 434 64.73 23.56 -49.07
CA SER F 434 63.38 24.11 -49.35
C SER F 434 62.88 25.15 -48.33
N MET F 435 63.08 24.89 -47.04
CA MET F 435 62.56 25.78 -46.01
C MET F 435 62.99 27.22 -46.19
N GLY F 436 64.28 27.45 -46.43
CA GLY F 436 64.75 28.80 -46.70
C GLY F 436 64.01 29.33 -47.91
N GLN F 437 63.93 28.52 -48.96
CA GLN F 437 63.26 28.92 -50.19
C GLN F 437 61.82 29.36 -49.93
N ILE F 438 61.04 28.49 -49.27
CA ILE F 438 59.60 28.71 -49.07
C ILE F 438 59.13 29.46 -47.81
N GLN F 439 60.01 29.80 -46.89
CA GLN F 439 59.56 30.52 -45.68
C GLN F 439 58.53 31.58 -46.01
N GLY F 440 58.84 32.41 -47.00
CA GLY F 440 57.98 33.52 -47.44
C GLY F 440 56.54 33.18 -47.75
N ALA F 441 56.29 32.09 -48.48
CA ALA F 441 54.90 31.72 -48.78
C ALA F 441 54.18 31.39 -47.49
N LEU F 442 54.63 30.32 -46.84
CA LEU F 442 54.03 29.79 -45.59
C LEU F 442 53.43 30.84 -44.65
N VAL F 443 54.24 31.76 -44.18
CA VAL F 443 53.74 32.75 -43.24
C VAL F 443 52.74 33.60 -44.01
N GLY F 444 53.15 34.04 -45.20
CA GLY F 444 52.25 34.78 -46.13
C GLY F 444 50.84 34.19 -46.32
N ILE F 445 50.74 32.98 -46.81
CA ILE F 445 49.42 32.44 -47.06
C ILE F 445 48.64 32.26 -45.75
N ALA F 446 49.31 31.72 -44.72
CA ALA F 446 48.67 31.47 -43.43
C ALA F 446 48.26 32.76 -42.80
N MET F 447 48.90 33.86 -43.20
CA MET F 447 48.56 35.14 -42.58
C MET F 447 47.45 35.91 -43.28
N VAL F 448 47.40 35.84 -44.62
CA VAL F 448 46.32 36.53 -45.32
C VAL F 448 45.00 35.83 -44.97
N LEU F 449 45.05 34.52 -44.99
CA LEU F 449 43.84 33.77 -44.74
C LEU F 449 43.37 33.96 -43.32
N SER F 450 44.20 34.50 -42.43
CA SER F 450 43.76 34.76 -41.04
C SER F 450 43.47 36.23 -40.81
N ALA F 451 44.25 37.08 -41.46
CA ALA F 451 43.93 38.52 -41.50
C ALA F 451 42.50 38.84 -41.96
N VAL F 452 42.04 38.30 -43.11
CA VAL F 452 40.69 38.67 -43.56
C VAL F 452 39.59 38.24 -42.63
N PHE F 453 39.87 37.23 -41.80
CA PHE F 453 38.84 36.66 -40.95
C PHE F 453 38.77 37.28 -39.59
N LEU F 454 39.62 38.27 -39.31
CA LEU F 454 39.69 38.89 -37.98
C LEU F 454 38.71 39.98 -37.73
N PRO F 455 38.69 41.03 -38.56
CA PRO F 455 37.81 42.16 -38.24
C PRO F 455 36.33 41.76 -38.06
N MET F 456 35.92 40.68 -38.70
CA MET F 456 34.55 40.23 -38.66
C MET F 456 34.10 39.70 -37.33
N ALA F 457 35.06 39.26 -36.50
CA ALA F 457 34.74 38.71 -35.17
C ALA F 457 34.30 39.81 -34.24
N PHE F 458 34.52 41.05 -34.66
CA PHE F 458 34.19 42.24 -33.88
C PHE F 458 32.90 42.91 -34.24
N PHE F 459 32.17 42.45 -35.24
CA PHE F 459 30.88 43.13 -35.49
C PHE F 459 29.80 42.61 -34.53
N GLY F 460 28.87 43.46 -34.17
CA GLY F 460 27.71 43.05 -33.39
C GLY F 460 26.64 42.45 -34.29
N GLY F 461 25.38 42.70 -33.95
CA GLY F 461 24.25 42.29 -34.77
C GLY F 461 23.88 40.85 -34.46
N SER F 462 24.22 39.94 -35.34
CA SER F 462 23.82 38.56 -35.30
C SER F 462 24.69 37.92 -36.33
N THR F 463 25.02 38.71 -37.34
CA THR F 463 26.01 38.36 -38.31
C THR F 463 27.34 38.22 -37.58
N GLY F 464 27.53 39.09 -36.60
CA GLY F 464 28.70 39.01 -35.73
C GLY F 464 28.87 37.63 -35.13
N VAL F 465 27.77 37.12 -34.56
CA VAL F 465 27.73 35.81 -33.97
C VAL F 465 28.16 34.79 -35.03
N ILE F 466 27.50 34.78 -36.19
CA ILE F 466 27.87 33.77 -37.19
C ILE F 466 29.33 33.96 -37.62
N TYR F 467 29.70 35.22 -37.84
CA TYR F 467 31.03 35.58 -38.28
C TYR F 467 32.11 34.98 -37.36
N ARG F 468 32.00 35.27 -36.05
CA ARG F 468 32.96 34.70 -35.07
C ARG F 468 33.04 33.20 -35.16
N GLN F 469 31.90 32.58 -35.42
CA GLN F 469 31.91 31.17 -35.63
C GLN F 469 32.95 30.90 -36.69
N PHE F 470 32.95 31.69 -37.76
CA PHE F 470 33.90 31.50 -38.88
C PHE F 470 35.33 31.90 -38.52
N SER F 471 35.50 33.05 -37.87
CA SER F 471 36.84 33.53 -37.52
C SER F 471 37.57 32.55 -36.62
N ILE F 472 36.98 32.22 -35.47
CA ILE F 472 37.65 31.40 -34.45
C ILE F 472 38.24 30.12 -35.04
N THR F 473 37.49 29.49 -35.93
CA THR F 473 37.88 28.18 -36.47
C THR F 473 38.78 28.27 -37.70
N ILE F 474 38.69 29.34 -38.49
CA ILE F 474 39.55 29.46 -39.67
C ILE F 474 40.91 30.03 -39.33
N VAL F 475 40.95 31.10 -38.54
CA VAL F 475 42.24 31.64 -38.11
C VAL F 475 43.03 30.52 -37.41
N SER F 476 42.35 29.81 -36.50
CA SER F 476 42.98 28.72 -35.79
C SER F 476 43.48 27.71 -36.77
N ALA F 477 42.62 27.27 -37.69
CA ALA F 477 43.07 26.26 -38.63
C ALA F 477 44.29 26.78 -39.40
N MET F 478 44.31 28.09 -39.64
CA MET F 478 45.34 28.69 -40.45
C MET F 478 46.66 28.69 -39.72
N ALA F 479 46.66 29.21 -38.48
CA ALA F 479 47.85 29.15 -37.58
C ALA F 479 48.39 27.75 -37.46
N LEU F 480 47.55 26.84 -36.98
CA LEU F 480 48.01 25.48 -36.83
C LEU F 480 48.64 25.04 -38.16
N SER F 481 47.99 25.32 -39.27
CA SER F 481 48.46 24.87 -40.61
C SER F 481 49.91 25.22 -40.87
N VAL F 482 50.27 26.47 -40.62
CA VAL F 482 51.66 26.92 -40.78
C VAL F 482 52.56 26.35 -39.68
N ILE F 483 52.00 26.19 -38.48
CA ILE F 483 52.76 25.64 -37.39
C ILE F 483 53.24 24.26 -37.71
N VAL F 484 52.38 23.42 -38.25
CA VAL F 484 52.76 22.03 -38.60
C VAL F 484 53.52 21.94 -39.90
N ALA F 485 53.37 22.93 -40.80
CA ALA F 485 54.15 22.91 -42.05
C ALA F 485 55.59 23.30 -41.73
N LEU F 486 55.75 23.91 -40.58
CA LEU F 486 57.06 24.31 -40.07
C LEU F 486 57.72 23.24 -39.16
N ILE F 487 56.91 22.39 -38.50
CA ILE F 487 57.45 21.44 -37.49
C ILE F 487 57.38 19.96 -37.93
N LEU F 488 56.21 19.52 -38.36
CA LEU F 488 55.99 18.13 -38.76
C LEU F 488 56.29 17.89 -40.24
N THR F 489 55.84 18.82 -41.10
CA THR F 489 55.88 18.54 -42.55
C THR F 489 57.28 18.37 -43.14
N PRO F 490 58.22 19.28 -42.84
CA PRO F 490 59.56 19.10 -43.36
C PRO F 490 60.19 17.81 -42.87
N ALA F 491 60.05 17.47 -41.60
CA ALA F 491 60.55 16.19 -41.10
C ALA F 491 59.91 15.02 -41.82
N LEU F 492 58.58 15.03 -41.96
CA LEU F 492 57.91 13.95 -42.70
C LEU F 492 58.49 13.72 -44.11
N CYS F 493 58.66 14.82 -44.87
CA CYS F 493 59.27 14.76 -46.22
C CYS F 493 60.59 14.01 -46.25
N ALA F 494 61.54 14.44 -45.40
CA ALA F 494 62.88 13.83 -45.38
C ALA F 494 62.81 12.37 -44.99
N THR F 495 61.97 12.07 -43.99
CA THR F 495 61.79 10.72 -43.48
C THR F 495 60.94 9.81 -44.39
N MET F 496 59.93 10.36 -45.05
CA MET F 496 58.96 9.53 -45.79
C MET F 496 59.12 9.53 -47.33
N LEU F 497 59.59 10.65 -47.89
CA LEU F 497 59.74 10.76 -49.35
C LEU F 497 60.95 9.96 -49.88
N LYS F 498 60.72 9.17 -50.93
CA LYS F 498 61.76 8.38 -51.61
C LYS F 498 62.39 9.17 -52.76
N PRO F 499 63.74 9.16 -52.84
CA PRO F 499 64.49 10.05 -53.75
C PRO F 499 63.96 10.00 -55.16
N ILE F 500 64.29 10.98 -55.99
CA ILE F 500 63.80 11.00 -57.38
C ILE F 500 64.84 11.47 -58.40
N GLU F 501 66.07 11.02 -58.19
CA GLU F 501 67.20 11.25 -59.11
C GLU F 501 67.18 12.52 -59.94
N LYS F 502 68.32 13.20 -59.96
CA LYS F 502 68.42 14.50 -60.62
C LYS F 502 67.88 14.44 -62.04
N GLY F 503 67.90 15.57 -62.73
CA GLY F 503 67.44 15.63 -64.11
C GLY F 503 66.08 14.98 -64.32
N ASP F 504 65.43 14.53 -63.24
CA ASP F 504 64.14 13.84 -63.35
C ASP F 504 63.10 14.63 -64.16
N HIS F 505 63.54 15.68 -64.86
CA HIS F 505 62.66 16.48 -65.71
C HIS F 505 61.22 16.01 -65.61
N GLY F 506 60.61 16.30 -64.46
CA GLY F 506 59.23 15.94 -64.19
C GLY F 506 59.04 14.45 -64.05
N GLU F 507 57.99 13.93 -64.69
CA GLU F 507 57.69 12.51 -64.63
C GLU F 507 57.36 11.99 -66.04
N HIS F 508 58.41 11.61 -66.78
CA HIS F 508 58.35 11.18 -68.19
C HIS F 508 57.68 9.82 -68.33
N LYS F 509 58.28 8.81 -67.70
CA LYS F 509 57.76 7.45 -67.69
C LYS F 509 56.45 7.37 -66.91
N GLY F 510 55.36 7.04 -67.60
CA GLY F 510 54.06 6.91 -66.93
C GLY F 510 52.97 6.36 -67.83
N GLY F 511 51.98 5.72 -67.20
CA GLY F 511 50.86 5.13 -67.92
C GLY F 511 49.69 6.10 -68.03
N PHE F 512 49.07 6.41 -66.89
CA PHE F 512 47.94 7.33 -66.84
C PHE F 512 48.36 8.72 -66.34
N PHE F 513 49.31 8.75 -65.40
CA PHE F 513 49.87 10.01 -64.90
C PHE F 513 50.87 10.60 -65.88
N GLY F 514 51.58 9.72 -66.57
CA GLY F 514 52.58 10.14 -67.55
C GLY F 514 52.03 11.21 -68.46
N TRP F 515 50.80 11.01 -68.92
CA TRP F 515 50.12 11.97 -69.79
C TRP F 515 49.93 13.30 -69.07
N PHE F 516 49.56 13.21 -67.80
CA PHE F 516 49.30 14.38 -66.97
C PHE F 516 50.53 15.29 -66.82
N ASN F 517 51.63 14.71 -66.32
CA ASN F 517 52.85 15.47 -66.08
C ASN F 517 53.25 16.34 -67.27
N ARG F 518 53.14 15.78 -68.47
CA ARG F 518 53.51 16.52 -69.68
C ARG F 518 52.39 17.44 -70.17
N MET F 519 51.14 17.04 -69.99
CA MET F 519 50.01 17.88 -70.38
C MET F 519 50.01 19.11 -69.47
N PHE F 520 50.65 18.96 -68.31
CA PHE F 520 50.82 20.05 -67.38
C PHE F 520 52.20 20.68 -67.58
N LEU F 521 53.12 19.86 -68.08
CA LEU F 521 54.46 20.32 -68.40
C LEU F 521 54.39 21.26 -69.59
N SER F 522 53.64 20.85 -70.61
CA SER F 522 53.45 21.66 -71.80
C SER F 522 52.57 22.86 -71.49
N THR F 523 51.64 22.70 -70.56
CA THR F 523 50.74 23.78 -70.20
C THR F 523 51.45 24.89 -69.45
N THR F 524 52.42 24.53 -68.62
CA THR F 524 53.21 25.49 -67.87
C THR F 524 54.08 26.28 -68.86
N HIS F 525 54.42 25.64 -69.98
CA HIS F 525 55.16 26.31 -71.04
C HIS F 525 54.29 27.36 -71.73
N GLY F 526 53.05 26.99 -72.04
CA GLY F 526 52.13 27.95 -72.61
C GLY F 526 51.82 29.08 -71.66
N TYR F 527 51.72 28.72 -70.38
CA TYR F 527 51.45 29.68 -69.30
C TYR F 527 52.63 30.61 -69.12
N GLU F 528 53.84 30.06 -69.11
CA GLU F 528 55.04 30.92 -68.99
C GLU F 528 55.21 31.78 -70.25
N ARG F 529 54.73 31.25 -71.36
CA ARG F 529 54.78 31.94 -72.65
C ARG F 529 53.82 33.12 -72.68
N GLY F 530 52.73 33.02 -71.92
CA GLY F 530 51.72 34.08 -71.86
C GLY F 530 52.09 35.24 -70.94
N VAL F 531 52.71 34.93 -69.80
CA VAL F 531 53.13 35.97 -68.86
C VAL F 531 54.15 36.84 -69.55
N ALA F 532 55.13 36.22 -70.18
CA ALA F 532 56.15 36.96 -70.98
C ALA F 532 55.52 37.95 -71.93
N SER F 533 54.48 37.52 -72.64
CA SER F 533 53.75 38.38 -73.57
C SER F 533 53.03 39.49 -72.85
N ILE F 534 52.10 39.10 -71.98
CA ILE F 534 51.33 40.07 -71.22
C ILE F 534 52.27 41.16 -70.72
N LEU F 535 53.48 40.75 -70.34
CA LEU F 535 54.49 41.69 -69.85
C LEU F 535 54.94 42.65 -70.94
N LYS F 536 55.12 42.11 -72.15
CA LYS F 536 55.56 42.89 -73.32
C LYS F 536 54.55 43.94 -73.73
N HIS F 537 53.32 43.81 -73.25
CA HIS F 537 52.27 44.76 -73.59
C HIS F 537 51.42 45.18 -72.39
N ARG F 538 52.05 45.87 -71.44
CA ARG F 538 51.39 46.32 -70.22
C ARG F 538 49.90 46.51 -70.51
N ALA F 539 49.54 47.68 -71.03
CA ALA F 539 48.20 47.90 -71.56
C ALA F 539 48.19 47.21 -72.91
N PRO F 540 47.01 46.80 -73.41
CA PRO F 540 45.67 47.02 -72.85
C PRO F 540 45.21 45.95 -71.86
N TYR F 541 46.13 45.10 -71.41
CA TYR F 541 45.78 44.10 -70.40
C TYR F 541 45.34 44.75 -69.08
N LEU F 542 45.79 45.98 -68.87
CA LEU F 542 45.35 46.80 -67.75
C LEU F 542 44.02 47.44 -68.05
N LEU F 543 43.83 47.82 -69.31
CA LEU F 543 42.57 48.43 -69.73
C LEU F 543 41.38 47.50 -69.43
N ILE F 544 41.56 46.21 -69.64
CA ILE F 544 40.51 45.26 -69.33
C ILE F 544 40.33 45.07 -67.80
N TYR F 545 41.42 45.12 -67.03
CA TYR F 545 41.33 44.99 -65.57
C TYR F 545 40.31 45.99 -65.09
N VAL F 546 40.35 47.17 -65.69
CA VAL F 546 39.40 48.23 -65.36
C VAL F 546 37.98 47.83 -65.80
N VAL F 547 37.92 47.08 -66.90
CA VAL F 547 36.66 46.59 -67.41
C VAL F 547 36.11 45.56 -66.44
N ILE F 548 36.93 44.57 -66.11
CA ILE F 548 36.51 43.55 -65.16
C ILE F 548 36.01 44.21 -63.89
N VAL F 549 36.87 44.98 -63.26
CA VAL F 549 36.51 45.69 -62.04
C VAL F 549 35.10 46.26 -62.17
N ALA F 550 34.86 46.92 -63.31
CA ALA F 550 33.55 47.53 -63.63
C ALA F 550 32.49 46.46 -63.71
N GLY F 551 32.81 45.38 -64.38
CA GLY F 551 31.89 44.28 -64.45
C GLY F 551 31.51 43.90 -63.06
N MET F 552 32.55 43.62 -62.27
CA MET F 552 32.40 43.23 -60.87
C MET F 552 31.35 44.08 -60.19
N ILE F 553 31.59 45.38 -60.18
CA ILE F 553 30.66 46.32 -59.57
C ILE F 553 29.28 46.20 -60.19
N TRP F 554 29.22 45.92 -61.49
CA TRP F 554 27.95 45.83 -62.18
C TRP F 554 27.19 44.61 -61.68
N MET F 555 27.88 43.47 -61.63
CA MET F 555 27.30 42.22 -61.09
C MET F 555 26.93 42.36 -59.61
N PHE F 556 27.67 43.18 -58.88
CA PHE F 556 27.40 43.34 -57.46
C PHE F 556 26.00 43.92 -57.26
N THR F 557 25.71 44.97 -58.04
CA THR F 557 24.44 45.67 -57.96
C THR F 557 23.26 44.77 -58.39
N ARG F 558 23.53 43.76 -59.22
CA ARG F 558 22.47 42.92 -59.76
C ARG F 558 22.14 41.65 -58.97
N ILE F 559 22.84 41.38 -57.86
CA ILE F 559 22.56 40.21 -57.04
C ILE F 559 21.50 40.53 -55.99
N PRO F 560 20.41 39.74 -55.94
CA PRO F 560 19.38 39.99 -54.93
C PRO F 560 19.84 39.69 -53.49
N THR F 561 19.49 40.58 -52.56
CA THR F 561 19.88 40.47 -51.16
C THR F 561 19.03 39.47 -50.38
N ALA F 562 19.57 39.01 -49.27
CA ALA F 562 18.91 38.01 -48.41
C ALA F 562 19.76 37.78 -47.17
N PHE F 563 19.12 37.48 -46.03
CA PHE F 563 19.85 37.24 -44.77
C PHE F 563 20.32 35.79 -44.72
N LEU F 564 19.40 34.88 -44.42
CA LEU F 564 19.74 33.46 -44.33
C LEU F 564 18.91 32.69 -45.34
N PRO F 565 19.48 31.65 -45.95
CA PRO F 565 18.78 30.81 -46.90
C PRO F 565 17.63 30.03 -46.26
N ASP F 566 16.62 29.69 -47.06
CA ASP F 566 15.47 28.92 -46.55
C ASP F 566 15.87 27.49 -46.28
N GLU F 567 15.21 26.86 -45.31
CA GLU F 567 15.58 25.49 -44.96
C GLU F 567 14.40 24.57 -44.70
N ASP F 568 14.41 23.44 -45.39
CA ASP F 568 13.46 22.41 -45.11
C ASP F 568 13.88 21.79 -43.80
N GLN F 569 13.36 22.34 -42.72
CA GLN F 569 13.59 21.79 -41.39
C GLN F 569 12.54 20.75 -40.94
N GLY F 570 11.90 20.08 -41.89
CA GLY F 570 10.92 19.01 -41.59
C GLY F 570 9.69 19.40 -40.76
N VAL F 571 9.25 20.66 -40.83
CA VAL F 571 8.11 21.10 -40.04
C VAL F 571 7.43 22.27 -40.72
N LEU F 572 6.10 22.28 -40.60
CA LEU F 572 5.25 23.26 -41.27
C LEU F 572 4.31 23.91 -40.24
N PHE F 573 3.74 25.07 -40.56
CA PHE F 573 2.87 25.77 -39.63
C PHE F 573 1.61 26.30 -40.26
N ALA F 574 0.47 25.90 -39.69
CA ALA F 574 -0.82 26.34 -40.15
C ALA F 574 -1.39 27.26 -39.12
N GLN F 575 -1.96 28.36 -39.56
CA GLN F 575 -2.56 29.29 -38.64
C GLN F 575 -3.95 29.69 -39.13
N VAL F 576 -4.98 29.12 -38.51
CA VAL F 576 -6.35 29.45 -38.84
C VAL F 576 -6.78 30.72 -38.09
N GLN F 577 -7.66 31.49 -38.73
CA GLN F 577 -8.14 32.74 -38.14
C GLN F 577 -9.59 33.04 -38.53
N THR F 578 -10.51 32.24 -38.01
CA THR F 578 -11.92 32.42 -38.32
C THR F 578 -12.30 33.86 -38.01
N PRO F 579 -13.19 34.45 -38.83
CA PRO F 579 -13.56 35.85 -38.63
C PRO F 579 -13.99 36.14 -37.20
N PRO F 580 -13.71 37.35 -36.69
CA PRO F 580 -13.96 37.66 -35.30
C PRO F 580 -15.40 37.40 -34.90
N GLY F 581 -15.61 37.12 -33.61
CA GLY F 581 -16.94 36.86 -33.10
C GLY F 581 -17.41 35.44 -33.33
N SER F 582 -16.58 34.61 -33.98
CA SER F 582 -16.97 33.23 -34.32
C SER F 582 -16.51 32.25 -33.24
N SER F 583 -17.45 31.78 -32.43
CA SER F 583 -17.13 30.86 -31.33
C SER F 583 -16.29 29.70 -31.82
N ALA F 584 -15.60 29.04 -30.89
CA ALA F 584 -14.77 27.88 -31.20
C ALA F 584 -15.60 26.82 -31.91
N GLU F 585 -16.92 26.97 -31.84
CA GLU F 585 -17.84 26.09 -32.56
C GLU F 585 -17.43 26.01 -34.02
N ARG F 586 -17.25 27.17 -34.65
CA ARG F 586 -16.92 27.23 -36.08
C ARG F 586 -15.42 27.08 -36.34
N THR F 587 -14.60 27.65 -35.47
CA THR F 587 -13.16 27.54 -35.61
C THR F 587 -12.74 26.07 -35.68
N GLN F 588 -13.18 25.29 -34.70
CA GLN F 588 -12.90 23.85 -34.66
C GLN F 588 -13.32 23.13 -35.93
N VAL F 589 -14.16 23.76 -36.73
CA VAL F 589 -14.62 23.15 -37.98
C VAL F 589 -13.55 23.33 -39.04
N VAL F 590 -13.13 24.57 -39.25
CA VAL F 590 -12.04 24.87 -40.19
C VAL F 590 -10.76 24.16 -39.76
N VAL F 591 -10.55 24.11 -38.45
CA VAL F 591 -9.39 23.46 -37.84
C VAL F 591 -9.19 22.00 -38.30
N ASP F 592 -10.28 21.34 -38.70
CA ASP F 592 -10.18 19.95 -39.16
C ASP F 592 -10.10 19.83 -40.68
N SER F 593 -10.76 20.73 -41.40
CA SER F 593 -10.76 20.70 -42.86
C SER F 593 -9.31 20.70 -43.38
N MET F 594 -8.45 21.43 -42.69
CA MET F 594 -7.03 21.46 -43.02
C MET F 594 -6.30 20.29 -42.41
N ARG F 595 -6.79 19.80 -41.28
CA ARG F 595 -6.17 18.68 -40.59
C ARG F 595 -6.29 17.40 -41.39
N GLU F 596 -7.48 17.14 -41.94
CA GLU F 596 -7.74 15.90 -42.67
C GLU F 596 -7.16 15.94 -44.08
N TYR F 597 -7.62 16.87 -44.91
CA TYR F 597 -7.11 16.99 -46.27
C TYR F 597 -5.71 17.60 -46.26
N LEU F 598 -4.85 16.93 -45.50
CA LEU F 598 -3.47 17.32 -45.26
C LEU F 598 -2.81 16.07 -44.67
N LEU F 599 -3.52 15.43 -43.74
CA LEU F 599 -3.12 14.16 -43.14
C LEU F 599 -3.45 12.99 -44.06
N GLU F 600 -4.37 13.22 -45.00
CA GLU F 600 -4.73 12.22 -45.99
C GLU F 600 -4.24 12.63 -47.39
N LYS F 601 -4.81 13.69 -47.96
CA LYS F 601 -4.48 14.09 -49.33
C LYS F 601 -3.05 14.64 -49.45
N GLU F 602 -2.18 14.26 -48.52
CA GLU F 602 -0.79 14.72 -48.51
C GLU F 602 0.05 13.97 -47.50
N SER F 603 -0.10 12.65 -47.45
CA SER F 603 0.64 11.82 -46.49
C SER F 603 2.03 11.41 -47.02
N SER F 604 2.39 11.91 -48.19
CA SER F 604 3.72 11.67 -48.78
C SER F 604 4.80 12.36 -47.95
N SER F 605 4.54 13.63 -47.62
CA SER F 605 5.43 14.46 -46.83
C SER F 605 5.03 14.47 -45.34
N VAL F 606 3.74 14.71 -45.11
CA VAL F 606 3.14 14.78 -43.77
C VAL F 606 3.33 13.51 -42.92
N SER F 607 3.46 13.72 -41.62
CA SER F 607 3.66 12.64 -40.67
C SER F 607 2.75 12.82 -39.48
N SER F 608 2.47 14.06 -39.10
CA SER F 608 1.60 14.37 -37.97
C SER F 608 0.97 15.76 -38.12
N VAL F 609 -0.18 15.94 -37.49
CA VAL F 609 -0.81 17.23 -37.42
C VAL F 609 -1.33 17.43 -35.99
N PHE F 610 -0.69 18.29 -35.21
CA PHE F 610 -1.14 18.61 -33.83
C PHE F 610 -1.86 19.93 -33.84
N THR F 611 -3.16 19.86 -34.08
CA THR F 611 -3.96 21.05 -34.17
C THR F 611 -4.29 21.51 -32.75
N VAL F 612 -4.53 22.81 -32.58
CA VAL F 612 -4.89 23.39 -31.29
C VAL F 612 -5.81 24.57 -31.51
N THR F 613 -6.93 24.58 -30.79
CA THR F 613 -7.97 25.58 -30.96
C THR F 613 -7.91 26.57 -29.80
N GLY F 614 -8.18 27.83 -30.12
CA GLY F 614 -8.21 28.86 -29.10
C GLY F 614 -6.83 29.39 -28.80
N PHE F 615 -5.83 28.87 -29.51
CA PHE F 615 -4.47 29.39 -29.41
C PHE F 615 -3.73 29.38 -30.75
N ASN F 616 -2.77 30.29 -30.89
CA ASN F 616 -1.84 30.32 -32.01
C ASN F 616 -0.92 31.52 -31.84
N PHE F 617 0.09 31.64 -32.69
CA PHE F 617 1.09 32.69 -32.54
C PHE F 617 0.55 34.13 -32.50
N ALA F 618 -0.64 34.35 -33.07
CA ALA F 618 -1.22 35.69 -33.06
C ALA F 618 -1.85 36.01 -31.70
N GLY F 619 -3.15 35.74 -31.55
CA GLY F 619 -3.86 36.03 -30.31
C GLY F 619 -4.27 34.79 -29.54
N ARG F 620 -5.02 34.99 -28.46
CA ARG F 620 -5.54 33.89 -27.63
C ARG F 620 -7.03 33.68 -27.82
N GLY F 621 -7.56 34.15 -28.95
CA GLY F 621 -8.99 34.19 -29.19
C GLY F 621 -9.70 32.85 -29.36
N GLN F 622 -11.01 32.86 -29.17
CA GLN F 622 -11.85 31.67 -29.34
C GLN F 622 -12.00 31.29 -30.81
N SER F 623 -11.59 32.20 -31.68
CA SER F 623 -11.62 31.96 -33.12
C SER F 623 -10.22 31.58 -33.62
N SER F 624 -9.22 31.88 -32.79
CA SER F 624 -7.81 31.61 -33.10
C SER F 624 -7.53 30.13 -33.22
N GLY F 625 -6.63 29.77 -34.13
CA GLY F 625 -6.28 28.36 -34.29
C GLY F 625 -4.99 28.14 -35.06
N MET F 626 -4.36 26.99 -34.81
CA MET F 626 -3.15 26.63 -35.51
C MET F 626 -2.93 25.13 -35.44
N ALA F 627 -1.82 24.68 -36.02
CA ALA F 627 -1.44 23.28 -35.95
C ALA F 627 0.04 23.06 -36.31
N PHE F 628 0.63 22.07 -35.67
CA PHE F 628 2.00 21.72 -35.87
C PHE F 628 2.15 20.63 -36.94
N ILE F 629 2.33 21.05 -38.18
CA ILE F 629 2.53 20.09 -39.25
C ILE F 629 3.95 19.58 -39.09
N MET F 630 4.05 18.30 -38.75
CA MET F 630 5.32 17.62 -38.61
C MET F 630 5.43 16.71 -39.82
N LEU F 631 6.62 16.56 -40.40
CA LEU F 631 6.75 15.79 -41.65
C LEU F 631 7.60 14.53 -41.48
N LYS F 632 7.56 13.65 -42.49
CA LYS F 632 8.43 12.48 -42.48
C LYS F 632 9.86 12.98 -42.68
N PRO F 633 10.84 12.26 -42.12
CA PRO F 633 12.24 12.60 -42.35
C PRO F 633 12.54 12.93 -43.82
N TRP F 634 13.74 13.44 -44.08
CA TRP F 634 14.13 13.83 -45.43
C TRP F 634 14.28 12.61 -46.34
N GLU F 635 14.65 11.47 -45.76
CA GLU F 635 14.90 10.26 -46.54
C GLU F 635 13.60 9.70 -47.12
N GLU F 636 12.70 9.29 -46.22
CA GLU F 636 11.42 8.65 -46.58
C GLU F 636 10.54 9.46 -47.54
N ARG F 637 11.10 10.53 -48.12
CA ARG F 637 10.36 11.38 -49.05
C ARG F 637 11.15 11.55 -50.36
N PRO F 638 10.48 11.38 -51.52
CA PRO F 638 11.14 11.60 -52.80
C PRO F 638 11.44 13.07 -53.05
N GLY F 639 12.72 13.39 -53.26
CA GLY F 639 13.18 14.77 -53.45
C GLY F 639 12.45 15.52 -54.54
N GLY F 640 11.65 16.51 -54.13
CA GLY F 640 10.97 17.41 -55.06
C GLY F 640 9.85 18.21 -54.41
N GLU F 641 8.63 17.70 -54.52
CA GLU F 641 7.45 18.37 -53.97
C GLU F 641 7.10 17.80 -52.61
N ASN F 642 8.11 17.42 -51.85
CA ASN F 642 7.92 17.04 -50.46
C ASN F 642 8.87 17.82 -49.57
N SER F 643 8.80 19.15 -49.70
CA SER F 643 9.59 20.08 -48.90
C SER F 643 8.74 21.29 -48.52
N VAL F 644 8.49 21.47 -47.23
CA VAL F 644 7.61 22.54 -46.74
C VAL F 644 7.38 23.68 -47.73
N PHE F 645 8.48 24.22 -48.26
CA PHE F 645 8.45 25.31 -49.23
C PHE F 645 7.35 25.04 -50.27
N GLU F 646 7.39 23.82 -50.78
CA GLU F 646 6.44 23.35 -51.79
C GLU F 646 5.18 22.82 -51.11
N LEU F 647 5.36 21.85 -50.22
CA LEU F 647 4.26 21.28 -49.43
C LEU F 647 3.25 22.34 -49.01
N ALA F 648 3.73 23.55 -48.80
CA ALA F 648 2.88 24.62 -48.37
C ALA F 648 2.45 25.49 -49.54
N LYS F 649 3.24 25.51 -50.61
CA LYS F 649 2.89 26.33 -51.76
C LYS F 649 1.49 25.92 -52.25
N ARG F 650 1.22 24.63 -52.19
CA ARG F 650 -0.10 24.12 -52.51
C ARG F 650 -1.01 24.20 -51.31
N ALA F 651 -0.69 23.45 -50.26
CA ALA F 651 -1.48 23.47 -49.03
C ALA F 651 -2.18 24.81 -48.86
N GLN F 652 -1.39 25.88 -48.99
CA GLN F 652 -1.90 27.24 -48.89
C GLN F 652 -3.03 27.53 -49.88
N MET F 653 -2.84 27.15 -51.15
CA MET F 653 -3.87 27.38 -52.19
C MET F 653 -5.17 26.70 -51.82
N HIS F 654 -5.08 25.48 -51.31
CA HIS F 654 -6.25 24.77 -50.83
C HIS F 654 -6.96 25.63 -49.81
N PHE F 655 -6.27 25.97 -48.73
CA PHE F 655 -6.84 26.75 -47.63
C PHE F 655 -7.27 28.16 -48.05
N PHE F 656 -7.22 28.44 -49.35
CA PHE F 656 -7.74 29.70 -49.88
C PHE F 656 -9.21 29.49 -50.21
N SER F 657 -9.51 28.27 -50.67
CA SER F 657 -10.89 27.91 -50.96
C SER F 657 -11.73 28.30 -49.77
N PHE F 658 -11.20 28.02 -48.59
CA PHE F 658 -11.89 28.29 -47.35
C PHE F 658 -12.71 29.56 -47.40
N LYS F 659 -13.97 29.42 -47.03
CA LYS F 659 -14.94 30.51 -47.03
C LYS F 659 -14.69 31.50 -45.88
N ASP F 660 -14.22 32.70 -46.23
CA ASP F 660 -14.00 33.80 -45.29
C ASP F 660 -13.53 33.37 -43.88
N ALA F 661 -12.22 33.44 -43.64
CA ALA F 661 -11.64 33.07 -42.33
C ALA F 661 -10.11 33.05 -42.29
N MET F 662 -9.45 33.75 -43.22
CA MET F 662 -7.98 33.80 -43.28
C MET F 662 -7.38 32.41 -43.54
N VAL F 663 -6.59 31.90 -42.60
CA VAL F 663 -5.96 30.57 -42.72
C VAL F 663 -4.75 30.56 -43.66
N PHE F 664 -3.60 30.15 -43.13
CA PHE F 664 -2.35 30.11 -43.89
C PHE F 664 -1.45 28.94 -43.55
N ALA F 665 -0.24 29.00 -44.07
CA ALA F 665 0.77 28.01 -43.80
C ALA F 665 2.15 28.63 -43.97
N PHE F 666 3.01 28.51 -42.96
CA PHE F 666 4.32 29.12 -43.04
C PHE F 666 5.36 28.30 -42.30
N ALA F 667 6.56 28.29 -42.86
CA ALA F 667 7.66 27.55 -42.28
C ALA F 667 8.59 28.50 -41.58
N PRO F 668 9.20 28.06 -40.46
CA PRO F 668 10.13 28.87 -39.69
C PRO F 668 11.43 29.09 -40.44
N PRO F 669 12.22 30.12 -40.06
CA PRO F 669 13.55 30.34 -40.59
C PRO F 669 14.50 29.20 -40.28
N SER F 670 15.61 29.17 -41.01
CA SER F 670 16.66 28.19 -40.78
C SER F 670 17.21 28.33 -39.36
N VAL F 671 16.85 29.42 -38.68
CA VAL F 671 17.30 29.69 -37.33
C VAL F 671 16.08 29.96 -36.47
N LEU F 672 15.44 28.87 -36.03
CA LEU F 672 14.16 28.90 -35.29
C LEU F 672 14.04 29.95 -34.17
N GLU F 673 15.18 30.30 -33.54
CA GLU F 673 15.23 31.33 -32.51
C GLU F 673 14.79 32.65 -33.10
N LEU F 674 15.03 32.83 -34.40
CA LEU F 674 14.68 34.12 -35.03
C LEU F 674 13.18 34.32 -35.26
N GLY F 675 12.43 33.24 -35.41
CA GLY F 675 10.99 33.37 -35.40
C GLY F 675 10.31 32.15 -35.93
N ASN F 676 8.99 32.18 -35.97
CA ASN F 676 8.22 31.04 -36.46
C ASN F 676 7.91 31.20 -37.95
N ALA F 677 7.82 32.43 -38.44
CA ALA F 677 7.57 32.66 -39.88
C ALA F 677 8.78 33.22 -40.65
N THR F 678 9.05 32.56 -41.78
CA THR F 678 10.01 33.02 -42.77
C THR F 678 9.54 34.33 -43.39
N GLY F 679 10.18 34.72 -44.49
CA GLY F 679 9.82 35.97 -45.19
C GLY F 679 10.08 37.23 -44.38
N PHE F 680 9.42 38.33 -44.71
CA PHE F 680 9.63 39.61 -44.03
C PHE F 680 8.65 39.84 -42.90
N ASP F 681 8.88 40.92 -42.16
CA ASP F 681 8.02 41.33 -41.05
C ASP F 681 8.26 42.80 -40.72
N LEU F 682 7.17 43.56 -40.47
CA LEU F 682 7.26 44.99 -40.19
C LEU F 682 6.04 45.51 -39.43
N PHE F 683 6.08 46.80 -39.11
CA PHE F 683 5.04 47.48 -38.37
C PHE F 683 4.69 48.78 -39.08
N LEU F 684 3.40 49.10 -39.13
CA LEU F 684 2.96 50.38 -39.69
C LEU F 684 2.72 51.44 -38.61
N GLN F 685 3.79 51.83 -37.94
CA GLN F 685 3.69 52.88 -36.94
C GLN F 685 2.99 54.07 -37.59
N ASP F 686 2.11 54.75 -36.86
CA ASP F 686 1.53 55.97 -37.38
C ASP F 686 2.28 57.18 -36.86
N GLN F 687 3.22 57.66 -37.66
CA GLN F 687 4.02 58.84 -37.35
C GLN F 687 3.17 59.99 -36.83
N ALA F 688 2.64 60.80 -37.76
CA ALA F 688 1.82 61.96 -37.41
C ALA F 688 0.88 61.65 -36.26
N GLY F 689 0.39 60.42 -36.20
CA GLY F 689 -0.56 60.04 -35.17
C GLY F 689 -1.97 60.34 -35.65
N VAL F 690 -2.20 60.10 -36.93
CA VAL F 690 -3.52 60.25 -37.50
C VAL F 690 -4.49 59.24 -36.90
N GLY F 691 -4.92 59.51 -35.68
CA GLY F 691 -5.93 58.70 -35.01
C GLY F 691 -5.61 57.21 -35.01
N HIS F 692 -6.64 56.40 -35.15
CA HIS F 692 -6.48 54.95 -35.17
C HIS F 692 -7.17 54.26 -36.34
N GLU F 693 -8.22 54.86 -36.88
CA GLU F 693 -8.94 54.24 -38.00
C GLU F 693 -8.26 54.45 -39.35
N VAL F 694 -7.60 55.60 -39.51
CA VAL F 694 -6.85 55.89 -40.72
C VAL F 694 -5.70 54.90 -40.85
N LEU F 695 -5.16 54.51 -39.70
CA LEU F 695 -4.11 53.50 -39.64
C LEU F 695 -4.75 52.18 -39.98
N LEU F 696 -5.97 51.99 -39.49
CA LEU F 696 -6.73 50.79 -39.77
C LEU F 696 -7.05 50.70 -41.26
N GLN F 697 -6.81 51.80 -41.98
CA GLN F 697 -7.02 51.85 -43.43
C GLN F 697 -5.82 51.28 -44.16
N ALA F 698 -4.66 51.89 -43.91
CA ALA F 698 -3.40 51.52 -44.56
C ALA F 698 -3.11 50.03 -44.48
N ARG F 699 -3.46 49.42 -43.35
CA ARG F 699 -3.27 47.99 -43.16
C ARG F 699 -4.10 47.21 -44.17
N ASN F 700 -5.17 47.83 -44.64
CA ASN F 700 -6.06 47.18 -45.60
C ASN F 700 -5.77 47.58 -47.04
N LYS F 701 -5.37 48.83 -47.26
CA LYS F 701 -4.87 49.21 -48.58
C LYS F 701 -3.60 48.43 -48.91
N PHE F 702 -2.70 48.38 -47.92
CA PHE F 702 -1.43 47.67 -48.00
C PHE F 702 -1.61 46.23 -48.45
N LEU F 703 -2.57 45.54 -47.83
CA LEU F 703 -2.79 44.12 -48.12
C LEU F 703 -3.36 43.88 -49.51
N MET F 704 -4.16 44.82 -49.99
CA MET F 704 -4.69 44.74 -51.35
C MET F 704 -3.54 44.96 -52.32
N LEU F 705 -2.80 46.04 -52.10
CA LEU F 705 -1.62 46.32 -52.89
C LEU F 705 -0.64 45.14 -52.80
N ALA F 706 -0.59 44.53 -51.63
CA ALA F 706 0.27 43.38 -51.36
C ALA F 706 -0.24 42.14 -52.07
N ALA F 707 -1.55 41.93 -52.00
CA ALA F 707 -2.20 40.82 -52.71
C ALA F 707 -2.06 41.02 -54.21
N GLN F 708 -1.88 42.27 -54.62
CA GLN F 708 -1.71 42.62 -56.03
C GLN F 708 -0.24 42.54 -56.42
N ASN F 709 0.64 43.14 -55.62
CA ASN F 709 2.06 43.19 -55.94
C ASN F 709 2.60 41.80 -56.28
N PRO F 710 3.19 41.66 -57.47
CA PRO F 710 3.63 40.34 -57.94
C PRO F 710 4.76 39.75 -57.10
N ALA F 711 5.55 40.59 -56.45
CA ALA F 711 6.69 40.14 -55.66
C ALA F 711 6.27 39.48 -54.34
N LEU F 712 5.30 40.08 -53.65
CA LEU F 712 4.87 39.58 -52.36
C LEU F 712 4.20 38.23 -52.50
N GLN F 713 3.87 37.63 -51.37
CA GLN F 713 3.24 36.31 -51.32
C GLN F 713 2.81 36.00 -49.89
N ARG F 714 1.60 35.47 -49.76
CA ARG F 714 1.10 35.03 -48.47
C ARG F 714 1.17 36.10 -47.38
N VAL F 715 1.00 37.36 -47.78
CA VAL F 715 1.07 38.50 -46.86
C VAL F 715 -0.17 38.66 -45.99
N ARG F 716 0.00 38.52 -44.68
CA ARG F 716 -1.08 38.68 -43.71
C ARG F 716 -0.73 39.68 -42.60
N PRO F 717 -1.75 40.24 -41.92
CA PRO F 717 -1.52 41.16 -40.79
C PRO F 717 -1.41 40.45 -39.43
N ASN F 718 -1.30 41.23 -38.36
CA ASN F 718 -1.20 40.68 -37.00
C ASN F 718 -2.44 40.98 -36.19
N GLY F 719 -2.88 42.24 -36.22
CA GLY F 719 -4.14 42.61 -35.57
C GLY F 719 -5.31 42.11 -36.39
N MET F 720 -6.42 41.79 -35.74
CA MET F 720 -7.58 41.20 -36.43
C MET F 720 -8.75 42.17 -36.57
N SER F 721 -8.47 43.42 -36.89
CA SER F 721 -9.52 44.43 -37.08
C SER F 721 -10.20 44.75 -35.75
N ASP F 722 -11.53 44.88 -35.78
CA ASP F 722 -12.33 45.13 -34.59
C ASP F 722 -13.35 44.00 -34.40
N GLU F 723 -13.64 43.69 -33.14
CA GLU F 723 -14.56 42.60 -32.78
C GLU F 723 -15.91 43.17 -32.39
N PRO F 724 -16.99 42.37 -32.51
CA PRO F 724 -18.30 42.79 -32.00
C PRO F 724 -18.37 42.80 -30.48
N GLN F 725 -18.65 43.97 -29.90
CA GLN F 725 -18.65 44.13 -28.43
C GLN F 725 -19.99 44.69 -27.92
N TYR F 726 -20.46 44.13 -26.82
CA TYR F 726 -21.74 44.55 -26.21
C TYR F 726 -21.54 45.90 -25.54
N LYS F 727 -22.20 46.13 -24.40
CA LYS F 727 -22.01 47.37 -23.63
C LYS F 727 -23.03 47.54 -22.50
N LEU F 728 -23.06 46.59 -21.59
CA LEU F 728 -23.99 46.61 -20.46
C LEU F 728 -23.97 47.98 -19.75
N GLU F 729 -25.14 48.59 -19.58
CA GLU F 729 -25.22 49.94 -19.00
C GLU F 729 -26.21 50.07 -17.85
N ILE F 730 -25.74 49.78 -16.65
CA ILE F 730 -26.56 49.93 -15.46
C ILE F 730 -26.56 51.39 -15.00
N ASP F 731 -27.38 51.70 -14.00
CA ASP F 731 -27.44 53.04 -13.42
C ASP F 731 -28.51 53.15 -12.33
N ASP F 732 -28.23 53.97 -11.33
CA ASP F 732 -29.13 54.16 -10.20
C ASP F 732 -30.45 54.85 -10.57
N GLU F 733 -30.67 55.10 -11.86
CA GLU F 733 -31.91 55.71 -12.31
C GLU F 733 -33.10 54.90 -11.79
N LYS F 734 -33.04 53.60 -12.03
CA LYS F 734 -34.09 52.69 -11.60
C LYS F 734 -33.54 51.78 -10.52
N ALA F 735 -32.24 51.94 -10.23
CA ALA F 735 -31.54 51.09 -9.26
C ALA F 735 -31.62 51.69 -7.85
N SER F 736 -30.99 52.85 -7.66
CA SER F 736 -31.02 53.51 -6.36
C SER F 736 -32.45 53.60 -5.84
N ALA F 737 -33.40 53.64 -6.75
CA ALA F 737 -34.83 53.67 -6.42
C ALA F 737 -35.34 52.27 -6.12
N LEU F 738 -35.51 51.46 -7.16
CA LEU F 738 -35.98 50.08 -7.02
C LEU F 738 -34.80 49.12 -7.10
N GLY F 739 -34.01 49.05 -6.03
CA GLY F 739 -32.85 48.15 -5.98
C GLY F 739 -31.94 48.40 -4.80
N VAL F 740 -30.86 49.15 -5.05
CA VAL F 740 -29.88 49.45 -4.01
C VAL F 740 -29.27 50.84 -4.21
N SER F 741 -28.98 51.52 -3.10
CA SER F 741 -28.36 52.85 -3.14
C SER F 741 -26.88 52.74 -3.48
N LEU F 742 -26.33 53.79 -4.10
CA LEU F 742 -24.91 53.84 -4.45
C LEU F 742 -24.51 52.73 -5.44
N ALA F 743 -24.23 51.53 -4.93
CA ALA F 743 -23.88 50.39 -5.78
C ALA F 743 -23.96 49.06 -5.02
N ASP F 744 -23.90 47.96 -5.76
CA ASP F 744 -24.04 46.61 -5.19
C ASP F 744 -24.15 45.57 -6.31
N ILE F 745 -25.12 45.78 -7.20
CA ILE F 745 -25.41 44.87 -8.31
C ILE F 745 -24.16 44.40 -9.06
N ASN F 746 -23.02 45.03 -8.79
CA ASN F 746 -21.76 44.68 -9.46
C ASN F 746 -21.30 43.25 -9.18
N SER F 747 -21.63 42.73 -8.01
CA SER F 747 -21.20 41.39 -7.60
C SER F 747 -21.99 40.26 -8.31
N THR F 748 -22.78 40.61 -9.31
CA THR F 748 -23.54 39.60 -10.05
C THR F 748 -22.96 39.44 -11.46
N VAL F 749 -22.66 40.56 -12.10
CA VAL F 749 -22.11 40.54 -13.45
C VAL F 749 -20.69 39.98 -13.49
N SER F 750 -19.82 40.47 -12.62
CA SER F 750 -18.43 40.02 -12.59
C SER F 750 -18.31 38.73 -11.80
N ILE F 751 -19.39 37.97 -11.74
CA ILE F 751 -19.41 36.66 -11.08
C ILE F 751 -20.13 35.62 -11.96
N ALA F 752 -21.12 36.06 -12.73
CA ALA F 752 -21.91 35.16 -13.57
C ALA F 752 -21.42 35.06 -15.01
N TRP F 753 -21.20 36.19 -15.67
CA TRP F 753 -20.81 36.21 -17.09
C TRP F 753 -19.34 35.83 -17.26
N GLY F 754 -18.61 35.90 -16.14
CA GLY F 754 -17.23 35.46 -16.07
C GLY F 754 -17.08 34.72 -14.77
N SER F 755 -16.13 33.78 -14.73
CA SER F 755 -15.93 32.94 -13.55
C SER F 755 -15.62 33.80 -12.32
N SER F 756 -15.05 33.20 -11.28
CA SER F 756 -14.63 33.96 -10.10
C SER F 756 -13.90 33.08 -9.08
N TYR F 757 -12.60 33.34 -8.93
CA TYR F 757 -11.76 32.66 -7.95
C TYR F 757 -12.25 32.98 -6.52
N VAL F 758 -12.91 32.01 -5.89
CA VAL F 758 -13.37 32.16 -4.51
C VAL F 758 -12.28 31.71 -3.54
N ASN F 759 -11.71 30.53 -3.80
CA ASN F 759 -10.64 29.95 -3.00
C ASN F 759 -10.17 28.63 -3.63
N ASP F 760 -9.35 27.87 -2.93
CA ASP F 760 -8.80 26.63 -3.48
C ASP F 760 -9.31 25.40 -2.73
N PHE F 761 -9.12 24.24 -3.34
CA PHE F 761 -9.47 22.99 -2.73
C PHE F 761 -8.45 21.92 -3.10
N ILE F 762 -8.21 20.99 -2.19
CA ILE F 762 -7.28 19.89 -2.41
C ILE F 762 -7.90 18.86 -3.35
N ASP F 763 -7.06 18.05 -3.99
CA ASP F 763 -7.51 17.09 -5.01
C ASP F 763 -6.35 16.17 -5.36
N ARG F 764 -6.38 14.96 -4.79
CA ARG F 764 -5.34 13.97 -5.01
C ARG F 764 -3.96 14.48 -4.59
N GLY F 765 -3.94 15.43 -3.65
CA GLY F 765 -2.69 15.97 -3.16
C GLY F 765 -2.36 17.31 -3.76
N ARG F 766 -2.96 17.65 -4.90
CA ARG F 766 -2.59 18.86 -5.60
C ARG F 766 -3.62 19.97 -5.40
N VAL F 767 -3.14 21.16 -5.03
CA VAL F 767 -3.99 22.31 -4.76
C VAL F 767 -4.50 22.95 -6.03
N LYS F 768 -5.80 22.82 -6.28
CA LYS F 768 -6.38 23.39 -7.49
C LYS F 768 -7.40 24.41 -7.10
N ARG F 769 -8.03 25.06 -8.08
CA ARG F 769 -8.89 26.21 -7.77
C ARG F 769 -10.40 25.90 -7.77
N VAL F 770 -11.15 26.80 -7.14
CA VAL F 770 -12.61 26.75 -7.12
C VAL F 770 -13.19 27.97 -7.85
N TYR F 771 -13.74 27.74 -9.03
CA TYR F 771 -14.36 28.80 -9.81
C TYR F 771 -15.88 28.80 -9.65
N LEU F 772 -16.46 29.98 -9.83
CA LEU F 772 -17.90 30.19 -9.68
C LEU F 772 -18.44 30.93 -10.89
N GLN F 773 -19.02 30.18 -11.83
CA GLN F 773 -19.57 30.77 -13.04
C GLN F 773 -21.00 30.30 -13.29
N GLY F 774 -21.80 31.18 -13.91
CA GLY F 774 -23.17 30.85 -14.22
C GLY F 774 -23.27 29.80 -15.31
N ARG F 775 -24.40 29.09 -15.31
CA ARG F 775 -24.66 28.00 -16.26
C ARG F 775 -24.32 28.38 -17.71
N PRO F 776 -23.94 27.39 -18.55
CA PRO F 776 -23.72 27.66 -19.96
C PRO F 776 -24.95 28.29 -20.61
N ASP F 777 -26.10 27.64 -20.46
CA ASP F 777 -27.38 28.15 -20.97
C ASP F 777 -28.00 29.18 -20.06
N ALA F 778 -27.35 30.33 -19.92
CA ALA F 778 -27.82 31.40 -19.04
C ALA F 778 -26.99 32.66 -19.20
N ARG F 779 -26.04 32.62 -20.12
CA ARG F 779 -25.15 33.76 -20.37
C ARG F 779 -24.56 33.70 -21.79
N MET F 780 -25.33 33.15 -22.72
CA MET F 780 -24.90 33.04 -24.12
C MET F 780 -25.20 34.31 -24.90
N ASN F 781 -26.41 34.84 -24.73
CA ASN F 781 -26.84 36.00 -25.50
C ASN F 781 -27.40 37.12 -24.61
N PRO F 782 -27.71 38.28 -25.21
CA PRO F 782 -28.26 39.39 -24.43
C PRO F 782 -29.57 39.04 -23.72
N ASP F 783 -30.33 38.11 -24.29
CA ASP F 783 -31.56 37.67 -23.64
C ASP F 783 -31.21 36.92 -22.36
N ASP F 784 -30.27 35.98 -22.48
CA ASP F 784 -29.85 35.14 -21.36
C ASP F 784 -29.42 35.94 -20.13
N LEU F 785 -28.87 37.14 -20.35
CA LEU F 785 -28.44 37.98 -19.24
C LEU F 785 -29.62 38.58 -18.50
N SER F 786 -30.69 38.89 -19.23
CA SER F 786 -31.88 39.47 -18.63
C SER F 786 -32.70 38.37 -17.98
N LYS F 787 -32.04 37.65 -17.06
CA LYS F 787 -32.65 36.55 -16.33
C LYS F 787 -32.07 36.54 -14.91
N TRP F 788 -31.08 37.40 -14.69
CA TRP F 788 -30.33 37.43 -13.43
C TRP F 788 -30.89 38.49 -12.46
N TYR F 789 -31.39 38.01 -11.33
CA TYR F 789 -31.98 38.87 -10.32
C TYR F 789 -30.94 39.42 -9.36
N VAL F 790 -31.36 40.31 -8.48
CA VAL F 790 -30.49 40.93 -7.50
C VAL F 790 -31.25 41.20 -6.21
N ARG F 791 -30.59 40.98 -5.08
CA ARG F 791 -31.21 41.18 -3.77
C ARG F 791 -31.69 42.63 -3.64
N ASN F 792 -32.76 42.82 -2.88
CA ASN F 792 -33.29 44.15 -2.62
C ASN F 792 -33.31 44.45 -1.12
N ASP F 793 -32.93 45.67 -0.76
CA ASP F 793 -32.92 46.11 0.63
C ASP F 793 -34.22 45.72 1.34
N LYS F 794 -35.35 46.14 0.76
CA LYS F 794 -36.66 45.84 1.32
C LYS F 794 -36.98 44.34 1.20
N GLY F 795 -36.00 43.56 0.75
CA GLY F 795 -36.17 42.11 0.64
C GLY F 795 -36.60 41.68 -0.75
N GLU F 796 -37.05 42.62 -1.56
CA GLU F 796 -37.51 42.34 -2.93
C GLU F 796 -36.42 41.67 -3.77
N MET F 797 -36.63 41.62 -5.08
CA MET F 797 -35.66 41.03 -5.99
C MET F 797 -35.91 41.48 -7.42
N VAL F 798 -35.14 42.47 -7.87
CA VAL F 798 -35.29 43.06 -9.20
C VAL F 798 -34.51 42.31 -10.27
N PRO F 799 -35.17 41.93 -11.38
CA PRO F 799 -34.47 41.23 -12.45
C PRO F 799 -33.36 42.08 -13.08
N PHE F 800 -32.81 41.61 -14.19
CA PHE F 800 -31.72 42.32 -14.86
C PHE F 800 -32.25 43.04 -16.11
N ASN F 801 -33.48 43.53 -16.02
CA ASN F 801 -34.10 44.27 -17.11
C ASN F 801 -34.75 45.57 -16.63
N ALA F 802 -34.48 45.94 -15.39
CA ALA F 802 -35.00 47.18 -14.82
C ALA F 802 -33.98 48.31 -14.92
N PHE F 803 -32.71 47.96 -15.04
CA PHE F 803 -31.63 48.95 -15.16
C PHE F 803 -30.51 48.43 -16.04
N ALA F 804 -30.89 47.68 -17.07
CA ALA F 804 -29.94 47.00 -17.95
C ALA F 804 -29.63 47.82 -19.21
N THR F 805 -30.14 47.37 -20.36
CA THR F 805 -29.83 47.98 -21.66
C THR F 805 -28.42 47.64 -22.12
N GLY F 806 -28.32 46.90 -23.22
CA GLY F 806 -27.04 46.57 -23.81
C GLY F 806 -27.12 46.54 -25.32
N LYS F 807 -26.13 47.13 -25.99
CA LYS F 807 -26.12 47.21 -27.44
C LYS F 807 -24.73 46.95 -27.98
N TRP F 808 -24.67 46.46 -29.22
CA TRP F 808 -23.39 46.21 -29.88
C TRP F 808 -22.70 47.55 -30.16
N GLU F 809 -21.41 47.63 -29.88
CA GLU F 809 -20.62 48.84 -30.14
C GLU F 809 -19.21 48.44 -30.56
N TYR F 810 -19.09 47.23 -31.09
CA TYR F 810 -17.82 46.62 -31.49
C TYR F 810 -16.55 47.49 -31.41
N GLY F 811 -15.63 47.08 -30.54
CA GLY F 811 -14.36 47.78 -30.31
C GLY F 811 -13.17 47.01 -30.86
N SER F 812 -11.96 47.41 -30.48
CA SER F 812 -10.74 46.73 -30.95
C SER F 812 -10.33 45.56 -30.03
N PRO F 813 -10.18 44.36 -30.62
CA PRO F 813 -9.86 43.10 -29.93
C PRO F 813 -8.37 42.98 -29.58
N LYS F 814 -7.50 43.52 -30.43
CA LYS F 814 -6.07 43.45 -30.21
C LYS F 814 -5.40 44.68 -30.83
N LEU F 815 -5.16 45.71 -30.03
CA LEU F 815 -4.37 46.85 -30.49
C LEU F 815 -2.89 46.61 -30.24
N GLU F 816 -2.06 47.16 -31.12
CA GLU F 816 -0.62 46.88 -31.10
C GLU F 816 0.14 48.15 -30.88
N ARG F 817 1.45 48.04 -30.78
CA ARG F 817 2.35 49.18 -30.54
C ARG F 817 3.80 48.77 -30.81
N TYR F 818 4.59 49.69 -31.35
CA TYR F 818 5.97 49.39 -31.72
C TYR F 818 6.76 50.67 -31.71
N ASN F 819 7.38 50.96 -30.56
CA ASN F 819 8.15 52.18 -30.33
C ASN F 819 7.31 53.35 -29.84
N GLY F 820 6.39 53.06 -28.93
CA GLY F 820 5.64 54.09 -28.23
C GLY F 820 4.55 54.76 -29.05
N VAL F 821 4.15 54.12 -30.14
CA VAL F 821 3.10 54.66 -31.02
C VAL F 821 2.20 53.54 -31.50
N PRO F 822 0.87 53.72 -31.39
CA PRO F 822 -0.02 52.66 -31.82
C PRO F 822 0.22 52.31 -33.28
N ALA F 823 0.47 51.04 -33.55
CA ALA F 823 0.82 50.60 -34.87
C ALA F 823 0.17 49.24 -35.15
N MET F 824 0.54 48.62 -36.26
CA MET F 824 0.01 47.32 -36.67
C MET F 824 1.11 46.55 -37.39
N GLU F 825 1.14 45.24 -37.19
CA GLU F 825 2.19 44.42 -37.77
C GLU F 825 1.61 43.48 -38.81
N ILE F 826 2.44 43.13 -39.79
CA ILE F 826 2.06 42.22 -40.85
C ILE F 826 3.31 41.49 -41.31
N LEU F 827 3.10 40.31 -41.87
CA LEU F 827 4.17 39.44 -42.31
C LEU F 827 3.96 39.11 -43.78
N GLY F 828 4.99 38.62 -44.46
CA GLY F 828 4.88 38.23 -45.85
C GLY F 828 6.06 37.39 -46.28
N GLU F 829 5.92 36.72 -47.42
CA GLU F 829 7.02 35.96 -48.00
C GLU F 829 7.38 36.49 -49.39
N PRO F 830 8.68 36.60 -49.70
CA PRO F 830 8.91 37.03 -51.07
C PRO F 830 8.25 36.03 -52.05
N ALA F 831 8.12 36.41 -53.31
CA ALA F 831 7.51 35.55 -54.32
C ALA F 831 8.41 34.35 -54.65
N PRO F 832 7.81 33.24 -55.09
CA PRO F 832 8.61 32.08 -55.46
C PRO F 832 9.72 32.45 -56.45
N GLY F 833 10.94 32.04 -56.13
CA GLY F 833 12.10 32.32 -56.97
C GLY F 833 12.58 33.75 -56.85
N LEU F 834 11.99 34.50 -55.92
CA LEU F 834 12.48 35.82 -55.57
C LEU F 834 13.23 35.77 -54.24
N SER F 835 13.64 36.93 -53.71
CA SER F 835 14.44 36.95 -52.47
C SER F 835 13.81 37.80 -51.37
N SER F 836 14.19 37.49 -50.14
CA SER F 836 13.79 38.29 -49.00
C SER F 836 13.99 39.74 -49.38
N GLY F 837 15.15 40.01 -50.00
CA GLY F 837 15.51 41.35 -50.41
C GLY F 837 14.55 41.87 -51.46
N ASP F 838 14.26 41.05 -52.46
CA ASP F 838 13.28 41.44 -53.46
C ASP F 838 11.96 41.81 -52.77
N ALA F 839 11.43 40.90 -51.95
CA ALA F 839 10.19 41.16 -51.21
C ALA F 839 10.22 42.51 -50.48
N MET F 840 11.36 42.82 -49.85
CA MET F 840 11.51 44.06 -49.12
C MET F 840 11.60 45.22 -50.09
N ALA F 841 12.02 44.92 -51.32
CA ALA F 841 12.08 45.97 -52.34
C ALA F 841 10.66 46.34 -52.74
N ALA F 842 9.93 45.33 -53.18
CA ALA F 842 8.50 45.44 -53.47
C ALA F 842 7.75 46.18 -52.38
N VAL F 843 7.84 45.66 -51.14
CA VAL F 843 7.16 46.25 -49.99
C VAL F 843 7.50 47.74 -49.80
N GLU F 844 8.77 48.11 -49.93
CA GLU F 844 9.09 49.52 -49.77
C GLU F 844 8.88 50.22 -51.10
N GLU F 845 7.61 50.19 -51.49
CA GLU F 845 7.06 50.78 -52.71
C GLU F 845 5.55 50.74 -52.54
N ILE F 846 5.02 49.57 -52.17
CA ILE F 846 3.59 49.43 -51.83
C ILE F 846 3.30 50.13 -50.51
N VAL F 847 4.36 50.57 -49.85
CA VAL F 847 4.25 51.34 -48.62
C VAL F 847 4.10 52.79 -49.00
N LYS F 848 4.72 53.16 -50.12
CA LYS F 848 4.64 54.51 -50.65
C LYS F 848 3.28 54.76 -51.31
N GLN F 849 2.21 54.26 -50.69
CA GLN F 849 0.86 54.46 -51.18
C GLN F 849 -0.09 54.43 -49.99
N LEU F 850 0.35 55.03 -48.90
CA LEU F 850 -0.40 55.06 -47.64
C LEU F 850 -0.35 56.48 -47.05
N PRO F 851 -1.35 56.85 -46.22
CA PRO F 851 -1.52 58.22 -45.71
C PRO F 851 -0.22 58.91 -45.29
N LYS F 852 -0.23 60.24 -45.27
CA LYS F 852 0.94 60.99 -44.85
C LYS F 852 0.96 61.08 -43.33
N GLY F 853 1.22 59.94 -42.72
CA GLY F 853 1.24 59.84 -41.26
C GLY F 853 1.05 58.42 -40.79
N VAL F 854 1.38 57.47 -41.67
CA VAL F 854 1.26 56.05 -41.36
C VAL F 854 2.56 55.37 -41.81
N GLY F 855 3.68 55.84 -41.27
CA GLY F 855 5.00 55.28 -41.60
C GLY F 855 5.13 53.81 -41.24
N TYR F 856 6.13 53.16 -41.80
CA TYR F 856 6.43 51.76 -41.48
C TYR F 856 7.68 51.64 -40.62
N SER F 857 8.15 50.40 -40.43
CA SER F 857 9.35 50.12 -39.65
C SER F 857 9.63 48.63 -39.59
N TRP F 858 10.83 48.25 -40.03
CA TRP F 858 11.28 46.85 -40.07
C TRP F 858 11.57 46.28 -38.64
N THR F 859 11.41 44.97 -38.51
CA THR F 859 11.61 44.29 -37.24
C THR F 859 11.81 42.79 -37.39
N GLY F 860 12.07 42.13 -36.26
CA GLY F 860 12.34 40.70 -36.26
C GLY F 860 13.39 40.36 -37.29
N LEU F 861 13.18 39.24 -37.97
CA LEU F 861 13.98 38.82 -39.11
C LEU F 861 14.30 39.98 -40.05
N SER F 862 13.33 40.82 -40.38
CA SER F 862 13.58 41.93 -41.32
C SER F 862 14.62 42.91 -40.78
N TYR F 863 14.62 43.10 -39.47
CA TYR F 863 15.57 43.99 -38.85
C TYR F 863 16.96 43.38 -39.01
N GLU F 864 17.11 42.15 -38.53
CA GLU F 864 18.37 41.49 -38.69
C GLU F 864 18.85 41.73 -40.13
N GLU F 865 17.93 41.58 -41.08
CA GLU F 865 18.19 41.71 -42.54
C GLU F 865 18.91 43.01 -42.88
N ARG F 866 18.29 44.11 -42.49
CA ARG F 866 18.88 45.40 -42.67
C ARG F 866 20.27 45.37 -42.05
N LEU F 867 20.33 45.10 -40.74
CA LEU F 867 21.58 45.04 -39.97
C LEU F 867 22.74 44.49 -40.77
N SER F 868 22.55 43.29 -41.30
CA SER F 868 23.55 42.68 -42.13
C SER F 868 23.97 43.69 -43.22
N GLY F 869 23.07 43.91 -44.19
CA GLY F 869 23.32 44.80 -45.31
C GLY F 869 24.11 46.05 -44.99
N SER F 870 23.73 46.77 -43.94
CA SER F 870 24.39 48.04 -43.61
C SER F 870 25.80 47.92 -43.02
N GLN F 871 26.29 46.69 -42.80
CA GLN F 871 27.59 46.44 -42.17
C GLN F 871 28.65 46.02 -43.15
N ALA F 872 28.21 45.29 -44.19
CA ALA F 872 29.13 44.66 -45.13
C ALA F 872 30.16 45.63 -45.72
N PRO F 873 29.75 46.87 -46.02
CA PRO F 873 30.73 47.80 -46.55
C PRO F 873 31.98 47.94 -45.69
N ALA F 874 31.80 48.23 -44.40
CA ALA F 874 32.93 48.28 -43.44
C ALA F 874 33.51 46.87 -43.27
N LEU F 875 32.64 45.90 -43.25
CA LEU F 875 33.14 44.54 -43.20
C LEU F 875 34.26 44.35 -44.23
N TYR F 876 33.94 44.44 -45.52
CA TYR F 876 34.89 44.17 -46.64
C TYR F 876 36.08 45.11 -46.62
N ALA F 877 35.81 46.36 -46.24
CA ALA F 877 36.79 47.40 -46.24
C ALA F 877 37.84 47.14 -45.15
N LEU F 878 37.40 47.10 -43.89
CA LEU F 878 38.28 46.86 -42.74
C LEU F 878 39.06 45.60 -42.95
N SER F 879 38.47 44.63 -43.64
CA SER F 879 39.17 43.38 -43.89
C SER F 879 40.28 43.57 -44.89
N LEU F 880 39.98 44.31 -45.96
CA LEU F 880 40.97 44.67 -46.97
C LEU F 880 42.13 45.46 -46.32
N LEU F 881 41.77 46.48 -45.52
CA LEU F 881 42.77 47.22 -44.70
C LEU F 881 43.72 46.28 -43.97
N VAL F 882 43.14 45.38 -43.19
CA VAL F 882 43.93 44.54 -42.31
C VAL F 882 44.83 43.65 -43.16
N VAL F 883 44.27 43.05 -44.21
CA VAL F 883 45.08 42.18 -45.11
C VAL F 883 46.19 43.00 -45.80
N PHE F 884 45.98 44.32 -45.89
CA PHE F 884 46.92 45.21 -46.54
C PHE F 884 48.06 45.54 -45.57
N LEU F 885 47.69 46.06 -44.40
CA LEU F 885 48.65 46.33 -43.33
C LEU F 885 49.47 45.09 -42.96
N CYS F 886 48.83 43.94 -42.78
CA CYS F 886 49.63 42.76 -42.44
C CYS F 886 50.71 42.49 -43.45
N LEU F 887 50.38 42.56 -44.74
CA LEU F 887 51.33 42.25 -45.83
C LEU F 887 52.42 43.32 -45.89
N ALA F 888 52.04 44.57 -45.66
CA ALA F 888 53.00 45.63 -45.58
C ALA F 888 54.07 45.22 -44.54
N ALA F 889 53.65 45.13 -43.28
CA ALA F 889 54.53 44.77 -42.18
C ALA F 889 55.27 43.49 -42.47
N LEU F 890 54.55 42.49 -42.92
CA LEU F 890 55.17 41.20 -43.09
C LEU F 890 56.29 41.23 -44.14
N TYR F 891 56.16 42.11 -45.13
CA TYR F 891 57.13 42.13 -46.24
C TYR F 891 57.89 43.45 -46.31
N GLU F 892 57.57 44.40 -45.45
CA GLU F 892 58.36 45.60 -45.35
C GLU F 892 58.49 46.13 -46.77
N SER F 893 57.33 46.36 -47.38
CA SER F 893 57.22 46.89 -48.73
C SER F 893 55.80 47.30 -48.91
N TRP F 894 55.58 48.26 -49.79
CA TRP F 894 54.22 48.69 -50.11
C TRP F 894 53.82 48.06 -51.44
N SER F 895 54.82 47.77 -52.27
CA SER F 895 54.61 47.13 -53.56
C SER F 895 53.74 45.87 -53.52
N ILE F 896 53.98 45.00 -52.54
CA ILE F 896 53.23 43.73 -52.38
C ILE F 896 51.80 43.98 -51.91
N PRO F 897 51.63 44.74 -50.81
CA PRO F 897 50.26 45.00 -50.39
C PRO F 897 49.45 45.84 -51.39
N PHE F 898 50.10 46.37 -52.43
CA PHE F 898 49.38 47.10 -53.48
C PHE F 898 49.07 46.11 -54.61
N SER F 899 50.05 45.34 -55.03
CA SER F 899 49.77 44.35 -56.05
C SER F 899 48.56 43.52 -55.65
N VAL F 900 48.56 43.04 -54.41
CA VAL F 900 47.48 42.15 -53.89
C VAL F 900 46.06 42.72 -53.99
N MET F 901 45.81 43.91 -53.48
CA MET F 901 44.47 44.44 -53.55
C MET F 901 43.98 44.27 -55.00
N LEU F 902 44.77 44.80 -55.93
CA LEU F 902 44.46 44.74 -57.33
C LEU F 902 43.84 43.39 -57.70
N VAL F 903 44.51 42.31 -57.29
CA VAL F 903 44.07 40.91 -57.51
C VAL F 903 42.69 40.56 -56.90
N VAL F 904 42.24 41.37 -55.94
CA VAL F 904 40.99 41.08 -55.25
C VAL F 904 39.77 41.08 -56.16
N PRO F 905 39.56 42.16 -56.94
CA PRO F 905 38.39 42.20 -57.84
C PRO F 905 38.39 41.06 -58.84
N LEU F 906 39.55 40.54 -59.15
CA LEU F 906 39.58 39.33 -59.94
C LEU F 906 38.87 38.25 -59.17
N GLY F 907 39.00 38.27 -57.84
CA GLY F 907 38.41 37.24 -56.99
C GLY F 907 36.89 37.32 -56.93
N VAL F 908 36.38 38.48 -56.57
CA VAL F 908 34.96 38.63 -56.42
C VAL F 908 34.16 38.17 -57.65
N ILE F 909 34.51 38.67 -58.84
CA ILE F 909 33.72 38.39 -60.06
C ILE F 909 33.25 36.96 -60.16
N GLY F 910 34.18 36.01 -60.13
CA GLY F 910 33.81 34.59 -60.20
C GLY F 910 32.95 34.17 -59.01
N ALA F 911 33.02 34.94 -57.93
CA ALA F 911 32.21 34.69 -56.76
C ALA F 911 30.83 35.20 -57.08
N LEU F 912 30.77 36.45 -57.53
CA LEU F 912 29.53 37.08 -57.96
C LEU F 912 28.90 36.29 -59.14
N LEU F 913 29.75 35.86 -60.06
CA LEU F 913 29.31 34.99 -61.14
C LEU F 913 28.58 33.81 -60.55
N ALA F 914 29.30 32.75 -60.22
CA ALA F 914 28.70 31.53 -59.66
C ALA F 914 27.40 31.79 -58.89
N THR F 915 27.47 32.62 -57.85
CA THR F 915 26.28 32.97 -57.10
C THR F 915 25.10 33.25 -58.04
N SER F 916 25.32 34.15 -59.00
CA SER F 916 24.30 34.59 -59.95
C SER F 916 23.84 33.54 -60.97
N MET F 917 24.73 32.64 -61.37
CA MET F 917 24.35 31.62 -62.36
C MET F 917 23.75 30.37 -61.72
N ARG F 918 23.46 30.41 -60.43
CA ARG F 918 22.93 29.23 -59.75
C ARG F 918 21.75 29.58 -58.87
N GLY F 919 21.43 30.87 -58.81
CA GLY F 919 20.19 31.32 -58.20
C GLY F 919 20.30 31.68 -56.73
N LEU F 920 21.50 31.56 -56.17
CA LEU F 920 21.71 31.97 -54.80
C LEU F 920 21.85 33.47 -54.75
N SER F 921 21.62 34.03 -53.57
CA SER F 921 21.68 35.48 -53.40
C SER F 921 22.85 35.95 -52.52
N ASN F 922 22.92 37.25 -52.35
CA ASN F 922 23.92 37.86 -51.54
C ASN F 922 23.43 37.91 -50.11
N ASP F 923 23.64 36.80 -49.40
CA ASP F 923 23.23 36.62 -47.98
C ASP F 923 24.46 36.62 -47.06
N VAL F 924 24.25 36.42 -45.75
CA VAL F 924 25.39 36.39 -44.81
C VAL F 924 26.43 35.37 -45.22
N PHE F 925 25.98 34.21 -45.65
CA PHE F 925 26.92 33.19 -46.05
C PHE F 925 27.71 33.65 -47.27
N PHE F 926 27.02 34.30 -48.22
CA PHE F 926 27.68 34.85 -49.41
C PHE F 926 28.77 35.88 -49.00
N GLN F 927 28.43 36.73 -48.04
CA GLN F 927 29.39 37.64 -47.43
C GLN F 927 30.62 36.89 -46.87
N VAL F 928 30.38 35.94 -45.98
CA VAL F 928 31.49 35.16 -45.46
C VAL F 928 32.24 34.65 -46.66
N GLY F 929 31.50 34.20 -47.65
CA GLY F 929 32.12 33.72 -48.91
C GLY F 929 32.96 34.76 -49.63
N LEU F 930 32.56 36.03 -49.52
CA LEU F 930 33.30 37.08 -50.17
C LEU F 930 34.65 37.34 -49.47
N LEU F 931 34.60 37.44 -48.15
CA LEU F 931 35.82 37.62 -47.34
C LEU F 931 36.75 36.46 -47.61
N THR F 932 36.20 35.27 -47.63
CA THR F 932 37.06 34.13 -47.92
C THR F 932 37.65 34.17 -49.34
N THR F 933 36.95 34.78 -50.29
CA THR F 933 37.48 34.95 -51.67
C THR F 933 38.65 35.94 -51.67
N ILE F 934 38.42 37.11 -51.04
CA ILE F 934 39.51 38.09 -50.92
C ILE F 934 40.77 37.51 -50.24
N GLY F 935 40.61 36.42 -49.48
CA GLY F 935 41.76 35.77 -48.89
C GLY F 935 42.31 34.73 -49.81
N LEU F 936 41.44 34.11 -50.58
CA LEU F 936 41.93 33.18 -51.58
C LEU F 936 42.70 33.93 -52.67
N SER F 937 42.28 35.17 -52.93
CA SER F 937 42.92 35.97 -53.98
C SER F 937 44.30 36.32 -53.50
N ALA F 938 44.35 36.83 -52.26
CA ALA F 938 45.62 37.14 -51.59
C ALA F 938 46.53 35.92 -51.58
N LYS F 939 45.95 34.77 -51.25
CA LYS F 939 46.76 33.56 -51.23
C LYS F 939 47.52 33.47 -52.51
N ASN F 940 46.91 32.93 -53.57
CA ASN F 940 47.58 32.77 -54.88
C ASN F 940 48.43 33.97 -55.35
N ALA F 941 47.91 35.20 -55.14
CA ALA F 941 48.68 36.40 -55.42
C ALA F 941 50.11 36.37 -54.87
N ILE F 942 50.24 36.29 -53.54
CA ILE F 942 51.56 36.39 -52.87
C ILE F 942 52.47 35.24 -53.21
N LEU F 943 51.88 34.10 -53.55
CA LEU F 943 52.64 32.93 -53.98
C LEU F 943 53.40 33.19 -55.29
N ILE F 944 53.11 34.33 -55.93
CA ILE F 944 53.77 34.73 -57.18
C ILE F 944 54.73 35.87 -56.84
N VAL F 945 54.16 36.88 -56.18
CA VAL F 945 54.80 38.14 -55.94
C VAL F 945 55.93 38.11 -54.90
N GLU F 946 55.72 37.42 -53.78
CA GLU F 946 56.73 37.40 -52.70
C GLU F 946 57.93 36.56 -53.14
N PHE F 947 57.65 35.48 -53.85
CA PHE F 947 58.72 34.66 -54.38
C PHE F 947 59.50 35.54 -55.36
N ALA F 948 58.79 36.12 -56.32
CA ALA F 948 59.38 36.97 -57.34
C ALA F 948 60.31 38.00 -56.71
N LYS F 949 59.77 38.81 -55.81
CA LYS F 949 60.55 39.80 -55.08
C LYS F 949 61.88 39.21 -54.61
N GLU F 950 61.84 37.94 -54.23
CA GLU F 950 63.05 37.26 -53.77
C GLU F 950 64.01 37.03 -54.92
N LEU F 951 63.50 36.49 -56.02
CA LEU F 951 64.30 36.34 -57.23
C LEU F 951 64.83 37.71 -57.70
N HIS F 952 64.04 38.73 -57.55
CA HIS F 952 64.57 40.02 -57.82
C HIS F 952 65.83 40.21 -56.98
N GLU F 953 65.63 40.32 -55.66
CA GLU F 953 66.68 40.57 -54.67
C GLU F 953 67.92 39.69 -54.76
N GLN F 954 67.85 38.60 -55.51
CA GLN F 954 69.04 37.82 -55.75
C GLN F 954 69.57 37.97 -57.18
N GLY F 955 69.32 39.10 -57.82
CA GLY F 955 69.87 39.36 -59.17
C GLY F 955 68.87 39.56 -60.32
N LYS F 956 68.07 38.54 -60.60
CA LYS F 956 67.15 38.55 -61.75
C LYS F 956 66.39 39.85 -61.82
N GLY F 957 66.34 40.42 -63.03
CA GLY F 957 65.53 41.60 -63.29
C GLY F 957 64.02 41.36 -63.10
N ILE F 958 63.35 42.43 -62.67
CA ILE F 958 61.90 42.43 -62.40
C ILE F 958 61.12 41.44 -63.30
N VAL F 959 61.06 41.74 -64.58
CA VAL F 959 60.30 40.95 -65.52
C VAL F 959 60.72 39.49 -65.47
N GLU F 960 62.02 39.29 -65.49
CA GLU F 960 62.61 37.98 -65.48
C GLU F 960 62.32 37.21 -64.16
N ALA F 961 62.21 37.95 -63.06
CA ALA F 961 61.84 37.37 -61.77
C ALA F 961 60.40 36.92 -61.90
N ALA F 962 59.52 37.87 -62.20
CA ALA F 962 58.07 37.61 -62.32
C ALA F 962 57.74 36.47 -63.27
N ILE F 963 58.46 36.37 -64.37
CA ILE F 963 58.22 35.26 -65.27
C ILE F 963 58.54 33.97 -64.54
N GLU F 964 59.73 33.92 -63.94
CA GLU F 964 60.27 32.70 -63.31
C GLU F 964 59.39 32.34 -62.11
N ALA F 965 59.00 33.33 -61.32
CA ALA F 965 58.06 33.08 -60.25
C ALA F 965 56.84 32.32 -60.76
N CYS F 966 56.17 32.86 -61.78
CA CYS F 966 55.00 32.21 -62.38
C CYS F 966 55.30 30.77 -62.74
N ARG F 967 56.38 30.58 -63.47
CA ARG F 967 56.77 29.24 -63.90
C ARG F 967 56.82 28.27 -62.71
N MET F 968 57.78 28.47 -61.79
CA MET F 968 58.00 27.58 -60.65
C MET F 968 56.82 27.42 -59.69
N ARG F 969 55.89 28.37 -59.72
CA ARG F 969 54.74 28.35 -58.82
C ARG F 969 53.42 27.86 -59.43
N LEU F 970 53.30 27.87 -60.76
CA LEU F 970 52.02 27.55 -61.40
C LEU F 970 51.52 26.21 -60.88
N ARG F 971 52.44 25.37 -60.45
CA ARG F 971 52.10 24.04 -59.97
C ARG F 971 51.44 24.09 -58.59
N PRO F 972 52.19 24.50 -57.55
CA PRO F 972 51.54 24.58 -56.23
C PRO F 972 50.31 25.48 -56.27
N ILE F 973 50.28 26.44 -57.18
CA ILE F 973 49.10 27.32 -57.27
C ILE F 973 47.85 26.60 -57.79
N VAL F 974 48.00 25.72 -58.79
CA VAL F 974 46.84 25.02 -59.33
C VAL F 974 46.47 23.86 -58.40
N MET F 975 47.50 23.24 -57.84
CA MET F 975 47.33 22.11 -56.94
C MET F 975 46.49 22.52 -55.71
N THR F 976 46.88 23.61 -55.07
CA THR F 976 46.23 24.05 -53.84
C THR F 976 44.86 24.67 -54.12
N SER F 977 44.75 25.30 -55.28
CA SER F 977 43.51 25.94 -55.70
C SER F 977 42.40 24.90 -55.99
N LEU F 978 42.76 23.79 -56.65
CA LEU F 978 41.80 22.73 -56.88
C LEU F 978 41.45 22.09 -55.55
N ALA F 979 42.47 21.82 -54.75
CA ALA F 979 42.26 21.20 -53.44
C ALA F 979 41.09 21.86 -52.73
N PHE F 980 41.13 23.19 -52.67
CA PHE F 980 40.01 23.95 -52.10
C PHE F 980 38.71 23.60 -52.80
N ILE F 981 38.65 23.94 -54.08
CA ILE F 981 37.47 23.71 -54.91
C ILE F 981 36.85 22.35 -54.61
N LEU F 982 37.55 21.30 -54.98
CA LEU F 982 37.07 19.97 -54.69
C LEU F 982 36.61 19.89 -53.22
N GLY F 983 37.39 20.48 -52.32
CA GLY F 983 37.05 20.45 -50.91
C GLY F 983 35.61 20.84 -50.66
N VAL F 984 35.19 21.96 -51.25
CA VAL F 984 33.87 22.55 -50.98
C VAL F 984 32.73 21.93 -51.81
N VAL F 985 33.06 21.33 -52.95
CA VAL F 985 32.02 20.72 -53.75
C VAL F 985 30.98 20.00 -52.87
N PRO F 986 31.43 19.17 -51.93
CA PRO F 986 30.51 18.47 -51.03
C PRO F 986 29.44 19.37 -50.46
N LEU F 987 29.84 20.56 -50.04
CA LEU F 987 28.91 21.56 -49.54
C LEU F 987 28.04 22.07 -50.68
N ALA F 988 28.65 22.21 -51.86
CA ALA F 988 27.98 22.82 -53.01
C ALA F 988 26.84 21.95 -53.56
N ILE F 989 27.04 20.63 -53.57
CA ILE F 989 26.04 19.74 -54.08
C ILE F 989 25.36 18.87 -53.02
N SER F 990 25.38 19.31 -51.77
CA SER F 990 24.86 18.49 -50.70
C SER F 990 23.33 18.53 -50.68
N THR F 991 22.73 17.63 -49.91
CA THR F 991 21.28 17.56 -49.76
C THR F 991 20.90 17.00 -48.37
N GLY F 992 19.62 17.13 -48.03
CA GLY F 992 19.15 16.69 -46.72
C GLY F 992 18.96 17.89 -45.83
N ALA F 993 19.23 17.69 -44.54
CA ALA F 993 19.15 18.77 -43.57
C ALA F 993 20.42 19.64 -43.64
N GLY F 994 20.24 20.91 -44.00
CA GLY F 994 21.34 21.87 -44.04
C GLY F 994 21.85 22.22 -45.45
N SER F 995 21.08 21.88 -46.48
CA SER F 995 21.46 22.21 -47.85
C SER F 995 21.44 23.72 -48.10
N GLY F 996 20.36 24.37 -47.75
CA GLY F 996 20.26 25.80 -47.87
C GLY F 996 21.55 26.45 -47.38
N SER F 997 21.97 26.04 -46.18
CA SER F 997 23.17 26.55 -45.56
C SER F 997 24.43 26.15 -46.34
N GLN F 998 24.67 24.85 -46.45
CA GLN F 998 25.77 24.37 -47.22
C GLN F 998 25.88 24.90 -48.65
N HIS F 999 24.77 24.87 -49.38
CA HIS F 999 24.72 25.38 -50.76
C HIS F 999 25.31 26.78 -50.85
N ALA F 1000 24.74 27.67 -50.07
CA ALA F 1000 25.02 29.06 -50.13
C ALA F 1000 26.47 29.39 -49.77
N ILE F 1001 26.97 28.77 -48.70
CA ILE F 1001 28.32 29.00 -48.25
C ILE F 1001 29.29 28.56 -49.34
N GLY F 1002 29.12 27.32 -49.79
CA GLY F 1002 30.00 26.73 -50.79
C GLY F 1002 29.99 27.34 -52.18
N THR F 1003 28.83 27.70 -52.72
CA THR F 1003 28.73 28.06 -54.14
C THR F 1003 29.67 29.20 -54.52
N GLY F 1004 29.49 30.37 -53.93
CA GLY F 1004 30.32 31.53 -54.26
C GLY F 1004 31.82 31.26 -54.22
N VAL F 1005 32.30 30.68 -53.13
CA VAL F 1005 33.73 30.48 -52.95
C VAL F 1005 34.31 29.60 -54.03
N ILE F 1006 33.54 28.66 -54.55
CA ILE F 1006 33.96 27.87 -55.73
C ILE F 1006 34.23 28.81 -56.90
N GLY F 1007 33.44 29.88 -56.97
CA GLY F 1007 33.59 30.88 -58.00
C GLY F 1007 34.94 31.57 -57.95
N GLY F 1008 35.11 32.42 -56.94
CA GLY F 1008 36.34 33.17 -56.76
C GLY F 1008 37.61 32.32 -56.78
N MET F 1009 37.55 31.15 -56.17
CA MET F 1009 38.73 30.36 -56.11
C MET F 1009 39.19 30.18 -57.53
N VAL F 1010 38.20 29.89 -58.38
CA VAL F 1010 38.41 29.58 -59.79
C VAL F 1010 38.99 30.75 -60.56
N THR F 1011 38.43 31.95 -60.42
CA THR F 1011 38.94 33.08 -61.20
C THR F 1011 40.19 33.65 -60.55
N ALA F 1012 40.40 33.27 -59.29
CA ALA F 1012 41.58 33.69 -58.57
C ALA F 1012 42.71 32.75 -58.92
N THR F 1013 42.47 31.93 -59.93
CA THR F 1013 43.50 31.04 -60.44
C THR F 1013 43.70 31.19 -61.96
N VAL F 1014 42.64 31.56 -62.69
CA VAL F 1014 42.78 31.73 -64.15
C VAL F 1014 43.07 33.19 -64.53
N LEU F 1015 42.47 34.15 -63.82
CA LEU F 1015 42.77 35.58 -64.03
C LEU F 1015 44.03 35.95 -63.25
N ALA F 1016 44.11 35.43 -62.01
CA ALA F 1016 45.20 35.77 -61.08
C ALA F 1016 46.59 35.39 -61.59
N ILE F 1017 46.79 34.13 -61.91
CA ILE F 1017 48.05 33.70 -62.50
C ILE F 1017 48.49 34.53 -63.73
N PHE F 1018 47.60 35.38 -64.28
CA PHE F 1018 47.96 36.20 -65.45
C PHE F 1018 48.13 37.65 -65.10
N TRP F 1019 47.42 38.13 -64.08
CA TRP F 1019 47.51 39.55 -63.74
C TRP F 1019 48.42 39.91 -62.55
N VAL F 1020 48.53 39.04 -61.54
CA VAL F 1020 49.40 39.36 -60.39
C VAL F 1020 50.82 39.71 -60.84
N PRO F 1021 51.35 38.98 -61.82
CA PRO F 1021 52.68 39.37 -62.32
C PRO F 1021 52.64 40.74 -62.99
N LEU F 1022 51.55 41.02 -63.69
CA LEU F 1022 51.41 42.28 -64.34
C LEU F 1022 51.37 43.34 -63.29
N PHE F 1023 50.61 43.09 -62.24
CA PHE F 1023 50.53 44.05 -61.14
C PHE F 1023 51.91 44.23 -60.51
N TYR F 1024 52.61 43.11 -60.30
CA TYR F 1024 53.95 43.12 -59.75
C TYR F 1024 54.78 44.17 -60.46
N VAL F 1025 55.19 43.83 -61.67
CA VAL F 1025 56.02 44.71 -62.47
C VAL F 1025 55.45 46.12 -62.65
N ALA F 1026 54.20 46.21 -63.07
CA ALA F 1026 53.57 47.52 -63.26
C ALA F 1026 53.74 48.46 -62.07
N VAL F 1027 53.58 47.93 -60.85
CA VAL F 1027 53.68 48.77 -59.64
C VAL F 1027 55.14 49.01 -59.23
N SER F 1028 55.99 48.00 -59.42
CA SER F 1028 57.39 48.12 -59.05
C SER F 1028 58.08 49.25 -59.80
N THR F 1029 57.71 49.41 -61.07
CA THR F 1029 58.29 50.42 -61.94
C THR F 1029 57.72 51.83 -61.72
N LEU F 1030 56.84 51.99 -60.73
CA LEU F 1030 56.26 53.31 -60.44
C LEU F 1030 56.80 53.92 -59.14
N PHE F 1031 56.73 53.15 -58.05
CA PHE F 1031 57.23 53.62 -56.74
C PHE F 1031 58.75 53.77 -56.80
N LYS F 1032 59.33 53.49 -57.96
CA LYS F 1032 60.76 53.66 -58.19
C LYS F 1032 61.10 53.38 -59.66
N ASP F 1033 61.04 54.44 -60.46
CA ASP F 1033 61.33 54.35 -61.89
C ASP F 1033 62.73 54.90 -62.16
C1B LMT G . -25.08 -34.40 40.90
C2B LMT G . -24.52 -35.75 40.45
C3B LMT G . -25.59 -36.85 40.51
C4B LMT G . -26.41 -36.89 41.81
C5B LMT G . -26.65 -35.52 42.50
C6B LMT G . -26.96 -35.71 44.02
O1B LMT G . -26.02 -34.04 39.87
O2B LMT G . -24.06 -35.60 39.09
O3B LMT G . -24.98 -38.13 40.32
O4' LMT G . -27.67 -37.50 41.52
O5B LMT G . -25.62 -34.52 42.25
O6B LMT G . -28.09 -35.01 44.54
C1' LMT G . -27.01 -29.88 39.47
C2' LMT G . -27.61 -30.84 40.48
C3' LMT G . -26.54 -31.80 40.88
C4' LMT G . -26.51 -32.70 39.67
C5' LMT G . -25.92 -31.94 38.45
C6' LMT G . -26.40 -32.57 37.13
O1' LMT G . -28.04 -28.98 38.99
O2' LMT G . -27.94 -30.17 41.68
O3' LMT G . -27.02 -32.44 42.05
O5' LMT G . -26.22 -30.52 38.42
O6' LMT G . -27.74 -32.17 36.79
C1 LMT G . -28.00 -27.67 39.58
C2 LMT G . -29.06 -26.71 39.02
C3 LMT G . -30.39 -26.93 39.72
C4 LMT G . -30.81 -25.68 40.49
C5 LMT G . -32.32 -25.37 40.39
C6 LMT G . -33.13 -25.64 41.68
C7 LMT G . -34.64 -25.56 41.41
C8 LMT G . -35.48 -25.23 42.64
C9 LMT G . -36.95 -25.05 42.26
C10 LMT G . -37.90 -25.68 43.30
C11 LMT G . -38.92 -24.68 43.88
C12 LMT G . -38.59 -24.25 45.29
C1B LMT H . -54.32 -31.26 58.20
C2B LMT H . -55.59 -30.49 58.60
C3B LMT H . -55.12 -29.07 58.96
C4B LMT H . -54.43 -29.23 60.31
C5B LMT H . -53.33 -30.29 60.29
C6B LMT H . -53.17 -30.81 61.71
O1B LMT H . -53.49 -30.66 57.16
O2B LMT H . -56.67 -30.60 57.65
O3B LMT H . -56.17 -28.12 59.08
O4' LMT H . -53.81 -28.01 60.66
O5B LMT H . -53.57 -31.42 59.42
O6B LMT H . -53.74 -32.12 61.78
C1' LMT H . -51.06 -32.59 54.19
C2' LMT H . -52.43 -32.03 53.80
C3' LMT H . -52.91 -31.01 54.83
C4' LMT H . -53.02 -31.64 56.21
C5' LMT H . -51.64 -32.26 56.51
C6' LMT H . -51.53 -32.97 57.87
O1' LMT H . -50.55 -33.57 53.27
O2' LMT H . -52.39 -31.38 52.53
O3' LMT H . -54.19 -30.51 54.42
O5' LMT H . -51.28 -33.18 55.46
O6' LMT H . -52.05 -34.30 57.82
C1 LMT H . -49.12 -33.51 53.04
C2 LMT H . -48.68 -34.53 52.00
C3 LMT H . -47.17 -34.67 51.79
C4 LMT H . -46.65 -33.72 50.70
C5 LMT H . -45.13 -33.81 50.49
C6 LMT H . -44.48 -32.53 49.95
C7 LMT H . -43.00 -32.73 49.55
C8 LMT H . -42.26 -31.47 49.08
C9 LMT H . -40.93 -31.76 48.33
C10 LMT H . -40.56 -30.81 47.17
C11 LMT H . -39.08 -30.36 47.15
C12 LMT H . -38.51 -30.10 45.76
C1B LMT I . -2.60 -60.80 7.02
C2B LMT I . -1.63 -59.87 7.74
C3B LMT I . -2.36 -58.59 8.14
C4B LMT I . -3.03 -57.99 6.90
C5B LMT I . -3.91 -59.07 6.24
C6B LMT I . -4.62 -58.47 5.02
O1B LMT I . -3.71 -61.10 7.88
O2B LMT I . -1.12 -60.52 8.90
O3B LMT I . -1.43 -57.65 8.69
O4' LMT I . -3.85 -56.89 7.28
O5B LMT I . -3.10 -60.16 5.84
O6B LMT I . -5.43 -59.47 4.41
C1' LMT I . -4.60 -64.99 8.89
C2' LMT I . -3.27 -64.81 8.15
C3' LMT I . -2.85 -63.34 8.22
C4' LMT I . -4.01 -62.48 7.70
C5' LMT I . -5.28 -62.83 8.46
C6' LMT I . -6.43 -61.96 7.97
O1' LMT I . -4.98 -66.37 8.87
O2' LMT I . -2.27 -65.62 8.77
O3' LMT I . -1.68 -63.13 7.41
O5' LMT I . -5.61 -64.21 8.25
O6' LMT I . -7.61 -62.23 8.74
C1 LMT I . -4.15 -67.05 9.81
C2 LMT I . -4.83 -68.33 10.27
C3 LMT I . -6.12 -67.98 11.02
C4 LMT I . -6.74 -69.26 11.58
C5 LMT I . -7.97 -68.91 12.42
C6 LMT I . -8.59 -70.18 12.99
C7 LMT I . -9.48 -69.83 14.19
C8 LMT I . -10.75 -70.68 14.14
C9 LMT I . -11.40 -70.70 15.53
C10 LMT I . -12.67 -71.54 15.49
C11 LMT I . -13.32 -71.56 16.88
C12 LMT I . -14.59 -72.41 16.83
C1B LMT J . -64.54 -45.25 44.58
C2B LMT J . -64.99 -46.70 44.34
C3B LMT J . -65.27 -47.36 45.68
C4B LMT J . -66.22 -46.53 46.57
C5B LMT J . -66.50 -45.06 46.12
C6B LMT J . -66.77 -44.13 47.32
O1B LMT J . -64.00 -44.61 43.41
O2B LMT J . -66.18 -46.82 43.55
O3B LMT J . -64.03 -47.65 46.34
O4' LMT J . -67.47 -47.24 46.65
O5B LMT J . -65.57 -44.44 45.19
O6B LMT J . -65.76 -43.12 47.47
C1' LMT J . -60.66 -43.97 41.16
C2' LMT J . -61.53 -45.22 40.96
C3' LMT J . -62.28 -45.76 42.19
C4' LMT J . -62.57 -44.80 43.33
C5' LMT J . -61.74 -43.49 43.38
C6' LMT J . -60.63 -43.59 44.43
O1' LMT J . -59.29 -44.36 41.40
O2' LMT J . -62.47 -44.95 39.89
O3' LMT J . -61.58 -46.86 42.78
O5' LMT J . -61.21 -43.04 42.12
O6' LMT J . -60.26 -42.32 45.02
C1 LMT J . -58.42 -44.26 40.26
C2 LMT J . -56.97 -44.52 40.71
C3 LMT J . -55.97 -44.77 39.59
C4 LMT J . -54.51 -44.62 40.07
C5 LMT J . -54.03 -43.17 40.01
C6 LMT J . -52.53 -43.07 39.70
C7 LMT J . -51.98 -41.63 39.73
C8 LMT J . -50.78 -41.46 38.82
C9 LMT J . -51.04 -40.37 37.75
C10 LMT J . -49.75 -39.68 37.25
C11 LMT J . -50.04 -38.49 36.31
C12 LMT J . -48.87 -37.52 36.15
C1B LMT K . -26.73 -44.12 32.54
C2B LMT K . -25.27 -44.37 32.99
C3B LMT K . -25.23 -44.68 34.48
C4B LMT K . -25.55 -43.37 35.20
C5B LMT K . -26.90 -42.79 34.76
C6B LMT K . -26.83 -41.26 34.73
O1B LMT K . -27.51 -45.33 32.34
O2B LMT K . -24.60 -45.38 32.23
O3B LMT K . -23.96 -45.21 34.84
O4' LMT K . -25.50 -43.53 36.62
O5B LMT K . -27.42 -43.25 33.47
O6B LMT K . -27.54 -40.65 35.82
C1' LMT K . -31.23 -45.72 30.18
C2' LMT K . -29.92 -45.68 29.38
C3' LMT K . -28.71 -46.05 30.26
C4' LMT K . -28.65 -45.11 31.48
C5' LMT K . -30.01 -45.26 32.18
C6' LMT K . -30.12 -44.58 33.54
O1' LMT K . -32.40 -45.41 29.38
O2' LMT K . -30.02 -46.56 28.23
O3' LMT K . -27.49 -46.00 29.51
O5' LMT K . -31.05 -44.82 31.28
O6' LMT K . -30.29 -43.17 33.39
C1 LMT K . -33.69 -45.55 30.01
C2 LMT K . -34.74 -46.19 29.10
C3 LMT K . -36.18 -46.09 29.67
C4 LMT K . -37.23 -46.98 28.95
C5 LMT K . -38.69 -46.69 29.31
C6 LMT K . -39.66 -47.04 28.17
C7 LMT K . -41.09 -47.47 28.60
C8 LMT K . -41.92 -48.10 27.46
C9 LMT K . -43.31 -48.63 27.82
C10 LMT K . -44.44 -47.83 27.14
C11 LMT K . -45.72 -48.62 26.84
C12 LMT K . -46.76 -47.85 26.02
C1B LMT L . -28.18 -41.26 40.89
C2B LMT L . -26.97 -42.07 41.30
C3B LMT L . -27.38 -42.74 42.60
C4B LMT L . -27.60 -41.65 43.65
C5B LMT L . -28.75 -40.77 43.17
C6B LMT L . -29.05 -39.64 44.15
O1B LMT L . -29.30 -42.15 40.82
O2B LMT L . -26.71 -43.07 40.33
O3B LMT L . -26.40 -43.73 42.95
O4' LMT L . -27.89 -42.14 44.97
O5B LMT L . -28.45 -40.24 41.87
O6B LMT L . -27.88 -38.82 44.29
C1' LMT L . -32.29 -42.87 37.99
C2' LMT L . -30.87 -43.21 37.55
C3' LMT L . -30.02 -43.32 38.80
C4' LMT L . -30.08 -42.04 39.62
C5' LMT L . -31.54 -41.78 39.98
C6' LMT L . -31.77 -40.50 40.78
O1' LMT L . -33.17 -42.69 36.88
O2' LMT L . -30.86 -44.47 36.87
O3' LMT L . -28.67 -43.67 38.45
O5' LMT L . -32.23 -41.66 38.74
O6' LMT L . -31.27 -39.35 40.08
C1 LMT L . -34.53 -42.45 37.28
C2 LMT L . -35.50 -43.53 36.81
C3 LMT L . -36.22 -44.13 38.02
C4 LMT L . -37.72 -43.91 37.97
C5 LMT L . -38.57 -45.19 37.92
C6 LMT L . -39.64 -45.05 36.83
C7 LMT L . -41.04 -45.07 37.42
C8 LMT L . -42.09 -45.22 36.33
C9 LMT L . -43.38 -45.86 36.82
C10 LMT L . -44.47 -44.81 37.03
C11 LMT L . -45.52 -44.85 35.91
C12 LMT L . -46.83 -44.24 36.40
C1B LMT M . -40.81 -17.65 10.33
C2B LMT M . -40.65 -16.13 10.48
C3B LMT M . -39.21 -15.66 10.45
C4B LMT M . -38.17 -16.76 10.72
C5B LMT M . -38.52 -18.16 10.20
C6B LMT M . -38.63 -19.15 11.37
O1B LMT M . -42.12 -18.04 9.89
O2B LMT M . -41.38 -15.41 9.48
O3B LMT M . -39.12 -14.63 11.44
O4' LMT M . -36.94 -16.35 10.10
O5B LMT M . -39.76 -18.17 9.49
O6B LMT M . -37.50 -20.02 11.38
C1' LMT M . -45.55 -19.19 12.16
C2' LMT M . -44.65 -18.06 12.70
C3' LMT M . -43.80 -17.47 11.58
C4' LMT M . -42.93 -18.56 10.95
C5' LMT M . -43.82 -19.69 10.45
C6' LMT M . -42.97 -20.88 10.03
O1' LMT M . -46.26 -19.87 13.23
O2' LMT M . -45.40 -16.98 13.31
O3' LMT M . -42.98 -16.44 12.14
O5' LMT M . -44.71 -20.14 11.45
O6' LMT M . -41.61 -20.75 10.50
C1 LMT M . -47.45 -19.25 13.72
C2 LMT M . -47.85 -19.80 15.08
C3 LMT M . -48.55 -18.76 15.95
C4 LMT M . -48.99 -19.34 17.31
C5 LMT M . -50.51 -19.36 17.54
C6 LMT M . -50.88 -19.55 19.02
C7 LMT M . -52.21 -20.25 19.38
C8 LMT M . -52.97 -19.59 20.54
C9 LMT M . -54.16 -20.39 21.10
C10 LMT M . -55.52 -19.66 21.28
C11 LMT M . -56.79 -20.41 20.80
C12 LMT M . -58.14 -19.84 21.28
C1B LMT N . -74.30 -33.09 17.61
C2B LMT N . -75.37 -32.19 18.28
C3B LMT N . -76.17 -32.91 19.36
C4B LMT N . -76.57 -34.34 18.99
C5B LMT N . -75.40 -35.17 18.47
C6B LMT N . -75.75 -35.98 17.22
O1B LMT N . -73.01 -32.44 17.45
O2B LMT N . -74.80 -30.98 18.83
O3B LMT N . -77.35 -32.15 19.65
O4' LMT N . -77.12 -35.00 20.14
O5B LMT N . -74.21 -34.39 18.26
O6B LMT N . -76.85 -35.37 16.52
C1' LMT N . -69.09 -33.00 17.91
C2' LMT N . -69.84 -34.16 18.53
C3' LMT N . -71.36 -34.04 18.38
C4' LMT N . -71.95 -32.61 18.44
C5' LMT N . -70.94 -31.51 18.12
C6' LMT N . -71.33 -30.21 18.80
O1' LMT N . -67.66 -33.12 18.13
O2' LMT N . -69.50 -35.38 17.87
O3' LMT N . -71.97 -34.95 19.29
O5' LMT N . -69.61 -31.83 18.53
O6' LMT N . -72.44 -29.59 18.16
C1 LMT N . -66.91 -33.37 16.92
C2 LMT N . -65.40 -33.51 17.15
C3 LMT N . -64.77 -34.24 15.95
C4 LMT N . -63.60 -33.49 15.32
C5 LMT N . -62.39 -34.39 15.00
C6 LMT N . -61.04 -33.66 15.15
C7 LMT N . -59.82 -34.58 15.28
C8 LMT N . -58.69 -34.23 14.31
C9 LMT N . -57.51 -35.18 14.50
C10 LMT N . -57.41 -36.20 13.36
C11 LMT N . -56.04 -36.89 13.37
C12 LMT N . -55.92 -37.99 12.32
C1B LMT O . 35.38 15.44 -19.98
C2B LMT O . 34.93 15.89 -18.57
C3B LMT O . 35.74 15.24 -17.44
C4B LMT O . 35.70 13.71 -17.54
C5B LMT O . 35.99 13.19 -18.95
C6B LMT O . 34.89 12.21 -19.41
O1B LMT O . 35.91 16.50 -20.86
O2B LMT O . 34.93 17.31 -18.43
O3B LMT O . 35.15 15.66 -16.20
O4' LMT O . 36.68 13.13 -16.67
O5B LMT O . 36.23 14.26 -19.92
O6B LMT O . 35.33 10.84 -19.44
C1' LMT O . 39.52 17.84 -22.07
C2' LMT O . 39.54 17.28 -20.66
C3' LMT O . 38.29 16.50 -20.35
C4' LMT O . 37.02 17.33 -20.48
C5' LMT O . 37.20 18.56 -21.40
C6' LMT O . 37.39 19.85 -20.57
O1' LMT O . 40.67 18.72 -22.19
O2' LMT O . 40.63 16.37 -20.55
O3' LMT O . 38.42 16.03 -19.01
O5' LMT O . 38.22 18.40 -22.43
O6' LMT O . 36.34 20.85 -20.66
C1 LMT O . 41.90 18.12 -22.64
C2 LMT O . 43.10 18.58 -21.83
C3 LMT O . 44.41 18.62 -22.63
C4 LMT O . 45.60 18.28 -21.74
C5 LMT O . 46.69 19.38 -21.73
C6 LMT O . 48.05 18.98 -21.15
C7 LMT O . 49.18 19.54 -22.02
C8 LMT O . 50.59 19.15 -21.58
C9 LMT O . 51.69 20.03 -22.17
C10 LMT O . 52.59 20.64 -21.09
C11 LMT O . 53.63 21.69 -21.58
C12 LMT O . 53.13 23.13 -21.50
C1B LMT P . 45.30 41.17 7.30
C2B LMT P . 44.55 42.23 6.47
C3B LMT P . 45.46 43.08 5.58
C4B LMT P . 46.71 43.60 6.28
C5B LMT P . 47.40 42.56 7.18
C6B LMT P . 47.63 43.08 8.60
O1B LMT P . 44.81 39.82 7.02
O2B LMT P . 43.53 41.62 5.65
O3B LMT P . 44.71 44.17 5.03
O4' LMT P . 47.66 43.98 5.28
O5B LMT P . 46.74 41.27 7.17
O6B LMT P . 48.31 42.06 9.35
C1' LMT P . 46.80 36.10 6.53
C2' LMT P . 47.60 37.38 6.72
C3' LMT P . 46.73 38.35 7.48
C4' LMT P . 45.67 38.81 6.47
C5' LMT P . 44.87 37.58 5.99
C6' LMT P . 44.18 37.89 4.68
O1' LMT P . 47.69 35.14 5.92
O2' LMT P . 48.81 37.12 7.44
O3' LMT P . 47.52 39.41 8.03
O5' LMT P . 45.61 36.36 5.74
O6' LMT P . 43.19 38.90 4.95
C1 LMT P . 47.16 33.82 5.87
C2 LMT P . 48.24 32.76 6.12
C3 LMT P . 48.90 32.31 4.83
C4 LMT P . 50.37 32.74 4.77
C5 LMT P . 51.33 31.61 4.41
C6 LMT P . 52.77 32.10 4.51
C7 LMT P . 53.74 31.21 3.74
C8 LMT P . 55.15 31.84 3.70
C9 LMT P . 55.97 31.23 2.56
C10 LMT P . 57.42 31.70 2.60
C11 LMT P . 58.35 30.72 3.33
C12 LMT P . 59.70 31.34 3.67
C1B LMT Q . 78.42 38.79 -0.22
C2B LMT Q . 79.31 37.56 -0.46
C3B LMT Q . 80.03 37.07 0.79
C4B LMT Q . 80.74 38.18 1.56
C5B LMT Q . 80.08 39.57 1.46
C6B LMT Q . 80.87 40.59 0.64
O1B LMT Q . 77.03 38.42 -0.15
O2B LMT Q . 78.55 36.46 -0.97
O3B LMT Q . 80.97 36.05 0.43
O4' LMT Q . 80.69 37.79 2.93
O5B LMT Q . 78.72 39.50 1.01
O6B LMT Q . 80.20 41.86 0.70
C1' LMT Q . 73.31 39.87 -1.49
C2' LMT Q . 74.21 39.18 -2.55
C3' LMT Q . 75.34 38.40 -1.86
C4' LMT Q . 76.15 39.26 -0.88
C5' LMT Q . 75.16 39.95 0.07
C6' LMT Q . 75.77 40.78 1.21
O1' LMT Q . 72.19 40.62 -2.05
O2' LMT Q . 73.52 38.24 -3.38
O3' LMT Q . 76.18 37.74 -2.82
O5' LMT Q . 74.17 40.69 -0.68
O6' LMT Q . 76.94 41.54 0.84
C1 LMT Q . 71.19 41.08 -1.12
C2 LMT Q . 69.79 40.55 -1.45
C3 LMT Q . 68.70 41.12 -0.51
C4 LMT Q . 67.35 40.41 -0.67
C5 LMT Q . 66.78 39.82 0.65
C6 LMT Q . 65.39 39.17 0.56
C7 LMT Q . 64.32 39.93 1.37
C8 LMT Q . 62.86 39.74 0.87
C9 LMT Q . 61.93 40.96 1.03
C10 LMT Q . 60.68 40.93 0.12
C11 LMT Q . 59.54 41.87 0.52
C12 LMT Q . 58.25 41.11 0.81
C1B LMT R . 47.05 47.51 3.97
C2B LMT R . 46.48 48.60 4.84
C3B LMT R . 47.59 49.35 5.52
C4B LMT R . 48.62 48.46 6.23
C5B LMT R . 49.07 47.34 5.30
C6B LMT R . 50.06 46.38 5.98
O1B LMT R . 47.77 48.14 2.89
O2B LMT R . 45.77 49.55 4.04
O3B LMT R . 46.92 50.23 6.42
O4' LMT R . 49.81 49.20 6.49
O5B LMT R . 47.90 46.69 4.79
O6B LMT R . 49.37 45.33 6.71
C1' LMT R . 47.77 47.75 -1.31
C2' LMT R . 46.49 48.32 -0.69
C3' LMT R . 46.70 48.71 0.79
C4' LMT R . 47.43 47.64 1.60
C5' LMT R . 48.71 47.28 0.88
C6' LMT R . 49.42 46.13 1.58
O1' LMT R . 47.53 47.11 -2.58
O2' LMT R . 46.01 49.44 -1.45
O3' LMT R . 45.43 48.96 1.41
O5' LMT R . 48.33 46.79 -0.40
O6' LMT R . 48.50 45.05 1.78
C1 LMT R . 48.73 46.79 -3.30
C2 LMT R . 49.16 47.91 -4.28
C3 LMT R . 50.69 48.05 -4.35
C4 LMT R . 51.17 49.09 -5.36
C5 LMT R . 51.64 48.47 -6.67
C6 LMT R . 52.80 49.24 -7.30
C7 LMT R . 52.78 49.16 -8.83
C8 LMT R . 54.14 49.02 -9.50
C9 LMT R . 54.05 48.42 -10.91
C10 LMT R . 55.41 48.35 -11.60
C11 LMT R . 55.56 47.05 -12.40
C12 LMT R . 57.00 46.84 -12.82
C1B LMT S . 74.80 49.00 -20.62
C2B LMT S . 74.64 49.87 -21.90
C3B LMT S . 75.97 50.15 -22.62
C4B LMT S . 76.91 50.81 -21.60
C5B LMT S . 77.10 49.88 -20.37
C6B LMT S . 76.94 50.65 -19.06
O1B LMT S . 73.95 47.82 -20.54
O2B LMT S . 73.68 49.31 -22.79
O3B LMT S . 75.81 50.98 -23.78
O4' LMT S . 78.16 51.27 -22.18
O5B LMT S . 76.21 48.72 -20.38
O6B LMT S . 75.58 51.07 -18.80
C1' LMT S . 70.00 46.90 -19.29
C2' LMT S . 70.37 48.36 -19.54
C3' LMT S . 71.62 48.45 -20.40
C4' LMT S . 72.83 47.96 -19.64
C5' LMT S . 72.51 46.72 -18.76
C6' LMT S . 72.75 47.09 -17.27
O1' LMT S . 69.00 46.79 -18.26
O2' LMT S . 69.30 49.05 -20.18
O3' LMT S . 71.87 49.81 -20.61
O5' LMT S . 71.20 46.11 -19.03
O6' LMT S . 72.09 46.24 -16.30
C1 LMT S . 67.70 47.33 -18.52
C2 LMT S . 66.93 47.61 -17.22
C3 LMT S . 65.51 48.10 -17.50
C4 LMT S . 64.62 48.10 -16.27
C5 LMT S . 64.24 46.68 -15.87
C6 LMT S . 63.79 46.58 -14.41
C7 LMT S . 62.72 45.51 -14.20
C8 LMT S . 61.85 45.73 -12.97
C9 LMT S . 60.68 44.73 -12.84
C10 LMT S . 59.52 45.25 -11.96
C11 LMT S . 58.21 44.45 -12.04
C12 LMT S . 57.32 44.71 -10.84
C1B LMT T . 39.59 48.39 -1.02
C2B LMT T . 39.13 49.13 0.23
C3B LMT T . 40.32 49.49 1.15
C4B LMT T . 41.18 48.28 1.52
C5B LMT T . 41.34 47.19 0.44
C6B LMT T . 41.44 45.80 1.12
O1B LMT T . 40.33 49.24 -1.93
O2B LMT T . 38.35 50.28 -0.15
O3B LMT T . 39.82 50.05 2.38
O4' LMT T . 42.50 48.70 1.88
O5B LMT T . 40.32 47.20 -0.61
O6B LMT T . 42.59 45.02 0.73
C1' LMT T . 41.28 48.86 -6.09
C2' LMT T . 39.82 48.82 -5.68
C3' LMT T . 39.71 49.59 -4.36
C4' LMT T . 40.43 48.74 -3.28
C5' LMT T . 41.90 48.60 -3.68
C6' LMT T . 42.60 47.53 -2.85
O1' LMT T . 41.47 48.23 -7.37
O2' LMT T . 38.97 49.36 -6.71
O3' LMT T . 38.32 49.87 -4.07
O5' LMT T . 42.06 48.20 -5.07
O6' LMT T . 43.89 47.96 -2.45
C1 LMT T . 42.06 49.08 -8.36
C2 LMT T . 43.36 48.52 -8.97
C3 LMT T . 43.57 49.02 -10.40
C4 LMT T . 45.02 49.21 -10.81
C5 LMT T . 45.40 48.41 -12.05
C6 LMT T . 45.53 49.22 -13.35
C7 LMT T . 46.48 48.61 -14.39
C8 LMT T . 46.85 49.63 -15.49
C9 LMT T . 47.77 49.08 -16.60
C10 LMT T . 47.91 50.06 -17.78
C11 LMT T . 47.96 49.34 -19.14
C12 LMT T . 49.17 49.69 -19.99
C1B LMT U . 64.91 30.46 -41.41
C2B LMT U . 64.11 31.68 -41.91
C3B LMT U . 63.98 31.64 -43.44
C4B LMT U . 65.34 31.63 -44.13
C5B LMT U . 66.40 30.85 -43.38
C6B LMT U . 67.42 31.84 -42.80
O1B LMT U . 64.12 29.40 -40.81
O2B LMT U . 62.86 31.82 -41.19
O3B LMT U . 63.27 32.78 -43.95
O4' LMT U . 65.20 31.04 -45.42
O5B LMT U . 65.79 29.93 -42.45
O6B LMT U . 68.37 31.20 -41.95
C1' LMT U . 60.85 29.69 -37.97
C2' LMT U . 60.94 28.50 -38.97
C3' LMT U . 62.23 28.33 -39.79
C4' LMT U . 62.94 29.66 -40.04
C5' LMT U . 63.07 30.16 -38.61
C6' LMT U . 64.22 31.09 -38.16
O1' LMT U . 59.53 30.27 -37.90
O2' LMT U . 60.83 27.27 -38.26
O3' LMT U . 61.99 27.59 -41.00
O5' LMT U . 61.77 30.72 -38.37
O6' LMT U . 64.75 30.64 -36.89
C1 LMT U . 58.80 30.33 -36.65
C2 LMT U . 57.58 31.23 -36.91
C3 LMT U . 56.41 31.17 -35.92
C4 LMT U . 55.06 30.94 -36.64
C5 LMT U . 53.77 31.52 -36.01
C6 LMT U . 53.39 31.07 -34.58
C7 LMT U . 51.87 31.07 -34.33
C8 LMT U . 51.35 31.96 -33.17
C9 LMT U . 49.81 32.11 -33.12
C10 LMT U . 49.35 33.05 -32.00
C11 LMT U . 47.86 33.40 -32.05
C12 LMT U . 47.35 33.97 -30.74
C1B LMT V . 29.18 50.46 -37.63
C2B LMT V . 28.05 50.37 -38.68
C3B LMT V . 28.52 50.82 -40.07
C4B LMT V . 29.28 52.16 -40.03
C5B LMT V . 30.35 52.19 -38.94
C6B LMT V . 30.17 53.37 -37.96
O1B LMT V . 29.29 49.25 -36.84
O2B LMT V . 27.48 49.05 -38.75
O3B LMT V . 27.38 50.94 -40.94
O4' LMT V . 29.90 52.40 -41.31
O5B LMT V . 30.41 50.95 -38.22
O6B LMT V . 30.40 54.61 -38.63
C1' LMT V . 33.29 47.88 -35.95
C2' LMT V . 33.02 48.67 -37.26
C3' LMT V . 31.58 48.74 -37.79
C4' LMT V . 30.42 48.33 -36.86
C5' LMT V . 30.88 48.00 -35.42
C6' LMT V . 29.81 47.24 -34.62
O1' LMT V . 34.33 46.90 -36.14
O2' LMT V . 33.45 50.04 -37.14
O3' LMT V . 31.48 48.02 -39.04
O5' LMT V . 32.10 47.22 -35.46
O6' LMT V . 29.59 47.86 -33.34
C1 LMT V . 35.62 47.25 -35.60
C2 LMT V . 36.66 46.11 -35.71
C3 LMT V . 38.10 46.59 -35.89
C4 LMT V . 39.05 45.49 -36.40
C5 LMT V . 40.24 45.19 -35.46
C6 LMT V . 41.24 44.15 -35.97
C7 LMT V . 42.60 44.24 -35.24
C8 LMT V . 43.75 43.50 -35.91
C9 LMT V . 44.78 44.43 -36.56
C10 LMT V . 46.26 44.00 -36.49
C11 LMT V . 46.50 42.58 -37.04
C12 LMT V . 47.81 41.97 -36.56
#